data_6LOM
#
_entry.id   6LOM
#
_cell.length_a   1.00
_cell.length_b   1.00
_cell.length_c   1.00
_cell.angle_alpha   90.00
_cell.angle_beta   90.00
_cell.angle_gamma   90.00
#
_symmetry.space_group_name_H-M   'P 1'
#
_entity_poly.entity_id   1
_entity_poly.type   'polypeptide(L)'
_entity_poly.pdbx_seq_one_letter_code
;MTTSINSVVTVFQNVFTNHGSTLLNGILIATTVGGQSLVRKLTFSCPCAYPLNIYHSLVFMFGPTAALLLIGITVNSTTW
KLAHGFFFRVRDTRHSWKTTCVSWIEVLIQSSVAPIAWLFVVFLDGGYYRCYRSHEFCLISDAILCKNSTILNSYASTSS
FNKISDNGKYCPPCICVPNPTDASYLEAESQIYAWGLLLFSGVAAFLVITCNRMCDKYTLVQRQYVETYKNVETQKFDAV
AKEHASQLAEHNARAFFGQKDWTKRDWDWVSGIPEVNNPLFARLRLIAAEKTQQTMYTPLQLWNDNKGYRIPQPDLQLTQ
IIVDETKED
;
_entity_poly.pdbx_strand_id   A,B,C,D,E,F,G,H,I,J,K,L,M,N,O,P,Q,R,S,T
#
# COMPACT_ATOMS: atom_id res chain seq x y z
N MET A 1 52.56 -26.94 -25.06
CA MET A 1 51.64 -28.01 -24.68
C MET A 1 50.75 -27.56 -23.52
N THR A 2 50.91 -26.31 -23.09
CA THR A 2 50.20 -25.81 -21.92
C THR A 2 48.75 -25.48 -22.24
N THR A 3 48.52 -24.66 -23.27
CA THR A 3 47.16 -24.25 -23.63
C THR A 3 46.35 -25.42 -24.18
N SER A 4 47.03 -26.40 -24.80
CA SER A 4 46.38 -27.62 -25.26
C SER A 4 45.76 -28.39 -24.09
N ILE A 5 46.58 -28.66 -23.07
CA ILE A 5 46.07 -29.40 -21.92
C ILE A 5 45.13 -28.52 -21.08
N ASN A 6 45.23 -27.19 -21.18
CA ASN A 6 44.21 -26.34 -20.55
C ASN A 6 42.86 -26.44 -21.26
N SER A 7 42.88 -26.60 -22.59
CA SER A 7 41.64 -26.88 -23.31
C SER A 7 41.08 -28.25 -22.91
N VAL A 8 41.97 -29.22 -22.70
CA VAL A 8 41.57 -30.53 -22.18
C VAL A 8 40.98 -30.39 -20.77
N VAL A 9 41.50 -29.45 -19.98
CA VAL A 9 40.94 -29.15 -18.65
C VAL A 9 39.52 -28.61 -18.77
N THR A 10 39.28 -27.72 -19.73
CA THR A 10 37.92 -27.20 -19.93
C THR A 10 36.96 -28.31 -20.38
N VAL A 11 37.45 -29.21 -21.25
CA VAL A 11 36.66 -30.36 -21.70
C VAL A 11 36.30 -31.26 -20.52
N PHE A 12 37.27 -31.59 -19.67
CA PHE A 12 36.93 -32.48 -18.58
C PHE A 12 36.32 -31.76 -17.38
N GLN A 13 36.33 -30.42 -17.35
CA GLN A 13 35.41 -29.69 -16.49
C GLN A 13 33.98 -29.91 -16.94
N ASN A 14 33.75 -29.88 -18.25
CA ASN A 14 32.42 -30.24 -18.77
C ASN A 14 32.06 -31.69 -18.46
N VAL A 15 33.05 -32.58 -18.48
CA VAL A 15 32.82 -33.99 -18.16
C VAL A 15 32.46 -34.16 -16.68
N PHE A 16 33.27 -33.60 -15.78
CA PHE A 16 32.98 -33.67 -14.34
C PHE A 16 31.86 -32.74 -13.90
N THR A 17 31.27 -31.96 -14.79
CA THR A 17 29.95 -31.41 -14.51
C THR A 17 28.83 -32.20 -15.17
N ASN A 18 29.15 -33.14 -16.06
CA ASN A 18 28.09 -34.00 -16.59
C ASN A 18 27.76 -35.16 -15.65
N HIS A 19 28.70 -36.09 -15.46
CA HIS A 19 28.44 -37.33 -14.73
C HIS A 19 29.76 -37.90 -14.22
N GLY A 20 29.72 -39.17 -13.80
CA GLY A 20 30.85 -39.91 -13.27
C GLY A 20 30.36 -40.90 -12.24
N SER A 21 31.24 -41.19 -11.26
CA SER A 21 30.85 -42.00 -10.12
C SER A 21 30.33 -41.14 -8.99
N THR A 22 31.19 -40.26 -8.46
CA THR A 22 30.79 -39.14 -7.63
C THR A 22 31.52 -37.92 -8.15
N LEU A 23 31.23 -36.75 -7.55
CA LEU A 23 31.82 -35.50 -8.00
C LEU A 23 32.31 -34.63 -6.85
N LEU A 24 32.71 -35.24 -5.73
CA LEU A 24 33.17 -34.46 -4.58
C LEU A 24 34.57 -33.88 -4.78
N ASN A 25 35.35 -34.44 -5.71
CA ASN A 25 36.72 -33.99 -5.93
C ASN A 25 36.96 -33.55 -7.37
N GLY A 26 35.90 -33.43 -8.18
CA GLY A 26 36.05 -33.03 -9.56
C GLY A 26 36.42 -31.57 -9.75
N ILE A 27 36.21 -30.75 -8.71
CA ILE A 27 36.65 -29.35 -8.78
C ILE A 27 38.17 -29.26 -8.71
N LEU A 28 38.78 -30.05 -7.81
CA LEU A 28 40.21 -29.89 -7.54
C LEU A 28 41.10 -30.53 -8.59
N ILE A 29 40.63 -31.62 -9.24
CA ILE A 29 41.47 -32.36 -10.18
C ILE A 29 41.74 -31.52 -11.43
N ALA A 30 40.70 -30.85 -11.95
CA ALA A 30 40.86 -30.00 -13.12
C ALA A 30 41.74 -28.79 -12.81
N THR A 31 41.67 -28.27 -11.59
CA THR A 31 42.56 -27.17 -11.21
C THR A 31 44.01 -27.63 -11.10
N THR A 32 44.22 -28.87 -10.60
CA THR A 32 45.58 -29.43 -10.57
C THR A 32 46.15 -29.58 -11.97
N VAL A 33 45.36 -30.08 -12.91
CA VAL A 33 45.87 -30.28 -14.27
C VAL A 33 46.09 -28.93 -14.96
N GLY A 34 45.15 -28.00 -14.79
CA GLY A 34 45.27 -26.71 -15.45
C GLY A 34 46.34 -25.80 -14.86
N GLY A 35 46.71 -26.02 -13.60
CA GLY A 35 47.79 -25.26 -13.03
C GLY A 35 49.13 -25.94 -13.22
N GLN A 36 49.14 -27.27 -13.22
CA GLN A 36 50.40 -27.94 -13.34
C GLN A 36 50.80 -28.22 -14.77
N SER A 37 49.95 -27.93 -15.75
CA SER A 37 50.43 -27.71 -17.10
C SER A 37 51.36 -26.51 -17.17
N LEU A 38 50.97 -25.41 -16.52
CA LEU A 38 51.83 -24.23 -16.44
C LEU A 38 53.01 -24.45 -15.51
N VAL A 39 52.90 -25.37 -14.55
CA VAL A 39 54.10 -25.80 -13.83
C VAL A 39 55.05 -26.55 -14.77
N ARG A 40 54.51 -27.46 -15.57
CA ARG A 40 55.33 -28.22 -16.53
C ARG A 40 55.87 -27.36 -17.66
N LYS A 41 55.36 -26.14 -17.83
CA LYS A 41 56.05 -25.15 -18.66
C LYS A 41 57.45 -24.85 -18.13
N LEU A 42 57.64 -24.89 -16.80
CA LEU A 42 58.94 -24.64 -16.17
C LEU A 42 59.25 -25.81 -15.23
N THR A 43 59.84 -26.86 -15.79
CA THR A 43 60.20 -28.09 -15.06
C THR A 43 61.48 -28.64 -15.67
N PHE A 44 61.71 -29.94 -15.45
CA PHE A 44 62.94 -30.69 -15.76
C PHE A 44 64.20 -29.93 -15.35
N SER A 45 64.31 -29.74 -14.03
CA SER A 45 65.58 -29.29 -13.46
C SER A 45 66.70 -30.28 -13.76
N CYS A 46 66.43 -31.57 -13.51
CA CYS A 46 67.04 -32.72 -14.18
C CYS A 46 68.55 -32.76 -14.03
N PRO A 47 69.06 -33.17 -12.87
CA PRO A 47 70.50 -33.03 -12.57
C PRO A 47 71.38 -33.89 -13.47
N CYS A 48 72.66 -33.55 -13.45
CA CYS A 48 73.68 -34.20 -14.24
C CYS A 48 74.38 -35.35 -13.51
N ALA A 49 73.71 -36.04 -12.58
CA ALA A 49 74.41 -37.04 -11.79
C ALA A 49 73.88 -38.45 -12.03
N TYR A 50 74.69 -39.45 -11.64
CA TYR A 50 74.26 -40.83 -11.76
C TYR A 50 73.12 -41.17 -10.77
N PRO A 51 73.30 -41.03 -9.42
CA PRO A 51 72.15 -41.43 -8.58
C PRO A 51 71.09 -40.35 -8.51
N LEU A 52 71.50 -39.08 -8.61
CA LEU A 52 70.57 -37.99 -8.37
C LEU A 52 69.63 -37.76 -9.53
N ASN A 53 69.96 -38.23 -10.73
CA ASN A 53 68.98 -38.08 -11.80
C ASN A 53 67.82 -39.05 -11.64
N ILE A 54 68.14 -40.31 -11.33
CA ILE A 54 67.10 -41.29 -11.03
C ILE A 54 66.33 -40.89 -9.78
N TYR A 55 67.00 -40.29 -8.80
CA TYR A 55 66.29 -39.85 -7.60
C TYR A 55 65.37 -38.67 -7.90
N HIS A 56 65.86 -37.67 -8.63
CA HIS A 56 65.07 -36.50 -8.98
C HIS A 56 63.97 -36.82 -9.99
N SER A 57 64.07 -37.95 -10.68
CA SER A 57 62.97 -38.33 -11.55
C SER A 57 61.97 -39.23 -10.82
N LEU A 58 62.47 -40.24 -10.12
CA LEU A 58 61.61 -41.22 -9.47
C LEU A 58 60.85 -40.63 -8.30
N VAL A 59 61.53 -39.78 -7.50
CA VAL A 59 60.84 -39.08 -6.42
C VAL A 59 59.81 -38.11 -6.97
N PHE A 60 60.16 -37.36 -8.01
CA PHE A 60 59.22 -36.39 -8.56
C PHE A 60 58.04 -37.05 -9.26
N MET A 61 58.18 -38.30 -9.71
CA MET A 61 57.00 -39.01 -10.22
C MET A 61 56.21 -39.63 -9.08
N PHE A 62 56.80 -40.56 -8.34
CA PHE A 62 56.05 -41.37 -7.39
C PHE A 62 55.88 -40.69 -6.03
N GLY A 63 56.22 -39.41 -5.92
CA GLY A 63 56.00 -38.64 -4.71
C GLY A 63 54.67 -37.92 -4.67
N PRO A 64 54.39 -37.05 -5.65
CA PRO A 64 53.05 -36.44 -5.72
C PRO A 64 51.93 -37.42 -5.93
N THR A 65 52.20 -38.60 -6.48
CA THR A 65 51.17 -39.64 -6.54
C THR A 65 50.78 -40.10 -5.13
N ALA A 66 51.78 -40.37 -4.29
CA ALA A 66 51.49 -40.74 -2.90
C ALA A 66 50.88 -39.58 -2.13
N ALA A 67 51.30 -38.35 -2.44
CA ALA A 67 50.76 -37.18 -1.74
C ALA A 67 49.30 -36.96 -2.11
N LEU A 68 48.96 -37.01 -3.39
CA LEU A 68 47.58 -36.86 -3.79
C LEU A 68 46.74 -38.08 -3.43
N LEU A 69 47.35 -39.26 -3.30
CA LEU A 69 46.63 -40.41 -2.79
C LEU A 69 46.27 -40.21 -1.33
N LEU A 70 47.20 -39.68 -0.53
CA LEU A 70 46.94 -39.40 0.87
C LEU A 70 45.90 -38.30 1.03
N ILE A 71 45.97 -37.27 0.19
CA ILE A 71 44.95 -36.22 0.21
C ILE A 71 43.59 -36.78 -0.21
N GLY A 72 43.56 -37.65 -1.21
CA GLY A 72 42.31 -38.24 -1.64
C GLY A 72 41.71 -39.17 -0.61
N ILE A 73 42.55 -39.77 0.24
CA ILE A 73 42.01 -40.48 1.39
C ILE A 73 41.41 -39.49 2.39
N THR A 74 42.23 -38.53 2.85
CA THR A 74 41.89 -37.75 4.04
C THR A 74 40.75 -36.77 3.78
N VAL A 75 40.65 -36.24 2.56
CA VAL A 75 39.55 -35.33 2.24
C VAL A 75 38.24 -36.12 2.10
N ASN A 76 38.31 -37.36 1.65
CA ASN A 76 37.12 -38.17 1.40
C ASN A 76 36.44 -38.52 2.72
N SER A 77 35.15 -38.23 2.79
CA SER A 77 34.43 -38.31 4.06
C SER A 77 34.24 -39.75 4.50
N THR A 78 34.04 -40.67 3.54
CA THR A 78 33.54 -42.00 3.85
C THR A 78 34.54 -42.82 4.65
N THR A 79 35.84 -42.61 4.42
CA THR A 79 36.82 -43.34 5.20
C THR A 79 36.83 -42.89 6.65
N TRP A 80 36.52 -41.61 6.91
CA TRP A 80 36.39 -41.22 8.31
C TRP A 80 35.13 -41.80 8.92
N LYS A 81 34.05 -41.91 8.12
CA LYS A 81 32.88 -42.63 8.63
C LYS A 81 33.15 -44.11 8.81
N LEU A 82 34.22 -44.62 8.20
CA LEU A 82 34.67 -45.96 8.54
C LEU A 82 35.52 -45.94 9.80
N ALA A 83 36.42 -44.97 9.91
CA ALA A 83 37.47 -45.04 10.92
C ALA A 83 37.74 -43.69 11.56
N HIS A 84 36.70 -42.96 11.95
CA HIS A 84 36.88 -41.88 12.90
C HIS A 84 36.63 -42.46 14.28
N GLY A 85 37.69 -42.67 15.04
CA GLY A 85 37.53 -43.27 16.34
C GLY A 85 37.25 -44.74 16.26
N PHE A 86 38.14 -45.48 15.58
CA PHE A 86 37.94 -46.92 15.44
C PHE A 86 38.24 -47.66 16.72
N PHE A 87 39.09 -47.10 17.60
CA PHE A 87 39.38 -47.76 18.87
C PHE A 87 38.18 -47.76 19.79
N PHE A 88 37.53 -46.61 19.96
CA PHE A 88 36.49 -46.45 20.97
C PHE A 88 35.09 -46.50 20.37
N ARG A 89 34.88 -47.34 19.36
CA ARG A 89 33.55 -47.73 18.98
C ARG A 89 32.98 -48.63 20.07
N VAL A 90 31.72 -48.40 20.43
CA VAL A 90 31.01 -49.36 21.28
C VAL A 90 30.84 -50.64 20.48
N ARG A 91 31.17 -51.78 21.12
CA ARG A 91 31.36 -53.03 20.41
C ARG A 91 30.07 -53.50 19.74
N ASP A 92 30.25 -54.19 18.61
CA ASP A 92 29.18 -54.55 17.67
C ASP A 92 28.39 -53.33 17.23
N THR A 93 29.10 -52.28 16.85
CA THR A 93 28.52 -51.20 16.05
C THR A 93 29.45 -50.97 14.88
N ARG A 94 30.73 -51.26 15.07
CA ARG A 94 31.56 -51.60 13.92
C ARG A 94 31.03 -52.90 13.33
N HIS A 95 30.90 -52.92 12.00
CA HIS A 95 29.91 -53.82 11.41
C HIS A 95 30.49 -55.19 11.03
N SER A 96 31.48 -55.22 10.15
CA SER A 96 31.91 -56.49 9.57
C SER A 96 33.38 -56.39 9.18
N TRP A 97 33.88 -57.45 8.55
CA TRP A 97 35.16 -57.43 7.88
C TRP A 97 35.03 -57.35 6.37
N LYS A 98 33.95 -57.91 5.81
CA LYS A 98 33.79 -57.91 4.36
C LYS A 98 33.31 -56.57 3.83
N THR A 99 32.31 -55.98 4.51
CA THR A 99 31.71 -54.73 4.02
C THR A 99 32.67 -53.56 4.18
N THR A 100 33.44 -53.55 5.27
CA THR A 100 34.42 -52.50 5.49
C THR A 100 35.55 -52.55 4.47
N CYS A 101 35.84 -53.72 3.90
CA CYS A 101 36.81 -53.79 2.81
C CYS A 101 36.23 -53.28 1.51
N VAL A 102 34.93 -53.45 1.31
CA VAL A 102 34.28 -52.89 0.12
C VAL A 102 34.29 -51.37 0.19
N SER A 103 34.00 -50.81 1.36
CA SER A 103 34.10 -49.37 1.55
C SER A 103 35.54 -48.90 1.45
N TRP A 104 36.50 -49.73 1.88
CA TRP A 104 37.90 -49.37 1.81
C TRP A 104 38.38 -49.32 0.37
N ILE A 105 37.98 -50.28 -0.44
CA ILE A 105 38.34 -50.26 -1.86
C ILE A 105 37.62 -49.13 -2.57
N GLU A 106 36.40 -48.78 -2.12
CA GLU A 106 35.69 -47.63 -2.67
C GLU A 106 36.44 -46.33 -2.43
N VAL A 107 36.90 -46.12 -1.19
CA VAL A 107 37.59 -44.87 -0.90
C VAL A 107 39.00 -44.88 -1.50
N LEU A 108 39.59 -46.08 -1.68
CA LEU A 108 40.88 -46.17 -2.37
C LEU A 108 40.75 -45.80 -3.85
N ILE A 109 39.68 -46.23 -4.51
CA ILE A 109 39.53 -45.89 -5.93
C ILE A 109 39.14 -44.43 -6.11
N GLN A 110 38.21 -43.93 -5.28
CA GLN A 110 37.83 -42.52 -5.33
C GLN A 110 39.01 -41.62 -4.97
N SER A 111 39.91 -42.10 -4.13
CA SER A 111 41.16 -41.40 -3.89
C SER A 111 42.06 -41.46 -5.11
N SER A 112 42.30 -42.66 -5.62
CA SER A 112 43.29 -42.92 -6.66
C SER A 112 42.88 -42.42 -8.04
N VAL A 113 41.70 -41.83 -8.17
CA VAL A 113 41.37 -41.09 -9.39
C VAL A 113 42.42 -40.02 -9.69
N ALA A 114 42.65 -39.13 -8.75
CA ALA A 114 43.54 -37.98 -8.97
C ALA A 114 45.03 -38.29 -9.14
N PRO A 115 45.66 -39.25 -8.42
CA PRO A 115 47.07 -39.55 -8.74
C PRO A 115 47.28 -40.23 -10.08
N ILE A 116 46.34 -41.07 -10.53
CA ILE A 116 46.45 -41.65 -11.86
C ILE A 116 46.31 -40.57 -12.92
N ALA A 117 45.45 -39.59 -12.68
CA ALA A 117 45.32 -38.47 -13.59
C ALA A 117 46.58 -37.62 -13.62
N TRP A 118 47.21 -37.40 -12.46
CA TRP A 118 48.44 -36.61 -12.42
C TRP A 118 49.60 -37.36 -13.07
N LEU A 119 49.67 -38.67 -12.84
CA LEU A 119 50.69 -39.51 -13.46
C LEU A 119 50.55 -39.51 -14.97
N PHE A 120 49.30 -39.58 -15.46
CA PHE A 120 49.06 -39.47 -16.89
C PHE A 120 49.40 -38.09 -17.43
N VAL A 121 49.18 -37.04 -16.65
CA VAL A 121 49.53 -35.70 -17.11
C VAL A 121 51.04 -35.55 -17.27
N VAL A 122 51.81 -36.06 -16.32
CA VAL A 122 53.25 -35.83 -16.41
C VAL A 122 53.90 -36.81 -17.39
N PHE A 123 53.45 -38.07 -17.42
CA PHE A 123 53.89 -38.98 -18.47
C PHE A 123 53.46 -38.51 -19.86
N LEU A 124 52.32 -37.83 -19.96
CA LEU A 124 51.86 -37.28 -21.23
C LEU A 124 52.69 -36.08 -21.64
N ASP A 125 53.28 -35.39 -20.68
CA ASP A 125 54.33 -34.44 -21.01
C ASP A 125 55.57 -35.22 -21.40
N GLY A 126 56.38 -34.63 -22.27
CA GLY A 126 57.72 -35.15 -22.42
C GLY A 126 58.55 -34.51 -21.33
N GLY A 127 58.63 -35.20 -20.21
CA GLY A 127 59.16 -34.60 -19.01
C GLY A 127 60.08 -35.52 -18.28
N TYR A 128 59.73 -35.78 -17.02
CA TYR A 128 60.59 -36.51 -16.10
C TYR A 128 60.77 -37.98 -16.45
N TYR A 129 60.10 -38.49 -17.47
CA TYR A 129 60.48 -39.80 -17.98
C TYR A 129 61.68 -39.72 -18.91
N ARG A 130 61.85 -38.61 -19.66
CA ARG A 130 63.10 -38.48 -20.41
C ARG A 130 64.25 -38.22 -19.45
N CYS A 131 63.95 -37.65 -18.30
CA CYS A 131 64.91 -37.37 -17.25
C CYS A 131 65.23 -38.62 -16.43
N TYR A 132 64.71 -39.78 -16.86
CA TYR A 132 64.92 -41.06 -16.20
C TYR A 132 65.74 -42.01 -17.05
N ARG A 133 65.31 -42.29 -18.27
CA ARG A 133 66.12 -43.13 -19.13
C ARG A 133 67.05 -42.31 -20.01
N SER A 134 67.05 -40.98 -19.90
CA SER A 134 68.20 -40.22 -20.37
C SER A 134 69.42 -40.55 -19.54
N HIS A 135 69.24 -40.69 -18.24
CA HIS A 135 70.21 -41.33 -17.39
C HIS A 135 70.45 -42.76 -17.84
N GLU A 136 69.41 -43.60 -17.72
CA GLU A 136 69.56 -45.06 -17.87
C GLU A 136 70.04 -45.51 -19.25
N PHE A 137 70.05 -44.63 -20.24
CA PHE A 137 70.59 -44.98 -21.55
C PHE A 137 72.09 -44.64 -21.65
N CYS A 138 72.51 -43.58 -20.97
CA CYS A 138 73.75 -42.85 -21.26
C CYS A 138 75.04 -43.61 -20.95
N LEU A 139 74.97 -44.84 -20.40
CA LEU A 139 76.14 -45.68 -20.08
C LEU A 139 77.07 -44.97 -19.08
N ILE A 140 76.59 -44.86 -17.85
CA ILE A 140 76.97 -43.75 -16.98
C ILE A 140 77.98 -44.16 -15.91
N SER A 141 78.57 -45.36 -15.99
CA SER A 141 79.43 -45.83 -14.91
C SER A 141 80.76 -45.07 -14.89
N ASP A 142 81.14 -44.49 -16.03
CA ASP A 142 82.24 -43.56 -15.99
C ASP A 142 81.88 -42.25 -15.31
N ALA A 143 80.60 -41.86 -15.30
CA ALA A 143 80.21 -40.70 -14.50
C ALA A 143 80.13 -41.01 -13.03
N ILE A 144 79.96 -42.28 -12.66
CA ILE A 144 80.22 -42.69 -11.28
C ILE A 144 81.66 -42.42 -10.92
N LEU A 145 82.59 -42.76 -11.82
CA LEU A 145 83.99 -42.47 -11.59
C LEU A 145 84.27 -40.97 -11.62
N CYS A 146 83.56 -40.24 -12.49
CA CYS A 146 83.70 -38.79 -12.57
C CYS A 146 83.18 -38.10 -11.32
N LYS A 147 82.18 -38.66 -10.64
CA LYS A 147 81.66 -38.07 -9.42
C LYS A 147 82.17 -38.75 -8.17
N ASN A 148 83.11 -39.70 -8.29
CA ASN A 148 83.88 -40.10 -7.12
C ASN A 148 84.81 -38.98 -6.68
N SER A 149 85.28 -38.17 -7.62
CA SER A 149 86.09 -36.99 -7.33
C SER A 149 85.79 -35.95 -8.39
N THR A 150 85.27 -34.80 -7.97
CA THR A 150 84.76 -33.76 -8.88
C THR A 150 85.84 -33.10 -9.72
N ILE A 151 87.12 -33.33 -9.42
CA ILE A 151 88.19 -32.95 -10.33
C ILE A 151 88.03 -33.67 -11.67
N LEU A 152 87.58 -34.93 -11.62
CA LEU A 152 87.29 -35.66 -12.85
C LEU A 152 86.06 -35.10 -13.56
N ASN A 153 85.08 -34.57 -12.80
CA ASN A 153 83.97 -33.85 -13.43
C ASN A 153 84.45 -32.60 -14.17
N SER A 154 85.35 -31.85 -13.53
CA SER A 154 85.86 -30.61 -14.13
C SER A 154 86.69 -30.90 -15.38
N TYR A 155 87.59 -31.89 -15.31
CA TYR A 155 88.40 -32.22 -16.48
C TYR A 155 87.68 -33.11 -17.48
N ALA A 156 86.48 -33.62 -17.16
CA ALA A 156 85.65 -34.26 -18.16
C ALA A 156 84.76 -33.27 -18.88
N SER A 157 84.38 -32.18 -18.21
CA SER A 157 83.60 -31.14 -18.88
C SER A 157 84.50 -30.21 -19.69
N THR A 158 85.66 -29.84 -19.15
CA THR A 158 86.50 -28.80 -19.75
C THR A 158 87.60 -29.37 -20.66
N SER A 159 88.48 -30.23 -20.11
CA SER A 159 89.65 -30.67 -20.87
C SER A 159 89.26 -31.65 -21.96
N SER A 160 88.72 -32.80 -21.59
CA SER A 160 88.07 -33.64 -22.58
C SER A 160 86.68 -33.08 -22.88
N PHE A 161 86.16 -33.43 -24.05
CA PHE A 161 84.88 -32.88 -24.46
C PHE A 161 83.73 -33.72 -23.92
N ASN A 162 82.52 -33.39 -24.34
CA ASN A 162 81.32 -34.06 -23.85
C ASN A 162 80.62 -34.85 -24.94
N LYS A 163 80.33 -34.23 -26.09
CA LYS A 163 79.70 -34.93 -27.19
C LYS A 163 80.71 -35.50 -28.18
N ILE A 164 81.94 -34.98 -28.18
CA ILE A 164 83.04 -35.65 -28.89
C ILE A 164 83.46 -36.91 -28.13
N SER A 165 83.23 -36.93 -26.81
CA SER A 165 83.49 -38.10 -25.99
C SER A 165 82.28 -39.04 -25.91
N ASP A 166 81.46 -39.09 -26.96
CA ASP A 166 80.33 -40.01 -27.01
C ASP A 166 80.71 -41.42 -27.46
N ASN A 167 81.98 -41.82 -27.34
CA ASN A 167 82.38 -43.14 -27.77
C ASN A 167 82.08 -44.20 -26.71
N GLY A 168 82.68 -44.08 -25.53
CA GLY A 168 82.61 -45.13 -24.53
C GLY A 168 81.52 -44.96 -23.49
N LYS A 169 81.93 -44.69 -22.25
CA LYS A 169 80.96 -44.47 -21.19
C LYS A 169 81.08 -43.04 -20.67
N TYR A 170 79.95 -42.43 -20.33
CA TYR A 170 79.81 -40.99 -20.48
C TYR A 170 79.85 -40.29 -19.12
N CYS A 171 80.23 -39.02 -19.17
CA CYS A 171 80.31 -38.11 -18.03
C CYS A 171 79.49 -36.87 -18.40
N PRO A 172 79.14 -36.00 -17.42
CA PRO A 172 77.70 -35.65 -17.18
C PRO A 172 76.90 -35.23 -18.41
N PRO A 173 77.23 -34.11 -19.13
CA PRO A 173 76.14 -33.32 -19.77
C PRO A 173 75.29 -34.03 -20.84
N CYS A 174 75.64 -35.26 -21.22
CA CYS A 174 74.67 -36.19 -21.79
C CYS A 174 73.46 -36.37 -20.90
N ILE A 175 73.66 -36.37 -19.58
CA ILE A 175 72.59 -36.61 -18.63
C ILE A 175 71.59 -35.45 -18.64
N CYS A 176 72.08 -34.22 -18.46
CA CYS A 176 71.18 -33.07 -18.42
C CYS A 176 70.59 -32.74 -19.78
N VAL A 177 71.27 -33.10 -20.87
CA VAL A 177 70.69 -32.96 -22.20
C VAL A 177 71.20 -34.08 -23.10
N PRO A 178 70.32 -34.95 -23.59
CA PRO A 178 70.76 -36.05 -24.45
C PRO A 178 70.79 -35.63 -25.91
N ASN A 179 71.07 -36.62 -26.75
CA ASN A 179 70.92 -36.43 -28.18
C ASN A 179 69.44 -36.22 -28.51
N PRO A 180 69.09 -35.27 -29.38
CA PRO A 180 67.67 -35.00 -29.65
C PRO A 180 66.96 -36.12 -30.37
N THR A 181 67.69 -36.99 -31.10
CA THR A 181 67.11 -38.23 -31.60
C THR A 181 66.68 -39.12 -30.45
N ASP A 182 67.60 -39.36 -29.51
CA ASP A 182 67.31 -40.11 -28.29
C ASP A 182 66.23 -39.41 -27.46
N ALA A 183 66.28 -38.08 -27.38
CA ALA A 183 65.32 -37.34 -26.58
C ALA A 183 63.91 -37.47 -27.13
N SER A 184 63.76 -37.36 -28.45
CA SER A 184 62.44 -37.51 -29.06
C SER A 184 61.95 -38.95 -29.02
N TYR A 185 62.85 -39.92 -29.24
CA TYR A 185 62.53 -41.34 -29.10
C TYR A 185 61.97 -41.65 -27.72
N LEU A 186 62.68 -41.22 -26.69
CA LEU A 186 62.31 -41.54 -25.33
C LEU A 186 61.12 -40.70 -24.88
N GLU A 187 60.96 -39.52 -25.46
CA GLU A 187 59.80 -38.68 -25.23
C GLU A 187 58.52 -39.36 -25.70
N ALA A 188 58.53 -39.89 -26.92
CA ALA A 188 57.34 -40.58 -27.38
C ALA A 188 57.21 -41.96 -26.76
N GLU A 189 58.31 -42.55 -26.28
CA GLU A 189 58.19 -43.70 -25.40
C GLU A 189 57.40 -43.36 -24.15
N SER A 190 57.65 -42.16 -23.59
CA SER A 190 56.86 -41.70 -22.46
C SER A 190 55.41 -41.45 -22.85
N GLN A 191 55.17 -40.98 -24.08
CA GLN A 191 53.81 -40.75 -24.53
C GLN A 191 53.04 -42.07 -24.66
N ILE A 192 53.69 -43.12 -25.17
CA ILE A 192 52.96 -44.37 -25.32
C ILE A 192 52.77 -45.08 -23.98
N TYR A 193 53.74 -44.97 -23.06
CA TYR A 193 53.48 -45.44 -21.70
C TYR A 193 52.38 -44.64 -21.01
N ALA A 194 52.28 -43.34 -21.30
CA ALA A 194 51.23 -42.51 -20.76
C ALA A 194 49.86 -42.99 -21.20
N TRP A 195 49.71 -43.21 -22.50
CA TRP A 195 48.40 -43.61 -22.97
C TRP A 195 48.10 -45.06 -22.61
N GLY A 196 49.13 -45.90 -22.49
CA GLY A 196 48.89 -47.26 -22.03
C GLY A 196 48.41 -47.31 -20.60
N LEU A 197 49.01 -46.49 -19.73
CA LEU A 197 48.53 -46.39 -18.34
C LEU A 197 47.13 -45.82 -18.29
N LEU A 198 46.84 -44.79 -19.11
CA LEU A 198 45.51 -44.18 -19.08
C LEU A 198 44.45 -45.15 -19.57
N LEU A 199 44.73 -45.88 -20.64
CA LEU A 199 43.75 -46.82 -21.18
C LEU A 199 43.57 -48.02 -20.28
N PHE A 200 44.66 -48.48 -19.64
CA PHE A 200 44.54 -49.59 -18.69
C PHE A 200 43.73 -49.17 -17.46
N SER A 201 43.99 -47.97 -16.94
CA SER A 201 43.23 -47.46 -15.81
C SER A 201 41.77 -47.21 -16.18
N GLY A 202 41.53 -46.72 -17.40
CA GLY A 202 40.16 -46.46 -17.81
C GLY A 202 39.35 -47.73 -17.98
N VAL A 203 39.94 -48.74 -18.62
CA VAL A 203 39.26 -50.02 -18.80
C VAL A 203 39.05 -50.71 -17.45
N ALA A 204 40.06 -50.71 -16.59
CA ALA A 204 39.91 -51.36 -15.29
C ALA A 204 38.93 -50.62 -14.40
N ALA A 205 38.91 -49.29 -14.46
CA ALA A 205 37.99 -48.52 -13.64
C ALA A 205 36.56 -48.66 -14.13
N PHE A 206 36.37 -48.66 -15.46
CA PHE A 206 35.07 -48.96 -16.04
C PHE A 206 34.57 -50.34 -15.62
N LEU A 207 35.44 -51.34 -15.67
CA LEU A 207 35.03 -52.69 -15.31
C LEU A 207 34.71 -52.80 -13.83
N VAL A 208 35.46 -52.12 -12.97
CA VAL A 208 35.20 -52.19 -11.53
C VAL A 208 33.94 -51.42 -11.17
N ILE A 209 33.78 -50.18 -11.64
CA ILE A 209 32.59 -49.44 -11.25
C ILE A 209 31.36 -49.89 -12.05
N THR A 210 31.52 -50.74 -13.06
CA THR A 210 30.37 -51.43 -13.61
C THR A 210 30.02 -52.65 -12.76
N CYS A 211 31.03 -53.43 -12.36
CA CYS A 211 30.80 -54.61 -11.55
C CYS A 211 30.41 -54.26 -10.11
N ASN A 212 30.46 -52.99 -9.72
CA ASN A 212 29.79 -52.54 -8.50
C ASN A 212 28.64 -51.58 -8.80
N ARG A 213 28.17 -51.57 -10.05
CA ARG A 213 26.85 -51.07 -10.38
C ARG A 213 25.99 -52.13 -11.05
N MET A 214 26.56 -53.30 -11.36
CA MET A 214 25.82 -54.42 -11.90
C MET A 214 25.63 -55.53 -10.89
N CYS A 215 26.49 -55.62 -9.87
CA CYS A 215 26.27 -56.48 -8.72
C CYS A 215 25.57 -55.73 -7.60
N ASP A 216 25.08 -54.53 -7.86
CA ASP A 216 24.34 -53.77 -6.87
C ASP A 216 22.98 -54.43 -6.64
N LYS A 217 22.60 -54.55 -5.35
CA LYS A 217 21.32 -55.14 -5.00
C LYS A 217 20.16 -54.29 -5.48
N TYR A 218 20.18 -53.01 -5.14
CA TYR A 218 19.13 -52.10 -5.56
C TYR A 218 19.26 -51.83 -7.05
N THR A 219 18.21 -51.25 -7.62
CA THR A 219 18.19 -50.99 -9.05
C THR A 219 18.02 -49.48 -9.23
N LEU A 220 18.09 -49.02 -10.49
CA LEU A 220 18.59 -47.68 -10.80
C LEU A 220 17.69 -46.57 -10.24
N VAL A 221 16.38 -46.78 -10.25
CA VAL A 221 15.51 -45.80 -9.61
C VAL A 221 15.60 -45.90 -8.10
N GLN A 222 15.69 -47.13 -7.59
CA GLN A 222 15.84 -47.31 -6.15
C GLN A 222 17.21 -46.83 -5.68
N ARG A 223 18.24 -46.99 -6.52
CA ARG A 223 19.56 -46.50 -6.16
C ARG A 223 19.62 -44.99 -6.22
N GLN A 224 18.97 -44.37 -7.22
CA GLN A 224 18.91 -42.92 -7.25
C GLN A 224 18.10 -42.36 -6.09
N TYR A 225 17.09 -43.09 -5.62
CA TYR A 225 16.35 -42.58 -4.46
C TYR A 225 17.13 -42.77 -3.18
N VAL A 226 17.85 -43.88 -3.03
CA VAL A 226 18.70 -44.04 -1.84
C VAL A 226 19.79 -42.99 -1.82
N GLU A 227 20.35 -42.65 -2.99
CA GLU A 227 21.36 -41.60 -3.03
C GLU A 227 20.77 -40.22 -2.80
N THR A 228 19.55 -39.96 -3.27
CA THR A 228 18.92 -38.68 -2.97
C THR A 228 18.57 -38.57 -1.49
N TYR A 229 18.10 -39.66 -0.91
CA TYR A 229 17.75 -39.64 0.50
C TYR A 229 18.98 -39.53 1.38
N LYS A 230 20.07 -40.17 0.99
CA LYS A 230 21.34 -40.04 1.71
C LYS A 230 21.87 -38.61 1.61
N ASN A 231 21.87 -38.04 0.40
CA ASN A 231 22.34 -36.70 0.16
C ASN A 231 21.41 -35.63 0.72
N VAL A 232 20.21 -35.98 1.15
CA VAL A 232 19.36 -34.98 1.77
C VAL A 232 19.36 -35.17 3.27
N GLU A 233 19.52 -36.40 3.77
CA GLU A 233 19.52 -36.51 5.22
C GLU A 233 20.87 -36.13 5.81
N THR A 234 21.99 -36.33 5.10
CA THR A 234 23.25 -35.85 5.66
C THR A 234 23.49 -34.38 5.42
N GLN A 235 22.46 -33.65 4.99
CA GLN A 235 22.43 -32.19 5.02
C GLN A 235 21.34 -31.68 5.95
N LYS A 236 20.20 -32.36 5.99
CA LYS A 236 19.09 -31.92 6.82
C LYS A 236 19.35 -32.25 8.28
N PHE A 237 20.00 -33.38 8.54
CA PHE A 237 20.49 -33.70 9.86
C PHE A 237 21.52 -32.70 10.35
N ASP A 238 22.40 -32.24 9.47
CA ASP A 238 23.36 -31.23 9.90
C ASP A 238 22.71 -29.88 10.11
N ALA A 239 21.68 -29.54 9.34
CA ALA A 239 20.98 -28.29 9.58
C ALA A 239 20.21 -28.32 10.89
N VAL A 240 19.61 -29.47 11.22
CA VAL A 240 18.91 -29.59 12.50
C VAL A 240 19.89 -29.67 13.65
N ALA A 241 21.05 -30.28 13.46
CA ALA A 241 22.09 -30.27 14.49
C ALA A 241 22.62 -28.87 14.73
N LYS A 242 22.75 -28.08 13.65
CA LYS A 242 23.21 -26.71 13.80
C LYS A 242 22.19 -25.85 14.51
N GLU A 243 20.90 -25.97 14.17
CA GLU A 243 19.94 -25.12 14.85
C GLU A 243 19.65 -25.60 16.26
N HIS A 244 19.83 -26.89 16.53
CA HIS A 244 19.73 -27.39 17.90
C HIS A 244 20.88 -26.91 18.76
N ALA A 245 22.10 -26.98 18.23
CA ALA A 245 23.24 -26.43 18.98
C ALA A 245 23.15 -24.92 19.08
N SER A 246 22.51 -24.27 18.11
CA SER A 246 22.37 -22.82 18.18
C SER A 246 21.36 -22.41 19.24
N GLN A 247 20.25 -23.15 19.38
CA GLN A 247 19.32 -22.84 20.46
C GLN A 247 19.91 -23.18 21.81
N LEU A 248 20.62 -24.30 21.92
CA LEU A 248 21.20 -24.65 23.19
C LEU A 248 22.50 -23.88 23.49
N ALA A 249 23.00 -23.10 22.53
CA ALA A 249 24.05 -22.13 22.81
C ALA A 249 23.52 -20.75 23.11
N GLU A 250 22.43 -20.34 22.45
CA GLU A 250 21.65 -19.17 22.85
C GLU A 250 21.26 -19.23 24.32
N HIS A 251 20.58 -20.31 24.71
CA HIS A 251 20.10 -20.42 26.08
C HIS A 251 21.25 -20.58 27.07
N ASN A 252 22.36 -21.20 26.66
CA ASN A 252 23.46 -21.33 27.60
C ASN A 252 24.35 -20.10 27.62
N ALA A 253 24.26 -19.21 26.63
CA ALA A 253 24.95 -17.94 26.74
C ALA A 253 24.13 -16.95 27.57
N ARG A 254 22.81 -16.96 27.40
CA ARG A 254 21.93 -16.19 28.29
C ARG A 254 21.99 -16.71 29.71
N ALA A 255 22.31 -18.00 29.87
CA ALA A 255 22.41 -18.60 31.19
C ALA A 255 23.61 -18.11 31.96
N PHE A 256 24.61 -17.55 31.29
CA PHE A 256 25.77 -17.09 32.03
C PHE A 256 25.72 -15.60 32.31
N PHE A 257 25.16 -14.81 31.41
CA PHE A 257 25.03 -13.39 31.69
C PHE A 257 23.67 -13.06 32.28
N GLY A 258 23.17 -13.97 33.09
CA GLY A 258 22.08 -13.71 34.00
C GLY A 258 22.44 -14.22 35.38
N GLN A 259 23.69 -14.09 35.83
CA GLN A 259 23.98 -14.49 37.19
C GLN A 259 24.38 -13.33 38.10
N LYS A 260 25.42 -12.58 37.72
CA LYS A 260 26.08 -11.56 38.56
C LYS A 260 26.49 -12.07 39.92
N ASN A 278 21.06 -38.96 24.67
CA ASN A 278 22.04 -39.32 23.66
C ASN A 278 23.25 -39.99 24.28
N PRO A 279 23.20 -41.30 24.45
CA PRO A 279 24.40 -42.03 24.89
C PRO A 279 25.27 -42.41 23.70
N LEU A 280 26.35 -43.16 23.93
CA LEU A 280 27.22 -43.58 22.81
C LEU A 280 26.51 -44.52 21.85
N PHE A 281 25.50 -45.27 22.31
CA PHE A 281 24.75 -46.13 21.40
C PHE A 281 24.01 -45.32 20.34
N ALA A 282 23.41 -44.20 20.72
CA ALA A 282 22.74 -43.38 19.72
C ALA A 282 23.75 -42.68 18.81
N ARG A 283 24.86 -42.21 19.38
CA ARG A 283 25.85 -41.51 18.56
C ARG A 283 26.71 -42.47 17.77
N LEU A 284 26.49 -43.77 17.90
CA LEU A 284 27.18 -44.76 17.11
C LEU A 284 26.29 -45.49 16.12
N ARG A 285 25.02 -45.72 16.44
CA ARG A 285 24.09 -46.09 15.38
C ARG A 285 23.71 -44.90 14.51
N LEU A 286 24.14 -43.69 14.86
CA LEU A 286 23.93 -42.54 13.99
C LEU A 286 25.02 -42.37 12.95
N ILE A 287 25.74 -43.44 12.62
CA ILE A 287 26.90 -43.32 11.74
C ILE A 287 26.88 -44.40 10.66
N ALA A 288 27.18 -43.98 9.43
CA ALA A 288 27.07 -44.75 8.19
C ALA A 288 28.18 -45.79 8.06
N ALA A 289 28.46 -46.19 6.81
CA ALA A 289 29.13 -47.44 6.44
C ALA A 289 28.32 -48.61 6.99
N GLU A 290 27.13 -48.74 6.42
CA GLU A 290 26.05 -49.58 6.88
C GLU A 290 25.82 -50.76 5.96
N LYS A 291 25.00 -51.69 6.43
CA LYS A 291 24.45 -52.71 5.55
C LYS A 291 23.24 -52.16 4.81
N THR A 292 23.06 -52.61 3.58
CA THR A 292 21.94 -52.17 2.76
C THR A 292 20.99 -53.32 2.50
N GLN A 293 20.74 -54.12 3.53
CA GLN A 293 20.02 -55.38 3.40
C GLN A 293 18.54 -55.28 3.76
N GLN A 294 18.11 -54.19 4.39
CA GLN A 294 16.74 -54.05 4.87
C GLN A 294 16.06 -52.97 4.02
N THR A 295 14.73 -52.87 4.16
CA THR A 295 13.96 -51.82 3.49
C THR A 295 14.39 -50.43 3.97
N MET A 296 14.84 -50.32 5.20
CA MET A 296 15.45 -49.07 5.66
C MET A 296 16.97 -49.16 5.55
N TYR A 297 17.61 -47.99 5.52
CA TYR A 297 19.01 -47.85 5.18
C TYR A 297 19.53 -46.52 5.70
N THR A 298 20.86 -46.34 5.61
CA THR A 298 21.61 -45.15 6.04
C THR A 298 21.34 -44.92 7.52
N PRO A 299 22.03 -45.65 8.40
CA PRO A 299 21.38 -46.23 9.60
C PRO A 299 20.82 -45.26 10.62
N LEU A 300 20.75 -43.97 10.33
CA LEU A 300 19.85 -43.10 11.09
C LEU A 300 18.43 -43.65 11.06
N GLN A 301 17.96 -44.06 9.87
CA GLN A 301 16.68 -44.75 9.74
C GLN A 301 16.64 -46.05 10.51
N LEU A 302 17.72 -46.82 10.49
CA LEU A 302 17.68 -48.15 11.08
C LEU A 302 17.71 -48.05 12.60
N TRP A 303 18.47 -47.09 13.13
CA TRP A 303 18.42 -46.73 14.54
C TRP A 303 17.02 -46.28 14.94
N ASN A 304 16.41 -45.43 14.11
CA ASN A 304 15.10 -44.87 14.43
C ASN A 304 14.03 -45.95 14.42
N ASP A 305 14.14 -46.92 13.52
CA ASP A 305 13.23 -48.05 13.54
C ASP A 305 13.50 -48.94 14.76
N ASN A 306 14.77 -49.04 15.17
CA ASN A 306 15.11 -49.93 16.27
C ASN A 306 14.64 -49.34 17.61
N LYS A 307 15.16 -48.18 17.97
CA LYS A 307 14.83 -47.52 19.23
C LYS A 307 13.68 -46.55 18.99
N GLY A 308 13.46 -45.61 19.90
CA GLY A 308 12.29 -44.75 19.92
C GLY A 308 12.07 -43.90 18.67
N TYR A 309 10.91 -43.23 18.64
CA TYR A 309 10.34 -42.56 17.47
C TYR A 309 10.21 -43.56 16.32
N ARG A 310 9.23 -44.46 16.48
CA ARG A 310 9.13 -45.65 15.62
C ARG A 310 8.91 -45.30 14.14
N ILE A 311 7.95 -44.45 13.80
CA ILE A 311 7.85 -43.96 12.42
C ILE A 311 7.71 -42.43 12.38
N PRO A 312 8.20 -41.77 11.33
CA PRO A 312 7.88 -40.40 10.93
C PRO A 312 6.62 -40.31 10.05
N MET B 1 44.84 -23.99 -39.01
CA MET B 1 43.61 -24.77 -39.17
C MET B 1 42.79 -24.76 -37.89
N THR B 2 43.25 -24.01 -36.89
CA THR B 2 42.60 -24.02 -35.58
C THR B 2 41.34 -23.17 -35.57
N THR B 3 41.45 -21.91 -36.02
CA THR B 3 40.29 -21.01 -36.02
C THR B 3 39.25 -21.43 -37.04
N SER B 4 39.67 -22.10 -38.11
CA SER B 4 38.75 -22.67 -39.09
C SER B 4 37.85 -23.71 -38.46
N ILE B 5 38.45 -24.69 -37.78
CA ILE B 5 37.66 -25.73 -37.15
C ILE B 5 36.94 -25.19 -35.91
N ASN B 6 37.40 -24.09 -35.31
CA ASN B 6 36.62 -23.44 -34.26
C ASN B 6 35.36 -22.77 -34.82
N SER B 7 35.45 -22.22 -36.03
CA SER B 7 34.25 -21.73 -36.69
C SER B 7 33.30 -22.86 -37.04
N VAL B 8 33.86 -24.02 -37.42
CA VAL B 8 33.07 -25.23 -37.62
C VAL B 8 32.40 -25.67 -36.31
N VAL B 9 33.09 -25.47 -35.19
CA VAL B 9 32.53 -25.76 -33.87
C VAL B 9 31.33 -24.86 -33.58
N THR B 10 31.44 -23.58 -33.92
CA THR B 10 30.30 -22.66 -33.73
C THR B 10 29.12 -23.05 -34.61
N VAL B 11 29.41 -23.46 -35.85
CA VAL B 11 28.38 -23.94 -36.77
C VAL B 11 27.66 -25.17 -36.22
N PHE B 12 28.42 -26.15 -35.74
CA PHE B 12 27.75 -27.34 -35.24
C PHE B 12 27.26 -27.20 -33.80
N GLN B 13 27.65 -26.14 -33.09
CA GLN B 13 26.90 -25.73 -31.90
C GLN B 13 25.51 -25.26 -32.30
N ASN B 14 25.41 -24.49 -33.38
CA ASN B 14 24.09 -24.14 -33.90
C ASN B 14 23.32 -25.36 -34.37
N VAL B 15 24.02 -26.37 -34.93
CA VAL B 15 23.37 -27.60 -35.37
C VAL B 15 22.84 -28.40 -34.18
N PHE B 16 23.69 -28.64 -33.17
CA PHE B 16 23.27 -29.36 -31.97
C PHE B 16 22.41 -28.52 -31.02
N THR B 17 22.16 -27.25 -31.33
CA THR B 17 21.02 -26.58 -30.72
C THR B 17 19.79 -26.56 -31.61
N ASN B 18 19.90 -26.94 -32.88
CA ASN B 18 18.70 -27.07 -33.70
C ASN B 18 17.98 -28.40 -33.47
N HIS B 19 18.60 -29.51 -33.86
CA HIS B 19 17.94 -30.82 -33.87
C HIS B 19 18.99 -31.92 -33.82
N GLY B 20 18.55 -33.14 -34.12
CA GLY B 20 19.38 -34.33 -34.14
C GLY B 20 18.55 -35.53 -33.74
N SER B 21 19.22 -36.52 -33.13
CA SER B 21 18.51 -37.66 -32.55
C SER B 21 18.15 -37.39 -31.09
N THR B 22 19.18 -37.20 -30.25
CA THR B 22 19.04 -36.61 -28.93
C THR B 22 20.13 -35.56 -28.79
N LEU B 23 20.13 -34.86 -27.66
CA LEU B 23 21.08 -33.78 -27.44
C LEU B 23 21.68 -33.81 -26.03
N LEU B 24 21.80 -34.99 -25.42
CA LEU B 24 22.35 -35.09 -24.09
C LEU B 24 23.87 -34.93 -24.05
N ASN B 25 24.54 -35.12 -25.18
CA ASN B 25 25.99 -35.02 -25.23
C ASN B 25 26.47 -34.00 -26.26
N GLY B 26 25.56 -33.18 -26.81
CA GLY B 26 25.95 -32.18 -27.78
C GLY B 26 26.73 -31.01 -27.21
N ILE B 27 26.67 -30.83 -25.89
CA ILE B 27 27.49 -29.79 -25.25
C ILE B 27 28.95 -30.19 -25.25
N LEU B 28 29.25 -31.45 -24.95
CA LEU B 28 30.62 -31.89 -24.73
C LEU B 28 31.38 -32.11 -26.04
N ILE B 29 30.70 -32.52 -27.10
CA ILE B 29 31.37 -32.86 -28.36
C ILE B 29 31.98 -31.62 -29.01
N ALA B 30 31.22 -30.53 -29.03
CA ALA B 30 31.73 -29.28 -29.58
C ALA B 30 32.87 -28.71 -28.77
N THR B 31 32.85 -28.89 -27.44
CA THR B 31 33.96 -28.47 -26.62
C THR B 31 35.21 -29.31 -26.87
N THR B 32 35.02 -30.63 -27.10
CA THR B 32 36.16 -31.48 -27.46
C THR B 32 36.79 -31.04 -28.77
N VAL B 33 35.97 -30.74 -29.79
CA VAL B 33 36.53 -30.34 -31.08
C VAL B 33 37.17 -28.96 -30.98
N GLY B 34 36.53 -28.02 -30.29
CA GLY B 34 37.07 -26.67 -30.19
C GLY B 34 38.28 -26.55 -29.30
N GLY B 35 38.47 -27.49 -28.36
CA GLY B 35 39.66 -27.48 -27.55
C GLY B 35 40.77 -28.32 -28.16
N GLN B 36 40.40 -29.38 -28.86
CA GLN B 36 41.44 -30.23 -29.40
C GLN B 36 41.87 -29.83 -30.79
N SER B 37 41.22 -28.83 -31.41
CA SER B 37 41.86 -28.11 -32.49
C SER B 37 43.09 -27.36 -31.98
N LEU B 38 42.96 -26.70 -30.83
CA LEU B 38 44.11 -26.04 -30.22
C LEU B 38 45.10 -27.04 -29.62
N VAL B 39 44.66 -28.24 -29.28
CA VAL B 39 45.61 -29.31 -28.97
C VAL B 39 46.40 -29.69 -30.22
N ARG B 40 45.70 -29.86 -31.36
CA ARG B 40 46.35 -30.21 -32.61
C ARG B 40 47.21 -29.09 -33.17
N LYS B 41 47.09 -27.87 -32.64
CA LYS B 41 48.09 -26.84 -32.90
C LYS B 41 49.47 -27.26 -32.38
N LEU B 42 49.52 -28.05 -31.29
CA LEU B 42 50.77 -28.55 -30.71
C LEU B 42 50.66 -30.06 -30.54
N THR B 43 50.97 -30.80 -31.61
CA THR B 43 50.91 -32.26 -31.65
C THR B 43 52.03 -32.75 -32.55
N PHE B 44 51.87 -33.98 -33.06
CA PHE B 44 52.86 -34.77 -33.80
C PHE B 44 54.24 -34.74 -33.14
N SER B 45 54.29 -35.31 -31.94
CA SER B 45 55.57 -35.60 -31.29
C SER B 45 56.38 -36.56 -32.14
N CYS B 46 55.75 -37.65 -32.59
CA CYS B 46 56.06 -38.41 -33.81
C CYS B 46 57.49 -38.96 -33.81
N PRO B 47 57.76 -40.03 -33.07
CA PRO B 47 59.14 -40.48 -32.85
C PRO B 47 59.82 -40.97 -34.12
N CYS B 48 61.14 -41.05 -34.02
CA CYS B 48 62.00 -41.48 -35.11
C CYS B 48 62.27 -42.98 -35.12
N ALA B 49 61.36 -43.82 -34.66
CA ALA B 49 61.68 -45.24 -34.55
C ALA B 49 60.79 -46.10 -35.44
N TYR B 50 61.26 -47.34 -35.69
CA TYR B 50 60.47 -48.27 -36.48
C TYR B 50 59.20 -48.72 -35.73
N PRO B 51 59.29 -49.37 -34.52
CA PRO B 51 58.00 -49.79 -33.94
C PRO B 51 57.28 -48.64 -33.23
N LEU B 52 58.03 -47.70 -32.68
CA LEU B 52 57.43 -46.68 -31.85
C LEU B 52 56.70 -45.62 -32.65
N ASN B 53 56.99 -45.47 -33.94
CA ASN B 53 56.20 -44.52 -34.69
C ASN B 53 54.81 -45.05 -34.98
N ILE B 54 54.72 -46.32 -35.40
CA ILE B 54 53.43 -46.98 -35.58
C ILE B 54 52.70 -47.07 -34.25
N TYR B 55 53.42 -47.29 -33.15
CA TYR B 55 52.76 -47.34 -31.85
C TYR B 55 52.24 -45.98 -31.43
N HIS B 56 53.05 -44.94 -31.56
CA HIS B 56 52.64 -43.58 -31.19
C HIS B 56 51.60 -43.01 -32.14
N SER B 57 51.44 -43.59 -33.32
CA SER B 57 50.36 -43.14 -34.18
C SER B 57 49.08 -43.94 -33.96
N LEU B 58 49.21 -45.27 -33.92
CA LEU B 58 48.07 -46.16 -33.81
C LEU B 58 47.41 -46.06 -32.44
N VAL B 59 48.21 -45.98 -31.38
CA VAL B 59 47.66 -45.79 -30.04
C VAL B 59 46.99 -44.42 -29.94
N PHE B 60 47.63 -43.37 -30.46
CA PHE B 60 47.06 -42.03 -30.35
C PHE B 60 45.81 -41.86 -31.21
N MET B 61 45.63 -42.68 -32.24
CA MET B 61 44.36 -42.66 -32.97
C MET B 61 43.31 -43.52 -32.26
N PHE B 62 43.55 -44.82 -32.16
CA PHE B 62 42.53 -45.75 -31.71
C PHE B 62 42.43 -45.85 -30.19
N GLY B 63 43.11 -44.99 -29.45
CA GLY B 63 43.00 -44.92 -28.02
C GLY B 63 41.92 -43.99 -27.51
N PRO B 64 41.99 -42.69 -27.87
CA PRO B 64 40.90 -41.78 -27.51
C PRO B 64 39.56 -42.13 -28.12
N THR B 65 39.53 -42.89 -29.23
CA THR B 65 38.27 -43.41 -29.73
C THR B 65 37.65 -44.39 -28.75
N ALA B 66 38.45 -45.34 -28.25
CA ALA B 66 37.94 -46.26 -27.23
C ALA B 66 37.62 -45.55 -25.93
N ALA B 67 38.38 -44.52 -25.58
CA ALA B 67 38.14 -43.78 -24.35
C ALA B 67 36.83 -43.00 -24.43
N LEU B 68 36.62 -42.27 -25.53
CA LEU B 68 35.36 -41.55 -25.70
C LEU B 68 34.19 -42.48 -25.96
N LEU B 69 34.44 -43.67 -26.50
CA LEU B 69 33.37 -44.66 -26.62
C LEU B 69 32.95 -45.17 -25.24
N LEU B 70 33.93 -45.40 -24.36
CA LEU B 70 33.63 -45.83 -23.00
C LEU B 70 32.93 -44.73 -22.21
N ILE B 71 33.35 -43.48 -22.41
CA ILE B 71 32.69 -42.35 -21.77
C ILE B 71 31.26 -42.20 -22.30
N GLY B 72 31.08 -42.37 -23.62
CA GLY B 72 29.75 -42.27 -24.20
C GLY B 72 28.82 -43.38 -23.76
N ILE B 73 29.38 -44.54 -23.40
CA ILE B 73 28.57 -45.56 -22.76
C ILE B 73 28.18 -45.10 -21.36
N THR B 74 29.19 -44.80 -20.52
CA THR B 74 28.98 -44.69 -19.08
C THR B 74 28.19 -43.44 -18.71
N VAL B 75 28.36 -42.35 -19.47
CA VAL B 75 27.59 -41.14 -19.20
C VAL B 75 26.14 -41.32 -19.61
N ASN B 76 25.89 -42.13 -20.65
CA ASN B 76 24.55 -42.31 -21.19
C ASN B 76 23.69 -43.07 -20.21
N SER B 77 22.51 -42.50 -19.90
CA SER B 77 21.69 -43.02 -18.82
C SER B 77 21.07 -44.36 -19.17
N THR B 78 20.71 -44.54 -20.44
CA THR B 78 19.82 -45.63 -20.83
C THR B 78 20.49 -47.00 -20.65
N THR B 79 21.80 -47.09 -20.84
CA THR B 79 22.47 -48.36 -20.62
C THR B 79 22.47 -48.73 -19.16
N TRP B 80 22.50 -47.75 -18.25
CA TRP B 80 22.37 -48.12 -16.85
C TRP B 80 20.95 -48.55 -16.54
N LYS B 81 19.95 -47.92 -17.19
CA LYS B 81 18.59 -48.42 -17.05
C LYS B 81 18.42 -49.80 -17.68
N LEU B 82 19.35 -50.20 -18.55
CA LEU B 82 19.38 -51.58 -18.99
C LEU B 82 20.08 -52.46 -17.97
N ALA B 83 21.20 -51.99 -17.43
CA ALA B 83 22.09 -52.86 -16.69
C ALA B 83 22.67 -52.18 -15.46
N HIS B 84 21.85 -51.49 -14.67
CA HIS B 84 22.24 -51.17 -13.30
C HIS B 84 21.71 -52.28 -12.42
N GLY B 85 22.60 -53.14 -11.95
CA GLY B 85 22.16 -54.25 -11.14
C GLY B 85 21.49 -55.32 -11.98
N PHE B 86 22.19 -55.81 -12.98
CA PHE B 86 21.62 -56.85 -13.84
C PHE B 86 21.58 -58.20 -13.15
N PHE B 87 22.46 -58.43 -12.19
CA PHE B 87 22.44 -59.71 -11.46
C PHE B 87 21.21 -59.84 -10.59
N PHE B 88 20.89 -58.82 -9.81
CA PHE B 88 19.85 -58.91 -8.79
C PHE B 88 18.55 -58.24 -9.22
N ARG B 89 18.22 -58.35 -10.49
CA ARG B 89 16.86 -58.08 -10.93
C ARG B 89 15.96 -59.21 -10.44
N VAL B 90 14.80 -58.85 -9.90
CA VAL B 90 13.78 -59.85 -9.64
C VAL B 90 13.32 -60.43 -10.96
N ARG B 91 13.26 -61.76 -11.04
CA ARG B 91 13.15 -62.47 -12.31
C ARG B 91 11.85 -62.14 -13.03
N ASP B 92 11.94 -62.16 -14.36
CA ASP B 92 10.89 -61.67 -15.28
C ASP B 92 10.51 -60.22 -14.95
N THR B 93 11.53 -59.38 -14.79
CA THR B 93 11.34 -57.93 -14.86
C THR B 93 12.40 -57.40 -15.81
N ARG B 94 13.53 -58.10 -15.90
CA ARG B 94 14.34 -58.02 -17.10
C ARG B 94 13.51 -58.61 -18.25
N HIS B 95 13.50 -57.92 -19.38
CA HIS B 95 12.36 -58.05 -20.28
C HIS B 95 12.56 -59.12 -21.35
N SER B 96 13.58 -58.97 -22.20
CA SER B 96 13.69 -59.82 -23.37
C SER B 96 15.15 -59.96 -23.76
N TRP B 97 15.38 -60.62 -24.88
CA TRP B 97 16.69 -60.64 -25.55
C TRP B 97 16.71 -59.75 -26.78
N LYS B 98 15.58 -59.60 -27.47
CA LYS B 98 15.55 -58.81 -28.69
C LYS B 98 15.50 -57.32 -28.40
N THR B 99 14.66 -56.90 -27.45
CA THR B 99 14.49 -55.47 -27.17
C THR B 99 15.72 -54.89 -26.49
N THR B 100 16.36 -55.66 -25.62
CA THR B 100 17.58 -55.20 -24.96
C THR B 100 18.73 -55.06 -25.94
N CYS B 101 18.73 -55.78 -27.05
CA CYS B 101 19.73 -55.55 -28.08
C CYS B 101 19.44 -54.30 -28.88
N VAL B 102 18.17 -53.96 -29.06
CA VAL B 102 17.81 -52.71 -29.72
C VAL B 102 18.24 -51.52 -28.87
N SER B 103 18.01 -51.60 -27.56
CA SER B 103 18.50 -50.55 -26.68
C SER B 103 20.02 -50.54 -26.60
N TRP B 104 20.65 -51.70 -26.74
CA TRP B 104 22.11 -51.78 -26.72
C TRP B 104 22.71 -51.12 -27.95
N ILE B 105 22.13 -51.36 -29.12
CA ILE B 105 22.60 -50.72 -30.34
C ILE B 105 22.29 -49.23 -30.30
N GLU B 106 21.19 -48.84 -29.65
CA GLU B 106 20.89 -47.42 -29.47
C GLU B 106 21.94 -46.72 -28.64
N VAL B 107 22.34 -47.32 -27.51
CA VAL B 107 23.32 -46.65 -26.67
C VAL B 107 24.71 -46.76 -27.29
N LEU B 108 24.96 -47.80 -28.11
CA LEU B 108 26.23 -47.88 -28.83
C LEU B 108 26.35 -46.78 -29.89
N ILE B 109 25.26 -46.48 -30.60
CA ILE B 109 25.33 -45.44 -31.62
C ILE B 109 25.39 -44.05 -30.98
N GLN B 110 24.56 -43.81 -29.96
CA GLN B 110 24.61 -42.54 -29.24
C GLN B 110 25.95 -42.33 -28.54
N SER B 111 26.60 -43.42 -28.14
CA SER B 111 27.98 -43.33 -27.67
C SER B 111 28.93 -43.00 -28.80
N SER B 112 28.87 -43.78 -29.88
CA SER B 112 29.83 -43.74 -30.97
C SER B 112 29.70 -42.51 -31.86
N VAL B 113 28.75 -41.62 -31.58
CA VAL B 113 28.75 -40.30 -32.22
C VAL B 113 30.08 -39.58 -31.99
N ALA B 114 30.47 -39.40 -30.73
CA ALA B 114 31.66 -38.63 -30.40
C ALA B 114 33.01 -39.22 -30.81
N PRO B 115 33.28 -40.54 -30.74
CA PRO B 115 34.57 -41.02 -31.27
C PRO B 115 34.70 -40.93 -32.77
N ILE B 116 33.61 -41.13 -33.53
CA ILE B 116 33.67 -40.93 -34.97
C ILE B 116 33.95 -39.48 -35.31
N ALA B 117 33.37 -38.56 -34.52
CA ALA B 117 33.64 -37.14 -34.71
C ALA B 117 35.10 -36.81 -34.38
N TRP B 118 35.64 -37.40 -33.32
CA TRP B 118 37.04 -37.14 -32.98
C TRP B 118 38.00 -37.74 -34.01
N LEU B 119 37.68 -38.94 -34.49
CA LEU B 119 38.47 -39.59 -35.52
C LEU B 119 38.47 -38.77 -36.80
N PHE B 120 37.30 -38.21 -37.17
CA PHE B 120 37.23 -37.32 -38.32
C PHE B 120 37.99 -36.02 -38.08
N VAL B 121 38.01 -35.52 -36.86
CA VAL B 121 38.76 -34.30 -36.57
C VAL B 121 40.25 -34.53 -36.74
N VAL B 122 40.77 -35.65 -36.26
CA VAL B 122 42.21 -35.83 -36.32
C VAL B 122 42.65 -36.30 -37.70
N PHE B 123 41.87 -37.17 -38.35
CA PHE B 123 42.12 -37.48 -39.76
C PHE B 123 41.96 -36.27 -40.66
N LEU B 124 41.09 -35.34 -40.31
CA LEU B 124 40.91 -34.11 -41.07
C LEU B 124 42.08 -33.17 -40.86
N ASP B 125 42.75 -33.27 -39.72
CA ASP B 125 44.05 -32.64 -39.59
C ASP B 125 45.06 -33.42 -40.42
N GLY B 126 46.07 -32.72 -40.90
CA GLY B 126 47.21 -33.45 -41.40
C GLY B 126 48.09 -33.73 -40.21
N GLY B 127 47.87 -34.89 -39.61
CA GLY B 127 48.44 -35.17 -38.31
C GLY B 127 49.01 -36.57 -38.23
N TYR B 128 48.48 -37.33 -37.29
CA TYR B 128 49.02 -38.62 -36.94
C TYR B 128 48.80 -39.69 -38.01
N TYR B 129 48.10 -39.38 -39.10
CA TYR B 129 48.15 -40.29 -40.23
C TYR B 129 49.40 -40.08 -41.08
N ARG B 130 49.94 -38.85 -41.15
CA ARG B 130 51.24 -38.71 -41.82
C ARG B 130 52.33 -39.32 -40.95
N CYS B 131 52.10 -39.37 -39.64
CA CYS B 131 53.00 -39.97 -38.68
C CYS B 131 52.88 -41.49 -38.65
N TYR B 132 52.11 -42.06 -39.58
CA TYR B 132 51.87 -43.49 -39.70
C TYR B 132 52.47 -44.05 -40.99
N ARG B 133 52.09 -43.52 -42.13
CA ARG B 133 52.70 -43.99 -43.36
C ARG B 133 53.91 -43.14 -43.75
N SER B 134 54.27 -42.12 -42.96
CA SER B 134 55.62 -41.59 -43.05
C SER B 134 56.63 -42.64 -42.61
N HIS B 135 56.30 -43.37 -41.56
CA HIS B 135 56.97 -44.62 -41.23
C HIS B 135 56.83 -45.60 -42.38
N GLU B 136 55.59 -46.04 -42.65
CA GLU B 136 55.33 -47.18 -43.53
C GLU B 136 55.80 -46.97 -44.98
N PHE B 137 56.15 -45.75 -45.37
CA PHE B 137 56.68 -45.51 -46.70
C PHE B 137 58.20 -45.61 -46.72
N CYS B 138 58.86 -45.23 -45.62
CA CYS B 138 60.26 -44.84 -45.58
C CYS B 138 61.26 -46.00 -45.80
N LEU B 139 60.79 -47.25 -45.97
CA LEU B 139 61.65 -48.42 -46.21
C LEU B 139 62.65 -48.63 -45.07
N ILE B 140 62.11 -49.04 -43.92
CA ILE B 140 62.71 -48.71 -42.64
C ILE B 140 63.46 -49.87 -42.01
N SER B 141 63.69 -50.96 -42.74
CA SER B 141 64.29 -52.15 -42.14
C SER B 141 65.76 -51.93 -41.83
N ASP B 142 66.40 -50.99 -42.51
CA ASP B 142 67.71 -50.57 -42.07
C ASP B 142 67.67 -49.76 -40.79
N ALA B 143 66.55 -49.08 -40.48
CA ALA B 143 66.44 -48.44 -39.17
C ALA B 143 66.14 -49.44 -38.07
N ILE B 144 65.58 -50.61 -38.41
CA ILE B 144 65.58 -51.72 -37.47
C ILE B 144 67.01 -52.10 -37.12
N LEU B 145 67.88 -52.17 -38.14
CA LEU B 145 69.29 -52.46 -37.89
C LEU B 145 69.98 -51.31 -37.17
N CYS B 146 69.59 -50.07 -37.46
CA CYS B 146 70.14 -48.90 -36.80
C CYS B 146 69.73 -48.84 -35.32
N LYS B 147 68.54 -49.36 -34.97
CA LYS B 147 68.11 -49.36 -33.58
C LYS B 147 68.29 -50.72 -32.91
N ASN B 148 68.93 -51.68 -33.58
CA ASN B 148 69.45 -52.82 -32.84
C ASN B 148 70.61 -52.42 -31.96
N SER B 149 71.37 -51.41 -32.37
CA SER B 149 72.45 -50.84 -31.57
C SER B 149 72.55 -49.37 -31.91
N THR B 150 72.34 -48.50 -30.91
CA THR B 150 72.22 -47.06 -31.12
C THR B 150 73.52 -46.39 -31.56
N ILE B 151 74.65 -47.10 -31.52
CA ILE B 151 75.86 -46.63 -32.17
C ILE B 151 75.63 -46.47 -33.68
N LEU B 152 74.85 -47.38 -34.26
CA LEU B 152 74.46 -47.25 -35.66
C LEU B 152 73.51 -46.08 -35.88
N ASN B 153 72.67 -45.77 -34.90
CA ASN B 153 71.85 -44.55 -34.98
C ASN B 153 72.72 -43.30 -34.99
N SER B 154 73.74 -43.27 -34.12
CA SER B 154 74.63 -42.12 -34.03
C SER B 154 75.45 -41.94 -35.30
N TYR B 155 76.03 -43.02 -35.82
CA TYR B 155 76.82 -42.93 -37.05
C TYR B 155 75.97 -42.92 -38.31
N ALA B 156 74.66 -43.14 -38.21
CA ALA B 156 73.77 -42.91 -39.34
C ALA B 156 73.25 -41.48 -39.37
N SER B 157 73.14 -40.84 -38.21
CA SER B 157 72.76 -39.44 -38.18
C SER B 157 73.94 -38.53 -38.46
N THR B 158 75.12 -38.84 -37.89
CA THR B 158 76.27 -37.94 -37.93
C THR B 158 77.23 -38.24 -39.07
N SER B 159 77.79 -39.46 -39.11
CA SER B 159 78.85 -39.77 -40.08
C SER B 159 78.29 -39.87 -41.49
N SER B 160 77.42 -40.85 -41.73
CA SER B 160 76.65 -40.82 -42.96
C SER B 160 75.52 -39.82 -42.82
N PHE B 161 75.02 -39.35 -43.96
CA PHE B 161 73.99 -38.32 -43.93
C PHE B 161 72.61 -38.96 -43.83
N ASN B 162 71.57 -38.13 -43.93
CA ASN B 162 70.20 -38.58 -43.77
C ASN B 162 69.41 -38.44 -45.06
N LYS B 163 69.41 -37.27 -45.69
CA LYS B 163 68.72 -37.10 -46.95
C LYS B 163 69.61 -37.33 -48.15
N ILE B 164 70.93 -37.26 -47.99
CA ILE B 164 71.84 -37.76 -49.01
C ILE B 164 71.83 -39.27 -49.04
N SER B 165 71.48 -39.91 -47.92
CA SER B 165 71.33 -41.36 -47.85
C SER B 165 69.91 -41.80 -48.18
N ASP B 166 69.20 -41.07 -49.04
CA ASP B 166 67.87 -41.46 -49.47
C ASP B 166 67.88 -42.48 -50.62
N ASN B 167 68.97 -43.23 -50.81
CA ASN B 167 69.03 -44.19 -51.90
C ASN B 167 68.33 -45.50 -51.53
N GLY B 168 68.84 -46.18 -50.50
CA GLY B 168 68.38 -47.53 -50.20
C GLY B 168 67.30 -47.62 -49.14
N LYS B 169 67.65 -48.16 -47.97
CA LYS B 169 66.69 -48.25 -46.88
C LYS B 169 67.17 -47.40 -45.70
N TYR B 170 66.22 -46.76 -45.02
CA TYR B 170 66.51 -45.48 -44.39
C TYR B 170 66.63 -45.63 -42.88
N CYS B 171 67.34 -44.69 -42.28
CA CYS B 171 67.58 -44.56 -40.84
C CYS B 171 67.17 -43.14 -40.45
N PRO B 172 67.00 -42.84 -39.15
CA PRO B 172 65.70 -42.27 -38.65
C PRO B 172 65.16 -41.07 -39.42
N PRO B 173 65.85 -39.89 -39.48
CA PRO B 173 65.09 -38.60 -39.53
C PRO B 173 64.18 -38.39 -40.75
N CYS B 174 64.20 -39.28 -41.74
CA CYS B 174 63.07 -39.46 -42.64
C CYS B 174 61.77 -39.71 -41.89
N ILE B 175 61.85 -40.46 -40.78
CA ILE B 175 60.67 -40.83 -40.01
C ILE B 175 60.05 -39.61 -39.35
N CYS B 176 60.84 -38.85 -38.59
CA CYS B 176 60.31 -37.68 -37.89
C CYS B 176 59.96 -36.55 -38.84
N VAL B 177 60.60 -36.47 -40.00
CA VAL B 177 60.20 -35.51 -41.02
C VAL B 177 60.46 -36.09 -42.41
N PRO B 178 59.42 -36.30 -43.20
CA PRO B 178 59.61 -36.86 -44.54
C PRO B 178 59.89 -35.78 -45.57
N ASN B 179 59.95 -36.21 -46.82
CA ASN B 179 59.98 -35.28 -47.94
C ASN B 179 58.67 -34.53 -48.00
N PRO B 180 58.68 -33.20 -48.22
CA PRO B 180 57.42 -32.43 -48.21
C PRO B 180 56.48 -32.77 -49.35
N THR B 181 57.00 -33.29 -50.47
CA THR B 181 56.15 -33.87 -51.50
C THR B 181 55.39 -35.07 -50.95
N ASP B 182 56.12 -36.01 -50.35
CA ASP B 182 55.51 -37.16 -49.68
C ASP B 182 54.61 -36.72 -48.53
N ALA B 183 55.02 -35.70 -47.77
CA ALA B 183 54.24 -35.23 -46.64
C ALA B 183 52.90 -34.66 -47.07
N SER B 184 52.91 -33.84 -48.13
CA SER B 184 51.66 -33.28 -48.63
C SER B 184 50.78 -34.32 -49.31
N TYR B 185 51.39 -35.24 -50.06
CA TYR B 185 50.67 -36.37 -50.65
C TYR B 185 49.93 -37.18 -49.60
N LEU B 186 50.64 -37.56 -48.55
CA LEU B 186 50.07 -38.42 -47.54
C LEU B 186 49.13 -37.63 -46.63
N GLU B 187 49.36 -36.32 -46.50
CA GLU B 187 48.46 -35.43 -45.78
C GLU B 187 47.10 -35.39 -46.45
N ALA B 188 47.07 -35.18 -47.76
CA ALA B 188 45.78 -35.16 -48.41
C ALA B 188 45.21 -36.55 -48.60
N GLU B 189 46.04 -37.59 -48.58
CA GLU B 189 45.54 -38.94 -48.42
C GLU B 189 44.76 -39.09 -47.11
N SER B 190 45.28 -38.49 -46.04
CA SER B 190 44.56 -38.46 -44.77
C SER B 190 43.27 -37.65 -44.88
N GLN B 191 43.29 -36.57 -45.66
CA GLN B 191 42.09 -35.77 -45.83
C GLN B 191 41.00 -36.54 -46.57
N ILE B 192 41.37 -37.31 -47.59
CA ILE B 192 40.34 -38.03 -48.32
C ILE B 192 39.85 -39.24 -47.54
N TYR B 193 40.71 -39.90 -46.76
CA TYR B 193 40.22 -40.92 -45.82
C TYR B 193 39.32 -40.31 -44.75
N ALA B 194 39.62 -39.09 -44.31
CA ALA B 194 38.80 -38.38 -43.33
C ALA B 194 37.40 -38.15 -43.87
N TRP B 195 37.31 -37.62 -45.08
CA TRP B 195 35.98 -37.33 -45.59
C TRP B 195 35.26 -38.60 -46.02
N GLY B 196 35.99 -39.64 -46.42
CA GLY B 196 35.35 -40.91 -46.73
C GLY B 196 34.75 -41.55 -45.49
N LEU B 197 35.47 -41.49 -44.37
CA LEU B 197 34.93 -42.00 -43.11
C LEU B 197 33.73 -41.16 -42.66
N LEU B 198 33.82 -39.83 -42.80
CA LEU B 198 32.71 -38.98 -42.37
C LEU B 198 31.46 -39.20 -43.21
N LEU B 199 31.64 -39.32 -44.52
CA LEU B 199 30.49 -39.51 -45.40
C LEU B 199 29.90 -40.90 -45.25
N PHE B 200 30.74 -41.92 -45.01
CA PHE B 200 30.24 -43.26 -44.76
C PHE B 200 29.46 -43.32 -43.46
N SER B 201 30.01 -42.71 -42.39
CA SER B 201 29.32 -42.66 -41.12
C SER B 201 28.04 -41.84 -41.20
N GLY B 202 28.05 -40.75 -41.96
CA GLY B 202 26.85 -39.94 -42.09
C GLY B 202 25.73 -40.64 -42.83
N VAL B 203 26.07 -41.30 -43.94
CA VAL B 203 25.08 -42.05 -44.71
C VAL B 203 24.55 -43.23 -43.91
N ALA B 204 25.45 -43.97 -43.24
CA ALA B 204 25.01 -45.13 -42.46
C ALA B 204 24.20 -44.71 -41.24
N ALA B 205 24.56 -43.59 -40.60
CA ALA B 205 23.82 -43.14 -39.44
C ALA B 205 22.47 -42.59 -39.83
N PHE B 206 22.40 -41.85 -40.95
CA PHE B 206 21.11 -41.42 -41.50
C PHE B 206 20.22 -42.60 -41.82
N LEU B 207 20.77 -43.63 -42.45
CA LEU B 207 19.98 -44.80 -42.82
C LEU B 207 19.49 -45.55 -41.58
N VAL B 208 20.34 -45.66 -40.55
CA VAL B 208 19.93 -46.39 -39.36
C VAL B 208 18.91 -45.60 -38.55
N ILE B 209 19.15 -44.31 -38.31
CA ILE B 209 18.18 -43.57 -37.49
C ILE B 209 16.96 -43.17 -38.31
N THR B 210 16.96 -43.38 -39.63
CA THR B 210 15.71 -43.32 -40.38
C THR B 210 14.97 -44.64 -40.26
N CYS B 211 15.67 -45.77 -40.40
CA CYS B 211 15.05 -47.08 -40.30
C CYS B 211 14.64 -47.43 -38.87
N ASN B 212 15.01 -46.62 -37.88
CA ASN B 212 14.39 -46.70 -36.56
C ASN B 212 13.60 -45.43 -36.24
N ARG B 213 13.26 -44.64 -37.26
CA ARG B 213 12.16 -43.69 -37.18
C ARG B 213 11.11 -43.96 -38.24
N MET B 214 11.35 -44.90 -39.15
CA MET B 214 10.37 -45.31 -40.14
C MET B 214 9.78 -46.68 -39.84
N CYS B 215 10.50 -47.52 -39.09
CA CYS B 215 9.94 -48.75 -38.54
C CYS B 215 9.39 -48.53 -37.14
N ASP B 216 9.28 -47.28 -36.71
CA ASP B 216 8.69 -46.97 -35.41
C ASP B 216 7.19 -47.24 -35.45
N LYS B 217 6.68 -47.88 -34.40
CA LYS B 217 5.25 -48.18 -34.32
C LYS B 217 4.43 -46.91 -34.19
N TYR B 218 4.78 -46.05 -33.25
CA TYR B 218 4.07 -44.80 -33.05
C TYR B 218 4.40 -43.85 -34.20
N THR B 219 3.62 -42.79 -34.31
CA THR B 219 3.80 -41.84 -35.37
C THR B 219 4.08 -40.48 -34.74
N LEU B 220 4.38 -39.48 -35.58
CA LEU B 220 5.26 -38.37 -35.18
C LEU B 220 4.66 -37.52 -34.07
N VAL B 221 3.36 -37.30 -34.08
CA VAL B 221 2.75 -36.59 -32.97
C VAL B 221 2.66 -37.48 -31.75
N GLN B 222 2.36 -38.76 -31.95
CA GLN B 222 2.32 -39.70 -30.84
C GLN B 222 3.72 -39.94 -30.28
N ARG B 223 4.73 -39.93 -31.15
CA ARG B 223 6.10 -40.10 -30.68
C ARG B 223 6.60 -38.86 -29.96
N GLN B 224 6.24 -37.67 -30.45
CA GLN B 224 6.59 -36.46 -29.70
C GLN B 224 5.86 -36.38 -28.37
N TYR B 225 4.65 -36.92 -28.27
CA TYR B 225 3.98 -36.89 -26.98
C TYR B 225 4.56 -37.93 -26.03
N VAL B 226 4.93 -39.11 -26.53
CA VAL B 226 5.59 -40.10 -25.68
C VAL B 226 6.93 -39.58 -25.19
N GLU B 227 7.66 -38.85 -26.05
CA GLU B 227 8.93 -38.28 -25.61
C GLU B 227 8.72 -37.12 -24.65
N THR B 228 7.66 -36.32 -24.83
CA THR B 228 7.40 -35.25 -23.87
C THR B 228 6.97 -35.83 -22.53
N TYR B 229 6.16 -36.88 -22.56
CA TYR B 229 5.70 -37.49 -21.32
C TYR B 229 6.83 -38.20 -20.61
N LYS B 230 7.73 -38.83 -21.36
CA LYS B 230 8.91 -39.45 -20.76
C LYS B 230 9.83 -38.41 -20.14
N ASN B 231 10.09 -37.33 -20.88
CA ASN B 231 10.95 -36.25 -20.42
C ASN B 231 10.31 -35.41 -19.32
N VAL B 232 9.02 -35.58 -19.05
CA VAL B 232 8.44 -34.84 -17.94
C VAL B 232 8.25 -35.77 -16.76
N GLU B 233 8.01 -37.06 -16.98
CA GLU B 233 7.86 -37.91 -15.81
C GLU B 233 9.19 -38.30 -15.20
N THR B 234 10.28 -38.40 -15.99
CA THR B 234 11.56 -38.67 -15.36
C THR B 234 12.22 -37.41 -14.82
N GLN B 235 11.48 -36.31 -14.73
CA GLN B 235 11.86 -35.14 -13.95
C GLN B 235 10.88 -34.90 -12.81
N LYS B 236 9.59 -35.14 -13.05
CA LYS B 236 8.59 -34.91 -12.03
C LYS B 236 8.61 -36.00 -10.98
N PHE B 237 8.89 -37.23 -11.39
CA PHE B 237 9.15 -38.32 -10.47
C PHE B 237 10.36 -38.05 -9.61
N ASP B 238 11.41 -37.47 -10.18
CA ASP B 238 12.58 -37.16 -9.36
C ASP B 238 12.32 -35.99 -8.43
N ALA B 239 11.50 -35.02 -8.84
CA ALA B 239 11.16 -33.94 -7.93
C ALA B 239 10.30 -34.43 -6.78
N VAL B 240 9.37 -35.34 -7.05
CA VAL B 240 8.55 -35.91 -5.98
C VAL B 240 9.37 -36.84 -5.10
N ALA B 241 10.32 -37.58 -5.67
CA ALA B 241 11.22 -38.40 -4.86
C ALA B 241 12.10 -37.54 -3.98
N LYS B 242 12.54 -36.38 -4.48
CA LYS B 242 13.35 -35.48 -3.68
C LYS B 242 12.55 -34.87 -2.55
N GLU B 243 11.32 -34.41 -2.82
CA GLU B 243 10.58 -33.79 -1.72
C GLU B 243 10.04 -34.83 -0.74
N HIS B 244 9.83 -36.08 -1.20
CA HIS B 244 9.46 -37.16 -0.29
C HIS B 244 10.62 -37.55 0.61
N ALA B 245 11.82 -37.68 0.04
CA ALA B 245 12.99 -37.94 0.87
C ALA B 245 13.32 -36.74 1.75
N SER B 246 12.98 -35.53 1.31
CA SER B 246 13.25 -34.36 2.13
C SER B 246 12.30 -34.29 3.32
N GLN B 247 11.02 -34.64 3.13
CA GLN B 247 10.13 -34.68 4.28
C GLN B 247 10.48 -35.83 5.21
N LEU B 248 10.83 -36.98 4.67
CA LEU B 248 11.18 -38.11 5.53
C LEU B 248 12.59 -37.99 6.08
N ALA B 249 13.38 -37.02 5.65
CA ALA B 249 14.64 -36.68 6.31
C ALA B 249 14.48 -35.56 7.32
N GLU B 250 13.61 -34.59 7.05
CA GLU B 250 13.17 -33.62 8.05
C GLU B 250 12.65 -34.32 9.30
N HIS B 251 11.66 -35.20 9.12
CA HIS B 251 11.06 -35.86 10.27
C HIS B 251 12.02 -36.82 10.94
N ASN B 252 12.93 -37.43 10.19
CA ASN B 252 13.86 -38.33 10.85
C ASN B 252 15.07 -37.60 11.44
N ALA B 253 15.31 -36.35 11.07
CA ALA B 253 16.32 -35.58 11.78
C ALA B 253 15.74 -34.99 13.05
N ARG B 254 14.48 -34.52 12.99
CA ARG B 254 13.78 -34.10 14.21
C ARG B 254 13.56 -35.29 15.15
N ALA B 255 13.50 -36.50 14.60
CA ALA B 255 13.31 -37.68 15.40
C ALA B 255 14.53 -38.03 16.23
N PHE B 256 15.69 -37.51 15.87
CA PHE B 256 16.87 -37.87 16.65
C PHE B 256 17.21 -36.80 17.67
N PHE B 257 16.98 -35.53 17.36
CA PHE B 257 17.22 -34.48 18.34
C PHE B 257 15.97 -34.14 19.11
N GLY B 258 15.16 -35.15 19.37
CA GLY B 258 14.11 -35.10 20.35
C GLY B 258 14.19 -36.33 21.24
N GLN B 259 15.37 -36.81 21.60
CA GLN B 259 15.42 -37.92 22.53
C GLN B 259 16.04 -37.56 23.87
N LYS B 260 17.29 -37.07 23.87
CA LYS B 260 18.12 -36.86 25.07
C LYS B 260 18.24 -38.10 25.93
N ASN B 278 6.88 -50.37 -0.63
CA ASN B 278 7.81 -50.41 -1.74
C ASN B 278 8.72 -51.63 -1.65
N PRO B 279 8.29 -52.76 -2.19
CA PRO B 279 9.19 -53.91 -2.28
C PRO B 279 10.02 -53.86 -3.55
N LEU B 280 10.83 -54.89 -3.83
CA LEU B 280 11.63 -54.90 -5.06
C LEU B 280 10.78 -54.96 -6.32
N PHE B 281 9.57 -55.51 -6.24
CA PHE B 281 8.69 -55.51 -7.40
C PHE B 281 8.31 -54.12 -7.83
N ALA B 282 8.01 -53.23 -6.88
CA ALA B 282 7.69 -51.86 -7.27
C ALA B 282 8.93 -51.11 -7.75
N ARG B 283 10.07 -51.34 -7.10
CA ARG B 283 11.29 -50.64 -7.49
C ARG B 283 11.91 -51.25 -8.73
N LEU B 284 11.32 -52.31 -9.28
CA LEU B 284 11.79 -52.89 -10.53
C LEU B 284 10.82 -52.71 -11.68
N ARG B 285 9.50 -52.71 -11.44
CA ARG B 285 8.61 -52.19 -12.46
C ARG B 285 8.66 -50.67 -12.57
N LEU B 286 9.38 -50.00 -11.67
CA LEU B 286 9.57 -48.57 -11.78
C LEU B 286 10.76 -48.20 -12.66
N ILE B 287 11.17 -49.09 -13.56
CA ILE B 287 12.40 -48.88 -14.33
C ILE B 287 12.17 -49.18 -15.80
N ALA B 288 12.69 -48.30 -16.67
CA ALA B 288 12.49 -48.25 -18.10
C ALA B 288 13.27 -49.33 -18.83
N ALA B 289 13.53 -49.09 -20.13
CA ALA B 289 13.86 -50.10 -21.14
C ALA B 289 12.70 -51.10 -21.23
N GLU B 290 11.58 -50.57 -21.70
CA GLU B 290 10.26 -51.18 -21.65
C GLU B 290 9.80 -51.59 -23.04
N LYS B 291 8.71 -52.35 -23.05
CA LYS B 291 7.99 -52.57 -24.30
C LYS B 291 7.04 -51.39 -24.54
N THR B 292 6.87 -51.06 -25.82
CA THR B 292 6.00 -49.95 -26.21
C THR B 292 4.78 -50.49 -26.96
N GLN B 293 4.22 -51.59 -26.48
CA GLN B 293 3.19 -52.33 -27.19
C GLN B 293 1.77 -52.02 -26.73
N GLN B 294 1.60 -51.35 -25.60
CA GLN B 294 0.29 -51.08 -25.02
C GLN B 294 0.02 -49.58 -25.12
N THR B 295 -1.23 -49.19 -24.85
CA THR B 295 -1.61 -47.78 -24.83
C THR B 295 -0.85 -47.03 -23.74
N MET B 296 -0.49 -47.70 -22.65
CA MET B 296 0.39 -47.11 -21.66
C MET B 296 1.82 -47.55 -21.90
N TYR B 297 2.77 -46.78 -21.37
CA TYR B 297 4.18 -46.89 -21.69
C TYR B 297 4.99 -46.23 -20.60
N THR B 298 6.33 -46.43 -20.67
CA THR B 298 7.34 -45.90 -19.75
C THR B 298 7.02 -46.40 -18.36
N PRO B 299 7.39 -47.64 -18.02
CA PRO B 299 6.50 -48.55 -17.26
C PRO B 299 6.15 -48.13 -15.85
N LEU B 300 6.46 -46.92 -15.42
CA LEU B 300 5.79 -46.35 -14.26
C LEU B 300 4.28 -46.38 -14.47
N GLN B 301 3.82 -45.96 -15.65
CA GLN B 301 2.42 -46.07 -16.03
C GLN B 301 1.95 -47.52 -16.05
N LEU B 302 2.76 -48.43 -16.54
CA LEU B 302 2.29 -49.80 -16.72
C LEU B 302 2.21 -50.52 -15.38
N TRP B 303 3.17 -50.23 -14.48
CA TRP B 303 3.08 -50.65 -13.10
C TRP B 303 1.84 -50.09 -12.42
N ASN B 304 1.58 -48.80 -12.65
CA ASN B 304 0.45 -48.14 -11.99
C ASN B 304 -0.87 -48.71 -12.47
N ASP B 305 -0.96 -49.06 -13.75
CA ASP B 305 -2.15 -49.72 -14.26
C ASP B 305 -2.25 -51.14 -13.71
N ASN B 306 -1.12 -51.80 -13.50
CA ASN B 306 -1.14 -53.18 -13.04
C ASN B 306 -1.54 -53.25 -11.57
N LYS B 307 -0.74 -52.67 -10.70
CA LYS B 307 -0.97 -52.69 -9.26
C LYS B 307 -1.79 -51.45 -8.87
N GLY B 308 -1.82 -51.10 -7.59
CA GLY B 308 -2.70 -50.08 -7.05
C GLY B 308 -2.55 -48.68 -7.66
N TYR B 309 -3.47 -47.80 -7.25
CA TYR B 309 -3.72 -46.49 -7.86
C TYR B 309 -4.03 -46.67 -9.35
N ARG B 310 -5.23 -47.20 -9.60
CA ARG B 310 -5.58 -47.68 -10.95
C ARG B 310 -5.55 -46.57 -12.01
N ILE B 311 -6.21 -45.43 -11.78
CA ILE B 311 -6.03 -44.30 -12.69
C ILE B 311 -5.75 -43.01 -11.92
N PRO B 312 -4.99 -42.07 -12.52
CA PRO B 312 -4.88 -40.66 -12.13
C PRO B 312 -5.98 -39.78 -12.73
N MET C 1 39.53 -12.25 -49.04
CA MET C 1 38.16 -12.47 -49.50
C MET C 1 37.26 -12.87 -48.32
N THR C 2 37.84 -12.91 -47.12
CA THR C 2 37.10 -13.39 -45.96
C THR C 2 36.13 -12.34 -45.42
N THR C 3 36.63 -11.13 -45.16
CA THR C 3 35.78 -10.07 -44.62
C THR C 3 34.75 -9.59 -45.63
N SER C 4 35.06 -9.70 -46.92
CA SER C 4 34.10 -9.40 -47.98
C SER C 4 32.89 -10.31 -47.91
N ILE C 5 33.12 -11.62 -47.87
CA ILE C 5 32.03 -12.57 -47.81
C ILE C 5 31.38 -12.55 -46.43
N ASN C 6 32.08 -12.09 -45.37
CA ASN C 6 31.43 -11.88 -44.08
C ASN C 6 30.47 -10.69 -44.13
N SER C 7 30.81 -9.65 -44.89
CA SER C 7 29.87 -8.56 -45.12
C SER C 7 28.66 -9.04 -45.92
N VAL C 8 28.91 -9.94 -46.88
CA VAL C 8 27.81 -10.60 -47.61
C VAL C 8 26.95 -11.43 -46.66
N VAL C 9 27.58 -12.04 -45.65
CA VAL C 9 26.84 -12.79 -44.63
C VAL C 9 25.92 -11.86 -43.83
N THR C 10 26.43 -10.68 -43.47
CA THR C 10 25.58 -9.71 -42.76
C THR C 10 24.41 -9.23 -43.62
N VAL C 11 24.68 -9.02 -44.92
CA VAL C 11 23.63 -8.63 -45.87
C VAL C 11 22.55 -9.71 -45.97
N PHE C 12 22.96 -10.96 -46.12
CA PHE C 12 21.94 -11.99 -46.25
C PHE C 12 21.39 -12.48 -44.91
N GLN C 13 22.00 -12.09 -43.79
CA GLN C 13 21.29 -12.15 -42.52
C GLN C 13 20.13 -11.17 -42.49
N ASN C 14 20.36 -9.96 -43.03
CA ASN C 14 19.24 -9.03 -43.19
C ASN C 14 18.19 -9.56 -44.17
N VAL C 15 18.62 -10.29 -45.20
CA VAL C 15 17.69 -10.88 -46.17
C VAL C 15 16.86 -11.98 -45.52
N PHE C 16 17.51 -12.94 -44.84
CA PHE C 16 16.81 -14.01 -44.15
C PHE C 16 16.15 -13.57 -42.85
N THR C 17 16.28 -12.32 -42.45
CA THR C 17 15.34 -11.76 -41.48
C THR C 17 14.25 -10.93 -42.14
N ASN C 18 14.36 -10.63 -43.44
CA ASN C 18 13.24 -9.96 -44.11
C ASN C 18 12.15 -10.95 -44.55
N HIS C 19 12.47 -11.83 -45.50
CA HIS C 19 11.47 -12.70 -46.13
C HIS C 19 12.15 -13.92 -46.73
N GLY C 20 11.41 -14.63 -47.58
CA GLY C 20 11.86 -15.82 -48.26
C GLY C 20 10.70 -16.76 -48.47
N SER C 21 11.00 -18.06 -48.50
CA SER C 21 9.95 -19.08 -48.54
C SER C 21 9.57 -19.51 -47.13
N THR C 22 10.52 -20.08 -46.40
CA THR C 22 10.44 -20.23 -44.96
C THR C 22 11.76 -19.76 -44.37
N LEU C 23 11.87 -19.77 -43.04
CA LEU C 23 13.07 -19.28 -42.37
C LEU C 23 13.52 -20.19 -41.24
N LEU C 24 13.24 -21.50 -41.33
CA LEU C 24 13.63 -22.42 -40.27
C LEU C 24 15.11 -22.74 -40.27
N ASN C 25 15.81 -22.51 -41.39
CA ASN C 25 17.22 -22.83 -41.49
C ASN C 25 18.06 -21.61 -41.88
N GLY C 26 17.47 -20.41 -41.86
CA GLY C 26 18.20 -19.21 -42.22
C GLY C 26 19.23 -18.78 -41.18
N ILE C 27 19.12 -19.28 -39.96
CA ILE C 27 20.12 -19.01 -38.94
C ILE C 27 21.42 -19.75 -39.26
N LEU C 28 21.32 -21.02 -39.66
CA LEU C 28 22.48 -21.87 -39.80
C LEU C 28 23.26 -21.60 -41.09
N ILE C 29 22.58 -21.20 -42.17
CA ILE C 29 23.24 -21.03 -43.47
C ILE C 29 24.23 -19.87 -43.44
N ALA C 30 23.82 -18.75 -42.83
CA ALA C 30 24.69 -17.59 -42.70
C ALA C 30 25.88 -17.88 -41.79
N THR C 31 25.70 -18.71 -40.76
CA THR C 31 26.82 -19.09 -39.91
C THR C 31 27.78 -20.01 -40.66
N THR C 32 27.25 -20.90 -41.52
CA THR C 32 28.12 -21.73 -42.34
C THR C 32 28.97 -20.89 -43.29
N VAL C 33 28.35 -19.89 -43.94
CA VAL C 33 29.11 -19.07 -44.89
C VAL C 33 30.11 -18.19 -44.15
N GLY C 34 29.71 -17.60 -43.02
CA GLY C 34 30.59 -16.71 -42.28
C GLY C 34 31.71 -17.42 -41.56
N GLY C 35 31.53 -18.69 -41.24
CA GLY C 35 32.61 -19.44 -40.64
C GLY C 35 33.49 -20.13 -41.67
N GLN C 36 32.89 -20.53 -42.78
CA GLN C 36 33.69 -21.25 -43.76
C GLN C 36 34.33 -20.33 -44.78
N SER C 37 34.04 -19.03 -44.75
CA SER C 37 34.97 -18.07 -45.35
C SER C 37 36.31 -18.08 -44.63
N LEU C 38 36.27 -18.09 -43.29
CA LEU C 38 37.50 -18.20 -42.52
C LEU C 38 38.11 -19.59 -42.59
N VAL C 39 37.31 -20.62 -42.88
CA VAL C 39 37.90 -21.92 -43.24
C VAL C 39 38.64 -21.81 -44.56
N ARG C 40 38.03 -21.18 -45.56
CA ARG C 40 38.66 -21.00 -46.87
C ARG C 40 39.85 -20.05 -46.84
N LYS C 41 40.03 -19.30 -45.75
CA LYS C 41 41.31 -18.62 -45.52
C LYS C 41 42.45 -19.63 -45.40
N LEU C 42 42.19 -20.82 -44.87
CA LEU C 42 43.19 -21.89 -44.72
C LEU C 42 42.64 -23.17 -45.34
N THR C 43 42.82 -23.32 -46.65
CA THR C 43 42.34 -24.46 -47.44
C THR C 43 43.36 -24.72 -48.54
N PHE C 44 42.90 -25.41 -49.59
CA PHE C 44 43.69 -25.96 -50.71
C PHE C 44 44.96 -26.66 -50.23
N SER C 45 44.73 -27.76 -49.49
CA SER C 45 45.83 -28.68 -49.18
C SER C 45 46.40 -29.27 -50.47
N CYS C 46 45.53 -29.73 -51.37
CA CYS C 46 45.72 -29.83 -52.81
C CYS C 46 46.92 -30.68 -53.21
N PRO C 47 46.81 -32.01 -53.13
CA PRO C 47 47.98 -32.87 -53.29
C PRO C 47 48.61 -32.81 -54.67
N CYS C 48 49.83 -33.32 -54.73
CA CYS C 48 50.63 -33.35 -55.94
C CYS C 48 50.47 -34.64 -56.75
N ALA C 49 49.31 -35.30 -56.71
CA ALA C 49 49.20 -36.60 -57.36
C ALA C 49 48.20 -36.58 -58.51
N TYR C 50 48.31 -37.59 -59.39
CA TYR C 50 47.35 -37.72 -60.47
C TYR C 50 45.95 -38.11 -59.98
N PRO C 51 45.74 -39.27 -59.28
CA PRO C 51 44.34 -39.54 -58.89
C PRO C 51 43.92 -38.77 -57.66
N LEU C 52 44.86 -38.50 -56.76
CA LEU C 52 44.51 -37.92 -55.47
C LEU C 52 44.18 -36.44 -55.56
N ASN C 53 44.61 -35.75 -56.61
CA ASN C 53 44.19 -34.36 -56.71
C ASN C 53 42.73 -34.26 -57.13
N ILE C 54 42.33 -35.05 -58.13
CA ILE C 54 40.92 -35.11 -58.52
C ILE C 54 40.08 -35.65 -57.37
N TYR C 55 40.61 -36.60 -56.60
CA TYR C 55 39.85 -37.12 -55.47
C TYR C 55 39.70 -36.08 -54.37
N HIS C 56 40.80 -35.40 -54.01
CA HIS C 56 40.76 -34.37 -52.97
C HIS C 56 40.01 -33.13 -53.41
N SER C 57 39.79 -32.94 -54.70
CA SER C 57 38.96 -31.82 -55.13
C SER C 57 37.49 -32.24 -55.25
N LEU C 58 37.24 -33.36 -55.91
CA LEU C 58 35.88 -33.81 -56.20
C LEU C 58 35.16 -34.24 -54.92
N VAL C 59 35.86 -34.95 -54.02
CA VAL C 59 35.28 -35.31 -52.74
C VAL C 59 35.01 -34.07 -51.90
N PHE C 60 35.97 -33.14 -51.86
CA PHE C 60 35.79 -31.94 -51.04
C PHE C 60 34.71 -31.01 -51.59
N MET C 61 34.40 -31.09 -52.89
CA MET C 61 33.26 -30.35 -53.40
C MET C 61 31.95 -31.10 -53.15
N PHE C 62 31.80 -32.27 -53.76
CA PHE C 62 30.52 -32.96 -53.77
C PHE C 62 30.27 -33.79 -52.51
N GLY C 63 31.11 -33.66 -51.49
CA GLY C 63 30.88 -34.31 -50.22
C GLY C 63 30.09 -33.50 -49.22
N PRO C 64 30.55 -32.28 -48.88
CA PRO C 64 29.74 -31.41 -48.02
C PRO C 64 28.41 -31.01 -48.63
N THR C 65 28.26 -31.05 -49.95
CA THR C 65 26.95 -30.85 -50.56
C THR C 65 26.00 -31.97 -50.17
N ALA C 66 26.44 -33.22 -50.28
CA ALA C 66 25.62 -34.35 -49.86
C ALA C 66 25.39 -34.35 -48.35
N ALA C 67 26.39 -33.90 -47.59
CA ALA C 67 26.25 -33.86 -46.12
C ALA C 67 25.24 -32.81 -45.70
N LEU C 68 25.33 -31.60 -46.26
CA LEU C 68 24.35 -30.57 -45.93
C LEU C 68 23.00 -30.86 -46.56
N LEU C 69 22.93 -31.62 -47.64
CA LEU C 69 21.65 -32.06 -48.17
C LEU C 69 20.99 -33.04 -47.21
N LEU C 70 21.77 -33.96 -46.66
CA LEU C 70 21.25 -34.92 -45.69
C LEU C 70 20.83 -34.23 -44.40
N ILE C 71 21.61 -33.24 -43.96
CA ILE C 71 21.23 -32.45 -42.79
C ILE C 71 19.96 -31.65 -43.05
N GLY C 72 19.86 -31.07 -44.26
CA GLY C 72 18.66 -30.31 -44.60
C GLY C 72 17.43 -31.17 -44.74
N ILE C 73 17.59 -32.45 -45.06
CA ILE C 73 16.47 -33.37 -44.96
C ILE C 73 16.12 -33.61 -43.50
N THR C 74 17.10 -34.08 -42.71
CA THR C 74 16.81 -34.66 -41.40
C THR C 74 16.37 -33.61 -40.38
N VAL C 75 16.90 -32.39 -40.49
CA VAL C 75 16.49 -31.33 -39.57
C VAL C 75 15.08 -30.84 -39.92
N ASN C 76 14.71 -30.89 -41.20
CA ASN C 76 13.43 -30.38 -41.66
C ASN C 76 12.29 -31.25 -41.14
N SER C 77 11.31 -30.62 -40.50
CA SER C 77 10.28 -31.36 -39.78
C SER C 77 9.34 -32.08 -40.72
N THR C 78 9.06 -31.47 -41.88
CA THR C 78 7.94 -31.91 -42.70
C THR C 78 8.16 -33.29 -43.29
N THR C 79 9.41 -33.64 -43.59
CA THR C 79 9.66 -34.98 -44.11
C THR C 79 9.44 -36.04 -43.05
N TRP C 80 9.67 -35.71 -41.77
CA TRP C 80 9.32 -36.69 -40.75
C TRP C 80 7.81 -36.78 -40.61
N LYS C 81 7.10 -35.66 -40.76
CA LYS C 81 5.65 -35.75 -40.80
C LYS C 81 5.15 -36.49 -42.03
N LEU C 82 5.99 -36.63 -43.04
CA LEU C 82 5.66 -37.53 -44.13
C LEU C 82 6.00 -38.98 -43.76
N ALA C 83 7.15 -39.19 -43.14
CA ALA C 83 7.70 -40.53 -43.02
C ALA C 83 8.34 -40.78 -41.67
N HIS C 84 7.68 -40.38 -40.58
CA HIS C 84 8.02 -40.93 -39.27
C HIS C 84 7.13 -42.13 -39.04
N GLY C 85 7.69 -43.31 -39.16
CA GLY C 85 6.89 -44.50 -39.00
C GLY C 85 6.02 -44.76 -40.20
N PHE C 86 6.63 -44.84 -41.38
CA PHE C 86 5.86 -45.08 -42.59
C PHE C 86 5.38 -46.52 -42.70
N PHE C 87 6.08 -47.45 -42.05
CA PHE C 87 5.64 -48.85 -42.08
C PHE C 87 4.34 -49.05 -41.31
N PHE C 88 4.27 -48.53 -40.09
CA PHE C 88 3.16 -48.82 -39.19
C PHE C 88 2.14 -47.69 -39.12
N ARG C 89 1.91 -47.02 -40.25
CA ARG C 89 0.73 -46.19 -40.38
C ARG C 89 -0.49 -47.11 -40.46
N VAL C 90 -1.56 -46.76 -39.74
CA VAL C 90 -2.84 -47.41 -39.95
C VAL C 90 -3.32 -47.07 -41.34
N ARG C 91 -3.76 -48.09 -42.08
CA ARG C 91 -3.95 -47.99 -43.52
C ARG C 91 -5.03 -46.98 -43.88
N ASP C 92 -4.85 -46.34 -45.03
CA ASP C 92 -5.62 -45.17 -45.48
C ASP C 92 -5.60 -44.06 -44.43
N THR C 93 -4.40 -43.75 -43.95
CA THR C 93 -4.16 -42.49 -43.25
C THR C 93 -2.92 -41.88 -43.87
N ARG C 94 -2.03 -42.73 -44.38
CA ARG C 94 -1.14 -42.28 -45.44
C ARG C 94 -1.99 -41.94 -46.65
N HIS C 95 -1.71 -40.79 -47.27
CA HIS C 95 -2.76 -40.12 -48.01
C HIS C 95 -2.78 -40.49 -49.50
N SER C 96 -1.69 -40.23 -50.22
CA SER C 96 -1.73 -40.34 -51.68
C SER C 96 -0.34 -40.69 -52.19
N TRP C 97 -0.20 -40.72 -53.51
CA TRP C 97 1.09 -40.76 -54.17
C TRP C 97 1.47 -39.41 -54.77
N LYS C 98 0.49 -38.63 -55.20
CA LYS C 98 0.80 -37.35 -55.85
C LYS C 98 1.15 -36.28 -54.82
N THR C 99 0.38 -36.18 -53.75
CA THR C 99 0.59 -35.13 -52.77
C THR C 99 1.88 -35.35 -51.97
N THR C 100 2.20 -36.60 -51.67
CA THR C 100 3.43 -36.91 -50.96
C THR C 100 4.66 -36.63 -51.81
N CYS C 101 4.55 -36.64 -53.13
CA CYS C 101 5.66 -36.23 -53.97
C CYS C 101 5.81 -34.71 -54.00
N VAL C 102 4.70 -33.98 -53.87
CA VAL C 102 4.77 -32.52 -53.78
C VAL C 102 5.45 -32.12 -52.47
N SER C 103 5.10 -32.79 -51.37
CA SER C 103 5.79 -32.53 -50.12
C SER C 103 7.24 -32.99 -50.17
N TRP C 104 7.52 -34.04 -50.93
CA TRP C 104 8.88 -34.54 -51.06
C TRP C 104 9.75 -33.55 -51.82
N ILE C 105 9.22 -32.98 -52.90
CA ILE C 105 9.96 -31.98 -53.65
C ILE C 105 10.09 -30.69 -52.83
N GLU C 106 9.09 -30.40 -51.99
CA GLU C 106 9.18 -29.25 -51.09
C GLU C 106 10.33 -29.41 -50.09
N VAL C 107 10.44 -30.58 -49.47
CA VAL C 107 11.49 -30.75 -48.47
C VAL C 107 12.84 -30.92 -49.17
N LEU C 108 12.85 -31.43 -50.41
CA LEU C 108 14.10 -31.48 -51.17
C LEU C 108 14.61 -30.09 -51.52
N ILE C 109 13.73 -29.16 -51.89
CA ILE C 109 14.18 -27.82 -52.24
C ILE C 109 14.57 -27.04 -50.99
N GLN C 110 13.77 -27.14 -49.93
CA GLN C 110 14.11 -26.48 -48.67
C GLN C 110 15.39 -27.05 -48.07
N SER C 111 15.67 -28.33 -48.33
CA SER C 111 16.97 -28.89 -47.97
C SER C 111 18.06 -28.32 -48.85
N SER C 112 17.88 -28.38 -50.18
CA SER C 112 18.91 -28.07 -51.15
C SER C 112 19.21 -26.58 -51.27
N VAL C 113 18.53 -25.73 -50.50
CA VAL C 113 18.95 -24.33 -50.38
C VAL C 113 20.41 -24.25 -49.92
N ALA C 114 20.72 -24.86 -48.78
CA ALA C 114 22.05 -24.74 -48.18
C ALA C 114 23.22 -25.39 -48.94
N PRO C 115 23.09 -26.58 -49.57
CA PRO C 115 24.23 -27.07 -50.37
C PRO C 115 24.51 -26.26 -51.63
N ILE C 116 23.48 -25.73 -52.28
CA ILE C 116 23.72 -24.85 -53.43
C ILE C 116 24.42 -23.57 -52.98
N ALA C 117 24.06 -23.06 -51.81
CA ALA C 117 24.74 -21.91 -51.25
C ALA C 117 26.19 -22.22 -50.92
N TRP C 118 26.46 -23.40 -50.36
CA TRP C 118 27.83 -23.76 -50.03
C TRP C 118 28.66 -24.00 -51.29
N LEU C 119 28.06 -24.64 -52.29
CA LEU C 119 28.72 -24.85 -53.57
C LEU C 119 29.07 -23.54 -54.25
N PHE C 120 28.14 -22.57 -54.19
CA PHE C 120 28.43 -21.23 -54.70
C PHE C 120 29.50 -20.53 -53.90
N VAL C 121 29.56 -20.74 -52.59
CA VAL C 121 30.59 -20.11 -51.77
C VAL C 121 31.97 -20.64 -52.15
N VAL C 122 32.10 -21.95 -52.36
CA VAL C 122 33.44 -22.48 -52.61
C VAL C 122 33.84 -22.28 -54.07
N PHE C 123 32.90 -22.43 -55.01
CA PHE C 123 33.18 -22.04 -56.39
C PHE C 123 33.45 -20.54 -56.53
N LEU C 124 32.84 -19.72 -55.68
CA LEU C 124 33.09 -18.29 -55.70
C LEU C 124 34.46 -17.96 -55.12
N ASP C 125 34.97 -18.82 -54.25
CA ASP C 125 36.38 -18.75 -53.92
C ASP C 125 37.19 -19.25 -55.09
N GLY C 126 38.40 -18.72 -55.22
CA GLY C 126 39.33 -19.38 -56.11
C GLY C 126 39.98 -20.47 -55.30
N GLY C 127 39.39 -21.65 -55.37
CA GLY C 127 39.74 -22.70 -54.45
C GLY C 127 39.88 -24.04 -55.13
N TYR C 128 39.08 -25.00 -54.68
CA TYR C 128 39.19 -26.38 -55.08
C TYR C 128 38.78 -26.64 -56.52
N TYR C 129 38.30 -25.62 -57.25
CA TYR C 129 38.18 -25.80 -58.68
C TYR C 129 39.50 -25.56 -59.40
N ARG C 130 40.38 -24.68 -58.87
CA ARG C 130 41.71 -24.61 -59.46
C ARG C 130 42.51 -25.85 -59.12
N CYS C 131 42.16 -26.49 -58.01
CA CYS C 131 42.77 -27.73 -57.56
C CYS C 131 42.22 -28.93 -58.30
N TYR C 132 41.40 -28.70 -59.33
CA TYR C 132 40.78 -29.73 -60.14
C TYR C 132 41.30 -29.71 -61.57
N ARG C 133 41.18 -28.58 -62.26
CA ARG C 133 41.75 -28.51 -63.59
C ARG C 133 43.17 -27.96 -63.59
N SER C 134 43.74 -27.65 -62.42
CA SER C 134 45.19 -27.56 -62.32
C SER C 134 45.81 -28.93 -62.56
N HIS C 135 45.19 -29.96 -62.00
CA HIS C 135 45.45 -31.33 -62.42
C HIS C 135 45.15 -31.49 -63.89
N GLU C 136 43.85 -31.37 -64.25
CA GLU C 136 43.37 -31.77 -65.57
C GLU C 136 43.99 -30.99 -66.74
N PHE C 137 44.71 -29.90 -66.47
CA PHE C 137 45.40 -29.18 -67.53
C PHE C 137 46.83 -29.69 -67.71
N CYS C 138 47.46 -30.13 -66.63
CA CYS C 138 48.92 -30.24 -66.49
C CYS C 138 49.55 -31.35 -67.35
N LEU C 139 48.77 -32.13 -68.10
CA LEU C 139 49.28 -33.22 -68.98
C LEU C 139 50.07 -34.25 -68.17
N ILE C 140 49.35 -35.02 -67.37
CA ILE C 140 49.90 -35.58 -66.15
C ILE C 140 50.24 -37.06 -66.26
N SER C 141 50.21 -37.64 -67.46
CA SER C 141 50.39 -39.08 -67.59
C SER C 141 51.83 -39.48 -67.33
N ASP C 142 52.76 -38.54 -67.48
CA ASP C 142 54.11 -38.81 -66.99
C ASP C 142 54.18 -38.79 -65.47
N ALA C 143 53.28 -38.08 -64.79
CA ALA C 143 53.24 -38.19 -63.33
C ALA C 143 52.57 -39.48 -62.86
N ILE C 144 51.74 -40.09 -63.71
CA ILE C 144 51.35 -41.48 -63.47
C ILE C 144 52.57 -42.38 -63.48
N LEU C 145 53.47 -42.16 -64.45
CA LEU C 145 54.71 -42.93 -64.49
C LEU C 145 55.63 -42.57 -63.34
N CYS C 146 55.63 -41.30 -62.93
CA CYS C 146 56.43 -40.84 -61.80
C CYS C 146 55.93 -41.43 -60.48
N LYS C 147 54.62 -41.69 -60.36
CA LYS C 147 54.09 -42.28 -59.14
C LYS C 147 53.82 -43.77 -59.26
N ASN C 148 54.22 -44.39 -60.37
CA ASN C 148 54.32 -45.84 -60.37
C ASN C 148 55.48 -46.30 -59.50
N SER C 149 56.53 -45.49 -59.39
CA SER C 149 57.65 -45.74 -58.50
C SER C 149 58.18 -44.41 -58.04
N THR C 150 58.15 -44.15 -56.72
CA THR C 150 58.46 -42.85 -56.16
C THR C 150 59.93 -42.44 -56.28
N ILE C 151 60.80 -43.36 -56.70
CA ILE C 151 62.15 -43.00 -57.11
C ILE C 151 62.10 -42.04 -58.30
N LEU C 152 61.15 -42.26 -59.21
CA LEU C 152 60.94 -41.33 -60.31
C LEU C 152 60.38 -39.99 -59.83
N ASN C 153 59.57 -39.99 -58.76
CA ASN C 153 59.16 -38.73 -58.14
C ASN C 153 60.35 -37.97 -57.58
N SER C 154 61.25 -38.67 -56.90
CA SER C 154 62.42 -38.04 -56.29
C SER C 154 63.37 -37.49 -57.36
N TYR C 155 63.65 -38.27 -58.40
CA TYR C 155 64.54 -37.79 -59.46
C TYR C 155 63.84 -36.90 -60.47
N ALA C 156 62.52 -36.76 -60.41
CA ALA C 156 61.83 -35.73 -61.18
C ALA C 156 61.75 -34.41 -60.44
N SER C 157 61.72 -34.46 -59.11
CA SER C 157 61.74 -33.22 -58.34
C SER C 157 63.17 -32.67 -58.19
N THR C 158 64.14 -33.55 -57.96
CA THR C 158 65.49 -33.13 -57.61
C THR C 158 66.43 -33.08 -58.82
N SER C 159 66.62 -34.20 -59.52
CA SER C 159 67.63 -34.26 -60.58
C SER C 159 67.19 -33.47 -61.81
N SER C 160 66.10 -33.89 -62.44
CA SER C 160 65.48 -33.02 -63.42
C SER C 160 64.67 -31.95 -62.71
N PHE C 161 64.43 -30.85 -63.40
CA PHE C 161 63.74 -29.73 -62.78
C PHE C 161 62.22 -29.91 -62.91
N ASN C 162 61.48 -28.88 -62.49
CA ASN C 162 60.03 -28.93 -62.48
C ASN C 162 59.42 -27.94 -63.46
N LYS C 163 59.81 -26.67 -63.40
CA LYS C 163 59.30 -25.68 -64.34
C LYS C 163 60.19 -25.51 -65.55
N ILE C 164 61.46 -25.91 -65.47
CA ILE C 164 62.28 -26.06 -66.67
C ILE C 164 61.84 -27.27 -67.48
N SER C 165 61.24 -28.27 -66.82
CA SER C 165 60.66 -29.44 -67.48
C SER C 165 59.21 -29.22 -67.89
N ASP C 166 58.81 -27.98 -68.19
CA ASP C 166 57.47 -27.70 -68.67
C ASP C 166 57.29 -27.93 -70.17
N ASN C 167 58.14 -28.76 -70.80
CA ASN C 167 58.01 -28.99 -72.23
C ASN C 167 56.95 -30.06 -72.53
N GLY C 168 57.15 -31.28 -72.03
CA GLY C 168 56.31 -32.39 -72.43
C GLY C 168 55.16 -32.70 -71.50
N LYS C 169 55.23 -33.83 -70.79
CA LYS C 169 54.20 -34.18 -69.84
C LYS C 169 54.79 -34.23 -68.44
N TYR C 170 54.01 -33.79 -67.46
CA TYR C 170 54.60 -33.16 -66.28
C TYR C 170 54.54 -34.08 -65.07
N CYS C 171 55.44 -33.82 -64.11
CA CYS C 171 55.57 -34.52 -62.86
C CYS C 171 55.56 -33.46 -61.76
N PRO C 172 55.36 -33.83 -60.47
CA PRO C 172 54.24 -33.25 -59.66
C PRO C 172 54.13 -31.73 -59.66
N PRO C 173 55.13 -30.94 -59.16
CA PRO C 173 54.78 -29.65 -58.50
C PRO C 173 54.07 -28.59 -59.35
N CYS C 174 53.93 -28.82 -60.66
CA CYS C 174 52.87 -28.18 -61.44
C CYS C 174 51.49 -28.40 -60.82
N ILE C 175 51.27 -29.59 -60.26
CA ILE C 175 49.96 -29.95 -59.70
C ILE C 175 49.65 -29.10 -58.47
N CYS C 176 50.56 -29.11 -57.49
CA CYS C 176 50.33 -28.37 -56.26
C CYS C 176 50.39 -26.86 -56.46
N VAL C 177 51.13 -26.39 -57.45
CA VAL C 177 51.11 -24.98 -57.81
C VAL C 177 51.31 -24.82 -59.32
N PRO C 178 50.33 -24.28 -60.02
CA PRO C 178 50.46 -24.10 -61.47
C PRO C 178 51.12 -22.78 -61.82
N ASN C 179 51.17 -22.51 -63.12
CA ASN C 179 51.57 -21.20 -63.60
C ASN C 179 50.52 -20.18 -63.16
N PRO C 180 50.93 -19.00 -62.68
CA PRO C 180 49.95 -18.03 -62.18
C PRO C 180 49.06 -17.44 -63.27
N THR C 181 49.50 -17.44 -64.53
CA THR C 181 48.61 -17.15 -65.64
C THR C 181 47.49 -18.17 -65.73
N ASP C 182 47.87 -19.46 -65.75
CA ASP C 182 46.91 -20.55 -65.71
C ASP C 182 46.07 -20.52 -64.44
N ALA C 183 46.69 -20.20 -63.30
CA ALA C 183 45.98 -20.18 -62.03
C ALA C 183 44.90 -19.11 -62.01
N SER C 184 45.23 -17.91 -62.50
CA SER C 184 44.24 -16.84 -62.54
C SER C 184 43.17 -17.09 -63.59
N TYR C 185 43.55 -17.63 -64.76
CA TYR C 185 42.59 -18.03 -65.78
C TYR C 185 41.57 -19.01 -65.24
N LEU C 186 42.05 -20.05 -64.60
CA LEU C 186 41.18 -21.10 -64.12
C LEU C 186 40.42 -20.66 -62.87
N GLU C 187 40.99 -19.74 -62.11
CA GLU C 187 40.33 -19.13 -60.98
C GLU C 187 39.10 -18.36 -61.41
N ALA C 188 39.25 -17.51 -62.42
CA ALA C 188 38.08 -16.79 -62.88
C ALA C 188 37.14 -17.66 -63.72
N GLU C 189 37.66 -18.75 -64.28
CA GLU C 189 36.77 -19.78 -64.81
C GLU C 189 35.88 -20.35 -63.70
N SER C 190 36.45 -20.55 -62.51
CA SER C 190 35.66 -20.97 -61.37
C SER C 190 34.67 -19.90 -60.95
N GLN C 191 35.06 -18.62 -61.07
CA GLN C 191 34.15 -17.53 -60.70
C GLN C 191 32.95 -17.47 -61.65
N ILE C 192 33.18 -17.69 -62.95
CA ILE C 192 32.06 -17.60 -63.86
C ILE C 192 31.17 -18.84 -63.78
N TYR C 193 31.74 -20.02 -63.51
CA TYR C 193 30.90 -21.18 -63.20
C TYR C 193 30.13 -20.98 -61.90
N ALA C 194 30.73 -20.30 -60.92
CA ALA C 194 30.05 -19.99 -59.66
C ALA C 194 28.83 -19.13 -59.90
N TRP C 195 29.00 -18.05 -60.66
CA TRP C 195 27.86 -17.18 -60.84
C TRP C 195 26.84 -17.78 -61.80
N GLY C 196 27.28 -18.63 -62.73
CA GLY C 196 26.34 -19.32 -63.59
C GLY C 196 25.48 -20.29 -62.83
N LEU C 197 26.07 -21.04 -61.89
CA LEU C 197 25.31 -21.92 -61.02
C LEU C 197 24.36 -21.13 -60.13
N LEU C 198 24.84 -20.01 -59.57
CA LEU C 198 23.99 -19.22 -58.68
C LEU C 198 22.81 -18.61 -59.43
N LEU C 199 23.05 -18.09 -60.62
CA LEU C 199 21.98 -17.47 -61.38
C LEU C 199 21.00 -18.51 -61.91
N PHE C 200 21.50 -19.68 -62.31
CA PHE C 200 20.61 -20.76 -62.74
C PHE C 200 19.75 -21.25 -61.60
N SER C 201 20.35 -21.44 -60.42
CA SER C 201 19.60 -21.87 -59.25
C SER C 201 18.61 -20.80 -58.81
N GLY C 202 18.99 -19.52 -58.89
CA GLY C 202 18.09 -18.46 -58.49
C GLY C 202 16.90 -18.33 -59.41
N VAL C 203 17.13 -18.39 -60.72
CA VAL C 203 16.02 -18.32 -61.68
C VAL C 203 15.12 -19.54 -61.57
N ALA C 204 15.71 -20.74 -61.44
CA ALA C 204 14.90 -21.95 -61.33
C ALA C 204 14.14 -22.00 -60.01
N ALA C 205 14.74 -21.52 -58.93
CA ALA C 205 14.06 -21.53 -57.64
C ALA C 205 12.96 -20.50 -57.59
N PHE C 206 13.20 -19.32 -58.17
CA PHE C 206 12.15 -18.31 -58.32
C PHE C 206 10.98 -18.85 -59.13
N LEU C 207 11.27 -19.53 -60.24
CA LEU C 207 10.21 -20.04 -61.09
C LEU C 207 9.43 -21.16 -60.40
N VAL C 208 10.12 -22.01 -59.63
CA VAL C 208 9.43 -23.10 -58.95
C VAL C 208 8.60 -22.58 -57.77
N ILE C 209 9.18 -21.72 -56.92
CA ILE C 209 8.39 -21.25 -55.78
C ILE C 209 7.41 -20.16 -56.17
N THR C 210 7.47 -19.67 -57.42
CA THR C 210 6.35 -18.88 -57.93
C THR C 210 5.25 -19.80 -58.45
N CYS C 211 5.62 -20.83 -59.20
CA CYS C 211 4.64 -21.77 -59.74
C CYS C 211 4.03 -22.66 -58.67
N ASN C 212 4.53 -22.63 -57.43
CA ASN C 212 3.79 -23.18 -56.30
C ASN C 212 3.37 -22.10 -55.31
N ARG C 213 3.37 -20.83 -55.75
CA ARG C 213 2.58 -19.78 -55.12
C ARG C 213 1.59 -19.16 -56.09
N MET C 214 1.64 -19.53 -57.37
CA MET C 214 0.67 -19.08 -58.35
C MET C 214 -0.31 -20.18 -58.75
N CYS C 215 0.06 -21.45 -58.58
CA CYS C 215 -0.86 -22.56 -58.70
C CYS C 215 -1.45 -22.94 -57.35
N ASP C 216 -1.23 -22.11 -56.33
CA ASP C 216 -1.82 -22.35 -55.02
C ASP C 216 -3.32 -22.12 -55.08
N LYS C 217 -4.09 -23.04 -54.47
CA LYS C 217 -5.55 -22.91 -54.45
C LYS C 217 -5.98 -21.70 -53.63
N TYR C 218 -5.48 -21.59 -52.41
CA TYR C 218 -5.82 -20.48 -51.55
C TYR C 218 -5.14 -19.22 -52.06
N THR C 219 -5.57 -18.08 -51.56
CA THR C 219 -5.04 -16.81 -52.00
C THR C 219 -4.44 -16.11 -50.78
N LEU C 220 -3.79 -14.96 -51.01
CA LEU C 220 -2.68 -14.52 -50.17
C LEU C 220 -3.10 -14.22 -48.74
N VAL C 221 -4.29 -13.67 -48.54
CA VAL C 221 -4.75 -13.48 -47.17
C VAL C 221 -5.20 -14.81 -46.58
N GLN C 222 -5.84 -15.65 -47.38
CA GLN C 222 -6.23 -16.97 -46.91
C GLN C 222 -5.01 -17.85 -46.67
N ARG C 223 -3.97 -17.68 -47.48
CA ARG C 223 -2.76 -18.45 -47.27
C ARG C 223 -1.99 -17.96 -46.05
N GLN C 224 -1.95 -16.64 -45.83
CA GLN C 224 -1.34 -16.14 -44.61
C GLN C 224 -2.12 -16.55 -43.36
N TYR C 225 -3.44 -16.69 -43.47
CA TYR C 225 -4.18 -17.14 -42.30
C TYR C 225 -4.01 -18.63 -42.06
N VAL C 226 -3.95 -19.44 -43.13
CA VAL C 226 -3.68 -20.87 -42.95
C VAL C 226 -2.29 -21.07 -42.36
N GLU C 227 -1.31 -20.25 -42.78
CA GLU C 227 0.03 -20.37 -42.21
C GLU C 227 0.09 -19.86 -40.77
N THR C 228 -0.68 -18.83 -40.43
CA THR C 228 -0.72 -18.38 -39.05
C THR C 228 -1.42 -19.41 -38.17
N TYR C 229 -2.48 -20.00 -38.67
CA TYR C 229 -3.20 -21.00 -37.89
C TYR C 229 -2.38 -22.27 -37.72
N LYS C 230 -1.64 -22.66 -38.76
CA LYS C 230 -0.74 -23.79 -38.65
C LYS C 230 0.38 -23.53 -37.66
N ASN C 231 1.01 -22.36 -37.75
CA ASN C 231 2.09 -21.97 -36.87
C ASN C 231 1.62 -21.65 -35.46
N VAL C 232 0.32 -21.56 -35.21
CA VAL C 232 -0.12 -21.36 -33.85
C VAL C 232 -0.67 -22.66 -33.29
N GLU C 233 -1.25 -23.54 -34.13
CA GLU C 233 -1.74 -24.77 -33.54
C GLU C 233 -0.62 -25.78 -33.33
N THR C 234 0.44 -25.77 -34.13
CA THR C 234 1.54 -26.68 -33.83
C THR C 234 2.49 -26.13 -32.77
N GLN C 235 2.09 -25.06 -32.08
CA GLN C 235 2.71 -24.63 -30.84
C GLN C 235 1.75 -24.73 -29.67
N LYS C 236 0.48 -24.43 -29.90
CA LYS C 236 -0.51 -24.48 -28.83
C LYS C 236 -0.88 -25.91 -28.49
N PHE C 237 -0.93 -26.77 -29.50
CA PHE C 237 -1.07 -28.20 -29.28
C PHE C 237 0.09 -28.77 -28.50
N ASP C 238 1.31 -28.31 -28.76
CA ASP C 238 2.44 -28.81 -28.00
C ASP C 238 2.43 -28.26 -26.58
N ALA C 239 1.96 -27.03 -26.37
CA ALA C 239 1.87 -26.51 -25.02
C ALA C 239 0.80 -27.25 -24.21
N VAL C 240 -0.31 -27.60 -24.85
CA VAL C 240 -1.35 -28.36 -24.17
C VAL C 240 -0.91 -29.80 -23.94
N ALA C 241 -0.16 -30.38 -24.89
CA ALA C 241 0.40 -31.72 -24.68
C ALA C 241 1.41 -31.73 -23.54
N LYS C 242 2.20 -30.66 -23.43
CA LYS C 242 3.16 -30.57 -22.34
C LYS C 242 2.48 -30.42 -21.00
N GLU C 243 1.44 -29.57 -20.90
CA GLU C 243 0.82 -29.41 -19.59
C GLU C 243 -0.07 -30.60 -19.25
N HIS C 244 -0.58 -31.30 -20.26
CA HIS C 244 -1.32 -32.53 -20.01
C HIS C 244 -0.40 -33.64 -19.52
N ALA C 245 0.75 -33.81 -20.16
CA ALA C 245 1.72 -34.78 -19.67
C ALA C 245 2.31 -34.35 -18.33
N SER C 246 2.36 -33.05 -18.07
CA SER C 246 2.87 -32.60 -16.79
C SER C 246 1.89 -32.87 -15.66
N GLN C 247 0.60 -32.70 -15.90
CA GLN C 247 -0.38 -33.05 -14.87
C GLN C 247 -0.46 -34.57 -14.69
N LEU C 248 -0.39 -35.32 -15.77
CA LEU C 248 -0.45 -36.77 -15.63
C LEU C 248 0.88 -37.37 -15.21
N ALA C 249 1.96 -36.58 -15.15
CA ALA C 249 3.18 -37.01 -14.51
C ALA C 249 3.27 -36.58 -13.05
N GLU C 250 2.74 -35.40 -12.71
CA GLU C 250 2.49 -34.99 -11.33
C GLU C 250 1.70 -36.04 -10.57
N HIS C 251 0.52 -36.39 -11.12
CA HIS C 251 -0.34 -37.33 -10.42
C HIS C 251 0.24 -38.73 -10.41
N ASN C 252 1.01 -39.11 -11.43
CA ASN C 252 1.59 -40.43 -11.41
C ASN C 252 2.89 -40.50 -10.62
N ALA C 253 3.51 -39.37 -10.31
CA ALA C 253 4.64 -39.38 -9.38
C ALA C 253 4.14 -39.38 -7.94
N ARG C 254 3.07 -38.62 -7.66
CA ARG C 254 2.42 -38.71 -6.36
C ARG C 254 1.80 -40.07 -6.15
N ALA C 255 1.43 -40.76 -7.24
CA ALA C 255 0.85 -42.08 -7.14
C ALA C 255 1.84 -43.13 -6.69
N PHE C 256 3.13 -42.87 -6.83
CA PHE C 256 4.08 -43.88 -6.43
C PHE C 256 4.63 -43.63 -5.03
N PHE C 257 4.79 -42.39 -4.63
CA PHE C 257 5.24 -42.11 -3.27
C PHE C 257 4.07 -41.86 -2.34
N GLY C 258 2.99 -42.58 -2.58
CA GLY C 258 1.92 -42.74 -1.63
C GLY C 258 1.58 -44.20 -1.51
N GLN C 259 2.53 -45.12 -1.53
CA GLN C 259 2.18 -46.51 -1.32
C GLN C 259 2.77 -47.09 -0.04
N LYS C 260 4.09 -47.04 0.13
CA LYS C 260 4.85 -47.72 1.20
C LYS C 260 4.54 -49.21 1.30
N ASN C 278 -7.51 -42.34 -26.87
CA ASN C 278 -6.54 -42.07 -27.91
C ASN C 278 -6.02 -43.37 -28.52
N PRO C 279 -6.71 -43.89 -29.53
CA PRO C 279 -6.17 -45.03 -30.27
C PRO C 279 -5.25 -44.58 -31.39
N LEU C 280 -4.74 -45.50 -32.21
CA LEU C 280 -3.88 -45.12 -33.33
C LEU C 280 -4.60 -44.28 -34.38
N PHE C 281 -5.92 -44.42 -34.49
CA PHE C 281 -6.66 -43.58 -35.44
C PHE C 281 -6.58 -42.11 -35.06
N ALA C 282 -6.70 -41.79 -33.76
CA ALA C 282 -6.58 -40.39 -33.37
C ALA C 282 -5.15 -39.90 -33.48
N ARG C 283 -4.18 -40.75 -33.14
CA ARG C 283 -2.79 -40.32 -33.20
C ARG C 283 -2.25 -40.36 -34.63
N LEU C 284 -3.08 -40.77 -35.60
CA LEU C 284 -2.69 -40.74 -37.00
C LEU C 284 -3.47 -39.73 -37.82
N ARG C 285 -4.73 -39.47 -37.50
CA ARG C 285 -5.35 -38.28 -38.05
C ARG C 285 -4.87 -37.01 -37.37
N LEU C 286 -4.06 -37.13 -36.30
CA LEU C 286 -3.46 -35.96 -35.68
C LEU C 286 -2.15 -35.56 -36.34
N ILE C 287 -1.93 -35.93 -37.59
CA ILE C 287 -0.64 -35.73 -38.23
C ILE C 287 -0.80 -35.16 -39.64
N ALA C 288 0.01 -34.15 -39.95
CA ALA C 288 -0.04 -33.31 -41.15
C ALA C 288 0.45 -34.04 -42.39
N ALA C 289 0.88 -33.27 -43.39
CA ALA C 289 0.99 -33.66 -44.80
C ALA C 289 -0.39 -34.10 -45.30
N GLU C 290 -1.26 -33.10 -45.34
CA GLU C 290 -2.69 -33.25 -45.52
C GLU C 290 -3.14 -32.74 -46.88
N LYS C 291 -4.39 -33.02 -47.21
CA LYS C 291 -5.04 -32.36 -48.32
C LYS C 291 -5.57 -31.01 -47.86
N THR C 292 -5.55 -30.04 -48.78
CA THR C 292 -6.04 -28.70 -48.47
C THR C 292 -7.28 -28.40 -49.31
N GLN C 293 -8.16 -29.38 -49.41
CA GLN C 293 -9.31 -29.32 -50.32
C GLN C 293 -10.61 -28.89 -49.66
N GLN C 294 -10.67 -28.88 -48.33
CA GLN C 294 -11.90 -28.58 -47.60
C GLN C 294 -11.73 -27.24 -46.91
N THR C 295 -12.84 -26.69 -46.38
CA THR C 295 -12.79 -25.45 -45.62
C THR C 295 -11.95 -25.62 -44.34
N MET C 296 -11.90 -26.82 -43.79
CA MET C 296 -10.97 -27.10 -42.71
C MET C 296 -9.70 -27.75 -43.25
N TYR C 297 -8.63 -27.67 -42.46
CA TYR C 297 -7.29 -28.00 -42.91
C TYR C 297 -6.41 -28.26 -41.69
N THR C 298 -5.18 -28.76 -41.96
CA THR C 298 -4.15 -29.09 -40.97
C THR C 298 -4.72 -30.12 -40.01
N PRO C 299 -4.75 -31.40 -40.39
CA PRO C 299 -5.92 -32.27 -40.13
C PRO C 299 -6.27 -32.55 -38.68
N LEU C 300 -5.66 -31.88 -37.72
CA LEU C 300 -6.24 -31.82 -36.38
C LEU C 300 -7.67 -31.30 -36.47
N GLN C 301 -7.88 -30.22 -37.23
CA GLN C 301 -9.22 -29.71 -37.52
C GLN C 301 -10.09 -30.75 -38.23
N LEU C 302 -9.52 -31.47 -39.18
CA LEU C 302 -10.34 -32.35 -40.00
C LEU C 302 -10.74 -33.59 -39.21
N TRP C 303 -9.82 -34.09 -38.38
CA TRP C 303 -10.14 -35.13 -37.39
C TRP C 303 -11.22 -34.65 -36.44
N ASN C 304 -11.10 -33.42 -35.94
CA ASN C 304 -12.04 -32.89 -34.97
C ASN C 304 -13.43 -32.73 -35.57
N ASP C 305 -13.49 -32.34 -36.83
CA ASP C 305 -14.77 -32.26 -37.52
C ASP C 305 -15.32 -33.67 -37.76
N ASN C 306 -14.43 -34.64 -38.01
CA ASN C 306 -14.89 -35.99 -38.32
C ASN C 306 -15.43 -36.68 -37.08
N LYS C 307 -14.57 -36.88 -36.09
CA LYS C 307 -14.94 -37.56 -34.85
C LYS C 307 -15.39 -36.52 -33.83
N GLY C 308 -15.42 -36.89 -32.54
CA GLY C 308 -16.03 -36.08 -31.49
C GLY C 308 -15.43 -34.69 -31.31
N TYR C 309 -16.10 -33.91 -30.43
CA TYR C 309 -15.90 -32.47 -30.26
C TYR C 309 -16.12 -31.76 -31.61
N ARG C 310 -17.40 -31.71 -32.02
CA ARG C 310 -17.75 -31.32 -33.38
C ARG C 310 -17.33 -29.89 -33.73
N ILE C 311 -17.65 -28.89 -32.90
CA ILE C 311 -17.09 -27.56 -33.12
C ILE C 311 -16.51 -26.99 -31.82
N PRO C 312 -15.46 -26.14 -31.90
CA PRO C 312 -14.99 -25.23 -30.85
C PRO C 312 -15.74 -23.89 -30.83
N MET D 1 38.67 3.90 -51.08
CA MET D 1 37.35 4.34 -51.47
C MET D 1 36.26 3.68 -50.63
N THR D 2 36.70 2.86 -49.66
CA THR D 2 35.75 2.09 -48.86
C THR D 2 35.08 2.94 -47.79
N THR D 3 35.87 3.64 -46.98
CA THR D 3 35.32 4.47 -45.90
C THR D 3 34.54 5.67 -46.44
N SER D 4 34.94 6.15 -47.62
CA SER D 4 34.20 7.21 -48.31
C SER D 4 32.78 6.79 -48.63
N ILE D 5 32.63 5.65 -49.28
CA ILE D 5 31.30 5.16 -49.63
C ILE D 5 30.56 4.64 -48.40
N ASN D 6 31.28 4.28 -47.32
CA ASN D 6 30.60 3.98 -46.06
C ASN D 6 30.01 5.24 -45.42
N SER D 7 30.71 6.37 -45.56
CA SER D 7 30.13 7.64 -45.13
C SER D 7 28.93 8.01 -45.98
N VAL D 8 28.98 7.70 -47.28
CA VAL D 8 27.82 7.87 -48.16
C VAL D 8 26.68 6.95 -47.72
N VAL D 9 27.01 5.75 -47.21
CA VAL D 9 26.00 4.84 -46.66
C VAL D 9 25.32 5.45 -45.44
N THR D 10 26.10 6.07 -44.55
CA THR D 10 25.50 6.74 -43.39
C THR D 10 24.60 7.90 -43.79
N VAL D 11 25.03 8.66 -44.81
CA VAL D 11 24.23 9.76 -45.35
C VAL D 11 22.91 9.25 -45.92
N PHE D 12 22.95 8.19 -46.73
CA PHE D 12 21.69 7.73 -47.29
C PHE D 12 20.92 6.81 -46.35
N GLN D 13 21.50 6.36 -45.24
CA GLN D 13 20.70 5.87 -44.12
C GLN D 13 19.87 6.99 -43.53
N ASN D 14 20.47 8.17 -43.37
CA ASN D 14 19.68 9.33 -42.96
C ASN D 14 18.61 9.69 -43.99
N VAL D 15 18.91 9.52 -45.28
CA VAL D 15 17.94 9.81 -46.33
C VAL D 15 16.78 8.81 -46.28
N PHE D 16 17.07 7.51 -46.25
CA PHE D 16 16.03 6.49 -46.16
C PHE D 16 15.41 6.37 -44.77
N THR D 17 15.86 7.15 -43.79
CA THR D 17 15.03 7.37 -42.62
C THR D 17 14.28 8.69 -42.67
N ASN D 18 14.59 9.57 -43.64
CA ASN D 18 13.77 10.78 -43.79
C ASN D 18 12.49 10.50 -44.58
N HIS D 19 12.62 10.19 -45.88
CA HIS D 19 11.48 10.10 -46.79
C HIS D 19 11.84 9.23 -47.98
N GLY D 20 11.02 9.29 -49.02
CA GLY D 20 11.17 8.55 -50.25
C GLY D 20 9.81 8.23 -50.83
N SER D 21 9.73 7.10 -51.55
CA SER D 21 8.44 6.60 -52.02
C SER D 21 7.83 5.65 -51.01
N THR D 22 8.52 4.54 -50.75
CA THR D 22 8.27 3.69 -49.59
C THR D 22 9.61 3.40 -48.95
N LEU D 23 9.59 2.68 -47.82
CA LEU D 23 10.82 2.39 -47.08
C LEU D 23 10.89 0.94 -46.62
N LEU D 24 10.26 0.01 -47.34
CA LEU D 24 10.27 -1.39 -46.94
C LEU D 24 11.60 -2.08 -47.22
N ASN D 25 12.43 -1.52 -48.10
CA ASN D 25 13.70 -2.13 -48.46
C ASN D 25 14.87 -1.19 -48.22
N GLY D 26 14.66 -0.05 -47.55
CA GLY D 26 15.73 0.89 -47.29
C GLY D 26 16.73 0.42 -46.25
N ILE D 27 16.38 -0.59 -45.46
CA ILE D 27 17.33 -1.18 -44.52
C ILE D 27 18.38 -1.99 -45.27
N LEU D 28 17.96 -2.77 -46.26
CA LEU D 28 18.85 -3.73 -46.90
C LEU D 28 19.78 -3.07 -47.92
N ILE D 29 19.34 -2.00 -48.58
CA ILE D 29 20.13 -1.39 -49.65
C ILE D 29 21.40 -0.75 -49.09
N ALA D 30 21.27 -0.03 -47.97
CA ALA D 30 22.43 0.59 -47.34
C ALA D 30 23.40 -0.46 -46.80
N THR D 31 22.89 -1.60 -46.32
CA THR D 31 23.78 -2.67 -45.88
C THR D 31 24.50 -3.31 -47.06
N THR D 32 23.82 -3.44 -48.21
CA THR D 32 24.50 -3.94 -49.42
C THR D 32 25.62 -3.01 -49.85
N VAL D 33 25.38 -1.69 -49.84
CA VAL D 33 26.41 -0.77 -50.28
C VAL D 33 27.57 -0.71 -49.27
N GLY D 34 27.24 -0.69 -47.97
CA GLY D 34 28.27 -0.61 -46.96
C GLY D 34 29.07 -1.88 -46.77
N GLY D 35 28.52 -3.02 -47.16
CA GLY D 35 29.28 -4.25 -47.11
C GLY D 35 30.01 -4.52 -48.40
N GLN D 36 29.43 -4.11 -49.52
CA GLN D 36 30.07 -4.42 -50.78
C GLN D 36 31.04 -3.34 -51.22
N SER D 37 31.13 -2.22 -50.50
CA SER D 37 32.34 -1.40 -50.59
C SER D 37 33.55 -2.16 -50.08
N LEU D 38 33.40 -2.86 -48.94
CA LEU D 38 34.47 -3.68 -48.42
C LEU D 38 34.66 -4.95 -49.24
N VAL D 39 33.64 -5.40 -49.96
CA VAL D 39 33.86 -6.44 -50.98
C VAL D 39 34.72 -5.88 -52.10
N ARG D 40 34.40 -4.68 -52.59
CA ARG D 40 35.18 -4.06 -53.66
C ARG D 40 36.58 -3.65 -53.23
N LYS D 41 36.86 -3.64 -51.93
CA LYS D 41 38.25 -3.58 -51.47
C LYS D 41 39.06 -4.78 -51.98
N LEU D 42 38.42 -5.96 -52.11
CA LEU D 42 39.06 -7.18 -52.61
C LEU D 42 38.23 -7.75 -53.77
N THR D 43 38.47 -7.24 -54.97
CA THR D 43 37.77 -7.62 -56.19
C THR D 43 38.76 -7.56 -57.35
N PHE D 44 38.22 -7.45 -58.56
CA PHE D 44 38.91 -7.55 -59.87
C PHE D 44 39.89 -8.73 -59.90
N SER D 45 39.30 -9.93 -59.82
CA SER D 45 40.05 -11.14 -60.12
C SER D 45 40.55 -11.12 -61.56
N CYS D 46 39.67 -10.79 -62.50
CA CYS D 46 39.95 -10.18 -63.79
C CYS D 46 40.89 -11.01 -64.66
N PRO D 47 40.41 -12.09 -65.27
CA PRO D 47 41.29 -13.05 -65.93
C PRO D 47 42.03 -12.48 -67.12
N CYS D 48 43.06 -13.21 -67.53
CA CYS D 48 43.93 -12.84 -68.64
C CYS D 48 43.48 -13.42 -69.98
N ALA D 49 42.19 -13.65 -70.20
CA ALA D 49 41.77 -14.33 -71.41
C ALA D 49 40.92 -13.45 -72.31
N TYR D 50 40.82 -13.84 -73.60
CA TYR D 50 39.97 -13.11 -74.52
C TYR D 50 38.48 -13.28 -74.20
N PRO D 51 37.88 -14.52 -74.18
CA PRO D 51 36.44 -14.53 -73.89
C PRO D 51 36.14 -14.42 -72.41
N LEU D 52 37.04 -14.94 -71.57
CA LEU D 52 36.75 -15.03 -70.14
C LEU D 52 36.86 -13.69 -69.44
N ASN D 53 37.56 -12.71 -70.01
CA ASN D 53 37.56 -11.42 -69.35
C ASN D 53 36.24 -10.70 -69.54
N ILE D 54 35.72 -10.71 -70.77
CA ILE D 54 34.40 -10.17 -71.04
C ILE D 54 33.33 -10.94 -70.28
N TYR D 55 33.50 -12.26 -70.14
CA TYR D 55 32.53 -13.04 -69.40
C TYR D 55 32.58 -12.72 -67.91
N HIS D 56 33.78 -12.66 -67.33
CA HIS D 56 33.94 -12.36 -65.91
C HIS D 56 33.62 -10.91 -65.59
N SER D 57 33.57 -10.03 -66.59
CA SER D 57 33.14 -8.67 -66.31
C SER D 57 31.64 -8.51 -66.53
N LEU D 58 31.14 -9.03 -67.65
CA LEU D 58 29.74 -8.85 -68.02
C LEU D 58 28.81 -9.64 -67.10
N VAL D 59 29.19 -10.87 -66.75
CA VAL D 59 28.43 -11.66 -65.80
C VAL D 59 28.44 -11.01 -64.43
N PHE D 60 29.62 -10.55 -63.98
CA PHE D 60 29.72 -9.95 -62.65
C PHE D 60 29.00 -8.61 -62.56
N MET D 61 28.79 -7.92 -63.70
CA MET D 61 27.96 -6.72 -63.65
C MET D 61 26.47 -7.08 -63.75
N PHE D 62 26.06 -7.69 -64.85
CA PHE D 62 24.63 -7.87 -65.12
C PHE D 62 24.05 -9.11 -64.46
N GLY D 63 24.80 -9.77 -63.58
CA GLY D 63 24.28 -10.89 -62.81
C GLY D 63 23.67 -10.51 -61.49
N PRO D 64 24.42 -9.83 -60.60
CA PRO D 64 23.81 -9.33 -59.36
C PRO D 64 22.71 -8.31 -59.57
N THR D 65 22.68 -7.62 -60.73
CA THR D 65 21.54 -6.77 -61.04
C THR D 65 20.27 -7.60 -61.22
N ALA D 66 20.36 -8.68 -61.99
CA ALA D 66 19.21 -9.58 -62.15
C ALA D 66 18.86 -10.28 -60.84
N ALA D 67 19.88 -10.60 -60.03
CA ALA D 67 19.62 -11.27 -58.75
C ALA D 67 18.91 -10.36 -57.77
N LEU D 68 19.40 -9.12 -57.64
CA LEU D 68 18.73 -8.16 -56.76
C LEU D 68 17.40 -7.69 -57.34
N LEU D 69 17.23 -7.74 -58.66
CA LEU D 69 15.92 -7.45 -59.23
C LEU D 69 14.92 -8.55 -58.88
N LEU D 70 15.36 -9.80 -58.93
CA LEU D 70 14.51 -10.93 -58.56
C LEU D 70 14.19 -10.91 -57.08
N ILE D 71 15.17 -10.55 -56.24
CA ILE D 71 14.93 -10.41 -54.81
C ILE D 71 13.97 -9.25 -54.54
N GLY D 72 14.14 -8.14 -55.25
CA GLY D 72 13.24 -7.01 -55.06
C GLY D 72 11.83 -7.28 -55.54
N ILE D 73 11.66 -8.19 -56.49
CA ILE D 73 10.31 -8.67 -56.79
C ILE D 73 9.78 -9.51 -55.64
N THR D 74 10.51 -10.58 -55.29
CA THR D 74 9.96 -11.63 -54.44
C THR D 74 9.74 -11.18 -53.00
N VAL D 75 10.61 -10.29 -52.50
CA VAL D 75 10.43 -9.78 -51.15
C VAL D 75 9.25 -8.81 -51.09
N ASN D 76 9.00 -8.08 -52.19
CA ASN D 76 7.96 -7.06 -52.22
C ASN D 76 6.58 -7.71 -52.14
N SER D 77 5.77 -7.24 -51.19
CA SER D 77 4.51 -7.92 -50.88
C SER D 77 3.50 -7.75 -51.99
N THR D 78 3.50 -6.58 -52.64
CA THR D 78 2.38 -6.19 -53.49
C THR D 78 2.26 -7.07 -54.73
N THR D 79 3.38 -7.56 -55.26
CA THR D 79 3.29 -8.45 -56.41
C THR D 79 2.67 -9.79 -56.03
N TRP D 80 2.87 -10.24 -54.78
CA TRP D 80 2.17 -11.45 -54.39
C TRP D 80 0.70 -11.17 -54.20
N LYS D 81 0.35 -9.97 -53.71
CA LYS D 81 -1.06 -9.61 -53.67
C LYS D 81 -1.64 -9.44 -55.07
N LEU D 82 -0.79 -9.28 -56.08
CA LEU D 82 -1.25 -9.35 -57.45
C LEU D 82 -1.38 -10.80 -57.90
N ALA D 83 -0.39 -11.63 -57.56
CA ALA D 83 -0.26 -12.94 -58.20
C ALA D 83 0.16 -14.01 -57.21
N HIS D 84 -0.45 -14.05 -56.03
CA HIS D 84 -0.40 -15.27 -55.21
C HIS D 84 -1.61 -16.10 -55.58
N GLY D 85 -1.40 -17.17 -56.32
CA GLY D 85 -2.52 -17.98 -56.74
C GLY D 85 -3.32 -17.32 -57.83
N PHE D 86 -2.65 -16.96 -58.92
CA PHE D 86 -3.33 -16.31 -60.03
C PHE D 86 -4.19 -17.28 -60.83
N PHE D 87 -3.86 -18.57 -60.81
CA PHE D 87 -4.65 -19.55 -61.52
C PHE D 87 -6.03 -19.74 -60.88
N PHE D 88 -6.05 -19.92 -59.56
CA PHE D 88 -7.27 -20.30 -58.86
C PHE D 88 -7.93 -19.14 -58.14
N ARG D 89 -7.87 -17.95 -58.75
CA ARG D 89 -8.76 -16.87 -58.34
C ARG D 89 -10.16 -17.22 -58.80
N VAL D 90 -11.15 -17.00 -57.92
CA VAL D 90 -12.54 -17.05 -58.35
C VAL D 90 -12.78 -15.92 -59.33
N ARG D 91 -13.42 -16.25 -60.45
CA ARG D 91 -13.44 -15.37 -61.62
C ARG D 91 -14.16 -14.06 -61.32
N ASP D 92 -13.70 -13.00 -61.99
CA ASP D 92 -14.07 -11.61 -61.72
C ASP D 92 -13.83 -11.25 -60.25
N THR D 93 -12.64 -11.59 -59.76
CA THR D 93 -12.12 -11.00 -58.54
C THR D 93 -10.71 -10.54 -58.84
N ARG D 94 -10.05 -11.21 -59.79
CA ARG D 94 -8.97 -10.57 -60.51
C ARG D 94 -9.58 -9.43 -61.32
N HIS D 95 -8.93 -8.26 -61.27
CA HIS D 95 -9.68 -7.04 -61.49
C HIS D 95 -9.67 -6.57 -62.95
N SER D 96 -8.50 -6.31 -63.51
CA SER D 96 -8.45 -5.64 -64.81
C SER D 96 -7.17 -6.06 -65.52
N TRP D 97 -6.93 -5.45 -66.68
CA TRP D 97 -5.64 -5.51 -67.36
C TRP D 97 -4.84 -4.23 -67.21
N LYS D 98 -5.51 -3.08 -67.10
CA LYS D 98 -4.82 -1.81 -67.01
C LYS D 98 -4.26 -1.57 -65.62
N THR D 99 -5.06 -1.82 -64.58
CA THR D 99 -4.64 -1.53 -63.22
C THR D 99 -3.55 -2.48 -62.74
N THR D 100 -3.64 -3.75 -63.16
CA THR D 100 -2.60 -4.71 -62.80
C THR D 100 -1.27 -4.40 -63.47
N CYS D 101 -1.26 -3.70 -64.60
CA CYS D 101 -0.01 -3.26 -65.18
C CYS D 101 0.56 -2.06 -64.44
N VAL D 102 -0.30 -1.21 -63.87
CA VAL D 102 0.17 -0.11 -63.04
C VAL D 102 0.81 -0.64 -61.77
N SER D 103 0.18 -1.64 -61.16
CA SER D 103 0.80 -2.28 -59.99
C SER D 103 2.06 -3.04 -60.37
N TRP D 104 2.10 -3.59 -61.59
CA TRP D 104 3.28 -4.31 -62.06
C TRP D 104 4.46 -3.37 -62.26
N ILE D 105 4.21 -2.20 -62.85
CA ILE D 105 5.27 -1.22 -63.03
C ILE D 105 5.68 -0.64 -61.68
N GLU D 106 4.74 -0.54 -60.74
CA GLU D 106 5.07 -0.10 -59.39
C GLU D 106 6.03 -1.06 -58.70
N VAL D 107 5.74 -2.37 -58.77
CA VAL D 107 6.61 -3.32 -58.10
C VAL D 107 7.91 -3.49 -58.86
N LEU D 108 7.90 -3.26 -60.19
CA LEU D 108 9.15 -3.28 -60.95
C LEU D 108 10.06 -2.12 -60.58
N ILE D 109 9.50 -0.92 -60.36
CA ILE D 109 10.35 0.21 -60.00
C ILE D 109 10.83 0.09 -58.55
N GLN D 110 9.94 -0.31 -57.63
CA GLN D 110 10.34 -0.51 -56.25
C GLN D 110 11.35 -1.65 -56.12
N SER D 111 11.28 -2.63 -57.02
CA SER D 111 12.33 -3.64 -57.10
C SER D 111 13.61 -3.05 -57.64
N SER D 112 13.53 -2.36 -58.78
CA SER D 112 14.69 -1.90 -59.53
C SER D 112 15.42 -0.72 -58.89
N VAL D 113 14.94 -0.23 -57.75
CA VAL D 113 15.73 0.70 -56.95
C VAL D 113 17.10 0.12 -56.63
N ALA D 114 17.13 -1.05 -55.98
CA ALA D 114 18.38 -1.64 -55.50
C ALA D 114 19.36 -2.12 -56.58
N PRO D 115 18.97 -2.71 -57.72
CA PRO D 115 19.99 -3.03 -58.73
C PRO D 115 20.59 -1.82 -59.41
N ILE D 116 19.83 -0.74 -59.62
CA ILE D 116 20.40 0.48 -60.17
C ILE D 116 21.39 1.08 -59.18
N ALA D 117 21.09 1.00 -57.89
CA ALA D 117 22.02 1.47 -56.86
C ALA D 117 23.28 0.61 -56.85
N TRP D 118 23.16 -0.70 -56.99
CA TRP D 118 24.34 -1.56 -57.01
C TRP D 118 25.18 -1.34 -58.25
N LEU D 119 24.51 -1.17 -59.40
CA LEU D 119 25.20 -0.89 -60.65
C LEU D 119 25.96 0.42 -60.58
N PHE D 120 25.34 1.45 -59.96
CA PHE D 120 26.03 2.71 -59.74
C PHE D 120 27.19 2.56 -58.76
N VAL D 121 27.06 1.70 -57.75
CA VAL D 121 28.16 1.49 -56.81
C VAL D 121 29.37 0.87 -57.51
N VAL D 122 29.13 -0.13 -58.36
CA VAL D 122 30.28 -0.81 -58.95
C VAL D 122 30.86 -0.01 -60.12
N PHE D 123 30.00 0.62 -60.93
CA PHE D 123 30.49 1.55 -61.93
C PHE D 123 31.19 2.76 -61.31
N LEU D 124 30.76 3.17 -60.11
CA LEU D 124 31.41 4.26 -59.40
C LEU D 124 32.75 3.84 -58.85
N ASP D 125 32.93 2.55 -58.58
CA ASP D 125 34.26 2.03 -58.35
C ASP D 125 35.00 2.00 -59.68
N GLY D 126 36.31 2.14 -59.62
CA GLY D 126 37.09 1.80 -60.78
C GLY D 126 37.34 0.31 -60.69
N GLY D 127 36.45 -0.44 -61.32
CA GLY D 127 36.40 -1.87 -61.09
C GLY D 127 36.22 -2.64 -62.37
N TYR D 128 35.14 -3.42 -62.42
CA TYR D 128 34.89 -4.36 -63.49
C TYR D 128 34.56 -3.71 -64.82
N TYR D 129 34.45 -2.38 -64.88
CA TYR D 129 34.42 -1.75 -66.19
C TYR D 129 35.81 -1.58 -66.77
N ARG D 130 36.84 -1.38 -65.93
CA ARG D 130 38.20 -1.40 -66.49
C ARG D 130 38.57 -2.82 -66.90
N CYS D 131 37.96 -3.80 -66.26
CA CYS D 131 38.15 -5.20 -66.55
C CYS D 131 37.35 -5.64 -67.77
N TYR D 132 36.72 -4.70 -68.46
CA TYR D 132 35.92 -4.93 -69.65
C TYR D 132 36.55 -4.33 -70.90
N ARG D 133 36.81 -3.04 -70.89
CA ARG D 133 37.50 -2.46 -72.04
C ARG D 133 39.01 -2.43 -71.86
N SER D 134 39.53 -2.93 -70.73
CA SER D 134 40.94 -3.33 -70.72
C SER D 134 41.17 -4.49 -71.66
N HIS D 135 40.24 -5.44 -71.68
CA HIS D 135 40.14 -6.40 -72.75
C HIS D 135 39.92 -5.70 -74.08
N GLU D 136 38.76 -5.04 -74.23
CA GLU D 136 38.30 -4.54 -75.53
C GLU D 136 39.22 -3.50 -76.17
N PHE D 137 40.19 -2.96 -75.43
CA PHE D 137 41.15 -2.03 -76.01
C PHE D 137 42.38 -2.76 -76.53
N CYS D 138 42.77 -3.85 -75.87
CA CYS D 138 44.12 -4.43 -75.93
C CYS D 138 44.49 -5.06 -77.27
N LEU D 139 43.59 -5.10 -78.27
CA LEU D 139 43.84 -5.67 -79.61
C LEU D 139 44.24 -7.15 -79.51
N ILE D 140 43.25 -7.97 -79.17
CA ILE D 140 43.52 -9.21 -78.44
C ILE D 140 43.43 -10.45 -79.33
N SER D 141 43.34 -10.28 -80.66
CA SER D 141 43.12 -11.44 -81.53
C SER D 141 44.36 -12.32 -81.61
N ASP D 142 45.53 -11.75 -81.32
CA ASP D 142 46.69 -12.60 -81.14
C ASP D 142 46.63 -13.38 -79.84
N ALA D 143 45.91 -12.91 -78.82
CA ALA D 143 45.71 -13.73 -77.63
C ALA D 143 44.67 -14.81 -77.85
N ILE D 144 43.78 -14.64 -78.83
CA ILE D 144 42.99 -15.77 -79.31
C ILE D 144 43.91 -16.85 -79.87
N LEU D 145 44.91 -16.44 -80.65
CA LEU D 145 45.89 -17.39 -81.18
C LEU D 145 46.77 -17.95 -80.06
N CYS D 146 47.08 -17.13 -79.06
CA CYS D 146 47.88 -17.57 -77.92
C CYS D 146 47.12 -18.58 -77.05
N LYS D 147 45.79 -18.48 -76.98
CA LYS D 147 45.00 -19.43 -76.21
C LYS D 147 44.33 -20.49 -77.07
N ASN D 148 44.63 -20.54 -78.36
CA ASN D 148 44.32 -21.75 -79.12
C ASN D 148 45.22 -22.90 -78.69
N SER D 149 46.43 -22.59 -78.26
CA SER D 149 47.35 -23.59 -77.71
C SER D 149 48.21 -22.88 -76.67
N THR D 150 48.13 -23.34 -75.41
CA THR D 150 48.75 -22.67 -74.27
C THR D 150 50.27 -22.70 -74.28
N ILE D 151 50.88 -23.48 -75.18
CA ILE D 151 52.32 -23.37 -75.44
C ILE D 151 52.64 -21.97 -75.95
N LEU D 152 51.75 -21.40 -76.77
CA LEU D 152 51.91 -20.02 -77.22
C LEU D 152 51.71 -19.04 -76.08
N ASN D 153 50.85 -19.34 -75.11
CA ASN D 153 50.75 -18.52 -73.91
C ASN D 153 52.05 -18.53 -73.11
N SER D 154 52.65 -19.71 -72.96
CA SER D 154 53.89 -19.84 -72.21
C SER D 154 55.05 -19.13 -72.90
N TYR D 155 55.19 -19.31 -74.21
CA TYR D 155 56.27 -18.63 -74.92
C TYR D 155 55.94 -17.18 -75.28
N ALA D 156 54.71 -16.73 -75.06
CA ALA D 156 54.41 -15.31 -75.15
C ALA D 156 54.64 -14.59 -73.83
N SER D 157 54.48 -15.29 -72.71
CA SER D 157 54.79 -14.70 -71.42
C SER D 157 56.30 -14.74 -71.12
N THR D 158 56.96 -15.85 -71.44
CA THR D 158 58.34 -16.09 -71.03
C THR D 158 59.35 -15.68 -72.10
N SER D 159 59.28 -16.29 -73.29
CA SER D 159 60.31 -16.09 -74.30
C SER D 159 60.24 -14.70 -74.91
N SER D 160 59.14 -14.40 -75.58
CA SER D 160 58.87 -13.02 -75.93
C SER D 160 58.34 -12.29 -74.71
N PHE D 161 58.48 -10.96 -74.71
CA PHE D 161 58.08 -10.17 -73.56
C PHE D 161 56.60 -9.82 -73.65
N ASN D 162 56.15 -9.00 -72.72
CA ASN D 162 54.74 -8.62 -72.63
C ASN D 162 54.52 -7.14 -72.92
N LYS D 163 55.25 -6.25 -72.23
CA LYS D 163 55.13 -4.83 -72.48
C LYS D 163 56.14 -4.32 -73.51
N ILE D 164 57.22 -5.06 -73.74
CA ILE D 164 58.07 -4.80 -74.90
C ILE D 164 57.39 -5.24 -76.18
N SER D 165 56.47 -6.20 -76.08
CA SER D 165 55.64 -6.65 -77.20
C SER D 165 54.36 -5.85 -77.34
N ASP D 166 54.36 -4.57 -76.93
CA ASP D 166 53.20 -3.71 -77.09
C ASP D 166 53.09 -3.09 -78.49
N ASN D 167 53.73 -3.67 -79.51
CA ASN D 167 53.66 -3.10 -80.84
C ASN D 167 52.38 -3.49 -81.56
N GLY D 168 52.18 -4.79 -81.79
CA GLY D 168 51.10 -5.26 -82.64
C GLY D 168 49.83 -5.64 -81.91
N LYS D 169 49.52 -6.94 -81.91
CA LYS D 169 48.35 -7.43 -81.19
C LYS D 169 48.77 -8.35 -80.06
N TYR D 170 48.07 -8.27 -78.94
CA TYR D 170 48.70 -8.54 -77.66
C TYR D 170 48.27 -9.89 -77.09
N CYS D 171 49.11 -10.42 -76.21
CA CYS D 171 48.94 -11.67 -75.50
C CYS D 171 49.13 -11.37 -74.01
N PRO D 172 48.72 -12.27 -73.10
CA PRO D 172 47.74 -11.89 -72.03
C PRO D 172 48.06 -10.64 -71.23
N PRO D 173 49.19 -10.54 -70.47
CA PRO D 173 49.17 -9.73 -69.22
C PRO D 173 48.86 -8.24 -69.35
N CYS D 174 48.78 -7.70 -70.57
CA CYS D 174 48.01 -6.48 -70.84
C CYS D 174 46.58 -6.58 -70.32
N ILE D 175 45.98 -7.77 -70.44
CA ILE D 175 44.58 -7.97 -70.05
C ILE D 175 44.42 -7.83 -68.54
N CYS D 176 45.20 -8.60 -67.78
CA CYS D 176 45.07 -8.56 -66.32
C CYS D 176 45.57 -7.26 -65.72
N VAL D 177 46.51 -6.58 -66.39
CA VAL D 177 46.93 -5.25 -65.96
C VAL D 177 47.30 -4.41 -67.17
N PRO D 178 46.57 -3.32 -67.43
CA PRO D 178 46.87 -2.48 -68.59
C PRO D 178 47.92 -1.42 -68.25
N ASN D 179 48.15 -0.56 -69.23
CA ASN D 179 48.93 0.65 -68.99
C ASN D 179 48.19 1.55 -68.02
N PRO D 180 48.87 2.13 -67.03
CA PRO D 180 48.16 2.95 -66.03
C PRO D 180 47.58 4.23 -66.59
N THR D 181 48.11 4.76 -67.70
CA THR D 181 47.44 5.82 -68.43
C THR D 181 46.09 5.35 -68.95
N ASP D 182 46.09 4.22 -69.66
CA ASP D 182 44.87 3.59 -70.12
C ASP D 182 43.96 3.20 -68.96
N ALA D 183 44.54 2.70 -67.86
CA ALA D 183 43.75 2.27 -66.72
C ALA D 183 43.03 3.44 -66.07
N SER D 184 43.72 4.57 -65.90
CA SER D 184 43.08 5.74 -65.31
C SER D 184 42.08 6.38 -66.25
N TYR D 185 42.40 6.43 -67.55
CA TYR D 185 41.46 6.91 -68.57
C TYR D 185 40.16 6.14 -68.54
N LEU D 186 40.26 4.81 -68.56
CA LEU D 186 39.09 3.98 -68.64
C LEU D 186 38.38 3.91 -67.29
N GLU D 187 39.12 4.10 -66.20
CA GLU D 187 38.55 4.20 -64.86
C GLU D 187 37.64 5.41 -64.75
N ALA D 188 38.11 6.58 -65.19
CA ALA D 188 37.23 7.72 -65.13
C ALA D 188 36.18 7.72 -66.22
N GLU D 189 36.41 6.97 -67.31
CA GLU D 189 35.31 6.67 -68.22
C GLU D 189 34.21 5.90 -67.49
N SER D 190 34.59 4.95 -66.63
CA SER D 190 33.60 4.26 -65.81
C SER D 190 32.94 5.20 -64.83
N GLN D 191 33.68 6.17 -64.30
CA GLN D 191 33.09 7.13 -63.38
C GLN D 191 32.05 8.01 -64.06
N ILE D 192 32.31 8.44 -65.29
CA ILE D 192 31.34 9.30 -65.95
C ILE D 192 30.14 8.50 -66.45
N TYR D 193 30.33 7.24 -66.87
CA TYR D 193 29.17 6.40 -67.14
C TYR D 193 28.37 6.11 -65.87
N ALA D 194 29.05 5.98 -64.72
CA ALA D 194 28.38 5.79 -63.45
C ALA D 194 27.48 6.96 -63.12
N TRP D 195 28.01 8.17 -63.22
CA TRP D 195 27.19 9.30 -62.85
C TRP D 195 26.13 9.60 -63.91
N GLY D 196 26.40 9.26 -65.17
CA GLY D 196 25.37 9.42 -66.19
C GLY D 196 24.21 8.48 -65.98
N LEU D 197 24.50 7.22 -65.60
CA LEU D 197 23.42 6.29 -65.26
C LEU D 197 22.67 6.74 -64.02
N LEU D 198 23.40 7.23 -63.00
CA LEU D 198 22.72 7.65 -61.78
C LEU D 198 21.84 8.86 -62.01
N LEU D 199 22.31 9.83 -62.78
CA LEU D 199 21.53 11.03 -63.03
C LEU D 199 20.35 10.74 -63.95
N PHE D 200 20.54 9.85 -64.93
CA PHE D 200 19.43 9.46 -65.79
C PHE D 200 18.36 8.72 -65.00
N SER D 201 18.78 7.79 -64.14
CA SER D 201 17.83 7.06 -63.30
C SER D 201 17.15 7.99 -62.30
N GLY D 202 17.88 8.96 -61.76
CA GLY D 202 17.29 9.86 -60.79
C GLY D 202 16.26 10.79 -61.42
N VAL D 203 16.58 11.34 -62.60
CA VAL D 203 15.64 12.21 -63.30
C VAL D 203 14.42 11.42 -63.75
N ALA D 204 14.63 10.22 -64.31
CA ALA D 204 13.51 9.42 -64.78
C ALA D 204 12.65 8.92 -63.64
N ALA D 205 13.26 8.58 -62.50
CA ALA D 205 12.50 8.10 -61.36
C ALA D 205 11.73 9.23 -60.70
N PHE D 206 12.34 10.41 -60.60
CA PHE D 206 11.64 11.61 -60.15
C PHE D 206 10.45 11.92 -61.03
N LEU D 207 10.63 11.86 -62.35
CA LEU D 207 9.54 12.17 -63.27
C LEU D 207 8.43 11.14 -63.18
N VAL D 208 8.77 9.87 -63.01
CA VAL D 208 7.74 8.83 -62.94
C VAL D 208 6.99 8.89 -61.61
N ILE D 209 7.71 8.98 -60.48
CA ILE D 209 6.98 9.00 -59.21
C ILE D 209 6.40 10.37 -58.92
N THR D 210 6.70 11.39 -59.73
CA THR D 210 5.91 12.61 -59.69
C THR D 210 4.65 12.45 -60.52
N CYS D 211 4.77 11.89 -61.73
CA CYS D 211 3.62 11.69 -62.59
C CYS D 211 2.68 10.59 -62.09
N ASN D 212 3.06 9.84 -61.05
CA ASN D 212 2.11 9.03 -60.31
C ASN D 212 1.91 9.52 -58.88
N ARG D 213 2.30 10.77 -58.61
CA ARG D 213 1.79 11.52 -57.48
C ARG D 213 1.11 12.81 -57.91
N MET D 214 1.16 13.14 -59.19
CA MET D 214 0.46 14.29 -59.73
C MET D 214 -0.75 13.89 -60.57
N CYS D 215 -0.76 12.67 -61.10
CA CYS D 215 -1.95 12.10 -61.72
C CYS D 215 -2.74 11.27 -60.72
N ASP D 216 -2.40 11.36 -59.44
CA ASP D 216 -3.14 10.66 -58.40
C ASP D 216 -4.50 11.31 -58.22
N LYS D 217 -5.55 10.48 -58.12
CA LYS D 217 -6.91 10.99 -57.92
C LYS D 217 -7.05 11.66 -56.57
N TYR D 218 -6.65 10.99 -55.51
CA TYR D 218 -6.74 11.55 -54.18
C TYR D 218 -5.69 12.64 -54.01
N THR D 219 -5.84 13.42 -52.96
CA THR D 219 -4.91 14.52 -52.72
C THR D 219 -4.26 14.29 -51.36
N LEU D 220 -3.30 15.16 -51.01
CA LEU D 220 -2.18 14.76 -50.15
C LEU D 220 -2.63 14.38 -48.74
N VAL D 221 -3.62 15.08 -48.21
CA VAL D 221 -4.14 14.66 -46.90
C VAL D 221 -5.00 13.41 -47.06
N GLN D 222 -5.77 13.33 -48.14
CA GLN D 222 -6.56 12.12 -48.37
C GLN D 222 -5.67 10.94 -48.70
N ARG D 223 -4.56 11.19 -49.39
CA ARG D 223 -3.62 10.11 -49.70
C ARG D 223 -2.86 9.66 -48.46
N GLN D 224 -2.48 10.61 -47.59
CA GLN D 224 -1.86 10.21 -46.33
C GLN D 224 -2.83 9.47 -45.43
N TYR D 225 -4.12 9.79 -45.49
CA TYR D 225 -5.06 9.04 -44.67
C TYR D 225 -5.34 7.66 -45.25
N VAL D 226 -5.41 7.54 -46.58
CA VAL D 226 -5.57 6.21 -47.18
C VAL D 226 -4.36 5.34 -46.88
N GLU D 227 -3.16 5.94 -46.90
CA GLU D 227 -1.96 5.17 -46.56
C GLU D 227 -1.89 4.83 -45.08
N THR D 228 -2.36 5.71 -44.20
CA THR D 228 -2.40 5.38 -42.79
C THR D 228 -3.42 4.30 -42.50
N TYR D 229 -4.57 4.37 -43.17
CA TYR D 229 -5.61 3.37 -42.96
C TYR D 229 -5.21 2.02 -43.53
N LYS D 230 -4.51 2.03 -44.66
CA LYS D 230 -3.98 0.80 -45.24
C LYS D 230 -2.93 0.18 -44.32
N ASN D 231 -1.99 1.00 -43.85
CA ASN D 231 -0.92 0.55 -42.97
C ASN D 231 -1.41 0.22 -41.58
N VAL D 232 -2.64 0.54 -41.23
CA VAL D 232 -3.13 0.12 -39.92
C VAL D 232 -4.08 -1.05 -40.07
N GLU D 233 -4.79 -1.17 -41.20
CA GLU D 233 -5.66 -2.32 -41.30
C GLU D 233 -4.90 -3.57 -41.72
N THR D 234 -3.81 -3.46 -42.48
CA THR D 234 -3.04 -4.66 -42.77
C THR D 234 -2.08 -5.03 -41.64
N GLN D 235 -2.23 -4.42 -40.48
CA GLN D 235 -1.62 -4.87 -39.23
C GLN D 235 -2.67 -5.28 -38.22
N LYS D 236 -3.78 -4.54 -38.17
CA LYS D 236 -4.83 -4.85 -37.21
C LYS D 236 -5.63 -6.07 -37.63
N PHE D 237 -5.82 -6.25 -38.93
CA PHE D 237 -6.38 -7.47 -39.47
C PHE D 237 -5.51 -8.66 -39.18
N ASP D 238 -4.19 -8.50 -39.26
CA ASP D 238 -3.31 -9.63 -38.94
C ASP D 238 -3.29 -9.92 -37.46
N ALA D 239 -3.41 -8.90 -36.61
CA ALA D 239 -3.48 -9.14 -35.17
C ALA D 239 -4.78 -9.84 -34.79
N VAL D 240 -5.88 -9.47 -35.43
CA VAL D 240 -7.15 -10.15 -35.17
C VAL D 240 -7.15 -11.55 -35.75
N ALA D 241 -6.52 -11.76 -36.91
CA ALA D 241 -6.38 -13.10 -37.46
C ALA D 241 -5.52 -13.98 -36.57
N LYS D 242 -4.48 -13.39 -35.97
CA LYS D 242 -3.63 -14.17 -35.07
C LYS D 242 -4.37 -14.53 -33.79
N GLU D 243 -5.11 -13.60 -33.20
CA GLU D 243 -5.78 -13.96 -31.95
C GLU D 243 -7.00 -14.84 -32.20
N HIS D 244 -7.59 -14.75 -33.40
CA HIS D 244 -8.67 -15.66 -33.76
C HIS D 244 -8.15 -17.07 -33.98
N ALA D 245 -7.03 -17.21 -34.71
CA ALA D 245 -6.43 -18.52 -34.85
C ALA D 245 -5.87 -19.03 -33.53
N SER D 246 -5.48 -18.13 -32.63
CA SER D 246 -4.97 -18.57 -31.34
C SER D 246 -6.09 -19.08 -30.45
N GLN D 247 -7.26 -18.44 -30.48
CA GLN D 247 -8.38 -18.99 -29.72
C GLN D 247 -8.90 -20.28 -30.33
N LEU D 248 -8.96 -20.35 -31.65
CA LEU D 248 -9.44 -21.58 -32.27
C LEU D 248 -8.36 -22.67 -32.31
N ALA D 249 -7.12 -22.37 -31.93
CA ALA D 249 -6.13 -23.40 -31.70
C ALA D 249 -6.06 -23.81 -30.23
N GLU D 250 -6.26 -22.87 -29.30
CA GLU D 250 -6.50 -23.20 -27.90
C GLU D 250 -7.63 -24.19 -27.73
N HIS D 251 -8.79 -23.87 -28.28
CA HIS D 251 -9.95 -24.74 -28.12
C HIS D 251 -9.78 -26.04 -28.87
N ASN D 252 -9.07 -26.04 -29.99
CA ASN D 252 -8.89 -27.30 -30.69
C ASN D 252 -7.74 -28.12 -30.15
N ALA D 253 -6.85 -27.55 -29.35
CA ALA D 253 -5.87 -28.36 -28.64
C ALA D 253 -6.47 -28.95 -27.39
N ARG D 254 -7.30 -28.18 -26.67
CA ARG D 254 -8.06 -28.72 -25.55
C ARG D 254 -9.07 -29.76 -26.03
N ALA D 255 -9.51 -29.65 -27.28
CA ALA D 255 -10.45 -30.60 -27.84
C ALA D 255 -9.84 -31.96 -28.08
N PHE D 256 -8.52 -32.05 -28.14
CA PHE D 256 -7.92 -33.36 -28.40
C PHE D 256 -7.47 -34.03 -27.12
N PHE D 257 -6.99 -33.26 -26.14
CA PHE D 257 -6.61 -33.86 -24.87
C PHE D 257 -7.73 -33.80 -23.87
N GLY D 258 -8.95 -33.96 -24.35
CA GLY D 258 -10.11 -34.27 -23.56
C GLY D 258 -10.86 -35.41 -24.19
N GLN D 259 -10.19 -36.42 -24.74
CA GLN D 259 -10.94 -37.55 -25.24
C GLN D 259 -10.66 -38.85 -24.49
N LYS D 260 -9.40 -39.27 -24.41
CA LYS D 260 -8.96 -40.58 -23.91
C LYS D 260 -9.69 -41.75 -24.58
N ASN D 278 -16.74 -18.31 -44.22
CA ASN D 278 -15.65 -17.83 -45.04
C ASN D 278 -15.46 -18.72 -46.27
N PRO D 279 -16.17 -18.43 -47.35
CA PRO D 279 -15.92 -19.13 -48.61
C PRO D 279 -14.81 -18.45 -49.40
N LEU D 280 -14.51 -18.92 -50.62
CA LEU D 280 -13.47 -18.28 -51.43
C LEU D 280 -13.83 -16.87 -51.85
N PHE D 281 -15.13 -16.54 -51.92
CA PHE D 281 -15.51 -15.16 -52.24
C PHE D 281 -15.05 -14.19 -51.16
N ALA D 282 -15.19 -14.56 -49.89
CA ALA D 282 -14.72 -13.66 -48.84
C ALA D 282 -13.20 -13.62 -48.79
N ARG D 283 -12.55 -14.76 -49.00
CA ARG D 283 -11.09 -14.78 -48.94
C ARG D 283 -10.46 -14.24 -50.22
N LEU D 284 -11.28 -13.84 -51.19
CA LEU D 284 -10.77 -13.21 -52.40
C LEU D 284 -11.16 -11.75 -52.53
N ARG D 285 -12.33 -11.33 -52.04
CA ARG D 285 -12.53 -9.90 -51.83
C ARG D 285 -11.77 -9.37 -50.64
N LEU D 286 -11.14 -10.24 -49.86
CA LEU D 286 -10.28 -9.79 -48.76
C LEU D 286 -8.86 -9.51 -49.21
N ILE D 287 -8.65 -9.23 -50.49
CA ILE D 287 -7.28 -9.10 -51.02
C ILE D 287 -7.16 -7.88 -51.92
N ALA D 288 -6.08 -7.13 -51.73
CA ALA D 288 -5.79 -5.82 -52.32
C ALA D 288 -5.40 -5.92 -53.78
N ALA D 289 -4.68 -4.90 -54.27
CA ALA D 289 -4.57 -4.54 -55.69
C ALA D 289 -5.95 -4.24 -56.24
N GLU D 290 -6.51 -3.16 -55.70
CA GLU D 290 -7.90 -2.77 -55.83
C GLU D 290 -8.06 -1.54 -56.69
N LYS D 291 -9.30 -1.24 -57.03
CA LYS D 291 -9.64 0.05 -57.59
C LYS D 291 -9.82 1.07 -56.46
N THR D 292 -9.43 2.31 -56.75
CA THR D 292 -9.55 3.38 -55.76
C THR D 292 -10.57 4.41 -56.22
N GLN D 293 -11.69 3.92 -56.76
CA GLN D 293 -12.68 4.76 -57.42
C GLN D 293 -13.86 5.14 -56.55
N GLN D 294 -14.04 4.49 -55.40
CA GLN D 294 -15.19 4.71 -54.53
C GLN D 294 -14.70 5.39 -53.26
N THR D 295 -15.66 5.89 -52.45
CA THR D 295 -15.34 6.48 -51.16
C THR D 295 -14.70 5.46 -50.22
N MET D 296 -15.03 4.18 -50.37
CA MET D 296 -14.32 3.14 -49.66
C MET D 296 -13.25 2.53 -50.55
N TYR D 297 -12.27 1.88 -49.91
CA TYR D 297 -11.04 1.45 -50.56
C TYR D 297 -10.39 0.37 -49.72
N THR D 298 -9.34 -0.25 -50.29
CA THR D 298 -8.53 -1.32 -49.70
C THR D 298 -9.45 -2.49 -49.36
N PRO D 299 -9.81 -3.32 -50.34
CA PRO D 299 -11.19 -3.81 -50.49
C PRO D 299 -11.72 -4.69 -49.37
N LEU D 300 -11.03 -4.81 -48.24
CA LEU D 300 -11.70 -5.28 -47.03
C LEU D 300 -12.91 -4.41 -46.73
N GLN D 301 -12.74 -3.08 -46.81
CA GLN D 301 -13.86 -2.14 -46.69
C GLN D 301 -14.91 -2.36 -47.77
N LEU D 302 -14.48 -2.62 -49.00
CA LEU D 302 -15.45 -2.68 -50.09
C LEU D 302 -16.24 -3.97 -50.03
N TRP D 303 -15.59 -5.07 -49.65
CA TRP D 303 -16.27 -6.32 -49.31
C TRP D 303 -17.26 -6.11 -48.17
N ASN D 304 -16.83 -5.40 -47.12
CA ASN D 304 -17.67 -5.21 -45.95
C ASN D 304 -18.89 -4.36 -46.27
N ASP D 305 -18.73 -3.38 -47.16
CA ASP D 305 -19.88 -2.60 -47.62
C ASP D 305 -20.77 -3.46 -48.50
N ASN D 306 -20.18 -4.37 -49.27
CA ASN D 306 -20.97 -5.17 -50.21
C ASN D 306 -21.79 -6.22 -49.45
N LYS D 307 -21.12 -7.13 -48.77
CA LYS D 307 -21.76 -8.22 -48.05
C LYS D 307 -21.99 -7.76 -46.60
N GLY D 308 -22.25 -8.70 -45.69
CA GLY D 308 -22.69 -8.42 -44.33
C GLY D 308 -21.75 -7.56 -43.50
N TYR D 309 -22.24 -7.18 -42.31
CA TYR D 309 -21.67 -6.15 -41.43
C TYR D 309 -21.56 -4.84 -42.20
N ARG D 310 -22.72 -4.22 -42.44
CA ARG D 310 -22.83 -3.10 -43.37
C ARG D 310 -21.99 -1.89 -42.97
N ILE D 311 -22.08 -1.42 -41.72
CA ILE D 311 -21.15 -0.39 -41.26
C ILE D 311 -20.55 -0.75 -39.90
N PRO D 312 -19.32 -0.33 -39.61
CA PRO D 312 -18.70 -0.27 -38.27
C PRO D 312 -19.03 1.03 -37.52
N MET E 1 42.57 18.23 -44.42
CA MET E 1 41.47 19.17 -44.43
C MET E 1 40.18 18.51 -43.96
N THR E 2 40.27 17.22 -43.59
CA THR E 2 39.08 16.46 -43.24
C THR E 2 38.58 16.79 -41.84
N THR E 3 39.47 16.73 -40.83
CA THR E 3 39.07 17.00 -39.46
C THR E 3 38.73 18.47 -39.24
N SER E 4 39.34 19.35 -40.04
CA SER E 4 39.01 20.77 -40.02
C SER E 4 37.55 21.01 -40.40
N ILE E 5 37.14 20.46 -41.54
CA ILE E 5 35.77 20.62 -42.00
C ILE E 5 34.81 19.79 -41.15
N ASN E 6 35.29 18.74 -40.47
CA ASN E 6 34.44 18.04 -39.50
C ASN E 6 34.20 18.89 -38.26
N SER E 7 35.18 19.69 -37.85
CA SER E 7 34.95 20.65 -36.78
C SER E 7 33.98 21.73 -37.23
N VAL E 8 34.06 22.14 -38.50
CA VAL E 8 33.08 23.05 -39.08
C VAL E 8 31.69 22.42 -39.09
N VAL E 9 31.62 21.10 -39.30
CA VAL E 9 30.35 20.37 -39.24
C VAL E 9 29.76 20.42 -37.84
N THR E 10 30.61 20.26 -36.81
CA THR E 10 30.12 20.36 -35.43
C THR E 10 29.62 21.78 -35.11
N VAL E 11 30.34 22.79 -35.61
CA VAL E 11 29.93 24.18 -35.46
C VAL E 11 28.57 24.44 -36.11
N PHE E 12 28.39 23.98 -37.34
CA PHE E 12 27.11 24.25 -37.98
C PHE E 12 26.02 23.26 -37.59
N GLN E 13 26.36 22.16 -36.91
CA GLN E 13 25.35 21.42 -36.16
C GLN E 13 24.82 22.25 -35.01
N ASN E 14 25.72 22.97 -34.31
CA ASN E 14 25.25 23.91 -33.30
C ASN E 14 24.43 25.05 -33.91
N VAL E 15 24.78 25.47 -35.13
CA VAL E 15 24.03 26.52 -35.81
C VAL E 15 22.63 26.04 -36.20
N PHE E 16 22.54 24.87 -36.86
CA PHE E 16 21.25 24.30 -37.23
C PHE E 16 20.50 23.67 -36.07
N THR E 17 21.06 23.66 -34.86
CA THR E 17 20.23 23.48 -33.68
C THR E 17 19.89 24.80 -33.00
N ASN E 18 20.51 25.91 -33.39
CA ASN E 18 20.09 27.20 -32.83
C ASN E 18 18.87 27.76 -33.56
N HIS E 19 19.02 28.13 -34.83
CA HIS E 19 17.98 28.86 -35.57
C HIS E 19 18.19 28.65 -37.07
N GLY E 20 17.51 29.47 -37.86
CA GLY E 20 17.56 29.46 -39.30
C GLY E 20 16.21 29.89 -39.86
N SER E 21 15.89 29.37 -41.06
CA SER E 21 14.56 29.58 -41.64
C SER E 21 13.61 28.46 -41.21
N THR E 22 13.94 27.24 -41.61
CA THR E 22 13.35 26.03 -41.04
C THR E 22 14.50 25.07 -40.74
N LEU E 23 14.17 23.92 -40.14
CA LEU E 23 15.19 22.96 -39.75
C LEU E 23 14.81 21.53 -40.11
N LEU E 24 14.01 21.33 -41.17
CA LEU E 24 13.59 19.98 -41.54
C LEU E 24 14.69 19.19 -42.23
N ASN E 25 15.72 19.86 -42.76
CA ASN E 25 16.79 19.18 -43.46
C ASN E 25 18.16 19.48 -42.86
N GLY E 26 18.21 20.12 -41.69
CA GLY E 26 19.48 20.44 -41.06
C GLY E 26 20.21 19.24 -40.49
N ILE E 27 19.52 18.11 -40.31
CA ILE E 27 20.17 16.89 -39.88
C ILE E 27 21.02 16.31 -41.01
N LEU E 28 20.48 16.31 -42.23
CA LEU E 28 21.11 15.61 -43.34
C LEU E 28 22.29 16.39 -43.94
N ILE E 29 22.23 17.73 -43.92
CA ILE E 29 23.25 18.55 -44.57
C ILE E 29 24.59 18.41 -43.86
N ALA E 30 24.57 18.45 -42.52
CA ALA E 30 25.80 18.29 -41.75
C ALA E 30 26.38 16.90 -41.89
N THR E 31 25.53 15.88 -42.04
CA THR E 31 26.04 14.52 -42.28
C THR E 31 26.65 14.40 -43.66
N THR E 32 26.07 15.09 -44.67
CA THR E 32 26.68 15.11 -46.00
C THR E 32 28.06 15.75 -45.98
N VAL E 33 28.19 16.88 -45.27
CA VAL E 33 29.48 17.57 -45.25
C VAL E 33 30.50 16.76 -44.44
N GLY E 34 30.08 16.21 -43.30
CA GLY E 34 31.00 15.45 -42.46
C GLY E 34 31.39 14.10 -43.02
N GLY E 35 30.58 13.53 -43.90
CA GLY E 35 30.95 12.30 -44.54
C GLY E 35 31.70 12.52 -45.84
N GLN E 36 31.35 13.60 -46.53
CA GLN E 36 31.99 13.81 -47.81
C GLN E 36 33.26 14.64 -47.71
N SER E 37 33.60 15.15 -46.53
CA SER E 37 34.99 15.51 -46.27
C SER E 37 35.89 14.28 -46.31
N LEU E 38 35.45 13.19 -45.69
CA LEU E 38 36.19 11.93 -45.75
C LEU E 38 36.09 11.28 -47.12
N VAL E 39 35.05 11.58 -47.89
CA VAL E 39 35.06 11.20 -49.30
C VAL E 39 36.13 11.97 -50.05
N ARG E 40 36.21 13.29 -49.83
CA ARG E 40 37.23 14.13 -50.46
C ARG E 40 38.64 13.83 -49.99
N LYS E 41 38.80 13.08 -48.90
CA LYS E 41 40.10 12.50 -48.58
C LYS E 41 40.57 11.55 -49.69
N LEU E 42 39.65 10.86 -50.36
CA LEU E 42 39.96 9.94 -51.47
C LEU E 42 39.11 10.31 -52.68
N THR E 43 39.59 11.26 -53.46
CA THR E 43 38.92 11.78 -54.66
C THR E 43 39.99 12.16 -55.68
N PHE E 44 39.60 13.02 -56.63
CA PHE E 44 40.36 13.40 -57.83
C PHE E 44 40.97 12.19 -58.54
N SER E 45 40.06 11.34 -59.05
CA SER E 45 40.45 10.30 -59.99
C SER E 45 41.06 10.91 -61.24
N CYS E 46 40.40 11.91 -61.82
CA CYS E 46 40.95 12.99 -62.62
C CYS E 46 41.70 12.49 -63.86
N PRO E 47 40.99 12.07 -64.90
CA PRO E 47 41.62 11.38 -66.03
C PRO E 47 42.59 12.25 -66.81
N CYS E 48 43.40 11.57 -67.61
CA CYS E 48 44.42 12.18 -68.42
C CYS E 48 43.96 12.52 -69.83
N ALA E 49 42.68 12.83 -70.04
CA ALA E 49 42.20 13.02 -71.41
C ALA E 49 41.72 14.45 -71.65
N TYR E 50 41.63 14.81 -72.95
CA TYR E 50 41.10 16.13 -73.30
C TYR E 50 39.59 16.24 -73.00
N PRO E 51 38.68 15.40 -73.58
CA PRO E 51 37.27 15.66 -73.24
C PRO E 51 36.88 15.08 -71.88
N LEU E 52 37.53 13.97 -71.50
CA LEU E 52 37.10 13.25 -70.31
C LEU E 52 37.51 13.94 -69.03
N ASN E 53 38.51 14.82 -69.06
CA ASN E 53 38.82 15.53 -67.83
C ASN E 53 37.78 16.59 -67.53
N ILE E 54 37.39 17.36 -68.54
CA ILE E 54 36.30 18.32 -68.39
C ILE E 54 35.00 17.61 -68.08
N TYR E 55 34.78 16.42 -68.64
CA TYR E 55 33.55 15.69 -68.34
C TYR E 55 33.57 15.16 -66.91
N HIS E 56 34.68 14.58 -66.47
CA HIS E 56 34.80 14.05 -65.12
C HIS E 56 34.87 15.14 -64.07
N SER E 57 35.16 16.38 -64.47
CA SER E 57 35.10 17.46 -63.50
C SER E 57 33.73 18.12 -63.49
N LEU E 58 33.20 18.44 -64.68
CA LEU E 58 31.95 19.17 -64.80
C LEU E 58 30.77 18.33 -64.36
N VAL E 59 30.75 17.04 -64.72
CA VAL E 59 29.70 16.14 -64.26
C VAL E 59 29.79 15.96 -62.75
N PHE E 60 31.00 15.76 -62.22
CA PHE E 60 31.15 15.54 -60.79
C PHE E 60 30.83 16.78 -59.97
N MET E 61 30.93 17.97 -60.55
CA MET E 61 30.47 19.16 -59.85
C MET E 61 28.96 19.35 -60.00
N PHE E 62 28.49 19.54 -61.23
CA PHE E 62 27.10 19.94 -61.45
C PHE E 62 26.14 18.77 -61.49
N GLY E 63 26.57 17.58 -61.12
CA GLY E 63 25.71 16.42 -61.01
C GLY E 63 25.11 16.22 -59.63
N PRO E 64 25.94 16.10 -58.58
CA PRO E 64 25.38 16.04 -57.22
C PRO E 64 24.64 17.30 -56.80
N THR E 65 24.91 18.45 -57.42
CA THR E 65 24.09 19.62 -57.18
C THR E 65 22.66 19.40 -57.66
N ALA E 66 22.50 18.89 -58.88
CA ALA E 66 21.18 18.59 -59.39
C ALA E 66 20.52 17.45 -58.62
N ALA E 67 21.32 16.48 -58.16
CA ALA E 67 20.79 15.36 -57.40
C ALA E 67 20.28 15.80 -56.04
N LEU E 68 21.07 16.59 -55.31
CA LEU E 68 20.62 17.11 -54.04
C LEU E 68 19.55 18.17 -54.18
N LEU E 69 19.48 18.86 -55.32
CA LEU E 69 18.37 19.77 -55.58
C LEU E 69 17.08 18.98 -55.76
N LEU E 70 17.15 17.86 -56.48
CA LEU E 70 15.98 17.01 -56.69
C LEU E 70 15.54 16.36 -55.38
N ILE E 71 16.51 15.93 -54.56
CA ILE E 71 16.19 15.39 -53.24
C ILE E 71 15.58 16.45 -52.35
N GLY E 72 16.11 17.68 -52.39
CA GLY E 72 15.56 18.75 -51.60
C GLY E 72 14.18 19.17 -52.03
N ILE E 73 13.85 18.98 -53.30
CA ILE E 73 12.45 19.13 -53.71
C ILE E 73 11.61 18.02 -53.13
N THR E 74 11.96 16.76 -53.42
CA THR E 74 11.06 15.64 -53.20
C THR E 74 10.86 15.33 -51.72
N VAL E 75 11.88 15.54 -50.90
CA VAL E 75 11.75 15.31 -49.47
C VAL E 75 10.89 16.41 -48.83
N ASN E 76 10.95 17.62 -49.38
CA ASN E 76 10.25 18.77 -48.79
C ASN E 76 8.75 18.59 -48.97
N SER E 77 8.02 18.72 -47.86
CA SER E 77 6.60 18.38 -47.85
C SER E 77 5.77 19.38 -48.63
N THR E 78 6.17 20.66 -48.60
CA THR E 78 5.29 21.73 -49.03
C THR E 78 5.02 21.69 -50.53
N THR E 79 6.01 21.24 -51.32
CA THR E 79 5.77 21.13 -52.75
C THR E 79 4.77 20.03 -53.07
N TRP E 80 4.73 18.97 -52.26
CA TRP E 80 3.67 17.99 -52.50
C TRP E 80 2.32 18.55 -52.09
N LYS E 81 2.29 19.37 -51.02
CA LYS E 81 1.04 20.04 -50.70
C LYS E 81 0.66 21.07 -51.76
N LEU E 82 1.61 21.47 -52.61
CA LEU E 82 1.26 22.24 -53.78
C LEU E 82 0.79 21.34 -54.90
N ALA E 83 1.46 20.21 -55.11
CA ALA E 83 1.27 19.44 -56.33
C ALA E 83 1.28 17.94 -56.08
N HIS E 84 0.58 17.48 -55.04
CA HIS E 84 0.22 16.07 -54.98
C HIS E 84 -1.14 15.92 -55.63
N GLY E 85 -1.18 15.38 -56.83
CA GLY E 85 -2.43 15.26 -57.53
C GLY E 85 -2.91 16.59 -58.06
N PHE E 86 -2.08 17.24 -58.86
CA PHE E 86 -2.45 18.54 -59.41
C PHE E 86 -3.48 18.41 -60.53
N PHE E 87 -3.52 17.26 -61.21
CA PHE E 87 -4.50 17.06 -62.27
C PHE E 87 -5.91 16.97 -61.70
N PHE E 88 -6.10 16.15 -60.67
CA PHE E 88 -7.45 15.84 -60.19
C PHE E 88 -7.81 16.61 -58.93
N ARG E 89 -7.37 17.86 -58.83
CA ARG E 89 -7.94 18.78 -57.87
C ARG E 89 -9.34 19.13 -58.33
N VAL E 90 -10.29 19.14 -57.41
CA VAL E 90 -11.61 19.71 -57.68
C VAL E 90 -11.42 21.20 -57.94
N ARG E 91 -12.02 21.70 -59.01
CA ARG E 91 -11.69 23.02 -59.55
C ARG E 91 -12.05 24.13 -58.57
N ASP E 92 -11.24 25.19 -58.63
CA ASP E 92 -11.23 26.29 -57.65
C ASP E 92 -11.03 25.76 -56.24
N THR E 93 -10.04 24.89 -56.07
CA THR E 93 -9.48 24.59 -54.77
C THR E 93 -7.97 24.72 -54.89
N ARG E 94 -7.45 24.47 -56.09
CA ARG E 94 -6.18 25.05 -56.46
C ARG E 94 -6.36 26.56 -56.51
N HIS E 95 -5.42 27.28 -55.92
CA HIS E 95 -5.77 28.61 -55.41
C HIS E 95 -5.49 29.73 -56.42
N SER E 96 -4.25 29.90 -56.85
CA SER E 96 -3.89 31.08 -57.62
C SER E 96 -2.72 30.75 -58.54
N TRP E 97 -2.22 31.77 -59.23
CA TRP E 97 -0.95 31.70 -59.94
C TRP E 97 0.17 32.42 -59.21
N LYS E 98 -0.16 33.49 -58.47
CA LYS E 98 0.86 34.27 -57.79
C LYS E 98 1.33 33.59 -56.52
N THR E 99 0.40 33.08 -55.71
CA THR E 99 0.76 32.51 -54.42
C THR E 99 1.48 31.18 -54.59
N THR E 100 1.09 30.39 -55.59
CA THR E 100 1.77 29.13 -55.86
C THR E 100 3.19 29.33 -56.36
N CYS E 101 3.49 30.48 -56.97
CA CYS E 101 4.88 30.78 -57.33
C CYS E 101 5.69 31.20 -56.12
N VAL E 102 5.05 31.85 -55.14
CA VAL E 102 5.74 32.19 -53.89
C VAL E 102 6.09 30.92 -53.13
N SER E 103 5.15 29.96 -53.07
CA SER E 103 5.47 28.68 -52.44
C SER E 103 6.49 27.89 -53.26
N TRP E 104 6.48 28.06 -54.58
CA TRP E 104 7.43 27.38 -55.44
C TRP E 104 8.85 27.90 -55.22
N ILE E 105 8.99 29.23 -55.11
CA ILE E 105 10.29 29.81 -54.82
C ILE E 105 10.73 29.47 -53.41
N GLU E 106 9.78 29.34 -52.48
CA GLU E 106 10.10 28.90 -51.13
C GLU E 106 10.68 27.50 -51.11
N VAL E 107 10.05 26.56 -51.81
CA VAL E 107 10.55 25.20 -51.79
C VAL E 107 11.81 25.08 -52.63
N LEU E 108 11.98 25.94 -53.65
CA LEU E 108 13.23 25.97 -54.40
C LEU E 108 14.40 26.45 -53.54
N ILE E 109 14.19 27.46 -52.70
CA ILE E 109 15.28 27.95 -51.87
C ILE E 109 15.58 26.97 -50.73
N GLN E 110 14.53 26.44 -50.09
CA GLN E 110 14.73 25.45 -49.04
C GLN E 110 15.36 24.17 -49.58
N SER E 111 15.10 23.87 -50.86
CA SER E 111 15.82 22.79 -51.52
C SER E 111 17.27 23.17 -51.76
N SER E 112 17.49 24.33 -52.39
CA SER E 112 18.79 24.76 -52.88
C SER E 112 19.76 25.18 -51.77
N VAL E 113 19.34 25.13 -50.51
CA VAL E 113 20.29 25.25 -49.41
C VAL E 113 21.40 24.21 -49.53
N ALA E 114 21.04 22.93 -49.58
CA ALA E 114 22.03 21.85 -49.57
C ALA E 114 22.93 21.73 -50.81
N PRO E 115 22.49 21.95 -52.05
CA PRO E 115 23.46 21.91 -53.16
C PRO E 115 24.44 23.07 -53.16
N ILE E 116 24.03 24.27 -52.74
CA ILE E 116 24.97 25.38 -52.61
C ILE E 116 26.00 25.07 -51.53
N ALA E 117 25.57 24.43 -50.44
CA ALA E 117 26.50 24.01 -49.39
C ALA E 117 27.47 22.95 -49.91
N TRP E 118 26.99 22.00 -50.71
CA TRP E 118 27.88 20.97 -51.24
C TRP E 118 28.85 21.55 -52.26
N LEU E 119 28.37 22.46 -53.11
CA LEU E 119 29.21 23.14 -54.08
C LEU E 119 30.30 23.95 -53.39
N PHE E 120 29.95 24.63 -52.30
CA PHE E 120 30.95 25.34 -51.50
C PHE E 120 31.92 24.39 -50.83
N VAL E 121 31.46 23.21 -50.41
CA VAL E 121 32.37 22.24 -49.79
C VAL E 121 33.41 21.75 -50.80
N VAL E 122 32.98 21.44 -52.02
CA VAL E 122 33.94 20.86 -52.95
C VAL E 122 34.82 21.95 -53.58
N PHE E 123 34.25 23.12 -53.89
CA PHE E 123 35.07 24.24 -54.30
C PHE E 123 36.03 24.70 -53.19
N LEU E 124 35.62 24.54 -51.93
CA LEU E 124 36.49 24.88 -50.81
C LEU E 124 37.60 23.85 -50.65
N ASP E 125 37.39 22.63 -51.09
CA ASP E 125 38.49 21.71 -51.26
C ASP E 125 39.30 22.15 -52.47
N GLY E 126 40.59 21.86 -52.43
CA GLY E 126 41.34 21.96 -53.67
C GLY E 126 41.15 20.64 -54.37
N GLY E 127 40.15 20.60 -55.23
CA GLY E 127 39.67 19.36 -55.77
C GLY E 127 39.40 19.44 -57.25
N TYR E 128 38.16 19.15 -57.60
CA TYR E 128 37.74 19.00 -58.99
C TYR E 128 37.72 20.31 -59.76
N TYR E 129 38.00 21.44 -59.13
CA TYR E 129 38.26 22.63 -59.91
C TYR E 129 39.70 22.67 -60.43
N ARG E 130 40.67 22.10 -59.68
CA ARG E 130 42.01 21.98 -60.27
C ARG E 130 42.00 20.94 -61.38
N CYS E 131 41.08 19.99 -61.30
CA CYS E 131 40.89 18.94 -62.28
C CYS E 131 40.12 19.45 -63.49
N TYR E 132 39.84 20.76 -63.55
CA TYR E 132 39.11 21.41 -64.62
C TYR E 132 40.00 22.35 -65.42
N ARG E 133 40.61 23.32 -64.77
CA ARG E 133 41.52 24.18 -65.50
C ARG E 133 42.97 23.67 -65.44
N SER E 134 43.23 22.53 -64.78
CA SER E 134 44.46 21.81 -65.08
C SER E 134 44.43 21.29 -66.49
N HIS E 135 43.27 20.80 -66.92
CA HIS E 135 43.00 20.59 -68.33
C HIS E 135 43.11 21.90 -69.09
N GLU E 136 42.20 22.84 -68.78
CA GLU E 136 42.03 24.05 -69.61
C GLU E 136 43.25 24.95 -69.69
N PHE E 137 44.26 24.74 -68.85
CA PHE E 137 45.49 25.51 -68.94
C PHE E 137 46.51 24.83 -69.85
N CYS E 138 46.52 23.50 -69.89
CA CYS E 138 47.64 22.68 -70.32
C CYS E 138 47.93 22.74 -71.83
N LEU E 139 47.15 23.48 -72.63
CA LEU E 139 47.35 23.63 -74.08
C LEU E 139 47.30 22.27 -74.79
N ILE E 140 46.09 21.71 -74.85
CA ILE E 140 45.95 20.27 -74.89
C ILE E 140 45.59 19.75 -76.28
N SER E 141 45.67 20.58 -77.32
CA SER E 141 45.21 20.16 -78.64
C SER E 141 46.15 19.13 -79.25
N ASP E 142 47.41 19.11 -78.81
CA ASP E 142 48.26 17.99 -79.17
C ASP E 142 47.86 16.71 -78.46
N ALA E 143 47.21 16.78 -77.29
CA ALA E 143 46.70 15.56 -76.68
C ALA E 143 45.41 15.09 -77.36
N ILE E 144 44.69 15.99 -78.04
CA ILE E 144 43.67 15.56 -78.97
C ILE E 144 44.29 14.70 -80.07
N LEU E 145 45.43 15.15 -80.61
CA LEU E 145 46.14 14.37 -81.61
C LEU E 145 46.72 13.09 -81.01
N CYS E 146 47.17 13.14 -79.76
CA CYS E 146 47.69 11.98 -79.07
C CYS E 146 46.61 10.94 -78.80
N LYS E 147 45.36 11.37 -78.60
CA LYS E 147 44.27 10.43 -78.36
C LYS E 147 43.41 10.20 -79.60
N ASN E 148 43.80 10.74 -80.75
CA ASN E 148 43.22 10.24 -81.99
C ASN E 148 43.72 8.84 -82.28
N SER E 149 44.93 8.51 -81.85
CA SER E 149 45.47 7.16 -81.95
C SER E 149 46.40 6.95 -80.76
N THR E 150 46.08 5.96 -79.93
CA THR E 150 46.76 5.74 -78.65
C THR E 150 48.21 5.28 -78.79
N ILE E 151 48.66 4.93 -80.00
CA ILE E 151 50.07 4.75 -80.26
C ILE E 151 50.83 6.05 -80.01
N LEU E 152 50.20 7.18 -80.35
CA LEU E 152 50.79 8.48 -80.04
C LEU E 152 50.79 8.76 -78.53
N ASN E 153 49.78 8.25 -77.80
CA ASN E 153 49.81 8.33 -76.34
C ASN E 153 50.98 7.55 -75.77
N SER E 154 51.21 6.34 -76.30
CA SER E 154 52.29 5.49 -75.80
C SER E 154 53.65 6.09 -76.11
N TYR E 155 53.86 6.57 -77.34
CA TYR E 155 55.15 7.18 -77.67
C TYR E 155 55.28 8.62 -77.21
N ALA E 156 54.21 9.24 -76.69
CA ALA E 156 54.33 10.51 -76.02
C ALA E 156 54.63 10.35 -74.54
N SER E 157 54.19 9.25 -73.93
CA SER E 157 54.54 8.98 -72.55
C SER E 157 55.92 8.36 -72.43
N THR E 158 56.27 7.44 -73.32
CA THR E 158 57.50 6.64 -73.19
C THR E 158 58.68 7.22 -73.96
N SER E 159 58.53 7.37 -75.28
CA SER E 159 59.68 7.75 -76.12
C SER E 159 60.04 9.21 -75.91
N SER E 160 59.14 10.12 -76.26
CA SER E 160 59.31 11.49 -75.83
C SER E 160 58.89 11.61 -74.37
N PHE E 161 59.41 12.64 -73.70
CA PHE E 161 59.15 12.79 -72.29
C PHE E 161 57.84 13.56 -72.07
N ASN E 162 57.55 13.88 -70.81
CA ASN E 162 56.30 14.54 -70.43
C ASN E 162 56.55 15.94 -69.90
N LYS E 163 57.43 16.10 -68.92
CA LYS E 163 57.74 17.42 -68.39
C LYS E 163 58.94 18.06 -69.08
N ILE E 164 59.78 17.27 -69.73
CA ILE E 164 60.77 17.84 -70.65
C ILE E 164 60.10 18.33 -71.92
N SER E 165 58.95 17.77 -72.27
CA SER E 165 58.14 18.22 -73.39
C SER E 165 57.15 19.31 -73.00
N ASP E 166 57.48 20.13 -72.00
CA ASP E 166 56.62 21.25 -71.60
C ASP E 166 56.83 22.49 -72.46
N ASN E 167 57.35 22.36 -73.68
CA ASN E 167 57.57 23.53 -74.53
C ASN E 167 56.30 23.94 -75.26
N GLY E 168 55.77 23.07 -76.10
CA GLY E 168 54.68 23.44 -76.99
C GLY E 168 53.29 23.12 -76.48
N LYS E 169 52.62 22.15 -77.11
CA LYS E 169 51.31 21.73 -76.67
C LYS E 169 51.35 20.29 -76.22
N TYR E 170 50.59 19.98 -75.16
CA TYR E 170 51.01 18.92 -74.25
C TYR E 170 50.17 17.66 -74.43
N CYS E 171 50.75 16.54 -74.01
CA CYS E 171 50.16 15.21 -74.04
C CYS E 171 50.30 14.64 -72.63
N PRO E 172 49.57 13.56 -72.29
CA PRO E 172 48.65 13.59 -71.10
C PRO E 172 49.24 14.11 -69.80
N PRO E 173 50.28 13.47 -69.18
CA PRO E 173 50.37 13.49 -67.70
C PRO E 173 50.52 14.86 -67.02
N CYS E 174 50.70 15.93 -67.78
CA CYS E 174 50.33 17.28 -67.32
C CYS E 174 48.89 17.34 -66.83
N ILE E 175 47.99 16.62 -67.50
CA ILE E 175 46.57 16.66 -67.16
C ILE E 175 46.31 16.04 -65.79
N CYS E 176 46.77 14.80 -65.59
CA CYS E 176 46.53 14.12 -64.32
C CYS E 176 47.32 14.73 -63.18
N VAL E 177 48.46 15.35 -63.45
CA VAL E 177 49.20 16.09 -62.43
C VAL E 177 49.91 17.29 -63.07
N PRO E 178 49.54 18.50 -62.67
CA PRO E 178 50.17 19.69 -63.25
C PRO E 178 51.43 20.08 -62.50
N ASN E 179 51.99 21.21 -62.90
CA ASN E 179 53.07 21.83 -62.14
C ASN E 179 52.52 22.28 -60.79
N PRO E 180 53.24 22.05 -59.69
CA PRO E 180 52.71 22.40 -58.36
C PRO E 180 52.56 23.90 -58.14
N THR E 181 53.32 24.73 -58.86
CA THR E 181 53.04 26.16 -58.88
C THR E 181 51.67 26.44 -59.46
N ASP E 182 51.41 25.88 -60.66
CA ASP E 182 50.10 25.96 -61.29
C ASP E 182 49.03 25.32 -60.43
N ALA E 183 49.34 24.18 -59.79
CA ALA E 183 48.36 23.47 -58.98
C ALA E 183 47.95 24.30 -57.77
N SER E 184 48.91 24.91 -57.09
CA SER E 184 48.58 25.75 -55.94
C SER E 184 47.89 27.04 -56.34
N TYR E 185 48.32 27.66 -57.46
CA TYR E 185 47.66 28.84 -58.01
C TYR E 185 46.19 28.56 -58.28
N LEU E 186 45.92 27.47 -58.98
CA LEU E 186 44.57 27.17 -59.39
C LEU E 186 43.75 26.63 -58.23
N GLU E 187 44.42 26.02 -57.25
CA GLU E 187 43.78 25.58 -56.02
C GLU E 187 43.24 26.76 -55.23
N ALA E 188 44.06 27.79 -55.04
CA ALA E 188 43.54 28.94 -54.33
C ALA E 188 42.63 29.80 -55.19
N GLU E 189 42.73 29.69 -56.53
CA GLU E 189 41.68 30.22 -57.39
C GLU E 189 40.34 29.54 -57.08
N SER E 190 40.37 28.23 -56.85
CA SER E 190 39.16 27.53 -56.44
C SER E 190 38.70 27.97 -55.07
N GLN E 191 39.63 28.28 -54.17
CA GLN E 191 39.26 28.75 -52.84
C GLN E 191 38.57 30.11 -52.90
N ILE E 192 39.06 31.02 -53.75
CA ILE E 192 38.43 32.33 -53.79
C ILE E 192 37.10 32.29 -54.54
N TYR E 193 36.98 31.43 -55.57
CA TYR E 193 35.65 31.21 -56.15
C TYR E 193 34.69 30.56 -55.16
N ALA E 194 35.20 29.68 -54.29
CA ALA E 194 34.39 29.06 -53.26
C ALA E 194 33.82 30.09 -52.31
N TRP E 195 34.69 30.97 -51.80
CA TRP E 195 34.19 31.92 -50.84
C TRP E 195 33.36 33.02 -51.51
N GLY E 196 33.63 33.32 -52.79
CA GLY E 196 32.78 34.26 -53.51
C GLY E 196 31.39 33.73 -53.72
N LEU E 197 31.28 32.44 -54.07
CA LEU E 197 29.96 31.81 -54.18
C LEU E 197 29.26 31.76 -52.84
N LEU E 198 29.99 31.43 -51.77
CA LEU E 198 29.36 31.32 -50.45
C LEU E 198 28.88 32.69 -49.97
N LEU E 199 29.68 33.73 -50.16
CA LEU E 199 29.30 35.05 -49.69
C LEU E 199 28.18 35.63 -50.55
N PHE E 200 28.18 35.35 -51.86
CA PHE E 200 27.09 35.80 -52.71
C PHE E 200 25.78 35.10 -52.34
N SER E 201 25.84 33.78 -52.11
CA SER E 201 24.66 33.04 -51.71
C SER E 201 24.17 33.47 -50.33
N GLY E 202 25.10 33.76 -49.41
CA GLY E 202 24.71 34.18 -48.08
C GLY E 202 24.04 35.54 -48.06
N VAL E 203 24.61 36.50 -48.80
CA VAL E 203 24.02 37.83 -48.90
C VAL E 203 22.67 37.78 -49.61
N ALA E 204 22.59 37.03 -50.71
CA ALA E 204 21.32 36.95 -51.44
C ALA E 204 20.26 36.21 -50.65
N ALA E 205 20.65 35.16 -49.91
CA ALA E 205 19.69 34.41 -49.12
C ALA E 205 19.21 35.22 -47.92
N PHE E 206 20.12 35.95 -47.27
CA PHE E 206 19.75 36.87 -46.21
C PHE E 206 18.78 37.92 -46.72
N LEU E 207 19.05 38.50 -47.89
CA LEU E 207 18.19 39.54 -48.43
C LEU E 207 16.82 38.98 -48.81
N VAL E 208 16.77 37.76 -49.35
CA VAL E 208 15.49 37.19 -49.74
C VAL E 208 14.67 36.76 -48.53
N ILE E 209 15.28 36.06 -47.57
CA ILE E 209 14.48 35.63 -46.42
C ILE E 209 14.28 36.76 -45.42
N THR E 210 14.93 37.91 -45.61
CA THR E 210 14.52 39.10 -44.89
C THR E 210 13.34 39.76 -45.59
N CYS E 211 13.41 39.89 -46.91
CA CYS E 211 12.33 40.50 -47.67
C CYS E 211 11.08 39.63 -47.75
N ASN E 212 11.14 38.38 -47.27
CA ASN E 212 9.93 37.62 -47.00
C ASN E 212 9.76 37.34 -45.50
N ARG E 213 10.45 38.09 -44.66
CA ARG E 213 10.09 38.26 -43.26
C ARG E 213 9.83 39.73 -42.92
N MET E 214 10.09 40.64 -43.84
CA MET E 214 9.79 42.05 -43.66
C MET E 214 8.60 42.49 -44.50
N CYS E 215 8.29 41.80 -45.58
CA CYS E 215 7.05 41.99 -46.31
C CYS E 215 5.97 41.03 -45.82
N ASP E 216 6.21 40.34 -44.72
CA ASP E 216 5.21 39.46 -44.13
C ASP E 216 4.07 40.29 -43.55
N LYS E 217 2.84 39.86 -43.81
CA LYS E 217 1.66 40.56 -43.28
C LYS E 217 1.60 40.46 -41.77
N TYR E 218 1.69 39.25 -41.25
CA TYR E 218 1.64 39.05 -39.81
C TYR E 218 2.94 39.54 -39.19
N THR E 219 2.94 39.68 -37.88
CA THR E 219 4.10 40.18 -37.17
C THR E 219 4.54 39.11 -36.18
N LEU E 220 5.67 39.35 -35.50
CA LEU E 220 6.55 38.27 -35.06
C LEU E 220 5.89 37.37 -34.01
N VAL E 221 5.09 37.94 -33.12
CA VAL E 221 4.36 37.09 -32.19
C VAL E 221 3.20 36.40 -32.90
N GLN E 222 2.54 37.11 -33.80
CA GLN E 222 1.46 36.48 -34.57
C GLN E 222 2.01 35.44 -35.53
N ARG E 223 3.21 35.68 -36.08
CA ARG E 223 3.82 34.69 -36.95
C ARG E 223 4.31 33.48 -36.18
N GLN E 224 4.86 33.68 -34.98
CA GLN E 224 5.23 32.54 -34.16
C GLN E 224 4.02 31.75 -33.70
N TYR E 225 2.88 32.42 -33.49
CA TYR E 225 1.69 31.66 -33.11
C TYR E 225 1.09 30.92 -34.29
N VAL E 226 1.10 31.52 -35.49
CA VAL E 226 0.63 30.81 -36.67
C VAL E 226 1.52 29.60 -36.95
N GLU E 227 2.84 29.74 -36.74
CA GLU E 227 3.72 28.61 -36.95
C GLU E 227 3.56 27.55 -35.86
N THR E 228 3.29 27.95 -34.62
CA THR E 228 3.03 26.96 -33.58
C THR E 228 1.72 26.25 -33.82
N TYR E 229 0.70 26.98 -34.27
CA TYR E 229 -0.58 26.36 -34.52
C TYR E 229 -0.53 25.44 -35.74
N LYS E 230 0.24 25.83 -36.76
CA LYS E 230 0.44 24.97 -37.92
C LYS E 230 1.19 23.70 -37.54
N ASN E 231 2.28 23.86 -36.78
CA ASN E 231 3.10 22.74 -36.34
C ASN E 231 2.41 21.89 -35.28
N VAL E 232 1.29 22.33 -34.72
CA VAL E 232 0.59 21.45 -33.78
C VAL E 232 -0.64 20.85 -34.46
N GLU E 233 -1.24 21.55 -35.42
CA GLU E 233 -2.39 20.91 -36.04
C GLU E 233 -1.98 19.89 -37.10
N THR E 234 -0.83 20.07 -37.77
CA THR E 234 -0.42 19.01 -38.69
C THR E 234 0.30 17.87 -37.99
N GLN E 235 0.23 17.81 -36.67
CA GLN E 235 0.56 16.63 -35.89
C GLN E 235 -0.64 16.08 -35.16
N LYS E 236 -1.50 16.97 -34.66
CA LYS E 236 -2.68 16.54 -33.91
C LYS E 236 -3.74 15.98 -34.85
N PHE E 237 -3.87 16.57 -36.04
CA PHE E 237 -4.70 16.02 -37.08
C PHE E 237 -4.22 14.64 -37.52
N ASP E 238 -2.91 14.44 -37.60
CA ASP E 238 -2.43 13.12 -37.96
C ASP E 238 -2.61 12.11 -36.85
N ALA E 239 -2.51 12.55 -35.59
CA ALA E 239 -2.78 11.62 -34.49
C ALA E 239 -4.25 11.24 -34.43
N VAL E 240 -5.14 12.19 -34.71
CA VAL E 240 -6.57 11.86 -34.73
C VAL E 240 -6.91 11.03 -35.95
N ALA E 241 -6.27 11.28 -37.10
CA ALA E 241 -6.47 10.43 -38.27
C ALA E 241 -5.97 9.02 -38.02
N LYS E 242 -4.86 8.87 -37.29
CA LYS E 242 -4.36 7.55 -36.98
C LYS E 242 -5.27 6.81 -36.02
N GLU E 243 -5.77 7.47 -34.98
CA GLU E 243 -6.63 6.74 -34.05
C GLU E 243 -8.02 6.51 -34.64
N HIS E 244 -8.46 7.36 -35.56
CA HIS E 244 -9.71 7.12 -36.26
C HIS E 244 -9.58 5.95 -37.22
N ALA E 245 -8.50 5.88 -37.99
CA ALA E 245 -8.28 4.72 -38.84
C ALA E 245 -8.01 3.47 -38.02
N SER E 246 -7.45 3.62 -36.81
CA SER E 246 -7.21 2.47 -35.97
C SER E 246 -8.50 1.91 -35.40
N GLN E 247 -9.44 2.78 -35.00
CA GLN E 247 -10.73 2.28 -34.54
C GLN E 247 -11.53 1.68 -35.69
N LEU E 248 -11.49 2.33 -36.86
CA LEU E 248 -12.23 1.79 -37.98
C LEU E 248 -11.52 0.62 -38.67
N ALA E 249 -10.29 0.31 -38.27
CA ALA E 249 -9.65 -0.93 -38.67
C ALA E 249 -9.82 -2.04 -37.65
N GLU E 250 -9.83 -1.70 -36.36
CA GLU E 250 -10.28 -2.60 -35.30
C GLU E 250 -11.66 -3.18 -35.60
N HIS E 251 -12.64 -2.29 -35.80
CA HIS E 251 -14.00 -2.75 -36.03
C HIS E 251 -14.14 -3.47 -37.36
N ASN E 252 -13.36 -3.10 -38.37
CA ASN E 252 -13.48 -3.81 -39.63
C ASN E 252 -12.66 -5.08 -39.67
N ALA E 253 -11.72 -5.28 -38.76
CA ALA E 253 -11.08 -6.57 -38.65
C ALA E 253 -11.93 -7.54 -37.83
N ARG E 254 -12.56 -7.04 -36.75
CA ARG E 254 -13.55 -7.84 -36.03
C ARG E 254 -14.76 -8.14 -36.90
N ALA E 255 -15.03 -7.28 -37.88
CA ALA E 255 -16.15 -7.49 -38.79
C ALA E 255 -15.93 -8.65 -39.73
N PHE E 256 -14.70 -9.07 -39.93
CA PHE E 256 -14.48 -10.16 -40.86
C PHE E 256 -14.34 -11.50 -40.15
N PHE E 257 -13.76 -11.51 -38.95
CA PHE E 257 -13.68 -12.76 -38.21
C PHE E 257 -14.82 -12.91 -37.24
N GLY E 258 -15.98 -12.42 -37.65
CA GLY E 258 -17.24 -12.76 -37.04
C GLY E 258 -18.24 -13.14 -38.11
N GLN E 259 -17.83 -13.86 -39.15
CA GLN E 259 -18.83 -14.31 -40.12
C GLN E 259 -18.99 -15.82 -40.16
N LYS E 260 -17.90 -16.56 -40.41
CA LYS E 260 -17.90 -18.00 -40.69
C LYS E 260 -18.88 -18.40 -41.80
N ASN E 278 -17.23 12.66 -45.97
CA ASN E 278 -15.97 13.15 -46.51
C ASN E 278 -15.93 13.01 -48.03
N PRO E 279 -16.44 14.01 -48.74
CA PRO E 279 -16.28 14.01 -50.21
C PRO E 279 -14.96 14.65 -50.61
N LEU E 280 -14.71 14.81 -51.91
CA LEU E 280 -13.46 15.44 -52.36
C LEU E 280 -13.37 16.90 -51.95
N PHE E 281 -14.50 17.58 -51.76
CA PHE E 281 -14.46 18.96 -51.29
C PHE E 281 -13.84 19.07 -49.90
N ALA E 282 -14.18 18.15 -49.00
CA ALA E 282 -13.58 18.21 -47.67
C ALA E 282 -12.12 17.79 -47.72
N ARG E 283 -11.80 16.78 -48.53
CA ARG E 283 -10.41 16.31 -48.60
C ARG E 283 -9.54 17.23 -49.45
N LEU E 284 -10.13 18.28 -50.02
CA LEU E 284 -9.37 19.27 -50.76
C LEU E 284 -9.30 20.63 -50.09
N ARG E 285 -10.35 21.04 -49.37
CA ARG E 285 -10.16 22.16 -48.45
C ARG E 285 -9.39 21.75 -47.20
N LEU E 286 -9.09 20.47 -47.03
CA LEU E 286 -8.25 20.03 -45.93
C LEU E 286 -6.76 20.07 -46.27
N ILE E 287 -6.37 20.89 -47.24
CA ILE E 287 -5.00 20.88 -47.73
C ILE E 287 -4.45 22.31 -47.86
N ALA E 288 -3.21 22.49 -47.39
CA ALA E 288 -2.52 23.76 -47.25
C ALA E 288 -2.04 24.33 -48.58
N ALA E 289 -1.04 25.20 -48.52
CA ALA E 289 -0.69 26.18 -49.55
C ALA E 289 -1.87 27.11 -49.76
N GLU E 290 -2.15 27.86 -48.71
CA GLU E 290 -3.36 28.64 -48.51
C GLU E 290 -3.08 30.13 -48.60
N LYS E 291 -4.16 30.89 -48.66
CA LYS E 291 -4.07 32.33 -48.44
C LYS E 291 -4.06 32.63 -46.94
N THR E 292 -3.31 33.67 -46.57
CA THR E 292 -3.20 34.07 -45.17
C THR E 292 -3.85 35.42 -44.96
N GLN E 293 -5.01 35.63 -45.59
CA GLN E 293 -5.66 36.93 -45.65
C GLN E 293 -6.75 37.12 -44.61
N GLN E 294 -7.21 36.06 -43.96
CA GLN E 294 -8.32 36.13 -43.03
C GLN E 294 -7.78 35.89 -41.62
N THR E 295 -8.63 36.14 -40.60
CA THR E 295 -8.27 35.87 -39.22
C THR E 295 -8.03 34.38 -39.00
N MET E 296 -8.69 33.52 -39.76
CA MET E 296 -8.37 32.10 -39.73
C MET E 296 -7.44 31.75 -40.89
N TYR E 297 -6.75 30.63 -40.74
CA TYR E 297 -5.63 30.26 -41.60
C TYR E 297 -5.40 28.77 -41.50
N THR E 298 -4.52 28.26 -42.39
CA THR E 298 -4.11 26.86 -42.49
C THR E 298 -5.34 26.00 -42.73
N PRO E 299 -5.82 25.93 -43.97
CA PRO E 299 -7.27 26.00 -44.25
C PRO E 299 -8.13 24.89 -43.71
N LEU E 300 -7.61 24.01 -42.86
CA LEU E 300 -8.48 23.20 -42.02
C LEU E 300 -9.43 24.10 -41.23
N GLN E 301 -8.88 25.17 -40.62
CA GLN E 301 -9.69 26.18 -39.95
C GLN E 301 -10.65 26.86 -40.91
N LEU E 302 -10.21 27.16 -42.13
CA LEU E 302 -11.06 27.95 -43.02
C LEU E 302 -12.19 27.10 -43.58
N TRP E 303 -11.90 25.82 -43.86
CA TRP E 303 -12.94 24.84 -44.17
C TRP E 303 -13.92 24.71 -43.02
N ASN E 304 -13.40 24.62 -41.79
CA ASN E 304 -14.26 24.42 -40.63
C ASN E 304 -15.16 25.61 -40.38
N ASP E 305 -14.65 26.81 -40.63
CA ASP E 305 -15.49 28.00 -40.54
C ASP E 305 -16.51 28.03 -41.68
N ASN E 306 -16.13 27.52 -42.85
CA ASN E 306 -17.03 27.57 -44.00
C ASN E 306 -18.17 26.58 -43.85
N LYS E 307 -17.84 25.29 -43.78
CA LYS E 307 -18.84 24.23 -43.67
C LYS E 307 -19.05 23.92 -42.19
N GLY E 308 -19.64 22.76 -41.88
CA GLY E 308 -20.11 22.42 -40.54
C GLY E 308 -19.04 22.42 -39.45
N TYR E 309 -19.52 22.26 -38.21
CA TYR E 309 -18.74 22.47 -36.96
C TYR E 309 -18.20 23.91 -36.96
N ARG E 310 -19.12 24.86 -36.74
CA ARG E 310 -18.82 26.28 -36.96
C ARG E 310 -17.71 26.81 -36.05
N ILE E 311 -17.78 26.58 -34.74
CA ILE E 311 -16.64 26.90 -33.88
C ILE E 311 -16.30 25.74 -32.95
N PRO E 312 -15.02 25.58 -32.57
CA PRO E 312 -14.54 24.77 -31.45
C PRO E 312 -14.55 25.52 -30.12
N MET F 1 49.76 25.26 -31.65
CA MET F 1 48.97 26.35 -31.08
C MET F 1 47.51 25.95 -30.93
N THR F 2 47.20 24.70 -31.28
CA THR F 2 45.82 24.24 -31.29
C THR F 2 45.30 23.93 -29.89
N THR F 3 46.04 23.11 -29.13
CA THR F 3 45.62 22.73 -27.78
C THR F 3 45.69 23.91 -26.82
N SER F 4 46.60 24.85 -27.09
CA SER F 4 46.67 26.09 -26.30
C SER F 4 45.38 26.89 -26.40
N ILE F 5 44.95 27.16 -27.64
CA ILE F 5 43.73 27.93 -27.84
C ILE F 5 42.49 27.08 -27.48
N ASN F 6 42.60 25.75 -27.48
CA ASN F 6 41.50 24.93 -26.95
C ASN F 6 41.39 25.06 -25.43
N SER F 7 42.53 25.20 -24.74
CA SER F 7 42.49 25.50 -23.31
C SER F 7 41.90 26.89 -23.06
N VAL F 8 42.21 27.84 -23.95
CA VAL F 8 41.59 29.16 -23.89
C VAL F 8 40.08 29.05 -24.14
N VAL F 9 39.66 28.12 -24.99
CA VAL F 9 38.23 27.85 -25.22
C VAL F 9 37.56 27.36 -23.95
N THR F 10 38.22 26.44 -23.22
CA THR F 10 37.67 25.96 -21.96
C THR F 10 37.57 27.09 -20.91
N VAL F 11 38.58 27.95 -20.88
CA VAL F 11 38.58 29.12 -19.99
C VAL F 11 37.41 30.05 -20.31
N PHE F 12 37.21 30.37 -21.58
CA PHE F 12 36.13 31.29 -21.90
C PHE F 12 34.77 30.60 -22.01
N GLN F 13 34.72 29.26 -22.01
CA GLN F 13 33.48 28.56 -21.68
C GLN F 13 33.10 28.81 -20.23
N ASN F 14 34.10 28.76 -19.33
CA ASN F 14 33.84 29.14 -17.94
C ASN F 14 33.42 30.61 -17.82
N VAL F 15 34.00 31.47 -18.66
CA VAL F 15 33.63 32.90 -18.64
C VAL F 15 32.19 33.11 -19.13
N PHE F 16 31.84 32.53 -20.28
CA PHE F 16 30.48 32.64 -20.81
C PHE F 16 29.48 31.74 -20.08
N THR F 17 29.91 30.96 -19.10
CA THR F 17 28.95 30.44 -18.13
C THR F 17 28.94 31.25 -16.83
N ASN F 18 29.89 32.17 -16.64
CA ASN F 18 29.80 33.04 -15.47
C ASN F 18 28.86 34.23 -15.71
N HIS F 19 29.22 35.13 -16.61
CA HIS F 19 28.50 36.41 -16.80
C HIS F 19 28.77 36.95 -18.19
N GLY F 20 28.43 38.21 -18.40
CA GLY F 20 28.60 38.93 -19.64
C GLY F 20 27.50 39.95 -19.80
N SER F 21 27.15 40.24 -21.06
CA SER F 21 25.99 41.09 -21.33
C SER F 21 24.73 40.24 -21.49
N THR F 22 24.72 39.36 -22.49
CA THR F 22 23.77 38.26 -22.58
C THR F 22 24.58 37.01 -22.90
N LEU F 23 23.88 35.87 -22.97
CA LEU F 23 24.54 34.59 -23.20
C LEU F 23 23.80 33.73 -24.22
N LEU F 24 23.08 34.34 -25.16
CA LEU F 24 22.33 33.58 -26.15
C LEU F 24 23.22 32.96 -27.23
N ASN F 25 24.44 33.47 -27.41
CA ASN F 25 25.33 32.99 -28.44
C ASN F 25 26.67 32.53 -27.87
N GLY F 26 26.79 32.43 -26.55
CA GLY F 26 28.04 31.99 -25.94
C GLY F 26 28.35 30.52 -26.12
N ILE F 27 27.35 29.72 -26.50
CA ILE F 27 27.59 28.31 -26.81
C ILE F 27 28.34 28.20 -28.14
N LEU F 28 27.93 28.97 -29.14
CA LEU F 28 28.44 28.79 -30.49
C LEU F 28 29.83 29.39 -30.69
N ILE F 29 30.15 30.47 -29.97
CA ILE F 29 31.42 31.18 -30.19
C ILE F 29 32.60 30.31 -29.75
N ALA F 30 32.47 29.67 -28.58
CA ALA F 30 33.51 28.79 -28.09
C ALA F 30 33.70 27.57 -28.99
N THR F 31 32.60 27.06 -29.57
CA THR F 31 32.73 25.95 -30.50
C THR F 31 33.41 26.38 -31.81
N THR F 32 33.13 27.62 -32.27
CA THR F 32 33.84 28.15 -33.43
C THR F 32 35.33 28.26 -33.18
N VAL F 33 35.72 28.77 -32.01
CA VAL F 33 37.15 28.93 -31.73
C VAL F 33 37.82 27.57 -31.53
N GLY F 34 37.16 26.66 -30.82
CA GLY F 34 37.74 25.36 -30.56
C GLY F 34 37.79 24.44 -31.77
N GLY F 35 36.92 24.67 -32.74
CA GLY F 35 36.98 23.89 -33.95
C GLY F 35 37.88 24.53 -35.00
N GLN F 36 37.93 25.85 -35.01
CA GLN F 36 38.70 26.50 -36.04
C GLN F 36 40.14 26.75 -35.62
N SER F 37 40.51 26.46 -34.37
CA SER F 37 41.91 26.21 -34.06
C SER F 37 42.42 24.98 -34.80
N LEU F 38 41.63 23.90 -34.80
CA LEU F 38 42.00 22.71 -35.56
C LEU F 38 41.84 22.91 -37.05
N VAL F 39 40.99 23.85 -37.49
CA VAL F 39 41.02 24.27 -38.89
C VAL F 39 42.35 24.96 -39.21
N ARG F 40 42.76 25.88 -38.33
CA ARG F 40 44.03 26.60 -38.52
C ARG F 40 45.25 25.71 -38.37
N LYS F 41 45.09 24.50 -37.84
CA LYS F 41 46.14 23.49 -37.97
C LYS F 41 46.42 23.15 -39.43
N LEU F 42 45.40 23.21 -40.30
CA LEU F 42 45.54 22.95 -41.74
C LEU F 42 44.95 24.12 -42.52
N THR F 43 45.75 25.15 -42.74
CA THR F 43 45.36 26.38 -43.43
C THR F 43 46.58 26.89 -44.19
N PHE F 44 46.54 28.19 -44.53
CA PHE F 44 47.48 28.90 -45.41
C PHE F 44 47.77 28.12 -46.69
N SER F 45 46.71 27.95 -47.49
CA SER F 45 46.88 27.47 -48.86
C SER F 45 47.75 28.43 -49.66
N CYS F 46 47.45 29.73 -49.58
CA CYS F 46 48.36 30.86 -49.76
C CYS F 46 49.04 30.87 -51.12
N PRO F 47 48.33 31.28 -52.18
CA PRO F 47 48.84 31.11 -53.54
C PRO F 47 50.08 31.93 -53.83
N CYS F 48 50.74 31.56 -54.92
CA CYS F 48 51.97 32.18 -55.37
C CYS F 48 51.75 33.32 -56.37
N ALA F 49 50.63 34.04 -56.30
CA ALA F 49 50.34 35.04 -57.32
C ALA F 49 50.31 36.46 -56.76
N TYR F 50 50.44 37.44 -57.67
CA TYR F 50 50.35 38.83 -57.26
C TYR F 50 48.91 39.21 -56.82
N PRO F 51 47.86 39.09 -57.69
CA PRO F 51 46.55 39.53 -57.16
C PRO F 51 45.90 38.48 -56.28
N LEU F 52 46.16 37.20 -56.57
CA LEU F 52 45.43 36.14 -55.90
C LEU F 52 45.92 35.90 -54.48
N ASN F 53 47.12 36.35 -54.13
CA ASN F 53 47.51 36.20 -52.73
C ASN F 53 46.79 37.21 -51.85
N ILE F 54 46.72 38.46 -52.29
CA ILE F 54 45.94 39.47 -51.59
C ILE F 54 44.47 39.11 -51.59
N TYR F 55 43.98 38.51 -52.67
CA TYR F 55 42.57 38.11 -52.70
C TYR F 55 42.30 36.95 -51.75
N HIS F 56 43.16 35.92 -51.76
CA HIS F 56 43.00 34.77 -50.89
C HIS F 56 43.29 35.10 -49.43
N SER F 57 43.96 36.21 -49.15
CA SER F 57 44.12 36.61 -47.76
C SER F 57 43.00 37.55 -47.31
N LEU F 58 42.69 38.56 -48.12
CA LEU F 58 41.72 39.57 -47.76
C LEU F 58 40.31 39.00 -47.73
N VAL F 59 39.96 38.15 -48.71
CA VAL F 59 38.66 37.49 -48.70
C VAL F 59 38.56 36.54 -47.52
N PHE F 60 39.60 35.76 -47.26
CA PHE F 60 39.56 34.80 -46.16
C PHE F 60 39.53 35.48 -44.79
N MET F 61 40.01 36.72 -44.69
CA MET F 61 39.85 37.45 -43.44
C MET F 61 38.48 38.11 -43.35
N PHE F 62 38.19 39.04 -44.27
CA PHE F 62 37.00 39.87 -44.14
C PHE F 62 35.75 39.22 -44.72
N GLY F 63 35.80 37.94 -45.05
CA GLY F 63 34.64 37.20 -45.49
C GLY F 63 33.88 36.51 -44.37
N PRO F 64 34.54 35.63 -43.61
CA PRO F 64 33.88 35.05 -42.43
C PRO F 64 33.48 36.05 -41.37
N THR F 65 34.12 37.22 -41.33
CA THR F 65 33.65 38.28 -40.44
C THR F 65 32.27 38.77 -40.87
N ALA F 66 32.09 39.03 -42.16
CA ALA F 66 30.78 39.43 -42.66
C ALA F 66 29.77 38.30 -42.53
N ALA F 67 30.21 37.06 -42.71
CA ALA F 67 29.31 35.91 -42.60
C ALA F 67 28.83 35.72 -41.17
N LEU F 68 29.75 35.75 -40.20
CA LEU F 68 29.35 35.64 -38.81
C LEU F 68 28.64 36.88 -38.31
N LEU F 69 28.87 38.05 -38.92
CA LEU F 69 28.09 39.22 -38.59
C LEU F 69 26.65 39.06 -39.05
N LEU F 70 26.47 38.52 -40.26
CA LEU F 70 25.13 38.27 -40.78
C LEU F 70 24.41 37.19 -39.97
N ILE F 71 25.13 36.15 -39.56
CA ILE F 71 24.55 35.12 -38.70
C ILE F 71 24.20 35.70 -37.34
N GLY F 72 25.06 36.55 -36.78
CA GLY F 72 24.77 37.17 -35.51
C GLY F 72 23.60 38.14 -35.55
N ILE F 73 23.34 38.73 -36.72
CA ILE F 73 22.10 39.47 -36.88
C ILE F 73 20.92 38.51 -36.90
N THR F 74 20.93 37.54 -37.82
CA THR F 74 19.73 36.78 -38.16
C THR F 74 19.32 35.83 -37.03
N VAL F 75 20.28 35.28 -36.30
CA VAL F 75 19.95 34.40 -35.19
C VAL F 75 19.38 35.21 -34.02
N ASN F 76 19.85 36.45 -33.86
CA ASN F 76 19.45 37.28 -32.72
C ASN F 76 17.98 37.66 -32.85
N SER F 77 17.22 37.42 -31.78
CA SER F 77 15.77 37.54 -31.84
C SER F 77 15.33 38.99 -31.94
N THR F 78 16.07 39.88 -31.27
CA THR F 78 15.57 41.23 -31.03
C THR F 78 15.44 42.04 -32.31
N THR F 79 16.33 41.80 -33.29
CA THR F 79 16.20 42.52 -34.55
C THR F 79 14.96 42.08 -35.31
N TRP F 80 14.54 40.82 -35.17
CA TRP F 80 13.28 40.45 -35.80
C TRP F 80 12.11 41.08 -35.06
N LYS F 81 12.21 41.20 -33.73
CA LYS F 81 11.19 41.94 -33.02
C LYS F 81 11.22 43.43 -33.36
N LEU F 82 12.31 43.91 -33.94
CA LEU F 82 12.31 45.24 -34.52
C LEU F 82 11.69 45.22 -35.91
N ALA F 83 12.03 44.23 -36.72
CA ALA F 83 11.75 44.29 -38.14
C ALA F 83 11.30 42.94 -38.70
N HIS F 84 10.41 42.24 -38.00
CA HIS F 84 9.66 41.17 -38.66
C HIS F 84 8.38 41.78 -39.18
N GLY F 85 8.30 41.97 -40.49
CA GLY F 85 7.13 42.60 -41.05
C GLY F 85 7.09 44.08 -40.79
N PHE F 86 8.15 44.78 -41.19
CA PHE F 86 8.21 46.22 -40.97
C PHE F 86 7.29 46.98 -41.91
N PHE F 87 6.99 46.41 -43.08
CA PHE F 87 6.09 47.08 -44.01
C PHE F 87 4.67 47.12 -43.48
N PHE F 88 4.15 46.00 -43.01
CA PHE F 88 2.73 45.88 -42.66
C PHE F 88 2.50 45.95 -41.16
N ARG F 89 3.28 46.78 -40.46
CA ARG F 89 2.89 47.20 -39.13
C ARG F 89 1.70 48.13 -39.23
N VAL F 90 0.71 47.94 -38.36
CA VAL F 90 -0.35 48.92 -38.22
C VAL F 90 0.27 50.20 -37.66
N ARG F 91 -0.07 51.32 -38.28
CA ARG F 91 0.67 52.58 -38.09
C ARG F 91 0.56 53.07 -36.66
N ASP F 92 1.64 53.73 -36.22
CA ASP F 92 1.87 54.10 -34.82
C ASP F 92 1.79 52.89 -33.89
N THR F 93 2.47 51.82 -34.28
CA THR F 93 2.81 50.74 -33.36
C THR F 93 4.30 50.48 -33.51
N ARG F 94 4.82 50.74 -34.70
CA ARG F 94 6.24 51.04 -34.81
C ARG F 94 6.49 52.33 -34.06
N HIS F 95 7.54 52.35 -33.25
CA HIS F 95 7.54 53.26 -32.11
C HIS F 95 8.22 54.60 -32.42
N SER F 96 9.48 54.60 -32.79
CA SER F 96 10.23 55.84 -32.86
C SER F 96 11.33 55.71 -33.90
N TRP F 97 12.17 56.75 -33.99
CA TRP F 97 13.43 56.68 -34.73
C TRP F 97 14.63 56.58 -33.81
N LYS F 98 14.55 57.15 -32.61
CA LYS F 98 15.69 57.14 -31.70
C LYS F 98 15.83 55.80 -31.00
N THR F 99 14.73 55.24 -30.50
CA THR F 99 14.80 54.01 -29.72
C THR F 99 15.13 52.81 -30.61
N THR F 100 14.61 52.81 -31.84
CA THR F 100 14.92 51.73 -32.77
C THR F 100 16.39 51.74 -33.20
N CYS F 101 17.06 52.90 -33.15
CA CYS F 101 18.49 52.93 -33.40
C CYS F 101 19.28 52.41 -32.21
N VAL F 102 18.77 52.60 -30.99
CA VAL F 102 19.40 52.05 -29.81
C VAL F 102 19.32 50.52 -29.84
N SER F 103 18.15 49.99 -30.20
CA SER F 103 18.02 48.55 -30.37
C SER F 103 18.85 48.04 -31.55
N TRP F 104 19.00 48.86 -32.59
CA TRP F 104 19.80 48.46 -33.74
C TRP F 104 21.28 48.37 -33.38
N ILE F 105 21.78 49.34 -32.61
CA ILE F 105 23.17 49.28 -32.16
C ILE F 105 23.36 48.16 -31.16
N GLU F 106 22.33 47.85 -30.37
CA GLU F 106 22.38 46.71 -29.46
C GLU F 106 22.54 45.39 -30.21
N VAL F 107 21.74 45.19 -31.26
CA VAL F 107 21.82 43.93 -31.98
C VAL F 107 23.07 43.89 -32.85
N LEU F 108 23.57 45.07 -33.27
CA LEU F 108 24.84 45.12 -34.00
C LEU F 108 26.01 44.73 -33.11
N ILE F 109 26.03 45.17 -31.85
CA ILE F 109 27.13 44.83 -30.97
C ILE F 109 27.04 43.37 -30.52
N GLN F 110 25.84 42.91 -30.17
CA GLN F 110 25.65 41.51 -29.80
C GLN F 110 25.93 40.57 -30.99
N SER F 111 25.71 41.05 -32.20
CA SER F 111 26.15 40.32 -33.38
C SER F 111 27.67 40.34 -33.50
N SER F 112 28.26 41.53 -33.45
CA SER F 112 29.67 41.75 -33.74
C SER F 112 30.61 41.25 -32.65
N VAL F 113 30.08 40.67 -31.57
CA VAL F 113 30.92 39.93 -30.62
C VAL F 113 31.70 38.83 -31.35
N ALA F 114 31.00 37.94 -32.04
CA ALA F 114 31.63 36.77 -32.66
C ALA F 114 32.57 37.04 -33.84
N PRO F 115 32.32 38.00 -34.76
CA PRO F 115 33.34 38.25 -35.79
C PRO F 115 34.60 38.90 -35.26
N ILE F 116 34.51 39.77 -34.25
CA ILE F 116 35.73 40.32 -33.64
C ILE F 116 36.52 39.23 -32.96
N ALA F 117 35.83 38.28 -32.33
CA ALA F 117 36.50 37.14 -31.73
C ALA F 117 37.17 36.27 -32.77
N TRP F 118 36.51 36.04 -33.91
CA TRP F 118 37.12 35.23 -34.97
C TRP F 118 38.30 35.93 -35.61
N LEU F 119 38.17 37.25 -35.82
CA LEU F 119 39.26 38.05 -36.36
C LEU F 119 40.47 38.04 -35.44
N PHE F 120 40.23 38.13 -34.13
CA PHE F 120 41.31 38.00 -33.16
C PHE F 120 41.91 36.60 -33.15
N VAL F 121 41.10 35.56 -33.36
CA VAL F 121 41.64 34.21 -33.40
C VAL F 121 42.58 34.03 -34.59
N VAL F 122 42.19 34.54 -35.75
CA VAL F 122 43.03 34.28 -36.92
C VAL F 122 44.23 35.21 -36.97
N PHE F 123 44.05 36.49 -36.59
CA PHE F 123 45.20 37.37 -36.41
C PHE F 123 46.13 36.89 -35.29
N LEU F 124 45.59 36.23 -34.27
CA LEU F 124 46.41 35.67 -33.20
C LEU F 124 47.18 34.45 -33.69
N ASP F 125 46.65 33.75 -34.68
CA ASP F 125 47.46 32.78 -35.38
C ASP F 125 48.48 33.52 -36.25
N GLY F 126 49.62 32.89 -36.45
CA GLY F 126 50.47 33.38 -37.52
C GLY F 126 49.98 32.74 -38.78
N GLY F 127 49.08 33.44 -39.46
CA GLY F 127 48.32 32.86 -40.53
C GLY F 127 48.21 33.76 -41.72
N TYR F 128 46.98 34.06 -42.10
CA TYR F 128 46.67 34.77 -43.32
C TYR F 128 47.10 36.23 -43.30
N TYR F 129 47.63 36.74 -42.19
CA TYR F 129 48.29 38.04 -42.27
C TYR F 129 49.71 37.91 -42.79
N ARG F 130 50.41 36.79 -42.53
CA ARG F 130 51.71 36.62 -43.18
C ARG F 130 51.50 36.34 -44.66
N CYS F 131 50.35 35.79 -45.01
CA CYS F 131 49.96 35.51 -46.39
C CYS F 131 49.47 36.77 -47.10
N TYR F 132 49.58 37.92 -46.45
CA TYR F 132 49.16 39.22 -46.98
C TYR F 132 50.35 40.13 -47.24
N ARG F 133 51.16 40.41 -46.23
CA ARG F 133 52.34 41.21 -46.48
C ARG F 133 53.56 40.35 -46.79
N SER F 134 53.43 39.02 -46.83
CA SER F 134 54.42 38.22 -47.55
C SER F 134 54.37 38.55 -49.03
N HIS F 135 53.18 38.71 -49.57
CA HIS F 135 52.99 39.34 -50.86
C HIS F 135 53.53 40.76 -50.82
N GLU F 136 52.90 41.63 -50.02
CA GLU F 136 53.14 43.07 -50.09
C GLU F 136 54.58 43.49 -49.77
N PHE F 137 55.41 42.59 -49.24
CA PHE F 137 56.82 42.91 -49.02
C PHE F 137 57.68 42.54 -50.21
N CYS F 138 57.30 41.47 -50.93
CA CYS F 138 58.18 40.71 -51.81
C CYS F 138 58.62 41.44 -53.08
N LEU F 139 58.15 42.68 -53.33
CA LEU F 139 58.52 43.50 -54.51
C LEU F 139 58.16 42.78 -55.80
N ILE F 140 56.85 42.70 -56.06
CA ILE F 140 56.29 41.60 -56.83
C ILE F 140 55.93 42.00 -58.26
N SER F 141 56.33 43.18 -58.72
CA SER F 141 55.89 43.65 -60.03
C SER F 141 56.56 42.86 -61.15
N ASP F 142 57.71 42.25 -60.87
CA ASP F 142 58.24 41.30 -61.83
C ASP F 142 57.43 40.01 -61.85
N ALA F 143 56.73 39.65 -60.77
CA ALA F 143 55.82 38.51 -60.85
C ALA F 143 54.54 38.84 -61.56
N ILE F 144 54.17 40.13 -61.63
CA ILE F 144 53.15 40.56 -62.58
C ILE F 144 53.60 40.26 -64.00
N LEU F 145 54.86 40.56 -64.31
CA LEU F 145 55.40 40.24 -65.62
C LEU F 145 55.54 38.73 -65.82
N CYS F 146 55.87 37.99 -64.75
CA CYS F 146 55.98 36.54 -64.81
C CYS F 146 54.63 35.89 -65.03
N LYS F 147 53.54 36.49 -64.54
CA LYS F 147 52.22 35.93 -64.74
C LYS F 147 51.43 36.62 -65.86
N ASN F 148 52.06 37.54 -66.59
CA ASN F 148 51.49 37.93 -67.87
C ASN F 148 51.59 36.81 -68.88
N SER F 149 52.61 35.96 -68.77
CA SER F 149 52.76 34.78 -69.59
C SER F 149 53.47 33.72 -68.76
N THR F 150 52.81 32.58 -68.53
CA THR F 150 53.28 31.56 -67.60
C THR F 150 54.55 30.84 -68.06
N ILE F 151 54.97 31.05 -69.31
CA ILE F 151 56.31 30.63 -69.74
C ILE F 151 57.38 31.34 -68.90
N LEU F 152 57.13 32.60 -68.56
CA LEU F 152 58.03 33.32 -67.66
C LEU F 152 57.97 32.78 -66.24
N ASN F 153 56.80 32.29 -65.81
CA ASN F 153 56.72 31.59 -64.52
C ASN F 153 57.57 30.32 -64.52
N SER F 154 57.49 29.55 -65.61
CA SER F 154 58.24 28.30 -65.71
C SER F 154 59.74 28.54 -65.76
N TYR F 155 60.18 29.52 -66.57
CA TYR F 155 61.61 29.81 -66.64
C TYR F 155 62.10 30.69 -65.51
N ALA F 156 61.21 31.23 -64.67
CA ALA F 156 61.63 31.89 -63.45
C ALA F 156 61.74 30.91 -62.29
N SER F 157 60.94 29.84 -62.31
CA SER F 157 61.08 28.80 -61.29
C SER F 157 62.21 27.84 -61.61
N THR F 158 62.36 27.45 -62.87
CA THR F 158 63.30 26.39 -63.26
C THR F 158 64.65 26.91 -63.72
N SER F 159 64.68 27.75 -64.75
CA SER F 159 65.95 28.16 -65.35
C SER F 159 66.70 29.13 -64.44
N SER F 160 66.13 30.30 -64.21
CA SER F 160 66.64 31.14 -63.14
C SER F 160 66.15 30.60 -61.81
N PHE F 161 66.87 30.95 -60.74
CA PHE F 161 66.53 30.42 -59.43
C PHE F 161 65.48 31.30 -58.76
N ASN F 162 65.19 30.99 -57.50
CA ASN F 162 64.15 31.70 -56.75
C ASN F 162 64.74 32.49 -55.59
N LYS F 163 65.53 31.85 -54.73
CA LYS F 163 66.15 32.56 -53.61
C LYS F 163 67.55 33.08 -53.97
N ILE F 164 68.19 32.54 -54.99
CA ILE F 164 69.38 33.17 -55.55
C ILE F 164 68.99 34.42 -56.33
N SER F 165 67.76 34.48 -56.84
CA SER F 165 67.22 35.66 -57.51
C SER F 165 66.55 36.62 -56.54
N ASP F 166 67.00 36.67 -55.29
CA ASP F 166 66.47 37.63 -54.31
C ASP F 166 67.08 39.01 -54.42
N ASN F 167 67.67 39.38 -55.56
CA ASN F 167 68.28 40.69 -55.69
C ASN F 167 67.25 41.77 -56.00
N GLY F 168 66.57 41.66 -57.14
CA GLY F 168 65.71 42.73 -57.62
C GLY F 168 64.25 42.60 -57.25
N LYS F 169 63.41 42.33 -58.24
CA LYS F 169 61.98 42.15 -57.98
C LYS F 169 61.58 40.73 -58.34
N TYR F 170 60.67 40.16 -57.56
CA TYR F 170 60.69 38.72 -57.35
C TYR F 170 59.53 38.04 -58.09
N CYS F 171 59.74 36.75 -58.37
CA CYS F 171 58.80 35.87 -59.03
C CYS F 171 58.64 34.64 -58.12
N PRO F 172 57.60 33.79 -58.34
CA PRO F 172 56.63 33.48 -57.24
C PRO F 172 57.23 33.05 -55.91
N PRO F 173 57.99 31.93 -55.78
CA PRO F 173 57.94 31.15 -54.51
C PRO F 173 58.41 31.86 -53.24
N CYS F 174 58.95 33.08 -53.34
CA CYS F 174 58.95 34.02 -52.23
C CYS F 174 57.55 34.25 -51.67
N ILE F 175 56.54 34.26 -52.55
CA ILE F 175 55.17 34.54 -52.15
C ILE F 175 54.62 33.40 -51.28
N CYS F 176 54.69 32.17 -51.78
CA CYS F 176 54.15 31.04 -51.03
C CYS F 176 54.99 30.70 -49.79
N VAL F 177 56.27 31.03 -49.80
CA VAL F 177 57.10 30.89 -48.60
C VAL F 177 58.16 31.98 -48.57
N PRO F 178 58.12 32.86 -47.58
CA PRO F 178 59.11 33.94 -47.50
C PRO F 178 60.36 33.49 -46.76
N ASN F 179 61.26 34.45 -46.56
CA ASN F 179 62.39 34.25 -45.66
C ASN F 179 61.87 34.08 -44.24
N PRO F 180 62.39 33.12 -43.47
CA PRO F 180 61.87 32.88 -42.12
C PRO F 180 62.13 34.01 -41.14
N THR F 181 63.16 34.84 -41.38
CA THR F 181 63.31 36.08 -40.65
C THR F 181 62.12 37.01 -40.90
N ASP F 182 61.82 37.25 -42.18
CA ASP F 182 60.65 38.02 -42.59
C ASP F 182 59.36 37.36 -42.11
N ALA F 183 59.29 36.03 -42.18
CA ALA F 183 58.08 35.32 -41.78
C ALA F 183 57.80 35.48 -40.29
N SER F 184 58.85 35.35 -39.46
CA SER F 184 58.66 35.52 -38.02
C SER F 184 58.41 36.98 -37.65
N TYR F 185 59.09 37.93 -38.31
CA TYR F 185 58.84 39.34 -38.12
C TYR F 185 57.39 39.70 -38.40
N LEU F 186 56.88 39.26 -39.53
CA LEU F 186 55.54 39.62 -39.94
C LEU F 186 54.50 38.82 -39.17
N GLU F 187 54.89 37.63 -38.70
CA GLU F 187 54.05 36.82 -37.83
C GLU F 187 53.79 37.53 -36.51
N ALA F 188 54.85 38.02 -35.88
CA ALA F 188 54.62 38.74 -34.64
C ALA F 188 54.06 40.13 -34.86
N GLU F 189 54.25 40.70 -36.06
CA GLU F 189 53.47 41.88 -36.44
C GLU F 189 51.98 41.56 -36.43
N SER F 190 51.61 40.38 -36.92
CA SER F 190 50.21 39.95 -36.85
C SER F 190 49.77 39.73 -35.40
N GLN F 191 50.68 39.25 -34.55
CA GLN F 191 50.33 39.05 -33.14
C GLN F 191 50.07 40.38 -32.44
N ILE F 192 50.87 41.40 -32.74
CA ILE F 192 50.65 42.67 -32.05
C ILE F 192 49.44 43.41 -32.61
N TYR F 193 49.16 43.28 -33.91
CA TYR F 193 47.88 43.79 -34.44
C TYR F 193 46.69 43.03 -33.86
N ALA F 194 46.86 41.72 -33.60
CA ALA F 194 45.81 40.92 -32.98
C ALA F 194 45.49 41.43 -31.59
N TRP F 195 46.51 41.64 -30.78
CA TRP F 195 46.22 42.06 -29.42
C TRP F 195 45.80 43.52 -29.37
N GLY F 196 46.26 44.34 -30.33
CA GLY F 196 45.78 45.71 -30.40
C GLY F 196 44.31 45.80 -30.74
N LEU F 197 43.87 44.96 -31.70
CA LEU F 197 42.45 44.90 -32.02
C LEU F 197 41.63 44.37 -30.85
N LEU F 198 42.16 43.33 -30.17
CA LEU F 198 41.41 42.76 -29.05
C LEU F 198 41.28 43.75 -27.89
N LEU F 199 42.36 44.46 -27.58
CA LEU F 199 42.34 45.40 -26.48
C LEU F 199 41.51 46.63 -26.81
N PHE F 200 41.54 47.08 -28.08
CA PHE F 200 40.70 48.19 -28.50
C PHE F 200 39.22 47.81 -28.45
N SER F 201 38.89 46.62 -28.94
CA SER F 201 37.51 46.15 -28.89
C SER F 201 37.06 45.92 -27.46
N GLY F 202 37.94 45.42 -26.60
CA GLY F 202 37.56 45.19 -25.22
C GLY F 202 37.31 46.47 -24.45
N VAL F 203 38.19 47.46 -24.63
CA VAL F 203 38.01 48.75 -23.97
C VAL F 203 36.77 49.48 -24.50
N ALA F 204 36.58 49.45 -25.82
CA ALA F 204 35.42 50.13 -26.40
C ALA F 204 34.12 49.43 -26.03
N ALA F 205 34.13 48.09 -25.97
CA ALA F 205 32.92 47.36 -25.62
C ALA F 205 32.59 47.53 -24.13
N PHE F 206 33.62 47.53 -23.27
CA PHE F 206 33.42 47.84 -21.86
C PHE F 206 32.84 49.23 -21.68
N LEU F 207 33.37 50.22 -22.40
CA LEU F 207 32.89 51.58 -22.27
C LEU F 207 31.45 51.72 -22.78
N VAL F 208 31.11 51.03 -23.86
CA VAL F 208 29.76 51.13 -24.41
C VAL F 208 28.76 50.40 -23.52
N ILE F 209 29.05 49.16 -23.12
CA ILE F 209 28.07 48.46 -22.29
C ILE F 209 28.10 48.91 -20.85
N THR F 210 29.07 49.75 -20.47
CA THR F 210 28.94 50.46 -19.20
C THR F 210 28.07 51.70 -19.37
N CYS F 211 28.29 52.47 -20.44
CA CYS F 211 27.50 53.66 -20.70
C CYS F 211 26.07 53.36 -21.12
N ASN F 212 25.72 52.09 -21.35
CA ASN F 212 24.33 51.67 -21.42
C ASN F 212 23.96 50.73 -20.29
N ARG F 213 24.76 50.70 -19.22
CA ARG F 213 24.32 50.24 -17.92
C ARG F 213 24.47 51.31 -16.86
N MET F 214 25.06 52.45 -17.19
CA MET F 214 25.16 53.58 -16.28
C MET F 214 24.23 54.72 -16.67
N CYS F 215 23.83 54.80 -17.94
CA CYS F 215 22.76 55.69 -18.38
C CYS F 215 21.40 54.97 -18.37
N ASP F 216 21.35 53.77 -17.80
CA ASP F 216 20.09 53.05 -17.68
C ASP F 216 19.18 53.75 -16.67
N LYS F 217 17.91 53.90 -17.03
CA LYS F 217 16.94 54.53 -16.13
C LYS F 217 16.72 53.69 -14.89
N TYR F 218 16.40 52.41 -15.07
CA TYR F 218 16.18 51.53 -13.95
C TYR F 218 17.51 51.23 -13.26
N THR F 219 17.42 50.68 -12.07
CA THR F 219 18.60 50.38 -11.29
C THR F 219 18.64 48.88 -11.03
N LEU F 220 19.73 48.39 -10.41
CA LEU F 220 20.22 47.03 -10.66
C LEU F 220 19.25 45.97 -10.17
N VAL F 221 18.56 46.20 -9.07
CA VAL F 221 17.54 45.25 -8.66
C VAL F 221 16.30 45.38 -9.53
N GLN F 222 15.94 46.61 -9.89
CA GLN F 222 14.81 46.82 -10.80
C GLN F 222 15.13 46.31 -12.19
N ARG F 223 16.38 46.42 -12.62
CA ARG F 223 16.76 45.91 -13.92
C ARG F 223 16.82 44.40 -13.92
N GLN F 224 17.30 43.78 -12.83
CA GLN F 224 17.25 42.33 -12.75
C GLN F 224 15.83 41.82 -12.68
N TYR F 225 14.91 42.57 -12.07
CA TYR F 225 13.53 42.10 -12.05
C TYR F 225 12.86 42.29 -13.40
N VAL F 226 13.14 43.38 -14.11
CA VAL F 226 12.59 43.55 -15.45
C VAL F 226 13.13 42.47 -16.38
N GLU F 227 14.41 42.09 -16.23
CA GLU F 227 14.95 41.02 -17.05
C GLU F 227 14.39 39.65 -16.66
N THR F 228 14.14 39.43 -15.37
CA THR F 228 13.52 38.16 -14.97
C THR F 228 12.08 38.09 -15.46
N TYR F 229 11.36 39.20 -15.39
CA TYR F 229 9.98 39.21 -15.84
C TYR F 229 9.88 39.07 -17.35
N LYS F 230 10.81 39.68 -18.07
CA LYS F 230 10.87 39.53 -19.52
C LYS F 230 11.20 38.09 -19.90
N ASN F 231 12.21 37.52 -19.26
CA ASN F 231 12.63 36.15 -19.52
C ASN F 231 11.63 35.11 -19.01
N VAL F 232 10.64 35.50 -18.23
CA VAL F 232 9.64 34.53 -17.82
C VAL F 232 8.36 34.74 -18.61
N GLU F 233 8.07 35.97 -19.03
CA GLU F 233 6.84 36.11 -19.81
C GLU F 233 7.04 35.71 -21.26
N THR F 234 8.24 35.86 -21.84
CA THR F 234 8.42 35.36 -23.19
C THR F 234 8.71 33.88 -23.23
N GLN F 235 8.52 33.17 -22.14
CA GLN F 235 8.43 31.72 -22.11
C GLN F 235 7.06 31.25 -21.67
N LYS F 236 6.44 31.96 -20.72
CA LYS F 236 5.13 31.55 -20.24
C LYS F 236 4.04 31.90 -21.23
N PHE F 237 4.21 33.02 -21.93
CA PHE F 237 3.34 33.36 -23.06
C PHE F 237 3.45 32.33 -24.17
N ASP F 238 4.65 31.82 -24.44
CA ASP F 238 4.77 30.82 -25.47
C ASP F 238 4.20 29.48 -25.02
N ALA F 239 4.31 29.16 -23.74
CA ALA F 239 3.69 27.92 -23.25
C ALA F 239 2.17 28.00 -23.29
N VAL F 240 1.61 29.17 -22.98
CA VAL F 240 0.17 29.33 -23.05
C VAL F 240 -0.29 29.38 -24.51
N ALA F 241 0.50 29.98 -25.40
CA ALA F 241 0.17 29.96 -26.82
C ALA F 241 0.23 28.55 -27.38
N LYS F 242 1.17 27.74 -26.91
CA LYS F 242 1.26 26.36 -27.36
C LYS F 242 0.09 25.53 -26.86
N GLU F 243 -0.30 25.68 -25.59
CA GLU F 243 -1.40 24.86 -25.12
C GLU F 243 -2.74 25.37 -25.63
N HIS F 244 -2.84 26.66 -25.95
CA HIS F 244 -4.04 27.19 -26.58
C HIS F 244 -4.18 26.70 -28.02
N ALA F 245 -3.08 26.73 -28.78
CA ALA F 245 -3.12 26.16 -30.12
C ALA F 245 -3.30 24.66 -30.08
N SER F 246 -2.84 24.00 -29.02
CA SER F 246 -3.01 22.56 -28.92
C SER F 246 -4.44 22.19 -28.61
N GLN F 247 -5.13 22.96 -27.76
CA GLN F 247 -6.54 22.69 -27.54
C GLN F 247 -7.37 23.03 -28.77
N LEU F 248 -7.05 24.14 -29.44
CA LEU F 248 -7.81 24.50 -30.62
C LEU F 248 -7.40 23.69 -31.85
N ALA F 249 -6.34 22.89 -31.77
CA ALA F 249 -6.05 21.90 -32.79
C ALA F 249 -6.63 20.54 -32.49
N GLU F 250 -6.65 20.14 -31.21
CA GLU F 250 -7.43 19.00 -30.74
C GLU F 250 -8.88 19.09 -31.19
N HIS F 251 -9.55 20.20 -30.84
CA HIS F 251 -10.96 20.34 -31.17
C HIS F 251 -11.18 20.48 -32.66
N ASN F 252 -10.23 21.07 -33.38
CA ASN F 252 -10.44 21.18 -34.81
C ASN F 252 -10.02 19.94 -35.58
N ALA F 253 -9.26 19.04 -34.97
CA ALA F 253 -9.03 17.75 -35.59
C ALA F 253 -10.18 16.79 -35.32
N ARG F 254 -10.74 16.84 -34.11
CA ARG F 254 -11.97 16.10 -33.83
C ARG F 254 -13.14 16.65 -34.64
N ALA F 255 -13.07 17.92 -35.01
CA ALA F 255 -14.12 18.55 -35.81
C ALA F 255 -14.15 18.03 -37.23
N PHE F 256 -13.06 17.43 -37.70
CA PHE F 256 -13.08 16.97 -39.08
C PHE F 256 -13.39 15.49 -39.18
N PHE F 257 -12.95 14.69 -38.20
CA PHE F 257 -13.29 13.28 -38.22
C PHE F 257 -14.52 12.99 -37.38
N GLY F 258 -15.45 13.92 -37.39
CA GLY F 258 -16.80 13.71 -36.96
C GLY F 258 -17.77 14.23 -37.99
N GLN F 259 -17.49 14.07 -39.29
CA GLN F 259 -18.48 14.49 -40.27
C GLN F 259 -19.06 13.34 -41.07
N LYS F 260 -18.22 12.56 -41.74
CA LYS F 260 -18.60 11.53 -42.73
C LYS F 260 -19.54 12.06 -43.81
N ASN F 278 -8.78 38.82 -31.45
CA ASN F 278 -7.38 39.14 -31.75
C ASN F 278 -7.26 39.80 -33.11
N PRO F 279 -7.39 41.11 -33.17
CA PRO F 279 -7.10 41.82 -34.44
C PRO F 279 -5.63 42.17 -34.54
N LEU F 280 -5.22 42.88 -35.60
CA LEU F 280 -3.82 43.27 -35.73
C LEU F 280 -3.35 44.22 -34.64
N PHE F 281 -4.25 44.98 -34.05
CA PHE F 281 -3.86 45.84 -32.93
C PHE F 281 -3.37 45.04 -31.74
N ALA F 282 -4.03 43.94 -31.42
CA ALA F 282 -3.57 43.13 -30.30
C ALA F 282 -2.28 42.39 -30.66
N ARG F 283 -2.19 41.90 -31.90
CA ARG F 283 -0.99 41.15 -32.30
C ARG F 283 0.17 42.09 -32.63
N LEU F 284 -0.03 43.40 -32.52
CA LEU F 284 1.05 44.35 -32.70
C LEU F 284 1.42 45.09 -31.43
N ARG F 285 0.48 45.36 -30.53
CA ARG F 285 0.89 45.73 -29.18
C ARG F 285 1.41 44.55 -28.38
N LEU F 286 1.31 43.33 -28.91
CA LEU F 286 1.89 42.17 -28.26
C LEU F 286 3.35 41.95 -28.64
N ILE F 287 4.04 43.00 -29.08
CA ILE F 287 5.40 42.84 -29.60
C ILE F 287 6.33 43.90 -29.02
N ALA F 288 7.52 43.45 -28.62
CA ALA F 288 8.53 44.21 -27.89
C ALA F 288 9.26 45.21 -28.76
N ALA F 289 10.48 45.59 -28.33
CA ALA F 289 11.18 46.82 -28.73
C ALA F 289 10.33 48.02 -28.35
N GLU F 290 10.19 48.17 -27.04
CA GLU F 290 9.23 49.05 -26.38
C GLU F 290 9.93 50.21 -25.71
N LYS F 291 9.12 51.17 -25.27
CA LYS F 291 9.59 52.19 -24.36
C LYS F 291 9.56 51.66 -22.93
N THR F 292 10.53 52.09 -22.14
CA THR F 292 10.62 51.66 -20.74
C THR F 292 10.37 52.83 -19.82
N GLN F 293 9.38 53.65 -20.15
CA GLN F 293 9.14 54.93 -19.49
C GLN F 293 8.05 54.87 -18.42
N GLN F 294 7.25 53.81 -18.38
CA GLN F 294 6.13 53.70 -17.47
C GLN F 294 6.45 52.62 -16.43
N THR F 295 5.63 52.56 -15.38
CA THR F 295 5.77 51.52 -14.36
C THR F 295 5.55 50.13 -14.95
N MET F 296 4.74 50.02 -16.00
CA MET F 296 4.64 48.77 -16.74
C MET F 296 5.53 48.82 -17.97
N TYR F 297 5.86 47.63 -18.48
CA TYR F 297 6.90 47.45 -19.49
C TYR F 297 6.69 46.12 -20.18
N THR F 298 7.47 45.90 -21.27
CA THR F 298 7.47 44.72 -22.11
C THR F 298 6.07 44.51 -22.67
N PRO F 299 5.71 45.23 -23.72
CA PRO F 299 4.36 45.85 -23.82
C PRO F 299 3.18 44.91 -23.87
N LEU F 300 3.35 43.62 -23.64
CA LEU F 300 2.22 42.78 -23.27
C LEU F 300 1.50 43.37 -22.07
N GLN F 301 2.27 43.77 -21.04
CA GLN F 301 1.73 44.48 -19.89
C GLN F 301 1.08 45.80 -20.28
N LEU F 302 1.70 46.54 -21.20
CA LEU F 302 1.19 47.88 -21.49
C LEU F 302 -0.08 47.81 -22.32
N TRP F 303 -0.15 46.84 -23.24
CA TRP F 303 -1.38 46.50 -23.94
C TRP F 303 -2.47 46.08 -22.95
N ASN F 304 -2.11 45.23 -21.98
CA ASN F 304 -3.09 44.72 -21.03
C ASN F 304 -3.63 45.82 -20.14
N ASP F 305 -2.78 46.78 -19.77
CA ASP F 305 -3.24 47.93 -19.02
C ASP F 305 -4.11 48.83 -19.90
N ASN F 306 -3.78 48.91 -21.19
CA ASN F 306 -4.52 49.80 -22.08
C ASN F 306 -5.91 49.25 -22.38
N LYS F 307 -5.98 48.08 -23.00
CA LYS F 307 -7.23 47.45 -23.39
C LYS F 307 -7.66 46.51 -22.27
N GLY F 308 -8.58 45.58 -22.56
CA GLY F 308 -9.24 44.75 -21.56
C GLY F 308 -8.31 43.89 -20.71
N TYR F 309 -8.92 43.25 -19.70
CA TYR F 309 -8.25 42.57 -18.59
C TYR F 309 -7.32 43.56 -17.88
N ARG F 310 -7.94 44.48 -17.14
CA ARG F 310 -7.23 45.65 -16.62
C ARG F 310 -6.11 45.29 -15.64
N ILE F 311 -6.36 44.46 -14.64
CA ILE F 311 -5.25 43.94 -13.83
C ILE F 311 -5.34 42.43 -13.66
N PRO F 312 -4.19 41.74 -13.51
CA PRO F 312 -4.06 40.36 -13.01
C PRO F 312 -3.99 40.30 -11.47
N MET G 1 57.51 22.40 -17.54
CA MET G 1 57.02 23.22 -16.44
C MET G 1 55.48 23.23 -16.42
N THR G 2 54.87 22.48 -17.34
CA THR G 2 53.42 22.52 -17.48
C THR G 2 52.73 21.70 -16.40
N THR G 3 53.13 20.44 -16.23
CA THR G 3 52.50 19.56 -15.25
C THR G 3 52.81 20.00 -13.82
N SER G 4 53.96 20.65 -13.62
CA SER G 4 54.32 21.23 -12.33
C SER G 4 53.32 22.30 -11.91
N ILE G 5 53.08 23.27 -12.80
CA ILE G 5 52.15 24.34 -12.49
C ILE G 5 50.71 23.83 -12.53
N ASN G 6 50.43 22.72 -13.23
CA ASN G 6 49.10 22.10 -13.11
C ASN G 6 48.90 21.46 -11.74
N SER G 7 49.96 20.89 -11.15
CA SER G 7 49.88 20.41 -9.78
C SER G 7 49.69 21.58 -8.81
N VAL G 8 50.32 22.71 -9.10
CA VAL G 8 50.10 23.94 -8.34
C VAL G 8 48.65 24.41 -8.48
N VAL G 9 48.06 24.21 -9.66
CA VAL G 9 46.64 24.51 -9.90
C VAL G 9 45.76 23.65 -9.02
N THR G 10 46.07 22.36 -8.91
CA THR G 10 45.28 21.48 -8.04
C THR G 10 45.42 21.89 -6.56
N VAL G 11 46.62 22.29 -6.15
CA VAL G 11 46.87 22.78 -4.80
C VAL G 11 46.04 24.03 -4.51
N PHE G 12 46.05 24.99 -5.43
CA PHE G 12 45.30 26.21 -5.14
C PHE G 12 43.83 26.09 -5.49
N GLN G 13 43.40 25.02 -6.19
CA GLN G 13 41.99 24.65 -6.17
C GLN G 13 41.57 24.21 -4.78
N ASN G 14 42.43 23.43 -4.10
CA ASN G 14 42.16 23.10 -2.70
C ASN G 14 42.16 24.35 -1.82
N VAL G 15 43.03 25.32 -2.14
CA VAL G 15 43.08 26.57 -1.36
C VAL G 15 41.81 27.38 -1.57
N PHE G 16 41.42 27.62 -2.82
CA PHE G 16 40.19 28.36 -3.12
C PHE G 16 38.91 27.56 -2.89
N THR G 17 39.02 26.29 -2.48
CA THR G 17 37.87 25.65 -1.84
C THR G 17 37.97 25.65 -0.32
N ASN G 18 39.12 26.02 0.25
CA ASN G 18 39.18 26.17 1.71
C ASN G 18 38.63 27.52 2.17
N HIS G 19 39.32 28.61 1.84
CA HIS G 19 39.00 29.94 2.39
C HIS G 19 39.54 31.01 1.45
N GLY G 20 39.58 32.24 1.95
CA GLY G 20 40.06 33.41 1.24
C GLY G 20 39.31 34.64 1.71
N SER G 21 39.17 35.61 0.81
CA SER G 21 38.32 36.77 1.08
C SER G 21 36.89 36.52 0.62
N THR G 22 36.72 36.32 -0.69
CA THR G 22 35.53 35.75 -1.27
C THR G 22 35.95 34.67 -2.25
N LEU G 23 34.98 33.98 -2.85
CA LEU G 23 35.28 32.87 -3.75
C LEU G 23 34.42 32.90 -5.00
N LEU G 24 33.99 34.09 -5.45
CA LEU G 24 33.14 34.19 -6.63
C LEU G 24 33.92 33.98 -7.93
N ASN G 25 35.24 34.14 -7.91
CA ASN G 25 36.05 34.02 -9.11
C ASN G 25 37.15 32.97 -8.95
N GLY G 26 37.12 32.18 -7.87
CA GLY G 26 38.13 31.15 -7.66
C GLY G 26 38.03 29.97 -8.61
N ILE G 27 36.88 29.80 -9.26
CA ILE G 27 36.75 28.75 -10.27
C ILE G 27 37.54 29.12 -11.52
N LEU G 28 37.46 30.38 -11.95
CA LEU G 28 38.02 30.78 -13.24
C LEU G 28 39.53 30.97 -13.20
N ILE G 29 40.09 31.39 -12.05
CA ILE G 29 41.51 31.70 -11.96
C ILE G 29 42.36 30.44 -12.11
N ALA G 30 41.95 29.36 -11.43
CA ALA G 30 42.67 28.09 -11.55
C ALA G 30 42.57 27.50 -12.94
N THR G 31 41.44 27.71 -13.63
CA THR G 31 41.33 27.25 -15.01
C THR G 31 42.21 28.07 -15.94
N THR G 32 42.34 29.39 -15.68
CA THR G 32 43.27 30.21 -16.46
C THR G 32 44.71 29.74 -16.29
N VAL G 33 45.12 29.44 -15.06
CA VAL G 33 46.51 29.03 -14.84
C VAL G 33 46.74 27.63 -15.41
N GLY G 34 45.79 26.71 -15.22
CA GLY G 34 45.97 25.36 -15.71
C GLY G 34 45.85 25.22 -17.21
N GLY G 35 45.17 26.15 -17.87
CA GLY G 35 45.12 26.12 -19.31
C GLY G 35 46.25 26.92 -19.94
N GLN G 36 46.67 27.98 -19.28
CA GLN G 36 47.69 28.81 -19.88
C GLN G 36 49.09 28.39 -19.50
N SER G 37 49.24 27.40 -18.60
CA SER G 37 50.50 26.65 -18.56
C SER G 37 50.70 25.88 -19.86
N LEU G 38 49.64 25.23 -20.36
CA LEU G 38 49.72 24.55 -21.65
C LEU G 38 49.76 25.52 -22.81
N VAL G 39 49.26 26.75 -22.64
CA VAL G 39 49.53 27.79 -23.63
C VAL G 39 51.02 28.13 -23.63
N ARG G 40 51.60 28.32 -22.44
CA ARG G 40 53.03 28.64 -22.33
C ARG G 40 53.94 27.49 -22.74
N LYS G 41 53.40 26.27 -22.90
CA LYS G 41 54.12 25.23 -23.60
C LYS G 41 54.43 25.63 -25.04
N LEU G 42 53.55 26.41 -25.68
CA LEU G 42 53.73 26.88 -27.06
C LEU G 42 53.56 28.40 -27.08
N THR G 43 54.65 29.12 -26.80
CA THR G 43 54.68 30.58 -26.74
C THR G 43 56.04 31.05 -27.21
N PHE G 44 56.42 32.27 -26.83
CA PHE G 44 57.58 33.03 -27.29
C PHE G 44 57.76 32.97 -28.81
N SER G 45 56.78 33.55 -29.50
CA SER G 45 56.92 33.81 -30.92
C SER G 45 58.10 34.74 -31.17
N CYS G 46 58.16 35.84 -30.42
CA CYS G 46 59.36 36.58 -30.05
C CYS G 46 60.14 37.10 -31.27
N PRO G 47 59.68 38.17 -31.91
CA PRO G 47 60.24 38.58 -33.19
C PRO G 47 61.68 39.04 -33.11
N CYS G 48 62.30 39.10 -34.27
CA CYS G 48 63.69 39.49 -34.44
C CYS G 48 63.89 40.98 -34.68
N ALA G 49 63.02 41.85 -34.17
CA ALA G 49 63.12 43.26 -34.52
C ALA G 49 63.43 44.14 -33.31
N TYR G 50 63.92 45.35 -33.59
CA TYR G 50 64.18 46.30 -32.52
C TYR G 50 62.88 46.80 -31.85
N PRO G 51 61.91 47.46 -32.57
CA PRO G 51 60.75 47.91 -31.81
C PRO G 51 59.74 46.80 -31.55
N LEU G 52 59.66 45.83 -32.47
CA LEU G 52 58.61 44.84 -32.39
C LEU G 52 58.88 43.79 -31.32
N ASN G 53 60.12 43.62 -30.89
CA ASN G 53 60.32 42.68 -29.79
C ASN G 53 59.83 43.24 -28.47
N ILE G 54 60.17 44.51 -28.20
CA ILE G 54 59.65 45.19 -27.02
C ILE G 54 58.14 45.32 -27.10
N TYR G 55 57.59 45.52 -28.30
CA TYR G 55 56.14 45.62 -28.44
C TYR G 55 55.47 44.26 -28.20
N HIS G 56 56.00 43.20 -28.80
CA HIS G 56 55.46 41.87 -28.63
C HIS G 56 55.68 41.31 -27.24
N SER G 57 56.62 41.88 -26.48
CA SER G 57 56.75 41.44 -25.10
C SER G 57 55.91 42.28 -24.15
N LEU G 58 55.97 43.61 -24.31
CA LEU G 58 55.28 44.53 -23.40
C LEU G 58 53.78 44.45 -23.57
N VAL G 59 53.30 44.37 -24.82
CA VAL G 59 51.87 44.20 -25.06
C VAL G 59 51.40 42.86 -24.53
N PHE G 60 52.16 41.79 -24.78
CA PHE G 60 51.74 40.46 -24.32
C PHE G 60 51.79 40.32 -22.81
N MET G 61 52.59 41.13 -22.12
CA MET G 61 52.52 41.13 -20.65
C MET G 61 51.39 42.02 -20.16
N PHE G 62 51.45 43.31 -20.44
CA PHE G 62 50.55 44.28 -19.83
C PHE G 62 49.21 44.40 -20.55
N GLY G 63 48.93 43.51 -21.51
CA GLY G 63 47.66 43.47 -22.18
C GLY G 63 46.63 42.56 -21.52
N PRO G 64 46.95 41.27 -21.36
CA PRO G 64 46.05 40.38 -20.62
C PRO G 64 45.86 40.77 -19.17
N THR G 65 46.80 41.51 -18.57
CA THR G 65 46.56 42.06 -17.24
C THR G 65 45.42 43.07 -17.25
N ALA G 66 45.44 43.99 -18.20
CA ALA G 66 44.34 44.94 -18.34
C ALA G 66 43.04 44.25 -18.74
N ALA G 67 43.13 43.20 -19.57
CA ALA G 67 41.94 42.48 -19.99
C ALA G 67 41.30 41.73 -18.83
N LEU G 68 42.11 41.00 -18.05
CA LEU G 68 41.57 40.31 -16.89
C LEU G 68 41.19 41.27 -15.77
N LEU G 69 41.80 42.45 -15.71
CA LEU G 69 41.35 43.47 -14.77
C LEU G 69 39.97 43.99 -15.15
N LEU G 70 39.76 44.21 -16.44
CA LEU G 70 38.45 44.66 -16.93
C LEU G 70 37.39 43.59 -16.74
N ILE G 71 37.75 42.31 -16.97
CA ILE G 71 36.83 41.20 -16.73
C ILE G 71 36.53 41.08 -15.24
N GLY G 72 37.54 41.25 -14.39
CA GLY G 72 37.33 41.18 -12.96
C GLY G 72 36.49 42.32 -12.42
N ILE G 73 36.51 43.47 -13.09
CA ILE G 73 35.54 44.51 -12.77
C ILE G 73 34.14 44.07 -13.18
N THR G 74 33.97 43.76 -14.48
CA THR G 74 32.63 43.66 -15.07
C THR G 74 31.87 42.43 -14.57
N VAL G 75 32.58 41.34 -14.29
CA VAL G 75 31.91 40.16 -13.77
C VAL G 75 31.50 40.37 -12.32
N ASN G 76 32.27 41.16 -11.57
CA ASN G 76 32.02 41.37 -10.14
C ASN G 76 30.73 42.16 -9.95
N SER G 77 29.84 41.64 -9.11
CA SER G 77 28.49 42.18 -9.00
C SER G 77 28.50 43.53 -8.31
N THR G 78 29.39 43.70 -7.33
CA THR G 78 29.27 44.82 -6.39
C THR G 78 29.49 46.16 -7.07
N THR G 79 30.36 46.22 -8.08
CA THR G 79 30.55 47.48 -8.79
C THR G 79 29.31 47.87 -9.58
N TRP G 80 28.55 46.89 -10.07
CA TRP G 80 27.30 47.28 -10.71
C TRP G 80 26.29 47.75 -9.67
N LYS G 81 26.30 47.14 -8.48
CA LYS G 81 25.46 47.67 -7.41
C LYS G 81 25.94 49.03 -6.95
N LEU G 82 27.17 49.42 -7.28
CA LEU G 82 27.60 50.79 -7.09
C LEU G 82 27.12 51.66 -8.24
N ALA G 83 27.25 51.17 -9.47
CA ALA G 83 27.11 52.03 -10.64
C ALA G 83 26.36 51.35 -11.77
N HIS G 84 25.26 50.68 -11.47
CA HIS G 84 24.29 50.36 -12.53
C HIS G 84 23.29 51.49 -12.58
N GLY G 85 23.39 52.33 -13.58
CA GLY G 85 22.49 53.46 -13.66
C GLY G 85 22.85 54.54 -12.67
N PHE G 86 24.09 55.01 -12.73
CA PHE G 86 24.53 56.05 -11.80
C PHE G 86 23.96 57.40 -12.16
N PHE G 87 23.61 57.63 -13.43
CA PHE G 87 23.01 58.91 -13.82
C PHE G 87 21.63 59.08 -13.24
N PHE G 88 20.78 58.07 -13.38
CA PHE G 88 19.37 58.20 -13.04
C PHE G 88 19.02 57.56 -11.70
N ARG G 89 19.94 57.66 -10.74
CA ARG G 89 19.57 57.42 -9.35
C ARG G 89 18.70 58.58 -8.87
N VAL G 90 17.62 58.25 -8.17
CA VAL G 90 16.86 59.28 -7.46
C VAL G 90 17.77 59.86 -6.38
N ARG G 91 17.82 61.19 -6.30
CA ARG G 91 18.85 61.89 -5.55
C ARG G 91 18.77 61.59 -4.06
N ASP G 92 19.94 61.59 -3.42
CA ASP G 92 20.14 61.11 -2.04
C ASP G 92 19.64 59.68 -1.88
N THR G 93 20.03 58.82 -2.80
CA THR G 93 19.96 57.38 -2.59
C THR G 93 21.32 56.81 -2.97
N ARG G 94 22.00 57.48 -3.89
CA ARG G 94 23.45 57.37 -3.92
C ARG G 94 23.99 57.97 -2.63
N HIS G 95 24.93 57.27 -2.02
CA HIS G 95 25.08 57.42 -0.57
C HIS G 95 26.12 58.47 -0.18
N SER G 96 27.38 58.29 -0.60
CA SER G 96 28.45 59.14 -0.07
C SER G 96 29.56 59.24 -1.11
N TRP G 97 30.65 59.88 -0.72
CA TRP G 97 31.90 59.85 -1.47
C TRP G 97 32.94 58.94 -0.82
N LYS G 98 32.91 58.83 0.51
CA LYS G 98 33.92 58.03 1.19
C LYS G 98 33.62 56.53 1.10
N THR G 99 32.36 56.16 1.32
CA THR G 99 32.01 54.74 1.34
C THR G 99 32.07 54.12 -0.06
N THR G 100 31.68 54.89 -1.07
CA THR G 100 31.77 54.40 -2.45
C THR G 100 33.20 54.22 -2.91
N CYS G 101 34.17 54.93 -2.32
CA CYS G 101 35.57 54.67 -2.62
C CYS G 101 36.07 53.42 -1.92
N VAL G 102 35.53 53.11 -0.74
CA VAL G 102 35.87 51.86 -0.06
C VAL G 102 35.36 50.67 -0.86
N SER G 103 34.12 50.76 -1.37
CA SER G 103 33.61 49.71 -2.24
C SER G 103 34.37 49.66 -3.56
N TRP G 104 34.84 50.81 -4.04
CA TRP G 104 35.59 50.85 -5.29
C TRP G 104 36.95 50.17 -5.13
N ILE G 105 37.63 50.42 -4.03
CA ILE G 105 38.90 49.75 -3.76
C ILE G 105 38.68 48.27 -3.49
N GLU G 106 37.53 47.91 -2.91
CA GLU G 106 37.19 46.51 -2.72
C GLU G 106 37.03 45.78 -4.05
N VAL G 107 36.30 46.38 -4.99
CA VAL G 107 36.09 45.70 -6.26
C VAL G 107 37.36 45.77 -7.12
N LEU G 108 38.20 46.79 -6.91
CA LEU G 108 39.49 46.83 -7.59
C LEU G 108 40.42 45.73 -7.11
N ILE G 109 40.44 45.44 -5.81
CA ILE G 109 41.33 44.40 -5.31
C ILE G 109 40.79 43.01 -5.67
N GLN G 110 39.47 42.80 -5.52
CA GLN G 110 38.87 41.53 -5.91
C GLN G 110 38.99 41.30 -7.42
N SER G 111 39.02 42.37 -8.21
CA SER G 111 39.34 42.26 -9.62
C SER G 111 40.81 41.89 -9.82
N SER G 112 41.70 42.66 -9.19
CA SER G 112 43.14 42.58 -9.44
C SER G 112 43.79 41.36 -8.84
N VAL G 113 43.03 40.49 -8.17
CA VAL G 113 43.54 39.16 -7.81
C VAL G 113 44.05 38.42 -9.05
N ALA G 114 43.19 38.24 -10.04
CA ALA G 114 43.51 37.43 -11.20
C ALA G 114 44.60 37.98 -12.15
N PRO G 115 44.70 39.30 -12.43
CA PRO G 115 45.84 39.74 -13.25
C PRO G 115 47.19 39.65 -12.55
N ILE G 116 47.26 39.86 -11.24
CA ILE G 116 48.51 39.66 -10.52
C ILE G 116 48.90 38.18 -10.55
N ALA G 117 47.91 37.29 -10.45
CA ALA G 117 48.18 35.86 -10.56
C ALA G 117 48.68 35.50 -11.97
N TRP G 118 48.08 36.09 -13.00
CA TRP G 118 48.53 35.80 -14.37
C TRP G 118 49.92 36.36 -14.63
N LEU G 119 50.19 37.56 -14.13
CA LEU G 119 51.50 38.19 -14.26
C LEU G 119 52.56 37.36 -13.56
N PHE G 120 52.24 36.82 -12.39
CA PHE G 120 53.15 35.92 -11.69
C PHE G 120 53.33 34.60 -12.44
N VAL G 121 52.29 34.10 -13.10
CA VAL G 121 52.42 32.87 -13.87
C VAL G 121 53.37 33.06 -15.05
N VAL G 122 53.26 34.18 -15.76
CA VAL G 122 54.09 34.33 -16.95
C VAL G 122 55.50 34.77 -16.58
N PHE G 123 55.65 35.65 -15.60
CA PHE G 123 56.98 35.95 -15.07
C PHE G 123 57.63 34.73 -14.44
N LEU G 124 56.84 33.82 -13.86
CA LEU G 124 57.38 32.60 -13.28
C LEU G 124 57.80 31.63 -14.38
N ASP G 125 57.20 31.72 -15.56
CA ASP G 125 57.77 31.06 -16.71
C ASP G 125 59.02 31.81 -17.14
N GLY G 126 59.95 31.08 -17.72
CA GLY G 126 61.00 31.78 -18.43
C GLY G 126 60.46 32.05 -19.81
N GLY G 127 59.86 33.21 -19.97
CA GLY G 127 59.07 33.50 -21.14
C GLY G 127 59.33 34.87 -21.69
N TYR G 128 58.27 35.66 -21.76
CA TYR G 128 58.28 36.95 -22.42
C TYR G 128 59.09 38.01 -21.69
N TYR G 129 59.65 37.70 -20.51
CA TYR G 129 60.64 38.60 -19.96
C TYR G 129 62.02 38.36 -20.57
N ARG G 130 62.34 37.12 -20.97
CA ARG G 130 63.59 36.93 -21.71
C ARG G 130 63.45 37.52 -23.11
N CYS G 131 62.23 37.59 -23.61
CA CYS G 131 61.90 38.17 -24.89
C CYS G 131 61.85 39.70 -24.82
N TYR G 132 62.23 40.28 -23.68
CA TYR G 132 62.24 41.71 -23.45
C TYR G 132 63.65 42.25 -23.28
N ARG G 133 64.41 41.72 -22.33
CA ARG G 133 65.79 42.16 -22.22
C ARG G 133 66.74 41.28 -23.01
N SER G 134 66.24 40.26 -23.72
CA SER G 134 67.03 39.69 -24.82
C SER G 134 67.21 40.72 -25.91
N HIS G 135 66.15 41.47 -26.21
CA HIS G 135 66.27 42.70 -26.96
C HIS G 135 67.19 43.67 -26.25
N GLU G 136 66.76 44.15 -25.07
CA GLU G 136 67.40 45.28 -24.40
C GLU G 136 68.86 45.05 -24.02
N PHE G 137 69.35 43.82 -24.09
CA PHE G 137 70.76 43.55 -23.83
C PHE G 137 71.60 43.61 -25.11
N CYS G 138 71.00 43.23 -26.24
CA CYS G 138 71.70 42.80 -27.46
C CYS G 138 72.45 43.93 -28.19
N LEU G 139 72.37 45.19 -27.73
CA LEU G 139 73.05 46.34 -28.35
C LEU G 139 72.62 46.53 -29.80
N ILE G 140 71.37 46.97 -29.96
CA ILE G 140 70.59 46.64 -31.14
C ILE G 140 70.49 47.78 -32.14
N SER G 141 71.25 48.86 -31.95
CA SER G 141 71.08 50.04 -32.80
C SER G 141 71.59 49.79 -34.21
N ASP G 142 72.50 48.82 -34.37
CA ASP G 142 72.82 48.38 -35.72
C ASP G 142 71.69 47.59 -36.34
N ALA G 143 70.82 46.94 -35.55
CA ALA G 143 69.65 46.30 -36.14
C ALA G 143 68.57 47.32 -36.49
N ILE G 144 68.58 48.50 -35.86
CA ILE G 144 67.81 49.62 -36.38
C ILE G 144 68.29 49.97 -37.78
N LEU G 145 69.61 50.01 -37.98
CA LEU G 145 70.16 50.27 -39.30
C LEU G 145 69.88 49.11 -40.26
N CYS G 146 69.90 47.87 -39.74
CA CYS G 146 69.60 46.70 -40.54
C CYS G 146 68.13 46.66 -40.98
N LYS G 147 67.22 47.20 -40.17
CA LYS G 147 65.82 47.25 -40.54
C LYS G 147 65.36 48.59 -41.08
N ASN G 148 66.29 49.53 -41.28
CA ASN G 148 65.97 50.67 -42.13
C ASN G 148 65.83 50.25 -43.58
N SER G 149 66.56 49.22 -43.99
CA SER G 149 66.45 48.63 -45.31
C SER G 149 66.76 47.15 -45.20
N THR G 150 65.79 46.30 -45.53
CA THR G 150 65.86 44.86 -45.31
C THR G 150 66.92 44.14 -46.16
N ILE G 151 67.50 44.83 -47.15
CA ILE G 151 68.69 44.33 -47.81
C ILE G 151 69.83 44.16 -46.82
N LEU G 152 69.93 45.09 -45.86
CA LEU G 152 70.91 44.95 -44.79
C LEU G 152 70.57 43.81 -43.84
N ASN G 153 69.28 43.52 -43.64
CA ASN G 153 68.89 42.32 -42.89
C ASN G 153 69.34 41.05 -43.61
N SER G 154 69.14 41.00 -44.93
CA SER G 154 69.52 39.83 -45.71
C SER G 154 71.02 39.63 -45.73
N TYR G 155 71.79 40.69 -45.96
CA TYR G 155 73.25 40.56 -45.97
C TYR G 155 73.87 40.55 -44.58
N ALA G 156 73.09 40.82 -43.52
CA ALA G 156 73.57 40.60 -42.17
C ALA G 156 73.29 39.18 -41.70
N SER G 157 72.22 38.56 -42.21
CA SER G 157 71.98 37.16 -41.87
C SER G 157 72.82 36.22 -42.71
N THR G 158 72.97 36.50 -44.02
CA THR G 158 73.59 35.58 -44.96
C THR G 158 75.08 35.84 -45.16
N SER G 159 75.44 37.05 -45.63
CA SER G 159 76.81 37.31 -46.02
C SER G 159 77.73 37.43 -44.81
N SER G 160 77.48 38.43 -43.96
CA SER G 160 78.12 38.41 -42.65
C SER G 160 77.37 37.43 -41.75
N PHE G 161 78.06 36.96 -40.72
CA PHE G 161 77.48 35.96 -39.84
C PHE G 161 76.66 36.64 -38.74
N ASN G 162 76.18 35.82 -37.80
CA ASN G 162 75.32 36.31 -36.72
C ASN G 162 76.00 36.19 -35.36
N LYS G 163 76.51 35.01 -35.01
CA LYS G 163 77.19 34.84 -33.75
C LYS G 163 78.71 35.04 -33.87
N ILE G 164 79.26 34.94 -35.07
CA ILE G 164 80.62 35.40 -35.31
C ILE G 164 80.67 36.92 -35.31
N SER G 165 79.56 37.58 -35.62
CA SER G 165 79.43 39.03 -35.55
C SER G 165 78.97 39.51 -34.18
N ASP G 166 79.31 38.78 -33.11
CA ASP G 166 78.98 39.21 -31.76
C ASP G 166 79.97 40.21 -31.18
N ASN G 167 80.73 40.92 -32.01
CA ASN G 167 81.70 41.88 -31.48
C ASN G 167 81.05 43.21 -31.13
N GLY G 168 80.46 43.88 -32.11
CA GLY G 168 79.99 45.24 -31.91
C GLY G 168 78.53 45.38 -31.56
N LYS G 169 77.73 45.92 -32.48
CA LYS G 169 76.30 46.04 -32.25
C LYS G 169 75.53 45.20 -33.26
N TYR G 170 74.45 44.58 -32.82
CA TYR G 170 74.03 43.31 -33.38
C TYR G 170 72.81 43.46 -34.29
N CYS G 171 72.67 42.50 -35.20
CA CYS G 171 71.58 42.38 -36.15
C CYS G 171 71.00 40.98 -36.00
N PRO G 172 69.80 40.70 -36.54
CA PRO G 172 68.68 40.16 -35.69
C PRO G 172 69.01 38.96 -34.81
N PRO G 173 69.41 37.78 -35.34
CA PRO G 173 69.04 36.51 -34.65
C PRO G 173 69.56 36.29 -33.24
N CYS G 174 70.44 37.18 -32.73
CA CYS G 174 70.60 37.38 -31.29
C CYS G 174 69.27 37.68 -30.61
N ILE G 175 68.39 38.43 -31.28
CA ILE G 175 67.12 38.84 -30.69
C ILE G 175 66.20 37.63 -30.49
N CYS G 176 65.97 36.86 -31.55
CA CYS G 176 65.07 35.72 -31.46
C CYS G 176 65.66 34.58 -30.64
N VAL G 177 66.98 34.47 -30.57
CA VAL G 177 67.62 33.51 -29.67
C VAL G 177 68.94 34.08 -29.16
N PRO G 178 69.07 34.30 -27.86
CA PRO G 178 70.31 34.85 -27.31
C PRO G 178 71.31 33.75 -26.98
N ASN G 179 72.41 34.18 -26.38
CA ASN G 179 73.36 33.23 -25.80
C ASN G 179 72.69 32.52 -24.64
N PRO G 180 72.85 31.19 -24.51
CA PRO G 180 72.16 30.45 -23.45
C PRO G 180 72.64 30.80 -22.05
N THR G 181 73.88 31.30 -21.90
CA THR G 181 74.31 31.89 -20.64
C THR G 181 73.46 33.11 -20.30
N ASP G 182 73.35 34.04 -21.25
CA ASP G 182 72.48 35.20 -21.12
C ASP G 182 71.03 34.80 -20.95
N ALA G 183 70.59 33.78 -21.69
CA ALA G 183 69.20 33.34 -21.63
C ALA G 183 68.84 32.78 -20.25
N SER G 184 69.73 31.96 -19.68
CA SER G 184 69.47 31.43 -18.35
C SER G 184 69.60 32.48 -17.26
N TYR G 185 70.58 33.39 -17.40
CA TYR G 185 70.73 34.53 -16.49
C TYR G 185 69.46 35.36 -16.44
N LEU G 186 68.95 35.73 -17.60
CA LEU G 186 67.81 36.62 -17.67
C LEU G 186 66.52 35.86 -17.35
N GLU G 187 66.52 34.56 -17.59
CA GLU G 187 65.41 33.69 -17.20
C GLU G 187 65.25 33.67 -15.69
N ALA G 188 66.33 33.45 -14.96
CA ALA G 188 66.21 33.47 -13.52
C ALA G 188 66.09 34.87 -12.96
N GLU G 189 66.53 35.88 -13.70
CA GLU G 189 66.15 37.25 -13.37
C GLU G 189 64.65 37.42 -13.41
N SER G 190 64.00 36.82 -14.42
CA SER G 190 62.54 36.83 -14.48
C SER G 190 61.93 36.04 -13.33
N GLN G 191 62.58 34.95 -12.91
CA GLN G 191 62.07 34.18 -11.78
C GLN G 191 62.13 34.97 -10.48
N ILE G 192 63.21 35.72 -10.26
CA ILE G 192 63.29 36.47 -9.00
C ILE G 192 62.39 37.69 -9.03
N TYR G 193 62.20 38.34 -10.19
CA TYR G 193 61.17 39.38 -10.28
C TYR G 193 59.78 38.80 -10.09
N ALA G 194 59.54 37.57 -10.56
CA ALA G 194 58.26 36.90 -10.36
C ALA G 194 57.96 36.70 -8.89
N TRP G 195 58.93 36.16 -8.16
CA TRP G 195 58.64 35.89 -6.77
C TRP G 195 58.65 37.18 -5.94
N GLY G 196 59.40 38.19 -6.37
CA GLY G 196 59.35 39.47 -5.68
C GLY G 196 58.00 40.15 -5.84
N LEU G 197 57.42 40.09 -7.04
CA LEU G 197 56.08 40.61 -7.26
C LEU G 197 55.05 39.81 -6.47
N LEU G 198 55.19 38.47 -6.46
CA LEU G 198 54.21 37.65 -5.74
C LEU G 198 54.27 37.90 -4.24
N LEU G 199 55.48 38.01 -3.69
CA LEU G 199 55.61 38.21 -2.25
C LEU G 199 55.19 39.62 -1.86
N PHE G 200 55.48 40.61 -2.71
CA PHE G 200 55.01 41.98 -2.43
C PHE G 200 53.50 42.06 -2.48
N SER G 201 52.89 41.44 -3.49
CA SER G 201 51.43 41.42 -3.59
C SER G 201 50.80 40.65 -2.45
N GLY G 202 51.43 39.55 -2.02
CA GLY G 202 50.87 38.76 -0.94
C GLY G 202 50.93 39.48 0.39
N VAL G 203 52.07 40.13 0.69
CA VAL G 203 52.19 40.89 1.93
C VAL G 203 51.26 42.09 1.92
N ALA G 204 51.19 42.81 0.80
CA ALA G 204 50.32 43.99 0.73
C ALA G 204 48.85 43.60 0.78
N ALA G 205 48.48 42.48 0.15
CA ALA G 205 47.09 42.05 0.17
C ALA G 205 46.70 41.53 1.54
N PHE G 206 47.59 40.80 2.19
CA PHE G 206 47.36 40.39 3.58
C PHE G 206 47.18 41.59 4.49
N LEU G 207 48.04 42.60 4.34
CA LEU G 207 47.94 43.78 5.19
C LEU G 207 46.66 44.56 4.94
N VAL G 208 46.23 44.66 3.66
CA VAL G 208 45.02 45.40 3.36
C VAL G 208 43.77 44.64 3.81
N ILE G 209 43.67 43.35 3.50
CA ILE G 209 42.46 42.64 3.90
C ILE G 209 42.50 42.26 5.37
N THR G 210 43.62 42.47 6.06
CA THR G 210 43.59 42.44 7.51
C THR G 210 43.11 43.77 8.07
N CYS G 211 43.64 44.87 7.54
CA CYS G 211 43.24 46.20 7.99
C CYS G 211 41.83 46.57 7.56
N ASN G 212 41.16 45.77 6.74
CA ASN G 212 39.72 45.88 6.56
C ASN G 212 38.99 44.64 7.08
N ARG G 213 39.66 43.84 7.92
CA ARG G 213 38.99 42.92 8.83
C ARG G 213 39.34 43.20 10.27
N MET G 214 40.25 44.13 10.53
CA MET G 214 40.59 44.55 11.89
C MET G 214 40.05 45.95 12.20
N CYS G 215 39.80 46.77 11.19
CA CYS G 215 39.07 48.02 11.34
C CYS G 215 37.58 47.82 11.08
N ASP G 216 37.13 46.58 10.95
CA ASP G 216 35.72 46.30 10.77
C ASP G 216 34.96 46.60 12.06
N LYS G 217 33.81 47.27 11.91
CA LYS G 217 32.99 47.59 13.08
C LYS G 217 32.42 46.35 13.73
N TYR G 218 31.79 45.50 12.94
CA TYR G 218 31.22 44.27 13.46
C TYR G 218 32.34 43.30 13.80
N THR G 219 31.99 42.25 14.54
CA THR G 219 32.97 41.28 14.97
C THR G 219 32.57 39.93 14.42
N LEU G 220 33.42 38.91 14.63
CA LEU G 220 33.52 37.80 13.68
C LEU G 220 32.24 36.96 13.62
N VAL G 221 31.56 36.78 14.74
CA VAL G 221 30.28 36.09 14.66
C VAL G 221 29.21 37.00 14.08
N GLN G 222 29.25 38.28 14.42
CA GLN G 222 28.31 39.23 13.83
C GLN G 222 28.59 39.44 12.36
N ARG G 223 29.86 39.40 11.97
CA ARG G 223 30.19 39.54 10.56
C ARG G 223 29.82 38.29 9.77
N GLN G 224 30.01 37.10 10.35
CA GLN G 224 29.55 35.90 9.68
C GLN G 224 28.04 35.84 9.59
N TYR G 225 27.32 36.41 10.55
CA TYR G 225 25.87 36.42 10.42
C TYR G 225 25.39 37.45 9.43
N VAL G 226 26.04 38.62 9.36
CA VAL G 226 25.69 39.59 8.33
C VAL G 226 25.98 39.03 6.94
N GLU G 227 27.07 38.29 6.80
CA GLU G 227 27.36 37.69 5.51
C GLU G 227 26.42 36.54 5.17
N THR G 228 25.99 35.77 6.18
CA THR G 228 25.01 34.72 5.90
C THR G 228 23.66 35.32 5.55
N TYR G 229 23.28 36.39 6.24
CA TYR G 229 22.00 37.01 5.95
C TYR G 229 22.01 37.71 4.61
N LYS G 230 23.13 38.31 4.23
CA LYS G 230 23.27 38.91 2.91
C LYS G 230 23.21 37.84 1.83
N ASN G 231 23.96 36.76 2.00
CA ASN G 231 24.01 35.66 1.05
C ASN G 231 22.72 34.85 1.03
N VAL G 232 21.81 35.05 1.97
CA VAL G 232 20.55 34.33 1.88
C VAL G 232 19.45 35.28 1.40
N GLU G 233 19.55 36.58 1.70
CA GLU G 233 18.49 37.44 1.19
C GLU G 233 18.69 37.79 -0.27
N THR G 234 19.94 37.87 -0.76
CA THR G 234 20.09 38.11 -2.19
C THR G 234 19.97 36.84 -3.02
N GLN G 235 19.48 35.76 -2.42
CA GLN G 235 18.99 34.60 -3.13
C GLN G 235 17.50 34.38 -2.91
N LYS G 236 17.02 34.65 -1.70
CA LYS G 236 15.62 34.45 -1.39
C LYS G 236 14.76 35.55 -1.99
N PHE G 237 15.29 36.78 -2.03
CA PHE G 237 14.66 37.86 -2.75
C PHE G 237 14.57 37.57 -4.24
N ASP G 238 15.60 36.96 -4.81
CA ASP G 238 15.53 36.62 -6.23
C ASP G 238 14.57 35.48 -6.49
N ALA G 239 14.46 34.52 -5.56
CA ALA G 239 13.49 33.45 -5.73
C ALA G 239 12.07 33.98 -5.62
N VAL G 240 11.82 34.92 -4.71
CA VAL G 240 10.50 35.50 -4.59
C VAL G 240 10.20 36.42 -5.77
N ALA G 241 11.21 37.13 -6.29
CA ALA G 241 11.02 37.94 -7.50
C ALA G 241 10.72 37.06 -8.69
N LYS G 242 11.36 35.90 -8.77
CA LYS G 242 11.09 34.99 -9.87
C LYS G 242 9.70 34.40 -9.79
N GLU G 243 9.26 33.98 -8.60
CA GLU G 243 7.93 33.38 -8.54
C GLU G 243 6.83 34.45 -8.62
N HIS G 244 7.13 35.68 -8.23
CA HIS G 244 6.20 36.78 -8.41
C HIS G 244 6.06 37.14 -9.88
N ALA G 245 7.18 37.25 -10.60
CA ALA G 245 7.09 37.49 -12.03
C ALA G 245 6.51 36.30 -12.76
N SER G 246 6.67 35.09 -12.21
CA SER G 246 6.09 33.92 -12.85
C SER G 246 4.58 33.88 -12.69
N GLN G 247 4.07 34.26 -11.52
CA GLN G 247 2.62 34.34 -11.36
C GLN G 247 2.04 35.48 -12.17
N LEU G 248 2.71 36.63 -12.21
CA LEU G 248 2.19 37.74 -12.98
C LEU G 248 2.48 37.60 -14.47
N ALA G 249 3.25 36.61 -14.89
CA ALA G 249 3.34 36.25 -16.30
C ALA G 249 2.38 35.14 -16.69
N GLU G 250 2.13 34.18 -15.79
CA GLU G 250 1.02 33.24 -15.93
C GLU G 250 -0.30 33.96 -16.16
N HIS G 251 -0.65 34.85 -15.25
CA HIS G 251 -1.93 35.54 -15.36
C HIS G 251 -1.97 36.49 -16.55
N ASN G 252 -0.83 37.06 -16.93
CA ASN G 252 -0.87 37.95 -18.08
C ASN G 252 -0.75 37.20 -19.41
N ALA G 253 -0.33 35.94 -19.40
CA ALA G 253 -0.42 35.15 -20.61
C ALA G 253 -1.81 34.57 -20.79
N ARG G 254 -2.44 34.14 -19.68
CA ARG G 254 -3.85 33.77 -19.74
C ARG G 254 -4.74 34.96 -20.06
N ALA G 255 -4.28 36.16 -19.73
CA ALA G 255 -5.03 37.37 -20.02
C ALA G 255 -5.09 37.69 -21.50
N PHE G 256 -4.17 37.13 -22.28
CA PHE G 256 -4.20 37.47 -23.70
C PHE G 256 -4.91 36.40 -24.52
N PHE G 257 -4.80 35.13 -24.14
CA PHE G 257 -5.52 34.10 -24.85
C PHE G 257 -6.84 33.78 -24.20
N GLY G 258 -7.48 34.81 -23.66
CA GLY G 258 -8.86 34.80 -23.30
C GLY G 258 -9.54 36.04 -23.85
N GLN G 259 -9.21 36.48 -25.06
CA GLN G 259 -9.95 37.61 -25.61
C GLN G 259 -10.76 37.24 -26.85
N LYS G 260 -10.11 36.72 -27.89
CA LYS G 260 -10.67 36.50 -29.23
C LYS G 260 -11.32 37.75 -29.82
N ASN G 278 5.37 50.06 -6.26
CA ASN G 278 6.81 50.06 -6.45
C ASN G 278 7.24 51.25 -7.29
N PRO G 279 7.50 52.40 -6.66
CA PRO G 279 8.08 53.53 -7.40
C PRO G 279 9.59 53.44 -7.41
N LEU G 280 10.28 54.44 -7.97
CA LEU G 280 11.74 54.42 -8.00
C LEU G 280 12.36 54.50 -6.61
N PHE G 281 11.65 55.08 -5.64
CA PHE G 281 12.18 55.10 -4.27
C PHE G 281 12.32 53.69 -3.70
N ALA G 282 11.33 52.82 -3.94
CA ALA G 282 11.47 51.46 -3.43
C ALA G 282 12.51 50.68 -4.22
N ARG G 283 12.57 50.89 -5.54
CA ARG G 283 13.54 50.15 -6.34
C ARG G 283 14.94 50.74 -6.23
N LEU G 284 15.10 51.80 -5.45
CA LEU G 284 16.42 52.36 -5.19
C LEU G 284 16.88 52.20 -3.75
N ARG G 285 15.97 52.23 -2.78
CA ARG G 285 16.35 51.73 -1.46
C ARG G 285 16.44 50.21 -1.42
N LEU G 286 16.05 49.52 -2.49
CA LEU G 286 16.22 48.08 -2.58
C LEU G 286 17.59 47.68 -3.11
N ILE G 287 18.58 48.55 -2.99
CA ILE G 287 19.88 48.31 -3.62
C ILE G 287 21.01 48.60 -2.64
N ALA G 288 22.00 47.70 -2.62
CA ALA G 288 23.11 47.64 -1.68
C ALA G 288 24.17 48.70 -1.96
N ALA G 289 25.39 48.44 -1.49
CA ALA G 289 26.44 49.43 -1.25
C ALA G 289 25.93 50.45 -0.24
N GLU G 290 25.72 49.94 0.97
CA GLU G 290 24.99 50.59 2.05
C GLU G 290 25.93 51.00 3.17
N LYS G 291 25.39 51.78 4.09
CA LYS G 291 26.05 52.01 5.36
C LYS G 291 25.73 50.85 6.31
N THR G 292 26.72 50.52 7.15
CA THR G 292 26.56 49.43 8.10
C THR G 292 26.56 49.99 9.52
N GLN G 293 25.87 51.11 9.72
CA GLN G 293 25.94 51.87 10.96
C GLN G 293 24.79 51.59 11.93
N GLN G 294 23.73 50.94 11.47
CA GLN G 294 22.54 50.71 12.28
C GLN G 294 22.45 49.21 12.59
N THR G 295 21.55 48.85 13.51
CA THR G 295 21.31 47.45 13.84
C THR G 295 20.76 46.69 12.64
N MET G 296 20.04 47.37 11.74
CA MET G 296 19.66 46.77 10.47
C MET G 296 20.64 47.17 9.38
N TYR G 297 20.68 46.38 8.31
CA TYR G 297 21.70 46.45 7.29
C TYR G 297 21.19 45.79 6.02
N THR G 298 21.98 45.94 4.93
CA THR G 298 21.72 45.40 3.59
C THR G 298 20.37 45.92 3.11
N PRO G 299 20.32 47.16 2.60
CA PRO G 299 19.21 48.09 2.94
C PRO G 299 17.82 47.70 2.49
N LEU G 300 17.60 46.48 2.01
CA LEU G 300 16.25 45.94 1.98
C LEU G 300 15.63 46.01 3.37
N GLN G 301 16.38 45.58 4.39
CA GLN G 301 15.96 45.73 5.78
C GLN G 301 15.74 47.18 6.17
N LEU G 302 16.62 48.08 5.72
CA LEU G 302 16.55 49.45 6.20
C LEU G 302 15.38 50.18 5.54
N TRP G 303 15.14 49.88 4.26
CA TRP G 303 13.92 50.32 3.58
C TRP G 303 12.68 49.80 4.29
N ASN G 304 12.70 48.51 4.65
CA ASN G 304 11.54 47.88 5.26
C ASN G 304 11.25 48.47 6.64
N ASP G 305 12.30 48.82 7.38
CA ASP G 305 12.10 49.50 8.65
C ASP G 305 11.61 50.93 8.42
N ASN G 306 12.05 51.56 7.33
CA ASN G 306 11.69 52.95 7.08
C ASN G 306 10.22 53.05 6.64
N LYS G 307 9.89 52.44 5.51
CA LYS G 307 8.55 52.49 4.95
C LYS G 307 7.78 51.27 5.45
N GLY G 308 6.66 50.93 4.80
CA GLY G 308 5.71 49.94 5.27
C GLY G 308 6.28 48.54 5.49
N TYR G 309 5.42 47.69 6.07
CA TYR G 309 5.78 46.37 6.62
C TYR G 309 6.88 46.54 7.67
N ARG G 310 6.48 47.10 8.82
CA ARG G 310 7.44 47.57 9.82
C ARG G 310 8.33 46.46 10.39
N ILE G 311 7.76 45.35 10.83
CA ILE G 311 8.60 44.20 11.19
C ILE G 311 8.08 42.91 10.56
N PRO G 312 8.96 41.95 10.25
CA PRO G 312 8.65 40.54 9.97
C PRO G 312 8.56 39.68 11.23
N MET H 1 62.82 10.61 -7.63
CA MET H 1 62.48 10.85 -6.23
C MET H 1 61.03 11.29 -6.10
N THR H 2 60.31 11.33 -7.23
CA THR H 2 58.95 11.84 -7.23
C THR H 2 57.96 10.84 -6.68
N THR H 3 57.97 9.61 -7.22
CA THR H 3 57.03 8.58 -6.77
C THR H 3 57.32 8.11 -5.35
N SER H 4 58.59 8.20 -4.94
CA SER H 4 58.98 7.90 -3.56
C SER H 4 58.29 8.85 -2.58
N ILE H 5 58.41 10.15 -2.82
CA ILE H 5 57.80 11.13 -1.93
C ILE H 5 56.28 11.15 -2.12
N ASN H 6 55.76 10.68 -3.26
CA ASN H 6 54.31 10.50 -3.40
C ASN H 6 53.81 9.34 -2.54
N SER H 7 54.62 8.28 -2.42
CA SER H 7 54.27 7.22 -1.48
C SER H 7 54.34 7.72 -0.04
N VAL H 8 55.30 8.59 0.25
CA VAL H 8 55.36 9.26 1.55
C VAL H 8 54.11 10.13 1.78
N VAL H 9 53.60 10.74 0.70
CA VAL H 9 52.36 11.52 0.77
C VAL H 9 51.18 10.63 1.14
N THR H 10 51.10 9.43 0.54
CA THR H 10 50.04 8.50 0.89
C THR H 10 50.14 8.03 2.34
N VAL H 11 51.37 7.80 2.80
CA VAL H 11 51.62 7.43 4.20
C VAL H 11 51.16 8.53 5.16
N PHE H 12 51.52 9.77 4.88
CA PHE H 12 51.12 10.82 5.79
C PHE H 12 49.71 11.34 5.54
N GLN H 13 49.07 10.96 4.43
CA GLN H 13 47.62 11.04 4.35
C GLN H 13 46.96 10.10 5.34
N ASN H 14 47.50 8.87 5.45
CA ASN H 14 47.02 7.97 6.50
C ASN H 14 47.30 8.52 7.90
N VAL H 15 48.43 9.22 8.07
CA VAL H 15 48.77 9.81 9.37
C VAL H 15 47.81 10.94 9.71
N PHE H 16 47.61 11.89 8.79
CA PHE H 16 46.66 12.99 9.01
C PHE H 16 45.21 12.60 8.87
N THR H 17 44.90 11.33 8.56
CA THR H 17 43.58 10.82 8.86
C THR H 17 43.53 10.00 10.15
N ASN H 18 44.68 9.69 10.75
CA ASN H 18 44.64 9.04 12.06
C ASN H 18 44.46 10.05 13.19
N HIS H 19 45.45 10.90 13.43
CA HIS H 19 45.47 11.78 14.60
C HIS H 19 46.37 12.98 14.31
N GLY H 20 46.72 13.70 15.38
CA GLY H 20 47.57 14.87 15.35
C GLY H 20 47.16 15.84 16.43
N SER H 21 47.38 17.13 16.17
CA SER H 21 46.88 18.17 17.07
C SER H 21 45.49 18.62 16.64
N THR H 22 45.39 19.18 15.44
CA THR H 22 44.12 19.36 14.73
C THR H 22 44.33 18.87 13.31
N LEU H 23 43.25 18.89 12.52
CA LEU H 23 43.31 18.38 11.16
C LEU H 23 42.61 19.30 10.16
N LEU H 24 42.57 20.61 10.42
CA LEU H 24 41.89 21.54 9.52
C LEU H 24 42.69 21.82 8.26
N ASN H 25 44.01 21.55 8.27
CA ASN H 25 44.85 21.84 7.12
C ASN H 25 45.59 20.59 6.63
N GLY H 26 45.24 19.40 7.14
CA GLY H 26 45.90 18.18 6.72
C GLY H 26 45.56 17.74 5.31
N ILE H 27 44.46 18.27 4.75
CA ILE H 27 44.14 17.98 3.36
C ILE H 27 45.11 18.68 2.42
N LEU H 28 45.43 19.94 2.70
CA LEU H 28 46.19 20.77 1.78
C LEU H 28 47.68 20.47 1.80
N ILE H 29 48.22 20.06 2.96
CA ILE H 29 49.68 19.86 3.09
C ILE H 29 50.13 18.67 2.25
N ALA H 30 49.38 17.57 2.30
CA ALA H 30 49.71 16.40 1.50
C ALA H 30 49.58 16.67 0.01
N THR H 31 48.62 17.51 -0.39
CA THR H 31 48.52 17.88 -1.80
C THR H 31 49.68 18.77 -2.23
N THR H 32 50.15 19.66 -1.35
CA THR H 32 51.33 20.46 -1.65
C THR H 32 52.56 19.59 -1.85
N VAL H 33 52.76 18.59 -0.97
CA VAL H 33 53.94 17.74 -1.10
C VAL H 33 53.83 16.84 -2.33
N GLY H 34 52.65 16.28 -2.58
CA GLY H 34 52.46 15.38 -3.70
C GLY H 34 52.46 16.06 -5.05
N GLY H 35 52.13 17.36 -5.09
CA GLY H 35 52.21 18.08 -6.32
C GLY H 35 53.57 18.73 -6.53
N GLN H 36 54.20 19.14 -5.44
CA GLN H 36 55.47 19.82 -5.60
C GLN H 36 56.66 18.87 -5.60
N SER H 37 56.44 17.58 -5.36
CA SER H 37 57.42 16.59 -5.80
C SER H 37 57.52 16.57 -7.32
N LEU H 38 56.36 16.61 -8.01
CA LEU H 38 56.36 16.69 -9.46
C LEU H 38 56.78 18.07 -9.96
N VAL H 39 56.63 19.11 -9.13
CA VAL H 39 57.28 20.39 -9.46
C VAL H 39 58.79 20.25 -9.39
N ARG H 40 59.30 19.62 -8.32
CA ARG H 40 60.73 19.41 -8.17
C ARG H 40 61.32 18.42 -9.18
N LYS H 41 60.47 17.68 -9.90
CA LYS H 41 60.94 16.98 -11.09
C LYS H 41 61.47 17.96 -12.15
N LEU H 42 60.91 19.17 -12.22
CA LEU H 42 61.34 20.21 -13.16
C LEU H 42 61.61 21.50 -12.38
N THR H 43 62.82 21.62 -11.84
CA THR H 43 63.25 22.76 -11.04
C THR H 43 64.74 22.98 -11.32
N PHE H 44 65.40 23.68 -10.37
CA PHE H 44 66.78 24.19 -10.46
C PHE H 44 67.06 24.87 -11.80
N SER H 45 66.34 25.97 -12.02
CA SER H 45 66.69 26.88 -13.11
C SER H 45 68.10 27.43 -12.92
N CYS H 46 68.41 27.91 -11.72
CA CYS H 46 69.74 27.97 -11.11
C CYS H 46 70.73 28.79 -11.93
N PRO H 47 70.64 30.11 -11.89
CA PRO H 47 71.41 30.95 -12.82
C PRO H 47 72.92 30.86 -12.62
N CYS H 48 73.62 31.33 -13.62
CA CYS H 48 75.08 31.33 -13.66
C CYS H 48 75.71 32.60 -13.11
N ALA H 49 75.08 33.30 -12.17
CA ALA H 49 75.61 34.59 -11.74
C ALA H 49 76.04 34.58 -10.28
N TYR H 50 76.87 35.58 -9.93
CA TYR H 50 77.30 35.71 -8.54
C TYR H 50 76.13 36.15 -7.62
N PRO H 51 75.45 37.32 -7.83
CA PRO H 51 74.40 37.64 -6.85
C PRO H 51 73.11 36.89 -7.14
N LEU H 52 72.83 36.60 -8.41
CA LEU H 52 71.54 36.06 -8.78
C LEU H 52 71.41 34.59 -8.44
N ASN H 53 72.51 33.87 -8.23
CA ASN H 53 72.35 32.49 -7.81
C ASN H 53 71.92 32.40 -6.35
N ILE H 54 72.56 33.19 -5.49
CA ILE H 54 72.15 33.29 -4.10
C ILE H 54 70.75 33.87 -3.99
N TYR H 55 70.40 34.81 -4.88
CA TYR H 55 69.06 35.37 -4.83
C TYR H 55 68.01 34.35 -5.28
N HIS H 56 68.27 33.64 -6.38
CA HIS H 56 67.35 32.64 -6.89
C HIS H 56 67.29 31.40 -6.00
N SER H 57 68.27 31.21 -5.13
CA SER H 57 68.17 30.10 -4.18
C SER H 57 67.50 30.55 -2.88
N LEU H 58 67.95 31.68 -2.33
CA LEU H 58 67.48 32.15 -1.04
C LEU H 58 66.03 32.61 -1.11
N VAL H 59 65.65 33.32 -2.18
CA VAL H 59 64.27 33.71 -2.38
C VAL H 59 63.39 32.49 -2.58
N PHE H 60 63.84 31.53 -3.41
CA PHE H 60 63.02 30.35 -3.67
C PHE H 60 62.89 29.44 -2.45
N MET H 61 63.82 29.52 -1.50
CA MET H 61 63.63 28.79 -0.25
C MET H 61 62.75 29.58 0.72
N PHE H 62 63.21 30.75 1.15
CA PHE H 62 62.56 31.47 2.23
C PHE H 62 61.39 32.32 1.76
N GLY H 63 60.96 32.18 0.51
CA GLY H 63 59.78 32.86 0.02
C GLY H 63 58.49 32.08 0.18
N PRO H 64 58.42 30.86 -0.38
CA PRO H 64 57.24 30.02 -0.13
C PRO H 64 57.04 29.65 1.32
N THR H 65 58.08 29.66 2.14
CA THR H 65 57.90 29.49 3.58
C THR H 65 57.09 30.64 4.16
N ALA H 66 57.45 31.88 3.83
CA ALA H 66 56.68 33.03 4.29
C ALA H 66 55.28 33.05 3.68
N ALA H 67 55.15 32.60 2.43
CA ALA H 67 53.84 32.58 1.78
C ALA H 67 52.92 31.55 2.43
N LEU H 68 53.41 30.34 2.65
CA LEU H 68 52.59 29.34 3.33
C LEU H 68 52.40 29.64 4.80
N LEU H 69 53.31 30.40 5.43
CA LEU H 69 53.09 30.86 6.79
C LEU H 69 51.95 31.87 6.82
N LEU H 70 51.92 32.78 5.85
CA LEU H 70 50.85 33.77 5.77
C LEU H 70 49.52 33.10 5.45
N ILE H 71 49.53 32.09 4.57
CA ILE H 71 48.31 31.34 4.27
C ILE H 71 47.85 30.56 5.50
N GLY H 72 48.79 29.96 6.24
CA GLY H 72 48.43 29.24 7.44
C GLY H 72 47.91 30.12 8.54
N ILE H 73 48.31 31.39 8.57
CA ILE H 73 47.65 32.34 9.45
C ILE H 73 46.24 32.61 8.97
N THR H 74 46.10 33.06 7.72
CA THR H 74 44.85 33.68 7.26
C THR H 74 43.73 32.65 7.11
N VAL H 75 44.07 31.42 6.73
CA VAL H 75 43.05 30.37 6.61
C VAL H 75 42.58 29.92 7.99
N ASN H 76 43.48 29.96 8.98
CA ASN H 76 43.17 29.47 10.32
C ASN H 76 42.15 30.38 10.98
N SER H 77 41.07 29.78 11.49
CA SER H 77 39.93 30.55 11.97
C SER H 77 40.24 31.29 13.26
N THR H 78 41.06 30.67 14.12
CA THR H 78 41.18 31.12 15.51
C THR H 78 41.82 32.48 15.61
N THR H 79 42.76 32.81 14.70
CA THR H 79 43.37 34.13 14.73
C THR H 79 42.37 35.21 14.36
N TRP H 80 41.40 34.90 13.49
CA TRP H 80 40.37 35.89 13.24
C TRP H 80 39.46 36.03 14.43
N LYS H 81 39.19 34.92 15.13
CA LYS H 81 38.44 35.04 16.38
C LYS H 81 39.24 35.78 17.45
N LEU H 82 40.55 35.90 17.27
CA LEU H 82 41.32 36.79 18.11
C LEU H 82 41.22 38.22 17.62
N ALA H 83 41.32 38.41 16.30
CA ALA H 83 41.53 39.75 15.76
C ALA H 83 40.73 40.00 14.49
N HIS H 84 39.45 39.62 14.48
CA HIS H 84 38.54 40.18 13.49
C HIS H 84 37.90 41.41 14.10
N GLY H 85 38.32 42.58 13.67
CA GLY H 85 37.79 43.79 14.25
C GLY H 85 38.35 44.04 15.63
N PHE H 86 39.68 44.11 15.73
CA PHE H 86 40.31 44.34 17.03
C PHE H 86 40.17 45.78 17.46
N PHE H 87 40.02 46.72 16.52
CA PHE H 87 39.85 48.12 16.89
C PHE H 87 38.52 48.36 17.58
N PHE H 88 37.44 47.86 17.00
CA PHE H 88 36.09 48.19 17.46
C PHE H 88 35.47 47.09 18.30
N ARG H 89 36.28 46.42 19.10
CA ARG H 89 35.73 45.62 20.19
C ARG H 89 35.18 46.55 21.25
N VAL H 90 34.00 46.23 21.76
CA VAL H 90 33.51 46.93 22.96
C VAL H 90 34.43 46.57 24.12
N ARG H 91 34.85 47.60 24.87
CA ARG H 91 35.97 47.48 25.79
C ARG H 91 35.67 46.49 26.91
N ASP H 92 36.72 45.83 27.38
CA ASP H 92 36.67 44.68 28.28
C ASP H 92 35.76 43.58 27.73
N THR H 93 35.98 43.25 26.46
CA THR H 93 35.48 41.99 25.90
C THR H 93 36.65 41.34 25.19
N ARG H 94 37.58 42.16 24.70
CA ARG H 94 38.93 41.67 24.51
C ARG H 94 39.51 41.33 25.88
N HIS H 95 40.15 40.18 25.98
CA HIS H 95 40.21 39.52 27.28
C HIS H 95 41.46 39.87 28.08
N SER H 96 42.65 39.58 27.54
CA SER H 96 43.86 39.68 28.34
C SER H 96 45.04 39.98 27.44
N TRP H 97 46.24 39.98 28.02
CA TRP H 97 47.48 39.98 27.28
C TRP H 97 48.16 38.63 27.29
N LYS H 98 47.99 37.85 28.36
CA LYS H 98 48.66 36.57 28.46
C LYS H 98 47.96 35.49 27.63
N THR H 99 46.63 35.43 27.71
CA THR H 99 45.89 34.38 27.02
C THR H 99 45.90 34.58 25.51
N THR H 100 45.85 35.84 25.07
CA THR H 100 45.91 36.13 23.64
C THR H 100 47.27 35.79 23.05
N CYS H 101 48.34 35.80 23.85
CA CYS H 101 49.63 35.34 23.36
C CYS H 101 49.69 33.83 23.27
N VAL H 102 48.98 33.12 24.15
CA VAL H 102 48.90 31.67 24.05
C VAL H 102 48.14 31.27 22.80
N SER H 103 47.04 31.95 22.51
CA SER H 103 46.33 31.70 21.25
C SER H 103 47.16 32.12 20.04
N TRP H 104 47.98 33.16 20.19
CA TRP H 104 48.82 33.62 19.10
C TRP H 104 49.91 32.59 18.78
N ILE H 105 50.52 32.03 19.81
CA ILE H 105 51.53 30.99 19.60
C ILE H 105 50.88 29.72 19.07
N GLU H 106 49.62 29.46 19.48
CA GLU H 106 48.88 28.32 18.93
C GLU H 106 48.65 28.46 17.44
N VAL H 107 48.20 29.64 17.00
CA VAL H 107 47.93 29.80 15.58
C VAL H 107 49.23 29.93 14.79
N LEU H 108 50.30 30.41 15.44
CA LEU H 108 51.62 30.43 14.79
C LEU H 108 52.15 29.02 14.56
N ILE H 109 51.97 28.12 15.51
CA ILE H 109 52.48 26.75 15.34
C ILE H 109 51.60 25.98 14.35
N GLN H 110 50.27 26.11 14.47
CA GLN H 110 49.38 25.46 13.51
C GLN H 110 49.56 26.01 12.11
N SER H 111 49.96 27.27 11.99
CA SER H 111 50.36 27.81 10.70
C SER H 111 51.68 27.20 10.24
N SER H 112 52.69 27.25 11.09
CA SER H 112 54.07 26.90 10.75
C SER H 112 54.29 25.40 10.58
N VAL H 113 53.26 24.57 10.76
CA VAL H 113 53.34 23.18 10.34
C VAL H 113 53.72 23.06 8.87
N ALA H 114 52.93 23.68 7.99
CA ALA H 114 53.13 23.54 6.55
C ALA H 114 54.41 24.15 5.96
N PRO H 115 54.91 25.33 6.39
CA PRO H 115 56.20 25.78 5.84
C PRO H 115 57.39 24.95 6.28
N ILE H 116 57.39 24.43 7.51
CA ILE H 116 58.46 23.54 7.93
C ILE H 116 58.43 22.25 7.11
N ALA H 117 57.23 21.77 6.80
CA ALA H 117 57.09 20.59 5.95
C ALA H 117 57.58 20.87 4.53
N TRP H 118 57.28 22.05 3.99
CA TRP H 118 57.74 22.38 2.65
C TRP H 118 59.25 22.59 2.60
N LEU H 119 59.80 23.23 3.64
CA LEU H 119 61.24 23.41 3.76
C LEU H 119 61.96 22.08 3.85
N PHE H 120 61.40 21.14 4.61
CA PHE H 120 61.96 19.79 4.66
C PHE H 120 61.82 19.06 3.33
N VAL H 121 60.74 19.30 2.59
CA VAL H 121 60.59 18.65 1.28
C VAL H 121 61.66 19.14 0.31
N VAL H 122 61.92 20.44 0.29
CA VAL H 122 62.87 20.93 -0.71
C VAL H 122 64.31 20.70 -0.28
N PHE H 123 64.62 20.86 1.01
CA PHE H 123 65.92 20.45 1.52
C PHE H 123 66.15 18.94 1.38
N LEU H 124 65.09 18.15 1.46
CA LEU H 124 65.20 16.71 1.28
C LEU H 124 65.42 16.36 -0.19
N ASP H 125 64.98 17.22 -1.10
CA ASP H 125 65.43 17.11 -2.47
C ASP H 125 66.89 17.58 -2.53
N GLY H 126 67.62 17.02 -3.48
CA GLY H 126 68.88 17.65 -3.80
C GLY H 126 68.56 18.73 -4.80
N GLY H 127 68.35 19.93 -4.28
CA GLY H 127 67.77 20.98 -5.08
C GLY H 127 68.46 22.30 -4.85
N TYR H 128 67.67 23.28 -4.44
CA TYR H 128 68.11 24.66 -4.33
C TYR H 128 69.12 24.90 -3.22
N TYR H 129 69.46 23.90 -2.42
CA TYR H 129 70.61 24.06 -1.55
C TYR H 129 71.91 23.77 -2.29
N ARG H 130 71.91 22.88 -3.31
CA ARG H 130 73.11 22.76 -4.12
C ARG H 130 73.28 23.99 -4.99
N CYS H 131 72.17 24.66 -5.30
CA CYS H 131 72.14 25.88 -6.07
C CYS H 131 72.51 27.09 -5.22
N TYR H 132 72.93 26.87 -3.98
CA TYR H 132 73.33 27.90 -3.03
C TYR H 132 74.81 27.85 -2.72
N ARG H 133 75.30 26.71 -2.23
CA ARG H 133 76.73 26.61 -2.01
C ARG H 133 77.46 26.03 -3.21
N SER H 134 76.77 25.71 -4.31
CA SER H 134 77.46 25.59 -5.58
C SER H 134 78.02 26.93 -6.00
N HIS H 135 77.25 27.99 -5.79
CA HIS H 135 77.77 29.35 -5.81
C HIS H 135 78.86 29.50 -4.77
N GLU H 136 78.47 29.40 -3.49
CA GLU H 136 79.35 29.80 -2.37
C GLU H 136 80.65 28.99 -2.27
N PHE H 137 80.77 27.89 -3.01
CA PHE H 137 82.02 27.13 -3.02
C PHE H 137 82.95 27.60 -4.14
N CYS H 138 82.37 28.04 -5.27
CA CYS H 138 83.03 28.11 -6.57
C CYS H 138 84.13 29.19 -6.67
N LEU H 139 84.37 30.00 -5.62
CA LEU H 139 85.40 31.05 -5.60
C LEU H 139 85.17 32.07 -6.71
N ILE H 140 84.12 32.87 -6.54
CA ILE H 140 83.39 33.44 -7.66
C ILE H 140 83.71 34.90 -7.90
N SER H 141 84.72 35.46 -7.24
CA SER H 141 84.96 36.90 -7.35
C SER H 141 85.51 37.27 -8.72
N ASP H 142 86.12 36.31 -9.41
CA ASP H 142 86.42 36.55 -10.82
C ASP H 142 85.17 36.55 -11.68
N ALA H 143 84.09 35.88 -11.28
CA ALA H 143 82.84 36.01 -12.02
C ALA H 143 82.12 37.32 -11.72
N ILE H 144 82.41 37.94 -10.57
CA ILE H 144 82.05 39.34 -10.39
C ILE H 144 82.73 40.21 -11.43
N LEU H 145 84.01 39.96 -11.67
CA LEU H 145 84.73 40.69 -12.72
C LEU H 145 84.22 40.32 -14.11
N CYS H 146 83.86 39.05 -14.30
CA CYS H 146 83.30 38.60 -15.57
C CYS H 146 81.94 39.21 -15.85
N LYS H 147 81.15 39.50 -14.83
CA LYS H 147 79.84 40.13 -15.02
C LYS H 147 79.84 41.62 -14.74
N ASN H 148 81.01 42.22 -14.50
CA ASN H 148 81.10 43.67 -14.61
C ASN H 148 80.98 44.11 -16.06
N SER H 149 81.43 43.27 -16.99
CA SER H 149 81.27 43.51 -18.42
C SER H 149 81.14 42.16 -19.10
N THR H 150 80.00 41.93 -19.76
CA THR H 150 79.64 40.63 -20.32
C THR H 150 80.53 40.18 -21.48
N ILE H 151 81.36 41.08 -22.02
CA ILE H 151 82.42 40.68 -22.94
C ILE H 151 83.37 39.71 -22.25
N LEU H 152 83.65 39.93 -20.96
CA LEU H 152 84.44 38.99 -20.19
C LEU H 152 83.71 37.68 -19.95
N ASN H 153 82.38 37.70 -19.84
CA ASN H 153 81.60 36.47 -19.79
C ASN H 153 81.74 35.69 -21.09
N SER H 154 81.65 36.38 -22.23
CA SER H 154 81.75 35.72 -23.52
C SER H 154 83.14 35.13 -23.76
N TYR H 155 84.19 35.89 -23.46
CA TYR H 155 85.54 35.37 -23.64
C TYR H 155 86.01 34.48 -22.49
N ALA H 156 85.25 34.38 -21.41
CA ALA H 156 85.52 33.36 -20.40
C ALA H 156 84.81 32.06 -20.71
N SER H 157 83.67 32.12 -21.39
CA SER H 157 83.00 30.89 -21.81
C SER H 157 83.62 30.32 -23.08
N THR H 158 83.96 31.17 -24.05
CA THR H 158 84.37 30.73 -25.37
C THR H 158 85.90 30.62 -25.52
N SER H 159 86.61 31.73 -25.32
CA SER H 159 88.05 31.76 -25.62
C SER H 159 88.83 30.97 -24.58
N SER H 160 88.80 31.40 -23.33
CA SER H 160 89.29 30.53 -22.27
C SER H 160 88.22 29.49 -21.95
N PHE H 161 88.66 28.38 -21.36
CA PHE H 161 87.74 27.30 -21.09
C PHE H 161 87.05 27.50 -19.74
N ASN H 162 86.27 26.51 -19.32
CA ASN H 162 85.50 26.59 -18.10
C ASN H 162 85.98 25.60 -17.04
N LYS H 163 86.10 24.33 -17.39
CA LYS H 163 86.60 23.34 -16.46
C LYS H 163 88.10 23.13 -16.55
N ILE H 164 88.72 23.51 -17.68
CA ILE H 164 90.18 23.61 -17.74
C ILE H 164 90.65 24.82 -16.96
N SER H 165 89.80 25.84 -16.80
CA SER H 165 90.08 27.00 -15.99
C SER H 165 89.65 26.83 -14.53
N ASP H 166 89.67 25.59 -14.02
CA ASP H 166 89.36 25.33 -12.62
C ASP H 166 90.53 25.56 -11.68
N ASN H 167 91.54 26.35 -12.07
CA ASN H 167 92.69 26.57 -11.21
C ASN H 167 92.41 27.65 -10.17
N GLY H 168 92.12 28.87 -10.61
CA GLY H 168 92.04 30.01 -9.70
C GLY H 168 90.65 30.35 -9.23
N LYS H 169 90.12 31.49 -9.68
CA LYS H 169 88.77 31.88 -9.32
C LYS H 169 87.90 31.93 -10.57
N TYR H 170 86.64 31.53 -10.43
CA TYR H 170 85.94 30.90 -11.54
C TYR H 170 84.90 31.85 -12.14
N CYS H 171 84.56 31.58 -13.40
CA CYS H 171 83.58 32.28 -14.20
C CYS H 171 82.62 31.24 -14.75
N PRO H 172 81.44 31.64 -15.27
CA PRO H 172 80.14 31.08 -14.74
C PRO H 172 80.04 29.57 -14.64
N PRO H 173 80.13 28.76 -15.73
CA PRO H 173 79.36 27.50 -15.77
C PRO H 173 79.68 26.45 -14.70
N CYS H 174 80.72 26.66 -13.89
CA CYS H 174 80.80 26.03 -12.57
C CYS H 174 79.55 26.30 -11.73
N ILE H 175 78.99 27.50 -11.85
CA ILE H 175 77.83 27.89 -11.05
C ILE H 175 76.60 27.08 -11.43
N CYS H 176 76.26 27.08 -12.73
CA CYS H 176 75.07 26.35 -13.17
C CYS H 176 75.23 24.85 -13.10
N VAL H 177 76.45 24.34 -13.18
CA VAL H 177 76.71 22.92 -12.96
C VAL H 177 78.09 22.74 -12.34
N PRO H 178 78.16 22.21 -11.12
CA PRO H 178 79.45 22.02 -10.45
C PRO H 178 80.06 20.68 -10.82
N ASN H 179 81.18 20.39 -10.17
CA ASN H 179 81.77 19.06 -10.23
C ASN H 179 80.82 18.07 -9.56
N PRO H 180 80.59 16.89 -10.14
CA PRO H 180 79.63 15.94 -9.56
C PRO H 180 80.06 15.37 -8.22
N THR H 181 81.36 15.34 -7.93
CA THR H 181 81.82 15.05 -6.58
C THR H 181 81.33 16.10 -5.60
N ASP H 182 81.58 17.37 -5.93
CA ASP H 182 81.07 18.50 -5.16
C ASP H 182 79.55 18.50 -5.11
N ALA H 183 78.90 18.18 -6.24
CA ALA H 183 77.44 18.20 -6.31
C ALA H 183 76.83 17.14 -5.40
N SER H 184 77.39 15.94 -5.39
CA SER H 184 76.88 14.89 -4.52
C SER H 184 77.20 15.15 -3.05
N TYR H 185 78.40 15.66 -2.77
CA TYR H 185 78.77 16.07 -1.42
C TYR H 185 77.80 17.09 -0.85
N LEU H 186 77.53 18.13 -1.62
CA LEU H 186 76.68 19.21 -1.14
C LEU H 186 75.22 18.81 -1.16
N GLU H 187 74.86 17.87 -2.04
CA GLU H 187 73.52 17.30 -2.07
C GLU H 187 73.22 16.54 -0.79
N ALA H 188 74.14 15.69 -0.36
CA ALA H 188 73.89 14.99 0.89
C ALA H 188 74.13 15.87 2.11
N GLU H 189 74.90 16.95 1.96
CA GLU H 189 74.90 17.99 2.98
C GLU H 189 73.51 18.58 3.14
N SER H 190 72.81 18.80 2.02
CA SER H 190 71.42 19.25 2.08
C SER H 190 70.52 18.20 2.70
N GLN H 191 70.80 16.92 2.44
CA GLN H 191 69.98 15.86 3.04
C GLN H 191 70.15 15.82 4.56
N ILE H 192 71.37 16.01 5.05
CA ILE H 192 71.54 15.94 6.50
C ILE H 192 71.04 17.19 7.18
N TYR H 193 71.15 18.37 6.54
CA TYR H 193 70.45 19.55 7.07
C TYR H 193 68.94 19.39 7.03
N ALA H 194 68.42 18.71 6.02
CA ALA H 194 66.98 18.44 5.93
C ALA H 194 66.51 17.60 7.11
N TRP H 195 67.22 16.50 7.38
CA TRP H 195 66.74 15.66 8.45
C TRP H 195 67.04 16.27 9.82
N GLY H 196 68.08 17.10 9.92
CA GLY H 196 68.33 17.79 11.18
C GLY H 196 67.24 18.80 11.49
N LEU H 197 66.79 19.54 10.46
CA LEU H 197 65.67 20.46 10.65
C LEU H 197 64.39 19.71 10.99
N LEU H 198 64.14 18.58 10.30
CA LEU H 198 62.92 17.82 10.55
C LEU H 198 62.90 17.24 11.96
N LEU H 199 64.03 16.69 12.40
CA LEU H 199 64.10 16.09 13.72
C LEU H 199 64.06 17.14 14.81
N PHE H 200 64.68 18.30 14.58
CA PHE H 200 64.61 19.39 15.55
C PHE H 200 63.19 19.92 15.67
N SER H 201 62.51 20.11 14.53
CA SER H 201 61.13 20.57 14.54
C SER H 201 60.21 19.53 15.16
N GLY H 202 60.46 18.25 14.90
CA GLY H 202 59.61 17.21 15.47
C GLY H 202 59.74 17.10 16.97
N VAL H 203 60.98 17.14 17.47
CA VAL H 203 61.22 17.08 18.91
C VAL H 203 60.67 18.32 19.60
N ALA H 204 60.90 19.51 19.01
CA ALA H 204 60.42 20.74 19.63
C ALA H 204 58.89 20.83 19.58
N ALA H 205 58.28 20.35 18.49
CA ALA H 205 56.83 20.39 18.39
C ALA H 205 56.17 19.39 19.31
N PHE H 206 56.76 18.19 19.42
CA PHE H 206 56.31 17.22 20.41
C PHE H 206 56.39 17.77 21.82
N LEU H 207 57.51 18.42 22.16
CA LEU H 207 57.67 18.96 23.50
C LEU H 207 56.70 20.11 23.77
N VAL H 208 56.44 20.94 22.78
CA VAL H 208 55.51 22.06 22.99
C VAL H 208 54.07 21.57 23.06
N ILE H 209 53.63 20.72 22.14
CA ILE H 209 52.24 20.29 22.21
C ILE H 209 52.02 19.21 23.26
N THR H 210 53.09 18.70 23.88
CA THR H 210 52.92 17.93 25.11
C THR H 210 52.80 18.87 26.30
N CYS H 211 53.65 19.89 26.37
CA CYS H 211 53.62 20.83 27.48
C CYS H 211 52.41 21.77 27.41
N ASN H 212 51.62 21.73 26.34
CA ASN H 212 50.28 22.32 26.34
C ASN H 212 49.20 21.25 26.20
N ARG H 213 49.53 20.00 26.46
CA ARG H 213 48.56 18.97 26.80
C ARG H 213 48.84 18.36 28.16
N MET H 214 49.95 18.70 28.80
CA MET H 214 50.26 18.27 30.14
C MET H 214 50.10 19.38 31.16
N CYS H 215 50.20 20.64 30.74
CA CYS H 215 49.84 21.78 31.57
C CYS H 215 48.39 22.19 31.36
N ASP H 216 47.62 21.37 30.65
CA ASP H 216 46.21 21.65 30.44
C ASP H 216 45.45 21.45 31.75
N LYS H 217 44.56 22.39 32.06
CA LYS H 217 43.76 22.29 33.28
C LYS H 217 42.80 21.12 33.23
N TYR H 218 42.03 21.01 32.16
CA TYR H 218 41.10 19.92 32.02
C TYR H 218 41.86 18.63 31.73
N THR H 219 41.17 17.52 31.84
CA THR H 219 41.80 16.23 31.64
C THR H 219 41.06 15.53 30.49
N LEU H 220 41.57 14.35 30.09
CA LEU H 220 41.44 13.91 28.69
C LEU H 220 40.00 13.63 28.29
N VAL H 221 39.19 13.11 29.20
CA VAL H 221 37.77 12.96 28.88
C VAL H 221 37.06 14.30 28.93
N GLN H 222 37.44 15.15 29.89
CA GLN H 222 36.85 16.49 29.95
C GLN H 222 37.31 17.34 28.77
N ARG H 223 38.56 17.14 28.32
CA ARG H 223 39.04 17.88 27.17
C ARG H 223 38.40 17.38 25.88
N GLN H 224 38.20 16.06 25.74
CA GLN H 224 37.48 15.57 24.58
C GLN H 224 36.03 16.01 24.59
N TYR H 225 35.41 16.18 25.75
CA TYR H 225 34.05 16.66 25.76
C TYR H 225 33.96 18.16 25.47
N VAL H 226 34.92 18.94 25.97
CA VAL H 226 34.95 20.37 25.62
C VAL H 226 35.19 20.54 24.13
N GLU H 227 36.04 19.70 23.54
CA GLU H 227 36.28 19.80 22.10
C GLU H 227 35.08 19.31 21.30
N THR H 228 34.36 18.29 21.78
CA THR H 228 33.15 17.86 21.08
C THR H 228 32.07 18.91 21.19
N TYR H 229 31.93 19.54 22.36
CA TYR H 229 30.92 20.56 22.54
C TYR H 229 31.24 21.81 21.74
N LYS H 230 32.52 22.17 21.65
CA LYS H 230 32.94 23.29 20.81
C LYS H 230 32.69 23.00 19.34
N ASN H 231 33.08 21.81 18.88
CA ASN H 231 32.89 21.40 17.50
C ASN H 231 31.44 21.13 17.15
N VAL H 232 30.54 21.08 18.12
CA VAL H 232 29.13 20.90 17.77
C VAL H 232 28.41 22.22 17.93
N GLU H 233 28.84 23.09 18.85
CA GLU H 233 28.11 24.35 18.94
C GLU H 233 28.54 25.34 17.86
N THR H 234 29.79 25.29 17.39
CA THR H 234 30.14 26.18 16.28
C THR H 234 29.74 25.61 14.93
N GLN H 235 28.91 24.58 14.91
CA GLN H 235 28.17 24.14 13.74
C GLN H 235 26.68 24.28 13.93
N LYS H 236 26.19 24.01 15.13
CA LYS H 236 24.76 24.09 15.40
C LYS H 236 24.31 25.53 15.52
N PHE H 237 25.16 26.39 16.07
CA PHE H 237 24.94 27.82 16.07
C PHE H 237 24.90 28.38 14.66
N ASP H 238 25.76 27.87 13.78
CA ASP H 238 25.73 28.36 12.40
C ASP H 238 24.51 27.84 11.66
N ALA H 239 24.05 26.62 11.96
CA ALA H 239 22.84 26.13 11.33
C ALA H 239 21.61 26.90 11.80
N VAL H 240 21.57 27.27 13.08
CA VAL H 240 20.46 28.06 13.58
C VAL H 240 20.54 29.50 13.07
N ALA H 241 21.75 30.04 12.93
CA ALA H 241 21.90 31.37 12.33
C ALA H 241 21.48 31.37 10.87
N LYS H 242 21.77 30.27 10.15
CA LYS H 242 21.35 30.19 8.76
C LYS H 242 19.85 30.07 8.63
N GLU H 243 19.20 29.24 9.46
CA GLU H 243 17.76 29.12 9.30
C GLU H 243 17.02 30.33 9.86
N HIS H 244 17.62 31.04 10.82
CA HIS H 244 17.05 32.28 11.29
C HIS H 244 17.16 33.38 10.24
N ALA H 245 18.32 33.51 9.60
CA ALA H 245 18.43 34.46 8.51
C ALA H 245 17.60 34.04 7.31
N SER H 246 17.37 32.75 7.14
CA SER H 246 16.54 32.29 6.02
C SER H 246 15.08 32.61 6.26
N GLN H 247 14.59 32.46 7.49
CA GLN H 247 13.22 32.86 7.76
C GLN H 247 13.05 34.37 7.70
N LEU H 248 14.02 35.11 8.22
CA LEU H 248 13.91 36.56 8.18
C LEU H 248 14.28 37.14 6.81
N ALA H 249 14.77 36.33 5.88
CA ALA H 249 14.89 36.73 4.49
C ALA H 249 13.69 36.31 3.66
N GLU H 250 13.10 35.15 3.95
CA GLU H 250 11.79 34.77 3.42
C GLU H 250 10.75 35.85 3.68
N HIS H 251 10.58 36.21 4.95
CA HIS H 251 9.56 37.19 5.31
C HIS H 251 9.90 38.58 4.79
N ASN H 252 11.18 38.92 4.67
CA ASN H 252 11.50 40.23 4.15
C ASN H 252 11.53 40.27 2.62
N ALA H 253 11.57 39.13 1.96
CA ALA H 253 11.37 39.13 0.51
C ALA H 253 9.89 39.16 0.17
N ARG H 254 9.07 38.43 0.92
CA ARG H 254 7.62 38.56 0.79
C ARG H 254 7.14 39.94 1.19
N ALA H 255 7.89 40.61 2.06
CA ALA H 255 7.53 41.96 2.50
C ALA H 255 7.71 42.99 1.40
N PHE H 256 8.50 42.68 0.38
CA PHE H 256 8.70 43.69 -0.65
C PHE H 256 7.79 43.44 -1.85
N PHE H 257 7.50 42.20 -2.18
CA PHE H 257 6.59 41.93 -3.28
C PHE H 257 5.18 41.72 -2.78
N GLY H 258 4.81 42.46 -1.75
CA GLY H 258 3.46 42.67 -1.36
C GLY H 258 3.20 44.14 -1.14
N GLN H 259 3.76 45.03 -1.96
CA GLN H 259 3.41 46.44 -1.79
C GLN H 259 2.65 47.01 -2.97
N LYS H 260 3.22 46.93 -4.18
CA LYS H 260 2.74 47.60 -5.40
C LYS H 260 2.52 49.10 -5.21
N ASN H 278 19.82 42.15 20.04
CA ASN H 278 21.21 41.84 19.77
C ASN H 278 22.04 43.12 19.64
N PRO H 279 22.54 43.63 20.76
CA PRO H 279 23.49 44.76 20.68
C PRO H 279 24.91 44.27 20.50
N LEU H 280 25.89 45.17 20.49
CA LEU H 280 27.30 44.75 20.36
C LEU H 280 27.78 43.92 21.54
N PHE H 281 27.19 44.08 22.72
CA PHE H 281 27.56 43.25 23.85
C PHE H 281 27.24 41.78 23.61
N ALA H 282 26.08 41.48 23.02
CA ALA H 282 25.77 40.09 22.74
C ALA H 282 26.63 39.56 21.59
N ARG H 283 26.86 40.39 20.57
CA ARG H 283 27.66 39.93 19.43
C ARG H 283 29.14 39.94 19.74
N LEU H 284 29.53 40.35 20.94
CA LEU H 284 30.92 40.30 21.36
C LEU H 284 31.19 39.29 22.47
N ARG H 285 30.24 39.07 23.38
CA ARG H 285 30.34 37.88 24.21
C ARG H 285 29.99 36.61 23.45
N LEU H 286 29.52 36.72 22.21
CA LEU H 286 29.29 35.55 21.39
C LEU H 286 30.52 35.11 20.62
N ILE H 287 31.71 35.46 21.10
CA ILE H 287 32.94 35.21 20.35
C ILE H 287 34.03 34.63 21.24
N ALA H 288 34.70 33.59 20.73
CA ALA H 288 35.66 32.74 21.43
C ALA H 288 36.99 33.44 21.66
N ALA H 289 38.05 32.64 21.84
CA ALA H 289 39.32 33.02 22.48
C ALA H 289 39.01 33.47 23.90
N GLU H 290 38.56 32.51 24.68
CA GLU H 290 37.96 32.69 25.99
C GLU H 290 38.86 32.16 27.09
N LYS H 291 38.48 32.48 28.32
CA LYS H 291 39.07 31.82 29.48
C LYS H 291 38.35 30.49 29.71
N THR H 292 39.13 29.51 30.18
CA THR H 292 38.58 28.18 30.45
C THR H 292 38.61 27.90 31.94
N GLN H 293 38.25 28.90 32.75
CA GLN H 293 38.42 28.86 34.20
C GLN H 293 37.16 28.47 34.95
N GLN H 294 36.00 28.48 34.30
CA GLN H 294 34.73 28.22 34.96
C GLN H 294 34.19 26.88 34.46
N THR H 295 33.15 26.38 35.13
CA THR H 295 32.49 25.14 34.70
C THR H 295 31.86 25.31 33.32
N MET H 296 31.46 26.52 32.96
CA MET H 296 31.04 26.79 31.59
C MET H 296 32.18 27.40 30.80
N TYR H 297 32.08 27.29 29.48
CA TYR H 297 33.18 27.58 28.56
C TYR H 297 32.62 27.85 27.18
N THR H 298 33.50 28.31 26.28
CA THR H 298 33.23 28.63 24.87
C THR H 298 32.13 29.69 24.82
N PRO H 299 32.48 30.96 25.03
CA PRO H 299 31.66 31.86 25.88
C PRO H 299 30.25 32.17 25.40
N LEU H 300 29.74 31.49 24.37
CA LEU H 300 28.30 31.46 24.17
C LEU H 300 27.60 30.99 25.43
N GLN H 301 28.11 29.89 26.02
CA GLN H 301 27.62 29.42 27.32
C GLN H 301 27.79 30.47 28.41
N LEU H 302 28.92 31.17 28.43
CA LEU H 302 29.20 32.05 29.55
C LEU H 302 28.35 33.31 29.45
N TRP H 303 28.15 33.80 28.23
CA TRP H 303 27.17 34.85 27.96
C TRP H 303 25.78 34.42 28.38
N ASN H 304 25.39 33.19 28.02
CA ASN H 304 24.06 32.70 28.31
C ASN H 304 23.82 32.56 29.81
N ASP H 305 24.85 32.15 30.55
CA ASP H 305 24.75 32.11 31.99
C ASP H 305 24.69 33.53 32.56
N ASN H 306 25.41 34.46 31.94
CA ASN H 306 25.46 35.83 32.47
C ASN H 306 24.14 36.55 32.25
N LYS H 307 23.75 36.73 30.99
CA LYS H 307 22.53 37.45 30.64
C LYS H 307 21.40 36.43 30.49
N GLY H 308 20.30 36.81 29.84
CA GLY H 308 19.07 36.04 29.79
C GLY H 308 19.19 34.62 29.22
N TYR H 309 18.09 33.88 29.33
CA TYR H 309 18.01 32.43 29.10
C TYR H 309 19.01 31.73 30.01
N ARG H 310 18.68 31.70 31.30
CA ARG H 310 19.64 31.30 32.33
C ARG H 310 20.11 29.85 32.17
N ILE H 311 19.22 28.88 32.02
CA ILE H 311 19.67 27.52 31.67
C ILE H 311 18.87 26.96 30.51
N PRO H 312 19.46 26.09 29.68
CA PRO H 312 18.81 25.17 28.74
C PRO H 312 18.36 23.86 29.38
N MET I 1 63.70 -5.53 -5.61
CA MET I 1 63.31 -5.96 -4.26
C MET I 1 62.03 -5.26 -3.81
N THR I 2 61.46 -4.44 -4.70
CA THR I 2 60.30 -3.62 -4.33
C THR I 2 59.02 -4.45 -4.32
N THR I 3 58.73 -5.17 -5.41
CA THR I 3 57.51 -5.96 -5.50
C THR I 3 57.54 -7.15 -4.54
N SER I 4 58.74 -7.65 -4.24
CA SER I 4 58.89 -8.71 -3.24
C SER I 4 58.42 -8.26 -1.87
N ILE I 5 58.93 -7.11 -1.41
CA ILE I 5 58.53 -6.60 -0.11
C ILE I 5 57.11 -6.05 -0.15
N ASN I 6 56.59 -5.69 -1.33
CA ASN I 6 55.16 -5.35 -1.43
C ASN I 6 54.28 -6.60 -1.26
N SER I 7 54.73 -7.74 -1.75
CA SER I 7 54.02 -8.99 -1.48
C SER I 7 54.10 -9.34 0.00
N VAL I 8 55.24 -9.05 0.63
CA VAL I 8 55.36 -9.20 2.08
C VAL I 8 54.40 -8.26 2.82
N VAL I 9 54.18 -7.06 2.25
CA VAL I 9 53.20 -6.11 2.80
C VAL I 9 51.80 -6.69 2.74
N THR I 10 51.44 -7.32 1.61
CA THR I 10 50.12 -7.95 1.52
C THR I 10 49.97 -9.10 2.51
N VAL I 11 51.03 -9.88 2.70
CA VAL I 11 51.04 -10.97 3.68
C VAL I 11 50.83 -10.44 5.09
N PHE I 12 51.55 -9.39 5.46
CA PHE I 12 51.39 -8.89 6.82
C PHE I 12 50.20 -7.95 6.98
N GLN I 13 49.58 -7.51 5.87
CA GLN I 13 48.22 -6.97 5.96
C GLN I 13 47.25 -8.06 6.36
N ASN I 14 47.40 -9.26 5.79
CA ASN I 14 46.60 -10.39 6.25
C ASN I 14 46.90 -10.74 7.71
N VAL I 15 48.16 -10.59 8.13
CA VAL I 15 48.53 -10.87 9.52
C VAL I 15 47.89 -9.85 10.47
N PHE I 16 48.05 -8.56 10.18
CA PHE I 16 47.45 -7.50 11.01
C PHE I 16 45.95 -7.35 10.80
N THR I 17 45.34 -8.12 9.90
CA THR I 17 43.90 -8.31 9.98
C THR I 17 43.51 -9.62 10.67
N ASN I 18 44.47 -10.51 10.93
CA ASN I 18 44.13 -11.70 11.72
C ASN I 18 44.14 -11.42 13.22
N HIS I 19 45.31 -11.13 13.79
CA HIS I 19 45.48 -11.02 15.25
C HIS I 19 46.70 -10.16 15.56
N GLY I 20 47.14 -10.22 16.81
CA GLY I 20 48.28 -9.50 17.32
C GLY I 20 48.07 -9.16 18.78
N SER I 21 48.67 -8.04 19.21
CA SER I 21 48.40 -7.52 20.54
C SER I 21 47.23 -6.52 20.52
N THR I 22 47.40 -5.42 19.78
CA THR I 22 46.31 -4.56 19.36
C THR I 22 46.49 -4.30 17.87
N LEU I 23 45.54 -3.56 17.29
CA LEU I 23 45.56 -3.29 15.86
C LEU I 23 45.25 -1.84 15.54
N LEU I 24 45.56 -0.90 16.44
CA LEU I 24 45.26 0.50 16.20
C LEU I 24 46.22 1.15 15.20
N ASN I 25 47.39 0.56 14.98
CA ASN I 25 48.38 1.13 14.08
C ASN I 25 48.78 0.17 12.97
N GLY I 26 48.06 -0.95 12.83
CA GLY I 26 48.38 -1.91 11.79
C GLY I 26 48.05 -1.46 10.37
N ILE I 27 47.22 -0.42 10.24
CA ILE I 27 46.94 0.14 8.93
C ILE I 27 48.16 0.92 8.43
N LEU I 28 48.79 1.70 9.30
CA LEU I 28 49.83 2.63 8.87
C LEU I 28 51.17 1.95 8.63
N ILE I 29 51.47 0.87 9.37
CA ILE I 29 52.79 0.22 9.28
C ILE I 29 52.97 -0.44 7.91
N ALA I 30 51.93 -1.14 7.44
CA ALA I 30 51.99 -1.77 6.13
C ALA I 30 52.07 -0.76 5.01
N THR I 31 51.43 0.41 5.17
CA THR I 31 51.55 1.46 4.16
C THR I 31 52.95 2.07 4.16
N THR I 32 53.57 2.19 5.35
CA THR I 32 54.95 2.66 5.42
C THR I 32 55.90 1.70 4.70
N VAL I 33 55.73 0.39 4.93
CA VAL I 33 56.63 -0.56 4.29
C VAL I 33 56.38 -0.63 2.79
N GLY I 34 55.11 -0.63 2.37
CA GLY I 34 54.79 -0.73 0.96
C GLY I 34 55.10 0.53 0.16
N GLY I 35 55.15 1.69 0.82
CA GLY I 35 55.54 2.90 0.13
C GLY I 35 57.04 3.13 0.20
N GLN I 36 57.66 2.71 1.28
CA GLN I 36 59.08 2.98 1.40
C GLN I 36 59.95 1.88 0.83
N SER I 37 59.36 0.76 0.40
CA SER I 37 60.05 -0.08 -0.57
C SER I 37 60.28 0.65 -1.88
N LEU I 38 59.25 1.36 -2.36
CA LEU I 38 59.40 2.18 -3.55
C LEU I 38 60.23 3.43 -3.31
N VAL I 39 60.30 3.90 -2.05
CA VAL I 39 61.31 4.91 -1.72
C VAL I 39 62.71 4.32 -1.85
N ARG I 40 62.93 3.12 -1.30
CA ARG I 40 64.22 2.46 -1.38
C ARG I 40 64.60 2.02 -2.79
N LYS I 41 63.63 2.02 -3.73
CA LYS I 41 63.99 1.94 -5.14
C LYS I 41 64.87 3.11 -5.57
N LEU I 42 64.68 4.30 -4.97
CA LEU I 42 65.48 5.50 -5.27
C LEU I 42 66.03 6.07 -3.96
N THR I 43 67.16 5.54 -3.53
CA THR I 43 67.84 5.93 -2.28
C THR I 43 69.33 5.82 -2.51
N PHE I 44 70.08 5.71 -1.39
CA PHE I 44 71.55 5.78 -1.29
C PHE I 44 72.13 6.93 -2.12
N SER I 45 71.78 8.14 -1.68
CA SER I 45 72.45 9.34 -2.18
C SER I 45 73.94 9.28 -1.84
N CYS I 46 74.26 8.97 -0.58
CA CYS I 46 75.49 8.33 -0.13
C CYS I 46 76.75 9.13 -0.48
N PRO I 47 77.04 10.20 0.24
CA PRO I 47 78.10 11.14 -0.17
C PRO I 47 79.48 10.52 -0.15
N CYS I 48 80.39 11.22 -0.82
CA CYS I 48 81.78 10.82 -0.96
C CYS I 48 82.68 11.39 0.11
N ALA I 49 82.20 11.64 1.32
CA ALA I 49 83.02 12.32 2.32
C ALA I 49 83.31 11.45 3.53
N TYR I 50 84.35 11.83 4.28
CA TYR I 50 84.67 11.10 5.51
C TYR I 50 83.60 11.32 6.60
N PRO I 51 83.31 12.57 7.07
CA PRO I 51 82.29 12.63 8.15
C PRO I 51 80.87 12.54 7.61
N LEU I 52 80.66 13.05 6.40
CA LEU I 52 79.30 13.16 5.89
C LEU I 52 78.72 11.83 5.45
N ASN I 53 79.56 10.84 5.17
CA ASN I 53 78.96 9.54 4.83
C ASN I 53 78.41 8.86 6.06
N ILE I 54 79.18 8.86 7.16
CA ILE I 54 78.68 8.34 8.43
C ILE I 54 77.50 9.16 8.91
N TYR I 55 77.51 10.47 8.67
CA TYR I 55 76.37 11.29 9.09
C TYR I 55 75.14 10.99 8.26
N HIS I 56 75.29 10.91 6.94
CA HIS I 56 74.16 10.62 6.05
C HIS I 56 73.68 9.18 6.18
N SER I 57 74.48 8.29 6.75
CA SER I 57 73.98 6.95 7.00
C SER I 57 73.36 6.83 8.39
N LEU I 58 74.05 7.33 9.40
CA LEU I 58 73.62 7.20 10.79
C LEU I 58 72.38 8.01 11.07
N VAL I 59 72.32 9.24 10.55
CA VAL I 59 71.11 10.06 10.68
C VAL I 59 69.95 9.42 9.94
N PHE I 60 70.18 8.94 8.72
CA PHE I 60 69.10 8.36 7.94
C PHE I 60 68.61 7.04 8.52
N MET I 61 69.43 6.34 9.30
CA MET I 61 68.94 5.16 10.01
C MET I 61 68.23 5.56 11.30
N PHE I 62 68.96 6.16 12.24
CA PHE I 62 68.44 6.37 13.59
C PHE I 62 67.61 7.64 13.71
N GLY I 63 67.26 8.29 12.61
CA GLY I 63 66.37 9.43 12.61
C GLY I 63 64.91 9.09 12.44
N PRO I 64 64.54 8.40 11.34
CA PRO I 64 63.15 7.93 11.20
C PRO I 64 62.73 6.94 12.27
N THR I 65 63.66 6.23 12.91
CA THR I 65 63.31 5.41 14.05
C THR I 65 62.81 6.28 15.21
N ALA I 66 63.53 7.35 15.53
CA ALA I 66 63.08 8.26 16.57
C ALA I 66 61.81 8.99 16.16
N ALA I 67 61.66 9.30 14.88
CA ALA I 67 60.47 9.99 14.41
C ALA I 67 59.24 9.10 14.50
N LEU I 68 59.34 7.85 14.03
CA LEU I 68 58.22 6.93 14.15
C LEU I 68 58.00 6.48 15.57
N LEU I 69 59.02 6.51 16.43
CA LEU I 69 58.82 6.25 17.85
C LEU I 69 58.01 7.37 18.48
N LEU I 70 58.32 8.62 18.12
CA LEU I 70 57.59 9.77 18.64
C LEU I 70 56.15 9.77 18.12
N ILE I 71 55.95 9.41 16.85
CA ILE I 71 54.61 9.29 16.31
C ILE I 71 53.84 8.16 16.98
N GLY I 72 54.51 7.04 17.24
CA GLY I 72 53.85 5.93 17.91
C GLY I 72 53.50 6.23 19.35
N ILE I 73 54.25 7.13 20.00
CA ILE I 73 53.81 7.65 21.28
C ILE I 73 52.57 8.51 21.11
N THR I 74 52.67 9.56 20.29
CA THR I 74 51.69 10.65 20.31
C THR I 74 50.35 10.21 19.72
N VAL I 75 50.36 9.31 18.75
CA VAL I 75 49.10 8.83 18.18
C VAL I 75 48.40 7.89 19.16
N ASN I 76 49.19 7.15 19.95
CA ASN I 76 48.64 6.15 20.87
C ASN I 76 47.86 6.84 21.99
N SER I 77 46.62 6.40 22.19
CA SER I 77 45.70 7.11 23.07
C SER I 77 46.10 6.95 24.53
N THR I 78 46.63 5.79 24.89
CA THR I 78 46.74 5.40 26.29
C THR I 78 47.74 6.28 27.04
N THR I 79 48.80 6.73 26.37
CA THR I 79 49.74 7.61 27.04
C THR I 79 49.13 8.96 27.33
N TRP I 80 48.20 9.43 26.50
CA TRP I 80 47.52 10.66 26.87
C TRP I 80 46.56 10.41 28.03
N LYS I 81 45.93 9.24 28.08
CA LYS I 81 45.15 8.91 29.27
C LYS I 81 46.02 8.73 30.50
N LEU I 82 47.33 8.54 30.30
CA LEU I 82 48.24 8.60 31.44
C LEU I 82 48.60 10.05 31.75
N ALA I 83 48.85 10.85 30.72
CA ALA I 83 49.48 12.14 30.94
C ALA I 83 48.90 13.23 30.03
N HIS I 84 47.57 13.30 29.93
CA HIS I 84 46.95 14.52 29.43
C HIS I 84 46.63 15.38 30.64
N GLY I 85 47.40 16.43 30.84
CA GLY I 85 47.18 17.26 32.00
C GLY I 85 47.67 16.61 33.27
N PHE I 86 48.94 16.22 33.29
CA PHE I 86 49.49 15.57 34.47
C PHE I 86 49.74 16.55 35.60
N PHE I 87 49.94 17.84 35.29
CA PHE I 87 50.13 18.83 36.34
C PHE I 87 48.87 19.05 37.14
N PHE I 88 47.74 19.26 36.47
CA PHE I 88 46.52 19.67 37.13
C PHE I 88 45.53 18.53 37.32
N ARG I 89 46.05 17.34 37.61
CA ARG I 89 45.20 16.29 38.16
C ARG I 89 44.85 16.66 39.59
N VAL I 90 43.58 16.47 39.95
CA VAL I 90 43.20 16.56 41.36
C VAL I 90 43.88 15.43 42.09
N ARG I 91 44.51 15.75 43.23
CA ARG I 91 45.46 14.86 43.89
C ARG I 91 44.79 13.58 44.36
N ASP I 92 45.58 12.49 44.33
CA ASP I 92 45.11 11.11 44.53
C ASP I 92 43.99 10.76 43.54
N THR I 93 44.21 11.08 42.28
CA THR I 93 43.44 10.49 41.19
C THR I 93 44.44 10.00 40.16
N ARG I 94 45.59 10.65 40.10
CA ARG I 94 46.77 9.96 39.59
C ARG I 94 47.10 8.83 40.54
N HIS I 95 47.38 7.66 39.98
CA HIS I 95 47.13 6.44 40.75
C HIS I 95 48.36 5.95 41.52
N SER I 96 49.46 5.66 40.83
CA SER I 96 50.57 4.97 41.47
C SER I 96 51.87 5.34 40.77
N TRP I 97 52.96 4.70 41.18
CA TRP I 97 54.21 4.74 40.45
C TRP I 97 54.48 3.43 39.72
N LYS I 98 54.00 2.31 40.25
CA LYS I 98 54.27 1.02 39.62
C LYS I 98 53.37 0.78 38.41
N THR I 99 52.08 1.07 38.55
CA THR I 99 51.13 0.78 37.47
C THR I 99 51.34 1.71 36.28
N THR I 100 51.68 2.97 36.55
CA THR I 100 51.95 3.93 35.48
C THR I 100 53.20 3.57 34.70
N CYS I 101 54.15 2.86 35.31
CA CYS I 101 55.30 2.37 34.56
C CYS I 101 54.94 1.17 33.70
N VAL I 102 53.98 0.36 34.14
CA VAL I 102 53.51 -0.75 33.32
C VAL I 102 52.78 -0.22 32.10
N SER I 103 51.95 0.81 32.28
CA SER I 103 51.32 1.44 31.13
C SER I 103 52.33 2.17 30.26
N TRP I 104 53.39 2.70 30.86
CA TRP I 104 54.42 3.39 30.09
C TRP I 104 55.20 2.42 29.22
N ILE I 105 55.55 1.25 29.76
CA ILE I 105 56.23 0.23 28.97
C ILE I 105 55.29 -0.34 27.91
N GLU I 106 53.98 -0.40 28.21
CA GLU I 106 53.00 -0.83 27.22
C GLU I 106 52.95 0.12 26.03
N VAL I 107 52.90 1.43 26.29
CA VAL I 107 52.81 2.37 25.18
C VAL I 107 54.16 2.49 24.49
N LEU I 108 55.26 2.25 25.21
CA LEU I 108 56.58 2.22 24.56
C LEU I 108 56.71 1.04 23.60
N ILE I 109 56.20 -0.12 23.97
CA ILE I 109 56.31 -1.28 23.07
C ILE I 109 55.35 -1.15 21.89
N GLN I 110 54.11 -0.72 22.16
CA GLN I 110 53.15 -0.50 21.08
C GLN I 110 53.60 0.61 20.15
N SER I 111 54.35 1.58 20.67
CA SER I 111 55.01 2.56 19.82
C SER I 111 56.13 1.92 19.02
N SER I 112 57.04 1.24 19.69
CA SER I 112 58.28 0.74 19.12
C SER I 112 58.09 -0.45 18.19
N VAL I 113 56.85 -0.92 17.99
CA VAL I 113 56.57 -1.87 16.91
C VAL I 113 57.04 -1.31 15.57
N ALA I 114 56.54 -0.14 15.19
CA ALA I 114 56.81 0.43 13.87
C ALA I 114 58.26 0.87 13.59
N PRO I 115 59.03 1.46 14.53
CA PRO I 115 60.44 1.74 14.19
C PRO I 115 61.31 0.50 14.06
N ILE I 116 61.05 -0.55 14.84
CA ILE I 116 61.80 -1.80 14.66
C ILE I 116 61.47 -2.41 13.30
N ALA I 117 60.21 -2.30 12.88
CA ALA I 117 59.82 -2.78 11.55
C ALA I 117 60.49 -1.96 10.45
N TRP I 118 60.59 -0.64 10.63
CA TRP I 118 61.24 0.18 9.61
C TRP I 118 62.74 -0.07 9.57
N LEU I 119 63.36 -0.23 10.75
CA LEU I 119 64.78 -0.55 10.83
C LEU I 119 65.08 -1.89 10.17
N PHE I 120 64.21 -2.88 10.38
CA PHE I 120 64.35 -4.16 9.68
C PHE I 120 64.14 -4.03 8.18
N VAL I 121 63.25 -3.15 7.75
CA VAL I 121 63.03 -2.96 6.32
C VAL I 121 64.28 -2.37 5.66
N VAL I 122 64.91 -1.38 6.29
CA VAL I 122 66.03 -0.73 5.62
C VAL I 122 67.30 -1.56 5.77
N PHE I 123 67.53 -2.18 6.93
CA PHE I 123 68.62 -3.14 7.06
C PHE I 123 68.42 -4.36 6.15
N LEU I 124 67.17 -4.74 5.89
CA LEU I 124 66.89 -5.84 4.98
C LEU I 124 67.14 -5.44 3.53
N ASP I 125 67.03 -4.16 3.22
CA ASP I 125 67.57 -3.67 1.97
C ASP I 125 69.08 -3.67 2.05
N GLY I 126 69.71 -3.85 0.90
CA GLY I 126 71.12 -3.54 0.85
C GLY I 126 71.21 -2.06 0.58
N GLY I 127 71.29 -1.29 1.65
CA GLY I 127 71.12 0.14 1.56
C GLY I 127 72.12 0.90 2.38
N TYR I 128 71.61 1.69 3.30
CA TYR I 128 72.41 2.63 4.07
C TYR I 128 73.34 1.96 5.07
N TYR I 129 73.31 0.65 5.21
CA TYR I 129 74.38 0.00 5.95
C TYR I 129 75.61 -0.22 5.08
N ARG I 130 75.44 -0.42 3.76
CA ARG I 130 76.63 -0.44 2.91
C ARG I 130 77.21 0.95 2.78
N CYS I 131 76.37 1.96 2.95
CA CYS I 131 76.76 3.36 2.92
C CYS I 131 77.38 3.80 4.24
N TYR I 132 77.61 2.85 5.16
CA TYR I 132 78.19 3.10 6.47
C TYR I 132 79.57 2.47 6.60
N ARG I 133 79.68 1.16 6.40
CA ARG I 133 80.99 0.56 6.43
C ARG I 133 81.63 0.48 5.06
N SER I 134 80.98 1.00 4.00
CA SER I 134 81.71 1.35 2.80
C SER I 134 82.67 2.49 3.09
N HIS I 135 82.20 3.46 3.88
CA HIS I 135 83.09 4.41 4.52
C HIS I 135 84.08 3.70 5.41
N GLU I 136 83.57 3.07 6.48
CA GLU I 136 84.42 2.57 7.58
C GLU I 136 85.42 1.50 7.15
N PHE I 137 85.29 0.94 5.94
CA PHE I 137 86.29 -0.02 5.45
C PHE I 137 87.40 0.68 4.67
N CYS I 138 87.07 1.76 3.99
CA CYS I 138 87.84 2.30 2.86
C CYS I 138 89.20 2.92 3.25
N LEU I 139 89.56 2.96 4.54
CA LEU I 139 90.85 3.51 5.03
C LEU I 139 91.01 4.97 4.62
N ILE I 140 90.21 5.83 5.27
CA ILE I 140 89.77 7.07 4.64
C ILE I 140 90.51 8.29 5.17
N SER I 141 91.58 8.11 5.94
CA SER I 141 92.23 9.27 6.58
C SER I 141 92.98 10.11 5.55
N ASP I 142 93.35 9.51 4.42
CA ASP I 142 93.83 10.34 3.32
C ASP I 142 92.71 11.14 2.68
N ALA I 143 91.45 10.69 2.76
CA ALA I 143 90.37 11.54 2.29
C ALA I 143 90.02 12.65 3.26
N ILE I 144 90.38 12.49 4.55
CA ILE I 144 90.40 13.63 5.46
C ILE I 144 91.38 14.68 4.96
N LEU I 145 92.57 14.22 4.53
CA LEU I 145 93.55 15.14 3.97
C LEU I 145 93.09 15.70 2.62
N CYS I 146 92.39 14.89 1.83
CA CYS I 146 91.84 15.33 0.55
C CYS I 146 90.74 16.36 0.73
N LYS I 147 89.98 16.29 1.82
CA LYS I 147 88.92 17.27 2.06
C LYS I 147 89.32 18.34 3.07
N ASN I 148 90.58 18.36 3.51
CA ASN I 148 91.09 19.58 4.15
C ASN I 148 91.23 20.71 3.15
N SER I 149 91.50 20.38 1.89
CA SER I 149 91.54 21.35 0.80
C SER I 149 91.10 20.65 -0.47
N THR I 150 90.00 21.12 -1.07
CA THR I 150 89.35 20.45 -2.19
C THR I 150 90.17 20.45 -3.48
N ILE I 151 91.27 21.20 -3.52
CA ILE I 151 92.25 21.04 -4.60
C ILE I 151 92.82 19.63 -4.58
N LEU I 152 93.03 19.08 -3.39
CA LEU I 152 93.46 17.69 -3.27
C LEU I 152 92.37 16.72 -3.69
N ASN I 153 91.09 17.06 -3.48
CA ASN I 153 89.99 16.26 -4.02
C ASN I 153 90.02 16.25 -5.55
N SER I 154 90.24 17.42 -6.15
CA SER I 154 90.26 17.53 -7.61
C SER I 154 91.44 16.77 -8.21
N TYR I 155 92.63 16.93 -7.64
CA TYR I 155 93.79 16.22 -8.16
C TYR I 155 93.89 14.78 -7.68
N ALA I 156 93.04 14.35 -6.75
CA ALA I 156 92.92 12.94 -6.43
C ALA I 156 91.90 12.23 -7.31
N SER I 157 90.89 12.96 -7.78
CA SER I 157 89.95 12.37 -8.72
C SER I 157 90.48 12.39 -10.15
N THR I 158 91.14 13.48 -10.56
CA THR I 158 91.53 13.68 -11.95
C THR I 158 92.96 13.24 -12.24
N SER I 159 93.95 13.82 -11.55
CA SER I 159 95.34 13.59 -11.90
C SER I 159 95.78 12.18 -11.48
N SER I 160 95.77 11.90 -10.18
CA SER I 160 95.89 10.52 -9.76
C SER I 160 94.55 9.83 -9.93
N PHE I 161 94.60 8.50 -10.04
CA PHE I 161 93.39 7.74 -10.30
C PHE I 161 92.68 7.42 -8.99
N ASN I 162 91.61 6.61 -9.10
CA ASN I 162 90.78 6.28 -7.94
C ASN I 162 90.88 4.80 -7.60
N LYS I 163 90.67 3.91 -8.56
CA LYS I 163 90.78 2.48 -8.30
C LYS I 163 92.16 1.94 -8.60
N ILE I 164 92.96 2.65 -9.42
CA ILE I 164 94.38 2.35 -9.52
C ILE I 164 95.11 2.78 -8.26
N SER I 165 94.57 3.77 -7.55
CA SER I 165 95.10 4.22 -6.26
C SER I 165 94.50 3.45 -5.08
N ASP I 166 94.13 2.18 -5.29
CA ASP I 166 93.63 1.35 -4.20
C ASP I 166 94.73 0.71 -3.37
N ASN I 167 95.96 1.26 -3.37
CA ASN I 167 97.05 0.67 -2.60
C ASN I 167 96.98 1.09 -1.14
N GLY I 168 97.09 2.39 -0.87
CA GLY I 168 97.25 2.87 0.50
C GLY I 168 95.98 3.30 1.18
N LYS I 169 95.83 4.60 1.42
CA LYS I 169 94.63 5.12 2.03
C LYS I 169 93.91 6.06 1.06
N TYR I 170 92.59 6.01 1.07
CA TYR I 170 91.85 6.27 -0.16
C TYR I 170 91.16 7.64 -0.11
N CYS I 171 90.89 8.17 -1.30
CA CYS I 171 90.21 9.43 -1.54
C CYS I 171 89.05 9.15 -2.49
N PRO I 172 88.07 10.07 -2.64
CA PRO I 172 86.64 9.73 -2.39
C PRO I 172 86.11 8.47 -3.06
N PRO I 173 86.07 8.36 -4.42
CA PRO I 173 84.96 7.57 -5.05
C PRO I 173 84.88 6.09 -4.71
N CYS I 174 85.87 5.54 -3.98
CA CYS I 174 85.65 4.34 -3.18
C CYS I 174 84.46 4.48 -2.24
N ILE I 175 84.26 5.68 -1.67
CA ILE I 175 83.20 5.92 -0.71
C ILE I 175 81.83 5.80 -1.37
N CYS I 176 81.61 6.56 -2.45
CA CYS I 176 80.32 6.55 -3.11
C CYS I 176 80.04 5.24 -3.84
N VAL I 177 81.08 4.53 -4.26
CA VAL I 177 80.90 3.19 -4.82
C VAL I 177 82.11 2.32 -4.47
N PRO I 178 81.92 1.26 -3.72
CA PRO I 178 83.04 0.39 -3.34
C PRO I 178 83.29 -0.69 -4.39
N ASN I 179 84.21 -1.57 -4.05
CA ASN I 179 84.40 -2.79 -4.84
C ASN I 179 83.15 -3.66 -4.71
N PRO I 180 82.66 -4.25 -5.81
CA PRO I 180 81.42 -5.04 -5.72
C PRO I 180 81.55 -6.32 -4.91
N THR I 181 82.76 -6.85 -4.77
CA THR I 181 83.00 -7.92 -3.80
C THR I 181 82.73 -7.43 -2.38
N ASP I 182 83.36 -6.30 -2.02
CA ASP I 182 83.12 -5.64 -0.74
C ASP I 182 81.67 -5.22 -0.59
N ALA I 183 81.06 -4.72 -1.68
CA ALA I 183 79.68 -4.25 -1.63
C ALA I 183 78.73 -5.40 -1.34
N SER I 184 78.91 -6.54 -2.01
CA SER I 184 78.05 -7.69 -1.76
C SER I 184 78.31 -8.32 -0.40
N TYR I 185 79.57 -8.39 0.02
CA TYR I 185 79.93 -8.86 1.36
C TYR I 185 79.22 -8.05 2.44
N LEU I 186 79.33 -6.73 2.34
CA LEU I 186 78.78 -5.87 3.36
C LEU I 186 77.27 -5.76 3.25
N GLU I 187 76.75 -5.97 2.04
CA GLU I 187 75.31 -6.03 1.81
C GLU I 187 74.70 -7.22 2.54
N ALA I 188 75.29 -8.40 2.40
CA ALA I 188 74.74 -9.52 3.12
C ALA I 188 75.11 -9.50 4.60
N GLU I 189 76.17 -8.78 4.97
CA GLU I 189 76.37 -8.46 6.38
C GLU I 189 75.18 -7.65 6.92
N SER I 190 74.69 -6.71 6.13
CA SER I 190 73.49 -5.97 6.51
C SER I 190 72.27 -6.89 6.58
N GLN I 191 72.19 -7.87 5.68
CA GLN I 191 71.07 -8.80 5.70
C GLN I 191 71.07 -9.67 6.95
N ILE I 192 72.26 -10.12 7.39
CA ILE I 192 72.27 -10.97 8.57
C ILE I 192 72.08 -10.14 9.84
N TYR I 193 72.57 -8.90 9.89
CA TYR I 193 72.20 -8.02 11.01
C TYR I 193 70.71 -7.70 11.01
N ALA I 194 70.11 -7.58 9.82
CA ALA I 194 68.67 -7.35 9.71
C ALA I 194 67.88 -8.49 10.32
N TRP I 195 68.22 -9.72 9.94
CA TRP I 195 67.43 -10.81 10.44
C TRP I 195 67.77 -11.11 11.90
N GLY I 196 68.99 -10.80 12.35
CA GLY I 196 69.31 -10.94 13.76
C GLY I 196 68.53 -9.97 14.62
N LEU I 197 68.39 -8.72 14.16
CA LEU I 197 67.57 -7.75 14.88
C LEU I 197 66.11 -8.16 14.87
N LEU I 198 65.61 -8.66 13.72
CA LEU I 198 64.20 -9.04 13.64
C LEU I 198 63.90 -10.24 14.54
N LEU I 199 64.78 -11.23 14.55
CA LEU I 199 64.56 -12.42 15.35
C LEU I 199 64.72 -12.11 16.84
N PHE I 200 65.66 -11.23 17.19
CA PHE I 200 65.82 -10.83 18.59
C PHE I 200 64.60 -10.04 19.07
N SER I 201 64.11 -9.12 18.24
CA SER I 201 62.91 -8.36 18.58
C SER I 201 61.69 -9.24 18.64
N GLY I 202 61.59 -10.23 17.75
CA GLY I 202 60.44 -11.11 17.76
C GLY I 202 60.40 -12.02 18.97
N VAL I 203 61.54 -12.60 19.33
CA VAL I 203 61.63 -13.44 20.52
C VAL I 203 61.39 -12.63 21.78
N ALA I 204 62.00 -11.44 21.88
CA ALA I 204 61.82 -10.63 23.08
C ALA I 204 60.40 -10.09 23.18
N ALA I 205 59.77 -9.74 22.06
CA ALA I 205 58.41 -9.24 22.08
C ALA I 205 57.42 -10.33 22.41
N PHE I 206 57.63 -11.54 21.85
CA PHE I 206 56.85 -12.70 22.22
C PHE I 206 56.95 -13.00 23.71
N LEU I 207 58.17 -12.97 24.25
CA LEU I 207 58.36 -13.26 25.66
C LEU I 207 57.73 -12.20 26.55
N VAL I 208 57.80 -10.93 26.15
CA VAL I 208 57.21 -9.87 26.97
C VAL I 208 55.69 -9.89 26.89
N ILE I 209 55.11 -9.99 25.69
CA ILE I 209 53.65 -9.98 25.63
C ILE I 209 53.06 -11.33 25.99
N THR I 210 53.88 -12.36 26.19
CA THR I 210 53.39 -13.57 26.84
C THR I 210 53.43 -13.39 28.35
N CYS I 211 54.53 -12.84 28.88
CA CYS I 211 54.67 -12.62 30.32
C CYS I 211 53.77 -11.49 30.82
N ASN I 212 53.10 -10.75 29.94
CA ASN I 212 51.99 -9.89 30.35
C ASN I 212 50.67 -10.37 29.77
N ARG I 213 50.61 -11.61 29.31
CA ARG I 213 49.37 -12.34 29.14
C ARG I 213 49.33 -13.61 29.97
N MET I 214 50.44 -13.97 30.62
CA MET I 214 50.50 -15.11 31.51
C MET I 214 50.58 -14.69 32.96
N CYS I 215 51.05 -13.48 33.25
CA CYS I 215 50.96 -12.88 34.57
C CYS I 215 49.70 -12.02 34.70
N ASP I 216 48.80 -12.10 33.73
CA ASP I 216 47.55 -11.37 33.80
C ASP I 216 46.65 -11.98 34.87
N LYS I 217 46.04 -11.12 35.69
CA LYS I 217 45.14 -11.60 36.74
C LYS I 217 43.90 -12.26 36.16
N TYR I 218 43.23 -11.57 35.25
CA TYR I 218 42.04 -12.11 34.63
C TYR I 218 42.43 -13.22 33.66
N THR I 219 41.45 -13.99 33.23
CA THR I 219 41.70 -15.11 32.35
C THR I 219 40.91 -14.87 31.07
N LEU I 220 41.10 -15.75 30.08
CA LEU I 220 40.97 -15.37 28.67
C LEU I 220 39.55 -14.98 28.29
N VAL I 221 38.55 -15.63 28.86
CA VAL I 221 37.19 -15.19 28.61
C VAL I 221 36.88 -13.92 29.39
N GLN I 222 37.39 -13.83 30.61
CA GLN I 222 37.20 -12.61 31.40
C GLN I 222 37.98 -11.45 30.80
N ARG I 223 39.16 -11.75 30.22
CA ARG I 223 39.93 -10.69 29.58
C ARG I 223 39.29 -10.25 28.28
N GLN I 224 38.75 -11.18 27.50
CA GLN I 224 38.02 -10.79 26.30
C GLN I 224 36.75 -10.01 26.63
N TYR I 225 36.11 -10.30 27.77
CA TYR I 225 34.94 -9.51 28.11
C TYR I 225 35.31 -8.14 28.64
N VAL I 226 36.40 -8.02 29.41
CA VAL I 226 36.86 -6.71 29.85
C VAL I 226 37.28 -5.87 28.64
N GLU I 227 37.91 -6.49 27.64
CA GLU I 227 38.27 -5.74 26.45
C GLU I 227 37.07 -5.38 25.60
N THR I 228 36.05 -6.25 25.55
CA THR I 228 34.84 -5.90 24.81
C THR I 228 34.08 -4.78 25.52
N TYR I 229 34.04 -4.84 26.85
CA TYR I 229 33.34 -3.82 27.60
C TYR I 229 34.07 -2.49 27.54
N LYS I 230 35.40 -2.52 27.56
CA LYS I 230 36.19 -1.31 27.39
C LYS I 230 36.00 -0.71 26.01
N ASN I 231 36.07 -1.54 24.97
CA ASN I 231 35.91 -1.11 23.60
C ASN I 231 34.47 -0.74 23.26
N VAL I 232 33.51 -1.03 24.12
CA VAL I 232 32.16 -0.59 23.84
C VAL I 232 31.81 0.61 24.71
N GLU I 233 32.39 0.72 25.91
CA GLU I 233 32.03 1.90 26.68
C GLU I 233 32.83 3.13 26.24
N THR I 234 34.05 2.98 25.73
CA THR I 234 34.73 4.17 25.21
C THR I 234 34.30 4.52 23.80
N GLN I 235 33.22 3.92 23.30
CA GLN I 235 32.51 4.38 22.14
C GLN I 235 31.09 4.82 22.48
N LYS I 236 30.44 4.13 23.40
CA LYS I 236 29.08 4.47 23.77
C LYS I 236 29.05 5.70 24.65
N PHE I 237 30.05 5.87 25.51
CA PHE I 237 30.24 7.09 26.26
C PHE I 237 30.49 8.27 25.34
N ASP I 238 31.25 8.07 24.27
CA ASP I 238 31.47 9.19 23.35
C ASP I 238 30.23 9.49 22.53
N ALA I 239 29.43 8.47 22.20
CA ALA I 239 28.18 8.75 21.49
C ALA I 239 27.18 9.49 22.37
N VAL I 240 27.14 9.13 23.66
CA VAL I 240 26.25 9.84 24.58
C VAL I 240 26.78 11.24 24.88
N ALA I 241 28.10 11.41 24.95
CA ALA I 241 28.67 12.74 25.11
C ALA I 241 28.40 13.62 23.89
N LYS I 242 28.43 13.02 22.70
CA LYS I 242 28.14 13.78 21.49
C LYS I 242 26.67 14.18 21.44
N GLU I 243 25.75 13.26 21.76
CA GLU I 243 24.35 13.67 21.67
C GLU I 243 23.94 14.57 22.82
N HIS I 244 24.62 14.48 23.96
CA HIS I 244 24.39 15.41 25.05
C HIS I 244 24.89 16.81 24.71
N ALA I 245 26.10 16.91 24.13
CA ALA I 245 26.57 18.21 23.70
C ALA I 245 25.77 18.72 22.52
N SER I 246 25.19 17.82 21.72
CA SER I 246 24.37 18.26 20.59
C SER I 246 23.04 18.82 21.06
N GLN I 247 22.43 18.20 22.07
CA GLN I 247 21.20 18.77 22.61
C GLN I 247 21.47 20.08 23.35
N LEU I 248 22.56 20.14 24.10
CA LEU I 248 22.87 21.37 24.82
C LEU I 248 23.50 22.43 23.93
N ALA I 249 23.83 22.11 22.68
CA ALA I 249 24.18 23.11 21.69
C ALA I 249 22.99 23.55 20.85
N GLU I 250 22.07 22.63 20.54
CA GLU I 250 20.75 22.97 19.99
C GLU I 250 20.05 24.00 20.85
N HIS I 251 19.88 23.70 22.13
CA HIS I 251 19.15 24.59 23.01
C HIS I 251 19.91 25.89 23.26
N ASN I 252 21.24 25.85 23.25
CA ASN I 252 21.96 27.10 23.45
C ASN I 252 22.13 27.90 22.17
N ALA I 253 21.91 27.31 21.00
CA ALA I 253 21.85 28.10 19.79
C ALA I 253 20.48 28.73 19.62
N ARG I 254 19.42 27.99 19.95
CA ARG I 254 18.08 28.57 20.00
C ARG I 254 17.98 29.63 21.09
N ALA I 255 18.80 29.51 22.13
CA ALA I 255 18.80 30.47 23.21
C ALA I 255 19.36 31.82 22.80
N PHE I 256 20.11 31.87 21.71
CA PHE I 256 20.68 33.16 21.33
C PHE I 256 19.85 33.84 20.25
N PHE I 257 19.26 33.08 19.34
CA PHE I 257 18.40 33.68 18.34
C PHE I 257 16.95 33.66 18.76
N GLY I 258 16.72 33.83 20.05
CA GLY I 258 15.45 34.18 20.59
C GLY I 258 15.60 35.34 21.56
N GLN I 259 16.45 36.33 21.27
CA GLN I 259 16.51 37.47 22.16
C GLN I 259 16.05 38.77 21.50
N LYS I 260 16.67 39.16 20.38
CA LYS I 260 16.51 40.47 19.73
C LYS I 260 16.70 41.64 20.68
N ASN I 278 29.04 18.12 37.41
CA ASN I 278 30.31 17.60 36.92
C ASN I 278 31.47 18.47 37.40
N PRO I 279 32.00 18.17 38.58
CA PRO I 279 33.22 18.86 39.03
C PRO I 279 34.46 18.14 38.52
N LEU I 280 35.65 18.59 38.91
CA LEU I 280 36.88 17.92 38.47
C LEU I 280 37.00 16.49 39.01
N PHE I 281 36.38 16.20 40.15
CA PHE I 281 36.40 14.83 40.66
C PHE I 281 35.71 13.86 39.73
N ALA I 282 34.57 14.25 39.15
CA ALA I 282 33.90 13.36 38.21
C ALA I 282 34.67 13.27 36.90
N ARG I 283 35.22 14.40 36.44
CA ARG I 283 35.95 14.39 35.17
C ARG I 283 37.35 13.81 35.32
N LEU I 284 37.73 13.42 36.54
CA LEU I 284 39.01 12.77 36.76
C LEU I 284 38.87 11.30 37.17
N ARG I 285 37.82 10.93 37.91
CA ARG I 285 37.52 9.50 38.00
C ARG I 285 36.88 8.97 36.72
N LEU I 286 36.59 9.83 35.75
CA LEU I 286 36.10 9.37 34.46
C LEU I 286 37.23 9.05 33.49
N ILE I 287 38.43 8.75 34.00
CA ILE I 287 39.59 8.59 33.14
C ILE I 287 40.38 7.34 33.52
N ALA I 288 40.79 6.58 32.51
CA ALA I 288 41.40 5.26 32.59
C ALA I 288 42.85 5.32 33.05
N ALA I 289 43.62 4.28 32.71
CA ALA I 289 44.87 3.89 33.36
C ALA I 289 44.59 3.62 34.84
N GLU I 290 43.82 2.56 35.04
CA GLU I 290 43.17 2.21 36.29
C GLU I 290 43.79 0.97 36.89
N LYS I 291 43.41 0.70 38.14
CA LYS I 291 43.68 -0.60 38.74
C LYS I 291 42.61 -1.59 38.31
N THR I 292 43.02 -2.84 38.15
CA THR I 292 42.09 -3.90 37.73
C THR I 292 41.92 -4.90 38.86
N GLN I 293 41.79 -4.40 40.09
CA GLN I 293 41.81 -5.22 41.29
C GLN I 293 40.43 -5.57 41.83
N GLN I 294 39.38 -4.90 41.37
CA GLN I 294 38.03 -5.08 41.88
C GLN I 294 37.19 -5.75 40.80
N THR I 295 35.99 -6.21 41.19
CA THR I 295 35.06 -6.79 40.24
C THR I 295 34.62 -5.77 39.19
N MET I 296 34.60 -4.49 39.53
CA MET I 296 34.39 -3.45 38.53
C MET I 296 35.74 -2.88 38.09
N TYR I 297 35.73 -2.25 36.91
CA TYR I 297 36.94 -1.87 36.20
C TYR I 297 36.60 -0.78 35.20
N THR I 298 37.66 -0.19 34.60
CA THR I 298 37.61 0.86 33.59
C THR I 298 36.87 2.05 34.17
N PRO I 299 37.53 2.88 34.98
CA PRO I 299 36.93 3.40 36.22
C PRO I 299 35.72 4.30 36.08
N LEU I 300 35.13 4.43 34.89
CA LEU I 300 33.76 4.93 34.80
C LEU I 300 32.84 4.09 35.68
N GLN I 301 32.97 2.76 35.60
CA GLN I 301 32.26 1.85 36.49
C GLN I 301 32.62 2.08 37.96
N LEU I 302 33.90 2.31 38.25
CA LEU I 302 34.31 2.38 39.64
C LEU I 302 33.87 3.70 40.26
N TRP I 303 33.91 4.78 39.49
CA TRP I 303 33.30 6.04 39.87
C TRP I 303 31.80 5.88 40.11
N ASN I 304 31.13 5.17 39.20
CA ASN I 304 29.68 5.02 39.29
C ASN I 304 29.29 4.20 40.51
N ASP I 305 30.09 3.20 40.85
CA ASP I 305 29.85 2.45 42.08
C ASP I 305 30.16 3.32 43.30
N ASN I 306 31.15 4.20 43.20
CA ASN I 306 31.54 5.01 44.34
C ASN I 306 30.50 6.09 44.63
N LYS I 307 30.29 6.99 43.68
CA LYS I 307 29.36 8.10 43.83
C LYS I 307 28.00 7.67 43.27
N GLY I 308 27.13 8.63 42.98
CA GLY I 308 25.73 8.38 42.64
C GLY I 308 25.51 7.51 41.41
N TYR I 309 24.22 7.15 41.20
CA TYR I 309 23.77 6.13 40.26
C TYR I 309 24.44 4.80 40.60
N ARG I 310 24.00 4.21 41.71
CA ARG I 310 24.72 3.08 42.32
C ARG I 310 24.79 1.85 41.40
N ILE I 311 23.66 1.40 40.83
CA ILE I 311 23.75 0.35 39.80
C ILE I 311 22.92 0.72 38.58
N PRO I 312 23.32 0.27 37.38
CA PRO I 312 22.51 0.21 36.15
C PRO I 312 21.66 -1.06 36.05
N MET J 1 59.74 -19.82 -12.26
CA MET J 1 59.13 -20.76 -11.30
C MET J 1 58.07 -20.05 -10.46
N THR J 2 57.83 -18.77 -10.76
CA THR J 2 56.92 -17.97 -9.95
C THR J 2 55.47 -18.27 -10.25
N THR J 3 55.08 -18.21 -11.54
CA THR J 3 53.70 -18.46 -11.93
C THR J 3 53.30 -19.92 -11.73
N SER J 4 54.27 -20.82 -11.82
CA SER J 4 54.05 -22.24 -11.52
C SER J 4 53.60 -22.44 -10.08
N ILE J 5 54.37 -21.90 -9.14
CA ILE J 5 54.02 -22.04 -7.74
C ILE J 5 52.81 -21.17 -7.38
N ASN J 6 52.52 -20.12 -8.16
CA ASN J 6 51.27 -19.39 -7.97
C ASN J 6 50.06 -20.23 -8.40
N SER J 7 50.22 -21.03 -9.45
CA SER J 7 49.16 -21.98 -9.81
C SER J 7 49.00 -23.05 -8.73
N VAL J 8 50.11 -23.46 -8.12
CA VAL J 8 50.07 -24.37 -6.97
C VAL J 8 49.35 -23.70 -5.79
N VAL J 9 49.53 -22.38 -5.64
CA VAL J 9 48.82 -21.62 -4.61
C VAL J 9 47.31 -21.64 -4.85
N THR J 10 46.89 -21.49 -6.11
CA THR J 10 45.46 -21.56 -6.43
C THR J 10 44.90 -22.95 -6.16
N VAL J 11 45.68 -24.00 -6.49
CA VAL J 11 45.30 -25.38 -6.21
C VAL J 11 45.12 -25.62 -4.71
N PHE J 12 46.08 -25.16 -3.90
CA PHE J 12 45.93 -25.41 -2.48
C PHE J 12 45.05 -24.39 -1.77
N GLN J 13 44.69 -23.29 -2.44
CA GLN J 13 43.54 -22.51 -1.99
C GLN J 13 42.26 -23.32 -2.14
N ASN J 14 42.12 -24.04 -3.26
CA ASN J 14 41.00 -24.97 -3.38
C ASN J 14 41.05 -26.09 -2.35
N VAL J 15 42.26 -26.54 -2.00
CA VAL J 15 42.42 -27.59 -0.98
C VAL J 15 42.02 -27.07 0.40
N PHE J 16 42.56 -25.92 0.81
CA PHE J 16 42.21 -25.32 2.10
C PHE J 16 40.84 -24.66 2.11
N THR J 17 40.11 -24.64 0.99
CA THR J 17 38.67 -24.43 1.08
C THR J 17 37.88 -25.73 1.01
N ASN J 18 38.52 -26.86 0.70
CA ASN J 18 37.79 -28.14 0.79
C ASN J 18 37.75 -28.67 2.21
N HIS J 19 38.90 -29.07 2.77
CA HIS J 19 38.96 -29.78 4.05
C HIS J 19 40.35 -29.59 4.66
N GLY J 20 40.64 -30.41 5.67
CA GLY J 20 41.89 -30.42 6.40
C GLY J 20 41.65 -30.83 7.83
N SER J 21 42.50 -30.32 8.73
CA SER J 21 42.27 -30.51 10.16
C SER J 21 41.44 -29.36 10.74
N THR J 22 41.98 -28.14 10.66
CA THR J 22 41.21 -26.91 10.83
C THR J 22 41.59 -25.99 9.69
N LEU J 23 40.94 -24.82 9.63
CA LEU J 23 41.16 -23.87 8.55
C LEU J 23 41.30 -22.43 9.05
N LEU J 24 41.78 -22.23 10.28
CA LEU J 24 41.91 -20.89 10.82
C LEU J 24 43.09 -20.12 10.24
N ASN J 25 44.07 -20.83 9.66
CA ASN J 25 45.25 -20.18 9.12
C ASN J 25 45.46 -20.50 7.64
N GLY J 26 44.48 -21.13 6.98
CA GLY J 26 44.61 -21.46 5.58
C GLY J 26 44.54 -20.27 4.64
N ILE J 27 44.04 -19.14 5.12
CA ILE J 27 44.06 -17.92 4.32
C ILE J 27 45.47 -17.38 4.19
N LEU J 28 46.22 -17.38 5.30
CA LEU J 28 47.52 -16.71 5.34
C LEU J 28 48.63 -17.52 4.67
N ILE J 29 48.55 -18.85 4.73
CA ILE J 29 49.63 -19.71 4.21
C ILE J 29 49.73 -19.60 2.70
N ALA J 30 48.59 -19.62 2.01
CA ALA J 30 48.58 -19.48 0.56
C ALA J 30 49.05 -18.10 0.12
N THR J 31 48.75 -17.06 0.91
CA THR J 31 49.25 -15.72 0.59
C THR J 31 50.76 -15.64 0.80
N THR J 32 51.28 -16.33 1.83
CA THR J 32 52.74 -16.37 2.03
C THR J 32 53.43 -17.05 0.85
N VAL J 33 52.88 -18.17 0.37
CA VAL J 33 53.53 -18.88 -0.73
C VAL J 33 53.40 -18.09 -2.03
N GLY J 34 52.22 -17.51 -2.28
CA GLY J 34 52.01 -16.77 -3.51
C GLY J 34 52.73 -15.43 -3.58
N GLY J 35 53.05 -14.86 -2.41
CA GLY J 35 53.82 -13.64 -2.41
C GLY J 35 55.31 -13.90 -2.35
N GLN J 36 55.70 -14.98 -1.67
CA GLN J 36 57.12 -15.23 -1.54
C GLN J 36 57.68 -16.07 -2.66
N SER J 37 56.84 -16.58 -3.57
CA SER J 37 57.35 -16.97 -4.88
C SER J 37 57.89 -15.75 -5.64
N LEU J 38 57.15 -14.65 -5.60
CA LEU J 38 57.63 -13.41 -6.21
C LEU J 38 58.76 -12.77 -5.42
N VAL J 39 58.84 -13.06 -4.11
CA VAL J 39 60.06 -12.70 -3.38
C VAL J 39 61.25 -13.51 -3.89
N ARG J 40 61.06 -14.82 -4.06
CA ARG J 40 62.12 -15.69 -4.57
C ARG J 40 62.48 -15.43 -6.03
N LYS J 41 61.65 -14.66 -6.75
CA LYS J 41 62.09 -14.10 -8.03
C LYS J 41 63.30 -13.19 -7.86
N LEU J 42 63.39 -12.48 -6.71
CA LEU J 42 64.52 -11.58 -6.40
C LEU J 42 65.09 -11.96 -5.04
N THR J 43 65.99 -12.93 -5.03
CA THR J 43 66.63 -13.45 -3.82
C THR J 43 68.06 -13.85 -4.17
N PHE J 44 68.63 -14.72 -3.34
CA PHE J 44 70.05 -15.14 -3.33
C PHE J 44 71.00 -13.95 -3.48
N SER J 45 70.97 -13.09 -2.45
CA SER J 45 72.00 -12.07 -2.31
C SER J 45 73.37 -12.71 -2.16
N CYS J 46 73.48 -13.71 -1.27
CA CYS J 46 74.43 -14.80 -1.31
C CYS J 46 75.89 -14.34 -1.29
N PRO J 47 76.41 -13.92 -0.13
CA PRO J 47 77.72 -13.25 -0.08
C PRO J 47 78.86 -14.15 -0.49
N CYS J 48 79.99 -13.50 -0.76
CA CYS J 48 81.21 -14.16 -1.20
C CYS J 48 82.16 -14.51 -0.04
N ALA J 49 81.65 -14.78 1.16
CA ALA J 49 82.55 -14.98 2.29
C ALA J 49 82.46 -16.39 2.85
N TYR J 50 83.50 -16.77 3.61
CA TYR J 50 83.49 -18.08 4.26
C TYR J 50 82.44 -18.17 5.38
N PRO J 51 82.46 -17.31 6.46
CA PRO J 51 81.42 -17.53 7.47
C PRO J 51 80.09 -16.91 7.08
N LEU J 52 80.12 -15.82 6.31
CA LEU J 52 78.91 -15.08 6.05
C LEU J 52 78.02 -15.76 5.02
N ASN J 53 78.56 -16.66 4.21
CA ASN J 53 77.66 -17.37 3.30
C ASN J 53 76.83 -18.39 4.03
N ILE J 54 77.46 -19.17 4.91
CA ILE J 54 76.74 -20.10 5.76
C ILE J 54 75.79 -19.36 6.69
N TYR J 55 76.19 -18.17 7.16
CA TYR J 55 75.31 -17.40 8.03
C TYR J 55 74.11 -16.87 7.26
N HIS J 56 74.34 -16.29 6.07
CA HIS J 56 73.27 -15.75 5.25
C HIS J 56 72.39 -16.84 4.66
N SER J 57 72.85 -18.08 4.63
CA SER J 57 71.98 -19.15 4.18
C SER J 57 71.23 -19.79 5.35
N LEU J 58 71.94 -20.10 6.42
CA LEU J 58 71.37 -20.80 7.56
C LEU J 58 70.39 -19.93 8.33
N VAL J 59 70.72 -18.64 8.51
CA VAL J 59 69.80 -17.71 9.14
C VAL J 59 68.57 -17.51 8.26
N PHE J 60 68.76 -17.34 6.96
CA PHE J 60 67.63 -17.10 6.07
C PHE J 60 66.74 -18.32 5.92
N MET J 61 67.26 -19.52 6.16
CA MET J 61 66.39 -20.71 6.20
C MET J 61 65.71 -20.85 7.56
N PHE J 62 66.50 -21.05 8.62
CA PHE J 62 65.95 -21.43 9.91
C PHE J 62 65.49 -20.23 10.73
N GLY J 63 65.45 -19.03 10.15
CA GLY J 63 64.92 -17.86 10.81
C GLY J 63 63.43 -17.64 10.60
N PRO J 64 62.99 -17.51 9.33
CA PRO J 64 61.54 -17.42 9.08
C PRO J 64 60.76 -18.65 9.50
N THR J 65 61.40 -19.82 9.62
CA THR J 65 60.73 -20.98 10.20
C THR J 65 60.39 -20.73 11.66
N ALA J 66 61.36 -20.24 12.43
CA ALA J 66 61.09 -19.90 13.83
C ALA J 66 60.12 -18.74 13.95
N ALA J 67 60.18 -17.78 13.02
CA ALA J 67 59.28 -16.64 13.06
C ALA J 67 57.84 -17.06 12.77
N LEU J 68 57.63 -17.86 11.73
CA LEU J 68 56.29 -18.34 11.44
C LEU J 68 55.82 -19.37 12.43
N LEU J 69 56.75 -20.08 13.11
CA LEU J 69 56.34 -20.96 14.20
C LEU J 69 55.83 -20.15 15.38
N LEU J 70 56.51 -19.05 15.70
CA LEU J 70 56.09 -18.17 16.78
C LEU J 70 54.76 -17.49 16.45
N ILE J 71 54.59 -17.09 15.19
CA ILE J 71 53.32 -16.51 14.76
C ILE J 71 52.21 -17.55 14.81
N GLY J 72 52.50 -18.78 14.40
CA GLY J 72 51.50 -19.83 14.45
C GLY J 72 51.13 -20.23 15.86
N ILE J 73 52.04 -20.05 16.82
CA ILE J 73 51.64 -20.17 18.22
C ILE J 73 50.72 -19.03 18.61
N THR J 74 51.20 -17.78 18.45
CA THR J 74 50.56 -16.64 19.09
C THR J 74 49.20 -16.30 18.47
N VAL J 75 49.05 -16.53 17.17
CA VAL J 75 47.76 -16.27 16.53
C VAL J 75 46.74 -17.34 16.93
N ASN J 76 47.21 -18.57 17.17
CA ASN J 76 46.32 -19.69 17.48
C ASN J 76 45.68 -19.48 18.85
N SER J 77 44.35 -19.58 18.88
CA SER J 77 43.59 -19.21 20.07
C SER J 77 43.80 -20.20 21.20
N THR J 78 43.94 -21.48 20.86
CA THR J 78 43.82 -22.54 21.86
C THR J 78 44.95 -22.50 22.87
N THR J 79 46.16 -22.09 22.45
CA THR J 79 47.25 -22.00 23.40
C THR J 79 47.02 -20.88 24.41
N TRP J 80 46.33 -19.80 24.00
CA TRP J 80 46.00 -18.81 25.00
C TRP J 80 44.92 -19.33 25.94
N LYS J 81 43.98 -20.14 25.42
CA LYS J 81 43.03 -20.77 26.32
C LYS J 81 43.71 -21.80 27.21
N LEU J 82 44.91 -22.23 26.86
CA LEU J 82 45.71 -23.01 27.79
C LEU J 82 46.42 -22.11 28.78
N ALA J 83 46.99 -21.01 28.30
CA ALA J 83 47.94 -20.26 29.09
C ALA J 83 47.77 -18.75 28.94
N HIS J 84 46.53 -18.26 28.98
CA HIS J 84 46.32 -16.84 29.23
C HIS J 84 46.15 -16.68 30.73
N GLY J 85 47.17 -16.15 31.39
CA GLY J 85 47.09 -16.01 32.82
C GLY J 85 47.26 -17.33 33.53
N PHE J 86 48.37 -18.01 33.25
CA PHE J 86 48.61 -19.31 33.88
C PHE J 86 49.02 -19.16 35.34
N PHE J 87 49.60 -18.03 35.71
CA PHE J 87 49.97 -17.81 37.11
C PHE J 87 48.76 -17.69 38.00
N PHE J 88 47.79 -16.85 37.62
CA PHE J 88 46.68 -16.50 38.50
C PHE J 88 45.40 -17.24 38.14
N ARG J 89 45.53 -18.50 37.73
CA ARG J 89 44.39 -19.39 37.72
C ARG J 89 44.02 -19.73 39.16
N VAL J 90 42.73 -19.70 39.47
CA VAL J 90 42.27 -20.24 40.73
C VAL J 90 42.53 -21.74 40.73
N ARG J 91 43.12 -22.24 41.82
CA ARG J 91 43.72 -23.57 41.84
C ARG J 91 42.68 -24.66 41.64
N ASP J 92 43.13 -25.75 41.00
CA ASP J 92 42.28 -26.83 40.48
C ASP J 92 41.20 -26.28 39.55
N THR J 93 41.61 -25.44 38.62
CA THR J 93 40.80 -25.14 37.45
C THR J 93 41.71 -25.29 36.23
N ARG J 94 43.00 -25.07 36.43
CA ARG J 94 43.98 -25.69 35.55
C ARG J 94 43.88 -27.20 35.75
N HIS J 95 43.87 -27.94 34.65
CA HIS J 95 43.23 -29.25 34.69
C HIS J 95 44.20 -30.39 35.01
N SER J 96 45.21 -30.58 34.19
CA SER J 96 46.04 -31.79 34.31
C SER J 96 47.44 -31.49 33.80
N TRP J 97 48.26 -32.54 33.74
CA TRP J 97 49.53 -32.50 33.04
C TRP J 97 49.49 -33.25 31.72
N LYS J 98 48.67 -34.29 31.63
CA LYS J 98 48.62 -35.08 30.41
C LYS J 98 47.81 -34.40 29.32
N THR J 99 46.63 -33.87 29.68
CA THR J 99 45.74 -33.28 28.68
C THR J 99 46.30 -31.97 28.14
N THR J 100 46.96 -31.18 28.99
CA THR J 100 47.58 -29.95 28.55
C THR J 100 48.74 -30.19 27.61
N CYS J 101 49.40 -31.35 27.69
CA CYS J 101 50.43 -31.69 26.71
C CYS J 101 49.82 -32.12 25.38
N VAL J 102 48.63 -32.72 25.41
CA VAL J 102 47.94 -33.06 24.18
C VAL J 102 47.51 -31.80 23.46
N SER J 103 46.98 -30.82 24.20
CA SER J 103 46.65 -29.53 23.60
C SER J 103 47.90 -28.79 23.15
N TRP J 104 49.02 -28.97 23.87
CA TRP J 104 50.27 -28.32 23.49
C TRP J 104 50.81 -28.88 22.19
N ILE J 105 50.76 -30.20 22.02
CA ILE J 105 51.20 -30.81 20.77
C ILE J 105 50.23 -30.46 19.65
N GLU J 106 48.95 -30.29 19.97
CA GLU J 106 47.97 -29.85 18.97
C GLU J 106 48.30 -28.46 18.45
N VAL J 107 48.59 -27.51 19.36
CA VAL J 107 48.87 -26.16 18.90
C VAL J 107 50.25 -26.08 18.27
N LEU J 108 51.18 -26.97 18.67
CA LEU J 108 52.48 -27.04 18.01
C LEU J 108 52.36 -27.52 16.58
N ILE J 109 51.51 -28.52 16.32
CA ILE J 109 51.37 -29.03 14.96
C ILE J 109 50.59 -28.05 14.09
N GLN J 110 49.50 -27.47 14.62
CA GLN J 110 48.74 -26.47 13.89
C GLN J 110 49.57 -25.22 13.64
N SER J 111 50.51 -24.92 14.53
CA SER J 111 51.49 -23.87 14.25
C SER J 111 52.45 -24.29 13.16
N SER J 112 53.07 -25.46 13.31
CA SER J 112 54.16 -25.92 12.48
C SER J 112 53.73 -26.35 11.08
N VAL J 113 52.43 -26.27 10.76
CA VAL J 113 51.99 -26.40 9.37
C VAL J 113 52.72 -25.39 8.48
N ALA J 114 52.60 -24.11 8.80
CA ALA J 114 53.14 -23.04 7.94
C ALA J 114 54.67 -22.97 7.83
N PRO J 115 55.49 -23.19 8.87
CA PRO J 115 56.94 -23.20 8.63
C PRO J 115 57.43 -24.38 7.82
N ILE J 116 56.82 -25.55 7.95
CA ILE J 116 57.20 -26.68 7.10
C ILE J 116 56.82 -26.39 5.65
N ALA J 117 55.70 -25.72 5.43
CA ALA J 117 55.31 -25.31 4.09
C ALA J 117 56.28 -24.28 3.51
N TRP J 118 56.72 -23.33 4.34
CA TRP J 118 57.67 -22.32 3.86
C TRP J 118 59.05 -22.94 3.58
N LEU J 119 59.48 -23.86 4.45
CA LEU J 119 60.73 -24.57 4.25
C LEU J 119 60.71 -25.38 2.98
N PHE J 120 59.58 -26.04 2.70
CA PHE J 120 59.42 -26.76 1.44
C PHE J 120 59.39 -25.83 0.25
N VAL J 121 58.81 -24.63 0.39
CA VAL J 121 58.79 -23.68 -0.71
C VAL J 121 60.20 -23.23 -1.06
N VAL J 122 61.01 -22.93 -0.05
CA VAL J 122 62.33 -22.39 -0.38
C VAL J 122 63.30 -23.49 -0.78
N PHE J 123 63.24 -24.66 -0.12
CA PHE J 123 64.00 -25.81 -0.59
C PHE J 123 63.55 -26.27 -1.97
N LEU J 124 62.28 -26.09 -2.30
CA LEU J 124 61.78 -26.43 -3.64
C LEU J 124 62.26 -25.44 -4.67
N ASP J 125 62.54 -24.21 -4.26
CA ASP J 125 63.29 -23.32 -5.12
C ASP J 125 64.73 -23.79 -5.16
N GLY J 126 65.39 -23.52 -6.29
CA GLY J 126 66.83 -23.66 -6.27
C GLY J 126 67.36 -22.35 -5.74
N GLY J 127 67.56 -22.30 -4.44
CA GLY J 127 67.80 -21.04 -3.77
C GLY J 127 68.90 -21.14 -2.75
N TYR J 128 68.55 -20.83 -1.51
CA TYR J 128 69.51 -20.69 -0.43
C TYR J 128 70.13 -22.01 0.01
N TYR J 129 69.71 -23.14 -0.55
CA TYR J 129 70.49 -24.35 -0.34
C TYR J 129 71.68 -24.43 -1.29
N ARG J 130 71.58 -23.86 -2.50
CA ARG J 130 72.78 -23.78 -3.33
C ARG J 130 73.74 -22.76 -2.76
N CYS J 131 73.21 -21.79 -2.03
CA CYS J 131 73.97 -20.75 -1.37
C CYS J 131 74.58 -21.26 -0.05
N TYR J 132 74.45 -22.55 0.23
CA TYR J 132 74.96 -23.20 1.42
C TYR J 132 76.09 -24.17 1.11
N ARG J 133 75.84 -25.15 0.26
CA ARG J 133 76.92 -26.03 -0.12
C ARG J 133 77.63 -25.56 -1.39
N SER J 134 77.24 -24.43 -1.96
CA SER J 134 78.16 -23.73 -2.86
C SER J 134 79.36 -23.23 -2.09
N HIS J 135 79.13 -22.71 -0.90
CA HIS J 135 80.19 -22.52 0.08
C HIS J 135 80.85 -23.85 0.39
N GLU J 136 80.09 -24.77 1.03
CA GLU J 136 80.67 -25.98 1.63
C GLU J 136 81.36 -26.91 0.64
N PHE J 137 81.19 -26.71 -0.67
CA PHE J 137 81.90 -27.51 -1.65
C PHE J 137 83.23 -26.87 -2.04
N CYS J 138 83.29 -25.53 -2.05
CA CYS J 138 84.27 -24.74 -2.78
C CYS J 138 85.71 -24.83 -2.23
N LEU J 139 85.96 -25.56 -1.14
CA LEU J 139 87.29 -25.74 -0.53
C LEU J 139 87.91 -24.40 -0.13
N ILE J 140 87.33 -23.80 0.91
CA ILE J 140 87.31 -22.36 1.05
C ILE J 140 88.31 -21.85 2.08
N SER J 141 89.21 -22.70 2.58
CA SER J 141 90.10 -22.29 3.67
C SER J 141 91.14 -21.28 3.17
N ASP J 142 91.43 -21.29 1.87
CA ASP J 142 92.22 -20.19 1.33
C ASP J 142 91.43 -18.89 1.27
N ALA J 143 90.10 -18.93 1.20
CA ALA J 143 89.34 -17.70 1.32
C ALA J 143 89.24 -17.21 2.75
N ILE J 144 89.42 -18.10 3.73
CA ILE J 144 89.68 -17.65 5.09
C ILE J 144 90.96 -16.83 5.13
N LEU J 145 92.01 -17.31 4.45
CA LEU J 145 93.25 -16.56 4.37
C LEU J 145 93.08 -15.28 3.54
N CYS J 146 92.25 -15.33 2.50
CA CYS J 146 91.97 -14.17 1.68
C CYS J 146 91.19 -13.10 2.44
N LYS J 147 90.35 -13.50 3.39
CA LYS J 147 89.59 -12.54 4.19
C LYS J 147 90.19 -12.30 5.57
N ASN J 148 91.36 -12.87 5.86
CA ASN J 148 92.13 -12.37 6.99
C ASN J 148 92.67 -10.97 6.71
N SER J 149 92.95 -10.67 5.44
CA SER J 149 93.36 -9.34 5.02
C SER J 149 92.85 -9.12 3.61
N THR J 150 91.99 -8.12 3.42
CA THR J 150 91.27 -7.90 2.17
C THR J 150 92.17 -7.48 1.01
N ILE J 151 93.44 -7.16 1.26
CA ILE J 151 94.42 -7.01 0.20
C ILE J 151 94.57 -8.33 -0.56
N LEU J 152 94.51 -9.45 0.17
CA LEU J 152 94.52 -10.75 -0.49
C LEU J 152 93.23 -11.01 -1.26
N ASN J 153 92.09 -10.48 -0.82
CA ASN J 153 90.87 -10.53 -1.60
C ASN J 153 91.02 -9.77 -2.91
N SER J 154 91.62 -8.56 -2.84
CA SER J 154 91.79 -7.74 -4.03
C SER J 154 92.76 -8.38 -5.02
N TYR J 155 93.90 -8.88 -4.54
CA TYR J 155 94.85 -9.53 -5.45
C TYR J 155 94.49 -10.97 -5.78
N ALA J 156 93.48 -11.54 -5.14
CA ALA J 156 92.93 -12.82 -5.59
C ALA J 156 91.85 -12.65 -6.63
N SER J 157 91.12 -11.52 -6.58
CA SER J 157 90.13 -11.25 -7.62
C SER J 157 90.78 -10.65 -8.87
N THR J 158 91.75 -9.75 -8.71
CA THR J 158 92.30 -8.98 -9.81
C THR J 158 93.57 -9.60 -10.40
N SER J 159 94.62 -9.76 -9.57
CA SER J 159 95.92 -10.18 -10.10
C SER J 159 95.90 -11.64 -10.50
N SER J 160 95.70 -12.53 -9.55
CA SER J 160 95.39 -13.90 -9.90
C SER J 160 93.92 -13.99 -10.32
N PHE J 161 93.61 -15.03 -11.10
CA PHE J 161 92.26 -15.16 -11.61
C PHE J 161 91.37 -15.89 -10.61
N ASN J 162 90.14 -16.18 -11.03
CA ASN J 162 89.16 -16.81 -10.17
C ASN J 162 88.79 -18.22 -10.64
N LYS J 163 88.42 -18.38 -11.90
CA LYS J 163 88.11 -19.70 -12.43
C LYS J 163 89.31 -20.37 -13.07
N ILE J 164 90.33 -19.61 -13.46
CA ILE J 164 91.62 -20.22 -13.80
C ILE J 164 92.33 -20.71 -12.56
N SER J 165 92.02 -20.12 -11.40
CA SER J 165 92.55 -20.57 -10.11
C SER J 165 91.66 -21.63 -9.47
N ASP J 166 90.97 -22.45 -10.26
CA ASP J 166 90.16 -23.54 -9.73
C ASP J 166 90.96 -24.80 -9.43
N ASN J 167 92.28 -24.70 -9.23
CA ASN J 167 93.09 -25.88 -8.96
C ASN J 167 93.01 -26.28 -7.50
N GLY J 168 93.47 -25.40 -6.60
CA GLY J 168 93.64 -25.76 -5.20
C GLY J 168 92.48 -25.40 -4.30
N LYS J 169 92.69 -24.42 -3.42
CA LYS J 169 91.63 -23.97 -2.53
C LYS J 169 91.30 -22.51 -2.83
N TYR J 170 90.01 -22.18 -2.76
CA TYR J 170 89.48 -21.13 -3.60
C TYR J 170 89.22 -19.85 -2.81
N CYS J 171 89.20 -18.73 -3.53
CA CYS J 171 88.94 -17.38 -3.03
C CYS J 171 87.83 -16.80 -3.90
N PRO J 172 87.17 -15.70 -3.48
CA PRO J 172 85.68 -15.70 -3.33
C PRO J 172 84.87 -16.21 -4.52
N PRO J 173 84.92 -15.60 -5.73
CA PRO J 173 83.70 -15.59 -6.59
C PRO J 173 83.18 -16.94 -7.06
N CYS J 174 83.89 -18.04 -6.79
CA CYS J 174 83.28 -19.37 -6.72
C CYS J 174 82.10 -19.40 -5.76
N ILE J 175 82.21 -18.65 -4.64
CA ILE J 175 81.17 -18.66 -3.62
C ILE J 175 79.88 -18.02 -4.13
N CYS J 176 79.99 -16.79 -4.65
CA CYS J 176 78.80 -16.09 -5.12
C CYS J 176 78.24 -16.69 -6.40
N VAL J 177 79.06 -17.35 -7.20
CA VAL J 177 78.57 -18.09 -8.36
C VAL J 177 79.45 -19.31 -8.61
N PRO J 178 78.89 -20.52 -8.49
CA PRO J 178 79.69 -21.73 -8.70
C PRO J 178 79.71 -22.13 -10.17
N ASN J 179 80.32 -23.29 -10.42
CA ASN J 179 80.22 -23.91 -11.73
C ASN J 179 78.78 -24.33 -11.97
N PRO J 180 78.24 -24.11 -13.17
CA PRO J 180 76.82 -24.44 -13.42
C PRO J 180 76.51 -25.92 -13.39
N THR J 181 77.50 -26.78 -13.64
CA THR J 181 77.35 -28.20 -13.38
C THR J 181 77.12 -28.45 -11.90
N ASP J 182 78.00 -27.91 -11.06
CA ASP J 182 77.84 -27.97 -9.61
C ASP J 182 76.56 -27.29 -9.16
N ALA J 183 76.21 -26.15 -9.78
CA ALA J 183 75.02 -25.40 -9.39
C ALA J 183 73.76 -26.20 -9.66
N SER J 184 73.67 -26.84 -10.84
CA SER J 184 72.50 -27.64 -11.15
C SER J 184 72.45 -28.93 -10.35
N TYR J 185 73.61 -29.57 -10.11
CA TYR J 185 73.69 -30.74 -9.24
C TYR J 185 73.15 -30.43 -7.85
N LEU J 186 73.64 -29.35 -7.26
CA LEU J 186 73.27 -29.03 -5.90
C LEU J 186 71.87 -28.44 -5.83
N GLU J 187 71.41 -27.84 -6.93
CA GLU J 187 70.03 -27.36 -7.05
C GLU J 187 69.05 -28.53 -6.99
N ALA J 188 69.31 -29.57 -7.76
CA ALA J 188 68.40 -30.70 -7.69
C ALA J 188 68.63 -31.55 -6.45
N GLU J 189 69.81 -31.46 -5.83
CA GLU J 189 69.97 -31.98 -4.48
C GLU J 189 69.02 -31.27 -3.52
N SER J 190 68.88 -29.96 -3.67
CA SER J 190 67.90 -29.22 -2.87
C SER J 190 66.48 -29.63 -3.20
N GLN J 191 66.21 -29.95 -4.47
CA GLN J 191 64.87 -30.39 -4.85
C GLN J 191 64.52 -31.74 -4.22
N ILE J 192 65.49 -32.66 -4.17
CA ILE J 192 65.16 -33.96 -3.60
C ILE J 192 65.09 -33.90 -2.08
N TYR J 193 65.92 -33.05 -1.43
CA TYR J 193 65.71 -32.81 0.00
C TYR J 193 64.38 -32.12 0.27
N ALA J 194 63.93 -31.25 -0.63
CA ALA J 194 62.63 -30.59 -0.50
C ALA J 194 61.50 -31.59 -0.51
N TRP J 195 61.52 -32.49 -1.50
CA TRP J 195 60.42 -33.42 -1.57
C TRP J 195 60.52 -34.51 -0.50
N GLY J 196 61.74 -34.82 -0.05
CA GLY J 196 61.88 -35.76 1.05
C GLY J 196 61.33 -35.19 2.35
N LEU J 197 61.60 -33.91 2.62
CA LEU J 197 61.02 -33.26 3.79
C LEU J 197 59.50 -33.17 3.66
N LEU J 198 59.00 -32.83 2.47
CA LEU J 198 57.55 -32.71 2.31
C LEU J 198 56.84 -34.05 2.48
N LEU J 199 57.41 -35.11 1.92
CA LEU J 199 56.78 -36.42 2.01
C LEU J 199 56.89 -36.98 3.41
N PHE J 200 58.01 -36.72 4.11
CA PHE J 200 58.14 -37.15 5.50
C PHE J 200 57.17 -36.42 6.39
N SER J 201 57.04 -35.10 6.21
CA SER J 201 56.07 -34.32 6.98
C SER J 201 54.65 -34.72 6.66
N GLY J 202 54.35 -35.03 5.40
CA GLY J 202 53.00 -35.41 5.03
C GLY J 202 52.61 -36.76 5.61
N VAL J 203 53.51 -37.74 5.53
CA VAL J 203 53.24 -39.06 6.09
C VAL J 203 53.14 -38.99 7.61
N ALA J 204 54.03 -38.25 8.26
CA ALA J 204 54.00 -38.15 9.71
C ALA J 204 52.78 -37.38 10.19
N ALA J 205 52.38 -36.33 9.46
CA ALA J 205 51.22 -35.55 9.86
C ALA J 205 49.94 -36.32 9.62
N PHE J 206 49.85 -37.07 8.51
CA PHE J 206 48.73 -37.98 8.29
C PHE J 206 48.62 -39.01 9.39
N LEU J 207 49.74 -39.60 9.78
CA LEU J 207 49.73 -40.63 10.82
C LEU J 207 49.33 -40.05 12.17
N VAL J 208 49.80 -38.84 12.48
CA VAL J 208 49.46 -38.24 13.77
C VAL J 208 48.01 -37.77 13.81
N ILE J 209 47.54 -37.07 12.78
CA ILE J 209 46.15 -36.61 12.85
C ILE J 209 45.17 -37.72 12.50
N THR J 210 45.65 -38.88 12.06
CA THR J 210 44.78 -40.05 12.05
C THR J 210 44.73 -40.70 13.42
N CYS J 211 45.90 -40.85 14.06
CA CYS J 211 45.97 -41.45 15.40
C CYS J 211 45.38 -40.54 16.48
N ASN J 212 45.03 -39.29 16.17
CA ASN J 212 44.18 -38.50 17.04
C ASN J 212 42.83 -38.19 16.38
N ARG J 213 42.46 -38.95 15.36
CA ARG J 213 41.08 -39.11 14.94
C ARG J 213 40.63 -40.55 14.98
N MET J 214 41.52 -41.48 15.26
CA MET J 214 41.17 -42.89 15.44
C MET J 214 41.24 -43.31 16.90
N CYS J 215 42.01 -42.62 17.73
CA CYS J 215 41.97 -42.79 19.17
C CYS J 215 41.01 -41.80 19.82
N ASP J 216 40.21 -41.11 19.02
CA ASP J 216 39.21 -40.20 19.55
C ASP J 216 38.08 -40.99 20.21
N LYS J 217 37.68 -40.54 21.40
CA LYS J 217 36.59 -41.20 22.11
C LYS J 217 35.27 -41.09 21.37
N TYR J 218 34.89 -39.86 21.00
CA TYR J 218 33.66 -39.65 20.27
C TYR J 218 33.81 -40.16 18.85
N THR J 219 32.70 -40.27 18.16
CA THR J 219 32.70 -40.80 16.81
C THR J 219 32.12 -39.72 15.90
N LEU J 220 32.13 -39.98 14.57
CA LEU J 220 32.25 -38.91 13.58
C LEU J 220 31.04 -37.99 13.58
N VAL J 221 29.84 -38.53 13.79
CA VAL J 221 28.69 -37.64 13.91
C VAL J 221 28.68 -36.94 15.25
N GLN J 222 29.08 -37.64 16.31
CA GLN J 222 29.19 -37.01 17.62
C GLN J 222 30.32 -35.98 17.65
N ARG J 223 31.40 -36.26 16.92
CA ARG J 223 32.49 -35.30 16.87
C ARG J 223 32.13 -34.09 16.02
N GLN J 224 31.40 -34.29 14.92
CA GLN J 224 30.93 -33.14 14.16
C GLN J 224 29.91 -32.32 14.93
N TYR J 225 29.11 -32.96 15.79
CA TYR J 225 28.18 -32.17 16.58
C TYR J 225 28.88 -31.43 17.72
N VAL J 226 29.89 -32.05 18.35
CA VAL J 226 30.66 -31.34 19.36
C VAL J 226 31.40 -30.16 18.74
N GLU J 227 31.91 -30.33 17.53
CA GLU J 227 32.58 -29.22 16.87
C GLU J 227 31.60 -28.14 16.41
N THR J 228 30.39 -28.53 15.99
CA THR J 228 29.40 -27.51 15.64
C THR J 228 28.93 -26.77 16.87
N TYR J 229 28.76 -27.48 17.98
CA TYR J 229 28.30 -26.83 19.21
C TYR J 229 29.39 -25.93 19.79
N LYS J 230 30.64 -26.36 19.69
CA LYS J 230 31.76 -25.52 20.11
C LYS J 230 31.86 -24.27 19.26
N ASN J 231 31.79 -24.43 17.93
CA ASN J 231 31.88 -23.33 16.99
C ASN J 231 30.64 -22.44 17.00
N VAL J 232 29.56 -22.84 17.67
CA VAL J 232 28.41 -21.95 17.75
C VAL J 232 28.35 -21.34 19.14
N GLU J 233 28.83 -22.02 20.18
CA GLU J 233 28.76 -21.37 21.48
C GLU J 233 29.90 -20.37 21.67
N THR J 234 31.06 -20.58 21.06
CA THR J 234 32.10 -19.55 21.19
C THR J 234 31.91 -18.42 20.19
N GLN J 235 30.75 -18.33 19.54
CA GLN J 235 30.30 -17.16 18.84
C GLN J 235 29.04 -16.58 19.46
N LYS J 236 28.15 -17.42 19.94
CA LYS J 236 26.91 -16.95 20.53
C LYS J 236 27.15 -16.40 21.92
N PHE J 237 28.08 -16.99 22.67
CA PHE J 237 28.54 -16.44 23.92
C PHE J 237 29.19 -15.08 23.73
N ASP J 238 29.96 -14.91 22.65
CA ASP J 238 30.56 -13.60 22.42
C ASP J 238 29.54 -12.58 21.98
N ALA J 239 28.51 -13.00 21.23
CA ALA J 239 27.45 -12.06 20.86
C ALA J 239 26.64 -11.64 22.08
N VAL J 240 26.38 -12.56 22.99
CA VAL J 240 25.65 -12.21 24.21
C VAL J 240 26.52 -11.38 25.15
N ALA J 241 27.83 -11.66 25.20
CA ALA J 241 28.74 -10.83 25.98
C ALA J 241 28.82 -9.42 25.41
N LYS J 242 28.79 -9.30 24.08
CA LYS J 242 28.83 -7.98 23.47
C LYS J 242 27.56 -7.20 23.73
N GLU J 243 26.38 -7.85 23.61
CA GLU J 243 25.17 -7.08 23.84
C GLU J 243 24.93 -6.83 25.32
N HIS J 244 25.46 -7.68 26.19
CA HIS J 244 25.40 -7.41 27.63
C HIS J 244 26.31 -6.26 28.02
N ALA J 245 27.53 -6.23 27.50
CA ALA J 245 28.39 -5.09 27.74
C ALA J 245 27.88 -3.84 27.06
N SER J 246 27.15 -3.98 25.96
CA SER J 246 26.58 -2.83 25.29
C SER J 246 25.42 -2.23 26.08
N GLN J 247 24.57 -3.07 26.67
CA GLN J 247 23.52 -2.53 27.51
C GLN J 247 24.08 -1.94 28.80
N LEU J 248 25.07 -2.59 29.40
CA LEU J 248 25.65 -2.05 30.62
C LEU J 248 26.63 -0.92 30.35
N ALA J 249 26.96 -0.62 29.09
CA ALA J 249 27.67 0.60 28.75
C ALA J 249 26.72 1.72 28.34
N GLU J 250 25.62 1.40 27.66
CA GLU J 250 24.51 2.34 27.47
C GLU J 250 24.05 2.93 28.80
N HIS J 251 23.68 2.06 29.75
CA HIS J 251 23.16 2.55 31.02
C HIS J 251 24.23 3.26 31.83
N ASN J 252 25.49 2.85 31.70
CA ASN J 252 26.51 3.54 32.47
C ASN J 252 27.02 4.81 31.78
N ALA J 253 26.74 4.99 30.50
CA ALA J 253 27.01 6.28 29.88
C ALA J 253 25.89 7.26 30.16
N ARG J 254 24.64 6.79 30.12
CA ARG J 254 23.52 7.62 30.58
C ARG J 254 23.63 7.94 32.06
N ALA J 255 24.29 7.08 32.82
CA ALA J 255 24.46 7.31 34.25
C ALA J 255 25.41 8.44 34.55
N PHE J 256 26.25 8.83 33.59
CA PHE J 256 27.18 9.90 33.88
C PHE J 256 26.69 11.25 33.38
N PHE J 257 25.98 11.27 32.24
CA PHE J 257 25.42 12.52 31.77
C PHE J 257 23.99 12.70 32.23
N GLY J 258 23.71 12.24 33.43
CA GLY J 258 22.54 12.61 34.17
C GLY J 258 22.93 13.01 35.58
N GLN J 259 24.05 13.70 35.78
CA GLN J 259 24.34 14.16 37.13
C GLN J 259 24.33 15.67 37.27
N LYS J 260 25.12 16.38 36.48
CA LYS J 260 25.40 17.84 36.61
C LYS J 260 25.84 18.23 38.01
N ASN J 278 29.52 -12.91 39.21
CA ASN J 278 30.63 -13.44 38.44
C ASN J 278 31.94 -13.32 39.22
N PRO J 279 32.26 -14.32 40.03
CA PRO J 279 33.59 -14.34 40.67
C PRO J 279 34.61 -15.01 39.77
N LEU J 280 35.84 -15.19 40.25
CA LEU J 280 36.87 -15.86 39.44
C LEU J 280 36.54 -17.32 39.16
N PHE J 281 35.75 -17.98 40.03
CA PHE J 281 35.35 -19.35 39.75
C PHE J 281 34.49 -19.45 38.50
N ALA J 282 33.57 -18.52 38.30
CA ALA J 282 32.76 -18.56 37.09
C ALA J 282 33.58 -18.17 35.87
N ARG J 283 34.47 -17.19 36.01
CA ARG J 283 35.27 -16.75 34.86
C ARG J 283 36.44 -17.70 34.60
N LEU J 284 36.58 -18.75 35.40
CA LEU J 284 37.59 -19.76 35.16
C LEU J 284 37.02 -21.11 34.77
N ARG J 285 35.85 -21.49 35.28
CA ARG J 285 35.15 -22.60 34.64
C ARG J 285 34.50 -22.21 33.33
N LEU J 286 34.55 -20.92 32.97
CA LEU J 286 34.07 -20.49 31.67
C LEU J 286 35.14 -20.57 30.59
N ILE J 287 36.15 -21.41 30.78
CA ILE J 287 37.29 -21.44 29.87
C ILE J 287 37.67 -22.87 29.50
N ALA J 288 37.92 -23.08 28.21
CA ALA J 288 38.13 -24.37 27.55
C ALA J 288 39.50 -24.96 27.87
N ALA J 289 39.97 -25.85 26.99
CA ALA J 289 40.99 -26.86 27.24
C ALA J 289 40.52 -27.76 28.38
N GLU J 290 39.47 -28.50 28.07
CA GLU J 290 38.64 -29.24 29.00
C GLU J 290 38.83 -30.74 28.83
N LYS J 291 38.28 -31.48 29.78
CA LYS J 291 38.12 -32.91 29.61
C LYS J 291 36.85 -33.19 28.80
N THR J 292 36.91 -34.24 27.99
CA THR J 292 35.77 -34.61 27.16
C THR J 292 35.21 -35.96 27.62
N GLN J 293 35.12 -36.15 28.94
CA GLN J 293 34.81 -37.43 29.53
C GLN J 293 33.34 -37.59 29.92
N GLN J 294 32.57 -36.51 29.94
CA GLN J 294 31.19 -36.54 30.40
C GLN J 294 30.28 -36.29 29.18
N THR J 295 28.97 -36.51 29.37
CA THR J 295 28.00 -36.23 28.32
C THR J 295 27.96 -34.74 27.99
N MET J 296 28.28 -33.87 28.95
CA MET J 296 28.46 -32.46 28.64
C MET J 296 29.95 -32.16 28.46
N TYR J 297 30.21 -31.05 27.78
CA TYR J 297 31.54 -30.71 27.28
C TYR J 297 31.61 -29.22 27.01
N THR J 298 32.85 -28.75 26.73
CA THR J 298 33.19 -27.36 26.41
C THR J 298 32.75 -26.48 27.59
N PRO J 299 33.55 -26.42 28.65
CA PRO J 299 33.02 -26.45 30.03
C PRO J 299 32.13 -25.31 30.45
N LEU J 300 31.71 -24.44 29.55
CA LEU J 300 30.56 -23.60 29.83
C LEU J 300 29.35 -24.46 30.22
N GLN J 301 29.11 -25.53 29.45
CA GLN J 301 28.09 -26.52 29.81
C GLN J 301 28.38 -27.18 31.14
N LEU J 302 29.63 -27.51 31.41
CA LEU J 302 29.93 -28.29 32.61
C LEU J 302 29.82 -27.42 33.85
N TRP J 303 30.24 -26.16 33.74
CA TRP J 303 29.98 -25.16 34.77
C TRP J 303 28.48 -24.99 35.00
N ASN J 304 27.71 -24.90 33.90
CA ASN J 304 26.28 -24.66 34.02
C ASN J 304 25.57 -25.84 34.67
N ASP J 305 26.03 -27.05 34.39
CA ASP J 305 25.48 -28.22 35.06
C ASP J 305 25.90 -28.23 36.51
N ASN J 306 27.11 -27.75 36.81
CA ASN J 306 27.61 -27.79 38.18
C ASN J 306 26.89 -26.77 39.06
N LYS J 307 27.04 -25.50 38.73
CA LYS J 307 26.45 -24.41 39.51
C LYS J 307 25.07 -24.08 38.90
N GLY J 308 24.53 -22.90 39.22
CA GLY J 308 23.16 -22.53 38.90
C GLY J 308 22.80 -22.55 37.42
N TYR J 309 21.50 -22.36 37.16
CA TYR J 309 20.85 -22.57 35.85
C TYR J 309 21.10 -24.01 35.41
N ARG J 310 20.41 -24.94 36.08
CA ARG J 310 20.72 -26.36 35.96
C ARG J 310 20.52 -26.91 34.55
N ILE J 311 19.37 -26.66 33.90
CA ILE J 311 19.25 -27.00 32.49
C ILE J 311 18.67 -25.83 31.69
N PRO J 312 19.03 -25.70 30.40
CA PRO J 312 18.35 -24.89 29.39
C PRO J 312 17.19 -25.62 28.70
N MET K 1 -63.94 1.30 5.27
CA MET K 1 -63.59 1.05 3.87
C MET K 1 -62.23 1.66 3.52
N THR K 2 -61.58 2.25 4.52
CA THR K 2 -60.33 2.97 4.28
C THR K 2 -59.15 2.01 4.13
N THR K 3 -58.96 1.10 5.09
CA THR K 3 -57.85 0.17 5.03
C THR K 3 -58.00 -0.84 3.91
N SER K 4 -59.24 -1.15 3.54
CA SER K 4 -59.53 -2.01 2.38
C SER K 4 -58.98 -1.40 1.10
N ILE K 5 -59.35 -0.15 0.83
CA ILE K 5 -58.89 0.51 -0.37
C ILE K 5 -57.41 0.87 -0.27
N ASN K 6 -56.85 0.98 0.94
CA ASN K 6 -55.40 1.13 1.09
C ASN K 6 -54.67 -0.17 0.72
N SER K 7 -55.26 -1.32 1.03
CA SER K 7 -54.71 -2.59 0.56
C SER K 7 -54.81 -2.69 -0.97
N VAL K 8 -55.89 -2.16 -1.53
CA VAL K 8 -56.02 -2.07 -2.99
C VAL K 8 -54.96 -1.15 -3.57
N VAL K 9 -54.59 -0.09 -2.82
CA VAL K 9 -53.51 0.81 -3.23
C VAL K 9 -52.19 0.07 -3.27
N THR K 10 -51.92 -0.77 -2.26
CA THR K 10 -50.68 -1.56 -2.27
C THR K 10 -50.65 -2.54 -3.44
N VAL K 11 -51.80 -3.16 -3.74
CA VAL K 11 -51.94 -4.07 -4.88
C VAL K 11 -51.64 -3.34 -6.19
N PHE K 12 -52.23 -2.17 -6.39
CA PHE K 12 -52.00 -1.49 -7.65
C PHE K 12 -50.70 -0.68 -7.67
N GLN K 13 -50.05 -0.50 -6.51
CA GLN K 13 -48.64 -0.12 -6.53
C GLN K 13 -47.79 -1.25 -7.11
N ASN K 14 -48.10 -2.49 -6.73
CA ASN K 14 -47.43 -3.63 -7.37
C ASN K 14 -47.76 -3.70 -8.87
N VAL K 15 -48.99 -3.34 -9.24
CA VAL K 15 -49.37 -3.34 -10.66
C VAL K 15 -48.61 -2.27 -11.45
N PHE K 16 -48.62 -1.02 -10.96
CA PHE K 16 -47.88 0.06 -11.60
C PHE K 16 -46.38 0.00 -11.38
N THR K 17 -45.87 -0.97 -10.63
CA THR K 17 -44.46 -1.31 -10.75
C THR K 17 -44.23 -2.53 -11.64
N ASN K 18 -45.28 -3.25 -12.03
CA ASN K 18 -45.08 -4.33 -13.00
C ASN K 18 -45.05 -3.81 -14.44
N HIS K 19 -46.17 -3.30 -14.95
CA HIS K 19 -46.31 -2.95 -16.37
C HIS K 19 -47.41 -1.91 -16.52
N GLY K 20 -47.85 -1.72 -17.76
CA GLY K 20 -48.89 -0.80 -18.15
C GLY K 20 -48.62 -0.26 -19.53
N SER K 21 -49.07 0.98 -19.77
CA SER K 21 -48.74 1.68 -21.01
C SER K 21 -47.46 2.50 -20.84
N THR K 22 -47.51 3.47 -19.94
CA THR K 22 -46.33 4.13 -19.40
C THR K 22 -46.48 4.18 -17.89
N LEU K 23 -45.46 4.69 -17.20
CA LEU K 23 -45.46 4.73 -15.75
C LEU K 23 -44.98 6.07 -15.20
N LEU K 24 -45.17 7.16 -15.94
CA LEU K 24 -44.70 8.47 -15.47
C LEU K 24 -45.58 9.06 -14.39
N ASN K 25 -46.82 8.59 -14.25
CA ASN K 25 -47.75 9.13 -13.26
C ASN K 25 -48.27 8.05 -12.32
N GLY K 26 -47.69 6.83 -12.35
CA GLY K 26 -48.14 5.77 -11.48
C GLY K 26 -47.77 5.96 -10.02
N ILE K 27 -46.81 6.85 -9.74
CA ILE K 27 -46.49 7.17 -8.35
C ILE K 27 -47.60 7.99 -7.71
N LEU K 28 -48.13 8.97 -8.45
CA LEU K 28 -49.05 9.94 -7.87
C LEU K 28 -50.47 9.39 -7.72
N ILE K 29 -50.89 8.48 -8.62
CA ILE K 29 -52.28 7.99 -8.61
C ILE K 29 -52.54 7.15 -7.38
N ALA K 30 -51.61 6.27 -7.03
CA ALA K 30 -51.75 5.45 -5.84
C ALA K 30 -51.72 6.28 -4.57
N THR K 31 -50.95 7.37 -4.55
CA THR K 31 -50.95 8.26 -3.40
C THR K 31 -52.27 9.01 -3.28
N THR K 32 -52.86 9.40 -4.43
CA THR K 32 -54.18 10.03 -4.40
C THR K 32 -55.23 9.10 -3.84
N VAL K 33 -55.22 7.83 -4.27
CA VAL K 33 -56.24 6.90 -3.79
C VAL K 33 -56.01 6.56 -2.31
N GLY K 34 -54.76 6.35 -1.92
CA GLY K 34 -54.46 5.99 -0.54
C GLY K 34 -54.62 7.13 0.45
N GLY K 35 -54.53 8.37 -0.03
CA GLY K 35 -54.78 9.49 0.85
C GLY K 35 -56.23 9.91 0.84
N GLN K 36 -56.90 9.76 -0.30
CA GLN K 36 -58.27 10.21 -0.35
C GLN K 36 -59.27 9.14 0.05
N SER K 37 -58.82 7.91 0.30
CA SER K 37 -59.62 7.01 1.11
C SER K 37 -59.77 7.55 2.54
N LEU K 38 -58.67 8.05 3.11
CA LEU K 38 -58.73 8.68 4.43
C LEU K 38 -59.41 10.03 4.38
N VAL K 39 -59.41 10.70 3.22
CA VAL K 39 -60.28 11.86 3.06
C VAL K 39 -61.75 11.44 3.11
N ARG K 40 -62.10 10.37 2.38
CA ARG K 40 -63.46 9.87 2.36
C ARG K 40 -63.90 9.26 3.70
N LYS K 41 -62.96 9.00 4.60
CA LYS K 41 -63.34 8.74 5.99
C LYS K 41 -64.07 9.93 6.62
N LEU K 42 -63.73 11.16 6.20
CA LEU K 42 -64.38 12.39 6.70
C LEU K 42 -64.85 13.21 5.50
N THR K 43 -66.04 12.90 5.00
CA THR K 43 -66.65 13.56 3.84
C THR K 43 -68.15 13.60 4.06
N PHE K 44 -68.89 13.75 2.95
CA PHE K 44 -70.34 14.00 2.88
C PHE K 44 -70.79 15.07 3.88
N SER K 45 -70.29 16.29 3.64
CA SER K 45 -70.82 17.46 4.32
C SER K 45 -72.30 17.64 3.99
N CYS K 46 -72.64 17.57 2.70
CA CYS K 46 -73.94 17.16 2.16
C CYS K 46 -75.09 18.03 2.66
N PRO K 47 -75.25 19.25 2.11
CA PRO K 47 -76.19 20.22 2.68
C PRO K 47 -77.63 19.79 2.58
N CYS K 48 -78.46 20.47 3.36
CA CYS K 48 -79.89 20.22 3.44
C CYS K 48 -80.71 21.06 2.48
N ALA K 49 -80.18 21.45 1.32
CA ALA K 49 -80.92 22.37 0.45
C ALA K 49 -81.29 21.73 -0.88
N TYR K 50 -82.28 22.35 -1.55
CA TYR K 50 -82.67 21.87 -2.87
C TYR K 50 -81.57 22.12 -3.93
N PRO K 51 -81.13 23.40 -4.21
CA PRO K 51 -80.10 23.50 -5.27
C PRO K 51 -78.71 23.16 -4.76
N LEU K 52 -78.44 23.43 -3.48
CA LEU K 52 -77.09 23.31 -2.98
C LEU K 52 -76.68 21.87 -2.75
N ASN K 53 -77.63 20.93 -2.62
CA ASN K 53 -77.19 19.55 -2.50
C ASN K 53 -76.72 19.00 -3.84
N ILE K 54 -77.46 19.28 -4.90
CA ILE K 54 -77.03 18.92 -6.25
C ILE K 54 -75.75 19.64 -6.61
N TYR K 55 -75.60 20.90 -6.17
CA TYR K 55 -74.37 21.63 -6.47
C TYR K 55 -73.19 21.05 -5.70
N HIS K 56 -73.36 20.79 -4.40
CA HIS K 56 -72.29 20.22 -3.59
C HIS K 56 -71.98 18.78 -3.94
N SER K 57 -72.87 18.09 -4.65
CA SER K 57 -72.53 16.76 -5.10
C SER K 57 -71.92 16.78 -6.50
N LEU K 58 -72.54 17.52 -7.42
CA LEU K 58 -72.12 17.55 -8.81
C LEU K 58 -70.78 18.26 -8.97
N VAL K 59 -70.58 19.37 -8.26
CA VAL K 59 -69.29 20.04 -8.28
C VAL K 59 -68.21 19.17 -7.66
N PHE K 60 -68.51 18.54 -6.52
CA PHE K 60 -67.52 17.71 -5.86
C PHE K 60 -67.18 16.45 -6.64
N MET K 61 -68.07 15.98 -7.52
CA MET K 61 -67.71 14.88 -8.40
C MET K 61 -66.95 15.39 -9.63
N PHE K 62 -67.60 16.21 -10.45
CA PHE K 62 -67.05 16.58 -11.75
C PHE K 62 -66.06 17.74 -11.69
N GLY K 63 -65.65 18.15 -10.50
CA GLY K 63 -64.64 19.16 -10.33
C GLY K 63 -63.22 18.63 -10.23
N PRO K 64 -62.96 17.74 -9.25
CA PRO K 64 -61.63 17.10 -9.21
C PRO K 64 -61.32 16.24 -10.42
N THR K 65 -62.33 15.76 -11.15
CA THR K 65 -62.07 15.09 -12.42
C THR K 65 -61.45 16.06 -13.43
N ALA K 66 -62.04 17.25 -13.57
CA ALA K 66 -61.47 18.25 -14.45
C ALA K 66 -60.12 18.75 -13.95
N ALA K 67 -59.95 18.84 -12.63
CA ALA K 67 -58.69 19.30 -12.07
C ALA K 67 -57.57 18.29 -12.30
N LEU K 68 -57.83 17.01 -12.05
CA LEU K 68 -56.83 15.99 -12.32
C LEU K 68 -56.64 15.75 -13.81
N LEU K 69 -57.65 16.04 -14.63
CA LEU K 69 -57.47 15.99 -16.07
C LEU K 69 -56.53 17.09 -16.53
N LEU K 70 -56.69 18.28 -15.98
CA LEU K 70 -55.81 19.41 -16.31
C LEU K 70 -54.39 19.16 -15.82
N ILE K 71 -54.26 18.58 -14.62
CA ILE K 71 -52.94 18.22 -14.11
C ILE K 71 -52.31 17.13 -14.96
N GLY K 72 -53.09 16.15 -15.39
CA GLY K 72 -52.57 15.09 -16.23
C GLY K 72 -52.18 15.56 -17.62
N ILE K 73 -52.80 16.64 -18.09
CA ILE K 73 -52.29 17.29 -19.30
C ILE K 73 -50.96 17.97 -19.00
N THR K 74 -50.95 18.88 -18.03
CA THR K 74 -49.84 19.83 -17.87
C THR K 74 -48.57 19.15 -17.38
N VAL K 75 -48.69 18.11 -16.56
CA VAL K 75 -47.51 17.40 -16.09
C VAL K 75 -46.92 16.55 -17.21
N ASN K 76 -47.78 16.05 -18.11
CA ASN K 76 -47.34 15.15 -19.17
C ASN K 76 -46.48 15.91 -20.17
N SER K 77 -45.29 15.36 -20.45
CA SER K 77 -44.29 16.09 -21.22
C SER K 77 -44.68 16.21 -22.68
N THR K 78 -45.34 15.18 -23.22
CA THR K 78 -45.49 15.04 -24.67
C THR K 78 -46.37 16.13 -25.25
N THR K 79 -47.38 16.60 -24.50
CA THR K 79 -48.21 17.68 -25.02
C THR K 79 -47.43 18.98 -25.10
N TRP K 80 -46.46 19.20 -24.22
CA TRP K 80 -45.63 20.38 -24.40
C TRP K 80 -44.71 20.21 -25.59
N LYS K 81 -44.22 18.99 -25.83
CA LYS K 81 -43.47 18.76 -27.06
C LYS K 81 -44.34 18.89 -28.29
N LEU K 82 -45.67 18.82 -28.12
CA LEU K 82 -46.55 19.17 -29.22
C LEU K 82 -46.73 20.68 -29.29
N ALA K 83 -46.90 21.34 -28.16
CA ALA K 83 -47.37 22.72 -28.16
C ALA K 83 -46.67 23.57 -27.10
N HIS K 84 -45.34 23.47 -26.99
CA HIS K 84 -44.58 24.51 -26.32
C HIS K 84 -44.15 25.50 -27.38
N GLY K 85 -44.80 26.65 -27.40
CA GLY K 85 -44.47 27.62 -28.42
C GLY K 85 -45.01 27.24 -29.77
N PHE K 86 -46.32 27.02 -29.84
CA PHE K 86 -46.95 26.63 -31.10
C PHE K 86 -47.05 27.81 -32.06
N PHE K 87 -47.10 29.03 -31.55
CA PHE K 87 -47.17 30.20 -32.43
C PHE K 87 -45.88 30.40 -33.20
N PHE K 88 -44.74 30.35 -32.51
CA PHE K 88 -43.47 30.73 -33.10
C PHE K 88 -42.62 29.52 -33.49
N ARG K 89 -43.27 28.45 -33.95
CA ARG K 89 -42.56 27.41 -34.67
C ARG K 89 -42.15 27.96 -36.03
N VAL K 90 -40.91 27.69 -36.43
CA VAL K 90 -40.50 27.94 -37.81
C VAL K 90 -41.32 27.03 -38.71
N ARG K 91 -41.88 27.60 -39.78
CA ARG K 91 -42.93 26.94 -40.55
C ARG K 91 -42.41 25.67 -41.23
N ASP K 92 -43.32 24.71 -41.37
CA ASP K 92 -43.02 23.34 -41.77
C ASP K 92 -41.96 22.70 -40.87
N THR K 93 -42.15 22.84 -39.56
CA THR K 93 -41.47 22.00 -38.60
C THR K 93 -42.53 21.47 -37.65
N ARG K 94 -43.61 22.24 -37.47
CA ARG K 94 -44.85 21.62 -37.06
C ARG K 94 -45.31 20.70 -38.18
N HIS K 95 -45.73 19.49 -37.82
CA HIS K 95 -45.62 18.40 -38.77
C HIS K 95 -46.89 18.18 -39.59
N SER K 96 -48.03 17.91 -38.95
CA SER K 96 -49.21 17.48 -39.68
C SER K 96 -50.45 17.89 -38.91
N TRP K 97 -51.61 17.46 -39.42
CA TRP K 97 -52.86 17.52 -38.69
C TRP K 97 -53.29 16.16 -38.16
N LYS K 98 -52.94 15.08 -38.86
CA LYS K 98 -53.37 13.76 -38.44
C LYS K 98 -52.52 13.22 -37.29
N THR K 99 -51.20 13.37 -37.39
CA THR K 99 -50.30 12.80 -36.39
C THR K 99 -50.41 13.55 -35.06
N THR K 100 -50.59 14.89 -35.12
CA THR K 100 -50.75 15.66 -33.92
C THR K 100 -52.05 15.35 -33.19
N CYS K 101 -53.07 14.86 -33.89
CA CYS K 101 -54.28 14.40 -33.22
C CYS K 101 -54.07 13.05 -32.56
N VAL K 102 -53.21 12.20 -33.14
CA VAL K 102 -52.88 10.93 -32.50
C VAL K 102 -52.11 11.17 -31.22
N SER K 103 -51.16 12.11 -31.25
CA SER K 103 -50.46 12.47 -30.02
C SER K 103 -51.39 13.17 -29.03
N TRP K 104 -52.38 13.91 -29.53
CA TRP K 104 -53.32 14.59 -28.66
C TRP K 104 -54.22 13.59 -27.94
N ILE K 105 -54.69 12.57 -28.66
CA ILE K 105 -55.51 11.54 -28.04
C ILE K 105 -54.65 10.70 -27.09
N GLU K 106 -53.36 10.52 -27.41
CA GLU K 106 -52.45 9.84 -26.51
C GLU K 106 -52.30 10.57 -25.18
N VAL K 107 -52.09 11.89 -25.24
CA VAL K 107 -51.89 12.62 -23.99
C VAL K 107 -53.23 12.80 -23.28
N LEU K 108 -54.34 12.80 -24.01
CA LEU K 108 -55.66 12.83 -23.37
C LEU K 108 -55.94 11.54 -22.60
N ILE K 109 -55.57 10.38 -23.15
CA ILE K 109 -55.83 9.14 -22.45
C ILE K 109 -54.87 8.95 -21.27
N GLN K 110 -53.58 9.26 -21.48
CA GLN K 110 -52.62 9.20 -20.39
C GLN K 110 -52.94 10.19 -19.29
N SER K 111 -53.56 11.31 -19.64
CA SER K 111 -54.10 12.22 -18.63
C SER K 111 -55.30 11.61 -17.94
N SER K 112 -56.28 11.14 -18.71
CA SER K 112 -57.58 10.71 -18.21
C SER K 112 -57.54 9.37 -17.48
N VAL K 113 -56.37 8.74 -17.37
CA VAL K 113 -56.21 7.61 -16.46
C VAL K 113 -56.62 8.00 -15.04
N ALA K 114 -55.99 9.03 -14.48
CA ALA K 114 -56.20 9.41 -13.08
C ALA K 114 -57.60 9.97 -12.73
N PRO K 115 -58.28 10.78 -13.55
CA PRO K 115 -59.65 11.17 -13.16
C PRO K 115 -60.66 10.04 -13.22
N ILE K 116 -60.52 9.10 -14.16
CA ILE K 116 -61.41 7.95 -14.16
C ILE K 116 -61.17 7.08 -12.93
N ALA K 117 -59.91 6.98 -12.50
CA ALA K 117 -59.59 6.25 -11.27
C ALA K 117 -60.18 6.96 -10.06
N TRP K 118 -60.11 8.30 -10.01
CA TRP K 118 -60.67 9.02 -8.88
C TRP K 118 -62.20 8.95 -8.86
N LEU K 119 -62.81 9.04 -10.04
CA LEU K 119 -64.26 8.91 -10.17
C LEU K 119 -64.73 7.53 -9.72
N PHE K 120 -63.98 6.49 -10.09
CA PHE K 120 -64.28 5.15 -9.61
C PHE K 120 -64.07 5.01 -8.11
N VAL K 121 -63.08 5.70 -7.54
CA VAL K 121 -62.86 5.64 -6.10
C VAL K 121 -64.03 6.26 -5.35
N VAL K 122 -64.53 7.40 -5.81
CA VAL K 122 -65.58 8.06 -5.04
C VAL K 122 -66.93 7.42 -5.29
N PHE K 123 -67.22 7.03 -6.54
CA PHE K 123 -68.42 6.23 -6.81
C PHE K 123 -68.37 4.87 -6.11
N LEU K 124 -67.18 4.31 -5.92
CA LEU K 124 -67.04 3.05 -5.20
C LEU K 124 -67.26 3.26 -3.70
N ASP K 125 -67.00 4.45 -3.20
CA ASP K 125 -67.49 4.79 -1.88
C ASP K 125 -68.99 4.98 -1.94
N GLY K 126 -69.65 4.70 -0.83
CA GLY K 126 -71.01 5.18 -0.72
C GLY K 126 -70.92 6.59 -0.22
N GLY K 127 -70.90 7.52 -1.16
CA GLY K 127 -70.56 8.88 -0.84
C GLY K 127 -71.46 9.88 -1.53
N TYR K 128 -70.85 10.74 -2.30
CA TYR K 128 -71.52 11.87 -2.91
C TYR K 128 -72.52 11.49 -4.00
N TYR K 129 -72.64 10.21 -4.35
CA TYR K 129 -73.77 9.83 -5.16
C TYR K 129 -75.02 9.63 -4.32
N ARG K 130 -74.90 9.19 -3.05
CA ARG K 130 -76.09 9.18 -2.21
C ARG K 130 -76.50 10.59 -1.86
N CYS K 131 -75.55 11.52 -1.88
CA CYS K 131 -75.76 12.92 -1.62
C CYS K 131 -76.32 13.64 -2.85
N TYR K 132 -76.64 12.89 -3.91
CA TYR K 132 -77.18 13.40 -5.15
C TYR K 132 -78.62 12.96 -5.37
N ARG K 133 -78.89 11.67 -5.37
CA ARG K 133 -80.26 11.24 -5.49
C ARG K 133 -80.92 11.03 -4.14
N SER K 134 -80.21 11.29 -3.03
CA SER K 134 -80.92 11.54 -1.77
C SER K 134 -81.73 12.81 -1.87
N HIS K 135 -81.15 13.83 -2.50
CA HIS K 135 -81.91 14.97 -2.97
C HIS K 135 -82.97 14.53 -3.95
N GLU K 136 -82.53 14.01 -5.12
CA GLU K 136 -83.42 13.80 -6.27
C GLU K 136 -84.55 12.80 -6.01
N PHE K 137 -84.50 12.05 -4.91
CA PHE K 137 -85.60 11.15 -4.56
C PHE K 137 -86.63 11.83 -3.67
N CYS K 138 -86.18 12.77 -2.82
CA CYS K 138 -86.89 13.21 -1.62
C CYS K 138 -88.16 14.03 -1.90
N LEU K 139 -88.50 14.31 -3.16
CA LEU K 139 -89.71 15.08 -3.54
C LEU K 139 -89.70 16.48 -2.91
N ILE K 140 -88.80 17.32 -3.42
CA ILE K 140 -88.22 18.38 -2.61
C ILE K 140 -88.80 19.75 -2.92
N SER K 141 -89.88 19.83 -3.71
CA SER K 141 -90.38 21.13 -4.15
C SER K 141 -91.03 21.89 -2.99
N ASP K 142 -91.49 21.18 -1.98
CA ASP K 142 -91.87 21.87 -0.75
C ASP K 142 -90.67 22.42 0.00
N ALA K 143 -89.47 21.84 -0.15
CA ALA K 143 -88.30 22.47 0.44
C ALA K 143 -87.82 23.66 -0.37
N ILE K 144 -88.18 23.75 -1.65
CA ILE K 144 -88.05 25.02 -2.37
C ILE K 144 -88.91 26.08 -1.70
N LEU K 145 -90.15 25.72 -1.34
CA LEU K 145 -91.02 26.65 -0.62
C LEU K 145 -90.51 26.93 0.78
N CYS K 146 -89.91 25.92 1.43
CA CYS K 146 -89.33 26.08 2.76
C CYS K 146 -88.11 26.99 2.74
N LYS K 147 -87.35 27.01 1.64
CA LYS K 147 -86.19 27.88 1.55
C LYS K 147 -86.44 29.14 0.73
N ASN K 148 -87.69 29.37 0.31
CA ASN K 148 -88.04 30.72 -0.12
C ASN K 148 -88.06 31.69 1.04
N SER K 149 -88.38 31.20 2.24
CA SER K 149 -88.32 31.99 3.46
C SER K 149 -87.97 31.04 4.60
N THR K 150 -86.83 31.29 5.26
CA THR K 150 -86.27 30.38 6.25
C THR K 150 -87.10 30.26 7.52
N ILE K 151 -88.10 31.13 7.71
CA ILE K 151 -89.10 30.92 8.76
C ILE K 151 -89.84 29.60 8.52
N LEU K 152 -90.10 29.28 7.25
CA LEU K 152 -90.69 27.98 6.92
C LEU K 152 -89.73 26.84 7.17
N ASN K 153 -88.42 27.06 7.00
CA ASN K 153 -87.43 26.05 7.40
C ASN K 153 -87.47 25.80 8.91
N SER K 154 -87.55 26.88 9.69
CA SER K 154 -87.57 26.76 11.14
C SER K 154 -88.85 26.07 11.63
N TYR K 155 -90.00 26.45 11.10
CA TYR K 155 -91.25 25.80 11.52
C TYR K 155 -91.51 24.48 10.81
N ALA K 156 -90.70 24.11 9.82
CA ALA K 156 -90.75 22.76 9.28
C ALA K 156 -89.83 21.82 10.03
N SER K 157 -88.75 22.33 10.60
CA SER K 157 -87.89 21.49 11.43
C SER K 157 -88.43 21.35 12.84
N THR K 158 -88.96 22.43 13.42
CA THR K 158 -89.34 22.45 14.83
C THR K 158 -90.82 22.14 15.06
N SER K 159 -91.72 22.94 14.49
CA SER K 159 -93.13 22.82 14.81
C SER K 159 -93.73 21.57 14.18
N SER K 160 -93.74 21.50 12.85
CA SER K 160 -94.02 20.22 12.22
C SER K 160 -92.77 19.35 12.27
N PHE K 161 -92.99 18.04 12.16
CA PHE K 161 -91.87 17.12 12.29
C PHE K 161 -91.20 16.92 10.94
N ASN K 162 -90.24 15.99 10.90
CA ASN K 162 -89.44 15.74 9.70
C ASN K 162 -89.71 14.36 9.13
N LYS K 163 -89.61 13.31 9.94
CA LYS K 163 -89.89 11.97 9.46
C LYS K 163 -91.33 11.55 9.69
N ILE K 164 -92.05 12.21 10.61
CA ILE K 164 -93.50 12.07 10.67
C ILE K 164 -94.16 12.78 9.51
N SER K 165 -93.50 13.80 8.96
CA SER K 165 -93.95 14.50 7.76
C SER K 165 -93.44 13.87 6.47
N ASP K 166 -93.23 12.55 6.47
CA ASP K 166 -92.82 11.84 5.26
C ASP K 166 -93.99 11.48 4.34
N ASN K 167 -95.13 12.16 4.45
CA ASN K 167 -96.27 11.84 3.60
C ASN K 167 -96.15 12.47 2.22
N GLY K 168 -96.10 13.81 2.16
CA GLY K 168 -96.19 14.50 0.89
C GLY K 168 -94.87 14.89 0.27
N LYS K 169 -94.57 16.18 0.24
CA LYS K 169 -93.30 16.64 -0.29
C LYS K 169 -92.50 17.32 0.81
N TYR K 170 -91.18 17.12 0.79
CA TYR K 170 -90.42 17.10 2.03
C TYR K 170 -89.58 18.36 2.19
N CYS K 171 -89.26 18.66 3.45
CA CYS K 171 -88.44 19.78 3.88
C CYS K 171 -87.33 19.21 4.76
N PRO K 172 -86.25 19.98 5.04
CA PRO K 172 -84.87 19.51 4.72
C PRO K 172 -84.50 18.11 5.19
N PRO K 173 -84.48 17.78 6.51
CA PRO K 173 -83.48 16.78 6.99
C PRO K 173 -83.57 15.36 6.42
N CYS K 174 -84.61 15.06 5.62
CA CYS K 174 -84.53 13.98 4.64
C CYS K 174 -83.32 14.12 3.73
N ILE K 175 -82.98 15.37 3.35
CA ILE K 175 -81.89 15.62 2.43
C ILE K 175 -80.55 15.25 3.04
N CYS K 176 -80.25 15.79 4.23
CA CYS K 176 -78.97 15.52 4.87
C CYS K 176 -78.86 14.09 5.38
N VAL K 177 -79.98 13.45 5.70
CA VAL K 177 -79.97 12.03 6.04
C VAL K 177 -81.27 11.38 5.57
N PRO K 178 -81.20 10.43 4.65
CA PRO K 178 -82.41 9.77 4.15
C PRO K 178 -82.79 8.59 5.02
N ASN K 179 -83.82 7.87 4.56
CA ASN K 179 -84.15 6.59 5.15
C ASN K 179 -83.02 5.61 4.86
N PRO K 180 -82.62 4.79 5.85
CA PRO K 180 -81.47 3.88 5.63
C PRO K 180 -81.75 2.78 4.62
N THR K 181 -83.02 2.42 4.41
CA THR K 181 -83.38 1.55 3.29
C THR K 181 -83.04 2.23 1.96
N ASP K 182 -83.52 3.46 1.80
CA ASP K 182 -83.19 4.28 0.63
C ASP K 182 -81.69 4.55 0.54
N ALA K 183 -81.05 4.79 1.69
CA ALA K 183 -79.62 5.09 1.69
C ALA K 183 -78.79 3.90 1.22
N SER K 184 -79.13 2.70 1.70
CA SER K 184 -78.40 1.52 1.27
C SER K 184 -78.72 1.13 -0.18
N TYR K 185 -79.98 1.28 -0.59
CA TYR K 185 -80.38 1.08 -1.98
C TYR K 185 -79.57 1.96 -2.92
N LEU K 186 -79.52 3.24 -2.62
CA LEU K 186 -78.87 4.19 -3.50
C LEU K 186 -77.35 4.10 -3.38
N GLU K 187 -76.87 3.64 -2.22
CA GLU K 187 -75.46 3.37 -2.03
C GLU K 187 -74.98 2.25 -2.94
N ALA K 188 -75.71 1.15 -2.98
CA ALA K 188 -75.30 0.09 -3.88
C ALA K 188 -75.65 0.38 -5.33
N GLU K 189 -76.61 1.28 -5.58
CA GLU K 189 -76.75 1.85 -6.91
C GLU K 189 -75.48 2.57 -7.34
N SER K 190 -74.87 3.31 -6.41
CA SER K 190 -73.60 3.96 -6.68
C SER K 190 -72.49 2.93 -6.89
N GLN K 191 -72.54 1.81 -6.16
CA GLN K 191 -71.54 0.77 -6.34
C GLN K 191 -71.64 0.11 -7.72
N ILE K 192 -72.86 -0.11 -8.21
CA ILE K 192 -72.96 -0.76 -9.51
C ILE K 192 -72.67 0.22 -10.64
N TYR K 193 -73.01 1.51 -10.48
CA TYR K 193 -72.52 2.51 -11.45
C TYR K 193 -71.00 2.64 -11.41
N ALA K 194 -70.40 2.50 -10.22
CA ALA K 194 -68.95 2.54 -10.10
C ALA K 194 -68.29 1.42 -10.87
N TRP K 195 -68.78 0.20 -10.69
CA TRP K 195 -68.13 -0.89 -11.38
C TRP K 195 -68.48 -0.91 -12.86
N GLY K 196 -69.65 -0.38 -13.24
CA GLY K 196 -69.97 -0.26 -14.65
C GLY K 196 -69.07 0.73 -15.37
N LEU K 197 -68.80 1.87 -14.72
CA LEU K 197 -67.85 2.83 -15.27
C LEU K 197 -66.45 2.25 -15.34
N LEU K 198 -66.03 1.53 -14.29
CA LEU K 198 -64.67 0.96 -14.28
C LEU K 198 -64.51 -0.10 -15.36
N LEU K 199 -65.51 -0.96 -15.52
CA LEU K 199 -65.42 -2.03 -16.51
C LEU K 199 -65.52 -1.47 -17.93
N PHE K 200 -66.35 -0.44 -18.12
CA PHE K 200 -66.44 0.20 -19.43
C PHE K 200 -65.14 0.89 -19.80
N SER K 201 -64.55 1.61 -18.84
CA SER K 201 -63.27 2.26 -19.07
C SER K 201 -62.15 1.26 -19.29
N GLY K 202 -62.18 0.14 -18.55
CA GLY K 202 -61.14 -0.85 -18.71
C GLY K 202 -61.20 -1.56 -20.06
N VAL K 203 -62.41 -1.93 -20.49
CA VAL K 203 -62.58 -2.56 -21.80
C VAL K 203 -62.23 -1.60 -22.91
N ALA K 204 -62.70 -0.35 -22.82
CA ALA K 204 -62.41 0.62 -23.87
C ALA K 204 -60.93 0.99 -23.90
N ALA K 205 -60.28 1.09 -22.75
CA ALA K 205 -58.87 1.43 -22.71
C ALA K 205 -58.02 0.28 -23.22
N PHE K 206 -58.37 -0.96 -22.85
CA PHE K 206 -57.73 -2.14 -23.41
C PHE K 206 -57.85 -2.18 -24.92
N LEU K 207 -59.05 -1.92 -25.43
CA LEU K 207 -59.27 -1.96 -26.88
C LEU K 207 -58.50 -0.86 -27.59
N VAL K 208 -58.43 0.34 -26.99
CA VAL K 208 -57.71 1.43 -27.65
C VAL K 208 -56.20 1.21 -27.59
N ILE K 209 -55.65 0.86 -26.43
CA ILE K 209 -54.20 0.69 -26.37
C ILE K 209 -53.77 -0.65 -26.95
N THR K 210 -54.70 -1.53 -27.30
CA THR K 210 -54.35 -2.66 -28.14
C THR K 210 -54.36 -2.24 -29.61
N CYS K 211 -55.38 -1.50 -30.03
CA CYS K 211 -55.47 -1.04 -31.40
C CYS K 211 -54.45 0.04 -31.74
N ASN K 212 -53.71 0.56 -30.76
CA ASN K 212 -52.50 1.32 -31.04
C ASN K 212 -51.24 0.60 -30.55
N ARG K 213 -51.34 -0.70 -30.29
CA ARG K 213 -50.19 -1.58 -30.26
C ARG K 213 -50.31 -2.71 -31.28
N MET K 214 -51.44 -2.82 -31.96
CA MET K 214 -51.62 -3.79 -33.02
C MET K 214 -51.64 -3.13 -34.40
N CYS K 215 -51.96 -1.85 -34.48
CA CYS K 215 -51.79 -1.06 -35.69
C CYS K 215 -50.44 -0.35 -35.69
N ASP K 216 -49.56 -0.68 -34.76
CA ASP K 216 -48.23 -0.11 -34.72
C ASP K 216 -47.40 -0.65 -35.88
N LYS K 217 -46.68 0.25 -36.56
CA LYS K 217 -45.83 -0.16 -37.68
C LYS K 217 -44.69 -1.04 -37.23
N TYR K 218 -43.94 -0.59 -36.22
CA TYR K 218 -42.84 -1.36 -35.70
C TYR K 218 -43.37 -2.55 -34.92
N THR K 219 -42.49 -3.50 -34.63
CA THR K 219 -42.88 -4.70 -33.94
C THR K 219 -42.08 -4.77 -32.64
N LEU K 220 -42.38 -5.77 -31.80
CA LEU K 220 -42.23 -5.63 -30.35
C LEU K 220 -40.77 -5.47 -29.93
N VAL K 221 -39.85 -6.15 -30.60
CA VAL K 221 -38.45 -5.91 -30.29
C VAL K 221 -37.98 -4.58 -30.87
N GLN K 222 -38.47 -4.24 -32.06
CA GLN K 222 -38.13 -2.94 -32.64
C GLN K 222 -38.78 -1.81 -31.87
N ARG K 223 -39.98 -2.04 -31.33
CA ARG K 223 -40.62 -1.02 -30.52
C ARG K 223 -39.95 -0.86 -29.16
N GLN K 224 -39.52 -1.97 -28.56
CA GLN K 224 -38.77 -1.86 -27.31
C GLN K 224 -37.42 -1.20 -27.54
N TYR K 225 -36.80 -1.38 -28.71
CA TYR K 225 -35.54 -0.70 -28.93
C TYR K 225 -35.75 0.78 -29.24
N VAL K 226 -36.80 1.14 -29.96
CA VAL K 226 -37.10 2.55 -30.18
C VAL K 226 -37.43 3.23 -28.86
N GLU K 227 -38.13 2.55 -27.96
CA GLU K 227 -38.42 3.13 -26.66
C GLU K 227 -37.18 3.21 -25.77
N THR K 228 -36.28 2.23 -25.86
CA THR K 228 -35.04 2.32 -25.10
C THR K 228 -34.16 3.43 -25.64
N TYR K 229 -34.10 3.57 -26.95
CA TYR K 229 -33.28 4.62 -27.53
C TYR K 229 -33.85 6.00 -27.26
N LYS K 230 -35.17 6.13 -27.28
CA LYS K 230 -35.81 7.39 -26.91
C LYS K 230 -35.56 7.74 -25.45
N ASN K 231 -35.75 6.75 -24.56
CA ASN K 231 -35.55 6.94 -23.14
C ASN K 231 -34.08 7.08 -22.75
N VAL K 232 -33.15 6.82 -23.67
CA VAL K 232 -31.75 7.04 -23.32
C VAL K 232 -31.26 8.32 -24.00
N GLU K 233 -31.81 8.68 -25.16
CA GLU K 233 -31.31 9.92 -25.75
C GLU K 233 -31.95 11.15 -25.11
N THR K 234 -33.19 11.06 -24.61
CA THR K 234 -33.73 12.23 -23.91
C THR K 234 -33.27 12.29 -22.46
N GLN K 235 -32.28 11.51 -22.08
CA GLN K 235 -31.52 11.69 -20.85
C GLN K 235 -30.06 12.01 -21.14
N LYS K 236 -29.49 11.40 -22.17
CA LYS K 236 -28.10 11.63 -22.49
C LYS K 236 -27.91 12.97 -23.17
N PHE K 237 -28.88 13.38 -23.98
CA PHE K 237 -28.91 14.73 -24.52
C PHE K 237 -29.03 15.77 -23.42
N ASP K 238 -29.82 15.50 -22.39
CA ASP K 238 -29.91 16.46 -21.30
C ASP K 238 -28.65 16.48 -20.46
N ALA K 239 -27.98 15.35 -20.30
CA ALA K 239 -26.72 15.35 -19.56
C ALA K 239 -25.63 16.10 -20.34
N VAL K 240 -25.60 15.96 -21.66
CA VAL K 240 -24.64 16.69 -22.46
C VAL K 240 -25.00 18.16 -22.53
N ALA K 241 -26.28 18.50 -22.57
CA ALA K 241 -26.69 19.91 -22.50
C ALA K 241 -26.33 20.53 -21.17
N LYS K 242 -26.44 19.76 -20.08
CA LYS K 242 -26.07 20.27 -18.77
C LYS K 242 -24.57 20.49 -18.67
N GLU K 243 -23.76 19.53 -19.14
CA GLU K 243 -22.32 19.74 -19.01
C GLU K 243 -21.80 20.77 -20.01
N HIS K 244 -22.48 20.94 -21.13
CA HIS K 244 -22.12 21.99 -22.07
C HIS K 244 -22.46 23.37 -21.50
N ALA K 245 -23.64 23.51 -20.92
CA ALA K 245 -23.97 24.78 -20.27
C ALA K 245 -23.12 25.00 -19.03
N SER K 246 -22.66 23.93 -18.38
CA SER K 246 -21.81 24.07 -17.22
C SER K 246 -20.42 24.54 -17.60
N GLN K 247 -19.87 24.03 -18.71
CA GLN K 247 -18.58 24.52 -19.16
C GLN K 247 -18.69 25.95 -19.68
N LEU K 248 -19.76 26.26 -20.40
CA LEU K 248 -19.90 27.61 -20.91
C LEU K 248 -20.41 28.59 -19.86
N ALA K 249 -20.79 28.11 -18.67
CA ALA K 249 -21.02 28.98 -17.53
C ALA K 249 -19.80 29.14 -16.64
N GLU K 250 -19.00 28.08 -16.49
CA GLU K 250 -17.66 28.17 -15.91
C GLU K 250 -16.83 29.23 -16.60
N HIS K 251 -16.69 29.11 -17.92
CA HIS K 251 -15.85 30.05 -18.65
C HIS K 251 -16.45 31.44 -18.69
N ASN K 252 -17.77 31.56 -18.66
CA ASN K 252 -18.33 32.90 -18.66
C ASN K 252 -18.42 33.51 -17.27
N ALA K 253 -18.28 32.72 -16.21
CA ALA K 253 -18.13 33.30 -14.89
C ALA K 253 -16.71 33.73 -14.64
N ARG K 254 -15.74 32.92 -15.09
CA ARG K 254 -14.34 33.34 -15.06
C ARG K 254 -14.10 34.53 -15.97
N ALA K 255 -14.92 34.68 -17.00
CA ALA K 255 -14.79 35.79 -17.93
C ALA K 255 -15.19 37.11 -17.30
N PHE K 256 -15.95 37.09 -16.21
CA PHE K 256 -16.36 38.35 -15.62
C PHE K 256 -15.47 38.76 -14.46
N PHE K 257 -14.97 37.79 -13.69
CA PHE K 257 -14.06 38.13 -12.61
C PHE K 257 -12.62 38.01 -13.03
N GLY K 258 -12.36 38.34 -14.29
CA GLY K 258 -11.05 38.63 -14.78
C GLY K 258 -11.05 39.93 -15.54
N GLN K 259 -11.79 40.95 -15.11
CA GLN K 259 -11.69 42.22 -15.80
C GLN K 259 -11.09 43.33 -14.95
N LYS K 260 -11.67 43.61 -13.78
CA LYS K 260 -11.37 44.78 -12.93
C LYS K 260 -11.41 46.10 -13.68
N ASN K 278 -26.30 27.16 -33.80
CA ASN K 278 -27.62 26.72 -33.38
C ASN K 278 -28.67 27.79 -33.71
N PRO K 279 -29.22 27.75 -34.92
CA PRO K 279 -30.34 28.64 -35.24
C PRO K 279 -31.66 28.00 -34.83
N LEU K 280 -32.80 28.64 -35.14
CA LEU K 280 -34.10 28.06 -34.80
C LEU K 280 -34.38 26.77 -35.56
N PHE K 281 -33.79 26.59 -36.74
CA PHE K 281 -33.97 25.33 -37.46
C PHE K 281 -33.40 24.14 -36.69
N ALA K 282 -32.24 24.31 -36.07
CA ALA K 282 -31.69 23.20 -35.30
C ALA K 282 -32.47 23.00 -34.00
N ARG K 283 -32.89 24.09 -33.37
CA ARG K 283 -33.63 23.97 -32.11
C ARG K 283 -35.08 23.59 -32.34
N LEU K 284 -35.50 23.45 -33.59
CA LEU K 284 -36.84 22.99 -33.91
C LEU K 284 -36.88 21.61 -34.55
N ARG K 285 -35.87 21.24 -35.34
CA ARG K 285 -35.74 19.82 -35.66
C ARG K 285 -35.18 19.02 -34.49
N LEU K 286 -34.80 19.67 -33.40
CA LEU K 286 -34.39 18.96 -32.20
C LEU K 286 -35.55 18.63 -31.28
N ILE K 287 -36.77 18.56 -31.82
CA ILE K 287 -37.95 18.40 -30.98
C ILE K 287 -38.88 17.34 -31.56
N ALA K 288 -39.38 16.47 -30.66
CA ALA K 288 -40.15 15.27 -30.95
C ALA K 288 -41.58 15.58 -31.38
N ALA K 289 -42.47 14.59 -31.21
CA ALA K 289 -43.76 14.46 -31.90
C ALA K 289 -43.49 14.39 -33.40
N GLU K 290 -42.85 13.30 -33.77
CA GLU K 290 -42.24 13.08 -35.07
C GLU K 290 -43.00 12.02 -35.86
N LYS K 291 -42.64 11.92 -37.14
CA LYS K 291 -43.05 10.77 -37.93
C LYS K 291 -42.11 9.60 -37.66
N THR K 292 -42.67 8.39 -37.71
CA THR K 292 -41.89 7.19 -37.47
C THR K 292 -41.82 6.36 -38.75
N GLN K 293 -41.62 7.03 -39.88
CA GLN K 293 -41.73 6.42 -41.20
C GLN K 293 -40.39 6.00 -41.80
N GLN K 294 -39.27 6.45 -41.24
CA GLN K 294 -37.94 6.20 -41.79
C GLN K 294 -37.21 5.27 -40.85
N THR K 295 -36.07 4.74 -41.31
CA THR K 295 -35.22 3.91 -40.47
C THR K 295 -34.67 4.68 -39.28
N MET K 296 -34.50 5.99 -39.42
CA MET K 296 -34.18 6.82 -38.27
C MET K 296 -35.45 7.48 -37.73
N TYR K 297 -35.38 7.91 -36.47
CA TYR K 297 -36.54 8.32 -35.69
C TYR K 297 -36.08 9.18 -34.53
N THR K 298 -37.07 9.79 -33.83
CA THR K 298 -36.91 10.65 -32.67
C THR K 298 -36.02 11.83 -33.06
N PRO K 299 -36.57 12.85 -33.73
CA PRO K 299 -35.90 13.48 -34.88
C PRO K 299 -34.59 14.20 -34.60
N LEU K 300 -34.01 14.07 -33.42
CA LEU K 300 -32.59 14.38 -33.26
C LEU K 300 -31.77 13.58 -34.28
N GLN K 301 -32.05 12.28 -34.40
CA GLN K 301 -31.45 11.44 -35.43
C GLN K 301 -31.76 11.95 -36.84
N LEU K 302 -33.00 12.38 -37.08
CA LEU K 302 -33.39 12.71 -38.44
C LEU K 302 -32.79 14.05 -38.85
N TRP K 303 -32.72 14.98 -37.91
CA TRP K 303 -31.94 16.22 -38.10
C TRP K 303 -30.49 15.92 -38.37
N ASN K 304 -29.90 15.00 -37.59
CA ASN K 304 -28.48 14.69 -37.72
C ASN K 304 -28.18 14.03 -39.06
N ASP K 305 -29.09 13.21 -39.55
CA ASP K 305 -28.93 12.64 -40.88
C ASP K 305 -29.12 13.71 -41.94
N ASN K 306 -30.01 14.68 -41.70
CA ASN K 306 -30.28 15.70 -42.69
C ASN K 306 -29.12 16.68 -42.81
N LYS K 307 -28.81 17.39 -41.74
CA LYS K 307 -27.75 18.39 -41.72
C LYS K 307 -26.46 17.72 -41.24
N GLY K 308 -25.48 18.51 -40.81
CA GLY K 308 -24.13 18.04 -40.53
C GLY K 308 -24.02 16.96 -39.46
N TYR K 309 -22.79 16.44 -39.33
CA TYR K 309 -22.47 15.22 -38.56
C TYR K 309 -23.29 14.05 -39.09
N ARG K 310 -22.92 13.60 -40.30
CA ARG K 310 -23.76 12.67 -41.07
C ARG K 310 -23.98 11.34 -40.35
N ILE K 311 -22.93 10.66 -39.88
CA ILE K 311 -23.15 9.49 -39.02
C ILE K 311 -22.29 9.57 -37.76
N PRO K 312 -22.75 8.98 -36.65
CA PRO K 312 -21.97 8.63 -35.45
C PRO K 312 -21.28 7.27 -35.56
N MET L 1 -61.84 -14.30 9.51
CA MET L 1 -61.33 -15.12 8.42
C MET L 1 -60.19 -14.43 7.70
N THR L 2 -59.81 -13.25 8.19
CA THR L 2 -58.80 -12.44 7.51
C THR L 2 -57.38 -12.97 7.75
N THR L 3 -57.02 -13.15 9.02
CA THR L 3 -55.68 -13.61 9.36
C THR L 3 -55.45 -15.06 8.93
N SER L 4 -56.53 -15.86 8.88
CA SER L 4 -56.46 -17.22 8.36
C SER L 4 -56.03 -17.23 6.90
N ILE L 5 -56.72 -16.46 6.06
CA ILE L 5 -56.37 -16.42 4.66
C ILE L 5 -55.07 -15.66 4.43
N ASN L 6 -54.66 -14.79 5.36
CA ASN L 6 -53.33 -14.19 5.28
C ASN L 6 -52.23 -15.22 5.57
N SER L 7 -52.50 -16.16 6.47
CA SER L 7 -51.57 -17.27 6.67
C SER L 7 -51.52 -18.16 5.43
N VAL L 8 -52.67 -18.34 4.78
CA VAL L 8 -52.72 -19.05 3.50
C VAL L 8 -51.91 -18.29 2.42
N VAL L 9 -51.92 -16.95 2.49
CA VAL L 9 -51.13 -16.12 1.59
C VAL L 9 -49.64 -16.37 1.82
N THR L 10 -49.21 -16.46 3.08
CA THR L 10 -47.81 -16.75 3.37
C THR L 10 -47.41 -18.15 2.87
N VAL L 11 -48.31 -19.12 3.04
CA VAL L 11 -48.09 -20.48 2.54
C VAL L 11 -47.93 -20.49 1.01
N PHE L 12 -48.82 -19.81 0.31
CA PHE L 12 -48.69 -19.85 -1.14
C PHE L 12 -47.69 -18.83 -1.68
N GLN L 13 -47.20 -17.90 -0.86
CA GLN L 13 -45.96 -17.21 -1.18
C GLN L 13 -44.78 -18.18 -1.18
N ASN L 14 -44.74 -19.08 -0.19
CA ASN L 14 -43.74 -20.14 -0.21
C ASN L 14 -43.92 -21.06 -1.42
N VAL L 15 -45.17 -21.31 -1.83
CA VAL L 15 -45.43 -22.16 -3.00
C VAL L 15 -44.97 -21.47 -4.28
N PHE L 16 -45.37 -20.21 -4.50
CA PHE L 16 -44.92 -19.46 -5.68
C PHE L 16 -43.49 -18.97 -5.59
N THR L 17 -42.77 -19.23 -4.50
CA THR L 17 -41.33 -19.18 -4.55
C THR L 17 -40.69 -20.55 -4.70
N ASN L 18 -41.45 -21.64 -4.58
CA ASN L 18 -40.89 -22.95 -4.87
C ASN L 18 -40.89 -23.26 -6.37
N HIS L 19 -42.08 -23.42 -6.96
CA HIS L 19 -42.21 -23.91 -8.34
C HIS L 19 -43.55 -23.46 -8.91
N GLY L 20 -43.93 -24.07 -10.03
CA GLY L 20 -45.16 -23.81 -10.74
C GLY L 20 -44.95 -24.01 -12.22
N SER L 21 -45.73 -23.27 -13.02
CA SER L 21 -45.51 -23.24 -14.47
C SER L 21 -44.55 -22.13 -14.85
N THR L 22 -44.93 -20.88 -14.58
CA THR L 22 -44.03 -19.75 -14.56
C THR L 22 -44.31 -18.97 -13.28
N LEU L 23 -43.52 -17.92 -13.05
CA LEU L 23 -43.65 -17.14 -11.82
C LEU L 23 -43.61 -15.63 -12.08
N LEU L 24 -44.04 -15.17 -13.26
CA LEU L 24 -44.01 -13.76 -13.58
C LEU L 24 -45.10 -12.96 -12.87
N ASN L 25 -46.16 -13.62 -12.41
CA ASN L 25 -47.26 -12.95 -11.76
C ASN L 25 -47.52 -13.47 -10.35
N GLY L 26 -46.63 -14.30 -9.81
CA GLY L 26 -46.82 -14.84 -8.48
C GLY L 26 -46.62 -13.84 -7.36
N ILE L 27 -45.99 -12.70 -7.66
CA ILE L 27 -45.87 -11.63 -6.67
C ILE L 27 -47.21 -10.96 -6.44
N LEU L 28 -47.94 -10.70 -7.54
CA LEU L 28 -49.15 -9.88 -7.45
C LEU L 28 -50.35 -10.65 -6.92
N ILE L 29 -50.43 -11.96 -7.19
CA ILE L 29 -51.61 -12.75 -6.80
C ILE L 29 -51.72 -12.87 -5.29
N ALA L 30 -50.59 -13.13 -4.62
CA ALA L 30 -50.59 -13.23 -3.17
C ALA L 30 -50.89 -11.90 -2.52
N THR L 31 -50.45 -10.78 -3.12
CA THR L 31 -50.80 -9.46 -2.59
C THR L 31 -52.28 -9.17 -2.78
N THR L 32 -52.88 -9.61 -3.90
CA THR L 32 -54.32 -9.45 -4.08
C THR L 32 -55.10 -10.22 -3.03
N VAL L 33 -54.69 -11.47 -2.75
CA VAL L 33 -55.43 -12.26 -1.77
C VAL L 33 -55.23 -11.71 -0.35
N GLY L 34 -53.99 -11.32 -0.02
CA GLY L 34 -53.71 -10.82 1.31
C GLY L 34 -54.26 -9.43 1.58
N GLY L 35 -54.51 -8.65 0.54
CA GLY L 35 -55.13 -7.36 0.74
C GLY L 35 -56.63 -7.43 0.64
N GLN L 36 -57.13 -8.34 -0.19
CA GLN L 36 -58.57 -8.38 -0.35
C GLN L 36 -59.25 -9.32 0.62
N SER L 37 -58.48 -10.06 1.43
CA SER L 37 -59.05 -10.60 2.67
C SER L 37 -59.45 -9.47 3.61
N LEU L 38 -58.59 -8.47 3.76
CA LEU L 38 -58.92 -7.30 4.56
C LEU L 38 -59.96 -6.41 3.88
N VAL L 39 -60.07 -6.47 2.55
CA VAL L 39 -61.22 -5.85 1.89
C VAL L 39 -62.50 -6.59 2.28
N ARG L 40 -62.47 -7.93 2.23
CA ARG L 40 -63.64 -8.73 2.61
C ARG L 40 -63.97 -8.66 4.09
N LYS L 41 -63.07 -8.13 4.92
CA LYS L 41 -63.45 -7.73 6.27
C LYS L 41 -64.54 -6.66 6.27
N LEU L 42 -64.54 -5.78 5.25
CA LEU L 42 -65.54 -4.72 5.10
C LEU L 42 -66.14 -4.79 3.69
N THR L 43 -67.16 -5.65 3.53
CA THR L 43 -67.84 -5.88 2.25
C THR L 43 -69.30 -6.16 2.56
N PHE L 44 -69.97 -6.81 1.60
CA PHE L 44 -71.43 -7.05 1.54
C PHE L 44 -72.23 -5.80 1.88
N SER L 45 -72.09 -4.80 1.01
CA SER L 45 -72.99 -3.65 1.04
C SER L 45 -74.42 -4.09 0.80
N CYS L 46 -74.64 -4.92 -0.24
CA CYS L 46 -75.72 -5.88 -0.38
C CYS L 46 -77.11 -5.25 -0.31
N PRO L 47 -77.56 -4.60 -1.37
CA PRO L 47 -78.78 -3.78 -1.30
C PRO L 47 -80.03 -4.60 -1.04
N CYS L 48 -81.07 -3.86 -0.65
CA CYS L 48 -82.37 -4.43 -0.32
C CYS L 48 -83.33 -4.48 -1.51
N ALA L 49 -82.85 -4.62 -2.73
CA ALA L 49 -83.75 -4.53 -3.88
C ALA L 49 -83.83 -5.83 -4.67
N TYR L 50 -84.90 -5.95 -5.47
CA TYR L 50 -85.04 -7.14 -6.31
C TYR L 50 -83.98 -7.16 -7.44
N PRO L 51 -83.90 -6.14 -8.36
CA PRO L 51 -82.88 -6.32 -9.42
C PRO L 51 -81.50 -5.95 -8.94
N LEU L 52 -81.40 -4.99 -8.01
CA LEU L 52 -80.11 -4.45 -7.64
C LEU L 52 -79.32 -5.38 -6.74
N ASN L 53 -79.98 -6.33 -6.08
CA ASN L 53 -79.17 -7.28 -5.30
C ASN L 53 -78.46 -8.27 -6.19
N ILE L 54 -79.18 -8.81 -7.18
CA ILE L 54 -78.56 -9.67 -8.19
C ILE L 54 -77.52 -8.90 -8.98
N TYR L 55 -77.77 -7.63 -9.25
CA TYR L 55 -76.79 -6.83 -10.00
C TYR L 55 -75.54 -6.58 -9.15
N HIS L 56 -75.72 -6.17 -7.89
CA HIS L 56 -74.60 -5.90 -7.01
C HIS L 56 -73.87 -7.17 -6.60
N SER L 57 -74.47 -8.34 -6.76
CA SER L 57 -73.73 -9.57 -6.50
C SER L 57 -73.05 -10.08 -7.76
N LEU L 58 -73.79 -10.14 -8.87
CA LEU L 58 -73.29 -10.70 -10.11
C LEU L 58 -72.20 -9.85 -10.72
N VAL L 59 -72.38 -8.52 -10.71
CA VAL L 59 -71.34 -7.61 -11.18
C VAL L 59 -70.11 -7.70 -10.30
N PHE L 60 -70.29 -7.72 -8.98
CA PHE L 60 -69.15 -7.76 -8.08
C PHE L 60 -68.41 -9.10 -8.13
N MET L 61 -69.07 -10.17 -8.56
CA MET L 61 -68.35 -11.41 -8.79
C MET L 61 -67.68 -11.42 -10.16
N PHE L 62 -68.47 -11.37 -11.23
CA PHE L 62 -67.95 -11.59 -12.57
C PHE L 62 -67.35 -10.33 -13.19
N GLY L 63 -67.16 -9.26 -12.43
CA GLY L 63 -66.49 -8.07 -12.89
C GLY L 63 -65.00 -8.05 -12.66
N PRO L 64 -64.56 -8.20 -11.40
CA PRO L 64 -63.12 -8.32 -11.14
C PRO L 64 -62.48 -9.55 -11.77
N THR L 65 -63.25 -10.59 -12.06
CA THR L 65 -62.72 -11.72 -12.83
C THR L 65 -62.33 -11.28 -14.23
N ALA L 66 -63.23 -10.56 -14.91
CA ALA L 66 -62.91 -10.04 -16.24
C ALA L 66 -61.80 -9.00 -16.18
N ALA L 67 -61.76 -8.20 -15.10
CA ALA L 67 -60.73 -7.18 -14.98
C ALA L 67 -59.36 -7.80 -14.77
N LEU L 68 -59.25 -8.78 -13.87
CA LEU L 68 -57.98 -9.46 -13.66
C LEU L 68 -57.63 -10.37 -14.82
N LEU L 69 -58.61 -10.84 -15.59
CA LEU L 69 -58.31 -11.58 -16.80
C LEU L 69 -57.70 -10.66 -17.85
N LEU L 70 -58.24 -9.45 -17.98
CA LEU L 70 -57.70 -8.47 -18.91
C LEU L 70 -56.31 -8.01 -18.48
N ILE L 71 -56.10 -7.83 -17.18
CA ILE L 71 -54.77 -7.49 -16.67
C ILE L 71 -53.80 -8.63 -16.90
N GLY L 72 -54.24 -9.87 -16.69
CA GLY L 72 -53.37 -11.01 -16.92
C GLY L 72 -53.03 -11.22 -18.38
N ILE L 73 -53.90 -10.78 -19.29
CA ILE L 73 -53.51 -10.72 -20.69
C ILE L 73 -52.46 -9.65 -20.90
N THR L 74 -52.77 -8.40 -20.53
CA THR L 74 -52.01 -7.25 -20.99
C THR L 74 -50.63 -7.18 -20.33
N VAL L 75 -50.51 -7.63 -19.09
CA VAL L 75 -49.22 -7.63 -18.43
C VAL L 75 -48.33 -8.73 -19.00
N ASN L 76 -48.93 -9.84 -19.44
CA ASN L 76 -48.18 -10.99 -19.93
C ASN L 76 -47.50 -10.65 -21.24
N SER L 77 -46.19 -10.90 -21.31
CA SER L 77 -45.38 -10.43 -22.43
C SER L 77 -45.69 -11.20 -23.71
N THR L 78 -45.99 -12.50 -23.57
CA THR L 78 -45.98 -13.40 -24.73
C THR L 78 -47.09 -13.06 -25.71
N THR L 79 -48.24 -12.58 -25.22
CA THR L 79 -49.31 -12.20 -26.14
C THR L 79 -48.93 -10.98 -26.95
N TRP L 80 -48.13 -10.07 -26.38
CA TRP L 80 -47.67 -8.97 -27.22
C TRP L 80 -46.65 -9.46 -28.23
N LYS L 81 -45.82 -10.44 -27.85
CA LYS L 81 -44.94 -11.05 -28.85
C LYS L 81 -45.72 -11.82 -29.89
N LEU L 82 -46.98 -12.16 -29.60
CA LEU L 82 -47.85 -12.69 -30.64
C LEU L 82 -48.45 -11.56 -31.46
N ALA L 83 -48.88 -10.49 -30.81
CA ALA L 83 -49.73 -9.51 -31.48
C ALA L 83 -49.37 -8.08 -31.07
N HIS L 84 -48.09 -7.73 -31.04
CA HIS L 84 -47.71 -6.32 -31.07
C HIS L 84 -47.50 -5.95 -32.52
N GLY L 85 -48.44 -5.21 -33.08
CA GLY L 85 -48.34 -4.85 -34.47
C GLY L 85 -48.65 -6.01 -35.38
N PHE L 86 -49.84 -6.60 -35.21
CA PHE L 86 -50.22 -7.73 -36.03
C PHE L 86 -50.60 -7.32 -37.45
N PHE L 87 -51.03 -6.07 -37.63
CA PHE L 87 -51.37 -5.59 -38.97
C PHE L 87 -50.13 -5.47 -39.84
N PHE L 88 -49.09 -4.83 -39.34
CA PHE L 88 -47.93 -4.48 -40.15
C PHE L 88 -46.75 -5.41 -39.94
N ARG L 89 -47.02 -6.69 -39.72
CA ARG L 89 -46.00 -7.71 -39.87
C ARG L 89 -45.66 -7.85 -41.35
N VAL L 90 -44.38 -7.93 -41.66
CA VAL L 90 -43.96 -8.31 -43.01
C VAL L 90 -44.40 -9.74 -43.24
N ARG L 91 -45.04 -9.99 -44.39
CA ARG L 91 -45.79 -11.22 -44.62
C ARG L 91 -44.89 -12.44 -44.60
N ASP L 92 -45.46 -13.55 -44.14
CA ASP L 92 -44.76 -14.80 -43.80
C ASP L 92 -43.63 -14.55 -42.81
N THR L 93 -43.95 -13.81 -41.74
CA THR L 93 -43.12 -13.81 -40.55
C THR L 93 -44.06 -14.04 -39.38
N ARG L 94 -45.31 -13.64 -39.53
CA ARG L 94 -46.36 -14.27 -38.74
C ARG L 94 -46.45 -15.72 -39.18
N HIS L 95 -46.53 -16.64 -38.22
CA HIS L 95 -46.04 -17.98 -38.48
C HIS L 95 -47.14 -18.93 -38.95
N SER L 96 -48.19 -19.14 -38.17
CA SER L 96 -49.14 -20.20 -38.47
C SER L 96 -50.51 -19.83 -37.91
N TRP L 97 -51.44 -20.76 -38.02
CA TRP L 97 -52.71 -20.68 -37.31
C TRP L 97 -52.77 -21.64 -36.13
N LYS L 98 -52.08 -22.77 -36.20
CA LYS L 98 -52.14 -23.75 -35.13
C LYS L 98 -51.25 -23.35 -33.95
N THR L 99 -50.02 -22.91 -34.23
CA THR L 99 -49.08 -22.60 -33.16
C THR L 99 -49.49 -21.33 -32.41
N THR L 100 -50.05 -20.35 -33.13
CA THR L 100 -50.52 -19.13 -32.48
C THR L 100 -51.71 -19.39 -31.58
N CYS L 101 -52.50 -20.43 -31.84
CA CYS L 101 -53.57 -20.80 -30.93
C CYS L 101 -53.03 -21.50 -29.69
N VAL L 102 -51.93 -22.24 -29.82
CA VAL L 102 -51.29 -22.84 -28.66
C VAL L 102 -50.72 -21.76 -27.75
N SER L 103 -50.08 -20.76 -28.34
CA SER L 103 -49.61 -19.63 -27.54
C SER L 103 -50.76 -18.82 -26.97
N TRP L 104 -51.88 -18.76 -27.69
CA TRP L 104 -53.04 -18.02 -27.21
C TRP L 104 -53.67 -18.72 -26.01
N ILE L 105 -53.77 -20.04 -26.05
CA ILE L 105 -54.30 -20.79 -24.91
C ILE L 105 -53.31 -20.74 -23.75
N GLU L 106 -52.00 -20.68 -24.05
CA GLU L 106 -51.00 -20.51 -23.01
C GLU L 106 -51.16 -19.20 -22.27
N VAL L 107 -51.34 -18.11 -23.01
CA VAL L 107 -51.45 -16.81 -22.34
C VAL L 107 -52.83 -16.67 -21.70
N LEU L 108 -53.84 -17.37 -22.22
CA LEU L 108 -55.15 -17.39 -21.58
C LEU L 108 -55.11 -18.11 -20.24
N ILE L 109 -54.38 -19.22 -20.15
CA ILE L 109 -54.32 -19.95 -18.89
C ILE L 109 -53.44 -19.22 -17.88
N GLN L 110 -52.29 -18.71 -18.33
CA GLN L 110 -51.42 -17.93 -17.45
C GLN L 110 -52.10 -16.65 -16.99
N SER L 111 -53.00 -16.10 -17.81
CA SER L 111 -53.83 -15.00 -17.37
C SER L 111 -54.86 -15.48 -16.35
N SER L 112 -55.60 -16.52 -16.68
CA SER L 112 -56.75 -16.98 -15.92
C SER L 112 -56.39 -17.67 -14.62
N VAL L 113 -55.10 -17.81 -14.30
CA VAL L 113 -54.70 -18.20 -12.95
C VAL L 113 -55.29 -17.27 -11.90
N ALA L 114 -55.03 -15.98 -12.02
CA ALA L 114 -55.45 -15.01 -11.00
C ALA L 114 -56.95 -14.77 -10.85
N PRO L 115 -57.78 -14.72 -11.92
CA PRO L 115 -59.23 -14.59 -11.67
C PRO L 115 -59.87 -15.82 -11.04
N ILE L 116 -59.39 -17.03 -11.37
CA ILE L 116 -59.91 -18.22 -10.71
C ILE L 116 -59.53 -18.21 -9.23
N ALA L 117 -58.32 -17.72 -8.92
CA ALA L 117 -57.91 -17.58 -7.53
C ALA L 117 -58.76 -16.55 -6.80
N TRP L 118 -59.07 -15.44 -7.45
CA TRP L 118 -59.91 -14.42 -6.81
C TRP L 118 -61.35 -14.90 -6.62
N LEU L 119 -61.88 -15.60 -7.62
CA LEU L 119 -63.21 -16.18 -7.53
C LEU L 119 -63.29 -17.19 -6.40
N PHE L 120 -62.25 -18.02 -6.25
CA PHE L 120 -62.19 -18.95 -5.13
C PHE L 120 -62.06 -18.22 -3.78
N VAL L 121 -61.35 -17.10 -3.76
CA VAL L 121 -61.23 -16.34 -2.51
C VAL L 121 -62.57 -15.78 -2.08
N VAL L 122 -63.35 -15.23 -3.02
CA VAL L 122 -64.59 -14.60 -2.60
C VAL L 122 -65.70 -15.63 -2.37
N PHE L 123 -65.76 -16.67 -3.22
CA PHE L 123 -66.65 -17.79 -2.92
C PHE L 123 -66.27 -18.52 -1.64
N LEU L 124 -64.99 -18.55 -1.29
CA LEU L 124 -64.55 -19.15 -0.04
C LEU L 124 -64.92 -18.28 1.15
N ASP L 125 -65.05 -16.97 0.95
CA ASP L 125 -65.70 -16.16 1.94
C ASP L 125 -67.20 -16.46 1.92
N GLY L 126 -67.83 -16.30 3.08
CA GLY L 126 -69.28 -16.25 3.05
C GLY L 126 -69.64 -14.82 2.74
N GLY L 127 -69.81 -14.54 1.47
CA GLY L 127 -69.89 -13.18 1.00
C GLY L 127 -70.99 -12.98 0.00
N TYR L 128 -70.60 -12.51 -1.18
CA TYR L 128 -71.52 -12.10 -2.22
C TYR L 128 -72.28 -13.24 -2.86
N TYR L 129 -72.01 -14.49 -2.49
CA TYR L 129 -72.92 -15.55 -2.89
C TYR L 129 -74.12 -15.63 -1.95
N ARG L 130 -73.97 -15.29 -0.66
CA ARG L 130 -75.16 -15.21 0.17
C ARG L 130 -75.99 -14.00 -0.21
N CYS L 131 -75.34 -12.99 -0.79
CA CYS L 131 -75.97 -11.77 -1.28
C CYS L 131 -76.61 -11.99 -2.63
N TYR L 132 -76.63 -13.23 -3.12
CA TYR L 132 -77.20 -13.61 -4.40
C TYR L 132 -78.44 -14.49 -4.24
N ARG L 133 -78.32 -15.61 -3.55
CA ARG L 133 -79.50 -16.41 -3.32
C ARG L 133 -80.17 -16.06 -1.99
N SER L 134 -79.65 -15.09 -1.23
CA SER L 134 -80.50 -14.44 -0.23
C SER L 134 -81.61 -13.68 -0.89
N HIS L 135 -81.31 -13.02 -2.01
CA HIS L 135 -82.33 -12.55 -2.93
C HIS L 135 -83.14 -13.72 -3.44
N GLU L 136 -82.49 -14.61 -4.22
CA GLU L 136 -83.19 -15.62 -5.01
C GLU L 136 -84.00 -16.61 -4.17
N PHE L 137 -83.83 -16.65 -2.85
CA PHE L 137 -84.65 -17.50 -2.00
C PHE L 137 -85.89 -16.78 -1.50
N CYS L 138 -85.78 -15.47 -1.29
CA CYS L 138 -86.68 -14.69 -0.43
C CYS L 138 -88.11 -14.53 -0.97
N LEU L 139 -88.43 -15.04 -2.18
CA LEU L 139 -89.77 -14.97 -2.78
C LEU L 139 -90.21 -13.50 -2.95
N ILE L 140 -89.55 -12.82 -3.90
CA ILE L 140 -89.36 -11.39 -3.81
C ILE L 140 -90.29 -10.60 -4.73
N SER L 141 -91.29 -11.25 -5.34
CA SER L 141 -92.10 -10.56 -6.34
C SER L 141 -93.03 -9.54 -5.69
N ASP L 142 -93.33 -9.73 -4.40
CA ASP L 142 -93.99 -8.64 -3.68
C ASP L 142 -93.05 -7.47 -3.43
N ALA L 143 -91.73 -7.68 -3.38
CA ALA L 143 -90.83 -6.53 -3.29
C ALA L 143 -90.66 -5.84 -4.63
N ILE L 144 -90.93 -6.54 -5.74
CA ILE L 144 -91.12 -5.85 -7.02
C ILE L 144 -92.29 -4.88 -6.91
N LEU L 145 -93.40 -5.34 -6.31
CA LEU L 145 -94.55 -4.47 -6.10
C LEU L 145 -94.24 -3.36 -5.09
N CYS L 146 -93.43 -3.68 -4.07
CA CYS L 146 -93.03 -2.71 -3.07
C CYS L 146 -92.12 -1.63 -3.66
N LYS L 147 -91.31 -1.97 -4.67
CA LYS L 147 -90.45 -0.99 -5.30
C LYS L 147 -90.99 -0.46 -6.62
N ASN L 148 -92.22 -0.84 -7.00
CA ASN L 148 -92.92 -0.08 -8.03
C ASN L 148 -93.29 1.31 -7.53
N SER L 149 -93.54 1.44 -6.22
CA SER L 149 -93.79 2.73 -5.59
C SER L 149 -93.28 2.65 -4.16
N THR L 150 -92.31 3.50 -3.83
CA THR L 150 -91.58 3.43 -2.56
C THR L 150 -92.43 3.76 -1.34
N ILE L 151 -93.65 4.27 -1.54
CA ILE L 151 -94.62 4.36 -0.44
C ILE L 151 -94.94 2.97 0.08
N LEU L 152 -95.00 1.98 -0.80
CA LEU L 152 -95.17 0.59 -0.37
C LEU L 152 -93.93 0.06 0.35
N ASN L 153 -92.74 0.53 -0.02
CA ASN L 153 -91.54 0.20 0.75
C ASN L 153 -91.61 0.76 2.15
N SER L 154 -92.06 2.01 2.28
CA SER L 154 -92.14 2.65 3.59
C SER L 154 -93.20 1.99 4.47
N TYR L 155 -94.37 1.70 3.93
CA TYR L 155 -95.41 1.05 4.72
C TYR L 155 -95.22 -0.46 4.82
N ALA L 156 -94.28 -1.05 4.09
CA ALA L 156 -93.90 -2.43 4.32
C ALA L 156 -92.81 -2.55 5.37
N SER L 157 -91.96 -1.53 5.49
CA SER L 157 -90.95 -1.54 6.56
C SER L 157 -91.55 -1.09 7.89
N THR L 158 -92.39 -0.06 7.88
CA THR L 158 -92.86 0.57 9.10
C THR L 158 -94.20 0.03 9.59
N SER L 159 -95.25 0.13 8.77
CA SER L 159 -96.59 -0.21 9.22
C SER L 159 -96.77 -1.72 9.39
N SER L 160 -96.65 -2.46 8.29
CA SER L 160 -96.51 -3.90 8.43
C SER L 160 -95.08 -4.22 8.81
N PHE L 161 -94.89 -5.40 9.40
CA PHE L 161 -93.58 -5.77 9.90
C PHE L 161 -92.77 -6.43 8.78
N ASN L 162 -91.58 -6.93 9.14
CA ASN L 162 -90.67 -7.52 8.17
C ASN L 162 -90.48 -9.01 8.41
N LYS L 163 -90.15 -9.43 9.63
CA LYS L 163 -90.00 -10.84 9.94
C LYS L 163 -91.28 -11.47 10.47
N ILE L 164 -92.21 -10.65 10.98
CA ILE L 164 -93.55 -11.15 11.25
C ILE L 164 -94.31 -11.35 9.93
N SER L 165 -93.93 -10.63 8.89
CA SER L 165 -94.48 -10.80 7.55
C SER L 165 -93.72 -11.84 6.72
N ASP L 166 -93.14 -12.84 7.38
CA ASP L 166 -92.45 -13.93 6.68
C ASP L 166 -93.40 -15.02 6.18
N ASN L 167 -94.69 -14.73 6.02
CA ASN L 167 -95.63 -15.76 5.57
C ASN L 167 -95.59 -15.92 4.05
N GLY L 168 -95.93 -14.86 3.31
CA GLY L 168 -96.12 -14.97 1.88
C GLY L 168 -94.92 -14.61 1.04
N LYS L 169 -95.00 -13.49 0.32
CA LYS L 169 -93.88 -13.03 -0.48
C LYS L 169 -93.39 -11.69 0.04
N TYR L 170 -92.07 -11.50 0.00
CA TYR L 170 -91.43 -10.66 1.01
C TYR L 170 -91.01 -9.32 0.43
N CYS L 171 -90.87 -8.34 1.31
CA CYS L 171 -90.44 -6.97 1.03
C CYS L 171 -89.28 -6.67 1.98
N PRO L 172 -88.50 -5.60 1.74
CA PRO L 172 -87.01 -5.76 1.58
C PRO L 172 -86.29 -6.54 2.66
N PRO L 173 -86.27 -6.13 3.96
CA PRO L 173 -85.08 -6.40 4.80
C PRO L 173 -84.72 -7.87 5.04
N CYS L 174 -85.56 -8.82 4.61
CA CYS L 174 -85.10 -10.18 4.32
C CYS L 174 -83.92 -10.19 3.34
N ILE L 175 -83.93 -9.28 2.38
CA ILE L 175 -82.89 -9.24 1.35
C ILE L 175 -81.54 -8.84 1.95
N CYS L 176 -81.50 -7.71 2.65
CA CYS L 176 -80.25 -7.24 3.23
C CYS L 176 -79.77 -8.10 4.38
N VAL L 177 -80.68 -8.77 5.08
CA VAL L 177 -80.29 -9.74 6.10
C VAL L 177 -81.32 -10.88 6.15
N PRO L 178 -80.90 -12.10 5.85
CA PRO L 178 -81.84 -13.23 5.86
C PRO L 178 -81.92 -13.86 7.25
N ASN L 179 -82.66 -14.95 7.31
CA ASN L 179 -82.66 -15.79 8.50
C ASN L 179 -81.27 -16.41 8.66
N PRO L 180 -80.72 -16.45 9.89
CA PRO L 180 -79.35 -16.97 10.06
C PRO L 180 -79.23 -18.46 9.79
N THR L 181 -80.32 -19.23 9.91
CA THR L 181 -80.33 -20.60 9.43
C THR L 181 -80.11 -20.64 7.92
N ASP L 182 -80.91 -19.87 7.19
CA ASP L 182 -80.74 -19.70 5.75
C ASP L 182 -79.38 -19.12 5.40
N ALA L 183 -78.92 -18.16 6.19
CA ALA L 183 -77.65 -17.50 5.91
C ALA L 183 -76.49 -18.47 6.05
N SER L 184 -76.49 -19.29 7.11
CA SER L 184 -75.43 -20.27 7.28
C SER L 184 -75.52 -21.41 6.27
N TYR L 185 -76.73 -21.86 5.95
CA TYR L 185 -76.95 -22.85 4.91
C TYR L 185 -76.38 -22.40 3.58
N LEU L 186 -76.71 -21.18 3.17
CA LEU L 186 -76.30 -20.69 1.88
C LEU L 186 -74.83 -20.28 1.89
N GLU L 187 -74.32 -19.92 3.07
CA GLU L 187 -72.90 -19.63 3.25
C GLU L 187 -72.06 -20.87 3.00
N ALA L 188 -72.45 -22.00 3.60
CA ALA L 188 -71.68 -23.20 3.34
C ALA L 188 -71.99 -23.80 1.98
N GLU L 189 -73.14 -23.48 1.40
CA GLU L 189 -73.35 -23.75 -0.02
C GLU L 189 -72.32 -23.02 -0.87
N SER L 190 -72.02 -21.77 -0.50
CA SER L 190 -70.96 -21.03 -1.19
C SER L 190 -69.59 -21.66 -0.94
N GLN L 191 -69.38 -22.20 0.26
CA GLN L 191 -68.10 -22.86 0.56
C GLN L 191 -67.91 -24.12 -0.28
N ILE L 192 -68.97 -24.90 -0.47
CA ILE L 192 -68.80 -26.13 -1.24
C ILE L 192 -68.71 -25.82 -2.74
N TYR L 193 -69.42 -24.80 -3.24
CA TYR L 193 -69.17 -24.36 -4.61
C TYR L 193 -67.76 -23.80 -4.78
N ALA L 194 -67.23 -23.13 -3.75
CA ALA L 194 -65.86 -22.62 -3.79
C ALA L 194 -64.86 -23.75 -3.95
N TRP L 195 -64.99 -24.78 -3.12
CA TRP L 195 -64.00 -25.83 -3.21
C TRP L 195 -64.23 -26.70 -4.44
N GLY L 196 -65.47 -26.80 -4.92
CA GLY L 196 -65.71 -27.53 -6.16
C GLY L 196 -65.08 -26.84 -7.35
N LEU L 197 -65.19 -25.50 -7.40
CA LEU L 197 -64.52 -24.75 -8.46
C LEU L 197 -63.01 -24.86 -8.34
N LEU L 198 -62.48 -24.78 -7.11
CA LEU L 198 -61.02 -24.85 -6.94
C LEU L 198 -60.48 -26.22 -7.33
N LEU L 199 -61.18 -27.28 -6.94
CA LEU L 199 -60.71 -28.63 -7.24
C LEU L 199 -60.88 -28.94 -8.73
N PHE L 200 -61.95 -28.45 -9.35
CA PHE L 200 -62.12 -28.63 -10.79
C PHE L 200 -61.04 -27.89 -11.57
N SER L 201 -60.75 -26.64 -11.17
CA SER L 201 -59.70 -25.87 -11.82
C SER L 201 -58.34 -26.48 -11.58
N GLY L 202 -58.10 -27.01 -10.39
CA GLY L 202 -56.81 -27.61 -10.10
C GLY L 202 -56.56 -28.89 -10.89
N VAL L 203 -57.58 -29.75 -10.96
CA VAL L 203 -57.46 -30.98 -11.73
C VAL L 203 -57.33 -30.68 -13.21
N ALA L 204 -58.14 -29.75 -13.73
CA ALA L 204 -58.07 -29.43 -15.16
C ALA L 204 -56.76 -28.73 -15.51
N ALA L 205 -56.25 -27.88 -14.62
CA ALA L 205 -55.00 -27.18 -14.89
C ALA L 205 -53.82 -28.13 -14.81
N PHE L 206 -53.83 -29.05 -13.82
CA PHE L 206 -52.83 -30.11 -13.76
C PHE L 206 -52.83 -30.95 -15.01
N LEU L 207 -54.02 -31.34 -15.49
CA LEU L 207 -54.10 -32.18 -16.67
C LEU L 207 -53.64 -31.44 -17.92
N VAL L 208 -53.95 -30.14 -18.02
CA VAL L 208 -53.53 -29.39 -19.21
C VAL L 208 -52.04 -29.11 -19.18
N ILE L 209 -51.49 -28.64 -18.06
CA ILE L 209 -50.06 -28.34 -18.05
C ILE L 209 -49.22 -29.60 -17.91
N THR L 210 -49.83 -30.76 -17.66
CA THR L 210 -49.12 -32.01 -17.83
C THR L 210 -49.13 -32.43 -19.29
N CYS L 211 -50.29 -32.33 -19.95
CA CYS L 211 -50.41 -32.70 -21.35
C CYS L 211 -49.73 -31.71 -22.28
N ASN L 212 -49.23 -30.58 -21.78
CA ASN L 212 -48.28 -29.75 -22.51
C ASN L 212 -46.91 -29.73 -21.84
N ARG L 213 -46.64 -30.67 -20.94
CA ARG L 213 -45.30 -31.05 -20.57
C ARG L 213 -45.01 -32.52 -20.85
N MET L 214 -46.01 -33.28 -21.26
CA MET L 214 -45.83 -34.67 -21.67
C MET L 214 -45.93 -34.84 -23.17
N CYS L 215 -46.61 -33.94 -23.87
CA CYS L 215 -46.58 -33.88 -25.33
C CYS L 215 -45.49 -32.92 -25.81
N ASP L 216 -44.62 -32.47 -24.92
CA ASP L 216 -43.52 -31.60 -25.30
C ASP L 216 -42.50 -32.41 -26.10
N LYS L 217 -42.01 -31.83 -27.20
CA LYS L 217 -41.00 -32.49 -28.02
C LYS L 217 -39.69 -32.65 -27.28
N TYR L 218 -39.18 -31.57 -26.72
CA TYR L 218 -37.93 -31.61 -25.98
C TYR L 218 -38.16 -32.31 -24.65
N THR L 219 -37.08 -32.68 -24.01
CA THR L 219 -37.15 -33.41 -22.76
C THR L 219 -36.46 -32.57 -21.68
N LEU L 220 -36.53 -33.04 -20.42
CA LEU L 220 -36.52 -32.12 -19.27
C LEU L 220 -35.20 -31.37 -19.12
N VAL L 221 -34.08 -32.00 -19.44
CA VAL L 221 -32.83 -31.26 -19.42
C VAL L 221 -32.73 -30.35 -20.63
N GLN L 222 -33.20 -30.82 -21.78
CA GLN L 222 -33.22 -29.98 -22.97
C GLN L 222 -34.22 -28.84 -22.83
N ARG L 223 -35.33 -29.10 -22.15
CA ARG L 223 -36.30 -28.03 -21.93
C ARG L 223 -35.80 -27.02 -20.91
N GLN L 224 -35.12 -27.48 -19.85
CA GLN L 224 -34.52 -26.53 -18.92
C GLN L 224 -33.40 -25.73 -19.57
N TYR L 225 -32.68 -26.31 -20.52
CA TYR L 225 -31.65 -25.52 -21.19
C TYR L 225 -32.25 -24.54 -22.18
N VAL L 226 -33.31 -24.92 -22.90
CA VAL L 226 -33.98 -23.97 -23.78
C VAL L 226 -34.59 -22.83 -22.97
N GLU L 227 -35.13 -23.12 -21.79
CA GLU L 227 -35.67 -22.06 -20.95
C GLU L 227 -34.57 -21.20 -20.34
N THR L 228 -33.43 -21.78 -20.00
CA THR L 228 -32.32 -20.97 -19.50
C THR L 228 -31.75 -20.09 -20.61
N TYR L 229 -31.64 -20.64 -21.81
CA TYR L 229 -31.12 -19.85 -22.92
C TYR L 229 -32.08 -18.76 -23.35
N LYS L 230 -33.38 -19.03 -23.29
CA LYS L 230 -34.37 -18.01 -23.57
C LYS L 230 -34.34 -16.91 -22.53
N ASN L 231 -34.30 -17.29 -21.25
CA ASN L 231 -34.27 -16.35 -20.15
C ASN L 231 -32.93 -15.63 -20.03
N VAL L 232 -31.90 -16.05 -20.76
CA VAL L 232 -30.66 -15.30 -20.71
C VAL L 232 -30.51 -14.47 -21.98
N GLU L 233 -31.06 -14.93 -23.10
CA GLU L 233 -30.89 -14.09 -24.28
C GLU L 233 -31.90 -12.95 -24.31
N THR L 234 -33.10 -13.11 -23.73
CA THR L 234 -33.99 -11.96 -23.68
C THR L 234 -33.69 -11.03 -22.52
N GLN L 235 -32.54 -11.19 -21.88
CA GLN L 235 -31.95 -10.20 -20.99
C GLN L 235 -30.64 -9.67 -21.52
N LYS L 236 -29.84 -10.54 -22.15
CA LYS L 236 -28.54 -10.13 -22.66
C LYS L 236 -28.70 -9.33 -23.94
N PHE L 237 -29.69 -9.69 -24.76
CA PHE L 237 -30.07 -8.89 -25.91
C PHE L 237 -30.55 -7.52 -25.50
N ASP L 238 -31.31 -7.43 -24.41
CA ASP L 238 -31.76 -6.11 -23.96
C ASP L 238 -30.61 -5.30 -23.37
N ALA L 239 -29.66 -5.95 -22.71
CA ALA L 239 -28.50 -5.21 -22.20
C ALA L 239 -27.63 -4.71 -23.34
N VAL L 240 -27.47 -5.50 -24.38
CA VAL L 240 -26.69 -5.04 -25.54
C VAL L 240 -27.45 -3.99 -26.33
N ALA L 241 -28.78 -4.09 -26.41
CA ALA L 241 -29.57 -3.04 -27.04
C ALA L 241 -29.50 -1.74 -26.25
N LYS L 242 -29.47 -1.84 -24.93
CA LYS L 242 -29.36 -0.64 -24.10
C LYS L 242 -27.99 0.00 -24.25
N GLU L 243 -26.91 -0.78 -24.25
CA GLU L 243 -25.60 -0.13 -24.36
C GLU L 243 -25.33 0.33 -25.78
N HIS L 244 -25.95 -0.31 -26.77
CA HIS L 244 -25.85 0.16 -28.15
C HIS L 244 -26.59 1.47 -28.34
N ALA L 245 -27.82 1.56 -27.81
CA ALA L 245 -28.54 2.83 -27.87
C ALA L 245 -27.88 3.88 -26.99
N SER L 246 -27.18 3.47 -25.94
CA SER L 246 -26.50 4.44 -25.10
C SER L 246 -25.27 5.01 -25.79
N GLN L 247 -24.51 4.19 -26.52
CA GLN L 247 -23.39 4.72 -27.27
C GLN L 247 -23.87 5.58 -28.44
N LEU L 248 -24.92 5.14 -29.12
CA LEU L 248 -25.42 5.94 -30.24
C LEU L 248 -26.27 7.12 -29.79
N ALA L 249 -26.57 7.24 -28.50
CA ALA L 249 -27.13 8.47 -27.96
C ALA L 249 -26.07 9.40 -27.39
N GLU L 250 -25.01 8.84 -26.77
CA GLU L 250 -23.80 9.60 -26.44
C GLU L 250 -23.26 10.34 -27.66
N HIS L 251 -22.99 9.60 -28.74
CA HIS L 251 -22.40 10.21 -29.92
C HIS L 251 -23.37 11.16 -30.61
N ASN L 252 -24.67 10.90 -30.53
CA ASN L 252 -25.59 11.82 -31.17
C ASN L 252 -25.96 13.00 -30.28
N ALA L 253 -25.67 12.95 -28.98
CA ALA L 253 -25.80 14.14 -28.16
C ALA L 253 -24.57 15.02 -28.30
N ARG L 254 -23.38 14.41 -28.36
CA ARG L 254 -22.17 15.16 -28.67
C ARG L 254 -22.22 15.72 -30.08
N ALA L 255 -22.97 15.08 -30.97
CA ALA L 255 -23.11 15.55 -32.34
C ALA L 255 -23.91 16.83 -32.44
N PHE L 256 -24.71 17.15 -31.43
CA PHE L 256 -25.49 18.36 -31.55
C PHE L 256 -24.85 19.53 -30.82
N PHE L 257 -24.16 19.28 -29.72
CA PHE L 257 -23.46 20.38 -29.05
C PHE L 257 -22.02 20.46 -29.48
N GLY L 258 -21.78 20.17 -30.75
CA GLY L 258 -20.56 20.51 -31.43
C GLY L 258 -20.88 21.17 -32.75
N GLN L 259 -21.91 22.01 -32.83
CA GLN L 259 -22.14 22.71 -34.09
C GLN L 259 -21.94 24.22 -33.98
N LYS L 260 -22.66 24.88 -33.07
CA LYS L 260 -22.76 26.35 -32.98
C LYS L 260 -23.14 27.01 -34.29
N ASN L 278 -30.46 -2.87 -40.44
CA ASN L 278 -31.63 -3.39 -39.74
C ASN L 278 -32.91 -2.99 -40.48
N PRO L 279 -33.34 -3.79 -41.44
CA PRO L 279 -34.64 -3.56 -42.07
C PRO L 279 -35.75 -4.25 -41.28
N LEU L 280 -36.99 -4.20 -41.77
CA LEU L 280 -38.10 -4.86 -41.07
C LEU L 280 -37.94 -6.38 -41.03
N PHE L 281 -37.24 -6.97 -41.99
CA PHE L 281 -37.00 -8.41 -41.94
C PHE L 281 -36.17 -8.81 -40.73
N ALA L 282 -35.15 -8.03 -40.39
CA ALA L 282 -34.36 -8.37 -39.21
C ALA L 282 -35.15 -8.09 -37.93
N ARG L 283 -35.91 -7.00 -37.92
CA ARG L 283 -36.66 -6.66 -36.71
C ARG L 283 -37.94 -7.48 -36.59
N LEU L 284 -38.20 -8.37 -37.55
CA LEU L 284 -39.33 -9.28 -37.46
C LEU L 284 -38.92 -10.74 -37.30
N ARG L 285 -37.79 -11.16 -37.87
CA ARG L 285 -37.24 -12.43 -37.43
C ARG L 285 -36.56 -12.33 -36.07
N LEU L 286 -36.46 -11.12 -35.51
CA LEU L 286 -35.95 -10.96 -34.15
C LEU L 286 -37.03 -11.09 -33.09
N ILE L 287 -38.14 -11.77 -33.42
CA ILE L 287 -39.28 -11.80 -32.51
C ILE L 287 -39.82 -13.22 -32.37
N ALA L 288 -40.12 -13.61 -31.13
CA ALA L 288 -40.48 -14.95 -30.69
C ALA L 288 -41.91 -15.32 -31.08
N ALA L 289 -42.49 -16.28 -30.35
CA ALA L 289 -43.63 -17.10 -30.76
C ALA L 289 -43.25 -17.85 -32.03
N GLU L 290 -42.29 -18.75 -31.84
CA GLU L 290 -41.55 -19.43 -32.88
C GLU L 290 -41.92 -20.90 -32.97
N LYS L 291 -41.45 -21.54 -34.02
CA LYS L 291 -41.46 -22.99 -34.08
C LYS L 291 -40.25 -23.54 -33.34
N THR L 292 -40.43 -24.70 -32.71
CA THR L 292 -39.35 -25.34 -31.96
C THR L 292 -38.96 -26.64 -32.63
N GLN L 293 -38.88 -26.62 -33.95
CA GLN L 293 -38.70 -27.83 -34.76
C GLN L 293 -37.27 -28.10 -35.17
N GLN L 294 -36.37 -27.12 -35.03
CA GLN L 294 -34.99 -27.24 -35.49
C GLN L 294 -34.09 -27.29 -34.26
N THR L 295 -32.81 -27.65 -34.49
CA THR L 295 -31.82 -27.65 -33.43
C THR L 295 -31.61 -26.24 -32.86
N MET L 296 -31.81 -25.21 -33.66
CA MET L 296 -31.83 -23.85 -33.14
C MET L 296 -33.27 -23.41 -32.89
N TYR L 297 -33.42 -22.39 -32.04
CA TYR L 297 -34.70 -21.99 -31.49
C TYR L 297 -34.60 -20.56 -30.98
N THR L 298 -35.77 -19.99 -30.61
CA THR L 298 -35.94 -18.64 -30.08
C THR L 298 -35.40 -17.65 -31.09
N PRO L 299 -36.18 -17.32 -32.13
CA PRO L 299 -35.63 -17.20 -33.50
C PRO L 299 -34.61 -16.12 -33.75
N LEU L 300 -34.09 -15.45 -32.72
CA LEU L 300 -32.84 -14.72 -32.88
C LEU L 300 -31.76 -15.65 -33.41
N GLN L 301 -31.64 -16.84 -32.82
CA GLN L 301 -30.75 -17.89 -33.33
C GLN L 301 -31.09 -18.29 -34.75
N LEU L 302 -32.38 -18.42 -35.07
CA LEU L 302 -32.75 -18.96 -36.36
C LEU L 302 -32.53 -17.92 -37.46
N TRP L 303 -32.79 -16.64 -37.15
CA TRP L 303 -32.40 -15.53 -38.00
C TRP L 303 -30.90 -15.50 -38.21
N ASN L 304 -30.13 -15.68 -37.13
CA ASN L 304 -28.68 -15.59 -37.21
C ASN L 304 -28.11 -16.73 -38.04
N ASP L 305 -28.71 -17.91 -37.95
CA ASP L 305 -28.30 -19.01 -38.81
C ASP L 305 -28.70 -18.74 -40.25
N ASN L 306 -29.84 -18.08 -40.45
CA ASN L 306 -30.33 -17.85 -41.81
C ASN L 306 -29.49 -16.79 -42.51
N LYS L 307 -29.48 -15.58 -41.99
CA LYS L 307 -28.76 -14.46 -42.58
C LYS L 307 -27.37 -14.39 -41.95
N GLY L 308 -26.69 -13.25 -42.08
CA GLY L 308 -25.28 -13.11 -41.71
C GLY L 308 -24.95 -13.40 -40.25
N TYR L 309 -23.63 -13.41 -39.98
CA TYR L 309 -23.03 -13.90 -38.73
C TYR L 309 -23.44 -15.36 -38.51
N ARG L 310 -22.86 -16.24 -39.34
CA ARG L 310 -23.35 -17.62 -39.45
C ARG L 310 -23.23 -18.40 -38.13
N ILE L 311 -22.06 -18.40 -37.47
CA ILE L 311 -22.00 -18.97 -36.13
C ILE L 311 -21.29 -18.03 -35.17
N PRO L 312 -21.65 -18.05 -33.87
CA PRO L 312 -20.89 -17.50 -32.74
C PRO L 312 -19.83 -18.46 -32.20
N MET M 1 -55.66 -24.06 20.96
CA MET M 1 -54.87 -25.15 20.41
C MET M 1 -53.93 -24.64 19.32
N THR M 2 -53.93 -23.32 19.10
CA THR M 2 -53.15 -22.74 18.01
C THR M 2 -51.67 -22.63 18.36
N THR M 3 -51.36 -22.02 19.52
CA THR M 3 -49.96 -21.85 19.92
C THR M 3 -49.31 -23.18 20.28
N SER M 4 -50.11 -24.14 20.74
CA SER M 4 -49.61 -25.49 21.00
C SER M 4 -49.08 -26.14 19.72
N ILE M 5 -49.90 -26.15 18.68
CA ILE M 5 -49.48 -26.75 17.42
C ILE M 5 -48.45 -25.87 16.71
N ASN M 6 -48.37 -24.57 17.03
CA ASN M 6 -47.26 -23.75 16.53
C ASN M 6 -45.94 -24.13 17.20
N SER M 7 -45.98 -24.49 18.48
CA SER M 7 -44.79 -25.02 19.13
C SER M 7 -44.40 -26.37 18.54
N VAL M 8 -45.40 -27.18 18.17
CA VAL M 8 -45.15 -28.43 17.45
C VAL M 8 -44.52 -28.15 16.08
N VAL M 9 -44.92 -27.03 15.45
CA VAL M 9 -44.33 -26.60 14.17
C VAL M 9 -42.86 -26.27 14.37
N THR M 10 -42.52 -25.57 15.45
CA THR M 10 -41.11 -25.25 15.72
C THR M 10 -40.30 -26.53 15.98
N VAL M 11 -40.89 -27.48 16.71
CA VAL M 11 -40.25 -28.78 16.96
C VAL M 11 -39.98 -29.52 15.66
N PHE M 12 -40.97 -29.60 14.78
CA PHE M 12 -40.74 -30.33 13.55
C PHE M 12 -40.02 -29.52 12.47
N GLN M 13 -39.89 -28.19 12.65
CA GLN M 13 -38.88 -27.46 11.91
C GLN M 13 -37.48 -27.90 12.31
N ASN M 14 -37.26 -28.11 13.61
CA ASN M 14 -35.99 -28.69 14.04
C ASN M 14 -35.82 -30.11 13.51
N VAL M 15 -36.90 -30.88 13.40
CA VAL M 15 -36.83 -32.24 12.86
C VAL M 15 -36.48 -32.22 11.37
N PHE M 16 -37.21 -31.43 10.57
CA PHE M 16 -36.91 -31.31 9.15
C PHE M 16 -35.69 -30.46 8.84
N THR M 17 -35.02 -29.90 9.84
CA THR M 17 -33.64 -29.47 9.63
C THR M 17 -32.63 -30.48 10.16
N ASN M 18 -33.06 -31.51 10.89
CA ASN M 18 -32.12 -32.56 11.27
C ASN M 18 -31.92 -33.59 10.15
N HIS M 19 -32.97 -34.36 9.83
CA HIS M 19 -32.85 -35.50 8.92
C HIS M 19 -34.22 -35.82 8.33
N GLY M 20 -34.32 -36.99 7.72
CA GLY M 20 -35.52 -37.51 7.09
C GLY M 20 -35.16 -38.38 5.91
N SER M 21 -36.05 -38.41 4.91
CA SER M 21 -35.74 -39.07 3.65
C SER M 21 -35.12 -38.11 2.67
N THR M 22 -35.86 -37.06 2.29
CA THR M 22 -35.33 -35.88 1.64
C THR M 22 -35.91 -34.67 2.35
N LEU M 23 -35.48 -33.48 1.94
CA LEU M 23 -35.92 -32.25 2.59
C LEU M 23 -36.29 -31.16 1.59
N LEU M 24 -36.75 -31.52 0.39
CA LEU M 24 -37.11 -30.53 -0.62
C LEU M 24 -38.43 -29.83 -0.32
N ASN M 25 -39.29 -30.43 0.51
CA ASN M 25 -40.58 -29.85 0.82
C ASN M 25 -40.78 -29.63 2.31
N GLY M 26 -39.73 -29.77 3.12
CA GLY M 26 -39.84 -29.56 4.55
C GLY M 26 -40.03 -28.12 4.97
N ILE M 27 -39.73 -27.18 4.07
CA ILE M 27 -39.99 -25.77 4.35
C ILE M 27 -41.49 -25.49 4.32
N LEU M 28 -42.19 -26.05 3.32
CA LEU M 28 -43.58 -25.68 3.07
C LEU M 28 -44.54 -26.37 4.04
N ILE M 29 -44.23 -27.59 4.49
CA ILE M 29 -45.15 -28.36 5.32
C ILE M 29 -45.33 -27.70 6.69
N ALA M 30 -44.23 -27.26 7.29
CA ALA M 30 -44.30 -26.58 8.58
C ALA M 30 -45.02 -25.24 8.47
N THR M 31 -44.89 -24.55 7.35
CA THR M 31 -45.63 -23.31 7.16
C THR M 31 -47.12 -23.57 6.98
N THR M 32 -47.48 -24.68 6.30
CA THR M 32 -48.88 -25.06 6.19
C THR M 32 -49.49 -25.36 7.56
N VAL M 33 -48.76 -26.09 8.40
CA VAL M 33 -49.31 -26.44 9.72
C VAL M 33 -49.38 -25.21 10.61
N GLY M 34 -48.33 -24.37 10.59
CA GLY M 34 -48.30 -23.20 11.44
C GLY M 34 -49.25 -22.09 11.01
N GLY M 35 -49.63 -22.07 9.74
CA GLY M 35 -50.61 -21.10 9.30
C GLY M 35 -52.02 -21.63 9.39
N GLN M 36 -52.18 -22.94 9.20
CA GLN M 36 -53.52 -23.47 9.21
C GLN M 36 -53.98 -23.92 10.59
N SER M 37 -53.09 -23.88 11.58
CA SER M 37 -53.57 -23.82 12.97
C SER M 37 -54.35 -22.54 13.22
N LEU M 38 -53.81 -21.41 12.75
CA LEU M 38 -54.53 -20.14 12.86
C LEU M 38 -55.73 -20.07 11.92
N VAL M 39 -55.71 -20.83 10.83
CA VAL M 39 -56.95 -21.02 10.05
C VAL M 39 -57.98 -21.76 10.88
N ARG M 40 -57.58 -22.87 11.53
CA ARG M 40 -58.48 -23.65 12.36
C ARG M 40 -58.93 -22.92 13.62
N LYS M 41 -58.28 -21.81 13.97
CA LYS M 41 -58.86 -20.90 14.96
C LYS M 41 -60.20 -20.35 14.50
N LEU M 42 -60.39 -20.16 13.17
CA LEU M 42 -61.65 -19.66 12.59
C LEU M 42 -62.09 -20.62 11.49
N THR M 43 -62.79 -21.68 11.88
CA THR M 43 -63.29 -22.72 10.98
C THR M 43 -64.63 -23.20 11.50
N PHE M 44 -65.01 -24.42 11.09
CA PHE M 44 -66.32 -25.05 11.28
C PHE M 44 -67.48 -24.09 11.01
N SER M 45 -67.56 -23.70 9.74
CA SER M 45 -68.75 -23.01 9.25
C SER M 45 -69.98 -23.89 9.40
N CYS M 46 -69.87 -25.15 8.96
CA CYS M 46 -70.62 -26.31 9.45
C CYS M 46 -72.12 -26.16 9.30
N PRO M 47 -72.68 -26.31 8.09
CA PRO M 47 -74.08 -25.96 7.85
C PRO M 47 -75.06 -26.84 8.59
N CYS M 48 -76.29 -26.34 8.65
CA CYS M 48 -77.39 -26.99 9.33
C CYS M 48 -78.21 -27.92 8.44
N ALA M 49 -77.63 -28.53 7.42
CA ALA M 49 -78.43 -29.30 6.47
C ALA M 49 -78.07 -30.78 6.49
N TYR M 50 -78.99 -31.60 5.97
CA TYR M 50 -78.72 -33.04 5.86
C TYR M 50 -77.63 -33.34 4.82
N PRO M 51 -77.78 -32.98 3.50
CA PRO M 51 -76.67 -33.38 2.60
C PRO M 51 -75.48 -32.43 2.69
N LEU M 52 -75.75 -31.15 2.98
CA LEU M 52 -74.70 -30.16 2.92
C LEU M 52 -73.74 -30.22 4.08
N ASN M 53 -74.14 -30.84 5.20
CA ASN M 53 -73.16 -30.96 6.27
C ASN M 53 -72.13 -32.03 5.96
N ILE M 54 -72.58 -33.18 5.46
CA ILE M 54 -71.67 -34.21 4.99
C ILE M 54 -70.84 -33.72 3.82
N TYR M 55 -71.43 -32.90 2.95
CA TYR M 55 -70.67 -32.36 1.83
C TYR M 55 -69.61 -31.37 2.30
N HIS M 56 -69.99 -30.44 3.18
CA HIS M 56 -69.06 -29.45 3.70
C HIS M 56 -68.02 -30.05 4.64
N SER M 57 -68.25 -31.25 5.15
CA SER M 57 -67.21 -31.89 5.93
C SER M 57 -66.32 -32.77 5.07
N LEU M 58 -66.93 -33.60 4.22
CA LEU M 58 -66.20 -34.56 3.41
C LEU M 58 -65.37 -33.88 2.34
N VAL M 59 -65.91 -32.85 1.69
CA VAL M 59 -65.15 -32.06 0.72
C VAL M 59 -64.01 -31.33 1.41
N PHE M 60 -64.28 -30.71 2.56
CA PHE M 60 -63.25 -29.96 3.25
C PHE M 60 -62.15 -30.85 3.83
N MET M 61 -62.43 -32.13 4.08
CA MET M 61 -61.37 -33.05 4.45
C MET M 61 -60.63 -33.58 3.23
N PHE M 62 -61.33 -34.30 2.36
CA PHE M 62 -60.67 -35.03 1.28
C PHE M 62 -60.41 -34.18 0.05
N GLY M 63 -60.59 -32.86 0.14
CA GLY M 63 -60.27 -31.95 -0.94
C GLY M 63 -58.87 -31.40 -0.88
N PRO M 64 -58.49 -30.72 0.23
CA PRO M 64 -57.09 -30.29 0.38
C PRO M 64 -56.09 -31.42 0.43
N THR M 65 -56.50 -32.64 0.79
CA THR M 65 -55.62 -33.79 0.66
C THR M 65 -55.28 -34.06 -0.80
N ALA M 66 -56.28 -34.08 -1.67
CA ALA M 66 -56.03 -34.26 -3.08
C ALA M 66 -55.28 -33.07 -3.68
N ALA M 67 -55.55 -31.86 -3.19
CA ALA M 67 -54.86 -30.68 -3.68
C ALA M 67 -53.39 -30.69 -3.31
N LEU M 68 -53.07 -30.97 -2.05
CA LEU M 68 -51.68 -31.07 -1.64
C LEU M 68 -51.00 -32.30 -2.19
N LEU M 69 -51.75 -33.36 -2.52
CA LEU M 69 -51.16 -34.50 -3.20
C LEU M 69 -50.76 -34.12 -4.61
N LEU M 70 -51.62 -33.36 -5.30
CA LEU M 70 -51.32 -32.90 -6.64
C LEU M 70 -50.15 -31.91 -6.65
N ILE M 71 -50.09 -31.03 -5.65
CA ILE M 71 -48.97 -30.11 -5.52
C ILE M 71 -47.69 -30.88 -5.21
N GLY M 72 -47.76 -31.89 -4.35
CA GLY M 72 -46.60 -32.69 -4.03
C GLY M 72 -46.11 -33.52 -5.20
N ILE M 73 -47.00 -33.88 -6.12
CA ILE M 73 -46.53 -34.45 -7.38
C ILE M 73 -45.82 -33.40 -8.21
N THR M 74 -46.51 -32.30 -8.51
CA THR M 74 -46.07 -31.38 -9.56
C THR M 74 -44.83 -30.59 -9.16
N VAL M 75 -44.68 -30.28 -7.88
CA VAL M 75 -43.49 -29.57 -7.43
C VAL M 75 -42.27 -30.51 -7.43
N ASN M 76 -42.51 -31.80 -7.18
CA ASN M 76 -41.42 -32.77 -7.07
C ASN M 76 -40.77 -32.98 -8.43
N SER M 77 -39.44 -32.84 -8.47
CA SER M 77 -38.73 -32.82 -9.74
C SER M 77 -38.71 -34.18 -10.41
N THR M 78 -38.63 -35.25 -9.60
CA THR M 78 -38.28 -36.56 -10.13
C THR M 78 -39.36 -37.12 -11.04
N THR M 79 -40.63 -36.81 -10.75
CA THR M 79 -41.70 -37.28 -11.63
C THR M 79 -41.63 -36.60 -12.99
N TRP M 80 -41.16 -35.35 -13.06
CA TRP M 80 -40.98 -34.77 -14.37
C TRP M 80 -39.79 -35.40 -15.07
N LYS M 81 -38.74 -35.76 -14.32
CA LYS M 81 -37.67 -36.51 -14.94
C LYS M 81 -38.11 -37.90 -15.36
N LEU M 82 -39.23 -38.38 -14.83
CA LEU M 82 -39.83 -39.59 -15.36
C LEU M 82 -40.67 -39.28 -16.59
N ALA M 83 -41.44 -38.20 -16.55
CA ALA M 83 -42.48 -37.99 -17.54
C ALA M 83 -42.58 -36.52 -17.96
N HIS M 84 -41.47 -35.87 -18.23
CA HIS M 84 -41.50 -34.63 -19.02
C HIS M 84 -41.31 -35.02 -20.47
N GLY M 85 -42.38 -34.98 -21.24
CA GLY M 85 -42.28 -35.38 -22.62
C GLY M 85 -42.18 -36.87 -22.77
N PHE M 86 -43.15 -37.60 -22.21
CA PHE M 86 -43.14 -39.05 -22.29
C PHE M 86 -43.50 -39.55 -23.68
N PHE M 87 -44.27 -38.76 -24.44
CA PHE M 87 -44.63 -39.17 -25.79
C PHE M 87 -43.42 -39.17 -26.72
N PHE M 88 -42.64 -38.10 -26.71
CA PHE M 88 -41.58 -37.91 -27.69
C PHE M 88 -40.20 -38.21 -27.12
N ARG M 89 -40.12 -39.22 -26.27
CA ARG M 89 -38.82 -39.82 -25.96
C ARG M 89 -38.36 -40.61 -27.18
N VAL M 90 -37.08 -40.46 -27.52
CA VAL M 90 -36.49 -41.35 -28.51
C VAL M 90 -36.47 -42.76 -27.92
N ARG M 91 -36.92 -43.73 -28.73
CA ARG M 91 -37.26 -45.05 -28.22
C ARG M 91 -36.06 -45.77 -27.64
N ASP M 92 -36.32 -46.60 -26.63
CA ASP M 92 -35.32 -47.23 -25.77
C ASP M 92 -34.38 -46.19 -25.15
N THR M 93 -34.98 -45.14 -24.59
CA THR M 93 -34.27 -44.28 -23.66
C THR M 93 -35.18 -44.13 -22.45
N ARG M 94 -36.49 -44.23 -22.67
CA ARG M 94 -37.36 -44.64 -21.59
C ARG M 94 -36.99 -46.07 -21.21
N HIS M 95 -36.88 -46.32 -19.91
CA HIS M 95 -36.02 -47.41 -19.47
C HIS M 95 -36.75 -48.74 -19.30
N SER M 96 -37.75 -48.78 -18.43
CA SER M 96 -38.33 -50.07 -18.06
C SER M 96 -39.78 -49.87 -17.64
N TRP M 97 -40.40 -50.94 -17.17
CA TRP M 97 -41.69 -50.88 -16.49
C TRP M 97 -41.56 -51.04 -14.98
N LYS M 98 -40.57 -51.81 -14.54
CA LYS M 98 -40.42 -52.06 -13.11
C LYS M 98 -39.77 -50.88 -12.39
N THR M 99 -38.71 -50.31 -12.96
CA THR M 99 -37.98 -49.25 -12.29
C THR M 99 -38.79 -47.95 -12.27
N THR M 100 -39.54 -47.69 -13.34
CA THR M 100 -40.39 -46.50 -13.37
C THR M 100 -41.54 -46.58 -12.37
N CYS M 101 -41.96 -47.78 -11.97
CA CYS M 101 -42.94 -47.90 -10.91
C CYS M 101 -42.32 -47.67 -9.54
N VAL M 102 -41.05 -48.03 -9.38
CA VAL M 102 -40.34 -47.74 -8.14
C VAL M 102 -40.18 -46.24 -7.96
N SER M 103 -39.81 -45.55 -9.05
CA SER M 103 -39.74 -44.08 -8.99
C SER M 103 -41.12 -43.46 -8.82
N TRP M 104 -42.15 -44.11 -9.36
CA TRP M 104 -43.51 -43.59 -9.23
C TRP M 104 -43.99 -43.70 -7.78
N ILE M 105 -43.71 -44.83 -7.12
CA ILE M 105 -44.08 -44.99 -5.73
C ILE M 105 -43.23 -44.08 -4.85
N GLU M 106 -41.99 -43.81 -5.26
CA GLU M 106 -41.15 -42.85 -4.54
C GLU M 106 -41.74 -41.45 -4.57
N VAL M 107 -42.16 -41.00 -5.76
CA VAL M 107 -42.70 -39.64 -5.83
C VAL M 107 -44.09 -39.58 -5.23
N LEU M 108 -44.83 -40.70 -5.24
CA LEU M 108 -46.12 -40.75 -4.55
C LEU M 108 -45.97 -40.64 -3.04
N ILE M 109 -44.96 -41.28 -2.47
CA ILE M 109 -44.78 -41.20 -1.02
C ILE M 109 -44.22 -39.84 -0.61
N GLN M 110 -43.23 -39.34 -1.36
CA GLN M 110 -42.70 -38.01 -1.09
C GLN M 110 -43.75 -36.92 -1.30
N SER M 111 -44.70 -37.15 -2.20
CA SER M 111 -45.85 -36.28 -2.32
C SER M 111 -46.77 -36.42 -1.11
N SER M 112 -47.15 -37.65 -0.78
CA SER M 112 -48.18 -37.95 0.21
C SER M 112 -47.72 -37.73 1.64
N VAL M 113 -46.49 -37.31 1.85
CA VAL M 113 -46.08 -36.81 3.18
C VAL M 113 -47.00 -35.70 3.64
N ALA M 114 -47.10 -34.63 2.85
CA ALA M 114 -47.86 -33.44 3.26
C ALA M 114 -49.38 -33.60 3.39
N PRO M 115 -50.10 -34.35 2.55
CA PRO M 115 -51.54 -34.53 2.82
C PRO M 115 -51.84 -35.38 4.04
N ILE M 116 -51.03 -36.39 4.35
CA ILE M 116 -51.22 -37.15 5.57
C ILE M 116 -50.97 -36.27 6.78
N ALA M 117 -49.97 -35.38 6.69
CA ALA M 117 -49.73 -34.43 7.76
C ALA M 117 -50.89 -33.45 7.93
N TRP M 118 -51.46 -32.98 6.82
CA TRP M 118 -52.60 -32.06 6.93
C TRP M 118 -53.84 -32.75 7.47
N LEU M 119 -54.08 -34.00 7.03
CA LEU M 119 -55.18 -34.79 7.52
C LEU M 119 -55.05 -35.05 9.01
N PHE M 120 -53.84 -35.34 9.47
CA PHE M 120 -53.59 -35.49 10.91
C PHE M 120 -53.78 -34.18 11.66
N VAL M 121 -53.43 -33.05 11.04
CA VAL M 121 -53.62 -31.76 11.71
C VAL M 121 -55.10 -31.47 11.90
N VAL M 122 -55.92 -31.73 10.89
CA VAL M 122 -57.32 -31.35 11.03
C VAL M 122 -58.10 -32.38 11.86
N PHE M 123 -57.79 -33.68 11.69
CA PHE M 123 -58.35 -34.68 12.59
C PHE M 123 -57.88 -34.49 14.03
N LEU M 124 -56.67 -33.97 14.22
CA LEU M 124 -56.16 -33.69 15.55
C LEU M 124 -56.85 -32.48 16.16
N ASP M 125 -57.33 -31.57 15.32
CA ASP M 125 -58.27 -30.58 15.81
C ASP M 125 -59.60 -31.25 16.08
N GLY M 126 -60.34 -30.70 17.04
CA GLY M 126 -61.72 -31.09 17.12
C GLY M 126 -62.46 -30.19 16.16
N GLY M 127 -62.62 -30.68 14.94
CA GLY M 127 -63.05 -29.84 13.85
C GLY M 127 -64.08 -30.51 12.98
N TYR M 128 -63.76 -30.64 11.71
CA TYR M 128 -64.69 -31.09 10.69
C TYR M 128 -65.04 -32.57 10.80
N TYR M 129 -64.44 -33.31 11.74
CA TYR M 129 -64.98 -34.63 12.02
C TYR M 129 -66.18 -34.55 12.98
N ARG M 130 -66.22 -33.56 13.88
CA ARG M 130 -67.44 -33.40 14.66
C ARG M 130 -68.55 -32.86 13.78
N CYS M 131 -68.18 -32.16 12.72
CA CYS M 131 -69.09 -31.61 11.73
C CYS M 131 -69.55 -32.66 10.74
N TYR M 132 -69.18 -33.93 10.97
CA TYR M 132 -69.51 -35.06 10.12
C TYR M 132 -70.46 -36.03 10.82
N ARG M 133 -70.07 -36.54 11.98
CA ARG M 133 -70.98 -37.40 12.70
C ARG M 133 -71.83 -36.63 13.71
N SER M 134 -71.67 -35.30 13.80
CA SER M 134 -72.72 -34.50 14.40
C SER M 134 -73.97 -34.55 13.54
N HIS M 135 -73.78 -34.50 12.23
CA HIS M 135 -74.82 -34.88 11.29
C HIS M 135 -75.23 -36.33 11.53
N GLU M 136 -74.29 -37.26 11.26
CA GLU M 136 -74.62 -38.69 11.18
C GLU M 136 -75.17 -39.29 12.49
N PHE M 137 -75.08 -38.57 13.61
CA PHE M 137 -75.68 -39.07 14.84
C PHE M 137 -77.11 -38.57 15.01
N CYS M 138 -77.41 -37.37 14.51
CA CYS M 138 -78.54 -36.55 14.92
C CYS M 138 -79.92 -37.11 14.50
N LEU M 139 -79.98 -38.23 13.77
CA LEU M 139 -81.25 -38.86 13.33
C LEU M 139 -82.07 -37.90 12.47
N ILE M 140 -81.58 -37.66 11.27
CA ILE M 140 -81.82 -36.40 10.58
C ILE M 140 -82.86 -36.50 9.47
N SER M 141 -83.58 -37.62 9.37
CA SER M 141 -84.48 -37.81 8.24
C SER M 141 -85.71 -36.92 8.35
N ASP M 142 -86.03 -36.48 9.57
CA ASP M 142 -87.02 -35.42 9.69
C ASP M 142 -86.49 -34.08 9.20
N ALA M 143 -85.17 -33.84 9.24
CA ALA M 143 -84.65 -32.63 8.65
C ALA M 143 -84.59 -32.71 7.13
N ILE M 144 -84.56 -33.92 6.57
CA ILE M 144 -84.85 -34.08 5.15
C ILE M 144 -86.26 -33.58 4.84
N LEU M 145 -87.22 -33.95 5.70
CA LEU M 145 -88.59 -33.46 5.53
C LEU M 145 -88.69 -31.96 5.80
N CYS M 146 -87.90 -31.47 6.75
CA CYS M 146 -87.86 -30.04 7.06
C CYS M 146 -87.26 -29.22 5.92
N LYS M 147 -86.33 -29.79 5.17
CA LYS M 147 -85.73 -29.08 4.04
C LYS M 147 -86.31 -29.50 2.70
N ASN M 148 -87.34 -30.33 2.68
CA ASN M 148 -88.14 -30.45 1.47
C ASN M 148 -88.94 -29.17 1.22
N SER M 149 -89.32 -28.47 2.28
CA SER M 149 -89.98 -27.18 2.20
C SER M 149 -89.56 -26.36 3.40
N THR M 150 -88.91 -25.22 3.16
CA THR M 150 -88.29 -24.41 4.21
C THR M 150 -89.29 -23.75 5.16
N ILE M 151 -90.58 -23.79 4.84
CA ILE M 151 -91.61 -23.43 5.80
C ILE M 151 -91.55 -24.37 7.01
N LEU M 152 -91.26 -25.64 6.76
CA LEU M 152 -91.06 -26.58 7.86
C LEU M 152 -89.78 -26.29 8.63
N ASN M 153 -88.75 -25.77 7.97
CA ASN M 153 -87.55 -25.29 8.69
C ASN M 153 -87.89 -24.14 9.61
N SER M 154 -88.69 -23.18 9.11
CA SER M 154 -89.06 -22.01 9.90
C SER M 154 -89.93 -22.39 11.10
N TYR M 155 -90.93 -23.24 10.88
CA TYR M 155 -91.79 -23.66 11.99
C TYR M 155 -91.19 -24.77 12.84
N ALA M 156 -90.06 -25.35 12.43
CA ALA M 156 -89.32 -26.24 13.30
C ALA M 156 -88.32 -25.49 14.16
N SER M 157 -87.81 -24.36 13.67
CA SER M 157 -86.93 -23.53 14.49
C SER M 157 -87.71 -22.64 15.45
N THR M 158 -88.82 -22.06 14.98
CA THR M 158 -89.54 -21.04 15.75
C THR M 158 -90.70 -21.60 16.56
N SER M 159 -91.66 -22.25 15.90
CA SER M 159 -92.89 -22.67 16.58
C SER M 159 -92.62 -23.84 17.51
N SER M 160 -92.23 -24.99 16.95
CA SER M 160 -91.69 -26.04 17.79
C SER M 160 -90.25 -25.69 18.16
N PHE M 161 -89.78 -26.28 19.26
CA PHE M 161 -88.45 -25.96 19.74
C PHE M 161 -87.41 -26.84 19.06
N ASN M 162 -86.16 -26.72 19.52
CA ASN M 162 -85.04 -27.44 18.92
C ASN M 162 -84.46 -28.47 19.87
N LYS M 163 -84.11 -28.08 21.09
CA LYS M 163 -83.58 -29.02 22.06
C LYS M 163 -84.65 -29.61 22.96
N ILE M 164 -85.82 -28.95 23.07
CA ILE M 164 -86.99 -29.60 23.66
C ILE M 164 -87.55 -30.65 22.72
N SER M 165 -87.32 -30.50 21.42
CA SER M 165 -87.70 -31.49 20.41
C SER M 165 -86.61 -32.54 20.18
N ASP M 166 -85.82 -32.85 21.21
CA ASP M 166 -84.80 -33.90 21.09
C ASP M 166 -85.35 -35.30 21.33
N ASN M 167 -86.65 -35.51 21.15
CA ASN M 167 -87.22 -36.85 21.38
C ASN M 167 -87.03 -37.75 20.17
N GLY M 168 -87.61 -37.37 19.03
CA GLY M 168 -87.65 -38.26 17.88
C GLY M 168 -86.54 -38.06 16.87
N LYS M 169 -86.90 -37.55 15.69
CA LYS M 169 -85.90 -37.28 14.66
C LYS M 169 -85.85 -35.79 14.38
N TYR M 170 -84.64 -35.28 14.13
CA TYR M 170 -84.35 -33.89 14.49
C TYR M 170 -84.29 -33.00 13.26
N CYS M 171 -84.50 -31.70 13.51
CA CYS M 171 -84.47 -30.63 12.53
C CYS M 171 -83.52 -29.56 13.07
N PRO M 172 -83.06 -28.60 12.25
CA PRO M 172 -81.58 -28.39 12.06
C PRO M 172 -80.75 -28.27 13.32
N PRO M 173 -80.95 -27.26 14.21
CA PRO M 173 -79.78 -26.70 14.96
C PRO M 173 -79.03 -27.66 15.89
N CYS M 174 -79.53 -28.88 16.08
CA CYS M 174 -78.69 -30.00 16.49
C CYS M 174 -77.48 -30.18 15.57
N ILE M 175 -77.68 -29.95 14.27
CA ILE M 175 -76.63 -30.16 13.28
C ILE M 175 -75.50 -29.15 13.47
N CYS M 176 -75.84 -27.86 13.48
CA CYS M 176 -74.82 -26.83 13.62
C CYS M 176 -74.20 -26.79 15.01
N VAL M 177 -74.92 -27.23 16.03
CA VAL M 177 -74.35 -27.37 17.36
C VAL M 177 -75.00 -28.55 18.08
N PRO M 178 -74.23 -29.58 18.42
CA PRO M 178 -74.80 -30.74 19.09
C PRO M 178 -74.80 -30.56 20.61
N ASN M 179 -75.20 -31.62 21.29
CA ASN M 179 -75.04 -31.68 22.73
C ASN M 179 -73.55 -31.70 23.06
N PRO M 180 -73.11 -30.95 24.08
CA PRO M 180 -71.66 -30.89 24.38
C PRO M 180 -71.09 -32.20 24.91
N THR M 181 -71.92 -33.06 25.49
CA THR M 181 -71.51 -34.43 25.79
C THR M 181 -71.18 -35.17 24.51
N ASP M 182 -72.11 -35.15 23.56
CA ASP M 182 -71.89 -35.72 22.24
C ASP M 182 -70.73 -35.04 21.51
N ALA M 183 -70.63 -33.72 21.64
CA ALA M 183 -69.57 -32.98 20.96
C ALA M 183 -68.20 -33.37 21.47
N SER M 184 -68.04 -33.48 22.79
CA SER M 184 -66.76 -33.88 23.36
C SER M 184 -66.45 -35.35 23.08
N TYR M 185 -67.46 -36.22 23.16
CA TYR M 185 -67.30 -37.63 22.79
C TYR M 185 -66.78 -37.79 21.37
N LEU M 186 -67.43 -37.12 20.44
CA LEU M 186 -67.07 -37.27 19.04
C LEU M 186 -65.79 -36.51 18.71
N GLU M 187 -65.50 -35.47 19.48
CA GLU M 187 -64.24 -34.75 19.36
C GLU M 187 -63.06 -35.64 19.71
N ALA M 188 -63.15 -36.34 20.84
CA ALA M 188 -62.05 -37.23 21.16
C ALA M 188 -62.07 -38.50 20.34
N GLU M 189 -63.23 -38.87 19.78
CA GLU M 189 -63.24 -39.89 18.74
C GLU M 189 -62.40 -39.44 17.54
N SER M 190 -62.50 -38.16 17.17
CA SER M 190 -61.65 -37.61 16.12
C SER M 190 -60.18 -37.61 16.54
N GLN M 191 -59.91 -37.36 17.82
CA GLN M 191 -58.52 -37.38 18.29
C GLN M 191 -57.92 -38.78 18.21
N ILE M 192 -58.70 -39.81 18.54
CA ILE M 192 -58.12 -41.15 18.51
C ILE M 192 -58.01 -41.65 17.07
N TYR M 193 -58.95 -41.28 16.17
CA TYR M 193 -58.74 -41.56 14.76
C TYR M 193 -57.54 -40.81 14.20
N ALA M 194 -57.30 -39.59 14.69
CA ALA M 194 -56.13 -38.81 14.27
C ALA M 194 -54.85 -39.51 14.63
N TRP M 195 -54.74 -39.95 15.87
CA TRP M 195 -53.48 -40.57 16.25
C TRP M 195 -53.36 -41.97 15.68
N GLY M 196 -54.48 -42.66 15.43
CA GLY M 196 -54.40 -43.94 14.76
C GLY M 196 -53.92 -43.83 13.33
N LEU M 197 -54.40 -42.81 12.61
CA LEU M 197 -53.91 -42.56 11.26
C LEU M 197 -52.44 -42.16 11.28
N LEU M 198 -52.04 -41.32 12.24
CA LEU M 198 -50.65 -40.87 12.29
C LEU M 198 -49.71 -42.02 12.62
N LEU M 199 -50.09 -42.87 13.56
CA LEU M 199 -49.24 -43.98 13.95
C LEU M 199 -49.19 -45.04 12.86
N PHE M 200 -50.32 -45.28 12.17
CA PHE M 200 -50.32 -46.22 11.06
C PHE M 200 -49.45 -45.72 9.91
N SER M 201 -49.57 -44.43 9.58
CA SER M 201 -48.75 -43.84 8.53
C SER M 201 -47.27 -43.83 8.93
N GLY M 202 -46.98 -43.57 10.19
CA GLY M 202 -45.60 -43.54 10.64
C GLY M 202 -44.94 -44.90 10.61
N VAL M 203 -45.66 -45.93 11.07
CA VAL M 203 -45.13 -47.29 11.05
C VAL M 203 -44.98 -47.78 9.61
N ALA M 204 -45.98 -47.53 8.76
CA ALA M 204 -45.91 -47.98 7.38
C ALA M 204 -44.84 -47.23 6.60
N ALA M 205 -44.65 -45.93 6.88
CA ALA M 205 -43.65 -45.16 6.18
C ALA M 205 -42.25 -45.55 6.63
N PHE M 206 -42.07 -45.79 7.93
CA PHE M 206 -40.81 -46.32 8.44
C PHE M 206 -40.47 -47.66 7.82
N LEU M 207 -41.47 -48.55 7.72
CA LEU M 207 -41.22 -49.87 7.15
C LEU M 207 -40.89 -49.78 5.67
N VAL M 208 -41.55 -48.88 4.93
CA VAL M 208 -41.29 -48.76 3.50
C VAL M 208 -39.94 -48.10 3.24
N ILE M 209 -39.64 -46.98 3.91
CA ILE M 209 -38.36 -46.34 3.63
C ILE M 209 -37.21 -47.04 4.34
N THR M 210 -37.48 -48.01 5.20
CA THR M 210 -36.42 -48.92 5.62
C THR M 210 -36.21 -50.02 4.59
N CYS M 211 -37.30 -50.61 4.09
CA CYS M 211 -37.21 -51.66 3.09
C CYS M 211 -36.76 -51.15 1.72
N ASN M 212 -36.65 -49.84 1.54
CA ASN M 212 -35.93 -49.28 0.40
C ASN M 212 -34.68 -48.52 0.83
N ARG M 213 -34.22 -48.75 2.06
CA ARG M 213 -32.85 -48.48 2.46
C ARG M 213 -32.13 -49.72 2.94
N MET M 214 -32.84 -50.84 3.07
CA MET M 214 -32.24 -52.12 3.43
C MET M 214 -32.17 -53.07 2.25
N CYS M 215 -33.03 -52.90 1.24
CA CYS M 215 -32.91 -53.58 -0.03
C CYS M 215 -32.11 -52.77 -1.04
N ASP M 216 -31.48 -51.68 -0.59
CA ASP M 216 -30.65 -50.87 -1.46
C ASP M 216 -29.38 -51.64 -1.81
N LYS M 217 -29.00 -51.60 -3.09
CA LYS M 217 -27.79 -52.28 -3.55
C LYS M 217 -26.54 -51.66 -2.94
N TYR M 218 -26.41 -50.34 -3.07
CA TYR M 218 -25.26 -49.65 -2.53
C TYR M 218 -25.38 -49.60 -1.02
N THR M 219 -24.27 -49.25 -0.38
CA THR M 219 -24.23 -49.21 1.08
C THR M 219 -23.89 -47.78 1.49
N LEU M 220 -23.91 -47.52 2.81
CA LEU M 220 -24.25 -46.20 3.32
C LEU M 220 -23.23 -45.13 2.94
N VAL M 221 -21.95 -45.49 2.90
CA VAL M 221 -20.97 -44.52 2.42
C VAL M 221 -21.05 -44.39 0.91
N GLN M 222 -21.27 -45.50 0.21
CA GLN M 222 -21.44 -45.43 -1.24
C GLN M 222 -22.73 -44.73 -1.61
N ARG M 223 -23.78 -44.89 -0.80
CA ARG M 223 -25.03 -44.20 -1.07
C ARG M 223 -24.92 -42.71 -0.76
N GLN M 224 -24.20 -42.35 0.31
CA GLN M 224 -23.97 -40.94 0.56
C GLN M 224 -23.09 -40.30 -0.51
N TYR M 225 -22.17 -41.06 -1.09
CA TYR M 225 -21.37 -40.47 -2.15
C TYR M 225 -22.14 -40.36 -3.45
N VAL M 226 -23.00 -41.34 -3.77
CA VAL M 226 -23.85 -41.23 -4.95
C VAL M 226 -24.81 -40.05 -4.80
N GLU M 227 -25.33 -39.83 -3.58
CA GLU M 227 -26.21 -38.69 -3.36
C GLU M 227 -25.47 -37.38 -3.39
N THR M 228 -24.22 -37.33 -2.90
CA THR M 228 -23.44 -36.10 -3.00
C THR M 228 -23.07 -35.81 -4.44
N TYR M 229 -22.72 -36.85 -5.20
CA TYR M 229 -22.35 -36.64 -6.59
C TYR M 229 -23.56 -36.25 -7.44
N LYS M 230 -24.73 -36.81 -7.13
CA LYS M 230 -25.95 -36.42 -7.81
C LYS M 230 -26.31 -34.97 -7.49
N ASN M 231 -26.26 -34.61 -6.20
CA ASN M 231 -26.58 -33.27 -5.75
C ASN M 231 -25.52 -32.25 -6.14
N VAL M 232 -24.37 -32.67 -6.64
CA VAL M 232 -23.40 -31.69 -7.09
C VAL M 232 -23.40 -31.64 -8.62
N GLU M 233 -23.71 -32.74 -9.29
CA GLU M 233 -23.71 -32.63 -10.74
C GLU M 233 -24.99 -32.00 -11.26
N THR M 234 -26.14 -32.18 -10.58
CA THR M 234 -27.32 -31.47 -11.05
C THR M 234 -27.39 -30.03 -10.57
N GLN M 235 -26.29 -29.51 -10.04
CA GLN M 235 -26.08 -28.09 -9.85
C GLN M 235 -24.92 -27.56 -10.69
N LYS M 236 -23.87 -28.36 -10.85
CA LYS M 236 -22.72 -27.93 -11.61
C LYS M 236 -23.01 -28.00 -13.10
N PHE M 237 -23.79 -28.98 -13.53
CA PHE M 237 -24.29 -29.05 -14.88
C PHE M 237 -25.19 -27.86 -15.20
N ASP M 238 -26.01 -27.43 -14.24
CA ASP M 238 -26.85 -26.27 -14.51
C ASP M 238 -26.04 -24.98 -14.51
N ALA M 239 -24.98 -24.89 -13.70
CA ALA M 239 -24.13 -23.71 -13.75
C ALA M 239 -23.36 -23.64 -15.06
N VAL M 240 -22.89 -24.78 -15.57
CA VAL M 240 -22.21 -24.79 -16.85
C VAL M 240 -23.18 -24.55 -17.99
N ALA M 241 -24.41 -25.06 -17.90
CA ALA M 241 -25.43 -24.76 -18.90
C ALA M 241 -25.78 -23.29 -18.91
N LYS M 242 -25.83 -22.67 -17.73
CA LYS M 242 -26.12 -21.25 -17.65
C LYS M 242 -25.00 -20.41 -18.24
N GLU M 243 -23.74 -20.73 -17.93
CA GLU M 243 -22.67 -19.90 -18.47
C GLU M 243 -22.43 -20.20 -19.95
N HIS M 244 -22.77 -21.40 -20.41
CA HIS M 244 -22.70 -21.69 -21.84
C HIS M 244 -23.79 -20.94 -22.60
N ALA M 245 -25.02 -20.95 -22.10
CA ALA M 245 -26.06 -20.15 -22.73
C ALA M 245 -25.80 -18.67 -22.59
N SER M 246 -25.10 -18.26 -21.54
CA SER M 246 -24.78 -16.85 -21.38
C SER M 246 -23.73 -16.39 -22.37
N GLN M 247 -22.72 -17.23 -22.63
CA GLN M 247 -21.74 -16.87 -23.65
C GLN M 247 -22.35 -16.92 -25.04
N LEU M 248 -23.18 -17.91 -25.31
CA LEU M 248 -23.80 -18.00 -26.64
C LEU M 248 -24.99 -17.04 -26.78
N ALA M 249 -25.41 -16.36 -25.72
CA ALA M 249 -26.33 -15.25 -25.83
C ALA M 249 -25.63 -13.91 -25.92
N GLU M 250 -24.51 -13.74 -25.21
CA GLU M 250 -23.60 -12.62 -25.43
C GLU M 250 -23.20 -12.50 -26.88
N HIS M 251 -22.65 -13.57 -27.45
CA HIS M 251 -22.18 -13.52 -28.83
C HIS M 251 -23.33 -13.39 -29.81
N ASN M 252 -24.50 -13.93 -29.50
CA ASN M 252 -25.60 -13.77 -30.43
C ASN M 252 -26.35 -12.46 -30.26
N ALA M 253 -26.15 -11.76 -29.14
CA ALA M 253 -26.69 -10.40 -29.05
C ALA M 253 -25.75 -9.41 -29.72
N ARG M 254 -24.43 -9.60 -29.57
CA ARG M 254 -23.47 -8.82 -30.33
C ARG M 254 -23.58 -9.11 -31.82
N ALA M 255 -24.05 -10.30 -32.17
CA ALA M 255 -24.21 -10.66 -33.57
C ALA M 255 -25.33 -9.92 -34.25
N PHE M 256 -26.26 -9.35 -33.48
CA PHE M 256 -27.36 -8.66 -34.13
C PHE M 256 -27.12 -7.16 -34.18
N PHE M 257 -26.48 -6.59 -33.18
CA PHE M 257 -26.17 -5.17 -33.23
C PHE M 257 -24.79 -4.91 -33.77
N GLY M 258 -24.38 -5.74 -34.72
CA GLY M 258 -23.28 -5.47 -35.59
C GLY M 258 -23.68 -5.72 -37.02
N GLN M 259 -24.89 -5.37 -37.43
CA GLN M 259 -25.22 -5.52 -38.84
C GLN M 259 -25.47 -4.19 -39.55
N LYS M 260 -26.41 -3.39 -39.05
CA LYS M 260 -26.94 -2.18 -39.71
C LYS M 260 -27.39 -2.42 -41.14
N ASN M 278 -25.34 -31.81 -30.33
CA ASN M 278 -26.36 -32.20 -29.37
C ASN M 278 -27.64 -32.62 -30.08
N PRO M 279 -27.75 -33.89 -30.45
CA PRO M 279 -29.01 -34.39 -30.99
C PRO M 279 -29.93 -34.85 -29.87
N LEU M 280 -31.10 -35.42 -30.20
CA LEU M 280 -32.01 -35.90 -29.16
C LEU M 280 -31.44 -37.07 -28.35
N PHE M 281 -30.52 -37.84 -28.94
CA PHE M 281 -29.88 -38.91 -28.18
C PHE M 281 -29.06 -38.37 -27.02
N ALA M 282 -28.33 -37.28 -27.21
CA ALA M 282 -27.57 -36.73 -26.10
C ALA M 282 -28.50 -36.06 -25.09
N ARG M 283 -29.54 -35.38 -25.57
CA ARG M 283 -30.45 -34.69 -24.65
C ARG M 283 -31.43 -35.66 -24.00
N LEU M 284 -31.36 -36.95 -24.34
CA LEU M 284 -32.18 -37.96 -23.69
C LEU M 284 -31.38 -38.94 -22.85
N ARG M 285 -30.15 -39.25 -23.21
CA ARG M 285 -29.28 -39.89 -22.24
C ARG M 285 -28.77 -38.92 -21.18
N LEU M 286 -29.05 -37.63 -21.34
CA LEU M 286 -28.71 -36.65 -20.32
C LEU M 286 -29.79 -36.51 -19.25
N ILE M 287 -30.62 -37.53 -19.07
CA ILE M 287 -31.77 -37.42 -18.18
C ILE M 287 -31.90 -38.65 -17.28
N ALA M 288 -32.15 -38.38 -16.00
CA ALA M 288 -32.15 -39.34 -14.90
C ALA M 288 -33.38 -40.25 -14.92
N ALA M 289 -33.71 -40.81 -13.74
CA ALA M 289 -34.53 -42.01 -13.58
C ALA M 289 -33.86 -43.18 -14.30
N GLU M 290 -32.70 -43.54 -13.76
CA GLU M 290 -31.72 -44.41 -14.38
C GLU M 290 -31.64 -45.75 -13.64
N LYS M 291 -30.93 -46.67 -14.26
CA LYS M 291 -30.52 -47.88 -13.56
C LYS M 291 -29.25 -47.59 -12.75
N THR M 292 -29.14 -48.25 -11.60
CA THR M 292 -27.99 -48.07 -10.74
C THR M 292 -27.18 -49.37 -10.67
N GLN M 293 -27.01 -50.01 -11.82
CA GLN M 293 -26.44 -51.36 -11.89
C GLN M 293 -24.97 -51.38 -12.24
N GLN M 294 -24.40 -50.27 -12.70
CA GLN M 294 -23.02 -50.21 -13.15
C GLN M 294 -22.23 -49.37 -12.16
N THR M 295 -20.90 -49.40 -12.30
CA THR M 295 -20.02 -48.58 -11.48
C THR M 295 -20.27 -47.09 -11.72
N MET M 296 -20.70 -46.72 -12.93
CA MET M 296 -21.14 -45.36 -13.17
C MET M 296 -22.67 -45.28 -13.07
N TYR M 297 -23.16 -44.06 -12.86
CA TYR M 297 -24.54 -43.81 -12.48
C TYR M 297 -24.88 -42.37 -12.78
N THR M 298 -26.19 -42.05 -12.67
CA THR M 298 -26.79 -40.74 -12.88
C THR M 298 -26.48 -40.31 -14.31
N PRO M 299 -27.24 -40.80 -15.30
CA PRO M 299 -26.66 -41.26 -16.57
C PRO M 299 -25.98 -40.22 -17.44
N LEU M 300 -25.75 -39.01 -16.95
CA LEU M 300 -24.76 -38.14 -17.56
C LEU M 300 -23.41 -38.86 -17.64
N GLN M 301 -23.00 -39.49 -16.54
CA GLN M 301 -21.82 -40.33 -16.52
C GLN M 301 -21.93 -41.49 -17.49
N LEU M 302 -23.09 -42.13 -17.57
CA LEU M 302 -23.19 -43.34 -18.38
C LEU M 302 -23.20 -43.01 -19.86
N TRP M 303 -23.85 -41.89 -20.22
CA TRP M 303 -23.73 -41.32 -21.56
C TRP M 303 -22.28 -40.99 -21.88
N ASN M 304 -21.59 -40.36 -20.94
CA ASN M 304 -20.22 -39.91 -21.19
C ASN M 304 -19.28 -41.10 -21.36
N ASP M 305 -19.52 -42.18 -20.62
CA ASP M 305 -18.74 -43.39 -20.83
C ASP M 305 -19.10 -44.04 -22.16
N ASN M 306 -20.37 -43.93 -22.57
CA ASN M 306 -20.80 -44.58 -23.80
C ASN M 306 -20.25 -43.86 -25.02
N LYS M 307 -20.64 -42.60 -25.20
CA LYS M 307 -20.23 -41.79 -26.35
C LYS M 307 -18.96 -41.02 -25.96
N GLY M 308 -18.63 -39.98 -26.73
CA GLY M 308 -17.36 -39.27 -26.62
C GLY M 308 -17.06 -38.66 -25.25
N TYR M 309 -15.82 -38.15 -25.13
CA TYR M 309 -15.19 -37.73 -23.87
C TYR M 309 -15.18 -38.91 -22.89
N ARG M 310 -14.32 -39.89 -23.20
CA ARG M 310 -14.37 -41.20 -22.54
C ARG M 310 -14.13 -41.11 -21.03
N ILE M 311 -13.07 -40.45 -20.57
CA ILE M 311 -12.94 -40.19 -19.13
C ILE M 311 -12.61 -38.73 -18.86
N PRO M 312 -13.03 -38.18 -17.71
CA PRO M 312 -12.55 -36.93 -17.09
C PRO M 312 -11.30 -37.12 -16.23
N MET N 1 -47.77 -24.40 35.25
CA MET N 1 -46.66 -25.35 35.26
C MET N 1 -45.82 -25.23 33.98
N THR N 2 -46.19 -24.28 33.12
CA THR N 2 -45.53 -24.15 31.83
C THR N 2 -44.18 -23.45 31.94
N THR N 3 -44.14 -22.29 32.58
CA THR N 3 -42.88 -21.54 32.72
C THR N 3 -41.91 -22.25 33.64
N SER N 4 -42.42 -23.02 34.60
CA SER N 4 -41.58 -23.84 35.47
C SER N 4 -40.79 -24.87 34.67
N ILE N 5 -41.50 -25.64 33.84
CA ILE N 5 -40.85 -26.66 33.04
C ILE N 5 -40.05 -26.02 31.89
N ASN N 6 -40.38 -24.79 31.49
CA ASN N 6 -39.51 -24.06 30.55
C ASN N 6 -38.19 -23.65 31.20
N SER N 7 -38.22 -23.31 32.48
CA SER N 7 -36.98 -23.06 33.21
C SER N 7 -36.17 -24.35 33.36
N VAL N 8 -36.87 -25.48 33.55
CA VAL N 8 -36.22 -26.79 33.55
C VAL N 8 -35.61 -27.08 32.17
N VAL N 9 -36.26 -26.62 31.10
CA VAL N 9 -35.72 -26.76 29.75
C VAL N 9 -34.43 -25.98 29.60
N THR N 10 -34.39 -24.76 30.14
CA THR N 10 -33.14 -23.96 30.08
C THR N 10 -32.03 -24.63 30.89
N VAL N 11 -32.37 -25.21 32.04
CA VAL N 11 -31.41 -25.94 32.87
C VAL N 11 -30.84 -27.14 32.11
N PHE N 12 -31.70 -27.93 31.48
CA PHE N 12 -31.18 -29.10 30.79
C PHE N 12 -30.66 -28.78 29.39
N GLN N 13 -30.92 -27.59 28.86
CA GLN N 13 -30.11 -27.08 27.75
C GLN N 13 -28.68 -26.85 28.20
N ASN N 14 -28.50 -26.28 29.39
CA ASN N 14 -27.15 -26.17 29.95
C ASN N 14 -26.53 -27.55 30.20
N VAL N 15 -27.35 -28.53 30.60
CA VAL N 15 -26.85 -29.89 30.83
C VAL N 15 -26.41 -30.54 29.52
N PHE N 16 -27.27 -30.51 28.49
CA PHE N 16 -26.93 -31.07 27.19
C PHE N 16 -25.98 -30.19 26.38
N THR N 17 -25.57 -29.03 26.89
CA THR N 17 -24.37 -28.41 26.37
C THR N 17 -23.14 -28.68 27.25
N ASN N 18 -23.32 -29.25 28.44
CA ASN N 18 -22.14 -29.65 29.21
C ASN N 18 -21.58 -31.00 28.77
N HIS N 19 -22.33 -32.08 28.98
CA HIS N 19 -21.83 -33.44 28.77
C HIS N 19 -23.00 -34.38 28.55
N GLY N 20 -22.72 -35.68 28.64
CA GLY N 20 -23.68 -36.75 28.47
C GLY N 20 -23.00 -37.97 27.87
N SER N 21 -23.77 -38.75 27.12
CA SER N 21 -23.20 -39.86 26.36
C SER N 21 -22.80 -39.40 24.96
N THR N 22 -23.79 -38.96 24.17
CA THR N 22 -23.56 -38.19 22.96
C THR N 22 -24.51 -37.00 23.01
N LEU N 23 -24.42 -36.12 22.01
CA LEU N 23 -25.24 -34.91 21.97
C LEU N 23 -25.84 -34.65 20.60
N LEU N 24 -26.09 -35.70 19.80
CA LEU N 24 -26.63 -35.51 18.45
C LEU N 24 -28.12 -35.16 18.47
N ASN N 25 -28.83 -35.45 19.57
CA ASN N 25 -30.25 -35.20 19.65
C ASN N 25 -30.62 -34.30 20.82
N GLY N 26 -29.62 -33.71 21.50
CA GLY N 26 -29.90 -32.84 22.62
C GLY N 26 -30.52 -31.50 22.26
N ILE N 27 -30.43 -31.11 20.98
CA ILE N 27 -31.11 -29.91 20.53
C ILE N 27 -32.62 -30.12 20.49
N LEU N 28 -33.06 -31.28 19.98
CA LEU N 28 -34.47 -31.50 19.71
C LEU N 28 -35.27 -31.84 20.97
N ILE N 29 -34.64 -32.50 21.95
CA ILE N 29 -35.36 -32.96 23.14
C ILE N 29 -35.82 -31.78 23.98
N ALA N 30 -34.95 -30.80 24.17
CA ALA N 30 -35.30 -29.60 24.94
C ALA N 30 -36.36 -28.78 24.23
N THR N 31 -36.34 -28.75 22.90
CA THR N 31 -37.40 -28.06 22.16
C THR N 31 -38.74 -28.78 22.29
N THR N 32 -38.72 -30.13 22.30
CA THR N 32 -39.94 -30.89 22.53
C THR N 32 -40.53 -30.60 23.90
N VAL N 33 -39.69 -30.56 24.94
CA VAL N 33 -40.21 -30.33 26.28
C VAL N 33 -40.69 -28.88 26.43
N GLY N 34 -39.93 -27.92 25.89
CA GLY N 34 -40.30 -26.52 26.01
C GLY N 34 -41.49 -26.11 25.16
N GLY N 35 -41.77 -26.86 24.10
CA GLY N 35 -42.95 -26.58 23.31
C GLY N 35 -44.15 -27.36 23.79
N GLN N 36 -43.92 -28.55 24.30
CA GLN N 36 -45.05 -29.36 24.69
C GLN N 36 -45.44 -29.14 26.15
N SER N 37 -44.69 -28.35 26.91
CA SER N 37 -45.25 -27.73 28.10
C SER N 37 -46.39 -26.78 27.73
N LEU N 38 -46.17 -25.95 26.71
CA LEU N 38 -47.23 -25.07 26.22
C LEU N 38 -48.32 -25.83 25.48
N VAL N 39 -48.01 -27.01 24.94
CA VAL N 39 -49.09 -27.89 24.47
C VAL N 39 -49.92 -28.37 25.66
N ARG N 40 -49.26 -28.82 26.73
CA ARG N 40 -49.96 -29.28 27.93
C ARG N 40 -50.69 -28.17 28.67
N LYS N 41 -50.41 -26.90 28.34
CA LYS N 41 -51.30 -25.82 28.78
C LYS N 41 -52.71 -25.99 28.22
N LEU N 42 -52.83 -26.57 27.01
CA LEU N 42 -54.13 -26.82 26.37
C LEU N 42 -54.20 -28.29 25.95
N THR N 43 -54.61 -29.15 26.89
CA THR N 43 -54.72 -30.59 26.69
C THR N 43 -55.90 -31.09 27.51
N PHE N 44 -55.89 -32.40 27.81
CA PHE N 44 -56.97 -33.17 28.42
C PHE N 44 -58.33 -32.87 27.79
N SER N 45 -58.44 -33.23 26.52
CA SER N 45 -59.74 -33.25 25.85
C SER N 45 -60.67 -34.24 26.54
N CYS N 46 -60.17 -35.45 26.80
CA CYS N 46 -60.59 -36.35 27.87
C CYS N 46 -62.06 -36.73 27.80
N PRO N 47 -62.45 -37.63 26.90
CA PRO N 47 -63.87 -37.87 26.62
C PRO N 47 -64.62 -38.46 27.81
N CYS N 48 -65.94 -38.39 27.70
CA CYS N 48 -66.86 -38.87 28.72
C CYS N 48 -67.31 -40.31 28.50
N ALA N 49 -66.50 -41.17 27.89
CA ALA N 49 -66.97 -42.50 27.55
C ALA N 49 -66.21 -43.59 28.29
N TYR N 50 -66.82 -44.79 28.34
CA TYR N 50 -66.15 -45.93 28.96
C TYR N 50 -64.94 -46.40 28.13
N PRO N 51 -65.09 -46.83 26.82
CA PRO N 51 -63.86 -47.30 26.17
C PRO N 51 -63.00 -46.15 25.66
N LEU N 52 -63.63 -45.04 25.27
CA LEU N 52 -62.91 -43.97 24.61
C LEU N 52 -62.07 -43.15 25.56
N ASN N 53 -62.35 -43.19 26.87
CA ASN N 53 -61.46 -42.46 27.76
C ASN N 53 -60.13 -43.20 27.94
N ILE N 54 -60.20 -44.52 28.14
CA ILE N 54 -59.01 -45.35 28.20
C ILE N 54 -58.27 -45.31 26.86
N TYR N 55 -59.01 -45.25 25.75
CA TYR N 55 -58.34 -45.19 24.46
C TYR N 55 -57.66 -43.83 24.25
N HIS N 56 -58.35 -42.74 24.57
CA HIS N 56 -57.78 -41.40 24.42
C HIS N 56 -56.69 -41.12 25.43
N SER N 57 -56.61 -41.90 26.51
CA SER N 57 -55.48 -41.72 27.42
C SER N 57 -54.32 -42.63 27.05
N LEU N 58 -54.61 -43.91 26.80
CA LEU N 58 -53.56 -44.89 26.54
C LEU N 58 -52.89 -44.65 25.20
N VAL N 59 -53.66 -44.31 24.16
CA VAL N 59 -53.09 -43.96 22.87
C VAL N 59 -52.26 -42.69 22.99
N PHE N 60 -52.78 -41.67 23.67
CA PHE N 60 -52.04 -40.41 23.78
C PHE N 60 -50.79 -40.53 24.63
N MET N 61 -50.72 -41.53 25.53
CA MET N 61 -49.45 -41.77 26.23
C MET N 61 -48.52 -42.62 25.39
N PHE N 62 -48.91 -43.85 25.07
CA PHE N 62 -47.99 -44.81 24.46
C PHE N 62 -47.90 -44.67 22.95
N GLY N 63 -48.47 -43.62 22.37
CA GLY N 63 -48.34 -43.35 20.96
C GLY N 63 -47.15 -42.47 20.61
N PRO N 64 -47.07 -41.24 21.18
CA PRO N 64 -45.87 -40.42 20.96
C PRO N 64 -44.59 -41.04 21.49
N THR N 65 -44.67 -41.96 22.46
CA THR N 65 -43.47 -42.70 22.85
C THR N 65 -42.96 -43.57 21.71
N ALA N 66 -43.87 -44.31 21.07
CA ALA N 66 -43.47 -45.13 19.92
C ALA N 66 -43.05 -44.25 18.75
N ALA N 67 -43.69 -43.09 18.58
CA ALA N 67 -43.33 -42.20 17.48
C ALA N 67 -41.95 -41.60 17.67
N LEU N 68 -41.66 -41.09 18.87
CA LEU N 68 -40.34 -40.57 19.14
C LEU N 68 -39.28 -41.66 19.24
N LEU N 69 -39.68 -42.89 19.57
CA LEU N 69 -38.73 -44.00 19.52
C LEU N 69 -38.36 -44.31 18.08
N LEU N 70 -39.34 -44.29 17.19
CA LEU N 70 -39.09 -44.52 15.76
C LEU N 70 -38.27 -43.39 15.16
N ILE N 71 -38.54 -42.16 15.56
CA ILE N 71 -37.73 -41.03 15.11
C ILE N 71 -36.31 -41.12 15.65
N GLY N 72 -36.16 -41.53 16.91
CA GLY N 72 -34.84 -41.69 17.48
C GLY N 72 -34.05 -42.81 16.86
N ILE N 73 -34.73 -43.83 16.34
CA ILE N 73 -34.04 -44.81 15.51
C ILE N 73 -33.59 -44.19 14.20
N THR N 74 -34.55 -43.64 13.44
CA THR N 74 -34.31 -43.31 12.04
C THR N 74 -33.37 -42.12 11.86
N VAL N 75 -33.42 -41.16 12.79
CA VAL N 75 -32.51 -40.02 12.71
C VAL N 75 -31.09 -40.44 13.07
N ASN N 76 -30.95 -41.42 13.97
CA ASN N 76 -29.64 -41.85 14.46
C ASN N 76 -28.86 -42.53 13.35
N SER N 77 -27.64 -42.07 13.13
CA SER N 77 -26.87 -42.50 11.96
C SER N 77 -26.42 -43.95 12.09
N THR N 78 -26.09 -44.37 13.32
CA THR N 78 -25.34 -45.61 13.52
C THR N 78 -26.16 -46.84 13.12
N THR N 79 -27.48 -46.80 13.31
CA THR N 79 -28.29 -47.93 12.89
C THR N 79 -28.32 -48.06 11.38
N TRP N 80 -28.23 -46.95 10.64
CA TRP N 80 -28.13 -47.09 9.20
C TRP N 80 -26.77 -47.63 8.82
N LYS N 81 -25.72 -47.24 9.55
CA LYS N 81 -24.42 -47.86 9.31
C LYS N 81 -24.42 -49.34 9.71
N LEU N 82 -25.39 -49.77 10.50
CA LEU N 82 -25.59 -51.19 10.73
C LEU N 82 -26.38 -51.80 9.58
N ALA N 83 -27.44 -51.11 9.14
CA ALA N 83 -28.42 -51.75 8.27
C ALA N 83 -28.90 -50.81 7.17
N HIS N 84 -28.00 -50.10 6.51
CA HIS N 84 -28.33 -49.52 5.21
C HIS N 84 -27.93 -50.52 4.15
N GLY N 85 -28.91 -51.18 3.57
CA GLY N 85 -28.60 -52.19 2.58
C GLY N 85 -28.06 -53.45 3.20
N PHE N 86 -28.83 -54.02 4.14
CA PHE N 86 -28.39 -55.24 4.81
C PHE N 86 -28.50 -56.46 3.92
N PHE N 87 -29.40 -56.43 2.92
CA PHE N 87 -29.53 -57.55 2.01
C PHE N 87 -28.31 -57.69 1.11
N PHE N 88 -27.87 -56.59 0.50
CA PHE N 88 -26.84 -56.65 -0.53
C PHE N 88 -25.48 -56.22 -0.02
N ARG N 89 -25.17 -56.57 1.23
CA ARG N 89 -23.78 -56.53 1.69
C ARG N 89 -23.03 -57.66 1.01
N VAL N 90 -21.82 -57.37 0.53
CA VAL N 90 -20.93 -58.42 0.08
C VAL N 90 -20.56 -59.26 1.30
N ARG N 91 -20.65 -60.59 1.15
CA ARG N 91 -20.64 -61.50 2.29
C ARG N 91 -19.32 -61.45 3.04
N ASP N 92 -19.40 -61.67 4.36
CA ASP N 92 -18.33 -61.46 5.32
C ASP N 92 -17.77 -60.04 5.24
N THR N 93 -18.68 -59.06 5.23
CA THR N 93 -18.33 -57.69 5.53
C THR N 93 -19.33 -57.20 6.57
N ARG N 94 -20.53 -57.77 6.55
CA ARG N 94 -21.33 -57.78 7.77
C ARG N 94 -20.60 -58.64 8.78
N HIS N 95 -20.52 -58.14 10.01
CA HIS N 95 -19.40 -58.56 10.86
C HIS N 95 -19.74 -59.75 11.75
N SER N 96 -20.74 -59.63 12.62
CA SER N 96 -20.95 -60.64 13.64
C SER N 96 -22.42 -60.68 14.01
N TRP N 97 -22.74 -61.48 15.02
CA TRP N 97 -24.05 -61.44 15.68
C TRP N 97 -23.98 -60.76 17.05
N LYS N 98 -22.84 -60.87 17.74
CA LYS N 98 -22.73 -60.30 19.07
C LYS N 98 -22.51 -58.79 19.02
N THR N 99 -21.61 -58.33 18.15
CA THR N 99 -21.27 -56.91 18.11
C THR N 99 -22.41 -56.08 17.55
N THR N 100 -23.14 -56.63 16.57
CA THR N 100 -24.28 -55.93 16.01
C THR N 100 -25.42 -55.79 17.00
N CYS N 101 -25.52 -56.68 17.99
CA CYS N 101 -26.49 -56.51 19.05
C CYS N 101 -26.06 -55.45 20.05
N VAL N 102 -24.75 -55.30 20.26
CA VAL N 102 -24.26 -54.23 21.11
C VAL N 102 -24.54 -52.87 20.47
N SER N 103 -24.30 -52.76 19.16
CA SER N 103 -24.66 -51.54 18.46
C SER N 103 -26.17 -51.32 18.41
N TRP N 104 -26.94 -52.42 18.37
CA TRP N 104 -28.39 -52.32 18.34
C TRP N 104 -28.93 -51.80 19.68
N ILE N 105 -28.38 -52.30 20.78
CA ILE N 105 -28.79 -51.81 22.10
C ILE N 105 -28.31 -50.38 22.30
N GLU N 106 -27.16 -50.02 21.70
CA GLU N 106 -26.68 -48.65 21.76
C GLU N 106 -27.65 -47.69 21.07
N VAL N 107 -28.10 -48.05 19.85
CA VAL N 107 -28.99 -47.14 19.15
C VAL N 107 -30.39 -47.18 19.75
N LEU N 108 -30.77 -48.30 20.39
CA LEU N 108 -32.03 -48.35 21.11
C LEU N 108 -32.03 -47.44 22.33
N ILE N 109 -30.92 -47.38 23.07
CA ILE N 109 -30.88 -46.52 24.25
C ILE N 109 -30.77 -45.05 23.85
N GLN N 110 -29.92 -44.75 22.86
CA GLN N 110 -29.81 -43.38 22.36
C GLN N 110 -31.10 -42.90 21.73
N SER N 111 -31.88 -43.83 21.16
CA SER N 111 -33.23 -43.50 20.72
C SER N 111 -34.15 -43.25 21.90
N SER N 112 -34.18 -44.20 22.85
CA SER N 112 -35.15 -44.22 23.94
C SER N 112 -34.88 -43.18 25.00
N VAL N 113 -33.83 -42.37 24.86
CA VAL N 113 -33.67 -41.18 25.71
C VAL N 113 -34.91 -40.29 25.61
N ALA N 114 -35.27 -39.86 24.40
CA ALA N 114 -36.35 -38.90 24.21
C ALA N 114 -37.78 -39.39 24.54
N PRO N 115 -38.19 -40.64 24.26
CA PRO N 115 -39.53 -41.04 24.72
C PRO N 115 -39.67 -41.19 26.22
N ILE N 116 -38.61 -41.63 26.92
CA ILE N 116 -38.67 -41.67 28.38
C ILE N 116 -38.76 -40.26 28.94
N ALA N 117 -38.07 -39.31 28.32
CA ALA N 117 -38.18 -37.92 28.73
C ALA N 117 -39.58 -37.36 28.48
N TRP N 118 -40.19 -37.71 27.34
CA TRP N 118 -41.54 -37.22 27.06
C TRP N 118 -42.57 -37.87 27.98
N LEU N 119 -42.40 -39.16 28.27
CA LEU N 119 -43.27 -39.87 29.19
C LEU N 119 -43.18 -39.28 30.59
N PHE N 120 -41.97 -38.94 31.02
CA PHE N 120 -41.80 -38.25 32.30
C PHE N 120 -42.40 -36.86 32.29
N VAL N 121 -42.35 -36.15 31.16
CA VAL N 121 -42.94 -34.82 31.08
C VAL N 121 -44.46 -34.90 31.23
N VAL N 122 -45.10 -35.87 30.58
CA VAL N 122 -46.56 -35.88 30.63
C VAL N 122 -47.05 -36.51 31.93
N PHE N 123 -46.39 -37.56 32.41
CA PHE N 123 -46.70 -38.07 33.75
C PHE N 123 -46.40 -37.05 34.84
N LEU N 124 -45.40 -36.18 34.62
CA LEU N 124 -45.10 -35.12 35.59
C LEU N 124 -46.15 -34.02 35.54
N ASP N 125 -46.81 -33.86 34.41
CA ASP N 125 -48.03 -33.07 34.40
C ASP N 125 -49.13 -33.84 35.09
N GLY N 126 -50.05 -33.12 35.70
CA GLY N 126 -51.28 -33.78 36.09
C GLY N 126 -52.17 -33.75 34.87
N GLY N 127 -52.09 -34.82 34.09
CA GLY N 127 -52.67 -34.83 32.77
C GLY N 127 -53.40 -36.11 32.47
N TYR N 128 -52.96 -36.76 31.40
CA TYR N 128 -53.64 -37.92 30.85
C TYR N 128 -53.56 -39.15 31.74
N TYR N 129 -52.85 -39.10 32.86
CA TYR N 129 -53.01 -40.17 33.83
C TYR N 129 -54.23 -39.97 34.70
N ARG N 130 -54.63 -38.71 34.97
CA ARG N 130 -55.90 -38.53 35.67
C ARG N 130 -57.06 -38.86 34.74
N CYS N 131 -56.81 -38.72 33.43
CA CYS N 131 -57.77 -39.05 32.39
C CYS N 131 -57.83 -40.54 32.13
N TYR N 132 -57.13 -41.34 32.94
CA TYR N 132 -57.08 -42.78 32.82
C TYR N 132 -57.75 -43.48 34.00
N ARG N 133 -57.32 -43.19 35.22
CA ARG N 133 -58.00 -43.78 36.35
C ARG N 133 -59.09 -42.87 36.89
N SER N 134 -59.32 -41.70 36.27
CA SER N 134 -60.61 -41.04 36.48
C SER N 134 -61.72 -41.87 35.88
N HIS N 135 -61.47 -42.45 34.72
CA HIS N 135 -62.28 -43.54 34.21
C HIS N 135 -62.27 -44.70 35.17
N GLU N 136 -61.09 -45.33 35.35
CA GLU N 136 -60.99 -46.62 36.03
C GLU N 136 -61.43 -46.59 37.50
N PHE N 137 -61.64 -45.42 38.09
CA PHE N 137 -62.16 -45.34 39.44
C PHE N 137 -63.68 -45.26 39.46
N CYS N 138 -64.27 -44.63 38.45
CA CYS N 138 -65.62 -44.07 38.49
C CYS N 138 -66.75 -45.13 38.53
N LEU N 139 -66.44 -46.43 38.48
CA LEU N 139 -67.43 -47.53 38.54
C LEU N 139 -68.44 -47.42 37.39
N ILE N 140 -67.94 -47.71 36.18
CA ILE N 140 -68.48 -47.10 34.99
C ILE N 140 -69.37 -48.04 34.18
N SER N 141 -69.73 -49.21 34.73
CA SER N 141 -70.46 -50.20 33.94
C SER N 141 -71.89 -49.76 33.68
N ASP N 142 -72.41 -48.87 34.54
CA ASP N 142 -73.67 -48.24 34.17
C ASP N 142 -73.51 -47.24 33.04
N ALA N 143 -72.33 -46.66 32.83
CA ALA N 143 -72.12 -45.83 31.65
C ALA N 143 -71.93 -46.66 30.39
N ILE N 144 -71.52 -47.93 30.53
CA ILE N 144 -71.65 -48.87 29.42
C ILE N 144 -73.11 -49.02 29.03
N LEU N 145 -73.99 -49.15 30.03
CA LEU N 145 -75.42 -49.22 29.76
C LEU N 145 -75.96 -47.89 29.23
N CYS N 146 -75.42 -46.78 29.73
CA CYS N 146 -75.83 -45.45 29.26
C CYS N 146 -75.40 -45.20 27.82
N LYS N 147 -74.28 -45.79 27.38
CA LYS N 147 -73.84 -45.63 26.00
C LYS N 147 -74.17 -46.82 25.11
N ASN N 148 -74.93 -47.80 25.63
CA ASN N 148 -75.58 -48.74 24.72
C ASN N 148 -76.68 -48.06 23.92
N SER N 149 -77.31 -47.05 24.51
CA SER N 149 -78.31 -46.24 23.82
C SER N 149 -78.24 -44.83 24.40
N THR N 150 -77.92 -43.85 23.55
CA THR N 150 -77.64 -42.48 23.99
C THR N 150 -78.84 -41.74 24.54
N ILE N 151 -80.05 -42.30 24.41
CA ILE N 151 -81.21 -41.80 25.14
C ILE N 151 -80.96 -41.93 26.64
N LEU N 152 -80.30 -43.00 27.06
CA LEU N 152 -79.93 -43.15 28.46
C LEU N 152 -78.85 -42.14 28.86
N ASN N 153 -77.95 -41.78 27.94
CA ASN N 153 -77.00 -40.69 28.20
C ASN N 153 -77.72 -39.37 28.42
N SER N 154 -78.72 -39.08 27.58
CA SER N 154 -79.46 -37.83 27.69
C SER N 154 -80.28 -37.77 28.98
N TYR N 155 -80.98 -38.84 29.33
CA TYR N 155 -81.75 -38.86 30.56
C TYR N 155 -80.92 -39.16 31.80
N ALA N 156 -79.65 -39.52 31.65
CA ALA N 156 -78.75 -39.58 32.80
C ALA N 156 -78.08 -38.25 33.05
N SER N 157 -77.87 -37.44 32.01
CA SER N 157 -77.32 -36.11 32.20
C SER N 157 -78.40 -35.12 32.64
N THR N 158 -79.59 -35.19 32.04
CA THR N 158 -80.62 -34.18 32.23
C THR N 158 -81.63 -34.55 33.32
N SER N 159 -82.32 -35.68 33.18
CA SER N 159 -83.42 -36.01 34.08
C SER N 159 -82.90 -36.42 35.46
N SER N 160 -82.15 -37.51 35.52
CA SER N 160 -81.40 -37.78 36.73
C SER N 160 -80.15 -36.91 36.74
N PHE N 161 -79.61 -36.68 37.93
CA PHE N 161 -78.47 -35.81 38.07
C PHE N 161 -77.17 -36.57 37.84
N ASN N 162 -76.05 -35.89 38.07
CA ASN N 162 -74.73 -36.47 37.83
C ASN N 162 -73.94 -36.65 39.11
N LYS N 163 -73.80 -35.60 39.92
CA LYS N 163 -73.10 -35.71 41.19
C LYS N 163 -74.04 -36.04 42.35
N ILE N 164 -75.34 -35.78 42.21
CA ILE N 164 -76.32 -36.33 43.15
C ILE N 164 -76.48 -37.82 42.93
N SER N 165 -76.20 -38.30 41.72
CA SER N 165 -76.21 -39.73 41.41
C SER N 165 -74.86 -40.39 41.65
N ASP N 166 -74.08 -39.89 42.60
CA ASP N 166 -72.81 -40.50 42.96
C ASP N 166 -72.94 -41.69 43.93
N ASN N 167 -74.12 -42.31 44.00
CA ASN N 167 -74.29 -43.44 44.92
C ASN N 167 -73.77 -44.74 44.33
N GLY N 168 -74.34 -45.18 43.22
CA GLY N 168 -74.05 -46.50 42.69
C GLY N 168 -72.97 -46.55 41.62
N LYS N 169 -73.37 -46.85 40.39
CA LYS N 169 -72.42 -46.87 39.28
C LYS N 169 -72.78 -45.79 38.27
N TYR N 170 -71.76 -45.17 37.70
CA TYR N 170 -71.89 -43.77 37.28
C TYR N 170 -72.01 -43.65 35.76
N CYS N 171 -72.61 -42.54 35.33
CA CYS N 171 -72.81 -42.17 33.94
C CYS N 171 -72.24 -40.76 33.78
N PRO N 172 -72.02 -40.28 32.53
CA PRO N 172 -70.65 -39.79 32.13
C PRO N 172 -69.99 -38.80 33.07
N PRO N 173 -70.53 -37.58 33.34
CA PRO N 173 -69.63 -36.41 33.59
C PRO N 173 -68.71 -36.51 34.81
N CYS N 174 -68.84 -37.54 35.65
CA CYS N 174 -67.75 -38.00 36.50
C CYS N 174 -66.48 -38.28 35.70
N ILE N 175 -66.64 -38.82 34.48
CA ILE N 175 -65.49 -39.19 33.65
C ILE N 175 -64.73 -37.96 33.20
N CYS N 176 -65.42 -37.01 32.58
CA CYS N 176 -64.75 -35.81 32.07
C CYS N 176 -64.27 -34.90 33.18
N VAL N 177 -64.91 -34.93 34.35
CA VAL N 177 -64.42 -34.19 35.51
C VAL N 177 -64.75 -34.97 36.79
N PRO N 178 -63.75 -35.42 37.53
CA PRO N 178 -64.01 -36.17 38.76
C PRO N 178 -64.17 -35.24 39.95
N ASN N 179 -64.30 -35.87 41.11
CA ASN N 179 -64.24 -35.13 42.37
C ASN N 179 -62.83 -34.56 42.53
N PRO N 180 -62.70 -33.30 42.97
CA PRO N 180 -61.35 -32.70 43.07
C PRO N 180 -60.47 -33.32 44.13
N THR N 181 -61.06 -33.95 45.15
CA THR N 181 -60.29 -34.79 46.07
C THR N 181 -59.66 -35.96 45.33
N ASP N 182 -60.50 -36.70 44.58
CA ASP N 182 -60.03 -37.78 43.73
C ASP N 182 -59.07 -37.27 42.66
N ALA N 183 -59.35 -36.10 42.09
CA ALA N 183 -58.51 -35.56 41.03
C ALA N 183 -57.12 -35.21 41.55
N SER N 184 -57.04 -34.58 42.71
CA SER N 184 -55.73 -34.26 43.29
C SER N 184 -55.00 -35.50 43.79
N TYR N 185 -55.71 -36.46 44.38
CA TYR N 185 -55.14 -37.74 44.77
C TYR N 185 -54.49 -38.45 43.59
N LEU N 186 -55.23 -38.56 42.50
CA LEU N 186 -54.75 -39.30 41.36
C LEU N 186 -53.73 -38.50 40.57
N GLU N 187 -53.80 -37.18 40.67
CA GLU N 187 -52.79 -36.30 40.09
C GLU N 187 -51.44 -36.51 40.74
N ALA N 188 -51.40 -36.53 42.07
CA ALA N 188 -50.11 -36.78 42.71
C ALA N 188 -49.72 -38.24 42.66
N GLU N 189 -50.67 -39.15 42.48
CA GLU N 189 -50.32 -40.51 42.09
C GLU N 189 -49.57 -40.52 40.77
N SER N 190 -50.00 -39.69 39.82
CA SER N 190 -49.27 -39.57 38.56
C SER N 190 -47.90 -38.93 38.78
N GLN N 191 -47.79 -37.99 39.73
CA GLN N 191 -46.51 -37.38 40.02
C GLN N 191 -45.52 -38.38 40.61
N ILE N 192 -45.99 -39.26 41.50
CA ILE N 192 -45.05 -40.21 42.09
C ILE N 192 -44.70 -41.33 41.12
N TYR N 193 -45.64 -41.74 40.25
CA TYR N 193 -45.25 -42.64 39.16
C TYR N 193 -44.28 -41.98 38.18
N ALA N 194 -44.44 -40.67 37.95
CA ALA N 194 -43.52 -39.93 37.09
C ALA N 194 -42.11 -39.96 37.64
N TRP N 195 -41.97 -39.63 38.93
CA TRP N 195 -40.62 -39.59 39.45
C TRP N 195 -40.05 -40.99 39.67
N GLY N 196 -40.91 -41.99 39.90
CA GLY N 196 -40.43 -43.36 39.99
C GLY N 196 -39.89 -43.85 38.66
N LEU N 197 -40.60 -43.54 37.57
CA LEU N 197 -40.10 -43.88 36.24
C LEU N 197 -38.81 -43.14 35.93
N LEU N 198 -38.75 -41.85 36.28
CA LEU N 198 -37.54 -41.07 35.97
C LEU N 198 -36.34 -41.57 36.76
N LEU N 199 -36.53 -41.89 38.04
CA LEU N 199 -35.43 -42.34 38.86
C LEU N 199 -35.00 -43.75 38.47
N PHE N 200 -35.96 -44.61 38.09
CA PHE N 200 -35.61 -45.94 37.62
C PHE N 200 -34.84 -45.88 36.31
N SER N 201 -35.30 -45.04 35.38
CA SER N 201 -34.60 -44.87 34.11
C SER N 201 -33.23 -44.25 34.31
N GLY N 202 -33.11 -43.29 35.24
CA GLY N 202 -31.83 -42.66 35.48
C GLY N 202 -30.82 -43.60 36.09
N VAL N 203 -31.24 -44.39 37.09
CA VAL N 203 -30.34 -45.37 37.71
C VAL N 203 -29.96 -46.46 36.72
N ALA N 204 -30.93 -46.96 35.95
CA ALA N 204 -30.63 -48.02 34.99
C ALA N 204 -29.76 -47.51 33.84
N ALA N 205 -29.98 -46.27 33.40
CA ALA N 205 -29.18 -45.72 32.31
C ALA N 205 -27.77 -45.40 32.78
N PHE N 206 -27.63 -44.88 34.01
CA PHE N 206 -26.31 -44.69 34.60
C PHE N 206 -25.56 -46.00 34.72
N LEU N 207 -26.24 -47.06 35.17
CA LEU N 207 -25.59 -48.35 35.34
C LEU N 207 -25.19 -48.95 34.00
N VAL N 208 -26.04 -48.79 32.97
CA VAL N 208 -25.71 -49.35 31.66
C VAL N 208 -24.59 -48.57 30.98
N ILE N 209 -24.68 -47.23 30.96
CA ILE N 209 -23.61 -46.49 30.28
C ILE N 209 -22.36 -46.37 31.13
N THR N 210 -22.40 -46.80 32.39
CA THR N 210 -21.16 -47.01 33.13
C THR N 210 -20.57 -48.37 32.79
N CYS N 211 -21.41 -49.41 32.76
CA CYS N 211 -20.95 -50.76 32.43
C CYS N 211 -20.57 -50.91 30.97
N ASN N 212 -20.83 -49.92 30.12
CA ASN N 212 -20.21 -49.85 28.80
C ASN N 212 -19.27 -48.66 28.68
N ARG N 213 -18.85 -48.09 29.80
CA ARG N 213 -17.65 -47.27 29.88
C ARG N 213 -16.64 -47.84 30.87
N MET N 214 -17.01 -48.87 31.62
CA MET N 214 -16.09 -49.56 32.52
C MET N 214 -15.67 -50.91 31.98
N CYS N 215 -16.46 -51.53 31.11
CA CYS N 215 -16.06 -52.71 30.37
C CYS N 215 -15.47 -52.34 29.02
N ASP N 216 -15.21 -51.05 28.80
CA ASP N 216 -14.57 -50.60 27.56
C ASP N 216 -13.12 -51.05 27.55
N LYS N 217 -12.68 -51.58 26.39
CA LYS N 217 -11.29 -52.02 26.25
C LYS N 217 -10.33 -50.85 26.32
N TYR N 218 -10.57 -49.82 25.53
CA TYR N 218 -9.71 -48.65 25.54
C TYR N 218 -9.94 -47.87 26.82
N THR N 219 -9.04 -46.93 27.09
CA THR N 219 -9.11 -46.15 28.31
C THR N 219 -9.22 -44.69 27.91
N LEU N 220 -9.41 -43.80 28.90
CA LEU N 220 -10.15 -42.56 28.69
C LEU N 220 -9.44 -41.60 27.73
N VAL N 221 -8.12 -41.55 27.76
CA VAL N 221 -7.43 -40.74 26.78
C VAL N 221 -7.43 -41.44 25.42
N GLN N 222 -7.28 -42.76 25.41
CA GLN N 222 -7.36 -43.50 24.16
C GLN N 222 -8.76 -43.48 23.59
N ARG N 223 -9.78 -43.48 24.46
CA ARG N 223 -11.15 -43.42 23.98
C ARG N 223 -11.49 -42.03 23.48
N GLN N 224 -11.00 -40.98 24.14
CA GLN N 224 -11.20 -39.63 23.62
C GLN N 224 -10.45 -39.42 22.31
N TYR N 225 -9.32 -40.07 22.11
CA TYR N 225 -8.64 -39.93 20.83
C TYR N 225 -9.32 -40.72 19.73
N VAL N 226 -9.83 -41.91 20.04
CA VAL N 226 -10.59 -42.66 19.04
C VAL N 226 -11.87 -41.90 18.66
N GLU N 227 -12.51 -41.25 19.63
CA GLU N 227 -13.69 -40.46 19.31
C GLU N 227 -13.34 -39.20 18.55
N THR N 228 -12.20 -38.56 18.84
CA THR N 228 -11.80 -37.40 18.06
C THR N 228 -11.43 -37.80 16.64
N TYR N 229 -10.75 -38.93 16.50
CA TYR N 229 -10.36 -39.38 15.17
C TYR N 229 -11.56 -39.83 14.35
N LYS N 230 -12.53 -40.46 15.00
CA LYS N 230 -13.78 -40.83 14.33
C LYS N 230 -14.55 -39.60 13.90
N ASN N 231 -14.70 -38.64 14.80
CA ASN N 231 -15.42 -37.39 14.54
C ASN N 231 -14.68 -36.47 13.59
N VAL N 232 -13.41 -36.75 13.28
CA VAL N 232 -12.74 -35.90 12.30
C VAL N 232 -12.64 -36.65 10.97
N GLU N 233 -12.56 -37.98 10.99
CA GLU N 233 -12.50 -38.63 9.68
C GLU N 233 -13.87 -38.76 9.04
N THR N 234 -14.96 -38.86 9.81
CA THR N 234 -16.27 -38.87 9.16
C THR N 234 -16.76 -37.47 8.84
N GLN N 235 -15.90 -36.47 8.92
CA GLN N 235 -16.13 -35.15 8.35
C GLN N 235 -15.12 -34.84 7.25
N LYS N 236 -13.87 -35.27 7.43
CA LYS N 236 -12.83 -35.00 6.45
C LYS N 236 -12.98 -35.89 5.23
N PHE N 237 -13.41 -37.14 5.45
CA PHE N 237 -13.79 -38.02 4.36
C PHE N 237 -14.96 -37.46 3.57
N ASP N 238 -15.94 -36.87 4.24
CA ASP N 238 -17.05 -36.29 3.50
C ASP N 238 -16.65 -35.02 2.77
N ALA N 239 -15.72 -34.25 3.32
CA ALA N 239 -15.25 -33.07 2.59
C ALA N 239 -14.43 -33.47 1.37
N VAL N 240 -13.62 -34.52 1.48
CA VAL N 240 -12.87 -34.99 0.32
C VAL N 240 -13.78 -35.66 -0.70
N ALA N 241 -14.82 -36.37 -0.24
CA ALA N 241 -15.81 -36.94 -1.16
C ALA N 241 -16.57 -35.84 -1.89
N LYS N 242 -16.87 -34.74 -1.20
CA LYS N 242 -17.57 -33.64 -1.83
C LYS N 242 -16.69 -32.94 -2.85
N GLU N 243 -15.41 -32.69 -2.53
CA GLU N 243 -14.60 -31.99 -3.51
C GLU N 243 -14.18 -32.92 -4.65
N HIS N 244 -14.12 -34.23 -4.41
CA HIS N 244 -13.87 -35.18 -5.48
C HIS N 244 -15.06 -35.28 -6.42
N ALA N 245 -16.27 -35.36 -5.87
CA ALA N 245 -17.45 -35.35 -6.73
C ALA N 245 -17.64 -33.99 -7.38
N SER N 246 -17.16 -32.91 -6.77
CA SER N 246 -17.28 -31.61 -7.38
C SER N 246 -16.32 -31.45 -8.54
N GLN N 247 -15.09 -31.97 -8.44
CA GLN N 247 -14.19 -31.93 -9.58
C GLN N 247 -14.67 -32.86 -10.70
N LEU N 248 -15.16 -34.05 -10.34
CA LEU N 248 -15.63 -34.96 -11.37
C LEU N 248 -17.03 -34.59 -11.88
N ALA N 249 -17.70 -33.61 -11.28
CA ALA N 249 -18.90 -33.04 -11.87
C ALA N 249 -18.60 -31.79 -12.69
N GLU N 250 -17.62 -30.98 -12.27
CA GLU N 250 -17.06 -29.93 -13.10
C GLU N 250 -16.61 -30.46 -14.45
N HIS N 251 -15.74 -31.48 -14.43
CA HIS N 251 -15.21 -32.00 -15.68
C HIS N 251 -16.27 -32.72 -16.49
N ASN N 252 -17.25 -33.33 -15.83
CA ASN N 252 -18.28 -33.99 -16.61
C ASN N 252 -19.39 -33.06 -17.07
N ALA N 253 -19.48 -31.86 -16.49
CA ALA N 253 -20.38 -30.86 -17.07
C ALA N 253 -19.73 -30.14 -18.23
N ARG N 254 -18.43 -29.85 -18.11
CA ARG N 254 -17.68 -29.32 -19.25
C ARG N 254 -17.59 -30.35 -20.36
N ALA N 255 -17.67 -31.63 -20.02
CA ALA N 255 -17.61 -32.69 -21.01
C ALA N 255 -18.85 -32.75 -21.87
N PHE N 256 -19.95 -32.17 -21.42
CA PHE N 256 -21.16 -32.24 -22.23
C PHE N 256 -21.36 -30.99 -23.07
N PHE N 257 -20.98 -29.83 -22.55
CA PHE N 257 -21.09 -28.62 -23.35
C PHE N 257 -19.80 -28.29 -24.07
N GLY N 258 -19.11 -29.34 -24.50
CA GLY N 258 -18.06 -29.26 -25.47
C GLY N 258 -18.27 -30.31 -26.53
N GLN N 259 -19.51 -30.57 -26.96
CA GLN N 259 -19.67 -31.51 -28.06
C GLN N 259 -20.25 -30.87 -29.32
N LYS N 260 -21.41 -30.24 -29.23
CA LYS N 260 -22.21 -29.74 -30.36
C LYS N 260 -22.47 -30.80 -31.41
N ASN N 278 -12.87 -48.49 -7.33
CA ASN N 278 -13.82 -48.60 -6.22
C ASN N 278 -14.86 -49.67 -6.51
N PRO N 279 -14.58 -50.92 -6.17
CA PRO N 279 -15.60 -51.96 -6.26
C PRO N 279 -16.43 -52.01 -4.98
N LEU N 280 -17.36 -52.97 -4.86
CA LEU N 280 -18.17 -53.09 -3.65
C LEU N 280 -17.35 -53.45 -2.42
N PHE N 281 -16.20 -54.12 -2.60
CA PHE N 281 -15.34 -54.42 -1.46
C PHE N 281 -14.80 -53.16 -0.81
N ALA N 282 -14.39 -52.17 -1.61
CA ALA N 282 -13.92 -50.92 -1.01
C ALA N 282 -15.06 -50.13 -0.40
N ARG N 283 -16.22 -50.12 -1.07
CA ARG N 283 -17.34 -49.34 -0.55
C ARG N 283 -18.05 -50.07 0.58
N LEU N 284 -17.59 -51.27 0.93
CA LEU N 284 -18.13 -51.99 2.08
C LEU N 284 -17.16 -52.11 3.24
N ARG N 285 -15.86 -52.22 2.98
CA ARG N 285 -14.92 -51.99 4.06
C ARG N 285 -14.78 -50.51 4.41
N LEU N 286 -15.41 -49.62 3.64
CA LEU N 286 -15.43 -48.22 4.00
C LEU N 286 -16.59 -47.86 4.93
N ILE N 287 -17.10 -48.83 5.68
CA ILE N 287 -18.30 -48.60 6.49
C ILE N 287 -18.13 -49.17 7.89
N ALA N 288 -18.54 -48.38 8.88
CA ALA N 288 -18.34 -48.59 10.31
C ALA N 288 -19.25 -49.68 10.88
N ALA N 289 -19.49 -49.62 12.19
CA ALA N 289 -19.95 -50.74 13.02
C ALA N 289 -18.92 -51.86 12.93
N GLU N 290 -17.75 -51.56 13.47
CA GLU N 290 -16.52 -52.31 13.31
C GLU N 290 -16.11 -52.99 14.61
N LYS N 291 -15.13 -53.86 14.50
CA LYS N 291 -14.44 -54.36 15.67
C LYS N 291 -13.37 -53.36 16.11
N THR N 292 -13.16 -53.27 17.41
CA THR N 292 -12.17 -52.36 17.96
C THR N 292 -11.03 -53.14 18.61
N GLN N 293 -10.61 -54.22 17.94
CA GLN N 293 -9.68 -55.17 18.51
C GLN N 293 -8.23 -54.95 18.09
N GLN N 294 -7.97 -54.13 17.08
CA GLN N 294 -6.63 -53.93 16.55
C GLN N 294 -6.19 -52.51 16.89
N THR N 295 -4.90 -52.24 16.68
CA THR N 295 -4.36 -50.89 16.88
C THR N 295 -5.00 -49.89 15.93
N MET N 296 -5.43 -50.33 14.75
CA MET N 296 -6.23 -49.48 13.88
C MET N 296 -7.71 -49.79 14.07
N TYR N 297 -8.55 -48.83 13.67
CA TYR N 297 -9.97 -48.83 13.99
C TYR N 297 -10.69 -47.91 13.03
N THR N 298 -12.04 -47.95 13.08
CA THR N 298 -12.97 -47.17 12.27
C THR N 298 -12.69 -47.47 10.80
N PRO N 299 -13.21 -48.58 10.28
CA PRO N 299 -12.43 -49.45 9.37
C PRO N 299 -12.01 -48.87 8.04
N LEU N 300 -12.18 -47.57 7.82
CA LEU N 300 -11.43 -46.90 6.76
C LEU N 300 -9.94 -47.14 6.95
N GLN N 301 -9.45 -46.97 8.18
CA GLN N 301 -8.07 -47.31 8.52
C GLN N 301 -7.77 -48.79 8.29
N LEU N 302 -8.70 -49.67 8.65
CA LEU N 302 -8.40 -51.09 8.59
C LEU N 302 -8.39 -51.59 7.15
N TRP N 303 -9.29 -51.05 6.33
CA TRP N 303 -9.25 -51.25 4.89
C TRP N 303 -7.94 -50.73 4.30
N ASN N 304 -7.53 -49.53 4.72
CA ASN N 304 -6.33 -48.91 4.17
C ASN N 304 -5.08 -49.70 4.54
N ASP N 305 -5.05 -50.27 5.74
CA ASP N 305 -3.95 -51.13 6.13
C ASP N 305 -4.02 -52.45 5.35
N ASN N 306 -5.22 -52.93 5.06
CA ASN N 306 -5.36 -54.21 4.38
C ASN N 306 -4.95 -54.10 2.91
N LYS N 307 -5.67 -53.27 2.15
CA LYS N 307 -5.42 -53.10 0.72
C LYS N 307 -4.46 -51.91 0.54
N GLY N 308 -4.39 -51.37 -0.68
CA GLY N 308 -3.39 -50.38 -1.05
C GLY N 308 -3.37 -49.09 -0.23
N TYR N 309 -2.35 -48.27 -0.49
CA TYR N 309 -1.95 -47.11 0.31
C TYR N 309 -1.69 -47.57 1.75
N ARG N 310 -0.56 -48.27 1.92
CA ARG N 310 -0.27 -49.00 3.15
C ARG N 310 -0.17 -48.09 4.39
N ILE N 311 0.61 -47.01 4.34
CA ILE N 311 0.56 -46.04 5.42
C ILE N 311 0.43 -44.62 4.88
N PRO N 312 -0.21 -43.70 5.62
CA PRO N 312 -0.15 -42.24 5.47
C PRO N 312 1.04 -41.60 6.20
N MET O 1 -41.19 -15.07 46.84
CA MET O 1 -39.86 -15.52 47.24
C MET O 1 -39.01 -15.84 46.02
N THR O 2 -39.56 -15.61 44.82
CA THR O 2 -38.88 -16.00 43.59
C THR O 2 -37.79 -14.99 43.22
N THR O 3 -38.13 -13.70 43.16
CA THR O 3 -37.16 -12.68 42.78
C THR O 3 -36.08 -12.50 43.85
N SER O 4 -36.43 -12.77 45.11
CA SER O 4 -35.45 -12.75 46.20
C SER O 4 -34.35 -13.78 45.97
N ILE O 5 -34.74 -15.03 45.73
CA ILE O 5 -33.77 -16.08 45.50
C ILE O 5 -33.11 -15.92 44.13
N ASN O 6 -33.75 -15.22 43.18
CA ASN O 6 -33.06 -14.89 41.93
C ASN O 6 -31.96 -13.85 42.15
N SER O 7 -32.19 -12.91 43.07
CA SER O 7 -31.11 -11.99 43.46
C SER O 7 -29.99 -12.73 44.17
N VAL O 8 -30.35 -13.74 44.98
CA VAL O 8 -29.35 -14.61 45.58
C VAL O 8 -28.58 -15.39 44.51
N VAL O 9 -29.25 -15.75 43.42
CA VAL O 9 -28.60 -16.41 42.28
C VAL O 9 -27.58 -15.48 41.64
N THR O 10 -27.93 -14.21 41.47
CA THR O 10 -26.98 -13.24 40.91
C THR O 10 -25.77 -13.05 41.83
N VAL O 11 -26.02 -13.02 43.15
CA VAL O 11 -24.95 -12.92 44.14
C VAL O 11 -24.00 -14.12 44.06
N PHE O 12 -24.56 -15.33 44.01
CA PHE O 12 -23.67 -16.47 43.97
C PHE O 12 -23.17 -16.80 42.56
N GLN O 13 -23.71 -16.18 41.52
CA GLN O 13 -23.01 -16.11 40.24
C GLN O 13 -21.74 -15.28 40.38
N ASN O 14 -21.82 -14.16 41.09
CA ASN O 14 -20.60 -13.40 41.40
C ASN O 14 -19.64 -14.21 42.26
N VAL O 15 -20.16 -15.03 43.18
CA VAL O 15 -19.32 -15.88 44.03
C VAL O 15 -18.62 -16.95 43.20
N PHE O 16 -19.37 -17.70 42.39
CA PHE O 16 -18.79 -18.73 41.53
C PHE O 16 -18.07 -18.18 40.30
N THR O 17 -18.05 -16.86 40.11
CA THR O 17 -17.04 -16.27 39.24
C THR O 17 -15.87 -15.69 40.01
N ASN O 18 -15.95 -15.59 41.35
CA ASN O 18 -14.77 -15.18 42.11
C ASN O 18 -13.81 -16.35 42.36
N HIS O 19 -14.24 -17.32 43.17
CA HIS O 19 -13.35 -18.38 43.65
C HIS O 19 -14.19 -19.60 44.04
N GLY O 20 -13.54 -20.53 44.76
CA GLY O 20 -14.14 -21.75 45.25
C GLY O 20 -13.10 -22.84 45.30
N SER O 21 -13.55 -24.09 45.13
CA SER O 21 -12.63 -25.21 44.99
C SER O 21 -12.29 -25.45 43.54
N THR O 22 -13.29 -25.77 42.73
CA THR O 22 -13.22 -25.71 41.27
C THR O 22 -14.47 -25.00 40.80
N LEU O 23 -14.56 -24.78 39.47
CA LEU O 23 -15.69 -24.05 38.90
C LEU O 23 -16.23 -24.72 37.63
N LEU O 24 -16.11 -26.04 37.52
CA LEU O 24 -16.59 -26.73 36.33
C LEU O 24 -18.10 -26.87 36.29
N ASN O 25 -18.78 -26.74 37.44
CA ASN O 25 -20.22 -26.90 37.51
C ASN O 25 -20.91 -25.67 38.08
N GLY O 26 -20.18 -24.56 38.26
CA GLY O 26 -20.77 -23.35 38.80
C GLY O 26 -21.73 -22.64 37.86
N ILE O 27 -21.67 -22.96 36.57
CA ILE O 27 -22.63 -22.40 35.62
C ILE O 27 -24.00 -23.02 35.83
N LEU O 28 -24.05 -24.34 36.03
CA LEU O 28 -25.32 -25.06 36.04
C LEU O 28 -26.07 -24.91 37.36
N ILE O 29 -25.36 -24.76 38.48
CA ILE O 29 -26.00 -24.73 39.79
C ILE O 29 -26.85 -23.46 39.95
N ALA O 30 -26.30 -22.33 39.53
CA ALA O 30 -27.03 -21.06 39.60
C ALA O 30 -28.23 -21.06 38.67
N THR O 31 -28.14 -21.73 37.52
CA THR O 31 -29.28 -21.84 36.63
C THR O 31 -30.36 -22.75 37.22
N THR O 32 -29.96 -23.82 37.92
CA THR O 32 -30.92 -24.66 38.63
C THR O 32 -31.66 -23.88 39.69
N VAL O 33 -30.95 -23.08 40.48
CA VAL O 33 -31.61 -22.35 41.56
C VAL O 33 -32.50 -21.24 40.98
N GLY O 34 -32.01 -20.52 39.96
CA GLY O 34 -32.78 -19.43 39.38
C GLY O 34 -33.97 -19.88 38.56
N GLY O 35 -33.94 -21.10 38.04
CA GLY O 35 -35.09 -21.62 37.34
C GLY O 35 -36.05 -22.34 38.26
N GLN O 36 -35.52 -22.99 39.29
CA GLN O 36 -36.40 -23.75 40.14
C GLN O 36 -36.95 -22.94 41.30
N SER O 37 -36.51 -21.69 41.47
CA SER O 37 -37.32 -20.74 42.23
C SER O 37 -38.64 -20.47 41.52
N LEU O 38 -38.60 -20.27 40.20
CA LEU O 38 -39.82 -20.11 39.43
C LEU O 38 -40.59 -21.41 39.29
N VAL O 39 -39.92 -22.56 39.41
CA VAL O 39 -40.65 -23.82 39.56
C VAL O 39 -41.41 -23.83 40.89
N ARG O 40 -40.73 -23.45 41.98
CA ARG O 40 -41.35 -23.40 43.29
C ARG O 40 -42.42 -22.32 43.43
N LYS O 41 -42.49 -21.39 42.47
CA LYS O 41 -43.68 -20.54 42.36
C LYS O 41 -44.94 -21.38 42.10
N LEU O 42 -44.81 -22.49 41.38
CA LEU O 42 -45.93 -23.40 41.07
C LEU O 42 -45.54 -24.82 41.48
N THR O 43 -45.76 -25.15 42.75
CA THR O 43 -45.43 -26.45 43.33
C THR O 43 -46.47 -26.77 44.40
N PHE O 44 -46.11 -27.66 45.32
CA PHE O 44 -46.96 -28.29 46.34
C PHE O 44 -48.30 -28.74 45.77
N SER O 45 -48.20 -29.72 44.86
CA SER O 45 -49.39 -30.45 44.43
C SER O 45 -50.06 -31.16 45.61
N CYS O 46 -49.24 -31.86 46.41
CA CYS O 46 -49.46 -32.16 47.82
C CYS O 46 -50.76 -32.91 48.09
N PRO O 47 -50.81 -34.22 47.81
CA PRO O 47 -52.08 -34.96 47.82
C PRO O 47 -52.71 -35.04 49.21
N CYS O 48 -53.98 -35.40 49.19
CA CYS O 48 -54.79 -35.53 50.39
C CYS O 48 -54.79 -36.93 50.99
N ALA O 49 -53.73 -37.71 50.83
CA ALA O 49 -53.77 -39.10 51.26
C ALA O 49 -52.79 -39.40 52.39
N TYR O 50 -53.03 -40.51 53.10
CA TYR O 50 -52.10 -40.92 54.15
C TYR O 50 -50.75 -41.39 53.58
N PRO O 51 -50.68 -42.44 52.70
CA PRO O 51 -49.32 -42.82 52.27
C PRO O 51 -48.80 -41.92 51.17
N LEU O 52 -49.69 -41.39 50.33
CA LEU O 52 -49.25 -40.66 49.15
C LEU O 52 -48.75 -39.27 49.47
N ASN O 53 -49.10 -38.70 50.62
CA ASN O 53 -48.53 -37.41 50.94
C ASN O 53 -47.07 -37.54 51.35
N ILE O 54 -46.77 -38.52 52.20
CA ILE O 54 -45.40 -38.82 52.57
C ILE O 54 -44.61 -39.27 51.35
N TYR O 55 -45.25 -40.00 50.43
CA TYR O 55 -44.54 -40.43 49.23
C TYR O 55 -44.25 -39.26 48.31
N HIS O 56 -45.25 -38.40 48.08
CA HIS O 56 -45.08 -37.23 47.21
C HIS O 56 -44.19 -36.17 47.84
N SER O 57 -43.97 -36.22 49.15
CA SER O 57 -43.01 -35.30 49.73
C SER O 57 -41.61 -35.89 49.78
N LEU O 58 -41.50 -37.13 50.25
CA LEU O 58 -40.20 -37.77 50.44
C LEU O 58 -39.53 -38.07 49.10
N VAL O 59 -40.29 -38.55 48.11
CA VAL O 59 -39.75 -38.77 46.78
C VAL O 59 -39.34 -37.45 46.16
N PHE O 60 -40.17 -36.42 46.26
CA PHE O 60 -39.84 -35.14 45.65
C PHE O 60 -38.67 -34.44 46.34
N MET O 61 -38.38 -34.76 47.60
CA MET O 61 -37.15 -34.24 48.21
C MET O 61 -35.95 -35.10 47.84
N PHE O 62 -35.95 -36.37 48.24
CA PHE O 62 -34.76 -37.20 48.13
C PHE O 62 -34.59 -37.85 46.76
N GLY O 63 -35.40 -37.46 45.77
CA GLY O 63 -35.25 -37.91 44.41
C GLY O 63 -34.35 -37.06 43.55
N PRO O 64 -34.66 -35.75 43.41
CA PRO O 64 -33.73 -34.85 42.70
C PRO O 64 -32.38 -34.72 43.34
N THR O 65 -32.25 -34.98 44.65
CA THR O 65 -30.93 -35.04 45.27
C THR O 65 -30.11 -36.19 44.70
N ALA O 66 -30.71 -37.38 44.62
CA ALA O 66 -30.01 -38.52 44.01
C ALA O 66 -29.78 -38.30 42.52
N ALA O 67 -30.71 -37.63 41.84
CA ALA O 67 -30.55 -37.37 40.41
C ALA O 67 -29.41 -36.40 40.15
N LEU O 68 -29.37 -35.28 40.88
CA LEU O 68 -28.28 -34.34 40.72
C LEU O 68 -26.96 -34.88 41.27
N LEU O 69 -27.01 -35.81 42.23
CA LEU O 69 -25.78 -36.48 42.67
C LEU O 69 -25.23 -37.37 41.56
N LEU O 70 -26.12 -38.09 40.88
CA LEU O 70 -25.70 -38.94 39.76
C LEU O 70 -25.19 -38.11 38.60
N ILE O 71 -25.84 -36.97 38.32
CA ILE O 71 -25.36 -36.06 37.29
C ILE O 71 -24.02 -35.46 37.67
N GLY O 72 -23.85 -35.10 38.94
CA GLY O 72 -22.58 -34.55 39.39
C GLY O 72 -21.45 -35.56 39.38
N ILE O 73 -21.78 -36.85 39.51
CA ILE O 73 -20.77 -37.87 39.24
C ILE O 73 -20.43 -37.91 37.76
N THR O 74 -21.45 -38.14 36.92
CA THR O 74 -21.22 -38.53 35.53
C THR O 74 -20.65 -37.38 34.69
N VAL O 75 -21.03 -36.15 34.99
CA VAL O 75 -20.48 -35.01 34.26
C VAL O 75 -19.03 -34.76 34.66
N ASN O 76 -18.69 -35.06 35.91
CA ASN O 76 -17.35 -34.77 36.44
C ASN O 76 -16.33 -35.69 35.77
N SER O 77 -15.28 -35.08 35.24
CA SER O 77 -14.34 -35.80 34.39
C SER O 77 -13.50 -36.78 35.20
N THR O 78 -13.15 -36.40 36.44
CA THR O 78 -12.10 -37.09 37.17
C THR O 78 -12.49 -38.51 37.54
N THR O 79 -13.78 -38.75 37.79
CA THR O 79 -14.20 -40.12 38.09
C THR O 79 -14.08 -41.02 36.87
N TRP O 80 -14.26 -40.47 35.66
CA TRP O 80 -14.01 -41.30 34.50
C TRP O 80 -12.54 -41.55 34.32
N LYS O 81 -11.70 -40.56 34.66
CA LYS O 81 -10.26 -40.82 34.66
C LYS O 81 -9.86 -41.81 35.76
N LEU O 82 -10.73 -42.02 36.74
CA LEU O 82 -10.53 -43.11 37.67
C LEU O 82 -11.03 -44.42 37.07
N ALA O 83 -12.19 -44.39 36.45
CA ALA O 83 -12.89 -45.63 36.12
C ALA O 83 -13.53 -45.58 34.75
N HIS O 84 -12.83 -45.09 33.73
CA HIS O 84 -13.22 -45.37 32.36
C HIS O 84 -12.48 -46.62 31.93
N GLY O 85 -13.18 -47.74 31.86
CA GLY O 85 -12.51 -48.97 31.50
C GLY O 85 -11.69 -49.52 32.64
N PHE O 86 -12.32 -49.71 33.79
CA PHE O 86 -11.60 -50.23 34.96
C PHE O 86 -11.29 -51.71 34.82
N PHE O 87 -12.09 -52.45 34.04
CA PHE O 87 -11.82 -53.87 33.85
C PHE O 87 -10.55 -54.09 33.05
N PHE O 88 -10.41 -53.40 31.93
CA PHE O 88 -9.34 -53.68 30.98
C PHE O 88 -8.19 -52.68 31.08
N ARG O 89 -7.89 -52.23 32.29
CA ARG O 89 -6.61 -51.59 32.54
C ARG O 89 -5.52 -52.63 32.47
N VAL O 90 -4.41 -52.30 31.80
CA VAL O 90 -3.22 -53.13 31.90
C VAL O 90 -2.71 -53.08 33.32
N ARG O 91 -2.41 -54.26 33.89
CA ARG O 91 -2.22 -54.40 35.32
C ARG O 91 -1.03 -53.60 35.82
N ASP O 92 -1.14 -53.13 37.07
CA ASP O 92 -0.25 -52.15 37.69
C ASP O 92 -0.12 -50.89 36.83
N THR O 93 -1.27 -50.36 36.41
CA THR O 93 -1.35 -48.99 35.92
C THR O 93 -2.52 -48.34 36.65
N ARG O 94 -3.50 -49.15 37.03
CA ARG O 94 -4.35 -48.77 38.15
C ARG O 94 -3.48 -48.73 39.40
N HIS O 95 -3.63 -47.67 40.18
CA HIS O 95 -2.51 -47.25 41.02
C HIS O 95 -2.55 -47.86 42.43
N SER O 96 -3.61 -47.60 43.19
CA SER O 96 -3.59 -47.95 44.60
C SER O 96 -5.02 -48.19 45.06
N TRP O 97 -5.17 -48.42 46.37
CA TRP O 97 -6.47 -48.41 47.03
C TRP O 97 -6.70 -47.15 47.84
N LYS O 98 -5.63 -46.55 48.38
CA LYS O 98 -5.79 -45.37 49.22
C LYS O 98 -6.01 -44.11 48.39
N THR O 99 -5.21 -43.94 47.33
CA THR O 99 -5.29 -42.72 46.53
C THR O 99 -6.58 -42.65 45.73
N THR O 100 -7.05 -43.81 45.24
CA THR O 100 -8.30 -43.85 44.50
C THR O 100 -9.50 -43.55 45.38
N CYS O 101 -9.41 -43.80 46.69
CA CYS O 101 -10.46 -43.38 47.60
C CYS O 101 -10.43 -41.89 47.87
N VAL O 102 -9.24 -41.29 47.84
CA VAL O 102 -9.14 -39.84 47.98
C VAL O 102 -9.75 -39.15 46.77
N SER O 103 -9.47 -39.68 45.57
CA SER O 103 -10.11 -39.14 44.38
C SER O 103 -11.61 -39.43 44.36
N TRP O 104 -12.02 -40.55 44.95
CA TRP O 104 -13.44 -40.89 45.01
C TRP O 104 -14.19 -39.94 45.93
N ILE O 105 -13.61 -39.61 47.08
CA ILE O 105 -14.23 -38.66 47.99
C ILE O 105 -14.20 -37.26 47.39
N GLU O 106 -13.17 -36.95 46.60
CA GLU O 106 -13.11 -35.67 45.88
C GLU O 106 -14.25 -35.54 44.89
N VAL O 107 -14.48 -36.58 44.08
CA VAL O 107 -15.55 -36.46 43.09
C VAL O 107 -16.92 -36.57 43.75
N LEU O 108 -17.00 -37.26 44.90
CA LEU O 108 -18.25 -37.29 45.66
C LEU O 108 -18.60 -35.92 46.23
N ILE O 109 -17.61 -35.18 46.73
CA ILE O 109 -17.91 -33.87 47.30
C ILE O 109 -18.20 -32.85 46.19
N GLN O 110 -17.40 -32.88 45.12
CA GLN O 110 -17.65 -31.98 43.98
C GLN O 110 -18.97 -32.30 43.30
N SER O 111 -19.41 -33.55 43.37
CA SER O 111 -20.76 -33.90 42.94
C SER O 111 -21.79 -33.35 43.91
N SER O 112 -21.63 -33.64 45.20
CA SER O 112 -22.62 -33.36 46.22
C SER O 112 -22.74 -31.90 46.58
N VAL O 113 -21.95 -31.01 45.96
CA VAL O 113 -22.21 -29.58 46.05
C VAL O 113 -23.64 -29.26 45.62
N ALA O 114 -24.01 -29.63 44.41
CA ALA O 114 -25.31 -29.26 43.84
C ALA O 114 -26.56 -29.89 44.50
N PRO O 115 -26.58 -31.16 44.94
CA PRO O 115 -27.78 -31.63 45.65
C PRO O 115 -27.97 -31.01 47.03
N ILE O 116 -26.89 -30.71 47.76
CA ILE O 116 -27.04 -30.01 49.03
C ILE O 116 -27.58 -28.59 48.80
N ALA O 117 -27.14 -27.95 47.71
CA ALA O 117 -27.67 -26.65 47.36
C ALA O 117 -29.15 -26.72 47.00
N TRP O 118 -29.55 -27.76 46.25
CA TRP O 118 -30.95 -27.91 45.88
C TRP O 118 -31.82 -28.23 47.09
N LEU O 119 -31.31 -29.09 47.98
CA LEU O 119 -32.01 -29.44 49.20
C LEU O 119 -32.19 -28.21 50.10
N PHE O 120 -31.17 -27.36 50.18
CA PHE O 120 -31.29 -26.10 50.90
C PHE O 120 -32.26 -25.15 50.23
N VAL O 121 -32.33 -25.15 48.90
CA VAL O 121 -33.29 -24.28 48.21
C VAL O 121 -34.72 -24.69 48.51
N VAL O 122 -35.01 -25.99 48.50
CA VAL O 122 -36.40 -26.39 48.68
C VAL O 122 -36.79 -26.37 50.15
N PHE O 123 -35.88 -26.78 51.05
CA PHE O 123 -36.13 -26.59 52.48
C PHE O 123 -36.22 -25.11 52.85
N LEU O 124 -35.51 -24.24 52.15
CA LEU O 124 -35.59 -22.81 52.39
C LEU O 124 -36.90 -22.25 51.89
N ASP O 125 -37.50 -22.88 50.89
CA ASP O 125 -38.88 -22.59 50.59
C ASP O 125 -39.76 -23.18 51.68
N GLY O 126 -40.91 -22.53 51.91
CA GLY O 126 -41.90 -23.21 52.68
C GLY O 126 -42.67 -24.07 51.72
N GLY O 127 -42.24 -25.32 51.59
CA GLY O 127 -42.69 -26.16 50.52
C GLY O 127 -43.00 -27.56 50.98
N TYR O 128 -42.31 -28.51 50.37
CA TYR O 128 -42.59 -29.93 50.55
C TYR O 128 -42.23 -30.45 51.93
N TYR O 129 -41.64 -29.63 52.80
CA TYR O 129 -41.56 -30.04 54.19
C TYR O 129 -42.85 -29.76 54.94
N ARG O 130 -43.61 -28.72 54.57
CA ARG O 130 -44.93 -28.58 55.18
C ARG O 130 -45.87 -29.64 54.65
N CYS O 131 -45.59 -30.14 53.45
CA CYS O 131 -46.33 -31.21 52.81
C CYS O 131 -45.94 -32.58 53.35
N TYR O 132 -45.10 -32.61 54.39
CA TYR O 132 -44.63 -33.82 55.03
C TYR O 132 -45.16 -33.97 56.45
N ARG O 133 -44.91 -32.99 57.30
CA ARG O 133 -45.48 -33.06 58.63
C ARG O 133 -46.82 -32.36 58.73
N SER O 134 -47.34 -31.79 57.63
CA SER O 134 -48.77 -31.52 57.56
C SER O 134 -49.54 -32.81 57.58
N HIS O 135 -49.05 -33.81 56.87
CA HIS O 135 -49.48 -35.18 57.06
C HIS O 135 -49.21 -35.62 58.49
N GLU O 136 -47.92 -35.71 58.85
CA GLU O 136 -47.49 -36.38 60.09
C GLU O 136 -48.03 -35.72 61.37
N PHE O 137 -48.61 -34.52 61.28
CA PHE O 137 -49.23 -33.90 62.46
C PHE O 137 -50.71 -34.26 62.56
N CYS O 138 -51.37 -34.44 61.43
CA CYS O 138 -52.83 -34.35 61.29
C CYS O 138 -53.61 -35.50 61.97
N LEU O 139 -52.93 -36.49 62.58
CA LEU O 139 -53.57 -37.63 63.27
C LEU O 139 -54.47 -38.42 62.32
N ILE O 140 -53.83 -39.13 61.40
CA ILE O 140 -54.44 -39.41 60.11
C ILE O 140 -54.95 -40.85 59.99
N SER O 141 -55.00 -41.60 61.09
CA SER O 141 -55.35 -43.03 60.99
C SER O 141 -56.83 -43.20 60.67
N ASP O 142 -57.65 -42.19 60.98
CA ASP O 142 -59.01 -42.22 60.46
C ASP O 142 -59.06 -41.95 58.97
N ALA O 143 -58.08 -41.25 58.39
CA ALA O 143 -58.04 -41.14 56.94
C ALA O 143 -57.52 -42.41 56.28
N ILE O 144 -56.78 -43.24 57.00
CA ILE O 144 -56.55 -44.61 56.55
C ILE O 144 -57.88 -45.34 56.42
N LEU O 145 -58.75 -45.18 57.42
CA LEU O 145 -60.08 -45.79 57.35
C LEU O 145 -60.94 -45.14 56.28
N CYS O 146 -60.78 -43.82 56.07
CA CYS O 146 -61.51 -43.11 55.04
C CYS O 146 -61.07 -43.53 53.64
N LYS O 147 -59.80 -43.92 53.46
CA LYS O 147 -59.33 -44.37 52.16
C LYS O 147 -59.23 -45.89 52.05
N ASN O 148 -59.71 -46.62 53.05
CA ASN O 148 -59.99 -48.03 52.82
C ASN O 148 -61.18 -48.21 51.89
N SER O 149 -62.12 -47.27 51.92
CA SER O 149 -63.26 -47.25 51.01
C SER O 149 -63.64 -45.80 50.78
N THR O 150 -63.55 -45.35 49.52
CA THR O 150 -63.70 -43.94 49.16
C THR O 150 -65.11 -43.39 49.37
N ILE O 151 -66.09 -44.25 49.65
CA ILE O 151 -67.39 -43.80 50.12
C ILE O 151 -67.24 -43.06 51.44
N LEU O 152 -66.33 -43.52 52.30
CA LEU O 152 -66.02 -42.81 53.53
C LEU O 152 -65.30 -41.49 53.26
N ASN O 153 -64.49 -41.42 52.20
CA ASN O 153 -63.92 -40.13 51.79
C ASN O 153 -65.00 -39.15 51.36
N SER O 154 -65.98 -39.64 50.58
CA SER O 154 -67.05 -38.77 50.10
C SER O 154 -67.95 -38.30 51.24
N TYR O 155 -68.33 -39.19 52.15
CA TYR O 155 -69.16 -38.78 53.28
C TYR O 155 -68.37 -38.15 54.42
N ALA O 156 -67.04 -38.16 54.36
CA ALA O 156 -66.24 -37.37 55.29
C ALA O 156 -66.00 -35.97 54.77
N SER O 157 -65.96 -35.79 53.44
CA SER O 157 -65.84 -34.46 52.88
C SER O 157 -67.18 -33.74 52.84
N THR O 158 -68.25 -34.44 52.47
CA THR O 158 -69.55 -33.82 52.21
C THR O 158 -70.47 -33.83 53.42
N SER O 159 -70.80 -35.02 53.94
CA SER O 159 -71.82 -35.13 54.97
C SER O 159 -71.31 -34.60 56.31
N SER O 160 -70.29 -35.24 56.86
CA SER O 160 -69.57 -34.63 57.96
C SER O 160 -68.63 -33.56 57.42
N PHE O 161 -68.27 -32.61 58.28
CA PHE O 161 -67.44 -31.51 57.84
C PHE O 161 -65.96 -31.88 57.92
N ASN O 162 -65.11 -30.89 57.67
CA ASN O 162 -63.66 -31.12 57.64
C ASN O 162 -62.95 -30.38 58.76
N LYS O 163 -63.18 -29.07 58.90
CA LYS O 163 -62.57 -28.31 59.98
C LYS O 163 -63.45 -28.24 61.22
N ILE O 164 -64.76 -28.47 61.09
CA ILE O 164 -65.61 -28.70 62.25
C ILE O 164 -65.32 -30.07 62.85
N SER O 165 -64.82 -31.01 62.04
CA SER O 165 -64.40 -32.33 62.50
C SER O 165 -62.94 -32.35 62.92
N ASP O 166 -62.41 -31.23 63.42
CA ASP O 166 -61.04 -31.19 63.92
C ASP O 166 -60.91 -31.69 65.35
N ASN O 167 -61.85 -32.49 65.86
CA ASN O 167 -61.76 -32.96 67.23
C ASN O 167 -60.85 -34.18 67.35
N GLY O 168 -61.18 -35.27 66.67
CA GLY O 168 -60.48 -36.53 66.88
C GLY O 168 -59.36 -36.82 65.89
N LYS O 169 -59.58 -37.80 65.02
CA LYS O 169 -58.58 -38.12 64.02
C LYS O 169 -59.15 -37.88 62.63
N TYR O 170 -58.32 -37.38 61.72
CA TYR O 170 -58.81 -36.51 60.66
C TYR O 170 -58.85 -37.23 59.32
N CYS O 171 -59.71 -36.72 58.44
CA CYS O 171 -59.91 -37.19 57.07
C CYS O 171 -59.76 -35.97 56.16
N PRO O 172 -59.59 -36.16 54.83
CA PRO O 172 -58.40 -35.58 54.12
C PRO O 172 -58.12 -34.11 54.35
N PRO O 173 -59.01 -33.14 54.00
CA PRO O 173 -58.50 -31.82 53.54
C PRO O 173 -57.68 -31.00 54.54
N CYS O 174 -57.57 -31.45 55.81
CA CYS O 174 -56.46 -31.07 56.67
C CYS O 174 -55.11 -31.35 56.01
N ILE O 175 -55.02 -32.45 55.26
CA ILE O 175 -53.76 -32.87 54.65
C ILE O 175 -53.35 -31.89 53.56
N CYS O 176 -54.24 -31.63 52.60
CA CYS O 176 -53.90 -30.73 51.50
C CYS O 176 -53.78 -29.28 51.93
N VAL O 177 -54.47 -28.89 53.00
CA VAL O 177 -54.29 -27.56 53.58
C VAL O 177 -54.49 -27.62 55.09
N PRO O 178 -53.46 -27.32 55.86
CA PRO O 178 -53.58 -27.37 57.32
C PRO O 178 -54.08 -26.04 57.88
N ASN O 179 -54.11 -25.99 59.21
CA ASN O 179 -54.35 -24.73 59.89
C ASN O 179 -53.19 -23.77 59.62
N PRO O 180 -53.45 -22.50 59.33
CA PRO O 180 -52.35 -21.58 58.99
C PRO O 180 -51.41 -21.29 60.14
N THR O 181 -51.86 -21.43 61.38
CA THR O 181 -50.95 -21.43 62.53
C THR O 181 -49.97 -22.58 62.44
N ASP O 182 -50.50 -23.79 62.26
CA ASP O 182 -49.67 -24.98 62.04
C ASP O 182 -48.82 -24.85 60.78
N ALA O 183 -49.39 -24.28 59.72
CA ALA O 183 -48.67 -24.15 58.46
C ALA O 183 -47.48 -23.22 58.60
N SER O 184 -47.66 -22.08 59.27
CA SER O 184 -46.56 -21.16 59.48
C SER O 184 -45.53 -21.69 60.47
N TYR O 185 -45.98 -22.36 61.53
CA TYR O 185 -45.09 -23.03 62.48
C TYR O 185 -44.19 -24.03 61.77
N LEU O 186 -44.77 -24.89 60.97
CA LEU O 186 -44.03 -25.95 60.33
C LEU O 186 -43.21 -25.41 59.16
N GLU O 187 -43.67 -24.31 58.57
CA GLU O 187 -42.92 -23.62 57.52
C GLU O 187 -41.61 -23.07 58.08
N ALA O 188 -41.67 -22.38 59.21
CA ALA O 188 -40.43 -21.89 59.77
C ALA O 188 -39.61 -22.99 60.45
N GLU O 189 -40.26 -24.09 60.84
CA GLU O 189 -39.50 -25.29 61.18
C GLU O 189 -38.68 -25.77 59.99
N SER O 190 -39.26 -25.71 58.79
CA SER O 190 -38.51 -26.05 57.58
C SER O 190 -37.39 -25.03 57.34
N GLN O 191 -37.64 -23.76 57.66
CA GLN O 191 -36.60 -22.75 57.47
C GLN O 191 -35.41 -22.97 58.40
N ILE O 192 -35.67 -23.37 59.65
CA ILE O 192 -34.55 -23.56 60.56
C ILE O 192 -33.83 -24.86 60.26
N TYR O 193 -34.54 -25.92 59.81
CA TYR O 193 -33.83 -27.10 59.32
C TYR O 193 -33.03 -26.79 58.06
N ALA O 194 -33.54 -25.90 57.20
CA ALA O 194 -32.81 -25.48 56.00
C ALA O 194 -31.50 -24.82 56.37
N TRP O 195 -31.54 -23.86 57.29
CA TRP O 195 -30.31 -23.16 57.60
C TRP O 195 -29.38 -24.02 58.44
N GLY O 196 -29.93 -24.96 59.23
CA GLY O 196 -29.08 -25.88 59.96
C GLY O 196 -28.34 -26.82 59.04
N LEU O 197 -29.01 -27.33 58.00
CA LEU O 197 -28.34 -28.15 57.01
C LEU O 197 -27.30 -27.34 56.24
N LEU O 198 -27.63 -26.10 55.88
CA LEU O 198 -26.69 -25.29 55.11
C LEU O 198 -25.46 -24.95 55.93
N LEU O 199 -25.64 -24.60 57.19
CA LEU O 199 -24.51 -24.23 58.04
C LEU O 199 -23.67 -25.46 58.39
N PHE O 200 -24.31 -26.61 58.59
CA PHE O 200 -23.56 -27.83 58.84
C PHE O 200 -22.76 -28.25 57.62
N SER O 201 -23.37 -28.17 56.44
CA SER O 201 -22.65 -28.49 55.20
C SER O 201 -21.53 -27.49 54.93
N GLY O 202 -21.76 -26.21 55.23
CA GLY O 202 -20.74 -25.21 54.99
C GLY O 202 -19.55 -25.38 55.90
N VAL O 203 -19.79 -25.62 57.20
CA VAL O 203 -18.71 -25.83 58.14
C VAL O 203 -17.95 -27.12 57.83
N ALA O 204 -18.68 -28.19 57.52
CA ALA O 204 -18.02 -29.46 57.21
C ALA O 204 -17.25 -29.39 55.89
N ALA O 205 -17.79 -28.68 54.90
CA ALA O 205 -17.10 -28.57 53.62
C ALA O 205 -15.88 -27.68 53.73
N PHE O 206 -15.98 -26.58 54.50
CA PHE O 206 -14.82 -25.75 54.79
C PHE O 206 -13.73 -26.55 55.49
N LEU O 207 -14.12 -27.35 56.49
CA LEU O 207 -13.13 -28.12 57.24
C LEU O 207 -12.48 -29.19 56.36
N VAL O 208 -13.26 -29.82 55.47
CA VAL O 208 -12.69 -30.86 54.63
C VAL O 208 -11.80 -30.26 53.53
N ILE O 209 -12.26 -29.22 52.84
CA ILE O 209 -11.41 -28.68 51.78
C ILE O 209 -10.32 -27.79 52.35
N THR O 210 -10.33 -27.49 53.64
CA THR O 210 -9.14 -26.94 54.26
C THR O 210 -8.15 -28.04 54.63
N CYS O 211 -8.65 -29.14 55.21
CA CYS O 211 -7.80 -30.26 55.58
C CYS O 211 -7.28 -31.04 54.37
N ASN O 212 -7.76 -30.74 53.15
CA ASN O 212 -7.10 -31.19 51.94
C ASN O 212 -6.53 -30.03 51.14
N ARG O 213 -6.37 -28.86 51.77
CA ARG O 213 -5.46 -27.83 51.31
C ARG O 213 -4.42 -27.49 52.36
N MET O 214 -4.52 -28.04 53.56
CA MET O 214 -3.52 -27.87 54.59
C MET O 214 -2.68 -29.13 54.81
N CYS O 215 -3.20 -30.29 54.45
CA CYS O 215 -2.43 -31.52 54.38
C CYS O 215 -1.86 -31.75 52.98
N ASP O 216 -1.97 -30.76 52.11
CA ASP O 216 -1.40 -30.85 50.77
C ASP O 216 0.12 -30.81 50.85
N LYS O 217 0.78 -31.70 50.10
CA LYS O 217 2.23 -31.75 50.08
C LYS O 217 2.81 -30.48 49.46
N TYR O 218 2.35 -30.13 48.27
CA TYR O 218 2.83 -28.94 47.61
C TYR O 218 2.29 -27.71 48.32
N THR O 219 2.87 -26.56 47.99
CA THR O 219 2.48 -25.31 48.64
C THR O 219 1.99 -24.37 47.55
N LEU O 220 1.48 -23.20 47.97
CA LEU O 220 0.43 -22.50 47.22
C LEU O 220 0.90 -22.04 45.84
N VAL O 221 2.15 -21.60 45.73
CA VAL O 221 2.65 -21.25 44.40
C VAL O 221 2.94 -22.52 43.60
N GLN O 222 3.47 -23.54 44.26
CA GLN O 222 3.70 -24.81 43.57
C GLN O 222 2.39 -25.49 43.21
N ARG O 223 1.37 -25.33 44.05
CA ARG O 223 0.07 -25.91 43.72
C ARG O 223 -0.62 -25.13 42.61
N GLN O 224 -0.50 -23.81 42.59
CA GLN O 224 -1.03 -23.05 41.48
C GLN O 224 -0.29 -23.35 40.18
N TYR O 225 1.00 -23.65 40.24
CA TYR O 225 1.69 -23.99 39.02
C TYR O 225 1.36 -25.41 38.55
N VAL O 226 1.18 -26.35 39.47
CA VAL O 226 0.74 -27.69 39.07
C VAL O 226 -0.66 -27.63 38.46
N GLU O 227 -1.53 -26.78 39.01
CA GLU O 227 -2.87 -26.65 38.44
C GLU O 227 -2.84 -25.92 37.11
N THR O 228 -1.96 -24.94 36.94
CA THR O 228 -1.85 -24.28 35.64
C THR O 228 -1.27 -25.22 34.60
N TYR O 229 -0.29 -26.03 34.99
CA TYR O 229 0.31 -26.97 34.06
C TYR O 229 -0.65 -28.08 33.70
N LYS O 230 -1.45 -28.54 34.67
CA LYS O 230 -2.48 -29.54 34.39
C LYS O 230 -3.54 -28.98 33.46
N ASN O 231 -4.03 -27.77 33.74
CA ASN O 231 -5.05 -27.12 32.95
C ASN O 231 -4.54 -26.65 31.60
N VAL O 232 -3.23 -26.67 31.36
CA VAL O 232 -2.76 -26.31 30.04
C VAL O 232 -2.35 -27.56 29.27
N GLU O 233 -1.89 -28.62 29.97
CA GLU O 233 -1.55 -29.79 29.18
C GLU O 233 -2.78 -30.61 28.81
N THR O 234 -3.84 -30.61 29.62
CA THR O 234 -5.04 -31.32 29.19
C THR O 234 -5.90 -30.49 28.24
N GLN O 235 -5.38 -29.40 27.72
CA GLN O 235 -5.92 -28.70 26.58
C GLN O 235 -4.96 -28.73 25.40
N LYS O 236 -3.66 -28.62 25.66
CA LYS O 236 -2.69 -28.61 24.59
C LYS O 236 -2.48 -30.01 24.02
N PHE O 237 -2.56 -31.02 24.88
CA PHE O 237 -2.57 -32.40 24.44
C PHE O 237 -3.79 -32.70 23.59
N ASP O 238 -4.95 -32.15 23.94
CA ASP O 238 -6.12 -32.37 23.10
C ASP O 238 -6.03 -31.62 21.79
N ALA O 239 -5.43 -30.44 21.78
CA ALA O 239 -5.24 -29.72 20.52
C ALA O 239 -4.27 -30.45 19.59
N VAL O 240 -3.21 -31.02 20.17
CA VAL O 240 -2.26 -31.78 19.35
C VAL O 240 -2.87 -33.11 18.92
N ALA O 241 -3.70 -33.73 19.76
CA ALA O 241 -4.41 -34.94 19.35
C ALA O 241 -5.40 -34.65 18.23
N LYS O 242 -6.05 -33.49 18.29
CA LYS O 242 -6.99 -33.11 17.24
C LYS O 242 -6.27 -32.84 15.93
N GLU O 243 -5.15 -32.11 15.96
CA GLU O 243 -4.49 -31.82 14.69
C GLU O 243 -3.75 -33.03 14.16
N HIS O 244 -3.34 -33.95 15.04
CA HIS O 244 -2.75 -35.21 14.59
C HIS O 244 -3.79 -36.10 13.94
N ALA O 245 -4.97 -36.23 14.56
CA ALA O 245 -6.03 -36.99 13.93
C ALA O 245 -6.54 -36.29 12.68
N SER O 246 -6.45 -34.97 12.62
CA SER O 246 -6.89 -34.26 11.43
C SER O 246 -5.93 -34.46 10.27
N GLN O 247 -4.62 -34.48 10.53
CA GLN O 247 -3.69 -34.79 9.45
C GLN O 247 -3.79 -36.24 9.02
N LEU O 248 -3.96 -37.16 9.97
CA LEU O 248 -4.07 -38.56 9.60
C LEU O 248 -5.46 -38.92 9.10
N ALA O 249 -6.43 -38.02 9.18
CA ALA O 249 -7.70 -38.18 8.49
C ALA O 249 -7.71 -37.52 7.12
N GLU O 250 -7.05 -36.37 6.97
CA GLU O 250 -6.74 -35.79 5.66
C GLU O 250 -6.06 -36.79 4.75
N HIS O 251 -4.95 -37.35 5.21
CA HIS O 251 -4.20 -38.27 4.37
C HIS O 251 -4.95 -39.57 4.14
N ASN O 252 -5.75 -40.00 5.10
CA ASN O 252 -6.48 -41.24 4.86
C ASN O 252 -7.79 -41.02 4.09
N ALA O 253 -8.26 -39.78 3.97
CA ALA O 253 -9.36 -39.52 3.06
C ALA O 253 -8.86 -39.35 1.64
N ARG O 254 -7.71 -38.68 1.47
CA ARG O 254 -7.05 -38.64 0.17
C ARG O 254 -6.60 -40.03 -0.27
N ALA O 255 -6.33 -40.90 0.69
CA ALA O 255 -5.90 -42.26 0.39
C ALA O 255 -7.01 -43.10 -0.21
N PHE O 256 -8.27 -42.70 -0.02
CA PHE O 256 -9.33 -43.52 -0.58
C PHE O 256 -9.83 -43.00 -1.91
N PHE O 257 -9.83 -41.68 -2.10
CA PHE O 257 -10.23 -41.15 -3.39
C PHE O 257 -9.03 -40.90 -4.29
N GLY O 258 -8.04 -41.76 -4.17
CA GLY O 258 -7.00 -41.90 -5.15
C GLY O 258 -6.82 -43.37 -5.50
N GLN O 259 -7.89 -44.15 -5.62
CA GLN O 259 -7.70 -45.52 -6.06
C GLN O 259 -8.33 -45.81 -7.41
N LYS O 260 -9.64 -45.57 -7.55
CA LYS O 260 -10.47 -45.98 -8.70
C LYS O 260 -10.33 -47.47 -9.04
N ASN O 278 2.16 -46.65 19.74
CA ASN O 278 1.22 -46.43 20.82
C ASN O 278 0.54 -47.73 21.22
N PRO O 279 1.14 -48.48 22.13
CA PRO O 279 0.47 -49.67 22.68
C PRO O 279 -0.40 -49.29 23.87
N LEU O 280 -1.02 -50.26 24.55
CA LEU O 280 -1.85 -49.95 25.71
C LEU O 280 -1.04 -49.39 26.88
N PHE O 281 0.26 -49.70 26.96
CA PHE O 281 1.07 -49.12 28.01
C PHE O 281 1.18 -47.61 27.87
N ALA O 282 1.35 -47.10 26.65
CA ALA O 282 1.41 -45.66 26.49
C ALA O 282 0.04 -45.02 26.68
N ARG O 283 -1.02 -45.68 26.22
CA ARG O 283 -2.36 -45.11 26.37
C ARG O 283 -2.91 -45.31 27.77
N LEU O 284 -2.15 -45.96 28.65
CA LEU O 284 -2.54 -46.11 30.04
C LEU O 284 -1.66 -45.35 31.01
N ARG O 285 -0.37 -45.19 30.73
CA ARG O 285 0.39 -44.18 31.46
C ARG O 285 0.06 -42.76 30.98
N LEU O 286 -0.73 -42.62 29.93
CA LEU O 286 -1.19 -41.31 29.50
C LEU O 286 -2.46 -40.86 30.22
N ILE O 287 -2.73 -41.41 31.41
CA ILE O 287 -4.00 -41.15 32.08
C ILE O 287 -3.77 -40.84 33.55
N ALA O 288 -4.46 -39.80 34.03
CA ALA O 288 -4.32 -39.18 35.34
C ALA O 288 -4.91 -40.03 36.46
N ALA O 289 -5.26 -39.37 37.58
CA ALA O 289 -5.44 -39.97 38.90
C ALA O 289 -4.12 -40.64 39.32
N GLU O 290 -3.13 -39.78 39.51
CA GLU O 290 -1.73 -40.12 39.65
C GLU O 290 -1.24 -39.89 41.07
N LYS O 291 -0.04 -40.38 41.33
CA LYS O 291 0.68 -39.98 42.53
C LYS O 291 1.38 -38.65 42.29
N THR O 292 1.46 -37.84 43.34
CA THR O 292 2.09 -36.53 43.26
C THR O 292 3.36 -36.51 44.12
N GLN O 293 4.13 -37.60 44.06
CA GLN O 293 5.25 -37.83 44.96
C GLN O 293 6.61 -37.45 44.35
N GLN O 294 6.69 -37.24 43.05
CA GLN O 294 7.94 -36.98 42.37
C GLN O 294 7.94 -35.52 41.89
N THR O 295 9.11 -35.04 41.45
CA THR O 295 9.22 -33.70 40.89
C THR O 295 8.38 -33.56 39.62
N MET O 296 8.18 -34.65 38.88
CA MET O 296 7.24 -34.64 37.78
C MET O 296 5.91 -35.21 38.22
N TYR O 297 4.86 -34.87 37.47
CA TYR O 297 3.48 -35.10 37.86
C TYR O 297 2.60 -35.07 36.63
N THR O 298 1.31 -35.46 36.82
CA THR O 298 0.26 -35.50 35.81
C THR O 298 0.71 -36.43 34.69
N PRO O 299 0.58 -37.74 34.86
CA PRO O 299 1.64 -38.69 34.46
C PRO O 299 1.97 -38.78 32.98
N LEU O 300 1.45 -37.89 32.14
CA LEU O 300 2.05 -37.69 30.83
C LEU O 300 3.54 -37.36 30.98
N GLN O 301 3.86 -36.45 31.90
CA GLN O 301 5.25 -36.17 32.25
C GLN O 301 5.98 -37.39 32.78
N LEU O 302 5.33 -38.18 33.62
CA LEU O 302 6.03 -39.27 34.28
C LEU O 302 6.28 -40.41 33.29
N TRP O 303 5.32 -40.66 32.40
CA TRP O 303 5.52 -41.55 31.26
C TRP O 303 6.67 -41.06 30.38
N ASN O 304 6.69 -39.76 30.09
CA ASN O 304 7.70 -39.20 29.20
C ASN O 304 9.09 -39.30 29.81
N ASP O 305 9.19 -39.13 31.12
CA ASP O 305 10.46 -39.32 31.80
C ASP O 305 10.83 -40.80 31.81
N ASN O 306 9.84 -41.69 31.92
CA ASN O 306 10.13 -43.12 32.01
C ASN O 306 10.58 -43.66 30.65
N LYS O 307 9.73 -43.59 29.65
CA LYS O 307 10.01 -44.11 28.32
C LYS O 307 10.60 -42.98 27.47
N GLY O 308 10.61 -43.14 26.15
CA GLY O 308 11.31 -42.26 25.22
C GLY O 308 10.90 -40.79 25.28
N TYR O 309 11.65 -39.97 24.53
CA TYR O 309 11.63 -38.50 24.60
C TYR O 309 11.92 -38.06 26.04
N ARG O 310 13.19 -38.23 26.43
CA ARG O 310 13.58 -38.10 27.84
C ARG O 310 13.32 -36.70 28.42
N ILE O 311 13.77 -35.63 27.75
CA ILE O 311 13.36 -34.28 28.18
C ILE O 311 12.87 -33.45 27.00
N PRO O 312 11.93 -32.52 27.22
CA PRO O 312 11.59 -31.40 26.33
C PRO O 312 12.49 -30.17 26.52
N MET P 1 -38.41 0.35 51.40
CA MET P 1 -37.04 0.56 51.85
C MET P 1 -36.04 -0.08 50.89
N THR P 2 -36.55 -0.67 49.81
CA THR P 2 -35.70 -1.42 48.89
C THR P 2 -34.92 -0.50 47.96
N THR P 3 -35.61 0.42 47.28
CA THR P 3 -34.95 1.32 46.34
C THR P 3 -34.06 2.33 47.06
N SER P 4 -34.39 2.65 48.31
CA SER P 4 -33.54 3.50 49.15
C SER P 4 -32.18 2.87 49.38
N ILE P 5 -32.18 1.62 49.86
CA ILE P 5 -30.93 0.93 50.11
C ILE P 5 -30.24 0.53 48.80
N ASN P 6 -30.98 0.43 47.69
CA ASN P 6 -30.34 0.25 46.39
C ASN P 6 -29.60 1.52 45.94
N SER P 7 -30.15 2.69 46.26
CA SER P 7 -29.43 3.94 46.03
C SER P 7 -28.19 4.02 46.92
N VAL P 8 -28.30 3.51 48.15
CA VAL P 8 -27.14 3.41 49.03
C VAL P 8 -26.09 2.44 48.45
N VAL P 9 -26.56 1.39 47.76
CA VAL P 9 -25.67 0.46 47.07
C VAL P 9 -24.91 1.16 45.96
N THR P 10 -25.60 2.01 45.19
CA THR P 10 -24.91 2.77 44.13
C THR P 10 -23.89 3.74 44.71
N VAL P 11 -24.24 4.38 45.85
CA VAL P 11 -23.31 5.27 46.55
C VAL P 11 -22.06 4.52 47.01
N PHE P 12 -22.24 3.37 47.62
CA PHE P 12 -21.06 2.66 48.11
C PHE P 12 -20.39 1.82 47.03
N GLN P 13 -21.01 1.63 45.87
CA GLN P 13 -20.26 1.23 44.68
C GLN P 13 -19.30 2.32 44.26
N ASN P 14 -19.74 3.58 44.30
CA ASN P 14 -18.82 4.68 44.06
C ASN P 14 -17.73 4.76 45.13
N VAL P 15 -18.07 4.41 46.38
CA VAL P 15 -17.07 4.41 47.45
C VAL P 15 -16.04 3.31 47.25
N PHE P 16 -16.49 2.07 47.01
CA PHE P 16 -15.57 0.95 46.75
C PHE P 16 -14.96 0.97 45.35
N THR P 17 -15.30 1.95 44.51
CA THR P 17 -14.44 2.26 43.38
C THR P 17 -13.53 3.46 43.63
N ASN P 18 -13.74 4.20 44.72
CA ASN P 18 -12.79 5.26 45.06
C ASN P 18 -11.56 4.72 45.79
N HIS P 19 -11.75 4.23 47.02
CA HIS P 19 -10.63 3.86 47.89
C HIS P 19 -11.11 2.84 48.93
N GLY P 20 -10.28 2.65 49.96
CA GLY P 20 -10.54 1.75 51.06
C GLY P 20 -9.23 1.18 51.57
N SER P 21 -9.30 -0.05 52.10
CA SER P 21 -8.09 -0.76 52.48
C SER P 21 -7.58 -1.62 51.33
N THR P 22 -8.39 -2.58 50.90
CA THR P 22 -8.23 -3.26 49.62
C THR P 22 -9.60 -3.28 48.95
N LEU P 23 -9.65 -3.81 47.72
CA LEU P 23 -10.89 -3.83 46.96
C LEU P 23 -11.13 -5.18 46.28
N LEU P 24 -10.62 -6.28 46.84
CA LEU P 24 -10.80 -7.58 46.22
C LEU P 24 -12.21 -8.13 46.39
N ASN P 25 -12.97 -7.63 47.37
CA ASN P 25 -14.32 -8.13 47.63
C ASN P 25 -15.37 -7.03 47.55
N GLY P 26 -15.00 -5.84 47.07
CA GLY P 26 -15.95 -4.75 46.97
C GLY P 26 -16.99 -4.92 45.88
N ILE P 27 -16.75 -5.83 44.93
CA ILE P 27 -17.76 -6.14 43.93
C ILE P 27 -18.91 -6.93 44.55
N LEU P 28 -18.59 -7.90 45.40
CA LEU P 28 -19.60 -8.85 45.89
C LEU P 28 -20.46 -8.25 47.01
N ILE P 29 -19.90 -7.36 47.82
CA ILE P 29 -20.62 -6.82 48.98
C ILE P 29 -21.80 -5.96 48.54
N ALA P 30 -21.57 -5.10 47.56
CA ALA P 30 -22.64 -4.25 47.04
C ALA P 30 -23.72 -5.07 46.35
N THR P 31 -23.35 -6.18 45.69
CA THR P 31 -24.36 -7.05 45.09
C THR P 31 -25.16 -7.78 46.16
N THR P 32 -24.52 -8.16 47.27
CA THR P 32 -25.26 -8.76 48.39
C THR P 32 -26.27 -7.79 48.97
N VAL P 33 -25.87 -6.52 49.17
CA VAL P 33 -26.80 -5.56 49.77
C VAL P 33 -27.92 -5.22 48.79
N GLY P 34 -27.57 -5.03 47.50
CA GLY P 34 -28.58 -4.66 46.52
C GLY P 34 -29.53 -5.78 46.15
N GLY P 35 -29.12 -7.03 46.34
CA GLY P 35 -30.01 -8.13 46.10
C GLY P 35 -30.79 -8.52 47.35
N GLN P 36 -30.18 -8.36 48.51
CA GLN P 36 -30.86 -8.78 49.71
C GLN P 36 -31.70 -7.68 50.33
N SER P 37 -31.64 -6.46 49.79
CA SER P 37 -32.75 -5.52 50.03
C SER P 37 -34.04 -6.05 49.41
N LEU P 38 -33.96 -6.56 48.18
CA LEU P 38 -35.11 -7.17 47.53
C LEU P 38 -35.47 -8.51 48.15
N VAL P 39 -34.51 -9.20 48.78
CA VAL P 39 -34.86 -10.34 49.63
C VAL P 39 -35.67 -9.87 50.84
N ARG P 40 -35.21 -8.81 51.50
CA ARG P 40 -35.91 -8.27 52.66
C ARG P 40 -37.25 -7.63 52.31
N LYS P 41 -37.53 -7.39 51.03
CA LYS P 41 -38.89 -7.10 50.60
C LYS P 41 -39.83 -8.26 50.92
N LEU P 42 -39.34 -9.51 50.87
CA LEU P 42 -40.13 -10.70 51.17
C LEU P 42 -39.38 -11.53 52.21
N THR P 43 -39.59 -11.20 53.49
CA THR P 43 -38.95 -11.86 54.62
C THR P 43 -39.93 -11.86 55.78
N PHE P 44 -39.39 -12.01 57.00
CA PHE P 44 -40.10 -12.22 58.27
C PHE P 44 -41.21 -13.28 58.13
N SER P 45 -40.78 -14.51 57.86
CA SER P 45 -41.66 -15.66 57.96
C SER P 45 -42.18 -15.80 59.39
N CYS P 46 -41.26 -15.74 60.36
CA CYS P 46 -41.48 -15.30 61.74
C CYS P 46 -42.52 -16.15 62.47
N PRO P 47 -42.19 -17.36 62.91
CA PRO P 47 -43.19 -18.30 63.41
C PRO P 47 -43.86 -17.84 64.69
N CYS P 48 -44.97 -18.49 64.99
CA CYS P 48 -45.80 -18.20 66.14
C CYS P 48 -45.44 -19.03 67.37
N ALA P 49 -44.19 -19.45 67.55
CA ALA P 49 -43.87 -20.36 68.63
C ALA P 49 -42.91 -19.74 69.65
N TYR P 50 -42.89 -20.33 70.85
CA TYR P 50 -41.96 -19.87 71.87
C TYR P 50 -40.49 -20.16 71.51
N PRO P 51 -40.06 -21.45 71.29
CA PRO P 51 -38.62 -21.59 71.00
C PRO P 51 -38.30 -21.27 69.54
N LEU P 52 -39.24 -21.54 68.64
CA LEU P 52 -38.95 -21.44 67.22
C LEU P 52 -38.90 -20.01 66.74
N ASN P 53 -39.47 -19.06 67.47
CA ASN P 53 -39.31 -17.68 67.01
C ASN P 53 -37.92 -17.17 67.30
N ILE P 54 -37.41 -17.43 68.51
CA ILE P 54 -36.03 -17.09 68.85
C ILE P 54 -35.07 -17.87 67.97
N TYR P 55 -35.40 -19.11 67.62
CA TYR P 55 -34.52 -19.88 66.75
C TYR P 55 -34.52 -19.32 65.34
N HIS P 56 -35.70 -19.03 64.78
CA HIS P 56 -35.80 -18.49 63.44
C HIS P 56 -35.31 -17.06 63.35
N SER P 57 -35.17 -16.36 64.46
CA SER P 57 -34.57 -15.04 64.41
C SER P 57 -33.06 -15.10 64.62
N LEU P 58 -32.63 -15.83 65.65
CA LEU P 58 -31.23 -15.89 66.04
C LEU P 58 -30.40 -16.63 64.99
N VAL P 59 -30.92 -17.74 64.46
CA VAL P 59 -30.23 -18.45 63.38
C VAL P 59 -30.17 -17.59 62.14
N PHE P 60 -31.27 -16.94 61.77
CA PHE P 60 -31.29 -16.12 60.56
C PHE P 60 -30.42 -14.88 60.68
N MET P 61 -30.14 -14.41 61.89
CA MET P 61 -29.17 -13.33 62.04
C MET P 61 -27.74 -13.87 62.06
N PHE P 62 -27.41 -14.69 63.05
CA PHE P 62 -26.02 -15.08 63.28
C PHE P 62 -25.58 -16.27 62.43
N GLY P 63 -26.38 -16.68 61.46
CA GLY P 63 -26.01 -17.71 60.52
C GLY P 63 -25.34 -17.20 59.27
N PRO P 64 -25.99 -16.32 58.51
CA PRO P 64 -25.31 -15.70 57.35
C PRO P 64 -24.10 -14.87 57.71
N THR P 65 -24.00 -14.37 58.95
CA THR P 65 -22.77 -13.73 59.40
C THR P 65 -21.62 -14.72 59.43
N ALA P 66 -21.84 -15.90 60.01
CA ALA P 66 -20.81 -16.93 60.02
C ALA P 66 -20.54 -17.46 58.62
N ALA P 67 -21.57 -17.53 57.77
CA ALA P 67 -21.39 -18.01 56.41
C ALA P 67 -20.56 -17.04 55.58
N LEU P 68 -20.89 -15.75 55.63
CA LEU P 68 -20.10 -14.76 54.92
C LEU P 68 -18.74 -14.54 55.55
N LEU P 69 -18.58 -14.82 56.85
CA LEU P 69 -17.26 -14.79 57.45
C LEU P 69 -16.40 -15.92 56.91
N LEU P 70 -16.99 -17.11 56.78
CA LEU P 70 -16.27 -18.26 56.23
C LEU P 70 -15.93 -18.04 54.75
N ILE P 71 -16.85 -17.44 54.00
CA ILE P 71 -16.58 -17.10 52.60
C ILE P 71 -15.49 -16.05 52.51
N GLY P 72 -15.52 -15.04 53.39
CA GLY P 72 -14.51 -14.02 53.38
C GLY P 72 -13.14 -14.53 53.79
N ILE P 73 -13.09 -15.59 54.58
CA ILE P 73 -11.82 -16.26 54.79
C ILE P 73 -11.38 -16.96 53.53
N THR P 74 -12.21 -17.87 53.01
CA THR P 74 -11.79 -18.84 52.01
C THR P 74 -11.51 -18.19 50.65
N VAL P 75 -12.25 -17.14 50.31
CA VAL P 75 -12.01 -16.44 49.05
C VAL P 75 -10.71 -15.63 49.13
N ASN P 76 -10.40 -15.12 50.32
CA ASN P 76 -9.24 -14.24 50.51
C ASN P 76 -7.95 -15.03 50.32
N SER P 77 -7.07 -14.52 49.46
CA SER P 77 -5.91 -15.28 49.02
C SER P 77 -4.88 -15.42 50.14
N THR P 78 -4.76 -14.38 50.97
CA THR P 78 -3.60 -14.26 51.86
C THR P 78 -3.59 -15.33 52.93
N THR P 79 -4.78 -15.77 53.39
CA THR P 79 -4.81 -16.83 54.39
C THR P 79 -4.35 -18.15 53.79
N TRP P 80 -4.59 -18.38 52.50
CA TRP P 80 -4.04 -19.59 51.91
C TRP P 80 -2.54 -19.46 51.76
N LYS P 81 -2.04 -18.25 51.45
CA LYS P 81 -0.60 -18.06 51.47
C LYS P 81 -0.02 -18.18 52.87
N LEU P 82 -0.86 -18.08 53.89
CA LEU P 82 -0.42 -18.43 55.23
C LEU P 82 -0.47 -19.93 55.44
N ALA P 83 -1.55 -20.57 55.00
CA ALA P 83 -1.84 -21.93 55.41
C ALA P 83 -2.38 -22.78 54.27
N HIS P 84 -1.76 -22.71 53.09
CA HIS P 84 -1.95 -23.76 52.10
C HIS P 84 -0.86 -24.79 52.31
N GLY P 85 -1.20 -25.92 52.88
CA GLY P 85 -0.19 -26.92 53.16
C GLY P 85 0.67 -26.54 54.33
N PHE P 86 0.04 -26.29 55.48
CA PHE P 86 0.79 -25.90 56.66
C PHE P 86 1.52 -27.08 57.29
N PHE P 87 1.02 -28.30 57.07
CA PHE P 87 1.70 -29.47 57.61
C PHE P 87 3.04 -29.71 56.93
N PHE P 88 3.06 -29.69 55.60
CA PHE P 88 4.23 -30.10 54.84
C PHE P 88 5.03 -28.92 54.32
N ARG P 89 5.11 -27.84 55.10
CA ARG P 89 6.12 -26.84 54.86
C ARG P 89 7.48 -27.41 55.24
N VAL P 90 8.48 -27.17 54.40
CA VAL P 90 9.86 -27.47 54.79
C VAL P 90 10.21 -26.54 55.94
N ARG P 91 10.80 -27.11 57.00
CA ARG P 91 10.92 -26.44 58.28
C ARG P 91 11.80 -25.20 58.19
N ASP P 92 11.45 -24.21 59.02
CA ASP P 92 12.00 -22.84 58.97
C ASP P 92 11.81 -22.23 57.59
N THR P 93 10.60 -22.35 57.06
CA THR P 93 10.16 -21.51 55.95
C THR P 93 8.81 -20.94 56.34
N ARG P 94 8.08 -21.67 57.16
CA ARG P 94 7.07 -21.02 58.00
C ARG P 94 7.81 -20.10 58.96
N HIS P 95 7.30 -18.88 59.10
CA HIS P 95 8.19 -17.79 59.51
C HIS P 95 8.22 -17.57 61.02
N SER P 96 7.08 -17.26 61.63
CA SER P 96 7.09 -16.81 63.02
C SER P 96 5.76 -17.17 63.67
N TRP P 97 5.58 -16.73 64.91
CA TRP P 97 4.30 -16.75 65.58
C TRP P 97 3.66 -15.37 65.64
N LYS P 98 4.47 -14.31 65.71
CA LYS P 98 3.92 -12.97 65.84
C LYS P 98 3.41 -12.44 64.49
N THR P 99 4.19 -12.62 63.43
CA THR P 99 3.82 -12.06 62.13
C THR P 99 2.63 -12.79 61.52
N THR P 100 2.55 -14.11 61.73
CA THR P 100 1.42 -14.88 61.24
C THR P 100 0.13 -14.52 61.95
N CYS P 101 0.19 -14.02 63.19
CA CYS P 101 -1.00 -13.52 63.84
C CYS P 101 -1.42 -12.16 63.30
N VAL P 102 -0.46 -11.35 62.87
CA VAL P 102 -0.78 -10.07 62.23
C VAL P 102 -1.47 -10.32 60.90
N SER P 103 -0.96 -11.27 60.12
CA SER P 103 -1.64 -11.64 58.88
C SER P 103 -2.99 -12.30 59.15
N TRP P 104 -3.10 -13.02 60.26
CA TRP P 104 -4.37 -13.67 60.62
C TRP P 104 -5.42 -12.63 60.97
N ILE P 105 -5.04 -11.62 61.75
CA ILE P 105 -5.98 -10.55 62.08
C ILE P 105 -6.30 -9.71 60.85
N GLU P 106 -5.35 -9.59 59.92
CA GLU P 106 -5.60 -8.90 58.66
C GLU P 106 -6.68 -9.63 57.84
N VAL P 107 -6.54 -10.95 57.71
CA VAL P 107 -7.51 -11.66 56.89
C VAL P 107 -8.83 -11.80 57.64
N LEU P 108 -8.81 -11.79 58.98
CA LEU P 108 -10.05 -11.78 59.75
C LEU P 108 -10.82 -10.47 59.57
N ILE P 109 -10.12 -9.34 59.53
CA ILE P 109 -10.81 -8.06 59.36
C ILE P 109 -11.30 -7.89 57.93
N GLN P 110 -10.45 -8.24 56.95
CA GLN P 110 -10.86 -8.18 55.54
C GLN P 110 -11.99 -9.16 55.25
N SER P 111 -12.05 -10.27 55.98
CA SER P 111 -13.21 -11.14 55.92
C SER P 111 -14.42 -10.49 56.55
N SER P 112 -14.28 -10.01 57.78
CA SER P 112 -15.38 -9.54 58.61
C SER P 112 -15.94 -8.20 58.17
N VAL P 113 -15.40 -7.59 57.11
CA VAL P 113 -16.07 -6.45 56.48
C VAL P 113 -17.49 -6.81 56.08
N ALA P 114 -17.66 -7.85 55.26
CA ALA P 114 -18.96 -8.21 54.71
C ALA P 114 -20.02 -8.72 55.70
N PRO P 115 -19.70 -9.53 56.73
CA PRO P 115 -20.77 -9.88 57.69
C PRO P 115 -21.23 -8.73 58.56
N ILE P 116 -20.33 -7.80 58.93
CA ILE P 116 -20.77 -6.62 59.68
C ILE P 116 -21.67 -5.75 58.81
N ALA P 117 -21.36 -5.68 57.50
CA ALA P 117 -22.22 -4.95 56.58
C ALA P 117 -23.58 -5.61 56.43
N TRP P 118 -23.61 -6.95 56.37
CA TRP P 118 -24.89 -7.65 56.25
C TRP P 118 -25.71 -7.53 57.53
N LEU P 119 -25.03 -7.63 58.69
CA LEU P 119 -25.69 -7.47 59.98
C LEU P 119 -26.29 -6.08 60.11
N PHE P 120 -25.55 -5.05 59.66
CA PHE P 120 -26.09 -3.69 59.64
C PHE P 120 -27.24 -3.55 58.67
N VAL P 121 -27.21 -4.25 57.54
CA VAL P 121 -28.32 -4.18 56.59
C VAL P 121 -29.59 -4.75 57.19
N VAL P 122 -29.49 -5.89 57.87
CA VAL P 122 -30.71 -6.51 58.35
C VAL P 122 -31.21 -5.85 59.63
N PHE P 123 -30.29 -5.46 60.53
CA PHE P 123 -30.67 -4.64 61.67
C PHE P 123 -31.22 -3.27 61.25
N LEU P 124 -30.73 -2.74 60.13
CA LEU P 124 -31.24 -1.48 59.61
C LEU P 124 -32.62 -1.64 59.00
N ASP P 125 -32.94 -2.84 58.54
CA ASP P 125 -34.33 -3.16 58.25
C ASP P 125 -35.07 -3.31 59.55
N GLY P 126 -36.36 -3.00 59.53
CA GLY P 126 -37.19 -3.43 60.63
C GLY P 126 -37.60 -4.85 60.31
N GLY P 127 -36.82 -5.78 60.80
CA GLY P 127 -36.94 -7.16 60.36
C GLY P 127 -36.86 -8.13 61.50
N TYR P 128 -35.89 -9.03 61.41
CA TYR P 128 -35.76 -10.16 62.31
C TYR P 128 -35.37 -9.76 63.73
N TYR P 129 -35.10 -8.48 64.00
CA TYR P 129 -35.00 -8.08 65.39
C TYR P 129 -36.38 -7.83 66.00
N ARG P 130 -37.37 -7.39 65.22
CA ARG P 130 -38.72 -7.33 65.78
C ARG P 130 -39.27 -8.74 65.96
N CYS P 131 -38.78 -9.68 65.16
CA CYS P 131 -39.14 -11.08 65.23
C CYS P 131 -38.41 -11.79 66.37
N TYR P 132 -37.68 -11.05 67.19
CA TYR P 132 -36.91 -11.57 68.32
C TYR P 132 -37.48 -11.10 69.66
N ARG P 133 -37.59 -9.80 69.85
CA ARG P 133 -38.21 -9.33 71.08
C ARG P 133 -39.70 -9.09 70.92
N SER P 134 -40.28 -9.35 69.74
CA SER P 134 -41.71 -9.56 69.67
C SER P 134 -42.09 -10.82 70.42
N HIS P 135 -41.28 -11.86 70.28
CA HIS P 135 -41.31 -12.99 71.18
C HIS P 135 -41.02 -12.53 72.61
N GLU P 136 -39.79 -12.06 72.84
CA GLU P 136 -39.30 -11.83 74.20
C GLU P 136 -40.09 -10.79 75.01
N PHE P 137 -40.98 -10.03 74.37
CA PHE P 137 -41.83 -9.10 75.11
C PHE P 137 -43.14 -9.75 75.51
N CYS P 138 -43.65 -10.68 74.70
CA CYS P 138 -45.05 -11.09 74.67
C CYS P 138 -45.51 -11.88 75.90
N LEU P 139 -44.63 -12.17 76.86
CA LEU P 139 -44.96 -12.92 78.11
C LEU P 139 -45.54 -14.30 77.78
N ILE P 140 -44.66 -15.18 77.30
CA ILE P 140 -45.06 -16.24 76.40
C ILE P 140 -45.13 -17.60 77.07
N SER P 141 -45.04 -17.66 78.41
CA SER P 141 -44.96 -18.96 79.08
C SER P 141 -46.30 -19.68 79.03
N ASP P 142 -47.39 -18.94 78.86
CA ASP P 142 -48.64 -19.61 78.55
C ASP P 142 -48.66 -20.18 77.14
N ALA P 143 -47.88 -19.63 76.20
CA ALA P 143 -47.77 -20.28 74.90
C ALA P 143 -46.87 -21.50 74.93
N ILE P 144 -45.97 -21.59 75.92
CA ILE P 144 -45.32 -22.87 76.21
C ILE P 144 -46.37 -23.91 76.60
N LEU P 145 -47.32 -23.50 77.45
CA LEU P 145 -48.41 -24.40 77.82
C LEU P 145 -49.34 -24.68 76.64
N CYS P 146 -49.55 -23.68 75.78
CA CYS P 146 -50.38 -23.83 74.60
C CYS P 146 -49.74 -24.78 73.58
N LYS P 147 -48.41 -24.82 73.51
CA LYS P 147 -47.72 -25.72 72.60
C LYS P 147 -47.20 -26.98 73.27
N ASN P 148 -47.51 -27.19 74.55
CA ASN P 148 -47.36 -28.54 75.09
C ASN P 148 -48.38 -29.50 74.49
N SER P 149 -49.56 -28.98 74.13
CA SER P 149 -50.57 -29.76 73.43
C SER P 149 -51.33 -28.80 72.53
N THR P 150 -51.30 -29.06 71.22
CA THR P 150 -51.82 -28.15 70.20
C THR P 150 -53.34 -28.00 70.22
N ILE P 151 -54.04 -28.83 70.98
CA ILE P 151 -55.45 -28.59 71.27
C ILE P 151 -55.61 -27.26 72.01
N LEU P 152 -54.67 -26.94 72.89
CA LEU P 152 -54.68 -25.65 73.56
C LEU P 152 -54.35 -24.51 72.59
N ASN P 153 -53.51 -24.76 71.57
CA ASN P 153 -53.31 -23.79 70.51
C ASN P 153 -54.59 -23.52 69.74
N SER P 154 -55.32 -24.58 69.41
CA SER P 154 -56.56 -24.44 68.65
C SER P 154 -57.64 -23.70 69.45
N TYR P 155 -57.81 -24.07 70.73
CA TYR P 155 -58.80 -23.39 71.55
C TYR P 155 -58.31 -22.07 72.13
N ALA P 156 -57.04 -21.74 71.97
CA ALA P 156 -56.57 -20.39 72.28
C ALA P 156 -56.70 -19.46 71.10
N SER P 157 -56.61 -19.99 69.88
CA SER P 157 -56.84 -19.16 68.70
C SER P 157 -58.32 -18.98 68.41
N THR P 158 -59.12 -20.04 68.55
CA THR P 158 -60.52 -20.03 68.12
C THR P 158 -61.49 -19.69 69.25
N SER P 159 -61.50 -20.47 70.33
CA SER P 159 -62.52 -20.31 71.37
C SER P 159 -62.27 -19.06 72.18
N SER P 160 -61.16 -19.00 72.90
CA SER P 160 -60.74 -17.73 73.45
C SER P 160 -60.10 -16.89 72.36
N PHE P 161 -60.09 -15.58 72.58
CA PHE P 161 -59.58 -14.67 71.56
C PHE P 161 -58.07 -14.51 71.69
N ASN P 162 -57.51 -13.61 70.89
CA ASN P 162 -56.06 -13.40 70.85
C ASN P 162 -55.68 -12.02 71.37
N LYS P 163 -56.28 -10.96 70.84
CA LYS P 163 -55.99 -9.62 71.32
C LYS P 163 -56.95 -9.16 72.41
N ILE P 164 -58.13 -9.79 72.53
CA ILE P 164 -58.95 -9.61 73.72
C ILE P 164 -58.33 -10.33 74.91
N SER P 165 -57.52 -11.37 74.66
CA SER P 165 -56.78 -12.08 75.69
C SER P 165 -55.40 -11.46 75.93
N ASP P 166 -55.25 -10.16 75.73
CA ASP P 166 -54.00 -9.48 76.01
C ASP P 166 -53.84 -9.10 77.49
N ASN P 167 -54.54 -9.76 78.41
CA ASN P 167 -54.42 -9.41 79.83
C ASN P 167 -53.20 -10.07 80.46
N GLY P 168 -53.16 -11.40 80.48
CA GLY P 168 -52.15 -12.12 81.24
C GLY P 168 -50.93 -12.53 80.45
N LYS P 169 -50.78 -13.84 80.23
CA LYS P 169 -49.67 -14.35 79.44
C LYS P 169 -50.19 -15.03 78.18
N TYR P 170 -49.46 -14.85 77.08
CA TYR P 170 -50.11 -14.83 75.77
C TYR P 170 -49.84 -16.12 74.99
N CYS P 171 -50.74 -16.40 74.05
CA CYS P 171 -50.71 -17.54 73.15
C CYS P 171 -50.84 -16.98 71.73
N PRO P 172 -50.53 -17.78 70.68
CA PRO P 172 -49.51 -17.34 69.67
C PRO P 172 -49.67 -15.95 69.09
N PRO P 173 -50.77 -15.60 68.37
CA PRO P 173 -50.63 -14.62 67.26
C PRO P 173 -50.16 -13.21 67.61
N CYS P 174 -50.02 -12.89 68.91
CA CYS P 174 -49.13 -11.83 69.35
C CYS P 174 -47.71 -12.01 68.82
N ILE P 175 -47.25 -13.27 68.74
CA ILE P 175 -45.89 -13.56 68.32
C ILE P 175 -45.69 -13.22 66.84
N CYS P 176 -46.55 -13.76 65.97
CA CYS P 176 -46.41 -13.51 64.54
C CYS P 176 -46.74 -12.07 64.16
N VAL P 177 -47.59 -11.40 64.93
CA VAL P 177 -47.84 -9.98 64.72
C VAL P 177 -48.11 -9.30 66.07
N PRO P 178 -47.28 -8.36 66.48
CA PRO P 178 -47.49 -7.68 67.76
C PRO P 178 -48.38 -6.47 67.61
N ASN P 179 -48.53 -5.75 68.71
CA ASN P 179 -49.17 -4.44 68.67
C ASN P 179 -48.31 -3.49 67.84
N PRO P 180 -48.90 -2.68 66.96
CA PRO P 180 -48.09 -1.80 66.10
C PRO P 180 -47.36 -0.70 66.85
N THR P 181 -47.84 -0.31 68.03
CA THR P 181 -47.05 0.54 68.92
C THR P 181 -45.78 -0.16 69.35
N ASP P 182 -45.92 -1.38 69.87
CA ASP P 182 -44.78 -2.22 70.21
C ASP P 182 -43.92 -2.53 68.99
N ALA P 183 -44.54 -2.77 67.85
CA ALA P 183 -43.80 -3.11 66.63
C ALA P 183 -42.93 -1.94 66.17
N SER P 184 -43.49 -0.73 66.18
CA SER P 184 -42.71 0.43 65.78
C SER P 184 -41.64 0.80 66.81
N TYR P 185 -41.97 0.68 68.11
CA TYR P 185 -41.00 0.87 69.17
C TYR P 185 -39.79 -0.04 69.01
N LEU P 186 -40.05 -1.32 68.82
CA LEU P 186 -38.98 -2.29 68.75
C LEU P 186 -38.28 -2.24 67.40
N GLU P 187 -38.98 -1.78 66.36
CA GLU P 187 -38.40 -1.54 65.06
C GLU P 187 -37.33 -0.45 65.13
N ALA P 188 -37.67 0.67 65.75
CA ALA P 188 -36.66 1.71 65.87
C ALA P 188 -35.62 1.40 66.93
N GLU P 189 -35.95 0.53 67.89
CA GLU P 189 -34.91 -0.05 68.74
C GLU P 189 -33.90 -0.82 67.88
N SER P 190 -34.38 -1.56 66.88
CA SER P 190 -33.48 -2.23 65.97
C SER P 190 -32.69 -1.23 65.13
N GLN P 191 -33.31 -0.10 64.77
CA GLN P 191 -32.60 0.90 64.00
C GLN P 191 -31.47 1.54 64.81
N ILE P 192 -31.69 1.80 66.09
CA ILE P 192 -30.63 2.42 66.87
C ILE P 192 -29.54 1.41 67.22
N TYR P 193 -29.89 0.14 67.45
CA TYR P 193 -28.84 -0.87 67.57
C TYR P 193 -28.06 -1.05 66.26
N ALA P 194 -28.74 -0.91 65.12
CA ALA P 194 -28.09 -0.98 63.81
C ALA P 194 -27.05 0.10 63.66
N TRP P 195 -27.43 1.34 63.97
CA TRP P 195 -26.48 2.41 63.76
C TRP P 195 -25.41 2.41 64.85
N GLY P 196 -25.72 1.91 66.05
CA GLY P 196 -24.70 1.78 67.07
C GLY P 196 -23.65 0.76 66.69
N LEU P 197 -24.08 -0.38 66.13
CA LEU P 197 -23.13 -1.38 65.64
C LEU P 197 -22.31 -0.82 64.49
N LEU P 198 -22.96 -0.09 63.56
CA LEU P 198 -22.23 0.43 62.40
C LEU P 198 -21.20 1.47 62.82
N LEU P 199 -21.57 2.36 63.74
CA LEU P 199 -20.66 3.41 64.17
C LEU P 199 -19.54 2.84 65.03
N PHE P 200 -19.83 1.83 65.85
CA PHE P 200 -18.78 1.17 66.63
C PHE P 200 -17.80 0.44 65.72
N SER P 201 -18.32 -0.28 64.73
CA SER P 201 -17.46 -0.98 63.78
C SER P 201 -16.67 0.00 62.93
N GLY P 202 -17.27 1.13 62.55
CA GLY P 202 -16.56 2.10 61.74
C GLY P 202 -15.43 2.79 62.49
N VAL P 203 -15.69 3.18 63.74
CA VAL P 203 -14.67 3.80 64.57
C VAL P 203 -13.56 2.81 64.89
N ALA P 204 -13.92 1.58 65.24
CA ALA P 204 -12.90 0.58 65.58
C ALA P 204 -12.09 0.17 64.35
N ALA P 205 -12.74 0.09 63.18
CA ALA P 205 -12.02 -0.29 61.97
C ALA P 205 -11.11 0.83 61.50
N PHE P 206 -11.59 2.08 61.59
CA PHE P 206 -10.74 3.23 61.32
C PHE P 206 -9.53 3.26 62.23
N LEU P 207 -9.72 3.02 63.53
CA LEU P 207 -8.62 3.05 64.47
C LEU P 207 -7.63 1.92 64.22
N VAL P 208 -8.13 0.73 63.86
CA VAL P 208 -7.23 -0.39 63.61
C VAL P 208 -6.46 -0.21 62.30
N ILE P 209 -7.16 0.14 61.20
CA ILE P 209 -6.43 0.28 59.94
C ILE P 209 -5.67 1.59 59.87
N THR P 210 -5.86 2.50 60.83
CA THR P 210 -4.92 3.61 60.97
C THR P 210 -3.70 3.17 61.75
N CYS P 211 -3.90 2.44 62.86
CA CYS P 211 -2.79 1.98 63.68
C CYS P 211 -1.99 0.86 63.01
N ASN P 212 -2.44 0.35 61.86
CA ASN P 212 -1.58 -0.46 60.99
C ASN P 212 -1.32 0.23 59.66
N ARG P 213 -1.55 1.54 59.59
CA ARG P 213 -0.95 2.39 58.58
C ARG P 213 -0.12 3.51 59.20
N MET P 214 -0.15 3.64 60.54
CA MET P 214 0.69 4.60 61.23
C MET P 214 1.83 3.93 61.98
N CYS P 215 1.70 2.65 62.32
CA CYS P 215 2.80 1.84 62.83
C CYS P 215 3.50 1.10 61.69
N ASP P 216 3.17 1.43 60.44
CA ASP P 216 3.84 0.81 59.31
C ASP P 216 5.28 1.32 59.22
N LYS P 217 6.21 0.39 58.98
CA LYS P 217 7.62 0.77 58.85
C LYS P 217 7.86 1.62 57.63
N TYR P 218 7.40 1.17 56.47
CA TYR P 218 7.57 1.93 55.25
C TYR P 218 6.65 3.14 55.27
N THR P 219 6.90 4.06 54.35
CA THR P 219 6.12 5.28 54.30
C THR P 219 5.45 5.35 52.93
N LEU P 220 4.60 6.37 52.72
CA LEU P 220 3.46 6.25 51.83
C LEU P 220 3.87 6.05 50.37
N VAL P 221 4.94 6.70 49.94
CA VAL P 221 5.42 6.43 48.59
C VAL P 221 6.12 5.08 48.53
N GLN P 222 6.87 4.74 49.57
CA GLN P 222 7.51 3.43 49.61
C GLN P 222 6.48 2.32 49.76
N ARG P 223 5.39 2.59 50.49
CA ARG P 223 4.34 1.59 50.63
C ARG P 223 3.54 1.45 49.34
N GLN P 224 3.29 2.55 48.64
CA GLN P 224 2.64 2.43 47.34
C GLN P 224 3.51 1.73 46.32
N TYR P 225 4.83 1.89 46.41
CA TYR P 225 5.69 1.17 45.48
C TYR P 225 5.79 -0.31 45.83
N VAL P 226 5.84 -0.65 47.12
CA VAL P 226 5.83 -2.06 47.50
C VAL P 226 4.52 -2.71 47.09
N GLU P 227 3.40 -1.99 47.21
CA GLU P 227 2.13 -2.56 46.76
C GLU P 227 2.04 -2.65 45.25
N THR P 228 2.62 -1.69 44.52
CA THR P 228 2.62 -1.81 43.06
C THR P 228 3.52 -2.94 42.61
N TYR P 229 4.66 -3.11 43.27
CA TYR P 229 5.57 -4.19 42.90
C TYR P 229 5.00 -5.55 43.25
N LYS P 230 4.30 -5.64 44.37
CA LYS P 230 3.62 -6.87 44.75
C LYS P 230 2.51 -7.21 43.76
N ASN P 231 1.68 -6.22 43.43
CA ASN P 231 0.58 -6.39 42.51
C ASN P 231 1.04 -6.55 41.07
N VAL P 232 2.30 -6.33 40.76
CA VAL P 232 2.76 -6.59 39.40
C VAL P 232 3.55 -7.88 39.36
N GLU P 233 4.24 -8.25 40.45
CA GLU P 233 4.96 -9.51 40.35
C GLU P 233 4.05 -10.70 40.57
N THR P 234 2.97 -10.58 41.35
CA THR P 234 2.06 -11.73 41.45
C THR P 234 1.08 -11.79 40.30
N GLN P 235 1.30 -11.01 39.25
CA GLN P 235 0.66 -11.20 37.96
C GLN P 235 1.67 -11.55 36.87
N LYS P 236 2.86 -10.97 36.93
CA LYS P 236 3.87 -11.24 35.93
C LYS P 236 4.51 -12.60 36.13
N PHE P 237 4.67 -13.01 37.40
CA PHE P 237 5.08 -14.35 37.73
C PHE P 237 4.06 -15.37 37.26
N ASP P 238 2.77 -15.07 37.38
CA ASP P 238 1.78 -16.02 36.90
C ASP P 238 1.73 -16.06 35.38
N ALA P 239 1.98 -14.93 34.71
CA ALA P 239 2.03 -14.96 33.25
C ALA P 239 3.24 -15.75 32.75
N VAL P 240 4.38 -15.62 33.43
CA VAL P 240 5.56 -16.39 33.04
C VAL P 240 5.39 -17.86 33.41
N ALA P 241 4.73 -18.17 34.52
CA ALA P 241 4.42 -19.55 34.85
C ALA P 241 3.47 -20.17 33.85
N LYS P 242 2.51 -19.39 33.35
CA LYS P 242 1.59 -19.89 32.35
C LYS P 242 2.28 -20.14 31.02
N GLU P 243 3.15 -19.21 30.58
CA GLU P 243 3.77 -19.45 29.28
C GLU P 243 4.88 -20.50 29.39
N HIS P 244 5.47 -20.68 30.57
CA HIS P 244 6.43 -21.75 30.78
C HIS P 244 5.73 -23.10 30.78
N ALA P 245 4.61 -23.22 31.48
CA ALA P 245 3.85 -24.46 31.42
C ALA P 245 3.25 -24.69 30.05
N SER P 246 2.97 -23.62 29.31
CA SER P 246 2.43 -23.78 27.96
C SER P 246 3.48 -24.28 27.00
N GLN P 247 4.72 -23.79 27.11
CA GLN P 247 5.78 -24.34 26.26
C GLN P 247 6.13 -25.77 26.65
N LEU P 248 6.17 -26.05 27.95
CA LEU P 248 6.49 -27.41 28.36
C LEU P 248 5.30 -28.35 28.24
N ALA P 249 4.11 -27.85 27.93
CA ALA P 249 2.99 -28.71 27.54
C ALA P 249 2.89 -28.88 26.03
N GLU P 250 3.20 -27.83 25.25
CA GLU P 250 3.42 -27.95 23.81
C GLU P 250 4.43 -29.05 23.49
N HIS P 251 5.62 -28.94 24.07
CA HIS P 251 6.66 -29.91 23.76
C HIS P 251 6.34 -31.30 24.30
N ASN P 252 5.62 -31.38 25.41
CA ASN P 252 5.28 -32.71 25.91
C ASN P 252 4.04 -33.29 25.26
N ALA P 253 3.24 -32.49 24.56
CA ALA P 253 2.18 -33.06 23.74
C ALA P 253 2.71 -33.51 22.40
N ARG P 254 3.63 -32.73 21.81
CA ARG P 254 4.34 -33.19 20.62
C ARG P 254 5.21 -34.40 20.91
N ALA P 255 5.65 -34.54 22.16
CA ALA P 255 6.46 -35.68 22.55
C ALA P 255 5.69 -36.97 22.58
N PHE P 256 4.37 -36.92 22.64
CA PHE P 256 3.62 -38.16 22.69
C PHE P 256 3.10 -38.56 21.32
N PHE P 257 2.73 -37.60 20.49
CA PHE P 257 2.29 -37.94 19.14
C PHE P 257 3.42 -37.86 18.15
N GLY P 258 4.61 -38.23 18.60
CA GLY P 258 5.72 -38.55 17.74
C GLY P 258 6.33 -39.86 18.18
N GLN P 259 5.54 -40.85 18.58
CA GLN P 259 6.15 -42.14 18.89
C GLN P 259 5.72 -43.25 17.94
N LYS P 260 4.42 -43.51 17.82
CA LYS P 260 3.83 -44.66 17.12
C LYS P 260 4.41 -45.99 17.58
N ASN P 278 14.01 -26.97 40.62
CA ASN P 278 12.97 -26.50 41.52
C ASN P 278 12.67 -27.53 42.58
N PRO P 279 13.41 -27.50 43.69
CA PRO P 279 13.05 -28.36 44.83
C PRO P 279 12.03 -27.69 45.72
N LEU P 280 11.67 -28.31 46.85
CA LEU P 280 10.70 -27.69 47.77
C LEU P 280 11.23 -26.40 48.40
N PHE P 281 12.54 -26.25 48.51
CA PHE P 281 13.09 -25.00 49.04
C PHE P 281 12.77 -23.82 48.13
N ALA P 282 12.87 -24.00 46.81
CA ALA P 282 12.52 -22.90 45.92
C ALA P 282 11.02 -22.67 45.90
N ARG P 283 10.23 -23.73 45.93
CA ARG P 283 8.78 -23.57 45.88
C ARG P 283 8.21 -23.17 47.23
N LEU P 284 9.05 -23.03 48.25
CA LEU P 284 8.63 -22.55 49.55
C LEU P 284 9.17 -21.17 49.90
N ARG P 285 10.39 -20.84 49.47
CA ARG P 285 10.77 -19.43 49.51
C ARG P 285 10.09 -18.62 48.40
N LEU P 286 9.36 -19.28 47.50
CA LEU P 286 8.58 -18.56 46.50
C LEU P 286 7.19 -18.19 47.00
N ILE P 287 7.00 -18.09 48.31
CA ILE P 287 5.66 -17.88 48.88
C ILE P 287 5.68 -16.81 49.95
N ALA P 288 4.69 -15.92 49.89
CA ALA P 288 4.55 -14.70 50.68
C ALA P 288 4.14 -14.98 52.12
N ALA P 289 3.55 -13.97 52.77
CA ALA P 289 3.46 -13.82 54.22
C ALA P 289 4.87 -13.78 54.80
N GLU P 290 5.55 -12.70 54.44
CA GLU P 290 6.99 -12.51 54.60
C GLU P 290 7.28 -11.45 55.66
N LYS P 291 8.55 -11.37 56.03
CA LYS P 291 9.03 -10.23 56.78
C LYS P 291 9.34 -9.08 55.82
N THR P 292 9.10 -7.86 56.31
CA THR P 292 9.35 -6.67 55.50
C THR P 292 10.49 -5.86 56.11
N GLN P 293 11.54 -6.55 56.54
CA GLN P 293 12.62 -5.96 57.33
C GLN P 293 13.84 -5.58 56.51
N GLN P 294 13.95 -6.06 55.28
CA GLN P 294 15.13 -5.85 54.45
C GLN P 294 14.75 -4.91 53.30
N THR P 295 15.76 -4.42 52.57
CA THR P 295 15.52 -3.59 51.39
C THR P 295 14.77 -4.37 50.31
N MET P 296 14.95 -5.69 50.26
CA MET P 296 14.12 -6.51 49.39
C MET P 296 12.98 -7.13 50.17
N TYR P 297 11.94 -7.53 49.46
CA TYR P 297 10.66 -7.91 50.04
C TYR P 297 9.89 -8.76 49.05
N THR P 298 8.77 -9.34 49.52
CA THR P 298 7.84 -10.20 48.77
C THR P 298 8.62 -11.39 48.25
N PRO P 299 8.86 -12.41 49.09
CA PRO P 299 10.17 -13.09 49.14
C PRO P 299 10.61 -13.83 47.89
N LEU P 300 9.93 -13.69 46.76
CA LEU P 300 10.54 -14.03 45.49
C LEU P 300 11.86 -13.28 45.32
N GLN P 301 11.85 -11.97 45.61
CA GLN P 301 13.07 -11.16 45.64
C GLN P 301 14.07 -11.67 46.65
N LEU P 302 13.60 -12.07 47.83
CA LEU P 302 14.55 -12.41 48.89
C LEU P 302 15.19 -13.77 48.61
N TRP P 303 14.40 -14.71 48.06
CA TRP P 303 14.93 -15.95 47.53
C TRP P 303 15.95 -15.69 46.44
N ASN P 304 15.61 -14.79 45.51
CA ASN P 304 16.49 -14.51 44.38
C ASN P 304 17.80 -13.88 44.83
N ASP P 305 17.75 -13.04 45.85
CA ASP P 305 18.98 -12.49 46.41
C ASP P 305 19.76 -13.57 47.15
N ASN P 306 19.05 -14.51 47.77
CA ASN P 306 19.72 -15.54 48.56
C ASN P 306 20.42 -16.55 47.64
N LYS P 307 19.65 -17.25 46.83
CA LYS P 307 20.17 -18.28 45.94
C LYS P 307 20.47 -17.64 44.58
N GLY P 308 20.62 -18.45 43.53
CA GLY P 308 21.10 -18.00 42.22
C GLY P 308 20.28 -16.91 41.55
N TYR P 309 20.82 -16.41 40.43
CA TYR P 309 20.39 -15.20 39.74
C TYR P 309 20.43 -14.02 40.70
N ARG P 310 21.66 -13.59 41.02
CA ARG P 310 21.89 -12.65 42.12
C ARG P 310 21.20 -11.30 41.91
N ILE P 311 21.37 -10.65 40.76
CA ILE P 311 20.56 -9.46 40.47
C ILE P 311 19.94 -9.53 39.08
N PRO P 312 18.76 -8.92 38.87
CA PRO P 312 18.17 -8.57 37.57
C PRO P 312 18.67 -7.24 37.03
N MET Q 1 -40.51 15.94 47.15
CA MET Q 1 -39.31 16.74 47.30
C MET Q 1 -38.09 16.00 46.73
N THR Q 2 -38.34 14.82 46.16
CA THR Q 2 -37.24 13.99 45.67
C THR Q 2 -36.69 14.48 44.34
N THR Q 3 -37.57 14.67 43.35
CA THR Q 3 -37.13 15.10 42.03
C THR Q 3 -36.62 16.54 42.05
N SER Q 4 -37.12 17.36 42.98
CA SER Q 4 -36.61 18.71 43.18
C SER Q 4 -35.14 18.70 43.58
N ILE Q 5 -34.82 17.93 44.62
CA ILE Q 5 -33.44 17.86 45.08
C ILE Q 5 -32.58 17.06 44.10
N ASN Q 6 -33.18 16.20 43.28
CA ASN Q 6 -32.41 15.56 42.19
C ASN Q 6 -32.04 16.57 41.10
N SER Q 7 -32.93 17.53 40.83
CA SER Q 7 -32.58 18.62 39.93
C SER Q 7 -31.49 19.50 40.53
N VAL Q 8 -31.53 19.69 41.85
CA VAL Q 8 -30.45 20.38 42.56
C VAL Q 8 -29.14 19.59 42.46
N VAL Q 9 -29.24 18.25 42.45
CA VAL Q 9 -28.07 17.39 42.26
C VAL Q 9 -27.46 17.60 40.88
N THR Q 10 -28.30 17.70 39.85
CA THR Q 10 -27.80 17.97 38.49
C THR Q 10 -27.13 19.34 38.40
N VAL Q 11 -27.73 20.34 39.08
CA VAL Q 11 -27.15 21.69 39.13
C VAL Q 11 -25.78 21.67 39.80
N PHE Q 12 -25.67 21.01 40.94
CA PHE Q 12 -24.37 21.02 41.60
C PHE Q 12 -23.40 19.97 41.05
N GLN Q 13 -23.87 19.04 40.21
CA GLN Q 13 -22.95 18.31 39.34
C GLN Q 13 -22.31 19.26 38.33
N ASN Q 14 -23.11 20.17 37.76
CA ASN Q 14 -22.52 21.20 36.91
C ASN Q 14 -21.58 22.11 37.69
N VAL Q 15 -21.89 22.38 38.96
CA VAL Q 15 -21.02 23.22 39.80
C VAL Q 15 -19.69 22.51 40.09
N PHE Q 16 -19.75 21.26 40.56
CA PHE Q 16 -18.54 20.48 40.82
C PHE Q 16 -17.87 19.95 39.56
N THR Q 17 -18.40 20.21 38.37
CA THR Q 17 -17.59 20.12 37.18
C THR Q 17 -17.09 21.47 36.70
N ASN Q 18 -17.58 22.58 37.28
CA ASN Q 18 -17.00 23.87 36.93
C ASN Q 18 -15.72 24.16 37.72
N HIS Q 19 -15.84 24.34 39.04
CA HIS Q 19 -14.73 24.81 39.88
C HIS Q 19 -14.98 24.39 41.32
N GLY Q 20 -14.21 25.00 42.22
CA GLY Q 20 -14.27 24.76 43.65
C GLY Q 20 -12.89 24.93 44.26
N SER Q 21 -12.65 24.20 45.35
CA SER Q 21 -11.31 24.15 45.93
C SER Q 21 -10.50 23.01 45.34
N THR Q 22 -10.97 21.78 45.54
CA THR Q 22 -10.53 20.62 44.78
C THR Q 22 -11.78 19.87 44.34
N LEU Q 23 -11.58 18.80 43.57
CA LEU Q 23 -12.71 18.03 43.04
C LEU Q 23 -12.51 16.53 43.16
N LEU Q 24 -11.74 16.07 44.16
CA LEU Q 24 -11.50 14.65 44.32
C LEU Q 24 -12.70 13.89 44.88
N ASN Q 25 -13.64 14.58 45.52
CA ASN Q 25 -14.79 13.94 46.13
C ASN Q 25 -16.11 14.49 45.59
N GLY Q 26 -16.07 15.31 44.53
CA GLY Q 26 -17.28 15.87 43.97
C GLY Q 26 -18.16 14.87 43.23
N ILE Q 27 -17.59 13.72 42.86
CA ILE Q 27 -18.39 12.67 42.25
C ILE Q 27 -19.31 12.03 43.29
N LEU Q 28 -18.79 11.76 44.49
CA LEU Q 28 -19.51 10.97 45.47
C LEU Q 28 -20.59 11.79 46.20
N ILE Q 29 -20.37 13.09 46.39
CA ILE Q 29 -21.29 13.91 47.17
C ILE Q 29 -22.63 14.06 46.46
N ALA Q 30 -22.59 14.31 45.15
CA ALA Q 30 -23.82 14.43 44.37
C ALA Q 30 -24.56 13.10 44.30
N THR Q 31 -23.85 11.97 44.27
CA THR Q 31 -24.51 10.68 44.30
C THR Q 31 -25.16 10.41 45.66
N THR Q 32 -24.51 10.85 46.75
CA THR Q 32 -25.12 10.73 48.07
C THR Q 32 -26.41 11.53 48.16
N VAL Q 33 -26.41 12.77 47.65
CA VAL Q 33 -27.61 13.60 47.75
C VAL Q 33 -28.71 13.05 46.83
N GLY Q 34 -28.35 12.64 45.62
CA GLY Q 34 -29.33 12.15 44.68
C GLY Q 34 -29.90 10.78 45.02
N GLY Q 35 -29.15 9.99 45.78
CA GLY Q 35 -29.69 8.72 46.22
C GLY Q 35 -30.40 8.83 47.55
N GLN Q 36 -29.95 9.73 48.40
CA GLN Q 36 -30.56 9.81 49.71
C GLN Q 36 -31.73 10.78 49.76
N SER Q 37 -31.99 11.52 48.67
CA SER Q 37 -33.32 12.08 48.48
C SER Q 37 -34.37 10.98 48.33
N LEU Q 38 -34.05 9.96 47.54
CA LEU Q 38 -34.94 8.80 47.41
C LEU Q 38 -34.93 7.93 48.66
N VAL Q 39 -33.87 7.98 49.45
CA VAL Q 39 -33.93 7.38 50.80
C VAL Q 39 -34.93 8.15 51.66
N ARG Q 40 -34.84 9.49 51.65
CA ARG Q 40 -35.75 10.33 52.42
C ARG Q 40 -37.19 10.29 51.92
N LYS Q 41 -37.42 9.74 50.72
CA LYS Q 41 -38.79 9.38 50.33
C LYS Q 41 -39.38 8.33 51.28
N LEU Q 42 -38.54 7.43 51.83
CA LEU Q 42 -38.98 6.40 52.77
C LEU Q 42 -38.10 6.47 54.03
N THR Q 43 -38.48 7.34 54.96
CA THR Q 43 -37.75 7.58 56.21
C THR Q 43 -38.78 7.90 57.28
N PHE Q 44 -38.31 8.55 58.36
CA PHE Q 44 -39.02 8.82 59.61
C PHE Q 44 -39.78 7.60 60.13
N SER Q 45 -38.98 6.59 60.49
CA SER Q 45 -39.51 5.46 61.25
C SER Q 45 -40.06 5.93 62.59
N CYS Q 46 -39.27 6.74 63.31
CA CYS Q 46 -39.71 7.74 64.28
C CYS Q 46 -40.52 7.14 65.42
N PRO Q 47 -39.87 6.49 66.39
CA PRO Q 47 -40.60 5.70 67.40
C PRO Q 47 -41.46 6.54 68.31
N CYS Q 48 -42.36 5.84 69.00
CA CYS Q 48 -43.32 6.45 69.92
C CYS Q 48 -42.82 6.50 71.36
N ALA Q 49 -41.53 6.61 71.60
CA ALA Q 49 -41.03 6.53 72.97
C ALA Q 49 -40.38 7.83 73.44
N TYR Q 50 -40.27 7.97 74.77
CA TYR Q 50 -39.59 9.13 75.32
C TYR Q 50 -38.07 9.11 75.02
N PRO Q 51 -37.28 8.10 75.46
CA PRO Q 51 -35.83 8.23 75.15
C PRO Q 51 -35.51 7.83 73.72
N LEU Q 52 -36.28 6.88 73.17
CA LEU Q 52 -35.93 6.31 71.88
C LEU Q 52 -36.24 7.24 70.72
N ASN Q 53 -37.13 8.22 70.91
CA ASN Q 53 -37.33 9.15 69.81
C ASN Q 53 -36.17 10.11 69.67
N ILE Q 54 -35.70 10.65 70.79
CA ILE Q 54 -34.51 11.49 70.78
C ILE Q 54 -33.30 10.69 70.34
N TYR Q 55 -33.23 9.41 70.71
CA TYR Q 55 -32.10 8.58 70.28
C TYR Q 55 -32.16 8.30 68.79
N HIS Q 56 -33.33 7.92 68.28
CA HIS Q 56 -33.49 7.64 66.86
C HIS Q 56 -33.42 8.89 66.00
N SER Q 57 -33.57 10.07 66.59
CA SER Q 57 -33.37 11.28 65.80
C SER Q 57 -31.93 11.77 65.89
N LEU Q 58 -31.38 11.82 67.10
CA LEU Q 58 -30.05 12.37 67.32
C LEU Q 58 -28.97 11.47 66.74
N VAL Q 59 -29.12 10.15 66.91
CA VAL Q 59 -28.18 9.21 66.29
C VAL Q 59 -28.27 9.28 64.78
N PHE Q 60 -29.49 9.32 64.23
CA PHE Q 60 -29.65 9.35 62.78
C PHE Q 60 -29.18 10.66 62.17
N MET Q 61 -29.14 11.75 62.94
CA MET Q 61 -28.52 12.98 62.42
C MET Q 61 -27.02 12.95 62.59
N PHE Q 62 -26.53 12.89 63.83
CA PHE Q 62 -25.11 13.08 64.10
C PHE Q 62 -24.30 11.80 63.94
N GLY Q 63 -24.87 10.74 63.39
CA GLY Q 63 -24.15 9.52 63.09
C GLY Q 63 -23.55 9.47 61.69
N PRO Q 64 -24.39 9.62 60.65
CA PRO Q 64 -23.83 9.72 59.29
C PRO Q 64 -22.94 10.92 59.07
N THR Q 65 -23.08 11.98 59.86
CA THR Q 65 -22.11 13.08 59.80
C THR Q 65 -20.73 12.62 60.22
N ALA Q 66 -20.65 11.91 61.36
CA ALA Q 66 -19.37 11.36 61.80
C ALA Q 66 -18.86 10.29 60.84
N ALA Q 67 -19.76 9.51 60.25
CA ALA Q 67 -19.35 8.47 59.32
C ALA Q 67 -18.78 9.06 58.04
N LEU Q 68 -19.47 10.04 57.46
CA LEU Q 68 -18.95 10.70 56.26
C LEU Q 68 -17.75 11.57 56.57
N LEU Q 69 -17.62 12.06 57.80
CA LEU Q 69 -16.41 12.78 58.19
C LEU Q 69 -15.23 11.82 58.23
N LEU Q 70 -15.43 10.63 58.78
CA LEU Q 70 -14.38 9.63 58.83
C LEU Q 70 -14.01 9.13 57.43
N ILE Q 71 -15.01 8.96 56.56
CA ILE Q 71 -14.74 8.59 55.17
C ILE Q 71 -14.00 9.72 54.45
N GLY Q 72 -14.39 10.97 54.69
CA GLY Q 72 -13.71 12.08 54.07
C GLY Q 72 -12.29 12.26 54.55
N ILE Q 73 -11.99 11.83 55.77
CA ILE Q 73 -10.60 11.75 56.19
C ILE Q 73 -9.87 10.65 55.42
N THR Q 74 -10.39 9.41 55.52
CA THR Q 74 -9.62 8.23 55.12
C THR Q 74 -9.46 8.14 53.60
N VAL Q 75 -10.43 8.60 52.84
CA VAL Q 75 -10.30 8.59 51.38
C VAL Q 75 -9.32 9.66 50.92
N ASN Q 76 -9.25 10.77 51.65
CA ASN Q 76 -8.40 11.90 51.25
C ASN Q 76 -6.94 11.52 51.39
N SER Q 77 -6.18 11.74 50.31
CA SER Q 77 -4.82 11.24 50.22
C SER Q 77 -3.88 11.99 51.16
N THR Q 78 -4.11 13.29 51.32
CA THR Q 78 -3.11 14.17 51.92
C THR Q 78 -2.88 13.85 53.38
N THR Q 79 -3.91 13.41 54.11
CA THR Q 79 -3.71 13.05 55.50
C THR Q 79 -2.86 11.81 55.62
N TRP Q 80 -2.93 10.89 54.66
CA TRP Q 80 -2.00 9.77 54.73
C TRP Q 80 -0.59 10.21 54.39
N LYS Q 81 -0.45 11.18 53.48
CA LYS Q 81 0.88 11.74 53.25
C LYS Q 81 1.37 12.53 54.46
N LEU Q 82 0.46 12.90 55.37
CA LEU Q 82 0.89 13.44 56.65
C LEU Q 82 1.24 12.32 57.61
N ALA Q 83 0.43 11.26 57.65
CA ALA Q 83 0.52 10.29 58.72
C ALA Q 83 0.33 8.86 58.24
N HIS Q 84 0.99 8.49 57.13
CA HIS Q 84 1.17 7.07 56.84
C HIS Q 84 2.50 6.67 57.45
N GLY Q 85 2.46 5.94 58.55
CA GLY Q 85 3.69 5.56 59.20
C GLY Q 85 4.32 6.72 59.94
N PHE Q 86 3.56 7.33 60.84
CA PHE Q 86 4.07 8.47 61.59
C PHE Q 86 5.07 8.04 62.66
N PHE Q 87 4.96 6.80 63.14
CA PHE Q 87 5.91 6.32 64.15
C PHE Q 87 7.30 6.15 63.57
N PHE Q 88 7.41 5.49 62.42
CA PHE Q 88 8.71 5.10 61.88
C PHE Q 88 9.17 6.02 60.75
N ARG Q 89 8.87 7.30 60.86
CA ARG Q 89 9.57 8.29 60.05
C ARG Q 89 11.00 8.40 60.55
N VAL Q 90 11.95 8.44 59.62
CA VAL Q 90 13.33 8.79 59.98
C VAL Q 90 13.32 10.24 60.47
N ARG Q 91 13.96 10.48 61.60
CA ARG Q 91 13.79 11.72 62.34
C ARG Q 91 14.28 12.93 61.55
N ASP Q 92 13.61 14.06 61.79
CA ASP Q 92 13.74 15.29 60.99
C ASP Q 92 13.49 15.02 59.51
N THR Q 93 12.40 14.32 59.23
CA THR Q 93 11.82 14.30 57.89
C THR Q 93 10.34 14.57 58.05
N ARG Q 94 9.79 14.20 59.20
CA ARG Q 94 8.58 14.88 59.66
C ARG Q 94 8.95 16.32 59.96
N HIS Q 95 8.11 17.25 59.50
CA HIS Q 95 8.62 18.58 59.21
C HIS Q 95 8.47 19.55 60.38
N SER Q 96 7.25 19.79 60.84
CA SER Q 96 7.03 20.88 61.79
C SER Q 96 5.83 20.54 62.66
N TRP Q 97 5.44 21.49 63.50
CA TRP Q 97 4.16 21.46 64.20
C TRP Q 97 3.15 22.42 63.61
N LYS Q 98 3.61 23.54 63.05
CA LYS Q 98 2.70 24.54 62.50
C LYS Q 98 2.16 24.13 61.14
N THR Q 99 3.03 23.66 60.26
CA THR Q 99 2.62 23.34 58.90
C THR Q 99 1.73 22.09 58.87
N THR Q 100 2.03 21.12 59.72
CA THR Q 100 1.19 19.93 59.79
C THR Q 100 -0.19 20.22 60.34
N CYS Q 101 -0.37 21.28 61.12
CA CYS Q 101 -1.70 21.68 61.54
C CYS Q 101 -2.45 22.39 60.41
N VAL Q 102 -1.73 23.09 59.54
CA VAL Q 102 -2.36 23.70 58.37
C VAL Q 102 -2.86 22.62 57.42
N SER Q 103 -2.04 21.59 57.20
CA SER Q 103 -2.49 20.46 56.39
C SER Q 103 -3.60 19.69 57.08
N TRP Q 104 -3.59 19.65 58.41
CA TRP Q 104 -4.64 18.95 59.16
C TRP Q 104 -5.98 19.67 59.03
N ILE Q 105 -5.95 21.00 59.14
CA ILE Q 105 -7.17 21.78 58.96
C ILE Q 105 -7.64 21.72 57.50
N GLU Q 106 -6.70 21.62 56.56
CA GLU Q 106 -7.05 21.45 55.16
C GLU Q 106 -7.80 20.14 54.92
N VAL Q 107 -7.28 19.04 55.48
CA VAL Q 107 -7.95 17.77 55.23
C VAL Q 107 -9.23 17.66 56.06
N LEU Q 108 -9.30 18.38 57.20
CA LEU Q 108 -10.55 18.43 57.96
C LEU Q 108 -11.64 19.18 57.20
N ILE Q 109 -11.30 20.28 56.52
CA ILE Q 109 -12.32 21.02 55.79
C ILE Q 109 -12.72 20.28 54.52
N GLN Q 110 -11.74 19.73 53.79
CA GLN Q 110 -12.05 18.95 52.59
C GLN Q 110 -12.84 17.69 52.94
N SER Q 111 -12.63 17.15 54.14
CA SER Q 111 -13.48 16.08 54.64
C SER Q 111 -14.87 16.60 54.96
N SER Q 112 -14.95 17.66 55.75
CA SER Q 112 -16.20 18.15 56.32
C SER Q 112 -17.10 18.85 55.31
N VAL Q 113 -16.67 18.96 54.04
CA VAL Q 113 -17.59 19.36 52.97
C VAL Q 113 -18.82 18.46 52.95
N ALA Q 114 -18.62 17.16 52.80
CA ALA Q 114 -19.72 16.21 52.62
C ALA Q 114 -20.66 16.01 53.83
N PRO Q 115 -20.20 15.98 55.10
CA PRO Q 115 -21.18 15.88 56.19
C PRO Q 115 -22.01 17.13 56.38
N ILE Q 116 -21.45 18.32 56.14
CA ILE Q 116 -22.26 19.54 56.21
C ILE Q 116 -23.31 19.54 55.10
N ALA Q 117 -22.95 19.02 53.92
CA ALA Q 117 -23.91 18.89 52.83
C ALA Q 117 -25.00 17.90 53.18
N TRP Q 118 -24.65 16.78 53.81
CA TRP Q 118 -25.65 15.79 54.19
C TRP Q 118 -26.56 16.31 55.30
N LEU Q 119 -25.98 17.01 56.27
CA LEU Q 119 -26.75 17.62 57.34
C LEU Q 119 -27.73 18.65 56.80
N PHE Q 120 -27.28 19.46 55.82
CA PHE Q 120 -28.18 20.39 55.16
C PHE Q 120 -29.26 19.69 54.35
N VAL Q 121 -28.94 18.55 53.74
CA VAL Q 121 -29.95 17.81 53.00
C VAL Q 121 -31.05 17.28 53.92
N VAL Q 122 -30.67 16.74 55.08
CA VAL Q 122 -31.70 16.14 55.91
C VAL Q 122 -32.45 17.21 56.71
N PHE Q 123 -31.75 18.23 57.20
CA PHE Q 123 -32.44 19.38 57.79
C PHE Q 123 -33.32 20.12 56.78
N LEU Q 124 -32.93 20.12 55.51
CA LEU Q 124 -33.74 20.72 54.46
C LEU Q 124 -34.96 19.88 54.15
N ASP Q 125 -34.90 18.59 54.39
CA ASP Q 125 -36.11 17.79 54.43
C ASP Q 125 -36.86 18.13 55.70
N GLY Q 126 -38.19 18.00 55.63
CA GLY Q 126 -38.93 17.99 56.87
C GLY Q 126 -38.90 16.56 57.36
N GLY Q 127 -37.92 16.27 58.18
CA GLY Q 127 -37.60 14.91 58.52
C GLY Q 127 -37.33 14.72 59.98
N TYR Q 128 -36.14 14.23 60.28
CA TYR Q 128 -35.76 13.82 61.62
C TYR Q 128 -35.60 14.98 62.59
N TYR Q 129 -35.73 16.22 62.14
CA TYR Q 129 -35.86 17.29 63.12
C TYR Q 129 -37.28 17.43 63.63
N ARG Q 130 -38.31 17.09 62.83
CA ARG Q 130 -39.65 17.05 63.40
C ARG Q 130 -39.78 15.85 64.31
N CYS Q 131 -38.98 14.82 64.08
CA CYS Q 131 -38.92 13.63 64.89
C CYS Q 131 -38.11 13.83 66.15
N TYR Q 132 -37.68 15.07 66.41
CA TYR Q 132 -36.89 15.44 67.58
C TYR Q 132 -37.66 16.35 68.52
N ARG Q 133 -38.15 17.47 68.04
CA ARG Q 133 -38.97 18.30 68.90
C ARG Q 133 -40.45 18.01 68.77
N SER Q 134 -40.83 17.02 67.94
CA SER Q 134 -42.15 16.41 68.13
C SER Q 134 -42.20 15.67 69.45
N HIS Q 135 -41.11 14.98 69.79
CA HIS Q 135 -40.88 14.53 71.15
C HIS Q 135 -40.85 15.71 72.10
N GLU Q 136 -39.83 16.57 71.94
CA GLU Q 136 -39.51 17.60 72.94
C GLU Q 136 -40.62 18.62 73.18
N PHE Q 137 -41.64 18.65 72.32
CA PHE Q 137 -42.78 19.55 72.54
C PHE Q 137 -43.88 18.87 73.35
N CYS Q 138 -44.04 17.56 73.17
CA CYS Q 138 -45.26 16.81 73.47
C CYS Q 138 -45.57 16.67 74.97
N LEU Q 139 -44.70 17.18 75.88
CA LEU Q 139 -44.90 17.12 77.34
C LEU Q 139 -45.02 15.67 77.83
N ILE Q 140 -43.89 14.97 77.78
CA ILE Q 140 -43.90 13.54 77.59
C ILE Q 140 -43.63 12.76 78.88
N SER Q 141 -43.63 13.42 80.04
CA SER Q 141 -43.23 12.74 81.27
C SER Q 141 -44.30 11.74 81.72
N ASP Q 142 -45.55 11.96 81.28
CA ASP Q 142 -46.53 10.90 81.48
C ASP Q 142 -46.27 9.71 80.57
N ALA Q 143 -45.62 9.88 79.42
CA ALA Q 143 -45.24 8.72 78.63
C ALA Q 143 -44.02 8.00 79.21
N ILE Q 144 -43.21 8.70 80.01
CA ILE Q 144 -42.25 7.99 80.87
C ILE Q 144 -42.99 7.06 81.81
N LEU Q 145 -44.07 7.55 82.43
CA LEU Q 145 -44.88 6.71 83.30
C LEU Q 145 -45.60 5.62 82.52
N CYS Q 146 -46.03 5.93 81.28
CA CYS Q 146 -46.68 4.94 80.42
C CYS Q 146 -45.72 3.85 79.98
N LYS Q 147 -44.44 4.16 79.83
CA LYS Q 147 -43.47 3.14 79.45
C LYS Q 147 -42.65 2.62 80.61
N ASN Q 148 -42.98 3.02 81.85
CA ASN Q 148 -42.49 2.25 82.99
C ASN Q 148 -43.15 0.89 83.06
N SER Q 149 -44.38 0.78 82.59
CA SER Q 149 -45.09 -0.49 82.49
C SER Q 149 -46.02 -0.41 81.29
N THR Q 150 -45.81 -1.28 80.30
CA THR Q 150 -46.50 -1.21 79.01
C THR Q 150 -48.00 -1.50 79.08
N ILE Q 151 -48.49 -1.98 80.23
CA ILE Q 151 -49.93 -2.04 80.48
C ILE Q 151 -50.51 -0.63 80.44
N LEU Q 152 -49.77 0.35 80.95
CA LEU Q 152 -50.19 1.75 80.85
C LEU Q 152 -50.13 2.25 79.42
N ASN Q 153 -49.19 1.76 78.61
CA ASN Q 153 -49.20 2.07 77.18
C ASN Q 153 -50.45 1.53 76.49
N SER Q 154 -50.82 0.28 76.82
CA SER Q 154 -51.99 -0.35 76.21
C SER Q 154 -53.28 0.36 76.62
N TYR Q 155 -53.44 0.67 77.91
CA TYR Q 155 -54.64 1.37 78.35
C TYR Q 155 -54.59 2.87 78.13
N ALA Q 156 -53.46 3.42 77.70
CA ALA Q 156 -53.42 4.81 77.24
C ALA Q 156 -53.72 4.91 75.76
N SER Q 157 -53.40 3.87 74.99
CA SER Q 157 -53.77 3.87 73.57
C SER Q 157 -55.22 3.45 73.37
N THR Q 158 -55.69 2.45 74.11
CA THR Q 158 -57.00 1.84 73.86
C THR Q 158 -58.10 2.42 74.73
N SER Q 159 -57.96 2.34 76.06
CA SER Q 159 -59.06 2.72 76.95
C SER Q 159 -59.24 4.23 76.98
N SER Q 160 -58.24 4.95 77.47
CA SER Q 160 -58.25 6.39 77.25
C SER Q 160 -57.80 6.69 75.83
N PHE Q 161 -58.18 7.86 75.34
CA PHE Q 161 -57.88 8.21 73.96
C PHE Q 161 -56.50 8.83 73.86
N ASN Q 162 -56.16 9.31 72.65
CA ASN Q 162 -54.84 9.86 72.38
C ASN Q 162 -54.91 11.36 72.09
N LYS Q 163 -55.75 11.78 71.15
CA LYS Q 163 -55.89 13.19 70.84
C LYS Q 163 -57.01 13.85 71.63
N ILE Q 164 -57.97 13.07 72.16
CA ILE Q 164 -58.89 13.60 73.16
C ILE Q 164 -58.17 13.80 74.48
N SER Q 165 -57.09 13.06 74.73
CA SER Q 165 -56.25 13.23 75.91
C SER Q 165 -55.13 14.24 75.68
N ASP Q 166 -55.34 15.23 74.82
CA ASP Q 166 -54.36 16.29 74.61
C ASP Q 166 -54.42 17.39 75.65
N ASN Q 167 -54.97 17.14 76.84
CA ASN Q 167 -55.06 18.18 77.86
C ASN Q 167 -53.75 18.32 78.63
N GLY Q 168 -53.34 17.26 79.32
CA GLY Q 168 -52.22 17.36 80.25
C GLY Q 168 -50.87 16.96 79.68
N LYS Q 169 -50.34 15.83 80.15
CA LYS Q 169 -49.08 15.33 79.64
C LYS Q 169 -49.29 13.98 78.95
N TYR Q 170 -48.57 13.75 77.86
CA TYR Q 170 -49.09 12.92 76.79
C TYR Q 170 -48.41 11.56 76.76
N CYS Q 171 -49.12 10.59 76.19
CA CYS Q 171 -48.69 9.21 75.99
C CYS Q 171 -48.88 8.90 74.51
N PRO Q 172 -48.28 7.79 74.00
CA PRO Q 172 -47.36 7.91 72.82
C PRO Q 172 -47.87 8.70 71.62
N PRO Q 173 -48.97 8.30 70.92
CA PRO Q 173 -49.04 8.56 69.45
C PRO Q 173 -49.01 10.02 69.00
N CYS Q 174 -49.07 10.98 69.93
CA CYS Q 174 -48.55 12.32 69.69
C CYS Q 174 -47.11 12.29 69.20
N ILE Q 175 -46.30 11.37 69.73
CA ILE Q 175 -44.89 11.29 69.40
C ILE Q 175 -44.69 10.88 67.95
N CYS Q 176 -45.29 9.75 67.55
CA CYS Q 176 -45.13 9.25 66.20
C CYS Q 176 -45.84 10.12 65.16
N VAL Q 177 -46.89 10.82 65.55
CA VAL Q 177 -47.52 11.79 64.67
C VAL Q 177 -48.08 12.96 65.49
N PRO Q 178 -47.58 14.16 65.29
CA PRO Q 178 -48.06 15.32 66.05
C PRO Q 178 -49.26 15.96 65.37
N ASN Q 179 -49.68 17.08 65.96
CA ASN Q 179 -50.67 17.94 65.31
C ASN Q 179 -50.06 18.52 64.04
N PRO Q 180 -50.79 18.56 62.93
CA PRO Q 180 -50.21 19.05 61.67
C PRO Q 180 -49.88 20.53 61.69
N THR Q 181 -50.54 21.33 62.53
CA THR Q 181 -50.09 22.70 62.78
C THR Q 181 -48.70 22.72 63.40
N ASP Q 182 -48.53 21.95 64.48
CA ASP Q 182 -47.22 21.76 65.11
C ASP Q 182 -46.22 21.14 64.15
N ALA Q 183 -46.66 20.17 63.34
CA ALA Q 183 -45.77 19.48 62.41
C ALA Q 183 -45.25 20.43 61.35
N SER Q 184 -46.13 21.26 60.78
CA SER Q 184 -45.69 22.21 59.78
C SER Q 184 -44.85 23.34 60.36
N TYR Q 185 -45.21 23.81 61.57
CA TYR Q 185 -44.41 24.80 62.29
C TYR Q 185 -43.00 24.31 62.51
N LEU Q 186 -42.86 23.10 63.04
CA LEU Q 186 -41.55 22.59 63.37
C LEU Q 186 -40.80 22.14 62.13
N GLU Q 187 -41.53 21.77 61.08
CA GLU Q 187 -40.94 21.46 59.78
C GLU Q 187 -40.26 22.68 59.19
N ALA Q 188 -40.94 23.81 59.18
CA ALA Q 188 -40.28 25.00 58.65
C ALA Q 188 -39.28 25.59 59.63
N GLU Q 189 -39.41 25.28 60.93
CA GLU Q 189 -38.30 25.54 61.84
C GLU Q 189 -37.06 24.77 61.42
N SER Q 190 -37.24 23.53 61.00
CA SER Q 190 -36.11 22.76 60.47
C SER Q 190 -35.60 23.35 59.18
N GLN Q 191 -36.48 23.91 58.35
CA GLN Q 191 -36.03 24.53 57.10
C GLN Q 191 -35.19 25.77 57.36
N ILE Q 192 -35.58 26.58 58.36
CA ILE Q 192 -34.80 27.79 58.61
C ILE Q 192 -33.49 27.47 59.32
N TYR Q 193 -33.47 26.45 60.21
CA TYR Q 193 -32.19 25.98 60.73
C TYR Q 193 -31.31 25.39 59.64
N ALA Q 194 -31.91 24.72 58.65
CA ALA Q 194 -31.17 24.17 57.51
C ALA Q 194 -30.48 25.28 56.74
N TRP Q 195 -31.23 26.32 56.39
CA TRP Q 195 -30.60 27.35 55.59
C TRP Q 195 -29.65 28.22 56.41
N GLY Q 196 -29.90 28.34 57.72
CA GLY Q 196 -28.96 29.04 58.58
C GLY Q 196 -27.64 28.32 58.69
N LEU Q 197 -27.68 26.99 58.82
CA LEU Q 197 -26.45 26.21 58.83
C LEU Q 197 -25.74 26.28 57.48
N LEU Q 198 -26.50 26.22 56.38
CA LEU Q 198 -25.88 26.25 55.06
C LEU Q 198 -25.23 27.59 54.79
N LEU Q 199 -25.90 28.68 55.16
CA LEU Q 199 -25.36 30.01 54.90
C LEU Q 199 -24.18 30.30 55.82
N PHE Q 200 -24.23 29.83 57.07
CA PHE Q 200 -23.10 29.99 57.97
C PHE Q 200 -21.89 29.22 57.49
N SER Q 201 -22.11 27.97 57.06
CA SER Q 201 -21.02 27.16 56.52
C SER Q 201 -20.48 27.74 55.23
N GLY Q 202 -21.35 28.28 54.38
CA GLY Q 202 -20.89 28.86 53.13
C GLY Q 202 -20.07 30.11 53.33
N VAL Q 203 -20.53 31.00 54.21
CA VAL Q 203 -19.78 32.22 54.50
C VAL Q 203 -18.45 31.91 55.18
N ALA Q 204 -18.47 30.98 56.16
CA ALA Q 204 -17.24 30.63 56.86
C ALA Q 204 -16.26 29.90 55.95
N ALA Q 205 -16.77 29.05 55.05
CA ALA Q 205 -15.88 28.32 54.15
C ALA Q 205 -15.30 29.24 53.08
N PHE Q 206 -16.13 30.17 52.56
CA PHE Q 206 -15.62 31.20 51.67
C PHE Q 206 -14.54 32.03 52.32
N LEU Q 207 -14.75 32.44 53.57
CA LEU Q 207 -13.78 33.27 54.26
C LEU Q 207 -12.49 32.51 54.54
N VAL Q 208 -12.60 31.22 54.88
CA VAL Q 208 -11.40 30.44 55.17
C VAL Q 208 -10.63 30.11 53.89
N ILE Q 209 -11.31 29.64 52.83
CA ILE Q 209 -10.55 29.32 51.63
C ILE Q 209 -10.21 30.55 50.81
N THR Q 210 -10.72 31.72 51.19
CA THR Q 210 -10.15 32.96 50.66
C THR Q 210 -8.91 33.35 51.44
N CYS Q 211 -8.98 33.28 52.77
CA CYS Q 211 -7.84 33.63 53.61
C CYS Q 211 -6.71 32.61 53.54
N ASN Q 212 -6.91 31.47 52.87
CA ASN Q 212 -5.81 30.62 52.46
C ASN Q 212 -5.65 30.56 50.95
N ARG Q 213 -6.25 31.53 50.24
CA ARG Q 213 -5.84 31.87 48.88
C ARG Q 213 -5.41 33.32 48.77
N MET Q 214 -5.57 34.11 49.84
CA MET Q 214 -5.09 35.48 49.87
C MET Q 214 -3.87 35.65 50.76
N CYS Q 215 -3.65 34.74 51.71
CA CYS Q 215 -2.41 34.67 52.45
C CYS Q 215 -1.45 33.68 51.80
N ASP Q 216 -1.76 33.20 50.61
CA ASP Q 216 -0.86 32.32 49.89
C ASP Q 216 0.37 33.08 49.42
N LYS Q 217 1.55 32.47 49.61
CA LYS Q 217 2.79 33.11 49.19
C LYS Q 217 2.87 33.23 47.67
N TYR Q 218 2.64 32.14 46.96
CA TYR Q 218 2.67 32.17 45.52
C TYR Q 218 1.45 32.91 44.99
N THR Q 219 1.48 33.24 43.72
CA THR Q 219 0.40 33.99 43.11
C THR Q 219 -0.16 33.15 41.97
N LEU Q 220 -1.26 33.63 41.35
CA LEU Q 220 -2.25 32.75 40.74
C LEU Q 220 -1.70 31.95 39.57
N VAL Q 221 -0.82 32.57 38.77
CA VAL Q 221 -0.19 31.78 37.71
C VAL Q 221 0.87 30.86 38.29
N GLN Q 222 1.61 31.32 39.29
CA GLN Q 222 2.59 30.47 39.94
C GLN Q 222 1.91 29.36 40.72
N ARG Q 223 0.75 29.64 41.30
CA ARG Q 223 0.02 28.61 42.02
C ARG Q 223 -0.61 27.60 41.07
N GLN Q 224 -1.13 28.05 39.93
CA GLN Q 224 -1.62 27.11 38.94
C GLN Q 224 -0.50 26.27 38.35
N TYR Q 225 0.71 26.82 38.24
CA TYR Q 225 1.80 25.99 37.73
C TYR Q 225 2.30 25.01 38.77
N VAL Q 226 2.35 25.41 40.05
CA VAL Q 226 2.71 24.47 41.10
C VAL Q 226 1.68 23.35 41.20
N GLU Q 227 0.40 23.68 41.02
CA GLU Q 227 -0.62 22.64 41.06
C GLU Q 227 -0.58 21.76 39.82
N THR Q 228 -0.25 22.31 38.65
CA THR Q 228 -0.11 21.48 37.46
C THR Q 228 1.11 20.58 37.58
N TYR Q 229 2.21 21.10 38.12
CA TYR Q 229 3.41 20.30 38.27
C TYR Q 229 3.22 19.21 39.33
N LYS Q 230 2.51 19.53 40.40
CA LYS Q 230 2.18 18.53 41.41
C LYS Q 230 1.30 17.43 40.84
N ASN Q 231 0.24 17.83 40.13
CA ASN Q 231 -0.70 16.90 39.52
C ASN Q 231 -0.11 16.16 38.33
N VAL Q 232 1.06 16.54 37.85
CA VAL Q 232 1.66 15.76 36.77
C VAL Q 232 2.80 14.91 37.34
N GLU Q 233 3.48 15.36 38.39
CA GLU Q 233 4.54 14.51 38.89
C GLU Q 233 3.99 13.39 39.77
N THR Q 234 2.87 13.59 40.47
CA THR Q 234 2.33 12.47 41.23
C THR Q 234 1.49 11.53 40.36
N GLN Q 235 1.55 11.68 39.04
CA GLN Q 235 1.09 10.69 38.09
C GLN Q 235 2.23 10.12 37.27
N LYS Q 236 3.20 10.96 36.90
CA LYS Q 236 4.31 10.52 36.09
C LYS Q 236 5.30 9.70 36.91
N PHE Q 237 5.47 10.07 38.18
CA PHE Q 237 6.23 9.27 39.12
C PHE Q 237 5.58 7.91 39.34
N ASP Q 238 4.25 7.86 39.39
CA ASP Q 238 3.62 6.56 39.56
C ASP Q 238 3.69 5.73 38.29
N ALA Q 239 3.65 6.36 37.11
CA ALA Q 239 3.82 5.60 35.88
C ALA Q 239 5.23 5.05 35.75
N VAL Q 240 6.24 5.84 36.16
CA VAL Q 240 7.61 5.34 36.13
C VAL Q 240 7.84 4.29 37.19
N ALA Q 241 7.22 4.43 38.37
CA ALA Q 241 7.30 3.39 39.38
C ALA Q 241 6.64 2.11 38.93
N LYS Q 242 5.53 2.21 38.19
CA LYS Q 242 4.86 1.02 37.68
C LYS Q 242 5.70 0.34 36.61
N GLU Q 243 6.28 1.10 35.68
CA GLU Q 243 7.06 0.43 34.64
C GLU Q 243 8.41 -0.06 35.17
N HIS Q 244 8.94 0.57 36.21
CA HIS Q 244 10.14 0.07 36.85
C HIS Q 244 9.87 -1.22 37.61
N ALA Q 245 8.77 -1.27 38.37
CA ALA Q 245 8.41 -2.52 39.02
C ALA Q 245 8.00 -3.57 38.02
N SER Q 246 7.48 -3.17 36.86
CA SER Q 246 7.10 -4.14 35.85
C SER Q 246 8.33 -4.75 35.18
N GLN Q 247 9.36 -3.95 34.92
CA GLN Q 247 10.59 -4.52 34.38
C GLN Q 247 11.30 -5.38 35.41
N LEU Q 248 11.33 -4.94 36.66
CA LEU Q 248 11.99 -5.73 37.68
C LEU Q 248 11.13 -6.90 38.18
N ALA Q 249 9.88 -6.98 37.75
CA ALA Q 249 9.09 -8.19 37.96
C ALA Q 249 9.14 -9.13 36.76
N GLU Q 250 9.21 -8.60 35.54
CA GLU Q 250 9.55 -9.38 34.36
C GLU Q 250 10.84 -10.15 34.55
N HIS Q 251 11.92 -9.42 34.89
CA HIS Q 251 13.22 -10.08 35.02
C HIS Q 251 13.26 -11.01 36.22
N ASN Q 252 12.51 -10.71 37.28
CA ASN Q 252 12.55 -11.62 38.41
C ASN Q 252 11.58 -12.78 38.27
N ALA Q 253 10.63 -12.71 37.33
CA ALA Q 253 9.83 -13.90 37.02
C ALA Q 253 10.57 -14.80 36.05
N ARG Q 254 11.26 -14.22 35.08
CA ARG Q 254 12.16 -15.01 34.23
C ARG Q 254 13.31 -15.58 35.02
N ALA Q 255 13.68 -14.94 36.12
CA ALA Q 255 14.76 -15.42 36.97
C ALA Q 255 14.39 -16.68 37.72
N PHE Q 256 13.10 -16.97 37.86
CA PHE Q 256 12.74 -18.16 38.61
C PHE Q 256 12.46 -19.34 37.70
N PHE Q 257 11.90 -19.10 36.53
CA PHE Q 257 11.67 -20.19 35.59
C PHE Q 257 12.80 -20.32 34.60
N GLY Q 258 14.01 -20.05 35.06
CA GLY Q 258 15.22 -20.43 34.40
C GLY Q 258 16.15 -21.10 35.39
N GLN Q 259 15.65 -21.93 36.31
CA GLN Q 259 16.58 -22.64 37.18
C GLN Q 259 16.56 -24.14 36.98
N LYS Q 260 15.40 -24.77 37.11
CA LYS Q 260 15.22 -26.24 37.16
C LYS Q 260 16.12 -26.92 38.19
N ASN Q 278 18.17 3.06 47.25
CA ASN Q 278 16.98 3.62 47.87
C ASN Q 278 16.91 3.24 49.34
N PRO Q 279 17.52 4.04 50.21
CA PRO Q 279 17.36 3.83 51.65
C PRO Q 279 16.12 4.55 52.16
N LEU Q 280 15.87 4.54 53.48
CA LEU Q 280 14.71 5.23 54.03
C LEU Q 280 14.79 6.74 53.85
N PHE Q 281 16.00 7.30 53.77
CA PHE Q 281 16.12 8.74 53.52
C PHE Q 281 15.54 9.13 52.17
N ALA Q 282 15.78 8.34 51.13
CA ALA Q 282 15.20 8.68 49.83
C ALA Q 282 13.70 8.43 49.83
N ARG Q 283 13.25 7.35 50.47
CA ARG Q 283 11.82 7.05 50.48
C ARG Q 283 11.06 7.91 51.48
N LEU Q 284 11.76 8.78 52.20
CA LEU Q 284 11.11 9.72 53.09
C LEU Q 284 11.22 11.18 52.65
N ARG Q 285 12.32 11.56 52.00
CA ARG Q 285 12.27 12.83 51.27
C ARG Q 285 11.47 12.73 49.98
N LEU Q 286 11.03 11.52 49.60
CA LEU Q 286 10.14 11.37 48.46
C LEU Q 286 8.67 11.54 48.81
N ILE Q 287 8.37 12.24 49.90
CA ILE Q 287 7.00 12.32 50.40
C ILE Q 287 6.63 13.75 50.76
N ALA Q 288 5.42 14.16 50.34
CA ALA Q 288 4.89 15.51 50.40
C ALA Q 288 4.48 15.91 51.81
N ALA Q 289 3.57 16.90 51.90
CA ALA Q 289 3.34 17.74 53.08
C ALA Q 289 4.64 18.47 53.42
N GLU Q 290 5.01 19.34 52.50
CA GLU Q 290 6.30 19.99 52.42
C GLU Q 290 6.21 21.47 52.75
N LYS Q 291 7.37 22.08 52.90
CA LYS Q 291 7.45 23.53 52.92
C LYS Q 291 7.49 24.06 51.49
N THR Q 292 6.87 25.23 51.30
CA THR Q 292 6.82 25.85 49.97
C THR Q 292 7.64 27.14 49.98
N GLN Q 293 8.81 27.10 50.62
CA GLN Q 293 9.61 28.29 50.88
C GLN Q 293 10.73 28.51 49.87
N GLN Q 294 11.06 27.52 49.07
CA GLN Q 294 12.18 27.60 48.14
C GLN Q 294 11.63 27.65 46.71
N THR Q 295 12.51 27.96 45.75
CA THR Q 295 12.13 27.96 44.34
C THR Q 295 11.72 26.56 43.89
N MET Q 296 12.27 25.51 44.49
CA MET Q 296 11.78 24.17 44.25
C MET Q 296 10.80 23.76 45.34
N TYR Q 297 9.98 22.76 45.03
CA TYR Q 297 8.82 22.40 45.83
C TYR Q 297 8.40 20.97 45.49
N THR Q 298 7.46 20.44 46.29
CA THR Q 298 6.88 19.10 46.18
C THR Q 298 8.01 18.09 46.27
N PRO Q 299 8.47 17.76 47.48
CA PRO Q 299 9.91 17.61 47.75
C PRO Q 299 10.63 16.49 47.03
N LEU Q 300 10.02 15.83 46.06
CA LEU Q 300 10.79 15.07 45.09
C LEU Q 300 11.84 15.96 44.44
N GLN Q 301 11.44 17.17 44.02
CA GLN Q 301 12.37 18.18 43.52
C GLN Q 301 13.40 18.57 44.56
N LEU Q 302 12.99 18.72 45.81
CA LEU Q 302 13.91 19.26 46.81
C LEU Q 302 14.93 18.19 47.22
N TRP Q 303 14.49 16.93 47.30
CA TRP Q 303 15.39 15.80 47.43
C TRP Q 303 16.37 15.73 46.27
N ASN Q 304 15.86 15.91 45.05
CA ASN Q 304 16.70 15.78 43.86
C ASN Q 304 17.74 16.89 43.80
N ASP Q 305 17.37 18.09 44.24
CA ASP Q 305 18.34 19.16 44.33
C ASP Q 305 19.34 18.89 45.45
N ASN Q 306 18.90 18.25 46.53
CA ASN Q 306 19.78 18.02 47.67
C ASN Q 306 20.80 16.92 47.35
N LYS Q 307 20.33 15.71 47.07
CA LYS Q 307 21.18 14.57 46.79
C LYS Q 307 21.38 14.47 45.27
N GLY Q 308 21.82 13.32 44.79
CA GLY Q 308 22.25 13.15 43.40
C GLY Q 308 21.21 13.45 42.33
N TYR Q 309 21.67 13.43 41.08
CA TYR Q 309 20.95 13.92 39.90
C TYR Q 309 20.58 15.39 40.12
N ARG Q 310 21.61 16.25 40.05
CA ARG Q 310 21.48 17.64 40.49
C ARG Q 310 20.45 18.44 39.69
N ILE Q 311 20.51 18.41 38.36
CA ILE Q 311 19.42 19.01 37.57
C ILE Q 311 18.94 18.05 36.47
N PRO Q 312 17.66 18.11 36.08
CA PRO Q 312 17.09 17.56 34.85
C PRO Q 312 17.22 18.50 33.65
N MET R 1 -46.70 25.74 35.69
CA MET R 1 -45.79 26.81 35.30
C MET R 1 -44.38 26.25 35.08
N THR R 2 -44.23 24.94 35.21
CA THR R 2 -42.91 24.32 35.14
C THR R 2 -42.43 24.18 33.70
N THR R 3 -43.25 23.58 32.84
CA THR R 3 -42.86 23.38 31.44
C THR R 3 -42.78 24.70 30.68
N SER R 4 -43.56 25.68 31.10
CA SER R 4 -43.48 27.03 30.52
C SER R 4 -42.10 27.64 30.74
N ILE R 5 -41.65 27.65 31.99
CA ILE R 5 -40.35 28.22 32.30
C ILE R 5 -39.22 27.31 31.81
N ASN R 6 -39.49 26.02 31.59
CA ASN R 6 -38.50 25.16 30.93
C ASN R 6 -38.35 25.51 29.45
N SER R 7 -39.45 25.90 28.81
CA SER R 7 -39.37 26.42 27.44
C SER R 7 -38.61 27.74 27.41
N VAL R 8 -38.81 28.57 28.44
CA VAL R 8 -38.04 29.80 28.59
C VAL R 8 -36.55 29.47 28.79
N VAL R 9 -36.26 28.37 29.48
CA VAL R 9 -34.88 27.91 29.66
C VAL R 9 -34.26 27.53 28.32
N THR R 10 -35.02 26.85 27.46
CA THR R 10 -34.51 26.50 26.13
C THR R 10 -34.26 27.75 25.28
N VAL R 11 -35.17 28.74 25.40
CA VAL R 11 -35.01 30.03 24.70
C VAL R 11 -33.74 30.74 25.16
N PHE R 12 -33.53 30.82 26.46
CA PHE R 12 -32.33 31.54 26.91
C PHE R 12 -31.07 30.68 26.89
N GLN R 13 -31.18 29.36 26.69
CA GLN R 13 -30.04 28.59 26.24
C GLN R 13 -29.62 29.01 24.84
N ASN R 14 -30.60 29.23 23.95
CA ASN R 14 -30.28 29.79 22.64
C ASN R 14 -29.70 31.19 22.76
N VAL R 15 -30.16 31.99 23.73
CA VAL R 15 -29.63 33.34 23.93
C VAL R 15 -28.19 33.29 24.43
N PHE R 16 -27.92 32.50 25.48
CA PHE R 16 -26.56 32.35 26.00
C PHE R 16 -25.67 31.46 25.13
N THR R 17 -26.17 30.90 24.04
CA THR R 17 -25.28 30.45 22.99
C THR R 17 -25.15 31.44 21.84
N ASN R 18 -25.97 32.48 21.80
CA ASN R 18 -25.77 33.52 20.79
C ASN R 18 -24.70 34.52 21.20
N HIS R 19 -24.95 35.32 22.25
CA HIS R 19 -24.09 36.44 22.62
C HIS R 19 -24.31 36.78 24.08
N GLY R 20 -23.81 37.95 24.49
CA GLY R 20 -23.91 38.48 25.83
C GLY R 20 -22.70 39.32 26.14
N SER R 21 -22.33 39.36 27.43
CA SER R 21 -21.08 40.00 27.83
C SER R 21 -19.93 39.00 27.84
N THR R 22 -20.03 37.97 28.68
CA THR R 22 -19.24 36.76 28.59
C THR R 22 -20.18 35.59 28.71
N LEU R 23 -19.63 34.37 28.58
CA LEU R 23 -20.45 33.16 28.62
C LEU R 23 -19.83 32.06 29.49
N LEU R 24 -19.05 32.43 30.51
CA LEU R 24 -18.40 31.43 31.36
C LEU R 24 -19.38 30.76 32.33
N ASN R 25 -20.53 31.39 32.61
CA ASN R 25 -21.49 30.86 33.55
C ASN R 25 -22.87 30.65 32.92
N GLY R 26 -22.98 30.78 31.59
CA GLY R 26 -24.26 30.60 30.94
C GLY R 26 -24.75 29.16 30.90
N ILE R 27 -23.86 28.21 31.13
CA ILE R 27 -24.27 26.81 31.22
C ILE R 27 -25.05 26.57 32.51
N LEU R 28 -24.56 27.12 33.63
CA LEU R 28 -25.09 26.79 34.94
C LEU R 28 -26.41 27.51 35.23
N ILE R 29 -26.60 28.73 34.71
CA ILE R 29 -27.76 29.54 35.03
C ILE R 29 -29.03 28.91 34.47
N ALA R 30 -28.98 28.45 33.22
CA ALA R 30 -30.12 27.79 32.60
C ALA R 30 -30.45 26.47 33.29
N THR R 31 -29.44 25.75 33.79
CA THR R 31 -29.71 24.53 34.54
C THR R 31 -30.34 24.84 35.88
N THR R 32 -29.93 25.93 36.54
CA THR R 32 -30.58 26.36 37.78
C THR R 32 -32.04 26.68 37.56
N VAL R 33 -32.35 27.42 36.49
CA VAL R 33 -33.75 27.80 36.25
C VAL R 33 -34.58 26.57 35.84
N GLY R 34 -34.02 25.71 34.99
CA GLY R 34 -34.76 24.55 34.53
C GLY R 34 -34.92 23.47 35.57
N GLY R 35 -34.04 23.43 36.56
CA GLY R 35 -34.22 22.48 37.64
C GLY R 35 -35.04 23.05 38.78
N GLN R 36 -34.92 24.35 39.01
CA GLN R 36 -35.63 24.92 40.13
C GLN R 36 -37.03 25.40 39.77
N SER R 37 -37.41 25.35 38.49
CA SER R 37 -38.83 25.34 38.16
C SER R 37 -39.49 24.07 38.70
N LEU R 38 -38.83 22.92 38.52
CA LEU R 38 -39.35 21.67 39.08
C LEU R 38 -39.18 21.62 40.59
N VAL R 39 -38.24 22.37 41.16
CA VAL R 39 -38.23 22.56 42.61
C VAL R 39 -39.47 23.35 43.04
N ARG R 40 -39.76 24.44 42.33
CA ARG R 40 -40.93 25.27 42.65
C ARG R 40 -42.26 24.56 42.37
N LYS R 41 -42.24 23.45 41.64
CA LYS R 41 -43.40 22.56 41.62
C LYS R 41 -43.73 22.04 43.02
N LEU R 42 -42.72 21.84 43.88
CA LEU R 42 -42.91 21.36 45.25
C LEU R 42 -42.18 22.32 46.20
N THR R 43 -42.86 23.39 46.59
CA THR R 43 -42.32 24.43 47.47
C THR R 43 -43.48 24.96 48.31
N PHE R 44 -43.29 26.17 48.85
CA PHE R 44 -44.15 26.85 49.84
C PHE R 44 -44.55 25.91 50.98
N SER R 45 -43.53 25.49 51.74
CA SER R 45 -43.77 24.83 53.01
C SER R 45 -44.53 25.74 53.96
N CYS R 46 -44.06 27.00 54.08
CA CYS R 46 -44.84 28.18 54.45
C CYS R 46 -45.52 28.06 55.80
N PRO R 47 -44.78 28.21 56.91
CA PRO R 47 -45.33 27.88 58.24
C PRO R 47 -46.46 28.79 58.66
N CYS R 48 -47.17 28.34 59.67
CA CYS R 48 -48.32 29.02 60.24
C CYS R 48 -47.97 29.95 61.40
N ALA R 49 -46.77 30.54 61.43
CA ALA R 49 -46.38 31.31 62.61
C ALA R 49 -46.17 32.78 62.27
N TYR R 50 -46.19 33.61 63.32
CA TYR R 50 -45.92 35.04 63.14
C TYR R 50 -44.45 35.30 62.76
N PRO R 51 -43.42 34.92 63.58
CA PRO R 51 -42.07 35.27 63.12
C PRO R 51 -41.54 34.30 62.08
N LEU R 52 -41.95 33.04 62.17
CA LEU R 52 -41.36 32.02 61.32
C LEU R 52 -41.85 32.07 59.90
N ASN R 53 -42.99 32.71 59.63
CA ASN R 53 -43.37 32.84 58.23
C ASN R 53 -42.52 33.87 57.51
N ILE R 54 -42.31 35.03 58.15
CA ILE R 54 -41.41 36.03 57.60
C ILE R 54 -39.99 35.50 57.53
N TYR R 55 -39.58 34.68 58.50
CA TYR R 55 -38.24 34.11 58.46
C TYR R 55 -38.11 33.09 57.33
N HIS R 56 -39.08 32.19 57.19
CA HIS R 56 -39.05 31.18 56.14
C HIS R 56 -39.28 31.77 54.76
N SER R 57 -39.80 32.99 54.67
CA SER R 57 -39.91 33.61 53.36
C SER R 57 -38.67 34.46 53.05
N LEU R 58 -38.25 35.29 54.01
CA LEU R 58 -37.16 36.22 53.81
C LEU R 58 -35.83 35.50 53.68
N VAL R 59 -35.59 34.47 54.50
CA VAL R 59 -34.40 33.67 54.38
C VAL R 59 -34.39 32.91 53.06
N PHE R 60 -35.53 32.31 52.68
CA PHE R 60 -35.58 31.54 51.44
C PHE R 60 -35.46 32.42 50.20
N MET R 61 -35.78 33.71 50.30
CA MET R 61 -35.52 34.60 49.18
C MET R 61 -34.07 35.10 49.20
N PHE R 62 -33.69 35.82 50.24
CA PHE R 62 -32.41 36.52 50.25
C PHE R 62 -31.25 35.64 50.69
N GLY R 63 -31.46 34.33 50.82
CA GLY R 63 -30.39 33.40 51.13
C GLY R 63 -29.72 32.81 49.91
N PRO R 64 -30.47 32.16 49.02
CA PRO R 64 -29.87 31.68 47.76
C PRO R 64 -29.36 32.79 46.87
N THR R 65 -29.84 34.02 47.01
CA THR R 65 -29.23 35.15 46.32
C THR R 65 -27.81 35.39 46.79
N ALA R 66 -27.61 35.42 48.11
CA ALA R 66 -26.26 35.57 48.66
C ALA R 66 -25.39 34.35 48.34
N ALA R 67 -25.99 33.16 48.32
CA ALA R 67 -25.23 31.95 48.03
C ALA R 67 -24.76 31.93 46.57
N LEU R 68 -25.67 32.23 45.64
CA LEU R 68 -25.26 32.29 44.24
C LEU R 68 -24.40 33.50 43.94
N LEU R 69 -24.50 34.57 44.72
CA LEU R 69 -23.58 35.68 44.58
C LEU R 69 -22.17 35.28 45.00
N LEU R 70 -22.07 34.53 46.10
CA LEU R 70 -20.78 34.03 46.57
C LEU R 70 -20.19 33.03 45.59
N ILE R 71 -21.03 32.16 45.03
CA ILE R 71 -20.57 31.22 44.00
C ILE R 71 -20.12 31.95 42.75
N GLY R 72 -20.88 32.99 42.36
CA GLY R 72 -20.49 33.77 41.18
C GLY R 72 -19.23 34.56 41.38
N ILE R 73 -18.91 34.92 42.61
CA ILE R 73 -17.58 35.47 42.89
C ILE R 73 -16.53 34.38 42.73
N THR R 74 -16.67 33.29 43.50
CA THR R 74 -15.57 32.35 43.69
C THR R 74 -15.27 31.53 42.43
N VAL R 75 -16.28 31.24 41.64
CA VAL R 75 -16.05 30.52 40.39
C VAL R 75 -15.38 31.41 39.36
N ASN R 76 -15.68 32.72 39.40
CA ASN R 76 -15.17 33.66 38.41
C ASN R 76 -13.67 33.84 38.58
N SER R 77 -12.93 33.68 37.48
CA SER R 77 -11.48 33.60 37.55
C SER R 77 -10.87 34.96 37.87
N THR R 78 -11.48 36.04 37.37
CA THR R 78 -10.82 37.33 37.33
C THR R 78 -10.61 37.90 38.72
N THR R 79 -11.53 37.62 39.65
CA THR R 79 -11.33 38.11 41.01
C THR R 79 -10.17 37.41 41.69
N TRP R 80 -9.89 36.14 41.35
CA TRP R 80 -8.70 35.53 41.89
C TRP R 80 -7.46 36.12 41.25
N LYS R 81 -7.52 36.46 39.96
CA LYS R 81 -6.41 37.19 39.37
C LYS R 81 -6.26 38.58 39.95
N LEU R 82 -7.30 39.10 40.61
CA LEU R 82 -7.13 40.31 41.39
C LEU R 82 -6.54 40.00 42.75
N ALA R 83 -7.01 38.94 43.39
CA ALA R 83 -6.73 38.73 44.81
C ALA R 83 -6.47 37.27 45.14
N HIS R 84 -5.66 36.59 44.34
CA HIS R 84 -5.04 35.34 44.80
C HIS R 84 -3.71 35.70 45.41
N GLY R 85 -3.62 35.68 46.73
CA GLY R 85 -2.39 36.05 47.38
C GLY R 85 -2.17 37.55 47.34
N PHE R 86 -3.14 38.29 47.87
CA PHE R 86 -3.02 39.75 47.87
C PHE R 86 -2.03 40.22 48.92
N PHE R 87 -1.81 39.45 49.98
CA PHE R 87 -0.85 39.84 51.00
C PHE R 87 0.58 39.80 50.47
N PHE R 88 0.95 38.70 49.81
CA PHE R 88 2.34 38.47 49.44
C PHE R 88 2.60 38.76 47.97
N ARG R 89 1.95 39.78 47.42
CA ARG R 89 2.39 40.35 46.17
C ARG R 89 3.69 41.11 46.40
N VAL R 90 4.66 40.93 45.51
CA VAL R 90 5.83 41.78 45.51
C VAL R 90 5.38 43.20 45.17
N ARG R 91 5.85 44.16 45.96
CA ARG R 91 5.27 45.51 45.98
C ARG R 91 5.44 46.21 44.64
N ASP R 92 4.47 47.06 44.32
CA ASP R 92 4.30 47.68 43.00
C ASP R 92 4.24 46.62 41.89
N THR R 93 3.43 45.60 42.11
CA THR R 93 2.97 44.73 41.03
C THR R 93 1.47 44.62 41.16
N ARG R 94 0.96 44.76 42.38
CA ARG R 94 -0.41 45.20 42.54
C ARG R 94 -0.50 46.63 42.01
N HIS R 95 -1.54 46.90 41.22
CA HIS R 95 -1.41 47.96 40.24
C HIS R 95 -1.92 49.31 40.76
N SER R 96 -3.19 49.41 41.14
CA SER R 96 -3.77 50.71 41.42
C SER R 96 -4.89 50.55 42.43
N TRP R 97 -5.60 51.64 42.69
CA TRP R 97 -6.86 51.62 43.42
C TRP R 97 -8.06 51.81 42.51
N LYS R 98 -7.90 52.56 41.42
CA LYS R 98 -9.02 52.83 40.53
C LYS R 98 -9.32 51.64 39.62
N THR R 99 -8.28 51.05 39.03
CA THR R 99 -8.49 49.96 38.07
C THR R 99 -8.97 48.69 38.75
N THR R 100 -8.47 48.42 39.97
CA THR R 100 -8.93 47.26 40.72
C THR R 100 -10.38 47.39 41.16
N CYS R 101 -10.91 48.60 41.30
CA CYS R 101 -12.33 48.77 41.56
C CYS R 101 -13.16 48.54 40.30
N VAL R 102 -12.62 48.87 39.14
CA VAL R 102 -13.31 48.59 37.88
C VAL R 102 -13.40 47.08 37.67
N SER R 103 -12.31 46.36 37.93
CA SER R 103 -12.36 44.90 37.86
C SER R 103 -13.25 44.31 38.95
N TRP R 104 -13.33 44.97 40.11
CA TRP R 104 -14.18 44.50 41.20
C TRP R 104 -15.65 44.64 40.84
N ILE R 105 -16.02 45.77 40.24
CA ILE R 105 -17.40 45.97 39.79
C ILE R 105 -17.72 45.04 38.62
N GLU R 106 -16.72 44.74 37.79
CA GLU R 106 -16.91 43.77 36.71
C GLU R 106 -17.23 42.39 37.25
N VAL R 107 -16.46 41.93 38.24
CA VAL R 107 -16.71 40.59 38.75
C VAL R 107 -17.97 40.57 39.62
N LEU R 108 -18.33 41.71 40.22
CA LEU R 108 -19.59 41.80 40.96
C LEU R 108 -20.79 41.71 40.03
N ILE R 109 -20.73 42.33 38.86
CA ILE R 109 -21.87 42.27 37.94
C ILE R 109 -21.94 40.90 37.27
N GLN R 110 -20.80 40.36 36.83
CA GLN R 110 -20.77 39.02 36.25
C GLN R 110 -21.19 37.95 37.27
N SER R 111 -20.92 38.20 38.55
CA SER R 111 -21.46 37.35 39.60
C SER R 111 -22.97 37.54 39.72
N SER R 112 -23.41 38.78 39.87
CA SER R 112 -24.79 39.12 40.21
C SER R 112 -25.77 38.92 39.06
N VAL R 113 -25.30 38.46 37.90
CA VAL R 113 -26.22 37.99 36.86
C VAL R 113 -27.13 36.89 37.40
N ALA R 114 -26.55 35.82 37.93
CA ALA R 114 -27.32 34.66 38.36
C ALA R 114 -28.24 34.85 39.58
N PRO R 115 -27.89 35.60 40.64
CA PRO R 115 -28.88 35.82 41.71
C PRO R 115 -30.05 36.70 41.31
N ILE R 116 -29.84 37.69 40.44
CA ILE R 116 -30.96 38.48 39.93
C ILE R 116 -31.88 37.61 39.09
N ALA R 117 -31.30 36.69 38.32
CA ALA R 117 -32.10 35.75 37.54
C ALA R 117 -32.89 34.81 38.44
N TRP R 118 -32.27 34.34 39.53
CA TRP R 118 -32.98 33.45 40.45
C TRP R 118 -34.08 34.18 41.20
N LEU R 119 -33.79 35.41 41.62
CA LEU R 119 -34.78 36.25 42.30
C LEU R 119 -35.98 36.53 41.39
N PHE R 120 -35.71 36.80 40.11
CA PHE R 120 -36.79 36.96 39.14
C PHE R 120 -37.56 35.66 38.91
N VAL R 121 -36.88 34.52 38.95
CA VAL R 121 -37.58 33.25 38.78
C VAL R 121 -38.54 32.99 39.93
N VAL R 122 -38.12 33.26 41.16
CA VAL R 122 -38.99 32.92 42.28
C VAL R 122 -40.06 33.98 42.48
N PHE R 123 -39.73 35.26 42.31
CA PHE R 123 -40.76 36.29 42.28
C PHE R 123 -41.73 36.12 41.12
N LEU R 124 -41.26 35.57 40.00
CA LEU R 124 -42.14 35.29 38.86
C LEU R 124 -43.04 34.11 39.14
N ASP R 125 -42.62 33.20 40.01
CA ASP R 125 -43.56 32.24 40.56
C ASP R 125 -44.47 32.94 41.53
N GLY R 126 -45.69 32.44 41.65
CA GLY R 126 -46.49 32.85 42.78
C GLY R 126 -46.09 31.96 43.92
N GLY R 127 -45.12 32.43 44.70
CA GLY R 127 -44.46 31.59 45.66
C GLY R 127 -44.25 32.27 46.98
N TYR R 128 -42.99 32.36 47.38
CA TYR R 128 -42.62 32.82 48.70
C TYR R 128 -42.86 34.32 48.92
N TYR R 129 -43.31 35.06 47.92
CA TYR R 129 -43.81 36.39 48.20
C TYR R 129 -45.25 36.36 48.70
N ARG R 130 -46.07 35.39 48.28
CA ARG R 130 -47.38 35.26 48.90
C ARG R 130 -47.24 34.74 50.32
N CYS R 131 -46.16 34.01 50.57
CA CYS R 131 -45.82 33.47 51.87
C CYS R 131 -45.19 34.53 52.78
N TYR R 132 -45.16 35.78 52.33
CA TYR R 132 -44.59 36.91 53.05
C TYR R 132 -45.66 37.91 53.46
N ARG R 133 -46.41 38.43 52.52
CA ARG R 133 -47.50 39.32 52.89
C ARG R 133 -48.81 38.58 53.08
N SER R 134 -48.84 37.26 52.91
CA SER R 134 -49.93 36.48 53.50
C SER R 134 -49.87 36.55 55.01
N HIS R 135 -48.65 36.48 55.55
CA HIS R 135 -48.40 36.88 56.92
C HIS R 135 -48.78 38.34 57.13
N GLU R 136 -48.04 39.24 56.46
CA GLU R 136 -48.10 40.68 56.76
C GLU R 136 -49.48 41.32 56.53
N PHE R 137 -50.40 40.61 55.87
CA PHE R 137 -51.75 41.13 55.70
C PHE R 137 -52.67 40.68 56.84
N CYS R 138 -52.43 39.48 57.37
CA CYS R 138 -53.41 38.69 58.13
C CYS R 138 -53.77 39.28 59.51
N LEU R 139 -53.16 40.38 59.94
CA LEU R 139 -53.43 41.04 61.24
C LEU R 139 -53.17 40.08 62.41
N ILE R 140 -51.89 39.81 62.62
CA ILE R 140 -51.48 38.55 63.21
C ILE R 140 -51.09 38.66 64.68
N SER R 141 -51.35 39.80 65.33
CA SER R 141 -50.87 39.99 66.69
C SER R 141 -51.63 39.12 67.68
N ASP R 142 -52.85 38.72 67.31
CA ASP R 142 -53.50 37.69 68.10
C ASP R 142 -52.86 36.32 67.93
N ALA R 143 -52.20 36.07 66.79
CA ALA R 143 -51.44 34.82 66.68
C ALA R 143 -50.12 34.87 67.43
N ILE R 144 -49.59 36.08 67.70
CA ILE R 144 -48.55 36.22 68.70
C ILE R 144 -49.05 35.75 70.06
N LEU R 145 -50.26 36.16 70.41
CA LEU R 145 -50.86 35.70 71.66
C LEU R 145 -51.18 34.21 71.62
N CYS R 146 -51.59 33.70 70.45
CA CYS R 146 -51.87 32.28 70.28
C CYS R 146 -50.61 31.44 70.38
N LYS R 147 -49.46 31.97 69.98
CA LYS R 147 -48.20 31.23 70.09
C LYS R 147 -47.36 31.64 71.28
N ASN R 148 -47.88 32.50 72.16
CA ASN R 148 -47.28 32.62 73.48
C ASN R 148 -47.52 31.36 74.30
N SER R 149 -48.63 30.68 74.07
CA SER R 149 -48.94 29.40 74.69
C SER R 149 -49.77 28.58 73.71
N THR R 150 -49.25 27.43 73.30
CA THR R 150 -49.82 26.63 72.22
C THR R 150 -51.18 26.01 72.58
N ILE R 151 -51.59 26.07 73.84
CA ILE R 151 -52.97 25.75 74.20
C ILE R 151 -53.93 26.70 73.50
N LEU R 152 -53.54 27.96 73.36
CA LEU R 152 -54.33 28.92 72.60
C LEU R 152 -54.32 28.61 71.11
N ASN R 153 -53.22 28.06 70.58
CA ASN R 153 -53.21 27.56 69.20
C ASN R 153 -54.20 26.42 69.01
N SER R 154 -54.22 25.48 69.97
CA SER R 154 -55.12 24.33 69.87
C SER R 154 -56.58 24.75 69.98
N TYR R 155 -56.91 25.63 70.93
CA TYR R 155 -58.30 26.07 71.06
C TYR R 155 -58.67 27.19 70.09
N ALA R 156 -57.71 27.74 69.34
CA ALA R 156 -58.03 28.62 68.24
C ALA R 156 -58.25 27.86 66.94
N SER R 157 -57.59 26.71 66.78
CA SER R 157 -57.84 25.87 65.62
C SER R 157 -59.08 25.02 65.78
N THR R 158 -59.29 24.45 66.97
CA THR R 158 -60.35 23.47 67.19
C THR R 158 -61.64 24.08 67.74
N SER R 159 -61.57 24.74 68.89
CA SER R 159 -62.80 25.18 69.56
C SER R 159 -63.41 26.38 68.84
N SER R 160 -62.70 27.49 68.78
CA SER R 160 -63.10 28.55 67.87
C SER R 160 -62.65 28.17 66.45
N PHE R 161 -63.32 28.77 65.47
CA PHE R 161 -63.03 28.42 64.09
C PHE R 161 -61.88 29.27 63.55
N ASN R 162 -61.60 29.12 62.25
CA ASN R 162 -60.49 29.80 61.62
C ASN R 162 -60.96 30.84 60.60
N LYS R 163 -61.81 30.46 59.67
CA LYS R 163 -62.34 31.40 58.69
C LYS R 163 -63.65 32.02 59.12
N ILE R 164 -64.37 31.40 60.05
CA ILE R 164 -65.48 32.08 60.72
C ILE R 164 -64.95 33.13 61.69
N SER R 165 -63.73 32.96 62.18
CA SER R 165 -63.05 33.95 63.02
C SER R 165 -62.25 34.96 62.21
N ASP R 166 -62.69 35.26 60.99
CA ASP R 166 -62.03 36.28 60.17
C ASP R 166 -62.48 37.71 60.50
N ASN R 167 -63.02 37.95 61.70
CA ASN R 167 -63.48 39.30 62.04
C ASN R 167 -62.33 40.17 62.52
N GLY R 168 -61.67 39.79 63.61
CA GLY R 168 -60.70 40.67 64.25
C GLY R 168 -59.27 40.42 63.85
N LYS R 169 -58.46 39.91 64.78
CA LYS R 169 -57.08 39.60 64.49
C LYS R 169 -56.84 38.09 64.62
N TYR R 170 -56.01 37.55 63.73
CA TYR R 170 -56.20 36.17 63.30
C TYR R 170 -55.15 35.24 63.92
N CYS R 171 -55.50 33.96 63.98
CA CYS R 171 -54.69 32.87 64.49
C CYS R 171 -54.67 31.80 63.41
N PRO R 172 -53.75 30.81 63.47
CA PRO R 172 -52.81 30.57 62.32
C PRO R 172 -53.44 30.43 60.94
N PRO R 173 -54.33 29.44 60.66
CA PRO R 173 -54.36 28.88 59.27
C PRO R 173 -54.72 29.82 58.14
N CYS R 174 -55.12 31.07 58.44
CA CYS R 174 -54.99 32.18 57.49
C CYS R 174 -53.57 32.31 56.96
N ILE R 175 -52.57 32.07 57.83
CA ILE R 175 -51.17 32.23 57.45
C ILE R 175 -50.75 31.20 56.41
N CYS R 176 -50.98 29.91 56.70
CA CYS R 176 -50.58 28.86 55.78
C CYS R 176 -51.43 28.83 54.52
N VAL R 177 -52.67 29.30 54.58
CA VAL R 177 -53.49 29.46 53.39
C VAL R 177 -54.42 30.66 53.55
N PRO R 178 -54.26 31.68 52.71
CA PRO R 178 -55.11 32.87 52.81
C PRO R 178 -56.39 32.70 52.01
N ASN R 179 -57.16 33.78 51.97
CA ASN R 179 -58.30 33.87 51.07
C ASN R 179 -57.79 33.85 49.63
N PRO R 180 -58.42 33.10 48.72
CA PRO R 180 -57.91 33.02 47.35
C PRO R 180 -58.03 34.32 46.57
N THR R 181 -58.94 35.21 46.94
CA THR R 181 -58.93 36.57 46.42
C THR R 181 -57.65 37.29 46.81
N ASP R 182 -57.35 37.28 48.10
CA ASP R 182 -56.09 37.82 48.62
C ASP R 182 -54.89 37.11 48.03
N ALA R 183 -54.97 35.78 47.88
CA ALA R 183 -53.85 34.99 47.36
C ALA R 183 -53.55 35.36 45.92
N SER R 184 -54.58 35.50 45.09
CA SER R 184 -54.37 35.87 43.70
C SER R 184 -53.94 37.33 43.55
N TYR R 185 -54.50 38.22 44.36
CA TYR R 185 -54.08 39.62 44.41
C TYR R 185 -52.60 39.74 44.72
N LEU R 186 -52.16 39.07 45.77
CA LEU R 186 -50.78 39.19 46.22
C LEU R 186 -49.85 38.40 45.32
N GLU R 187 -50.37 37.36 44.67
CA GLU R 187 -49.62 36.60 43.67
C GLU R 187 -49.27 37.48 42.48
N ALA R 188 -50.25 38.19 41.94
CA ALA R 188 -49.92 39.07 40.83
C ALA R 188 -49.21 40.33 41.27
N GLU R 189 -49.33 40.72 42.54
CA GLU R 189 -48.42 41.71 43.10
C GLU R 189 -46.98 41.22 43.03
N SER R 190 -46.76 39.94 43.32
CA SER R 190 -45.43 39.37 43.17
C SER R 190 -45.01 39.33 41.70
N GLN R 191 -45.96 39.10 40.80
CA GLN R 191 -45.62 39.08 39.37
C GLN R 191 -45.19 40.47 38.88
N ILE R 192 -45.86 41.52 39.35
CA ILE R 192 -45.48 42.84 38.86
C ILE R 192 -44.20 43.33 39.53
N TYR R 193 -43.95 42.97 40.80
CA TYR R 193 -42.62 43.22 41.38
C TYR R 193 -41.54 42.43 40.67
N ALA R 194 -41.85 41.20 40.22
CA ALA R 194 -40.90 40.39 39.47
C ALA R 194 -40.49 41.07 38.17
N TRP R 195 -41.48 41.53 37.41
CA TRP R 195 -41.13 42.12 36.13
C TRP R 195 -40.53 43.52 36.32
N GLY R 196 -40.90 44.21 37.39
CA GLY R 196 -40.26 45.50 37.68
C GLY R 196 -38.79 45.35 38.03
N LEU R 197 -38.47 44.33 38.83
CA LEU R 197 -37.07 44.03 39.13
C LEU R 197 -36.32 43.60 37.88
N LEU R 198 -36.94 42.76 37.04
CA LEU R 198 -36.26 42.29 35.84
C LEU R 198 -36.01 43.43 34.86
N LEU R 199 -36.99 44.30 34.67
CA LEU R 199 -36.84 45.39 33.73
C LEU R 199 -35.86 46.44 34.25
N PHE R 200 -35.87 46.68 35.57
CA PHE R 200 -34.90 47.61 36.16
C PHE R 200 -33.48 47.07 36.04
N SER R 201 -33.29 45.78 36.32
CA SER R 201 -31.98 45.16 36.18
C SER R 201 -31.54 45.11 34.73
N GLY R 202 -32.47 44.86 33.81
CA GLY R 202 -32.11 44.81 32.40
C GLY R 202 -31.69 46.15 31.85
N VAL R 203 -32.45 47.21 32.20
CA VAL R 203 -32.11 48.56 31.75
C VAL R 203 -30.80 49.02 32.37
N ALA R 204 -30.62 48.77 33.68
CA ALA R 204 -29.39 49.20 34.35
C ALA R 204 -28.19 48.41 33.86
N ALA R 205 -28.36 47.12 33.58
CA ALA R 205 -27.25 46.32 33.10
C ALA R 205 -26.88 46.67 31.67
N PHE R 206 -27.88 46.92 30.83
CA PHE R 206 -27.64 47.44 29.49
C PHE R 206 -26.89 48.76 29.52
N LEU R 207 -27.31 49.67 30.40
CA LEU R 207 -26.66 50.98 30.48
C LEU R 207 -25.22 50.86 30.99
N VAL R 208 -24.98 49.96 31.95
CA VAL R 208 -23.63 49.82 32.49
C VAL R 208 -22.72 49.12 31.49
N ILE R 209 -23.15 48.00 30.90
CA ILE R 209 -22.26 47.32 29.97
C ILE R 209 -22.22 48.00 28.61
N THR R 210 -23.07 49.00 28.37
CA THR R 210 -22.85 49.89 27.24
C THR R 210 -21.83 50.96 27.59
N CYS R 211 -21.97 51.57 28.77
CA CYS R 211 -21.05 52.61 29.21
C CYS R 211 -19.66 52.06 29.56
N ASN R 212 -19.48 50.74 29.60
CA ASN R 212 -18.15 50.15 29.59
C ASN R 212 -17.88 49.37 28.30
N ARG R 213 -18.67 49.61 27.26
CA ARG R 213 -18.28 49.31 25.90
C ARG R 213 -18.28 50.54 25.02
N MET R 214 -18.73 51.68 25.53
CA MET R 214 -18.68 52.94 24.82
C MET R 214 -17.62 53.88 25.38
N CYS R 215 -17.23 53.71 26.64
CA CYS R 215 -16.07 54.38 27.21
C CYS R 215 -14.81 53.51 27.07
N ASP R 216 -14.89 52.43 26.32
CA ASP R 216 -13.73 51.59 26.08
C ASP R 216 -12.73 52.32 25.18
N LYS R 217 -11.46 52.25 25.55
CA LYS R 217 -10.41 52.90 24.75
C LYS R 217 -10.27 52.24 23.39
N TYR R 218 -10.13 50.92 23.36
CA TYR R 218 -10.00 50.21 22.11
C TYR R 218 -11.34 50.19 21.40
N THR R 219 -11.31 49.82 20.13
CA THR R 219 -12.51 49.80 19.32
C THR R 219 -12.72 48.38 18.83
N LEU R 220 -13.86 48.14 18.15
CA LEU R 220 -14.51 46.82 18.18
C LEU R 220 -13.67 45.73 17.53
N VAL R 221 -12.95 46.06 16.47
CA VAL R 221 -12.04 45.06 15.90
C VAL R 221 -10.81 44.91 16.77
N GLN R 222 -10.31 46.01 17.32
CA GLN R 222 -9.17 45.92 18.23
C GLN R 222 -9.56 45.24 19.53
N ARG R 223 -10.80 45.45 19.99
CA ARG R 223 -11.25 44.78 21.20
C ARG R 223 -11.49 43.30 20.95
N GLN R 224 -12.04 42.93 19.79
CA GLN R 224 -12.17 41.52 19.47
C GLN R 224 -10.81 40.85 19.30
N TYR R 225 -9.81 41.58 18.82
CA TYR R 225 -8.49 40.95 18.72
C TYR R 225 -7.80 40.84 20.07
N VAL R 226 -7.96 41.83 20.95
CA VAL R 226 -7.42 41.72 22.30
C VAL R 226 -8.09 40.57 23.05
N GLU R 227 -9.40 40.39 22.84
CA GLU R 227 -10.08 39.27 23.49
C GLU R 227 -9.70 37.93 22.88
N THR R 228 -9.45 37.87 21.57
CA THR R 228 -8.99 36.63 20.98
C THR R 228 -7.58 36.30 21.43
N TYR R 229 -6.72 37.31 21.53
CA TYR R 229 -5.35 37.08 21.96
C TYR R 229 -5.30 36.70 23.44
N LYS R 230 -6.15 37.30 24.26
CA LYS R 230 -6.25 36.92 25.66
C LYS R 230 -6.75 35.50 25.81
N ASN R 231 -7.81 35.15 25.09
CA ASN R 231 -8.39 33.83 25.13
C ASN R 231 -7.53 32.77 24.45
N VAL R 232 -6.49 33.16 23.74
CA VAL R 232 -5.61 32.14 23.16
C VAL R 232 -4.33 32.07 23.98
N GLU R 233 -3.88 33.17 24.58
CA GLU R 233 -2.66 33.03 25.35
C GLU R 233 -2.92 32.43 26.73
N THR R 234 -4.11 32.65 27.33
CA THR R 234 -4.35 31.96 28.60
C THR R 234 -4.83 30.53 28.41
N GLN R 235 -4.71 29.99 27.21
CA GLN R 235 -4.80 28.56 26.95
C GLN R 235 -3.49 28.00 26.44
N LYS R 236 -2.78 28.76 25.61
CA LYS R 236 -1.52 28.30 25.04
C LYS R 236 -0.41 28.35 26.08
N PHE R 237 -0.44 29.35 26.95
CA PHE R 237 0.44 29.40 28.10
C PHE R 237 0.21 28.23 29.04
N ASP R 238 -1.05 27.84 29.23
CA ASP R 238 -1.31 26.69 30.09
C ASP R 238 -0.91 25.39 29.43
N ALA R 239 -1.04 25.29 28.11
CA ALA R 239 -0.57 24.08 27.42
C ALA R 239 0.94 23.96 27.47
N VAL R 240 1.65 25.09 27.34
CA VAL R 240 3.11 25.06 27.43
C VAL R 240 3.56 24.84 28.87
N ALA R 241 2.83 25.37 29.85
CA ALA R 241 3.13 25.09 31.25
C ALA R 241 2.90 23.62 31.58
N LYS R 242 1.87 23.01 30.99
CA LYS R 242 1.62 21.60 31.22
C LYS R 242 2.68 20.74 30.58
N GLU R 243 3.09 21.03 29.35
CA GLU R 243 4.10 20.17 28.74
C GLU R 243 5.49 20.43 29.32
N HIS R 244 5.73 21.63 29.83
CA HIS R 244 6.98 21.89 30.54
C HIS R 244 7.03 21.17 31.87
N ALA R 245 5.94 21.21 32.64
CA ALA R 245 5.92 20.44 33.87
C ALA R 245 5.90 18.94 33.60
N SER R 246 5.37 18.53 32.44
CA SER R 246 5.37 17.12 32.11
C SER R 246 6.76 16.63 31.75
N GLN R 247 7.53 17.43 31.02
CA GLN R 247 8.91 17.03 30.75
C GLN R 247 9.77 17.07 32.00
N LEU R 248 9.57 18.08 32.85
CA LEU R 248 10.36 18.16 34.06
C LEU R 248 9.83 17.23 35.16
N ALA R 249 8.69 16.58 34.95
CA ALA R 249 8.27 15.49 35.81
C ALA R 249 8.67 14.13 35.28
N GLU R 250 8.67 13.94 33.96
CA GLU R 250 9.31 12.80 33.31
C GLU R 250 10.76 12.64 33.76
N HIS R 251 11.55 13.70 33.58
CA HIS R 251 12.96 13.61 33.91
C HIS R 251 13.18 13.49 35.41
N ASN R 252 12.32 14.07 36.23
CA ASN R 252 12.52 13.93 37.66
C ASN R 252 11.93 12.63 38.22
N ALA R 253 11.07 11.94 37.47
CA ALA R 253 10.69 10.60 37.88
C ALA R 253 11.72 9.58 37.47
N ARG R 254 12.29 9.74 36.26
CA ARG R 254 13.43 8.92 35.86
C ARG R 254 14.64 9.19 36.73
N ALA R 255 14.73 10.38 37.30
CA ALA R 255 15.83 10.73 38.17
C ALA R 255 15.79 10.00 39.50
N PHE R 256 14.63 9.48 39.88
CA PHE R 256 14.58 8.80 41.17
C PHE R 256 14.71 7.30 41.02
N PHE R 257 14.18 6.72 39.95
CA PHE R 257 14.35 5.29 39.73
C PHE R 257 15.55 4.99 38.85
N GLY R 258 16.58 5.79 39.00
CA GLY R 258 17.90 5.49 38.52
C GLY R 258 18.90 5.72 39.63
N GLN R 259 18.61 5.39 40.88
CA GLN R 259 19.62 5.53 41.90
C GLN R 259 20.05 4.20 42.51
N LYS R 260 19.12 3.43 43.05
CA LYS R 260 19.35 2.22 43.86
C LYS R 260 20.34 2.45 45.00
N ASN R 278 13.04 31.95 37.15
CA ASN R 278 11.70 32.37 37.51
C ASN R 278 11.63 32.82 38.97
N PRO R 279 11.93 34.08 39.23
CA PRO R 279 11.71 34.61 40.59
C PRO R 279 10.29 35.10 40.76
N LEU R 280 9.96 35.70 41.92
CA LEU R 280 8.61 36.22 42.14
C LEU R 280 8.27 37.38 41.21
N PHE R 281 9.27 38.13 40.73
CA PHE R 281 8.99 39.19 39.77
C PHE R 281 8.42 38.65 38.47
N ALA R 282 8.96 37.54 37.97
CA ALA R 282 8.40 36.98 36.75
C ALA R 282 7.03 36.35 37.00
N ARG R 283 6.87 35.69 38.15
CA ARG R 283 5.59 35.05 38.44
C ARG R 283 4.55 36.04 38.91
N LEU R 284 4.92 37.32 39.01
CA LEU R 284 3.96 38.36 39.36
C LEU R 284 3.68 39.33 38.22
N ARG R 285 4.65 39.62 37.36
CA ARG R 285 4.31 40.25 36.09
C ARG R 285 3.67 39.28 35.11
N LEU R 286 3.61 37.99 35.45
CA LEU R 286 2.90 37.02 34.63
C LEU R 286 1.42 36.93 34.99
N ILE R 287 0.85 37.97 35.58
CA ILE R 287 -0.51 37.89 36.08
C ILE R 287 -1.31 39.14 35.69
N ALA R 288 -2.54 38.92 35.24
CA ALA R 288 -3.44 39.89 34.64
C ALA R 288 -4.06 40.83 35.67
N ALA R 289 -5.21 41.41 35.32
CA ALA R 289 -5.77 42.64 35.92
C ALA R 289 -4.76 43.77 35.72
N GLU R 290 -4.59 44.11 34.45
CA GLU R 290 -3.53 44.95 33.94
C GLU R 290 -4.07 46.28 33.46
N LYS R 291 -3.15 47.20 33.17
CA LYS R 291 -3.49 48.39 32.44
C LYS R 291 -3.51 48.10 30.94
N THR R 292 -4.41 48.77 30.23
CA THR R 292 -4.54 48.57 28.80
C THR R 292 -4.14 49.85 28.06
N GLN R 293 -3.05 50.48 28.52
CA GLN R 293 -2.65 51.80 28.07
C GLN R 293 -1.56 51.78 26.99
N GLN R 294 -0.90 50.65 26.78
CA GLN R 294 0.21 50.55 25.84
C GLN R 294 -0.23 49.71 24.65
N THR R 295 0.59 49.71 23.60
CA THR R 295 0.33 48.87 22.43
C THR R 295 0.37 47.39 22.79
N MET R 296 1.16 47.01 23.80
CA MET R 296 1.09 45.66 24.33
C MET R 296 0.20 45.62 25.56
N TYR R 297 -0.28 44.42 25.87
CA TYR R 297 -1.34 44.21 26.85
C TYR R 297 -1.31 42.76 27.33
N THR R 298 -2.11 42.48 28.37
CA THR R 298 -2.27 41.18 29.02
C THR R 298 -0.91 40.72 29.52
N PRO R 299 -0.47 41.21 30.68
CA PRO R 299 0.94 41.63 30.85
C PRO R 299 2.00 40.57 30.74
N LEU R 300 1.68 39.35 30.32
CA LEU R 300 2.70 38.46 29.80
C LEU R 300 3.50 39.15 28.70
N GLN R 301 2.80 39.78 27.76
CA GLN R 301 3.44 40.60 26.73
C GLN R 301 4.23 41.75 27.33
N LEU R 302 3.70 42.40 28.35
CA LEU R 302 4.35 43.61 28.85
C LEU R 302 5.60 43.26 29.64
N TRP R 303 5.54 42.15 30.40
CA TRP R 303 6.72 41.56 31.02
C TRP R 303 7.75 41.18 29.97
N ASN R 304 7.31 40.53 28.89
CA ASN R 304 8.23 40.06 27.86
C ASN R 304 8.90 41.22 27.15
N ASP R 305 8.18 42.32 26.94
CA ASP R 305 8.79 43.52 26.38
C ASP R 305 9.74 44.15 27.38
N ASN R 306 9.42 44.06 28.69
CA ASN R 306 10.25 44.70 29.69
C ASN R 306 11.56 43.94 29.89
N LYS R 307 11.48 42.70 30.32
CA LYS R 307 12.65 41.87 30.59
C LYS R 307 12.96 41.07 29.33
N GLY R 308 13.76 40.00 29.46
CA GLY R 308 14.33 39.26 28.33
C GLY R 308 13.31 38.67 27.36
N TYR R 309 13.86 38.13 26.26
CA TYR R 309 13.11 37.72 25.05
C TYR R 309 12.32 38.92 24.52
N ARG R 310 13.06 39.87 23.94
CA ARG R 310 12.51 41.19 23.61
C ARG R 310 11.36 41.12 22.60
N ILE R 311 11.51 40.43 21.47
CA ILE R 311 10.36 40.20 20.59
C ILE R 311 10.26 38.73 20.20
N PRO R 312 9.05 38.21 19.95
CA PRO R 312 8.75 36.96 19.23
C PRO R 312 8.69 37.14 17.71
N MET S 1 -54.55 26.00 21.46
CA MET S 1 -53.96 26.92 20.50
C MET S 1 -52.44 26.76 20.47
N THR S 2 -51.92 25.81 21.26
CA THR S 2 -50.48 25.65 21.39
C THR S 2 -49.87 24.93 20.18
N THR S 3 -50.42 23.77 19.82
CA THR S 3 -49.89 23.00 18.70
C THR S 3 -50.13 23.69 17.37
N SER S 4 -51.21 24.49 17.28
CA SER S 4 -51.48 25.30 16.11
C SER S 4 -50.36 26.30 15.85
N ILE S 5 -50.02 27.08 16.88
CA ILE S 5 -48.96 28.06 16.73
C ILE S 5 -47.59 27.40 16.67
N ASN S 6 -47.45 26.17 17.17
CA ASN S 6 -46.21 25.42 16.95
C ASN S 6 -46.07 24.98 15.50
N SER S 7 -47.18 24.64 14.85
CA SER S 7 -47.14 24.38 13.41
C SER S 7 -46.81 25.66 12.64
N VAL S 8 -47.32 26.80 13.11
CA VAL S 8 -46.94 28.09 12.54
C VAL S 8 -45.44 28.36 12.74
N VAL S 9 -44.89 27.90 13.88
CA VAL S 9 -43.45 28.00 14.14
C VAL S 9 -42.66 27.20 13.13
N THR S 10 -43.13 25.97 12.82
CA THR S 10 -42.44 25.16 11.81
C THR S 10 -42.51 25.81 10.42
N VAL S 11 -43.67 26.40 10.10
CA VAL S 11 -43.83 27.13 8.82
C VAL S 11 -42.87 28.31 8.74
N PHE S 12 -42.78 29.10 9.78
CA PHE S 12 -41.88 30.25 9.69
C PHE S 12 -40.43 29.91 10.01
N GLN S 13 -40.14 28.71 10.52
CA GLN S 13 -38.79 28.17 10.43
C GLN S 13 -38.41 27.91 8.97
N ASN S 14 -39.34 27.35 8.20
CA ASN S 14 -39.10 27.23 6.76
C ASN S 14 -38.96 28.58 6.09
N VAL S 15 -39.71 29.58 6.56
CA VAL S 15 -39.60 30.94 5.99
C VAL S 15 -38.25 31.57 6.31
N PHE S 16 -37.84 31.55 7.58
CA PHE S 16 -36.53 32.08 7.97
C PHE S 16 -35.36 31.17 7.61
N THR S 17 -35.61 30.01 7.01
CA THR S 17 -34.55 29.35 6.27
C THR S 17 -34.63 29.59 4.77
N ASN S 18 -35.72 30.19 4.27
CA ASN S 18 -35.76 30.57 2.86
C ASN S 18 -35.04 31.89 2.60
N HIS S 19 -35.60 33.00 3.10
CA HIS S 19 -35.12 34.34 2.77
C HIS S 19 -35.54 35.32 3.88
N GLY S 20 -35.44 36.61 3.57
CA GLY S 20 -35.77 37.69 4.45
C GLY S 20 -34.88 38.88 4.17
N SER S 21 -34.63 39.69 5.22
CA SER S 21 -33.66 40.77 5.13
C SER S 21 -32.27 40.28 5.54
N THR S 22 -32.13 39.86 6.79
CA THR S 22 -31.01 39.07 7.27
C THR S 22 -31.59 37.90 8.06
N LEU S 23 -30.70 37.01 8.52
CA LEU S 23 -31.14 35.82 9.25
C LEU S 23 -30.28 35.56 10.49
N LEU S 24 -29.72 36.60 11.11
CA LEU S 24 -28.88 36.41 12.29
C LEU S 24 -29.68 36.10 13.54
N ASN S 25 -30.98 36.42 13.56
CA ASN S 25 -31.81 36.20 14.73
C ASN S 25 -33.02 35.33 14.42
N GLY S 26 -33.07 34.71 13.23
CA GLY S 26 -34.20 33.86 12.88
C GLY S 26 -34.24 32.54 13.62
N ILE S 27 -33.13 32.14 14.23
CA ILE S 27 -33.13 30.94 15.06
C ILE S 27 -33.89 31.20 16.36
N LEU S 28 -33.66 32.36 16.98
CA LEU S 28 -34.18 32.60 18.32
C LEU S 28 -35.66 32.97 18.32
N ILE S 29 -36.15 33.63 17.26
CA ILE S 29 -37.53 34.12 17.25
C ILE S 29 -38.52 32.96 17.20
N ALA S 30 -38.23 31.96 16.37
CA ALA S 30 -39.09 30.79 16.29
C ALA S 30 -39.07 29.97 17.57
N THR S 31 -37.93 29.94 18.26
CA THR S 31 -37.89 29.26 19.56
C THR S 31 -38.69 30.02 20.62
N THR S 32 -38.66 31.36 20.56
CA THR S 32 -39.48 32.16 21.48
C THR S 32 -40.97 31.90 21.25
N VAL S 33 -41.40 31.85 19.98
CA VAL S 33 -42.82 31.64 19.72
C VAL S 33 -43.23 30.21 20.07
N GLY S 34 -42.39 29.22 19.73
CA GLY S 34 -42.72 27.84 20.00
C GLY S 34 -42.64 27.45 21.46
N GLY S 35 -41.86 28.18 22.25
CA GLY S 35 -41.83 27.92 23.67
C GLY S 35 -42.86 28.74 24.43
N GLN S 36 -43.15 29.94 23.94
CA GLN S 36 -44.06 30.77 24.68
C GLN S 36 -45.51 30.58 24.25
N SER S 37 -45.77 29.78 23.22
CA SER S 37 -47.09 29.19 23.07
C SER S 37 -47.40 28.26 24.24
N LEU S 38 -46.43 27.42 24.62
CA LEU S 38 -46.60 26.55 25.78
C LEU S 38 -46.54 27.33 27.08
N VAL S 39 -45.89 28.50 27.10
CA VAL S 39 -46.04 29.40 28.24
C VAL S 39 -47.48 29.91 28.31
N ARG S 40 -48.03 30.35 27.17
CA ARG S 40 -49.41 30.84 27.12
C ARG S 40 -50.45 29.76 27.36
N LYS S 41 -50.05 28.48 27.33
CA LYS S 41 -50.91 27.42 27.86
C LYS S 41 -51.17 27.63 29.35
N LEU S 42 -50.20 28.20 30.10
CA LEU S 42 -50.35 28.46 31.53
C LEU S 42 -50.00 29.94 31.79
N THR S 43 -50.98 30.81 31.63
CA THR S 43 -50.85 32.26 31.81
C THR S 43 -52.16 32.79 32.36
N PHE S 44 -52.38 34.10 32.18
CA PHE S 44 -53.46 34.92 32.76
C PHE S 44 -53.65 34.63 34.25
N SER S 45 -52.61 34.97 35.02
CA SER S 45 -52.73 35.03 36.46
C SER S 45 -53.79 36.04 36.87
N CYS S 46 -53.72 37.25 36.30
CA CYS S 46 -54.83 38.17 36.07
C CYS S 46 -55.54 38.58 37.35
N PRO S 47 -54.96 39.47 38.15
CA PRO S 47 -55.48 39.75 39.50
C PRO S 47 -56.86 40.37 39.50
N CYS S 48 -57.48 40.33 40.66
CA CYS S 48 -58.81 40.85 40.89
C CYS S 48 -58.84 42.29 41.37
N ALA S 49 -57.86 43.12 41.00
CA ALA S 49 -57.80 44.46 41.57
C ALA S 49 -58.00 45.55 40.51
N TYR S 50 -58.34 46.76 40.98
CA TYR S 50 -58.48 47.88 40.08
C TYR S 50 -57.12 48.32 39.48
N PRO S 51 -56.10 48.73 40.29
CA PRO S 51 -54.87 49.16 39.59
C PRO S 51 -54.01 48.00 39.15
N LEU S 52 -54.04 46.90 39.91
CA LEU S 52 -53.12 45.81 39.66
C LEU S 52 -53.51 44.98 38.45
N ASN S 53 -54.75 45.03 38.00
CA ASN S 53 -55.06 44.30 36.78
C ASN S 53 -54.49 45.01 35.55
N ILE S 54 -54.68 46.33 35.49
CA ILE S 54 -54.07 47.12 34.42
C ILE S 54 -52.56 47.05 34.51
N TYR S 55 -52.00 47.00 35.73
CA TYR S 55 -50.54 46.91 35.85
C TYR S 55 -50.04 45.54 35.40
N HIS S 56 -50.70 44.47 35.84
CA HIS S 56 -50.30 43.12 35.46
C HIS S 56 -50.59 42.82 33.99
N SER S 57 -51.44 43.60 33.34
CA SER S 57 -51.62 43.41 31.91
C SER S 57 -50.67 44.28 31.10
N LEU S 58 -50.58 45.56 31.45
CA LEU S 58 -49.79 46.53 30.71
C LEU S 58 -48.30 46.25 30.85
N VAL S 59 -47.84 45.91 32.06
CA VAL S 59 -46.44 45.54 32.25
C VAL S 59 -46.14 44.25 31.51
N PHE S 60 -47.02 43.25 31.59
CA PHE S 60 -46.75 41.98 30.94
C PHE S 60 -46.80 42.08 29.42
N MET S 61 -47.50 43.08 28.87
CA MET S 61 -47.42 43.30 27.42
C MET S 61 -46.19 44.12 27.06
N PHE S 62 -46.10 45.36 27.55
CA PHE S 62 -45.08 46.28 27.08
C PHE S 62 -43.75 46.13 27.81
N GLY S 63 -43.58 45.08 28.61
CA GLY S 63 -42.32 44.78 29.25
C GLY S 63 -41.41 43.87 28.45
N PRO S 64 -41.88 42.67 28.09
CA PRO S 64 -41.08 41.81 27.20
C PRO S 64 -40.84 42.40 25.83
N THR S 65 -41.68 43.33 25.36
CA THR S 65 -41.37 44.05 24.14
C THR S 65 -40.12 44.90 24.29
N ALA S 66 -40.03 45.66 25.38
CA ALA S 66 -38.83 46.43 25.65
C ALA S 66 -37.63 45.55 25.92
N ALA S 67 -37.85 44.40 26.57
CA ALA S 67 -36.75 43.48 26.87
C ALA S 67 -36.19 42.85 25.60
N LEU S 68 -37.07 42.36 24.73
CA LEU S 68 -36.61 41.80 23.46
C LEU S 68 -36.11 42.87 22.51
N LEU S 69 -36.57 44.11 22.65
CA LEU S 69 -36.01 45.20 21.86
C LEU S 69 -34.58 45.48 22.30
N LEU S 70 -34.34 45.47 23.62
CA LEU S 70 -32.99 45.69 24.15
C LEU S 70 -32.07 44.53 23.79
N ILE S 71 -32.57 43.30 23.82
CA ILE S 71 -31.79 42.14 23.39
C ILE S 71 -31.49 42.23 21.90
N GLY S 72 -32.48 42.64 21.10
CA GLY S 72 -32.26 42.77 19.67
C GLY S 72 -31.29 43.87 19.31
N ILE S 73 -31.18 44.89 20.16
CA ILE S 73 -30.09 45.86 19.99
C ILE S 73 -28.76 45.19 20.32
N THR S 74 -28.64 44.67 21.54
CA THR S 74 -27.33 44.32 22.09
C THR S 74 -26.71 43.10 21.40
N VAL S 75 -27.53 42.16 20.96
CA VAL S 75 -27.02 41.00 20.25
C VAL S 75 -26.57 41.39 18.84
N ASN S 76 -27.23 42.38 18.24
CA ASN S 76 -26.95 42.77 16.86
C ASN S 76 -25.57 43.44 16.78
N SER S 77 -24.75 42.94 15.87
CA SER S 77 -23.35 43.34 15.83
C SER S 77 -23.18 44.77 15.35
N THR S 78 -24.04 45.20 14.43
CA THR S 78 -23.79 46.42 13.67
C THR S 78 -23.85 47.66 14.56
N THR S 79 -24.71 47.65 15.57
CA THR S 79 -24.76 48.80 16.46
C THR S 79 -23.49 48.91 17.29
N TRP S 80 -22.84 47.79 17.63
CA TRP S 80 -21.56 47.92 18.30
C TRP S 80 -20.51 48.42 17.34
N LYS S 81 -20.57 48.02 16.06
CA LYS S 81 -19.68 48.60 15.08
C LYS S 81 -19.98 50.08 14.85
N LEU S 82 -21.17 50.54 15.24
CA LEU S 82 -21.41 51.98 15.27
C LEU S 82 -20.86 52.59 16.55
N ALA S 83 -21.05 51.92 17.69
CA ALA S 83 -20.82 52.57 18.97
C ALA S 83 -20.17 51.63 19.98
N HIS S 84 -19.14 50.89 19.57
CA HIS S 84 -18.23 50.30 20.55
C HIS S 84 -17.10 51.28 20.75
N GLY S 85 -17.11 51.97 21.89
CA GLY S 85 -16.08 52.96 22.13
C GLY S 85 -16.31 54.21 21.32
N PHE S 86 -17.49 54.81 21.48
CA PHE S 86 -17.80 56.01 20.73
C PHE S 86 -17.06 57.23 21.29
N PHE S 87 -16.71 57.21 22.57
CA PHE S 87 -15.98 58.34 23.15
C PHE S 87 -14.56 58.43 22.59
N PHE S 88 -13.84 57.32 22.55
CA PHE S 88 -12.42 57.33 22.23
C PHE S 88 -12.15 56.88 20.80
N ARG S 89 -13.03 57.23 19.88
CA ARG S 89 -12.68 57.17 18.47
C ARG S 89 -11.68 58.27 18.17
N VAL S 90 -10.64 57.94 17.40
CA VAL S 90 -9.77 58.98 16.86
C VAL S 90 -10.59 59.81 15.90
N ARG S 91 -10.48 61.14 16.03
CA ARG S 91 -11.42 62.06 15.40
C ARG S 91 -11.36 61.99 13.89
N ASP S 92 -12.51 62.24 13.27
CA ASP S 92 -12.76 62.00 11.84
C ASP S 92 -12.42 60.57 11.44
N THR S 93 -12.93 59.62 12.23
CA THR S 93 -13.02 58.24 11.79
C THR S 93 -14.45 57.78 12.08
N ARG S 94 -15.06 58.37 13.11
CA ARG S 94 -16.50 58.43 13.14
C ARG S 94 -16.96 59.28 11.97
N HIS S 95 -17.98 58.80 11.25
CA HIS S 95 -18.09 59.19 9.85
C HIS S 95 -19.00 60.40 9.65
N SER S 96 -20.27 60.32 10.04
CA SER S 96 -21.23 61.35 9.66
C SER S 96 -22.32 61.41 10.71
N TRP S 97 -23.33 62.24 10.44
CA TRP S 97 -24.57 62.23 11.19
C TRP S 97 -25.72 61.58 10.42
N LYS S 98 -25.70 61.66 9.09
CA LYS S 98 -26.78 61.11 8.30
C LYS S 98 -26.66 59.60 8.16
N THR S 99 -25.45 59.10 7.87
CA THR S 99 -25.26 57.68 7.62
C THR S 99 -25.41 56.86 8.90
N THR S 100 -24.94 57.41 10.02
CA THR S 100 -25.10 56.73 11.29
C THR S 100 -26.55 56.65 11.75
N CYS S 101 -27.42 57.55 11.29
CA CYS S 101 -28.84 57.42 11.55
C CYS S 101 -29.48 56.35 10.68
N VAL S 102 -28.97 56.17 9.46
CA VAL S 102 -29.45 55.09 8.60
C VAL S 102 -29.09 53.74 9.20
N SER S 103 -27.86 53.61 9.70
CA SER S 103 -27.48 52.38 10.39
C SER S 103 -28.24 52.22 11.69
N TRP S 104 -28.59 53.32 12.35
CA TRP S 104 -29.34 53.25 13.60
C TRP S 104 -30.76 52.77 13.35
N ILE S 105 -31.40 53.26 12.30
CA ILE S 105 -32.74 52.80 11.95
C ILE S 105 -32.69 51.36 11.46
N GLU S 106 -31.59 50.97 10.80
CA GLU S 106 -31.41 49.58 10.39
C GLU S 106 -31.36 48.64 11.59
N VAL S 107 -30.56 49.00 12.61
CA VAL S 107 -30.45 48.11 13.75
C VAL S 107 -31.70 48.19 14.62
N LEU S 108 -32.42 49.32 14.59
CA LEU S 108 -33.70 49.41 15.27
C LEU S 108 -34.76 48.50 14.64
N ILE S 109 -34.80 48.43 13.32
CA ILE S 109 -35.79 47.59 12.66
C ILE S 109 -35.43 46.12 12.80
N GLN S 110 -34.15 45.77 12.61
CA GLN S 110 -33.69 44.40 12.79
C GLN S 110 -33.86 43.95 14.24
N SER S 111 -33.76 44.88 15.18
CA SER S 111 -34.10 44.58 16.56
C SER S 111 -35.60 44.37 16.72
N SER S 112 -36.39 45.32 16.24
CA SER S 112 -37.84 45.38 16.48
C SER S 112 -38.63 44.34 15.70
N VAL S 113 -37.97 43.51 14.89
CA VAL S 113 -38.63 42.33 14.33
C VAL S 113 -39.23 41.46 15.44
N ALA S 114 -38.39 41.03 16.39
CA ALA S 114 -38.83 40.10 17.43
C ALA S 114 -39.85 40.63 18.45
N PRO S 115 -39.80 41.88 18.94
CA PRO S 115 -40.89 42.32 19.82
C PRO S 115 -42.23 42.48 19.14
N ILE S 116 -42.27 42.90 17.87
CA ILE S 116 -43.52 42.96 17.14
C ILE S 116 -44.09 41.57 16.94
N ALA S 117 -43.21 40.60 16.70
CA ALA S 117 -43.65 39.20 16.59
C ALA S 117 -44.19 38.69 17.92
N TRP S 118 -43.55 39.04 19.03
CA TRP S 118 -44.03 38.59 20.34
C TRP S 118 -45.35 39.26 20.71
N LEU S 119 -45.46 40.55 20.40
CA LEU S 119 -46.69 41.30 20.63
C LEU S 119 -47.84 40.71 19.83
N PHE S 120 -47.58 40.35 18.58
CA PHE S 120 -48.58 39.67 17.77
C PHE S 120 -48.92 38.29 18.30
N VAL S 121 -47.95 37.57 18.86
CA VAL S 121 -48.24 36.25 19.43
C VAL S 121 -49.16 36.37 20.63
N VAL S 122 -48.93 37.34 21.50
CA VAL S 122 -49.74 37.39 22.72
C VAL S 122 -51.09 38.05 22.45
N PHE S 123 -51.13 39.09 21.60
CA PHE S 123 -52.41 39.62 21.15
C PHE S 123 -53.20 38.60 20.33
N LEU S 124 -52.51 37.72 19.62
CA LEU S 124 -53.19 36.66 18.86
C LEU S 124 -53.73 35.58 19.80
N ASP S 125 -53.12 35.42 20.96
CA ASP S 125 -53.78 34.67 22.01
C ASP S 125 -54.93 35.47 22.56
N GLY S 126 -55.96 34.78 23.04
CA GLY S 126 -56.92 35.47 23.85
C GLY S 126 -56.35 35.46 25.26
N GLY S 127 -55.63 36.50 25.59
CA GLY S 127 -54.82 36.51 26.78
C GLY S 127 -54.92 37.80 27.53
N TYR S 128 -53.78 38.44 27.72
CA TYR S 128 -53.64 39.60 28.58
C TYR S 128 -54.33 40.85 28.02
N TYR S 129 -54.89 40.80 26.82
CA TYR S 129 -55.78 41.89 26.43
C TYR S 129 -57.18 41.71 27.00
N ARG S 130 -57.65 40.46 27.22
CA ARG S 130 -58.91 40.32 27.93
C ARG S 130 -58.71 40.67 29.40
N CYS S 131 -57.49 40.51 29.89
CA CYS S 131 -57.11 40.84 31.25
C CYS S 131 -56.88 42.34 31.42
N TYR S 132 -57.18 43.13 30.39
CA TYR S 132 -57.02 44.57 30.38
C TYR S 132 -58.36 45.30 30.32
N ARG S 133 -59.16 45.02 29.31
CA ARG S 133 -60.48 45.62 29.28
C ARG S 133 -61.54 44.75 29.93
N SER S 134 -61.17 43.57 30.47
CA SER S 134 -62.03 42.95 31.46
C SER S 134 -62.10 43.80 32.71
N HIS S 135 -60.96 44.37 33.10
CA HIS S 135 -60.93 45.47 34.04
C HIS S 135 -61.72 46.64 33.51
N GLU S 136 -61.24 47.24 32.41
CA GLU S 136 -61.73 48.54 31.93
C GLU S 136 -63.21 48.55 31.54
N PHE S 137 -63.84 47.37 31.42
CA PHE S 137 -65.28 47.32 31.14
C PHE S 137 -66.10 47.28 32.42
N CYS S 138 -65.56 46.66 33.47
CA CYS S 138 -66.33 46.13 34.60
C CYS S 138 -66.94 47.20 35.52
N LEU S 139 -66.71 48.51 35.26
CA LEU S 139 -67.25 49.62 36.05
C LEU S 139 -66.81 49.52 37.52
N ILE S 140 -65.52 49.79 37.73
CA ILE S 140 -64.80 49.18 38.84
C ILE S 140 -64.57 50.13 40.00
N SER S 141 -65.20 51.31 40.00
CA SER S 141 -64.89 52.32 41.02
C SER S 141 -65.45 51.90 42.38
N ASP S 142 -66.47 51.04 42.39
CA ASP S 142 -66.84 50.44 43.65
C ASP S 142 -65.81 49.42 44.13
N ALA S 143 -65.02 48.81 43.24
CA ALA S 143 -63.93 47.97 43.71
C ALA S 143 -62.75 48.77 44.21
N ILE S 144 -62.62 50.03 43.77
CA ILE S 144 -61.73 50.96 44.45
C ILE S 144 -62.17 51.14 45.89
N LEU S 145 -63.48 51.30 46.11
CA LEU S 145 -64.00 51.41 47.46
C LEU S 145 -63.87 50.09 48.22
N CYS S 146 -64.04 48.96 47.52
CA CYS S 146 -63.88 47.65 48.13
C CYS S 146 -62.44 47.37 48.53
N LYS S 147 -61.46 47.92 47.81
CA LYS S 147 -60.06 47.74 48.17
C LYS S 147 -59.46 48.93 48.90
N ASN S 148 -60.27 49.92 49.26
CA ASN S 148 -59.82 50.87 50.27
C ASN S 148 -59.75 50.21 51.64
N SER S 149 -60.60 49.22 51.88
CA SER S 149 -60.56 48.42 53.10
C SER S 149 -61.04 47.02 52.76
N THR S 150 -60.19 46.02 52.95
CA THR S 150 -60.43 44.66 52.50
C THR S 150 -61.56 43.96 53.23
N ILE S 151 -62.06 44.54 54.33
CA ILE S 151 -63.32 44.08 54.93
C ILE S 151 -64.47 44.21 53.92
N LEU S 152 -64.44 45.28 53.12
CA LEU S 152 -65.42 45.43 52.06
C LEU S 152 -65.21 44.40 50.94
N ASN S 153 -63.96 44.00 50.67
CA ASN S 153 -63.71 42.90 49.75
C ASN S 153 -64.30 41.60 50.26
N SER S 154 -64.13 41.32 51.56
CA SER S 154 -64.64 40.09 52.15
C SER S 154 -66.17 40.07 52.16
N TYR S 155 -66.81 41.17 52.55
CA TYR S 155 -68.26 41.21 52.56
C TYR S 155 -68.87 41.49 51.19
N ALA S 156 -68.06 41.83 50.19
CA ALA S 156 -68.55 41.88 48.82
C ALA S 156 -68.44 40.54 48.12
N SER S 157 -67.46 39.71 48.52
CA SER S 157 -67.38 38.37 47.96
C SER S 157 -68.33 37.40 48.66
N THR S 158 -68.45 37.51 49.99
CA THR S 158 -69.19 36.52 50.78
C THR S 158 -70.64 36.93 51.04
N SER S 159 -70.85 38.08 51.69
CA SER S 159 -72.20 38.44 52.14
C SER S 159 -73.08 38.85 50.97
N SER S 160 -72.71 39.92 50.28
CA SER S 160 -73.34 40.19 49.00
C SER S 160 -72.70 39.29 47.94
N PHE S 161 -73.43 39.07 46.85
CA PHE S 161 -72.96 38.16 45.83
C PHE S 161 -72.06 38.90 44.84
N ASN S 162 -71.68 38.19 43.78
CA ASN S 162 -70.76 38.73 42.78
C ASN S 162 -71.43 38.91 41.43
N LYS S 163 -72.06 37.87 40.90
CA LYS S 163 -72.76 37.97 39.63
C LYS S 163 -74.24 38.33 39.80
N ILE S 164 -74.81 38.11 40.99
CA ILE S 164 -76.12 38.68 41.30
C ILE S 164 -75.98 40.18 41.53
N SER S 165 -74.80 40.65 41.94
CA SER S 165 -74.51 42.07 42.10
C SER S 165 -73.98 42.71 40.81
N ASP S 166 -74.39 42.20 39.64
CA ASP S 166 -74.01 42.78 38.36
C ASP S 166 -74.87 43.97 37.96
N ASN S 167 -75.54 44.64 38.90
CA ASN S 167 -76.39 45.77 38.55
C ASN S 167 -75.59 47.05 38.40
N GLY S 168 -74.93 47.50 39.47
CA GLY S 168 -74.30 48.80 39.48
C GLY S 168 -72.83 48.81 39.14
N LYS S 169 -71.98 49.10 40.12
CA LYS S 169 -70.55 49.09 39.91
C LYS S 169 -69.90 48.01 40.76
N TYR S 170 -68.89 47.36 40.21
CA TYR S 170 -68.63 45.96 40.57
C TYR S 170 -67.40 45.84 41.47
N CYS S 171 -67.38 44.74 42.21
CA CYS S 171 -66.32 44.34 43.13
C CYS S 171 -65.91 42.91 42.76
N PRO S 172 -64.75 42.42 43.23
CA PRO S 172 -63.70 41.90 42.30
C PRO S 172 -64.16 40.90 41.25
N PRO S 173 -64.71 39.69 41.58
CA PRO S 173 -64.47 38.52 40.70
C PRO S 173 -65.01 38.59 39.27
N CYS S 174 -65.77 39.65 38.94
CA CYS S 174 -65.90 40.08 37.54
C CYS S 174 -64.54 40.33 36.89
N ILE S 175 -63.59 40.86 37.66
CA ILE S 175 -62.26 41.19 37.13
C ILE S 175 -61.49 39.94 36.74
N CYS S 176 -61.37 38.99 37.66
CA CYS S 176 -60.60 37.78 37.38
C CYS S 176 -61.31 36.86 36.39
N VAL S 177 -62.64 36.92 36.33
CA VAL S 177 -63.38 36.19 35.29
C VAL S 177 -64.62 36.99 34.90
N PRO S 178 -64.71 37.42 33.65
CA PRO S 178 -65.87 38.19 33.20
C PRO S 178 -66.99 37.28 32.73
N ASN S 179 -68.04 37.92 32.21
CA ASN S 179 -69.08 37.19 31.49
C ASN S 179 -68.50 36.59 30.22
N PRO S 180 -68.81 35.34 29.90
CA PRO S 180 -68.20 34.71 28.71
C PRO S 180 -68.63 35.32 27.40
N THR S 181 -69.79 35.97 27.34
CA THR S 181 -70.14 36.80 26.19
C THR S 181 -69.14 37.95 26.04
N ASP S 182 -68.94 38.70 27.13
CA ASP S 182 -67.94 39.76 27.17
C ASP S 182 -66.54 39.22 26.92
N ALA S 183 -66.24 38.05 27.49
CA ALA S 183 -64.89 37.47 27.35
C ALA S 183 -64.61 37.11 25.90
N SER S 184 -65.57 36.49 25.22
CA SER S 184 -65.38 36.14 23.81
C SER S 184 -65.38 37.36 22.90
N TYR S 185 -66.23 38.34 23.19
CA TYR S 185 -66.23 39.61 22.47
C TYR S 185 -64.88 40.30 22.54
N LEU S 186 -64.35 40.41 23.74
CA LEU S 186 -63.10 41.14 23.93
C LEU S 186 -61.91 40.30 23.48
N GLU S 187 -62.07 38.98 23.51
CA GLU S 187 -61.06 38.06 22.99
C GLU S 187 -60.89 38.26 21.48
N ALA S 188 -61.99 38.29 20.75
CA ALA S 188 -61.85 38.51 19.33
C ALA S 188 -61.56 39.97 18.99
N GLU S 189 -61.89 40.89 19.89
CA GLU S 189 -61.35 42.25 19.77
C GLU S 189 -59.84 42.23 19.83
N SER S 190 -59.27 41.40 20.71
CA SER S 190 -57.82 41.23 20.76
C SER S 190 -57.30 40.57 19.48
N GLN S 191 -58.07 39.65 18.92
CA GLN S 191 -57.64 38.99 17.68
C GLN S 191 -57.61 39.99 16.51
N ILE S 192 -58.58 40.89 16.43
CA ILE S 192 -58.57 41.81 15.31
C ILE S 192 -57.53 42.92 15.51
N TYR S 193 -57.28 43.34 16.76
CA TYR S 193 -56.13 44.22 17.00
C TYR S 193 -54.80 43.52 16.70
N ALA S 194 -54.73 42.22 16.98
CA ALA S 194 -53.53 41.44 16.67
C ALA S 194 -53.25 41.44 15.18
N TRP S 195 -54.26 41.14 14.38
CA TRP S 195 -54.00 41.07 12.95
C TRP S 195 -53.85 42.45 12.34
N GLY S 196 -54.49 43.47 12.93
CA GLY S 196 -54.26 44.82 12.45
C GLY S 196 -52.85 45.30 12.70
N LEU S 197 -52.29 44.99 13.88
CA LEU S 197 -50.90 45.31 14.15
C LEU S 197 -49.97 44.53 13.25
N LEU S 198 -50.26 43.24 13.02
CA LEU S 198 -49.38 42.43 12.17
C LEU S 198 -49.41 42.91 10.73
N LEU S 199 -50.58 43.25 10.21
CA LEU S 199 -50.68 43.68 8.83
C LEU S 199 -50.10 45.08 8.65
N PHE S 200 -50.27 45.96 9.65
CA PHE S 200 -49.65 47.28 9.59
C PHE S 200 -48.13 47.18 9.64
N SER S 201 -47.60 46.34 10.53
CA SER S 201 -46.17 46.13 10.61
C SER S 201 -45.61 45.48 9.35
N GLY S 202 -46.36 44.54 8.77
CA GLY S 202 -45.90 43.88 7.57
C GLY S 202 -45.86 44.79 6.37
N VAL S 203 -46.91 45.61 6.19
CA VAL S 203 -46.94 46.57 5.09
C VAL S 203 -45.87 47.64 5.27
N ALA S 204 -45.72 48.16 6.49
CA ALA S 204 -44.73 49.20 6.73
C ALA S 204 -43.31 48.66 6.61
N ALA S 205 -43.09 47.42 7.05
CA ALA S 205 -41.75 46.84 6.95
C ALA S 205 -41.40 46.49 5.52
N PHE S 206 -42.38 45.98 4.76
CA PHE S 206 -42.19 45.76 3.33
C PHE S 206 -41.86 47.06 2.60
N LEU S 207 -42.59 48.14 2.93
CA LEU S 207 -42.35 49.41 2.27
C LEU S 207 -41.00 49.99 2.63
N VAL S 208 -40.56 49.84 3.89
CA VAL S 208 -39.28 50.38 4.31
C VAL S 208 -38.12 49.55 3.73
N ILE S 209 -38.18 48.22 3.83
CA ILE S 209 -37.05 47.45 3.30
C ILE S 209 -37.12 47.32 1.80
N THR S 210 -38.21 47.76 1.15
CA THR S 210 -38.17 47.95 -0.29
C THR S 210 -37.53 49.29 -0.63
N CYS S 211 -37.92 50.35 0.08
CA CYS S 211 -37.38 51.68 -0.17
C CYS S 211 -35.93 51.81 0.30
N ASN S 212 -35.37 50.81 0.98
CA ASN S 212 -33.93 50.71 1.15
C ASN S 212 -33.35 49.50 0.43
N ARG S 213 -34.10 48.93 -0.50
CA ARG S 213 -33.54 48.09 -1.56
C ARG S 213 -33.84 48.64 -2.94
N MET S 214 -34.64 49.69 -3.04
CA MET S 214 -34.90 50.36 -4.30
C MET S 214 -34.20 51.71 -4.40
N CYS S 215 -33.87 52.32 -3.27
CA CYS S 215 -33.00 53.49 -3.23
C CYS S 215 -31.54 53.09 -3.02
N ASP S 216 -31.24 51.80 -3.10
CA ASP S 216 -29.87 51.32 -2.98
C ASP S 216 -29.07 51.73 -4.21
N LYS S 217 -27.85 52.23 -3.99
CA LYS S 217 -26.99 52.64 -5.08
C LYS S 217 -26.57 51.45 -5.93
N TYR S 218 -26.04 50.41 -5.29
CA TYR S 218 -25.63 49.23 -6.01
C TYR S 218 -26.85 48.46 -6.47
N THR S 219 -26.62 47.52 -7.37
CA THR S 219 -27.70 46.74 -7.94
C THR S 219 -27.46 45.28 -7.61
N LEU S 220 -28.42 44.42 -7.97
CA LEU S 220 -28.67 43.18 -7.21
C LEU S 220 -27.50 42.20 -7.29
N VAL S 221 -26.83 42.12 -8.43
CA VAL S 221 -25.64 41.28 -8.48
C VAL S 221 -24.48 41.96 -7.77
N GLN S 222 -24.36 43.28 -7.91
CA GLN S 222 -23.32 44.00 -7.20
C GLN S 222 -23.59 44.01 -5.70
N ARG S 223 -24.86 44.05 -5.30
CA ARG S 223 -25.18 44.01 -3.88
C ARG S 223 -24.97 42.62 -3.31
N GLN S 224 -25.29 41.56 -4.07
CA GLN S 224 -24.98 40.22 -3.59
C GLN S 224 -23.49 39.98 -3.53
N TYR S 225 -22.71 40.61 -4.40
CA TYR S 225 -21.26 40.42 -4.29
C TYR S 225 -20.67 41.22 -3.14
N VAL S 226 -21.17 42.43 -2.89
CA VAL S 226 -20.71 43.18 -1.73
C VAL S 226 -21.09 42.45 -0.44
N GLU S 227 -22.26 41.83 -0.40
CA GLU S 227 -22.63 41.07 0.79
C GLU S 227 -21.84 39.78 0.93
N THR S 228 -21.49 39.14 -0.19
CA THR S 228 -20.64 37.95 -0.11
C THR S 228 -19.23 38.32 0.32
N TYR S 229 -18.72 39.44 -0.19
CA TYR S 229 -17.38 39.85 0.18
C TYR S 229 -17.32 40.32 1.62
N LYS S 230 -18.37 40.98 2.10
CA LYS S 230 -18.45 41.37 3.49
C LYS S 230 -18.52 40.16 4.41
N ASN S 231 -19.39 39.21 4.06
CA ASN S 231 -19.57 37.99 4.83
C ASN S 231 -18.39 37.04 4.71
N VAL S 232 -17.45 37.28 3.81
CA VAL S 232 -16.29 36.41 3.76
C VAL S 232 -15.09 37.13 4.37
N GLU S 233 -15.04 38.47 4.28
CA GLU S 233 -13.88 39.10 4.90
C GLU S 233 -14.05 39.24 6.41
N THR S 234 -15.29 39.39 6.93
CA THR S 234 -15.42 39.42 8.38
C THR S 234 -15.45 38.03 9.00
N GLN S 235 -15.08 37.00 8.23
CA GLN S 235 -14.75 35.69 8.75
C GLN S 235 -13.29 35.35 8.47
N LYS S 236 -12.77 35.74 7.32
CA LYS S 236 -11.40 35.43 6.96
C LYS S 236 -10.43 36.32 7.71
N PHE S 237 -10.82 37.57 7.95
CA PHE S 237 -10.06 38.45 8.83
C PHE S 237 -10.03 37.93 10.25
N ASP S 238 -11.12 37.35 10.73
CA ASP S 238 -11.10 36.80 12.08
C ASP S 238 -10.29 35.51 12.14
N ALA S 239 -10.29 34.72 11.08
CA ALA S 239 -9.45 33.53 11.07
C ALA S 239 -7.97 33.88 11.03
N VAL S 240 -7.60 34.92 10.27
CA VAL S 240 -6.22 35.36 10.24
C VAL S 240 -5.83 36.05 11.54
N ALA S 241 -6.75 36.79 12.17
CA ALA S 241 -6.48 37.36 13.48
C ALA S 241 -6.29 36.27 14.53
N LYS S 242 -7.07 35.19 14.44
CA LYS S 242 -6.92 34.10 15.38
C LYS S 242 -5.60 33.37 15.19
N GLU S 243 -5.20 33.09 13.94
CA GLU S 243 -3.95 32.36 13.77
C GLU S 243 -2.74 33.27 14.01
N HIS S 244 -2.90 34.57 13.81
CA HIS S 244 -1.83 35.51 14.16
C HIS S 244 -1.66 35.62 15.67
N ALA S 245 -2.77 35.74 16.40
CA ALA S 245 -2.66 35.75 17.85
C ALA S 245 -2.23 34.38 18.38
N SER S 246 -2.53 33.31 17.66
CA SER S 246 -2.10 31.99 18.10
C SER S 246 -0.61 31.81 17.92
N GLN S 247 -0.04 32.30 16.81
CA GLN S 247 1.41 32.23 16.66
C GLN S 247 2.11 33.15 17.63
N LEU S 248 1.58 34.34 17.85
CA LEU S 248 2.22 35.26 18.78
C LEU S 248 1.91 34.92 20.24
N ALA S 249 1.03 33.97 20.50
CA ALA S 249 0.88 33.41 21.84
C ALA S 249 1.70 32.15 22.04
N GLU S 250 1.84 31.32 21.00
CA GLU S 250 2.83 30.25 20.98
C GLU S 250 4.22 30.76 21.31
N HIS S 251 4.69 31.74 20.55
CA HIS S 251 6.04 32.25 20.75
C HIS S 251 6.17 32.99 22.06
N ASN S 252 5.11 33.62 22.54
CA ASN S 252 5.25 34.30 23.82
C ASN S 252 5.02 33.39 25.01
N ALA S 253 4.47 32.19 24.81
CA ALA S 253 4.44 31.21 25.88
C ALA S 253 5.76 30.46 25.95
N ARG S 254 6.35 30.14 24.79
CA ARG S 254 7.69 29.59 24.76
C ARG S 254 8.72 30.60 25.26
N ALA S 255 8.41 31.89 25.13
CA ALA S 255 9.30 32.94 25.60
C ALA S 255 9.38 33.01 27.11
N PHE S 256 8.40 32.46 27.81
CA PHE S 256 8.45 32.56 29.26
C PHE S 256 9.02 31.30 29.89
N PHE S 257 8.76 30.13 29.32
CA PHE S 257 9.35 28.91 29.85
C PHE S 257 10.64 28.56 29.14
N GLY S 258 11.39 29.57 28.77
CA GLY S 258 12.77 29.46 28.40
C GLY S 258 13.59 30.51 29.12
N GLN S 259 13.30 30.79 30.39
CA GLN S 259 14.16 31.73 31.11
C GLN S 259 14.91 31.08 32.26
N LYS S 260 14.19 30.47 33.21
CA LYS S 260 14.73 29.99 34.50
C LYS S 260 15.51 31.04 35.26
N ASN S 278 0.56 48.77 14.11
CA ASN S 278 -0.87 48.91 14.31
C ASN S 278 -1.17 50.00 15.34
N PRO S 279 -1.28 51.25 14.89
CA PRO S 279 -1.72 52.31 15.80
C PRO S 279 -3.23 52.39 15.83
N LEU S 280 -3.80 53.37 16.54
CA LEU S 280 -5.26 53.52 16.58
C LEU S 280 -5.85 53.89 15.22
N PHE S 281 -5.08 54.53 14.34
CA PHE S 281 -5.58 54.82 13.00
C PHE S 281 -5.88 53.55 12.22
N ALA S 282 -5.01 52.55 12.31
CA ALA S 282 -5.29 51.30 11.60
C ALA S 282 -6.43 50.54 12.26
N ARG S 283 -6.47 50.55 13.60
CA ARG S 283 -7.53 49.81 14.29
C ARG S 283 -8.85 50.57 14.28
N LEU S 284 -8.89 51.76 13.69
CA LEU S 284 -10.12 52.50 13.52
C LEU S 284 -10.58 52.62 12.08
N ARG S 285 -9.67 52.69 11.12
CA ARG S 285 -10.10 52.45 9.74
C ARG S 285 -10.36 50.98 9.46
N LEU S 286 -10.06 50.09 10.42
CA LEU S 286 -10.40 48.68 10.27
C LEU S 286 -11.81 48.37 10.76
N ILE S 287 -12.70 49.36 10.79
CA ILE S 287 -14.02 49.17 11.38
C ILE S 287 -15.11 49.75 10.48
N ALA S 288 -16.19 48.98 10.32
CA ALA S 288 -17.29 49.19 9.39
C ALA S 288 -18.22 50.32 9.85
N ALA S 289 -19.46 50.28 9.35
CA ALA S 289 -20.38 51.42 9.28
C ALA S 289 -19.75 52.52 8.44
N GLU S 290 -19.59 52.18 7.17
CA GLU S 290 -18.78 52.91 6.20
C GLU S 290 -19.66 53.59 5.16
N LYS S 291 -19.02 54.44 4.37
CA LYS S 291 -19.64 54.93 3.16
C LYS S 291 -19.45 53.91 2.04
N THR S 292 -20.46 53.84 1.17
CA THR S 292 -20.42 52.90 0.05
C THR S 292 -20.35 53.67 -1.27
N GLN S 293 -19.54 54.72 -1.30
CA GLN S 293 -19.50 55.67 -2.40
C GLN S 293 -18.38 55.41 -3.41
N GLN S 294 -17.41 54.57 -3.07
CA GLN S 294 -16.25 54.32 -3.92
C GLN S 294 -16.34 52.91 -4.46
N THR S 295 -15.48 52.60 -5.44
CA THR S 295 -15.40 51.24 -5.99
C THR S 295 -14.96 50.24 -4.91
N MET S 296 -14.18 50.68 -3.93
CA MET S 296 -13.88 49.84 -2.78
C MET S 296 -14.81 50.19 -1.63
N TYR S 297 -14.94 49.24 -0.70
CA TYR S 297 -15.96 49.27 0.34
C TYR S 297 -15.55 48.36 1.47
N THR S 298 -16.31 48.45 2.59
CA THR S 298 -16.13 47.67 3.82
C THR S 298 -14.74 47.95 4.36
N PRO S 299 -14.54 49.07 5.06
CA PRO S 299 -13.34 49.91 4.87
C PRO S 299 -12.00 49.29 5.22
N LEU S 300 -11.93 48.00 5.51
CA LEU S 300 -10.66 47.30 5.44
C LEU S 300 -10.02 47.51 4.07
N GLN S 301 -10.80 47.34 3.00
CA GLN S 301 -10.36 47.66 1.65
C GLN S 301 -9.98 49.12 1.49
N LEU S 302 -10.74 50.03 2.08
CA LEU S 302 -10.51 51.44 1.83
C LEU S 302 -9.27 51.92 2.58
N TRP S 303 -9.06 51.40 3.80
CA TRP S 303 -7.81 51.57 4.53
C TRP S 303 -6.64 51.02 3.73
N ASN S 304 -6.80 49.82 3.16
CA ASN S 304 -5.71 49.17 2.46
C ASN S 304 -5.35 49.93 1.19
N ASP S 305 -6.34 50.50 0.52
CA ASP S 305 -6.06 51.36 -0.63
C ASP S 305 -5.40 52.66 -0.18
N ASN S 306 -5.78 53.16 1.00
CA ASN S 306 -5.25 54.44 1.45
C ASN S 306 -3.80 54.30 1.89
N LYS S 307 -3.54 53.49 2.91
CA LYS S 307 -2.22 53.28 3.45
C LYS S 307 -1.58 52.08 2.76
N GLY S 308 -0.52 51.51 3.34
CA GLY S 308 0.31 50.50 2.71
C GLY S 308 -0.41 49.23 2.27
N TYR S 309 0.34 48.37 1.56
CA TYR S 309 -0.16 47.21 0.81
C TYR S 309 -1.23 47.68 -0.18
N ARG S 310 -0.75 48.36 -1.24
CA ARG S 310 -1.64 49.10 -2.14
C ARG S 310 -2.65 48.20 -2.86
N ILE S 311 -2.22 47.11 -3.49
CA ILE S 311 -3.19 46.14 -4.01
C ILE S 311 -2.83 44.72 -3.59
N PRO S 312 -3.81 43.82 -3.43
CA PRO S 312 -3.68 42.36 -3.38
C PRO S 312 -3.69 41.71 -4.76
N MET T 1 -61.16 16.72 9.83
CA MET T 1 -60.78 17.13 8.49
C MET T 1 -59.29 17.42 8.41
N THR T 2 -58.58 17.19 9.52
CA THR T 2 -57.16 17.53 9.58
C THR T 2 -56.29 16.50 8.88
N THR T 3 -56.46 15.22 9.22
CA THR T 3 -55.64 14.17 8.60
C THR T 3 -55.98 13.97 7.13
N SER T 4 -57.23 14.27 6.75
CA SER T 4 -57.63 14.25 5.34
C SER T 4 -56.82 15.24 4.52
N ILE T 5 -56.80 16.50 4.96
CA ILE T 5 -56.06 17.51 4.24
C ILE T 5 -54.55 17.33 4.41
N ASN T 6 -54.10 16.63 5.47
CA ASN T 6 -52.69 16.26 5.55
C ASN T 6 -52.32 15.20 4.52
N SER T 7 -53.25 14.27 4.23
CA SER T 7 -53.03 13.34 3.14
C SER T 7 -53.01 14.06 1.79
N VAL T 8 -53.86 15.08 1.66
CA VAL T 8 -53.83 15.95 0.47
C VAL T 8 -52.49 16.69 0.38
N VAL T 9 -51.91 17.05 1.53
CA VAL T 9 -50.59 17.67 1.57
C VAL T 9 -49.53 16.72 1.05
N THR T 10 -49.60 15.44 1.46
CA THR T 10 -48.64 14.45 0.96
C THR T 10 -48.79 14.25 -0.55
N VAL T 11 -50.04 14.24 -1.03
CA VAL T 11 -50.31 14.13 -2.47
C VAL T 11 -49.71 15.30 -3.24
N PHE T 12 -49.94 16.52 -2.76
CA PHE T 12 -49.40 17.64 -3.51
C PHE T 12 -47.94 17.94 -3.19
N GLN T 13 -47.36 17.31 -2.16
CA GLN T 13 -45.90 17.21 -2.09
C GLN T 13 -45.36 16.35 -3.22
N ASN T 14 -46.03 15.24 -3.52
CA ASN T 14 -45.67 14.46 -4.69
C ASN T 14 -45.87 15.26 -5.99
N VAL T 15 -46.90 16.10 -6.04
CA VAL T 15 -47.14 16.93 -7.22
C VAL T 15 -46.05 17.99 -7.39
N PHE T 16 -45.75 18.75 -6.33
CA PHE T 16 -44.68 19.75 -6.39
C PHE T 16 -43.28 19.15 -6.33
N THR T 17 -43.14 17.83 -6.23
CA THR T 17 -41.88 17.21 -6.62
C THR T 17 -41.93 16.62 -8.01
N ASN T 18 -43.10 16.54 -8.64
CA ASN T 18 -43.13 16.10 -10.05
C ASN T 18 -42.81 17.25 -11.01
N HIS T 19 -43.70 18.25 -11.09
CA HIS T 19 -43.60 19.30 -12.11
C HIS T 19 -44.35 20.54 -11.63
N GLY T 20 -44.60 21.46 -12.56
CA GLY T 20 -45.30 22.70 -12.33
C GLY T 20 -44.76 23.76 -13.26
N SER T 21 -44.83 25.02 -12.80
CA SER T 21 -44.20 26.12 -13.52
C SER T 21 -42.76 26.33 -13.04
N THR T 22 -42.61 26.67 -11.77
CA THR T 22 -41.35 26.59 -11.06
C THR T 22 -41.61 25.89 -9.73
N LEU T 23 -40.56 25.66 -8.96
CA LEU T 23 -40.68 24.95 -7.69
C LEU T 23 -39.88 25.62 -6.56
N LEU T 24 -39.69 26.93 -6.62
CA LEU T 24 -38.91 27.63 -5.59
C LEU T 24 -39.69 27.79 -4.29
N ASN T 25 -41.01 27.70 -4.33
CA ASN T 25 -41.84 27.89 -3.14
C ASN T 25 -42.72 26.68 -2.84
N GLY T 26 -42.51 25.56 -3.54
CA GLY T 26 -43.31 24.37 -3.31
C GLY T 26 -43.04 23.67 -2.00
N ILE T 27 -41.90 23.98 -1.37
CA ILE T 27 -41.62 23.43 -0.04
C ILE T 27 -42.52 24.09 1.01
N LEU T 28 -42.68 25.41 0.93
CA LEU T 28 -43.34 26.16 1.98
C LEU T 28 -44.86 26.05 1.92
N ILE T 29 -45.44 25.90 0.72
CA ILE T 29 -46.90 25.90 0.58
C ILE T 29 -47.50 24.66 1.22
N ALA T 30 -46.89 23.49 1.00
CA ALA T 30 -47.37 22.26 1.59
C ALA T 30 -47.22 22.27 3.11
N THR T 31 -46.17 22.92 3.63
CA THR T 31 -46.03 23.05 5.08
C THR T 31 -47.08 23.99 5.66
N THR T 32 -47.43 25.06 4.93
CA THR T 32 -48.51 25.93 5.36
C THR T 32 -49.83 25.19 5.43
N VAL T 33 -50.15 24.38 4.42
CA VAL T 33 -51.42 23.67 4.43
C VAL T 33 -51.43 22.59 5.49
N GLY T 34 -50.33 21.85 5.63
CA GLY T 34 -50.27 20.77 6.61
C GLY T 34 -50.19 21.23 8.04
N GLY T 35 -49.71 22.44 8.27
CA GLY T 35 -49.71 22.98 9.62
C GLY T 35 -50.98 23.74 9.93
N GLN T 36 -51.56 24.38 8.93
CA GLN T 36 -52.74 25.17 9.22
C GLN T 36 -54.03 24.40 9.07
N SER T 37 -53.97 23.14 8.62
CA SER T 37 -55.06 22.22 8.92
C SER T 37 -55.17 21.97 10.42
N LEU T 38 -54.03 21.76 11.08
CA LEU T 38 -54.03 21.62 12.53
C LEU T 38 -54.29 22.93 13.24
N VAL T 39 -54.00 24.07 12.60
CA VAL T 39 -54.49 25.34 13.12
C VAL T 39 -56.01 25.39 13.06
N ARG T 40 -56.59 25.01 11.91
CA ARG T 40 -58.04 24.99 11.73
C ARG T 40 -58.74 23.95 12.59
N LYS T 41 -57.99 23.00 13.17
CA LYS T 41 -58.56 22.19 14.24
C LYS T 41 -58.97 23.05 15.44
N LEU T 42 -58.27 24.16 15.69
CA LEU T 42 -58.58 25.07 16.80
C LEU T 42 -58.68 26.49 16.23
N THR T 43 -59.87 26.84 15.74
CA THR T 43 -60.16 28.14 15.13
C THR T 43 -61.60 28.50 15.44
N PHE T 44 -62.18 29.40 14.63
CA PHE T 44 -63.48 30.06 14.80
C PHE T 44 -63.69 30.54 16.25
N SER T 45 -62.85 31.50 16.63
CA SER T 45 -63.09 32.26 17.86
C SER T 45 -64.41 32.99 17.78
N CYS T 46 -64.66 33.70 16.65
CA CYS T 46 -65.96 34.01 16.09
C CYS T 46 -66.85 34.81 17.03
N PRO T 47 -66.61 36.11 17.20
CA PRO T 47 -67.29 36.87 18.26
C PRO T 47 -68.78 36.99 18.06
N CYS T 48 -69.44 37.39 19.14
CA CYS T 48 -70.89 37.55 19.18
C CYS T 48 -71.36 38.96 18.86
N ALA T 49 -70.64 39.72 18.02
CA ALA T 49 -71.00 41.11 17.81
C ALA T 49 -71.41 41.38 16.37
N TYR T 50 -72.13 42.51 16.19
CA TYR T 50 -72.51 42.92 14.84
C TYR T 50 -71.30 43.35 14.00
N PRO T 51 -70.49 44.38 14.38
CA PRO T 51 -69.40 44.72 13.46
C PRO T 51 -68.20 43.79 13.60
N LEU T 52 -67.98 43.28 14.82
CA LEU T 52 -66.76 42.53 15.09
C LEU T 52 -66.80 41.13 14.51
N ASN T 53 -67.98 40.59 14.21
CA ASN T 53 -67.97 39.28 13.57
C ASN T 53 -67.55 39.38 12.12
N ILE T 54 -68.09 40.36 11.39
CA ILE T 54 -67.66 40.63 10.02
C ILE T 54 -66.20 41.04 10.00
N TYR T 55 -65.74 41.79 11.01
CA TYR T 55 -64.34 42.18 11.06
C TYR T 55 -63.44 40.98 11.31
N HIS T 56 -63.79 40.15 12.30
CA HIS T 56 -63.00 38.97 12.63
C HIS T 56 -63.08 37.89 11.56
N SER T 57 -64.06 37.95 10.67
CA SER T 57 -64.08 37.01 9.57
C SER T 57 -63.37 37.57 8.35
N LEU T 58 -63.66 38.82 7.98
CA LEU T 58 -63.13 39.43 6.78
C LEU T 58 -61.63 39.70 6.91
N VAL T 59 -61.19 40.18 8.07
CA VAL T 59 -59.77 40.36 8.31
C VAL T 59 -59.04 39.03 8.32
N PHE T 60 -59.60 38.01 8.97
CA PHE T 60 -58.95 36.72 9.04
C PHE T 60 -58.91 36.01 7.70
N MET T 61 -59.83 36.34 6.78
CA MET T 61 -59.71 35.80 5.42
C MET T 61 -58.73 36.62 4.59
N PHE T 62 -59.04 37.89 4.36
CA PHE T 62 -58.29 38.68 3.39
C PHE T 62 -57.04 39.32 3.97
N GLY T 63 -56.64 38.93 5.18
CA GLY T 63 -55.39 39.37 5.78
C GLY T 63 -54.20 38.48 5.48
N PRO T 64 -54.28 37.18 5.83
CA PRO T 64 -53.21 36.25 5.44
C PRO T 64 -53.04 36.09 3.95
N THR T 65 -54.07 36.37 3.15
CA THR T 65 -53.90 36.40 1.70
C THR T 65 -52.95 37.52 1.29
N ALA T 66 -53.16 38.73 1.82
CA ALA T 66 -52.25 39.83 1.55
C ALA T 66 -50.87 39.59 2.13
N ALA T 67 -50.81 38.94 3.30
CA ALA T 67 -49.52 38.65 3.93
C ALA T 67 -48.71 37.65 3.11
N LEU T 68 -49.35 36.55 2.70
CA LEU T 68 -48.65 35.58 1.88
C LEU T 68 -48.41 36.09 0.46
N LEU T 69 -49.22 37.03 -0.02
CA LEU T 69 -48.92 37.67 -1.29
C LEU T 69 -47.67 38.53 -1.18
N LEU T 70 -47.54 39.26 -0.08
CA LEU T 70 -46.36 40.09 0.15
C LEU T 70 -45.11 39.23 0.34
N ILE T 71 -45.25 38.11 1.05
CA ILE T 71 -44.15 37.17 1.21
C ILE T 71 -43.77 36.55 -0.14
N GLY T 72 -44.78 36.20 -0.94
CA GLY T 72 -44.49 35.63 -2.25
C GLY T 72 -43.86 36.60 -3.21
N ILE T 73 -44.11 37.90 -3.03
CA ILE T 73 -43.33 38.90 -3.75
C ILE T 73 -41.89 38.91 -3.25
N THR T 74 -41.71 39.14 -1.94
CA THR T 74 -40.41 39.52 -1.41
C THR T 74 -39.42 38.35 -1.42
N VAL T 75 -39.91 37.12 -1.24
CA VAL T 75 -39.02 35.96 -1.30
C VAL T 75 -38.60 35.69 -2.74
N ASN T 76 -39.47 35.98 -3.70
CA ASN T 76 -39.22 35.67 -5.11
C ASN T 76 -38.09 36.55 -5.64
N SER T 77 -37.08 35.92 -6.24
CA SER T 77 -35.85 36.61 -6.60
C SER T 77 -36.07 37.57 -7.76
N THR T 78 -36.95 37.20 -8.70
CA THR T 78 -37.00 37.87 -9.98
C THR T 78 -37.47 39.31 -9.86
N THR T 79 -38.37 39.59 -8.92
CA THR T 79 -38.81 40.97 -8.74
C THR T 79 -37.69 41.84 -8.20
N TRP T 80 -36.78 41.28 -7.40
CA TRP T 80 -35.64 42.09 -7.00
C TRP T 80 -34.70 42.31 -8.17
N LYS T 81 -34.56 41.30 -9.05
CA LYS T 81 -33.79 41.53 -10.26
C LYS T 81 -34.49 42.52 -11.18
N LEU T 82 -35.78 42.76 -10.98
CA LEU T 82 -36.43 43.86 -11.67
C LEU T 82 -36.17 45.17 -10.94
N ALA T 83 -36.25 45.16 -9.63
CA ALA T 83 -36.30 46.42 -8.88
C ALA T 83 -35.49 46.36 -7.59
N HIS T 84 -34.26 45.84 -7.65
CA HIS T 84 -33.30 46.12 -6.58
C HIS T 84 -32.51 47.35 -7.01
N GLY T 85 -32.80 48.47 -6.40
CA GLY T 85 -32.12 49.68 -6.78
C GLY T 85 -32.63 50.23 -8.10
N PHE T 86 -33.94 50.46 -8.18
CA PHE T 86 -34.53 50.96 -9.41
C PHE T 86 -34.22 52.44 -9.62
N PHE T 87 -33.96 53.19 -8.54
CA PHE T 87 -33.62 54.59 -8.68
C PHE T 87 -32.25 54.78 -9.33
N PHE T 88 -31.24 54.06 -8.85
CA PHE T 88 -29.87 54.30 -9.27
C PHE T 88 -29.37 53.28 -10.27
N ARG T 89 -30.25 52.84 -11.17
CA ARG T 89 -29.80 52.16 -12.37
C ARG T 89 -29.13 53.18 -13.28
N VAL T 90 -27.98 52.81 -13.85
CA VAL T 90 -27.41 53.62 -14.92
C VAL T 90 -28.35 53.57 -16.11
N ARG T 91 -28.64 54.75 -16.69
CA ARG T 91 -29.76 54.90 -17.61
C ARG T 91 -29.56 54.08 -18.87
N ASP T 92 -30.69 53.64 -19.43
CA ASP T 92 -30.76 52.64 -20.50
C ASP T 92 -30.00 51.37 -20.14
N THR T 93 -30.27 50.87 -18.94
CA THR T 93 -29.94 49.49 -18.59
C THR T 93 -31.18 48.88 -17.97
N ARG T 94 -32.01 49.71 -17.36
CA ARG T 94 -33.42 49.37 -17.23
C ARG T 94 -34.01 49.32 -18.63
N HIS T 95 -34.79 48.29 -18.91
CA HIS T 95 -34.91 47.85 -20.30
C HIS T 95 -36.11 48.47 -21.01
N SER T 96 -37.33 48.25 -20.52
CA SER T 96 -38.51 48.62 -21.29
C SER T 96 -39.66 48.91 -20.33
N TRP T 97 -40.83 49.15 -20.89
CA TRP T 97 -42.08 49.18 -20.14
C TRP T 97 -42.91 47.94 -20.36
N LYS T 98 -42.82 47.32 -21.55
CA LYS T 98 -43.65 46.16 -21.84
C LYS T 98 -43.09 44.89 -21.20
N THR T 99 -41.77 44.69 -21.30
CA THR T 99 -41.17 43.46 -20.80
C THR T 99 -41.17 43.41 -19.27
N THR T 100 -40.97 44.58 -18.63
CA THR T 100 -41.01 44.63 -17.18
C THR T 100 -42.41 44.38 -16.64
N CYS T 101 -43.46 44.64 -17.41
CA CYS T 101 -44.80 44.28 -16.99
C CYS T 101 -45.04 42.77 -17.14
N VAL T 102 -44.41 42.14 -18.13
CA VAL T 102 -44.51 40.70 -18.27
C VAL T 102 -43.83 40.01 -17.09
N SER T 103 -42.64 40.51 -16.71
CA SER T 103 -41.99 39.97 -15.52
C SER T 103 -42.76 40.29 -14.25
N TRP T 104 -43.45 41.44 -14.23
CA TRP T 104 -44.24 41.81 -13.07
C TRP T 104 -45.44 40.89 -12.90
N ILE T 105 -46.13 40.57 -14.00
CA ILE T 105 -47.24 39.64 -13.94
C ILE T 105 -46.75 38.23 -13.63
N GLU T 106 -45.55 37.89 -14.09
CA GLU T 106 -44.95 36.61 -13.73
C GLU T 106 -44.71 36.47 -12.23
N VAL T 107 -44.13 37.51 -11.62
CA VAL T 107 -43.85 37.41 -10.19
C VAL T 107 -45.13 37.57 -9.39
N LEU T 108 -46.14 38.27 -9.93
CA LEU T 108 -47.45 38.33 -9.28
C LEU T 108 -48.15 36.99 -9.27
N ILE T 109 -48.07 36.23 -10.36
CA ILE T 109 -48.73 34.93 -10.39
C ILE T 109 -47.97 33.91 -9.55
N GLN T 110 -46.63 33.90 -9.66
CA GLN T 110 -45.82 33.00 -8.83
C GLN T 110 -45.96 33.34 -7.35
N SER T 111 -46.21 34.61 -7.04
CA SER T 111 -46.55 34.98 -5.67
C SER T 111 -47.93 34.46 -5.30
N SER T 112 -48.93 34.77 -6.13
CA SER T 112 -50.33 34.53 -5.83
C SER T 112 -50.74 33.07 -5.89
N VAL T 113 -49.82 32.16 -6.22
CA VAL T 113 -50.07 30.74 -6.02
C VAL T 113 -50.47 30.44 -4.59
N ALA T 114 -49.63 30.81 -3.63
CA ALA T 114 -49.85 30.46 -2.22
C ALA T 114 -51.05 31.13 -1.53
N PRO T 115 -51.41 32.41 -1.76
CA PRO T 115 -52.63 32.92 -1.13
C PRO T 115 -53.91 32.33 -1.69
N ILE T 116 -53.96 32.00 -2.98
CA ILE T 116 -55.13 31.32 -3.53
C ILE T 116 -55.26 29.92 -2.93
N ALA T 117 -54.13 29.26 -2.71
CA ALA T 117 -54.14 27.96 -2.05
C ALA T 117 -54.61 28.07 -0.61
N TRP T 118 -54.17 29.11 0.11
CA TRP T 118 -54.60 29.28 1.49
C TRP T 118 -56.08 29.64 1.58
N LEU T 119 -56.54 30.50 0.66
CA LEU T 119 -57.95 30.87 0.59
C LEU T 119 -58.82 29.66 0.31
N PHE T 120 -58.37 28.79 -0.60
CA PHE T 120 -59.08 27.55 -0.86
C PHE T 120 -59.05 26.61 0.33
N VAL T 121 -57.96 26.60 1.10
CA VAL T 121 -57.89 25.75 2.28
C VAL T 121 -58.90 26.19 3.33
N VAL T 122 -59.01 27.50 3.56
CA VAL T 122 -59.90 27.94 4.64
C VAL T 122 -61.35 27.94 4.18
N PHE T 123 -61.62 28.35 2.94
CA PHE T 123 -62.96 28.18 2.39
C PHE T 123 -63.37 26.71 2.29
N LEU T 124 -62.42 25.82 2.07
CA LEU T 124 -62.70 24.39 2.02
C LEU T 124 -62.98 23.85 3.42
N ASP T 125 -62.44 24.48 4.45
CA ASP T 125 -62.93 24.22 5.79
C ASP T 125 -64.31 24.84 5.94
N GLY T 126 -65.11 24.23 6.80
CA GLY T 126 -66.29 24.95 7.23
C GLY T 126 -65.86 25.81 8.38
N GLY T 127 -65.49 27.05 8.06
CA GLY T 127 -64.80 27.88 9.00
C GLY T 127 -65.32 29.29 9.00
N TYR T 128 -64.41 30.22 8.73
CA TYR T 128 -64.68 31.65 8.85
C TYR T 128 -65.65 32.18 7.81
N TYR T 129 -66.09 31.36 6.85
CA TYR T 129 -67.22 31.79 6.03
C TYR T 129 -68.55 31.55 6.73
N ARG T 130 -68.66 30.52 7.60
CA ARG T 130 -69.88 30.42 8.39
C ARG T 130 -69.91 31.50 9.45
N CYS T 131 -68.72 31.98 9.84
CA CYS T 131 -68.55 33.05 10.80
C CYS T 131 -68.77 34.41 10.15
N TYR T 132 -69.20 34.45 8.90
CA TYR T 132 -69.46 35.66 8.13
C TYR T 132 -70.94 35.83 7.82
N ARG T 133 -71.56 34.85 7.18
CA ARG T 133 -72.99 34.96 6.95
C ARG T 133 -73.80 34.29 8.06
N SER T 134 -73.15 33.73 9.08
CA SER T 134 -73.87 33.48 10.33
C SER T 134 -74.26 34.80 10.96
N HIS T 135 -73.37 35.78 10.91
CA HIS T 135 -73.73 37.17 11.15
C HIS T 135 -74.78 37.62 10.15
N GLU T 136 -74.40 37.67 8.87
CA GLU T 136 -75.21 38.34 7.84
C GLU T 136 -76.60 37.72 7.63
N PHE T 137 -76.86 36.54 8.18
CA PHE T 137 -78.19 35.95 8.09
C PHE T 137 -79.06 36.35 9.27
N CYS T 138 -78.45 36.53 10.45
CA CYS T 138 -79.11 36.48 11.76
C CYS T 138 -80.06 37.65 12.04
N LEU T 139 -80.19 38.63 11.12
CA LEU T 139 -81.09 39.79 11.28
C LEU T 139 -80.76 40.59 12.55
N ILE T 140 -79.61 41.28 12.49
CA ILE T 140 -78.83 41.56 13.68
C ILE T 140 -78.97 43.00 14.16
N SER T 141 -79.91 43.77 13.60
CA SER T 141 -79.97 45.19 13.93
C SER T 141 -80.48 45.41 15.35
N ASP T 142 -81.21 44.42 15.89
CA ASP T 142 -81.49 44.47 17.32
C ASP T 142 -80.26 44.19 18.16
N ALA T 143 -79.26 43.46 17.64
CA ALA T 143 -78.02 43.32 18.38
C ALA T 143 -77.15 44.56 18.28
N ILE T 144 -77.35 45.40 17.25
CA ILE T 144 -76.81 46.76 17.28
C ILE T 144 -77.39 47.51 18.47
N LEU T 145 -78.70 47.40 18.68
CA LEU T 145 -79.33 48.03 19.83
C LEU T 145 -78.90 47.38 21.14
N CYS T 146 -78.67 46.07 21.13
CA CYS T 146 -78.19 45.35 22.31
C CYS T 146 -76.76 45.75 22.67
N LYS T 147 -75.94 46.10 21.69
CA LYS T 147 -74.56 46.53 21.97
C LYS T 147 -74.39 48.03 21.94
N ASN T 148 -75.47 48.80 21.79
CA ASN T 148 -75.38 50.22 22.14
C ASN T 148 -75.22 50.40 23.64
N SER T 149 -75.78 49.49 24.43
CA SER T 149 -75.60 49.47 25.87
C SER T 149 -75.65 48.03 26.33
N THR T 150 -74.55 47.56 26.93
CA THR T 150 -74.36 46.15 27.28
C THR T 150 -75.30 45.65 28.36
N ILE T 151 -76.03 46.54 29.04
CA ILE T 151 -77.13 46.12 29.90
C ILE T 151 -78.19 45.39 29.08
N LEU T 152 -78.42 45.85 27.85
CA LEU T 152 -79.32 45.15 26.94
C LEU T 152 -78.75 43.81 26.49
N ASN T 153 -77.42 43.70 26.36
CA ASN T 153 -76.79 42.39 26.11
C ASN T 153 -77.03 41.44 27.28
N SER T 154 -76.88 41.93 28.51
CA SER T 154 -77.06 41.09 29.69
C SER T 154 -78.52 40.65 29.84
N TYR T 155 -79.47 41.57 29.67
CA TYR T 155 -80.87 41.19 29.78
C TYR T 155 -81.44 40.55 28.52
N ALA T 156 -80.69 40.53 27.42
CA ALA T 156 -81.06 39.73 26.27
C ALA T 156 -80.52 38.32 26.35
N SER T 157 -79.39 38.13 27.02
CA SER T 157 -78.88 36.78 27.24
C SER T 157 -79.58 36.09 28.42
N THR T 158 -79.82 36.82 29.50
CA THR T 158 -80.30 36.22 30.74
C THR T 158 -81.81 36.28 30.89
N SER T 159 -82.39 37.49 30.88
CA SER T 159 -83.81 37.63 31.19
C SER T 159 -84.69 37.11 30.06
N SER T 160 -84.59 37.73 28.88
CA SER T 160 -85.17 37.11 27.70
C SER T 160 -84.23 36.01 27.21
N PHE T 161 -84.79 35.08 26.46
CA PHE T 161 -84.00 33.94 26.01
C PHE T 161 -83.28 34.27 24.71
N ASN T 162 -82.63 33.27 24.13
CA ASN T 162 -81.84 33.46 22.92
C ASN T 162 -82.43 32.71 21.73
N LYS T 163 -82.70 31.42 21.87
CA LYS T 163 -83.31 30.66 20.79
C LYS T 163 -84.83 30.62 20.88
N ILE T 164 -85.40 30.89 22.05
CA ILE T 164 -86.84 31.15 22.15
C ILE T 164 -87.16 32.52 21.57
N SER T 165 -86.19 33.44 21.57
CA SER T 165 -86.32 34.75 20.95
C SER T 165 -85.90 34.75 19.48
N ASP T 166 -86.07 33.62 18.79
CA ASP T 166 -85.77 33.55 17.36
C ASP T 166 -86.91 34.06 16.48
N ASN T 167 -87.81 34.90 17.00
CA ASN T 167 -88.92 35.38 16.19
C ASN T 167 -88.49 36.58 15.33
N GLY T 168 -88.08 37.67 15.96
CA GLY T 168 -87.85 38.92 15.25
C GLY T 168 -86.42 39.16 14.81
N LYS T 169 -85.77 40.14 15.44
CA LYS T 169 -84.37 40.43 15.13
C LYS T 169 -83.51 40.17 16.36
N TYR T 170 -82.32 39.64 16.14
CA TYR T 170 -81.70 38.77 17.13
C TYR T 170 -80.56 39.47 17.87
N CYS T 171 -80.27 38.96 19.06
CA CYS T 171 -79.21 39.42 19.95
C CYS T 171 -78.39 38.18 20.33
N PRO T 172 -77.18 38.35 20.89
CA PRO T 172 -75.95 37.75 20.27
C PRO T 172 -76.04 36.27 19.91
N PRO T 173 -76.23 35.31 20.88
CA PRO T 173 -75.61 33.96 20.70
C PRO T 173 -76.05 33.15 19.49
N CYS T 174 -77.04 33.61 18.73
CA CYS T 174 -77.19 33.21 17.32
C CYS T 174 -75.91 33.46 16.53
N ILE T 175 -75.21 34.55 16.84
CA ILE T 175 -74.00 34.92 16.09
C ILE T 175 -72.88 33.92 16.32
N CYS T 176 -72.56 33.66 17.60
CA CYS T 176 -71.46 32.75 17.91
C CYS T 176 -71.81 31.30 17.60
N VAL T 177 -73.09 30.94 17.63
CA VAL T 177 -73.52 29.62 17.19
C VAL T 177 -74.90 29.69 16.54
N PRO T 178 -75.02 29.38 15.27
CA PRO T 178 -76.32 29.46 14.59
C PRO T 178 -77.09 28.15 14.74
N ASN T 179 -78.23 28.11 14.07
CA ASN T 179 -78.97 26.87 13.92
C ASN T 179 -78.14 25.89 13.09
N PRO T 180 -78.07 24.61 13.49
CA PRO T 180 -77.21 23.66 12.75
C PRO T 180 -77.70 23.36 11.34
N THR T 181 -78.99 23.54 11.07
CA THR T 181 -79.48 23.52 9.69
C THR T 181 -78.85 24.65 8.89
N ASP T 182 -78.95 25.88 9.41
CA ASP T 182 -78.29 27.04 8.82
C ASP T 182 -76.78 26.86 8.76
N ALA T 183 -76.20 26.29 9.81
CA ALA T 183 -74.75 26.13 9.88
C ALA T 183 -74.27 25.17 8.80
N SER T 184 -74.96 24.05 8.61
CA SER T 184 -74.56 23.09 7.58
C SER T 184 -74.85 23.61 6.18
N TYR T 185 -75.97 24.31 5.99
CA TYR T 185 -76.28 24.98 4.73
C TYR T 185 -75.18 25.94 4.31
N LEU T 186 -74.79 26.81 5.24
CA LEU T 186 -73.83 27.84 4.92
C LEU T 186 -72.42 27.27 4.86
N GLU T 187 -72.19 26.17 5.58
CA GLU T 187 -70.93 25.44 5.51
C GLU T 187 -70.71 24.87 4.12
N ALA T 188 -71.72 24.21 3.57
CA ALA T 188 -71.54 23.69 2.22
C ALA T 188 -71.66 24.77 1.17
N GLU T 189 -72.30 25.90 1.49
CA GLU T 189 -72.16 27.08 0.65
C GLU T 189 -70.70 27.52 0.57
N SER T 190 -70.01 27.47 1.70
CA SER T 190 -68.58 27.76 1.70
C SER T 190 -67.79 26.72 0.91
N GLN T 191 -68.22 25.46 0.96
CA GLN T 191 -67.54 24.42 0.20
C GLN T 191 -67.70 24.63 -1.31
N ILE T 192 -68.88 25.04 -1.75
CA ILE T 192 -69.06 25.23 -3.19
C ILE T 192 -68.39 26.50 -3.67
N TYR T 193 -68.36 27.57 -2.84
CA TYR T 193 -67.53 28.73 -3.20
C TYR T 193 -66.05 28.39 -3.21
N ALA T 194 -65.62 27.48 -2.31
CA ALA T 194 -64.23 27.03 -2.27
C ALA T 194 -63.85 26.35 -3.57
N TRP T 195 -64.68 25.41 -4.01
CA TRP T 195 -64.30 24.68 -5.21
C TRP T 195 -64.51 25.53 -6.45
N GLY T 196 -65.44 26.49 -6.42
CA GLY T 196 -65.59 27.40 -7.54
C GLY T 196 -64.39 28.31 -7.71
N LEU T 197 -63.86 28.81 -6.59
CA LEU T 197 -62.64 29.61 -6.63
C LEU T 197 -61.46 28.76 -7.09
N LEU T 198 -61.36 27.52 -6.60
CA LEU T 198 -60.22 26.68 -6.99
C LEU T 198 -60.27 26.32 -8.46
N LEU T 199 -61.45 25.99 -8.97
CA LEU T 199 -61.58 25.61 -10.37
C LEU T 199 -61.40 26.81 -11.28
N PHE T 200 -61.88 28.00 -10.87
CA PHE T 200 -61.67 29.20 -11.65
C PHE T 200 -60.19 29.58 -11.70
N SER T 201 -59.51 29.50 -10.55
CA SER T 201 -58.08 29.78 -10.50
C SER T 201 -57.28 28.76 -11.29
N GLY T 202 -57.69 27.49 -11.23
CA GLY T 202 -56.96 26.46 -11.96
C GLY T 202 -57.10 26.61 -13.46
N VAL T 203 -58.32 26.87 -13.94
CA VAL T 203 -58.54 27.07 -15.36
C VAL T 203 -57.85 28.32 -15.86
N ALA T 204 -57.94 29.42 -15.09
CA ALA T 204 -57.30 30.67 -15.51
C ALA T 204 -55.78 30.56 -15.45
N ALA T 205 -55.24 29.85 -14.47
CA ALA T 205 -53.80 29.71 -14.36
C ALA T 205 -53.26 28.79 -15.44
N PHE T 206 -53.99 27.70 -15.75
CA PHE T 206 -53.64 26.85 -16.88
C PHE T 206 -53.65 27.62 -18.18
N LEU T 207 -54.67 28.45 -18.40
CA LEU T 207 -54.76 29.21 -19.64
C LEU T 207 -53.65 30.25 -19.73
N VAL T 208 -53.29 30.89 -18.62
CA VAL T 208 -52.24 31.90 -18.66
C VAL T 208 -50.87 31.27 -18.83
N ILE T 209 -50.54 30.23 -18.06
CA ILE T 209 -49.21 29.64 -18.21
C ILE T 209 -49.12 28.74 -19.42
N THR T 210 -50.24 28.46 -20.11
CA THR T 210 -50.15 27.89 -21.44
C THR T 210 -49.90 28.97 -22.46
N CYS T 211 -50.63 30.08 -22.37
CA CYS T 211 -50.47 31.18 -23.31
C CYS T 211 -49.15 31.94 -23.12
N ASN T 212 -48.39 31.64 -22.06
CA ASN T 212 -47.00 32.06 -21.99
C ASN T 212 -46.04 30.86 -22.03
N ARG T 213 -46.52 29.71 -22.47
CA ARG T 213 -45.68 28.64 -22.99
C ARG T 213 -46.02 28.29 -24.43
N MET T 214 -47.07 28.87 -24.99
CA MET T 214 -47.43 28.69 -26.39
C MET T 214 -47.14 29.92 -27.22
N CYS T 215 -47.07 31.11 -26.60
CA CYS T 215 -46.58 32.31 -27.25
C CYS T 215 -45.08 32.49 -26.98
N ASP T 216 -44.42 31.49 -26.41
CA ASP T 216 -42.99 31.56 -26.19
C ASP T 216 -42.26 31.47 -27.52
N LYS T 217 -41.25 32.34 -27.68
CA LYS T 217 -40.45 32.35 -28.91
C LYS T 217 -39.65 31.07 -29.06
N TYR T 218 -38.91 30.70 -28.03
CA TYR T 218 -38.11 29.50 -28.06
C TYR T 218 -39.03 28.29 -27.97
N THR T 219 -38.48 27.12 -28.27
CA THR T 219 -39.25 25.90 -28.26
C THR T 219 -38.63 24.95 -27.25
N LEU T 220 -39.27 23.80 -27.03
CA LEU T 220 -39.21 23.12 -25.73
C LEU T 220 -37.82 22.62 -25.39
N VAL T 221 -37.06 22.16 -26.39
CA VAL T 221 -35.68 21.78 -26.10
C VAL T 221 -34.82 23.02 -25.94
N GLN T 222 -35.07 24.05 -26.76
CA GLN T 222 -34.34 25.30 -26.60
C GLN T 222 -34.70 26.00 -25.31
N ARG T 223 -35.96 25.88 -24.88
CA ARG T 223 -36.36 26.48 -23.62
C ARG T 223 -35.80 25.71 -22.43
N GLN T 224 -35.76 24.38 -22.51
CA GLN T 224 -35.11 23.63 -21.45
C GLN T 224 -33.62 23.89 -21.39
N TYR T 225 -32.98 24.15 -22.53
CA TYR T 225 -31.56 24.47 -22.46
C TYR T 225 -31.31 25.87 -21.95
N VAL T 226 -32.15 26.85 -22.30
CA VAL T 226 -32.01 28.19 -21.74
C VAL T 226 -32.26 28.16 -20.24
N GLU T 227 -33.20 27.34 -19.78
CA GLU T 227 -33.43 27.23 -18.34
C GLU T 227 -32.31 26.48 -17.64
N THR T 228 -31.72 25.47 -18.28
CA THR T 228 -30.57 24.80 -17.68
C THR T 228 -29.36 25.71 -17.62
N TYR T 229 -29.15 26.49 -18.68
CA TYR T 229 -28.02 27.40 -18.70
C TYR T 229 -28.20 28.54 -17.71
N LYS T 230 -29.42 29.03 -17.56
CA LYS T 230 -29.72 30.05 -16.56
C LYS T 230 -29.51 29.50 -15.15
N ASN T 231 -30.04 28.31 -14.87
CA ASN T 231 -29.92 27.67 -13.58
C ASN T 231 -28.52 27.17 -13.29
N VAL T 232 -27.62 27.16 -14.27
CA VAL T 232 -26.25 26.77 -13.97
C VAL T 232 -25.37 28.00 -13.92
N GLU T 233 -25.68 29.06 -14.68
CA GLU T 233 -24.80 30.21 -14.58
C GLU T 233 -25.13 31.05 -13.35
N THR T 234 -26.38 31.09 -12.89
CA THR T 234 -26.63 31.82 -11.64
C THR T 234 -26.30 31.01 -10.41
N GLN T 235 -25.60 29.89 -10.56
CA GLN T 235 -24.94 29.19 -9.48
C GLN T 235 -23.43 29.18 -9.66
N LYS T 236 -22.97 29.04 -10.90
CA LYS T 236 -21.55 28.99 -11.16
C LYS T 236 -20.92 30.37 -11.06
N PHE T 237 -21.65 31.40 -11.47
CA PHE T 237 -21.26 32.78 -11.23
C PHE T 237 -21.17 33.09 -9.75
N ASP T 238 -22.09 32.56 -8.95
CA ASP T 238 -22.02 32.82 -7.52
C ASP T 238 -20.89 32.04 -6.88
N ALA T 239 -20.58 30.85 -7.38
CA ALA T 239 -19.42 30.11 -6.84
C ALA T 239 -18.11 30.80 -7.19
N VAL T 240 -18.01 31.35 -8.40
CA VAL T 240 -16.81 32.08 -8.78
C VAL T 240 -16.72 33.41 -8.05
N ALA T 241 -17.86 34.07 -7.81
CA ALA T 241 -17.86 35.30 -7.00
C ALA T 241 -17.45 35.01 -5.57
N LYS T 242 -17.87 33.87 -5.03
CA LYS T 242 -17.49 33.50 -3.68
C LYS T 242 -16.00 33.18 -3.59
N GLU T 243 -15.46 32.43 -4.54
CA GLU T 243 -14.04 32.11 -4.41
C GLU T 243 -13.17 33.30 -4.78
N HIS T 244 -13.67 34.22 -5.61
CA HIS T 244 -12.95 35.45 -5.89
C HIS T 244 -12.92 36.37 -4.67
N ALA T 245 -14.07 36.53 -4.01
CA ALA T 245 -14.07 37.31 -2.78
C ALA T 245 -13.31 36.61 -1.67
N SER T 246 -13.24 35.28 -1.71
CA SER T 246 -12.48 34.56 -0.70
C SER T 246 -10.99 34.73 -0.88
N GLN T 247 -10.51 34.72 -2.13
CA GLN T 247 -9.10 34.99 -2.35
C GLN T 247 -8.75 36.44 -2.06
N LEU T 248 -9.62 37.36 -2.44
CA LEU T 248 -9.34 38.76 -2.17
C LEU T 248 -9.64 39.16 -0.73
N ALA T 249 -10.24 38.27 0.07
CA ALA T 249 -10.32 38.47 1.51
C ALA T 249 -9.19 37.78 2.25
N GLU T 250 -8.74 36.61 1.78
CA GLU T 250 -7.48 36.01 2.23
C GLU T 250 -6.32 36.98 2.13
N HIS T 251 -6.11 37.52 0.92
CA HIS T 251 -4.98 38.41 0.72
C HIS T 251 -5.15 39.73 1.46
N ASN T 252 -6.39 40.19 1.63
CA ASN T 252 -6.54 41.43 2.36
C ASN T 252 -6.58 41.24 3.87
N ALA T 253 -6.76 40.02 4.35
CA ALA T 253 -6.58 39.77 5.77
C ALA T 253 -5.12 39.57 6.11
N ARG T 254 -4.37 38.88 5.24
CA ARG T 254 -2.93 38.80 5.38
C ARG T 254 -2.27 40.16 5.20
N ALA T 255 -2.92 41.05 4.45
CA ALA T 255 -2.41 42.39 4.23
C ALA T 255 -2.47 43.24 5.47
N PHE T 256 -3.30 42.89 6.44
CA PHE T 256 -3.38 43.72 7.63
C PHE T 256 -2.53 43.19 8.76
N PHE T 257 -2.40 41.87 8.89
CA PHE T 257 -1.53 41.33 9.92
C PHE T 257 -0.15 41.04 9.38
N GLY T 258 0.31 41.88 8.47
CA GLY T 258 1.69 41.98 8.09
C GLY T 258 2.12 43.43 8.12
N GLN T 259 1.67 44.23 9.07
CA GLN T 259 2.17 45.60 9.13
C GLN T 259 3.00 45.89 10.39
N LYS T 260 2.41 45.68 11.56
CA LYS T 260 2.96 46.10 12.87
C LYS T 260 3.36 47.56 12.92
N ASN T 278 -14.43 46.83 -12.94
CA ASN T 278 -15.84 46.65 -12.71
C ASN T 278 -16.52 47.98 -12.37
N PRO T 279 -16.94 48.73 -13.38
CA PRO T 279 -17.74 49.94 -13.11
C PRO T 279 -19.22 49.59 -13.01
N LEU T 280 -20.09 50.60 -12.85
CA LEU T 280 -21.52 50.32 -12.76
C LEU T 280 -22.10 49.75 -14.06
N PHE T 281 -21.48 50.03 -15.20
CA PHE T 281 -21.94 49.44 -16.45
C PHE T 281 -21.80 47.93 -16.45
N ALA T 282 -20.69 47.40 -15.92
CA ALA T 282 -20.55 45.96 -15.87
C ALA T 282 -21.47 45.36 -14.81
N ARG T 283 -21.62 46.03 -13.67
CA ARG T 283 -22.47 45.50 -12.61
C ARG T 283 -23.95 45.74 -12.89
N LEU T 284 -24.27 46.38 -14.01
CA LEU T 284 -25.65 46.56 -14.42
C LEU T 284 -26.03 45.78 -15.68
N ARG T 285 -25.10 45.59 -16.62
CA ARG T 285 -25.34 44.58 -17.62
C ARG T 285 -25.15 43.16 -17.08
N LEU T 286 -24.69 43.02 -15.84
CA LEU T 286 -24.60 41.72 -15.21
C LEU T 286 -25.89 41.31 -14.52
N ILE T 287 -27.02 41.88 -14.92
CA ILE T 287 -28.28 41.66 -14.21
C ILE T 287 -29.42 41.36 -15.17
N ALA T 288 -30.22 40.35 -14.82
CA ALA T 288 -31.27 39.74 -15.63
C ALA T 288 -32.51 40.62 -15.73
N ALA T 289 -33.64 39.99 -16.03
CA ALA T 289 -34.85 40.62 -16.59
C ALA T 289 -34.49 41.25 -17.93
N GLU T 290 -34.15 40.37 -18.86
CA GLU T 290 -33.51 40.68 -20.13
C GLU T 290 -34.47 40.45 -21.29
N LYS T 291 -34.04 40.92 -22.45
CA LYS T 291 -34.68 40.51 -23.70
C LYS T 291 -34.14 39.16 -24.15
N THR T 292 -35.02 38.37 -24.75
CA THR T 292 -34.63 37.04 -25.24
C THR T 292 -34.68 37.01 -26.76
N GLN T 293 -34.19 38.08 -27.39
CA GLN T 293 -34.36 38.29 -28.83
C GLN T 293 -33.15 37.87 -29.65
N GLN T 294 -32.01 37.63 -29.02
CA GLN T 294 -30.76 37.33 -29.72
C GLN T 294 -30.40 35.88 -29.44
N THR T 295 -29.41 35.36 -30.20
CA THR T 295 -28.91 34.01 -29.98
C THR T 295 -28.28 33.87 -28.59
N MET T 296 -27.74 34.95 -28.04
CA MET T 296 -27.30 34.95 -26.66
C MET T 296 -28.37 35.56 -25.77
N TYR T 297 -28.29 35.24 -24.48
CA TYR T 297 -29.36 35.51 -23.52
C TYR T 297 -28.79 35.48 -22.11
N THR T 298 -29.62 35.90 -21.14
CA THR T 298 -29.32 35.96 -19.70
C THR T 298 -28.10 36.86 -19.51
N PRO T 299 -28.29 38.17 -19.51
CA PRO T 299 -27.37 39.09 -20.21
C PRO T 299 -25.94 39.15 -19.70
N LEU T 300 -25.52 38.27 -18.81
CA LEU T 300 -24.10 38.04 -18.61
C LEU T 300 -23.44 37.68 -19.94
N GLN T 301 -24.07 36.76 -20.70
CA GLN T 301 -23.63 36.44 -22.06
C GLN T 301 -23.67 37.67 -22.97
N LEU T 302 -24.71 38.48 -22.87
CA LEU T 302 -24.86 39.57 -23.83
C LEU T 302 -23.87 40.69 -23.54
N TRP T 303 -23.62 40.95 -22.25
CA TRP T 303 -22.52 41.82 -21.84
C TRP T 303 -21.19 41.29 -22.33
N ASN T 304 -20.97 39.98 -22.18
CA ASN T 304 -19.68 39.39 -22.55
C ASN T 304 -19.46 39.46 -24.05
N ASP T 305 -20.53 39.30 -24.83
CA ASP T 305 -20.41 39.48 -26.28
C ASP T 305 -20.19 40.95 -26.62
N ASN T 306 -20.78 41.86 -25.85
CA ASN T 306 -20.66 43.28 -26.15
C ASN T 306 -19.27 43.79 -25.83
N LYS T 307 -18.88 43.73 -24.57
CA LYS T 307 -17.58 44.23 -24.11
C LYS T 307 -16.59 43.07 -24.15
N GLY T 308 -15.45 43.21 -23.44
CA GLY T 308 -14.32 42.29 -23.54
C GLY T 308 -14.62 40.84 -23.20
N TYR T 309 -13.61 39.99 -23.44
CA TYR T 309 -13.71 38.53 -23.44
C TYR T 309 -14.78 38.09 -24.44
N ARG T 310 -14.44 38.23 -25.73
CA ARG T 310 -15.43 38.12 -26.79
C ARG T 310 -16.09 36.73 -26.86
N ILE T 311 -15.32 35.65 -26.87
CA ILE T 311 -15.93 34.32 -26.74
C ILE T 311 -15.21 33.49 -25.69
N PRO T 312 -15.92 32.57 -25.00
CA PRO T 312 -15.38 31.45 -24.22
C PRO T 312 -15.09 30.21 -25.06
#